data_4R6T
#
_entry.id   4R6T
#
_cell.length_a   173.895
_cell.length_b   175.933
_cell.length_c   231.647
_cell.angle_alpha   90.000
_cell.angle_beta   90.000
_cell.angle_gamma   90.000
#
_symmetry.space_group_name_H-M   'P 21 21 21'
#
loop_
_entity.id
_entity.type
_entity.pdbx_description
1 polymer 'M17 leucyl aminopeptidase'
2 non-polymer 'ZINC ION'
3 non-polymer 'CARBONATE ION'
4 non-polymer 'SULFATE ION'
5 non-polymer 'tert-butyl {(1S)-2-(hydroxyamino)-2-oxo-1-[4-(1H-pyrazol-1-yl)phenyl]ethyl}carbamate'
6 non-polymer 'PENTAETHYLENE GLYCOL'
7 non-polymer 'DIMETHYL SULFOXIDE'
8 water water
#
_entity_poly.entity_id   1
_entity_poly.type   'polypeptide(L)'
_entity_poly.pdbx_seq_one_letter_code
;MASEVPQVVSLDPTSIPIEYNTPIHDIKVQVYDIKGGCNVEEGLTIFLVNNPGKENGPVKISSKVNDKQVSEFLKDENME
KFNVKLGTSKHFYMFNDNKNSVAVGYVGCGSVADLSEADMKRVVLSLVTMLHDNKLSKLTVVFEINVDKNLFRFFLETLF
YEYMTDERFKSTDKNVNMEYIKHLGVYINNADTYKEEVEKARVYYFGTYYASQLIAAPSNYCNPVSLSNAAVELAQKLNL
EYKILGVKELEELKMGAYLSVGKGSMYPNKFIHLTYKSKGDVKKKIALVGKGITFDSGGYNLKAAPGSMIDLMKFDMSGC
AAVLGCAYCVGTLKPENVEIHFLSAVCENMVSKNSYRPGDIITASNGKTIEVGNTDAEGRLTLADALVYAEKLGVDYIVD
IATLTGAMLYSLGTSYAGVFGNNEELINKILQSSKTSNEPVWWLPIINEYRATLNSKYADINQISSSVKASSIVASLFLK
EFVQNTAWAHIDIAGVSWNFKARKPKGFGVRLLTEFVLNDALHHHHHH
;
_entity_poly.pdbx_strand_id   A,B,C,D,E,F,G,H,I,J,K,L
#
loop_
_chem_comp.id
_chem_comp.type
_chem_comp.name
_chem_comp.formula
1PE non-polymer 'PENTAETHYLENE GLYCOL' 'C10 H22 O6'
CO3 non-polymer 'CARBONATE ION' 'C O3 -2'
DMS non-polymer 'DIMETHYL SULFOXIDE' 'C2 H6 O S'
R5T non-polymer 'tert-butyl {(1S)-2-(hydroxyamino)-2-oxo-1-[4-(1H-pyrazol-1-yl)phenyl]ethyl}carbamate' 'C16 H20 N4 O4'
SO4 non-polymer 'SULFATE ION' 'O4 S -2'
ZN non-polymer 'ZINC ION' 'Zn 2'
#
# COMPACT_ATOMS: atom_id res chain seq x y z
N ALA A 2 -25.99 24.13 -63.45
CA ALA A 2 -26.89 24.98 -62.69
C ALA A 2 -28.31 24.95 -63.28
N SER A 3 -29.25 24.42 -62.53
CA SER A 3 -30.63 24.33 -62.97
C SER A 3 -31.45 25.55 -62.51
N GLU A 4 -32.59 25.75 -63.16
CA GLU A 4 -33.48 26.86 -62.83
C GLU A 4 -34.38 26.53 -61.63
N VAL A 5 -34.40 27.43 -60.66
CA VAL A 5 -35.20 27.23 -59.46
C VAL A 5 -36.67 27.49 -59.74
N PRO A 6 -37.51 26.46 -59.49
CA PRO A 6 -38.96 26.53 -59.70
C PRO A 6 -39.65 27.48 -58.72
N GLN A 7 -40.73 28.11 -59.17
CA GLN A 7 -41.49 29.03 -58.33
C GLN A 7 -42.97 28.66 -58.32
N VAL A 8 -43.65 29.02 -57.25
CA VAL A 8 -45.10 28.89 -57.19
C VAL A 8 -45.71 30.23 -57.59
N VAL A 9 -45.11 31.30 -57.07
CA VAL A 9 -45.43 32.66 -57.47
C VAL A 9 -44.15 33.36 -57.90
N SER A 10 -44.29 34.46 -58.63
CA SER A 10 -43.14 35.18 -59.15
C SER A 10 -42.33 35.84 -58.04
N LEU A 11 -42.93 35.98 -56.86
CA LEU A 11 -42.26 36.63 -55.73
C LEU A 11 -41.36 35.67 -54.96
N ASP A 12 -41.44 34.38 -55.29
CA ASP A 12 -40.56 33.40 -54.66
C ASP A 12 -39.12 33.61 -55.11
N PRO A 13 -38.19 33.64 -54.14
CA PRO A 13 -36.78 33.84 -54.46
C PRO A 13 -36.21 32.71 -55.30
N THR A 14 -35.26 33.03 -56.18
CA THR A 14 -34.70 32.04 -57.09
C THR A 14 -33.21 31.82 -56.86
N SER A 15 -32.70 32.35 -55.75
CA SER A 15 -31.30 32.17 -55.40
C SER A 15 -31.04 32.52 -53.94
N ILE A 16 -30.01 31.91 -53.37
CA ILE A 16 -29.60 32.22 -52.01
C ILE A 16 -28.67 33.43 -52.01
N PRO A 17 -29.05 34.49 -51.30
CA PRO A 17 -28.17 35.65 -51.18
C PRO A 17 -26.90 35.32 -50.41
N ILE A 18 -25.74 35.51 -51.04
CA ILE A 18 -24.47 35.20 -50.40
C ILE A 18 -23.54 36.40 -50.39
N GLU A 19 -23.03 36.72 -49.20
CA GLU A 19 -22.05 37.79 -49.06
C GLU A 19 -20.66 37.18 -48.98
N TYR A 20 -19.85 37.44 -50.00
CA TYR A 20 -18.48 36.91 -50.06
C TYR A 20 -17.49 37.89 -49.46
N ASN A 21 -17.52 39.11 -49.95
CA ASN A 21 -16.64 40.16 -49.44
C ASN A 21 -17.26 40.81 -48.20
N THR A 22 -16.82 40.35 -47.03
CA THR A 22 -17.36 40.87 -45.77
C THR A 22 -16.46 41.96 -45.22
N PRO A 23 -17.02 42.82 -44.35
CA PRO A 23 -16.27 43.89 -43.69
C PRO A 23 -15.02 43.37 -43.01
N ILE A 24 -15.08 42.13 -42.52
CA ILE A 24 -13.94 41.48 -41.88
C ILE A 24 -12.76 41.40 -42.85
N HIS A 25 -13.06 41.12 -44.12
CA HIS A 25 -12.03 40.96 -45.14
C HIS A 25 -11.30 42.27 -45.46
N ASP A 26 -11.89 43.38 -45.04
CA ASP A 26 -11.32 44.69 -45.31
C ASP A 26 -10.48 45.20 -44.14
N ILE A 27 -10.38 44.38 -43.11
CA ILE A 27 -9.62 44.75 -41.92
C ILE A 27 -8.13 44.43 -42.05
N LYS A 28 -7.30 45.47 -41.99
CA LYS A 28 -5.85 45.28 -41.98
C LYS A 28 -5.39 44.86 -40.59
N VAL A 29 -4.77 43.69 -40.52
CA VAL A 29 -4.33 43.14 -39.25
C VAL A 29 -2.81 43.29 -39.10
N GLN A 30 -2.40 43.85 -37.97
CA GLN A 30 -0.98 44.03 -37.68
C GLN A 30 -0.63 43.32 -36.37
N VAL A 31 0.46 42.57 -36.38
CA VAL A 31 0.91 41.86 -35.19
C VAL A 31 2.26 42.39 -34.74
N TYR A 32 2.32 42.87 -33.51
CA TYR A 32 3.56 43.40 -32.95
C TYR A 32 4.01 42.55 -31.77
N ASP A 33 5.31 42.55 -31.49
CA ASP A 33 5.83 41.86 -30.32
C ASP A 33 5.76 42.78 -29.11
N ILE A 34 5.26 42.28 -27.99
CA ILE A 34 5.06 43.10 -26.81
C ILE A 34 6.38 43.61 -26.22
N LYS A 35 7.45 42.85 -26.46
CA LYS A 35 8.79 43.23 -25.99
C LYS A 35 9.33 44.51 -26.63
N GLY A 36 8.44 45.34 -27.15
CA GLY A 36 8.83 46.57 -27.82
C GLY A 36 7.97 47.72 -27.33
N GLY A 37 7.00 47.38 -26.49
CA GLY A 37 6.09 48.36 -25.93
C GLY A 37 4.86 48.53 -26.79
N CYS A 38 3.79 49.04 -26.18
CA CYS A 38 2.54 49.23 -26.88
C CYS A 38 2.30 50.70 -27.19
N ASN A 39 1.86 50.98 -28.41
CA ASN A 39 1.47 52.34 -28.77
C ASN A 39 -0.03 52.50 -28.58
N VAL A 40 -0.42 53.63 -28.02
CA VAL A 40 -1.82 53.94 -27.75
C VAL A 40 -2.23 55.23 -28.45
N GLU A 41 -3.31 55.16 -29.23
CA GLU A 41 -3.70 56.26 -30.10
C GLU A 41 -5.14 56.09 -30.57
N GLU A 42 -5.39 56.22 -31.88
CA GLU A 42 -6.75 56.13 -32.39
C GLU A 42 -7.48 54.86 -31.97
N GLY A 43 -8.80 54.97 -31.88
CA GLY A 43 -9.67 53.85 -31.58
C GLY A 43 -9.55 53.32 -30.17
N LEU A 44 -9.86 52.04 -30.00
CA LEU A 44 -9.87 51.42 -28.68
C LEU A 44 -8.75 50.41 -28.48
N THR A 45 -8.05 50.52 -27.35
CA THR A 45 -6.97 49.59 -27.01
C THR A 45 -7.37 48.74 -25.81
N ILE A 46 -7.43 47.43 -26.01
CA ILE A 46 -7.91 46.52 -24.97
C ILE A 46 -6.84 45.54 -24.47
N PHE A 47 -6.70 45.47 -23.16
CA PHE A 47 -5.77 44.52 -22.54
C PHE A 47 -6.50 43.28 -22.04
N LEU A 48 -6.01 42.10 -22.45
CA LEU A 48 -6.53 40.85 -21.93
C LEU A 48 -5.72 40.43 -20.71
N VAL A 49 -6.31 40.54 -19.53
CA VAL A 49 -5.56 40.33 -18.29
C VAL A 49 -6.20 39.30 -17.37
N ASN A 50 -5.36 38.55 -16.66
CA ASN A 50 -5.82 37.61 -15.65
C ASN A 50 -5.04 37.77 -14.35
N ASN A 51 -5.39 36.94 -13.37
CA ASN A 51 -4.67 36.87 -12.11
C ASN A 51 -4.65 35.43 -11.63
N PRO A 52 -3.64 34.67 -12.09
CA PRO A 52 -3.53 33.23 -11.81
C PRO A 52 -3.59 32.89 -10.32
N GLY A 53 -4.52 32.02 -9.97
CA GLY A 53 -4.67 31.59 -8.58
C GLY A 53 -5.71 32.40 -7.83
N LYS A 54 -5.50 33.70 -7.76
CA LYS A 54 -6.39 34.60 -7.03
C LYS A 54 -7.65 34.95 -7.81
N GLU A 55 -8.75 34.26 -7.51
CA GLU A 55 -10.01 34.53 -8.19
C GLU A 55 -10.51 35.92 -7.83
N ASN A 56 -11.41 36.44 -8.65
CA ASN A 56 -11.62 37.88 -8.81
C ASN A 56 -10.45 38.76 -8.34
N GLY A 57 -9.25 38.47 -8.83
CA GLY A 57 -8.08 39.21 -8.43
C GLY A 57 -8.01 40.59 -9.07
N PRO A 58 -7.10 41.43 -8.59
CA PRO A 58 -6.95 42.80 -9.11
C PRO A 58 -6.32 42.81 -10.51
N VAL A 59 -6.61 43.85 -11.28
CA VAL A 59 -6.04 44.01 -12.61
C VAL A 59 -4.64 44.62 -12.53
N LYS A 60 -3.69 43.99 -13.20
CA LYS A 60 -2.32 44.50 -13.26
C LYS A 60 -1.79 44.49 -14.69
N ILE A 61 -1.42 45.66 -15.19
CA ILE A 61 -0.90 45.76 -16.55
C ILE A 61 0.62 45.58 -16.53
N SER A 62 1.09 44.55 -17.21
CA SER A 62 2.51 44.19 -17.18
C SER A 62 3.26 44.73 -18.39
N SER A 63 2.56 44.83 -19.52
CA SER A 63 3.17 45.26 -20.76
C SER A 63 3.68 46.69 -20.69
N LYS A 64 4.81 46.94 -21.35
CA LYS A 64 5.35 48.30 -21.41
C LYS A 64 4.55 49.12 -22.42
N VAL A 65 4.15 50.32 -22.00
CA VAL A 65 3.39 51.21 -22.85
C VAL A 65 4.26 52.41 -23.23
N ASN A 66 4.43 52.61 -24.54
CA ASN A 66 5.31 53.66 -25.04
C ASN A 66 4.67 55.05 -24.91
N ASP A 67 4.06 55.30 -23.76
CA ASP A 67 3.45 56.59 -23.48
C ASP A 67 3.44 56.84 -21.97
N LYS A 68 3.92 58.03 -21.57
CA LYS A 68 4.05 58.34 -20.15
C LYS A 68 2.69 58.49 -19.48
N GLN A 69 1.80 59.21 -20.15
CA GLN A 69 0.45 59.44 -19.62
C GLN A 69 -0.34 58.15 -19.46
N VAL A 70 -0.27 57.28 -20.45
CA VAL A 70 -1.02 56.03 -20.41
C VAL A 70 -0.44 55.08 -19.36
N SER A 71 0.88 55.08 -19.23
CA SER A 71 1.54 54.24 -18.22
C SER A 71 1.19 54.67 -16.81
N GLU A 72 1.08 55.99 -16.60
CA GLU A 72 0.72 56.50 -15.29
C GLU A 72 -0.72 56.14 -14.93
N PHE A 73 -1.59 56.22 -15.93
CA PHE A 73 -2.99 55.87 -15.74
C PHE A 73 -3.12 54.38 -15.42
N LEU A 74 -2.34 53.57 -16.13
CA LEU A 74 -2.44 52.11 -16.00
C LEU A 74 -1.57 51.55 -14.87
N LYS A 75 -1.01 52.42 -14.05
CA LYS A 75 -0.18 51.97 -12.93
C LYS A 75 -1.02 51.18 -11.93
N ASP A 76 -0.36 50.24 -11.23
CA ASP A 76 -1.04 49.30 -10.34
C ASP A 76 -1.97 49.93 -9.31
N GLU A 77 -1.56 51.07 -8.76
CA GLU A 77 -2.37 51.75 -7.74
C GLU A 77 -3.73 52.11 -8.28
N ASN A 78 -3.78 52.50 -9.55
CA ASN A 78 -5.02 52.88 -10.20
C ASN A 78 -5.88 51.67 -10.60
N MET A 79 -5.22 50.61 -11.05
CA MET A 79 -5.89 49.43 -11.60
C MET A 79 -6.44 48.44 -10.57
N GLU A 80 -5.99 48.56 -9.32
CA GLU A 80 -6.36 47.58 -8.29
C GLU A 80 -7.84 47.63 -7.90
N LYS A 81 -8.54 48.67 -8.32
CA LYS A 81 -9.96 48.79 -8.01
C LYS A 81 -10.81 47.93 -8.95
N PHE A 82 -10.16 47.40 -9.99
CA PHE A 82 -10.83 46.53 -10.93
C PHE A 82 -10.34 45.09 -10.76
N ASN A 83 -11.21 44.12 -11.08
CA ASN A 83 -10.84 42.72 -10.95
C ASN A 83 -10.90 41.99 -12.30
N VAL A 84 -10.33 40.78 -12.33
CA VAL A 84 -10.15 40.05 -13.58
C VAL A 84 -11.20 38.96 -13.78
N LYS A 85 -12.34 39.09 -13.11
CA LYS A 85 -13.43 38.13 -13.27
C LYS A 85 -13.75 37.92 -14.75
N LEU A 86 -13.79 36.65 -15.15
CA LEU A 86 -13.95 36.29 -16.55
C LEU A 86 -15.18 36.92 -17.20
N GLY A 87 -14.94 37.74 -18.24
CA GLY A 87 -16.01 38.39 -18.95
C GLY A 87 -16.13 39.87 -18.61
N THR A 88 -15.57 40.24 -17.46
CA THR A 88 -15.60 41.63 -17.01
C THR A 88 -14.82 42.52 -17.98
N SER A 89 -15.29 43.74 -18.15
CA SER A 89 -14.66 44.69 -19.05
C SER A 89 -14.85 46.11 -18.53
N LYS A 90 -13.91 46.98 -18.86
CA LYS A 90 -13.95 48.37 -18.43
C LYS A 90 -13.44 49.28 -19.54
N HIS A 91 -13.91 50.53 -19.55
CA HIS A 91 -13.45 51.49 -20.54
C HIS A 91 -12.78 52.66 -19.84
N PHE A 92 -11.65 53.10 -20.41
CA PHE A 92 -10.90 54.19 -19.80
C PHE A 92 -10.77 55.34 -20.79
N TYR A 93 -10.90 56.56 -20.31
CA TYR A 93 -10.69 57.75 -21.13
C TYR A 93 -9.48 58.56 -20.65
N MET A 94 -8.60 58.95 -21.56
CA MET A 94 -7.42 59.73 -21.16
C MET A 94 -6.73 60.43 -22.34
N PHE A 95 -5.82 61.34 -22.01
CA PHE A 95 -5.00 62.04 -23.02
C PHE A 95 -3.57 61.50 -23.01
N ASN A 96 -2.99 61.26 -24.18
CA ASN A 96 -1.62 60.78 -24.25
C ASN A 96 -0.57 61.90 -24.27
N ASP A 97 0.68 61.51 -24.54
CA ASP A 97 1.81 62.44 -24.54
C ASP A 97 1.72 63.51 -25.63
N ASN A 98 0.95 63.23 -26.68
CA ASN A 98 0.79 64.18 -27.78
C ASN A 98 -0.51 64.96 -27.62
N LYS A 99 -1.02 64.94 -26.39
CA LYS A 99 -2.27 65.64 -26.04
C LYS A 99 -3.47 65.16 -26.87
N ASN A 100 -3.44 63.90 -27.27
CA ASN A 100 -4.59 63.33 -27.97
C ASN A 100 -5.41 62.42 -27.07
N SER A 101 -6.73 62.47 -27.24
CA SER A 101 -7.65 61.64 -26.48
C SER A 101 -7.58 60.21 -26.99
N VAL A 102 -7.40 59.26 -26.08
CA VAL A 102 -7.32 57.85 -26.46
C VAL A 102 -8.24 57.01 -25.59
N ALA A 103 -8.72 55.90 -26.16
CA ALA A 103 -9.60 55.00 -25.43
C ALA A 103 -8.87 53.70 -25.10
N VAL A 104 -8.87 53.38 -23.81
CA VAL A 104 -8.18 52.21 -23.29
C VAL A 104 -9.11 51.41 -22.39
N GLY A 105 -8.86 50.11 -22.28
CA GLY A 105 -9.68 49.26 -21.43
C GLY A 105 -9.08 47.88 -21.26
N TYR A 106 -9.83 47.01 -20.58
CA TYR A 106 -9.36 45.64 -20.35
C TYR A 106 -10.52 44.65 -20.39
N VAL A 107 -10.18 43.38 -20.53
CA VAL A 107 -11.16 42.30 -20.42
C VAL A 107 -10.65 41.24 -19.47
N GLY A 108 -11.46 40.91 -18.46
CA GLY A 108 -11.06 39.94 -17.47
C GLY A 108 -10.97 38.55 -18.08
N CYS A 109 -9.88 37.85 -17.82
CA CYS A 109 -9.67 36.52 -18.37
C CYS A 109 -9.65 35.47 -17.27
N GLY A 110 -10.17 35.84 -16.11
CA GLY A 110 -10.34 34.92 -15.00
C GLY A 110 -9.09 34.71 -14.18
N SER A 111 -9.06 33.62 -13.42
CA SER A 111 -7.94 33.34 -12.53
C SER A 111 -7.17 32.10 -12.96
N VAL A 112 -7.67 31.43 -14.00
CA VAL A 112 -7.01 30.23 -14.52
C VAL A 112 -6.03 30.60 -15.63
N ALA A 113 -4.84 30.00 -15.59
CA ALA A 113 -3.79 30.32 -16.54
C ALA A 113 -4.09 29.80 -17.94
N ASP A 114 -4.73 28.62 -18.01
CA ASP A 114 -5.05 28.01 -19.29
C ASP A 114 -6.54 28.11 -19.60
N LEU A 115 -6.88 29.02 -20.50
CA LEU A 115 -8.27 29.24 -20.91
C LEU A 115 -8.80 28.10 -21.77
N SER A 116 -10.05 27.72 -21.55
CA SER A 116 -10.68 26.70 -22.37
C SER A 116 -11.32 27.32 -23.61
N GLU A 117 -11.77 26.48 -24.54
CA GLU A 117 -12.42 26.95 -25.75
C GLU A 117 -13.68 27.76 -25.46
N ALA A 118 -14.44 27.31 -24.48
CA ALA A 118 -15.66 27.99 -24.07
C ALA A 118 -15.34 29.30 -23.37
N ASP A 119 -14.30 29.28 -22.54
CA ASP A 119 -13.86 30.46 -21.81
C ASP A 119 -13.43 31.59 -22.74
N MET A 120 -12.62 31.26 -23.75
CA MET A 120 -12.15 32.23 -24.72
C MET A 120 -13.30 32.86 -25.49
N LYS A 121 -14.34 32.06 -25.76
CA LYS A 121 -15.54 32.56 -26.41
C LYS A 121 -16.19 33.62 -25.54
N ARG A 122 -16.19 33.36 -24.23
CA ARG A 122 -16.80 34.27 -23.26
C ARG A 122 -16.03 35.60 -23.21
N VAL A 123 -14.71 35.51 -23.37
CA VAL A 123 -13.87 36.71 -23.41
C VAL A 123 -14.15 37.52 -24.67
N VAL A 124 -14.20 36.84 -25.80
CA VAL A 124 -14.44 37.49 -27.09
C VAL A 124 -15.82 38.15 -27.13
N LEU A 125 -16.80 37.48 -26.54
CA LEU A 125 -18.16 38.00 -26.50
C LEU A 125 -18.20 39.31 -25.71
N SER A 126 -17.44 39.36 -24.62
CA SER A 126 -17.31 40.58 -23.84
C SER A 126 -16.62 41.65 -24.69
N LEU A 127 -15.65 41.22 -25.48
CA LEU A 127 -14.91 42.11 -26.37
C LEU A 127 -15.80 42.68 -27.45
N VAL A 128 -16.61 41.82 -28.07
CA VAL A 128 -17.50 42.23 -29.15
C VAL A 128 -18.52 43.24 -28.65
N THR A 129 -18.88 43.11 -27.38
CA THR A 129 -19.82 44.05 -26.75
C THR A 129 -19.25 45.46 -26.77
N MET A 130 -17.94 45.57 -26.60
CA MET A 130 -17.27 46.86 -26.62
C MET A 130 -17.16 47.40 -28.04
N LEU A 131 -17.10 46.50 -29.01
CA LEU A 131 -17.02 46.88 -30.42
C LEU A 131 -18.36 47.38 -30.94
N HIS A 132 -19.44 46.83 -30.40
CA HIS A 132 -20.78 47.19 -30.86
C HIS A 132 -21.23 48.53 -30.30
N ASP A 133 -22.14 49.16 -31.01
CA ASP A 133 -22.68 50.47 -30.62
C ASP A 133 -21.60 51.55 -30.46
N ASN A 134 -20.42 51.30 -31.01
CA ASN A 134 -19.32 52.26 -30.96
C ASN A 134 -18.66 52.35 -32.33
N LYS A 135 -18.52 53.57 -32.85
CA LYS A 135 -17.97 53.80 -34.18
C LYS A 135 -16.44 53.93 -34.17
N LEU A 136 -15.76 52.79 -34.03
CA LEU A 136 -14.31 52.79 -33.94
C LEU A 136 -13.68 52.51 -35.30
N SER A 137 -12.51 53.11 -35.54
CA SER A 137 -11.77 52.85 -36.77
C SER A 137 -10.75 51.74 -36.59
N LYS A 138 -10.26 51.59 -35.36
CA LYS A 138 -9.22 50.63 -35.06
C LYS A 138 -9.37 49.99 -33.69
N LEU A 139 -9.15 48.69 -33.63
CA LEU A 139 -9.10 47.96 -32.36
C LEU A 139 -7.70 47.41 -32.12
N THR A 140 -7.20 47.58 -30.90
CA THR A 140 -5.90 47.03 -30.54
C THR A 140 -6.02 46.16 -29.30
N VAL A 141 -5.63 44.89 -29.45
CA VAL A 141 -5.72 43.94 -28.34
C VAL A 141 -4.32 43.53 -27.87
N VAL A 142 -4.07 43.69 -26.58
CA VAL A 142 -2.79 43.32 -25.99
C VAL A 142 -2.91 42.06 -25.16
N PHE A 143 -2.21 41.00 -25.58
CA PHE A 143 -2.29 39.71 -24.92
C PHE A 143 -1.38 39.58 -23.71
N GLU A 144 -1.96 39.74 -22.53
CA GLU A 144 -1.24 39.50 -21.28
C GLU A 144 -1.63 38.16 -20.68
N ILE A 145 -1.99 37.22 -21.55
CA ILE A 145 -2.30 35.87 -21.13
C ILE A 145 -1.54 34.89 -22.02
N ASN A 146 -1.46 33.64 -21.57
CA ASN A 146 -0.72 32.65 -22.33
C ASN A 146 -1.66 31.81 -23.18
N VAL A 147 -1.45 31.85 -24.50
CA VAL A 147 -2.25 31.07 -25.43
C VAL A 147 -1.37 30.46 -26.51
N ASP A 148 -1.72 29.25 -26.95
CA ASP A 148 -0.97 28.61 -28.02
C ASP A 148 -1.45 29.13 -29.36
N LYS A 149 -0.78 28.70 -30.43
CA LYS A 149 -1.06 29.14 -31.78
C LYS A 149 -2.50 28.84 -32.22
N ASN A 150 -2.98 27.65 -31.91
CA ASN A 150 -4.34 27.26 -32.23
C ASN A 150 -5.38 28.08 -31.49
N LEU A 151 -5.15 28.31 -30.20
CA LEU A 151 -6.08 29.08 -29.38
C LEU A 151 -6.07 30.54 -29.79
N PHE A 152 -4.90 31.04 -30.18
CA PHE A 152 -4.77 32.40 -30.69
C PHE A 152 -5.58 32.53 -31.97
N ARG A 153 -5.45 31.55 -32.84
CA ARG A 153 -6.21 31.51 -34.08
C ARG A 153 -7.70 31.41 -33.78
N PHE A 154 -8.04 30.62 -32.77
CA PHE A 154 -9.42 30.47 -32.34
C PHE A 154 -9.98 31.79 -31.85
N PHE A 155 -9.12 32.58 -31.20
CA PHE A 155 -9.50 33.91 -30.75
C PHE A 155 -10.00 34.78 -31.91
N LEU A 156 -9.17 34.85 -32.95
CA LEU A 156 -9.44 35.68 -34.11
C LEU A 156 -10.68 35.21 -34.87
N GLU A 157 -10.76 33.91 -35.12
CA GLU A 157 -11.90 33.31 -35.80
C GLU A 157 -13.21 33.69 -35.11
N THR A 158 -13.25 33.48 -33.80
CA THR A 158 -14.42 33.79 -33.01
C THR A 158 -14.69 35.28 -33.01
N LEU A 159 -13.63 36.07 -32.96
CA LEU A 159 -13.74 37.53 -33.00
C LEU A 159 -14.40 37.99 -34.30
N PHE A 160 -13.86 37.52 -35.42
CA PHE A 160 -14.42 37.85 -36.73
C PHE A 160 -15.87 37.40 -36.86
N TYR A 161 -16.13 36.17 -36.43
CA TYR A 161 -17.45 35.57 -36.56
C TYR A 161 -18.52 36.28 -35.73
N GLU A 162 -18.21 36.55 -34.47
CA GLU A 162 -19.16 37.19 -33.57
C GLU A 162 -19.34 38.67 -33.91
N TYR A 163 -18.26 39.28 -34.40
CA TYR A 163 -18.27 40.67 -34.82
C TYR A 163 -19.21 40.87 -36.01
N MET A 164 -19.17 39.92 -36.93
CA MET A 164 -19.94 39.98 -38.16
C MET A 164 -21.45 39.93 -37.92
N THR A 165 -22.19 40.78 -38.62
CA THR A 165 -23.64 40.79 -38.54
C THR A 165 -24.27 40.51 -39.89
N ASP A 166 -25.22 39.57 -39.92
CA ASP A 166 -25.86 39.17 -41.16
C ASP A 166 -27.13 39.98 -41.42
N GLU A 167 -27.12 40.76 -42.50
CA GLU A 167 -28.24 41.64 -42.82
C GLU A 167 -28.81 41.38 -44.22
N ARG A 168 -28.59 40.18 -44.73
CA ARG A 168 -29.06 39.81 -46.06
C ARG A 168 -30.57 39.90 -46.20
N PHE A 169 -31.28 39.72 -45.09
CA PHE A 169 -32.74 39.67 -45.12
C PHE A 169 -33.38 40.88 -44.45
N LYS A 170 -32.59 41.92 -44.23
CA LYS A 170 -33.12 43.14 -43.62
C LYS A 170 -33.58 44.10 -44.72
N SER A 171 -34.84 44.52 -44.65
CA SER A 171 -35.40 45.46 -45.62
C SER A 171 -35.41 46.90 -45.12
N THR A 172 -35.98 47.10 -43.94
CA THR A 172 -36.28 48.44 -43.44
C THR A 172 -35.90 48.58 -41.98
N ASP A 173 -35.20 47.58 -41.46
CA ASP A 173 -34.71 47.61 -40.09
C ASP A 173 -33.20 47.45 -40.06
N GLU A 179 -20.76 50.11 -39.51
CA GLU A 179 -19.52 50.84 -39.31
C GLU A 179 -18.48 49.98 -38.59
N TYR A 180 -17.90 49.04 -39.33
CA TYR A 180 -16.88 48.14 -38.77
C TYR A 180 -15.50 48.82 -38.76
N ILE A 181 -14.64 48.36 -37.86
CA ILE A 181 -13.27 48.84 -37.81
C ILE A 181 -12.54 48.49 -39.10
N LYS A 182 -11.55 49.29 -39.46
CA LYS A 182 -10.77 49.04 -40.68
C LYS A 182 -9.38 48.52 -40.34
N HIS A 183 -9.02 48.58 -39.05
CA HIS A 183 -7.70 48.14 -38.63
C HIS A 183 -7.75 47.35 -37.33
N LEU A 184 -6.97 46.28 -37.27
CA LEU A 184 -6.85 45.49 -36.05
C LEU A 184 -5.39 45.29 -35.69
N GLY A 185 -4.99 45.85 -34.55
CA GLY A 185 -3.62 45.72 -34.07
C GLY A 185 -3.52 44.71 -32.96
N VAL A 186 -2.49 43.86 -33.01
CA VAL A 186 -2.30 42.83 -32.00
C VAL A 186 -0.90 42.86 -31.41
N TYR A 187 -0.83 43.10 -30.10
CA TYR A 187 0.42 43.02 -29.35
C TYR A 187 0.49 41.68 -28.62
N ILE A 188 1.52 40.90 -28.91
CA ILE A 188 1.66 39.59 -28.29
C ILE A 188 3.13 39.23 -28.11
N ASN A 189 3.40 38.19 -27.34
CA ASN A 189 4.77 37.75 -27.11
C ASN A 189 5.18 36.72 -28.16
N ASN A 190 6.39 36.88 -28.69
CA ASN A 190 6.85 36.02 -29.79
C ASN A 190 5.94 36.19 -31.00
N ALA A 191 5.66 37.43 -31.35
CA ALA A 191 4.68 37.78 -32.39
C ALA A 191 4.95 37.09 -33.72
N ASP A 192 6.23 36.90 -34.06
CA ASP A 192 6.59 36.30 -35.34
C ASP A 192 6.00 34.90 -35.52
N THR A 193 5.88 34.16 -34.41
CA THR A 193 5.36 32.81 -34.45
C THR A 193 3.85 32.76 -34.66
N TYR A 194 3.15 33.81 -34.23
CA TYR A 194 1.69 33.84 -34.31
C TYR A 194 1.14 34.44 -35.60
N LYS A 195 2.01 35.12 -36.36
CA LYS A 195 1.57 35.84 -37.56
C LYS A 195 0.97 34.91 -38.62
N GLU A 196 1.50 33.70 -38.73
CA GLU A 196 1.04 32.76 -39.75
C GLU A 196 -0.39 32.28 -39.47
N GLU A 197 -0.84 32.47 -38.24
CA GLU A 197 -2.19 32.05 -37.84
C GLU A 197 -3.23 33.07 -38.29
N VAL A 198 -2.79 34.28 -38.59
CA VAL A 198 -3.68 35.39 -38.91
C VAL A 198 -4.56 35.11 -40.13
N GLU A 199 -3.92 34.81 -41.25
CA GLU A 199 -4.66 34.60 -42.50
C GLU A 199 -5.37 33.26 -42.51
N LYS A 200 -4.91 32.34 -41.67
CA LYS A 200 -5.60 31.07 -41.49
C LYS A 200 -6.91 31.35 -40.75
N ALA A 201 -6.87 32.31 -39.83
CA ALA A 201 -8.05 32.75 -39.11
C ALA A 201 -9.04 33.43 -40.05
N ARG A 202 -8.52 34.26 -40.96
CA ARG A 202 -9.35 34.95 -41.92
C ARG A 202 -10.08 33.96 -42.82
N VAL A 203 -9.35 32.93 -43.23
CA VAL A 203 -9.92 31.88 -44.09
C VAL A 203 -10.92 31.03 -43.33
N TYR A 204 -10.52 30.58 -42.13
CA TYR A 204 -11.40 29.80 -41.27
C TYR A 204 -12.66 30.59 -40.91
N TYR A 205 -12.50 31.90 -40.73
CA TYR A 205 -13.63 32.77 -40.41
C TYR A 205 -14.71 32.67 -41.48
N PHE A 206 -14.33 32.87 -42.74
CA PHE A 206 -15.32 32.91 -43.81
C PHE A 206 -15.90 31.54 -44.12
N GLY A 207 -15.07 30.51 -44.01
CA GLY A 207 -15.53 29.15 -44.19
C GLY A 207 -16.64 28.86 -43.21
N THR A 208 -16.45 29.31 -41.97
CA THR A 208 -17.45 29.16 -40.93
C THR A 208 -18.65 30.08 -41.19
N TYR A 209 -18.37 31.32 -41.57
CA TYR A 209 -19.43 32.28 -41.80
C TYR A 209 -20.22 31.96 -43.07
N TYR A 210 -19.54 31.42 -44.07
CA TYR A 210 -20.20 30.98 -45.30
C TYR A 210 -21.26 29.93 -45.00
N ALA A 211 -20.89 28.91 -44.24
CA ALA A 211 -21.82 27.86 -43.83
C ALA A 211 -22.96 28.47 -43.03
N SER A 212 -22.61 29.40 -42.13
CA SER A 212 -23.59 30.13 -41.34
C SER A 212 -24.63 30.82 -42.23
N GLN A 213 -24.16 31.39 -43.33
CA GLN A 213 -25.05 32.08 -44.27
C GLN A 213 -26.04 31.13 -44.91
N LEU A 214 -25.58 29.93 -45.24
CA LEU A 214 -26.42 28.91 -45.87
C LEU A 214 -27.49 28.36 -44.93
N ILE A 215 -27.09 28.10 -43.68
CA ILE A 215 -28.00 27.54 -42.70
C ILE A 215 -29.08 28.55 -42.30
N ALA A 216 -28.66 29.77 -41.99
CA ALA A 216 -29.57 30.83 -41.58
C ALA A 216 -30.57 31.15 -42.69
N ALA A 217 -30.15 30.96 -43.94
CA ALA A 217 -31.02 31.18 -45.09
C ALA A 217 -32.26 30.29 -45.01
N PRO A 218 -33.44 30.90 -45.06
CA PRO A 218 -34.72 30.18 -44.97
C PRO A 218 -34.90 29.18 -46.10
N SER A 219 -35.81 28.23 -45.92
CA SER A 219 -35.97 27.14 -46.87
C SER A 219 -36.56 27.60 -48.21
N ASN A 220 -37.20 28.76 -48.21
CA ASN A 220 -37.73 29.31 -49.46
C ASN A 220 -36.63 29.94 -50.30
N TYR A 221 -35.57 30.40 -49.65
CA TYR A 221 -34.38 30.86 -50.35
C TYR A 221 -33.44 29.68 -50.60
N CYS A 222 -33.20 28.91 -49.55
CA CYS A 222 -32.29 27.77 -49.63
C CYS A 222 -33.07 26.48 -49.86
N ASN A 223 -33.13 26.05 -51.11
CA ASN A 223 -33.77 24.79 -51.47
C ASN A 223 -32.79 23.89 -52.22
N PRO A 224 -33.21 22.65 -52.53
CA PRO A 224 -32.35 21.68 -53.20
C PRO A 224 -31.72 22.22 -54.48
N VAL A 225 -32.46 23.03 -55.22
CA VAL A 225 -31.96 23.59 -56.48
C VAL A 225 -31.02 24.76 -56.22
N SER A 226 -31.42 25.67 -55.35
CA SER A 226 -30.65 26.87 -55.07
C SER A 226 -29.36 26.57 -54.31
N LEU A 227 -29.38 25.53 -53.49
CA LEU A 227 -28.21 25.15 -52.71
C LEU A 227 -27.12 24.53 -53.59
N SER A 228 -27.54 23.70 -54.55
CA SER A 228 -26.59 23.10 -55.49
C SER A 228 -25.99 24.18 -56.40
N ASN A 229 -26.83 25.16 -56.77
CA ASN A 229 -26.36 26.28 -57.57
C ASN A 229 -25.30 27.09 -56.83
N ALA A 230 -25.51 27.28 -55.54
CA ALA A 230 -24.53 27.98 -54.70
C ALA A 230 -23.23 27.19 -54.65
N ALA A 231 -23.36 25.87 -54.66
CA ALA A 231 -22.20 24.99 -54.64
C ALA A 231 -21.43 25.11 -55.96
N VAL A 232 -22.16 25.26 -57.05
CA VAL A 232 -21.54 25.43 -58.37
C VAL A 232 -20.79 26.75 -58.43
N GLU A 233 -21.40 27.81 -57.91
CA GLU A 233 -20.78 29.12 -57.87
C GLU A 233 -19.50 29.12 -57.03
N LEU A 234 -19.55 28.44 -55.89
CA LEU A 234 -18.38 28.34 -55.02
C LEU A 234 -17.24 27.59 -55.70
N ALA A 235 -17.58 26.53 -56.43
CA ALA A 235 -16.59 25.72 -57.14
C ALA A 235 -15.96 26.52 -58.28
N GLN A 236 -16.76 27.39 -58.89
CA GLN A 236 -16.32 28.19 -60.03
C GLN A 236 -15.34 29.28 -59.60
N LYS A 237 -15.58 29.86 -58.43
CA LYS A 237 -14.72 30.92 -57.92
C LYS A 237 -13.42 30.37 -57.37
N LEU A 238 -13.42 29.08 -57.00
CA LEU A 238 -12.24 28.48 -56.43
C LEU A 238 -11.43 27.71 -57.46
N ASN A 239 -12.13 27.06 -58.38
CA ASN A 239 -11.58 26.27 -59.49
C ASN A 239 -11.59 24.81 -59.12
N LEU A 240 -12.68 24.39 -58.49
CA LEU A 240 -12.85 23.00 -58.10
C LEU A 240 -13.69 22.29 -59.15
N GLU A 241 -13.37 21.03 -59.40
CA GLU A 241 -14.21 20.22 -60.27
C GLU A 241 -15.55 20.02 -59.57
N TYR A 242 -16.63 20.07 -60.33
CA TYR A 242 -17.95 19.92 -59.73
C TYR A 242 -18.84 19.09 -60.62
N LYS A 243 -19.79 18.41 -59.99
CA LYS A 243 -20.76 17.59 -60.70
C LYS A 243 -22.06 17.56 -59.92
N ILE A 244 -23.14 17.95 -60.56
CA ILE A 244 -24.45 17.93 -59.93
C ILE A 244 -25.34 16.90 -60.58
N LEU A 245 -25.64 15.82 -59.87
CA LEU A 245 -26.49 14.77 -60.42
C LEU A 245 -27.96 15.09 -60.21
N GLY A 246 -28.71 15.04 -61.31
CA GLY A 246 -30.14 15.29 -61.28
C GLY A 246 -30.91 14.00 -61.08
N VAL A 247 -32.24 14.09 -61.18
CA VAL A 247 -33.10 12.94 -60.95
C VAL A 247 -32.83 11.81 -61.94
N LYS A 248 -32.58 12.17 -63.20
CA LYS A 248 -32.34 11.16 -64.24
C LYS A 248 -31.08 10.34 -63.97
N GLU A 249 -30.04 11.01 -63.52
CA GLU A 249 -28.77 10.37 -63.20
C GLU A 249 -28.87 9.55 -61.92
N LEU A 250 -29.60 10.08 -60.94
CA LEU A 250 -29.77 9.37 -59.67
C LEU A 250 -30.58 8.09 -59.86
N GLU A 251 -31.53 8.12 -60.79
CA GLU A 251 -32.32 6.94 -61.13
C GLU A 251 -31.43 5.88 -61.77
N GLU A 252 -30.54 6.32 -62.64
CA GLU A 252 -29.60 5.43 -63.31
C GLU A 252 -28.67 4.77 -62.29
N LEU A 253 -28.32 5.53 -61.26
CA LEU A 253 -27.42 5.04 -60.21
C LEU A 253 -28.18 4.26 -59.15
N LYS A 254 -29.49 4.16 -59.33
CA LYS A 254 -30.35 3.37 -58.45
C LYS A 254 -30.33 3.83 -56.99
N MET A 255 -30.33 5.14 -56.76
CA MET A 255 -30.36 5.67 -55.40
C MET A 255 -31.79 5.83 -54.89
N GLY A 256 -32.44 4.71 -54.59
CA GLY A 256 -33.84 4.70 -54.22
C GLY A 256 -34.16 5.25 -52.84
N ALA A 257 -33.22 5.09 -51.90
CA ALA A 257 -33.41 5.61 -50.56
C ALA A 257 -33.41 7.13 -50.57
N TYR A 258 -32.39 7.68 -51.24
CA TYR A 258 -32.24 9.12 -51.37
C TYR A 258 -33.38 9.72 -52.18
N LEU A 259 -33.77 9.03 -53.25
CA LEU A 259 -34.85 9.50 -54.12
C LEU A 259 -36.22 9.46 -53.45
N SER A 260 -36.43 8.50 -52.56
CA SER A 260 -37.71 8.34 -51.88
C SER A 260 -38.05 9.55 -51.01
N VAL A 261 -37.04 10.05 -50.30
CA VAL A 261 -37.22 11.19 -49.40
C VAL A 261 -37.69 12.46 -50.12
N GLY A 262 -37.21 12.65 -51.35
CA GLY A 262 -37.51 13.86 -52.09
C GLY A 262 -38.71 13.78 -53.01
N LYS A 263 -39.40 12.63 -52.99
CA LYS A 263 -40.54 12.40 -53.87
C LYS A 263 -41.64 13.45 -53.70
N GLY A 264 -41.84 13.89 -52.45
CA GLY A 264 -42.93 14.80 -52.13
C GLY A 264 -42.58 16.27 -52.26
N SER A 265 -41.38 16.56 -52.75
CA SER A 265 -40.92 17.93 -52.85
C SER A 265 -41.17 18.51 -54.24
N MET A 266 -41.36 19.82 -54.32
CA MET A 266 -41.51 20.51 -55.59
C MET A 266 -40.14 20.74 -56.21
N TYR A 267 -39.09 20.60 -55.41
CA TYR A 267 -37.73 20.75 -55.89
C TYR A 267 -37.11 19.39 -56.18
N PRO A 268 -36.61 19.19 -57.40
CA PRO A 268 -35.96 17.94 -57.78
C PRO A 268 -34.69 17.72 -56.96
N ASN A 269 -34.37 16.46 -56.68
CA ASN A 269 -33.16 16.13 -55.94
C ASN A 269 -31.90 16.59 -56.67
N LYS A 270 -30.92 17.02 -55.89
CA LYS A 270 -29.64 17.47 -56.44
C LYS A 270 -28.49 16.92 -55.63
N PHE A 271 -27.65 16.12 -56.27
CA PHE A 271 -26.49 15.53 -55.61
C PHE A 271 -25.24 16.36 -55.88
N ILE A 272 -24.67 16.94 -54.82
CA ILE A 272 -23.51 17.79 -54.95
C ILE A 272 -22.23 16.98 -54.90
N HIS A 273 -21.37 17.15 -55.88
CA HIS A 273 -20.08 16.49 -55.89
C HIS A 273 -18.98 17.45 -56.29
N LEU A 274 -18.28 17.99 -55.30
CA LEU A 274 -17.12 18.83 -55.54
C LEU A 274 -15.85 18.01 -55.32
N THR A 275 -14.80 18.33 -56.07
CA THR A 275 -13.55 17.61 -55.92
C THR A 275 -12.37 18.56 -55.93
N TYR A 276 -11.51 18.42 -54.93
CA TYR A 276 -10.24 19.13 -54.89
C TYR A 276 -9.12 18.11 -55.08
N LYS A 277 -8.31 18.31 -56.11
CA LYS A 277 -7.17 17.43 -56.32
C LYS A 277 -5.87 18.23 -56.28
N SER A 278 -4.92 17.77 -55.46
CA SER A 278 -3.65 18.47 -55.33
C SER A 278 -2.85 18.30 -56.62
N LYS A 279 -2.07 19.32 -56.97
CA LYS A 279 -1.25 19.26 -58.18
C LYS A 279 0.00 18.42 -57.93
N GLY A 280 0.02 17.77 -56.78
CA GLY A 280 1.13 16.93 -56.37
C GLY A 280 0.74 15.47 -56.46
N ASP A 281 1.68 14.58 -56.20
CA ASP A 281 1.40 13.14 -56.28
C ASP A 281 0.42 12.76 -55.17
N VAL A 282 -0.80 12.42 -55.58
CA VAL A 282 -1.86 12.12 -54.63
C VAL A 282 -1.51 10.95 -53.72
N LYS A 283 -1.91 11.07 -52.45
CA LYS A 283 -1.54 10.12 -51.42
C LYS A 283 -2.78 9.54 -50.74
N LYS A 284 -3.42 10.37 -49.91
CA LYS A 284 -4.66 10.00 -49.23
C LYS A 284 -5.89 10.59 -49.90
N LYS A 285 -6.88 9.72 -50.06
CA LYS A 285 -8.16 10.04 -50.69
C LYS A 285 -9.28 10.17 -49.65
N ILE A 286 -9.97 11.30 -49.64
CA ILE A 286 -10.99 11.53 -48.60
C ILE A 286 -12.33 11.97 -49.16
N ALA A 287 -13.41 11.40 -48.63
CA ALA A 287 -14.77 11.81 -48.99
C ALA A 287 -15.50 12.41 -47.79
N LEU A 288 -15.97 13.65 -47.95
CA LEU A 288 -16.73 14.31 -46.89
C LEU A 288 -18.22 14.40 -47.25
N VAL A 289 -19.06 13.75 -46.45
CA VAL A 289 -20.49 13.68 -46.72
C VAL A 289 -21.31 14.45 -45.68
N GLY A 290 -22.10 15.41 -46.14
CA GLY A 290 -22.93 16.21 -45.25
C GLY A 290 -24.41 16.03 -45.53
N LYS A 291 -25.21 15.91 -44.47
CA LYS A 291 -26.65 15.83 -44.63
C LYS A 291 -27.20 17.13 -45.18
N GLY A 292 -27.97 17.04 -46.25
CA GLY A 292 -28.47 18.22 -46.93
C GLY A 292 -29.97 18.22 -47.11
N ILE A 293 -30.70 18.27 -46.00
CA ILE A 293 -32.15 18.41 -46.05
C ILE A 293 -32.49 19.88 -45.87
N THR A 294 -32.89 20.52 -46.96
CA THR A 294 -33.10 21.98 -46.97
C THR A 294 -34.25 22.37 -46.05
N PHE A 295 -35.21 21.46 -45.88
CA PHE A 295 -36.23 21.62 -44.86
C PHE A 295 -36.80 20.26 -44.46
N ASP A 296 -36.91 20.04 -43.16
CA ASP A 296 -37.45 18.79 -42.63
C ASP A 296 -38.80 19.02 -41.96
N SER A 297 -39.87 18.77 -42.70
CA SER A 297 -41.21 18.86 -42.14
C SER A 297 -41.52 17.58 -41.37
N GLY A 298 -40.76 16.53 -41.66
CA GLY A 298 -40.96 15.25 -41.02
C GLY A 298 -41.69 14.27 -41.92
N GLY A 299 -42.21 14.77 -43.04
CA GLY A 299 -43.03 13.96 -43.93
C GLY A 299 -44.36 13.63 -43.30
N TYR A 300 -44.95 12.50 -43.69
CA TYR A 300 -46.22 12.08 -43.12
C TYR A 300 -46.08 11.81 -41.62
N ASN A 301 -44.85 11.54 -41.19
CA ASN A 301 -44.53 11.57 -39.77
C ASN A 301 -44.25 13.00 -39.36
N LEU A 302 -45.24 13.86 -39.58
CA LEU A 302 -45.09 15.30 -39.42
C LEU A 302 -44.61 15.71 -38.03
N LYS A 303 -43.72 16.70 -38.00
CA LYS A 303 -43.25 17.28 -36.74
C LYS A 303 -44.35 18.16 -36.13
N ALA A 304 -45.29 17.55 -35.42
CA ALA A 304 -46.41 18.28 -34.85
C ALA A 304 -46.39 18.26 -33.33
N ALA A 305 -45.60 17.36 -32.75
CA ALA A 305 -45.49 17.25 -31.31
C ALA A 305 -44.76 18.45 -30.70
N PRO A 306 -45.16 18.86 -29.49
CA PRO A 306 -44.50 19.96 -28.78
C PRO A 306 -43.02 19.65 -28.55
N GLY A 307 -42.15 20.58 -28.93
CA GLY A 307 -40.71 20.39 -28.79
C GLY A 307 -40.09 19.78 -30.03
N SER A 308 -40.89 19.66 -31.09
CA SER A 308 -40.40 19.11 -32.35
C SER A 308 -39.64 20.18 -33.13
N MET A 309 -39.87 21.44 -32.76
CA MET A 309 -39.14 22.57 -33.30
C MET A 309 -39.08 22.60 -34.83
N ILE A 310 -40.25 22.58 -35.46
CA ILE A 310 -40.33 22.52 -36.92
C ILE A 310 -39.87 23.80 -37.60
N ASP A 311 -39.98 24.93 -36.89
CA ASP A 311 -39.59 26.21 -37.46
C ASP A 311 -38.07 26.34 -37.54
N LEU A 312 -37.37 25.38 -36.94
CA LEU A 312 -35.92 25.36 -36.92
C LEU A 312 -35.34 24.49 -38.03
N MET A 313 -36.19 23.66 -38.64
CA MET A 313 -35.71 22.61 -39.53
C MET A 313 -35.15 23.09 -40.86
N LYS A 314 -34.89 24.39 -40.97
CA LYS A 314 -34.14 24.92 -42.10
C LYS A 314 -32.66 24.59 -41.95
N PHE A 315 -32.26 24.23 -40.73
CA PHE A 315 -30.86 23.97 -40.41
C PHE A 315 -30.47 22.52 -40.68
N ASP A 316 -31.40 21.76 -41.26
CA ASP A 316 -31.18 20.33 -41.47
C ASP A 316 -30.20 20.08 -42.61
N MET A 317 -29.64 21.17 -43.15
CA MET A 317 -28.58 21.07 -44.14
C MET A 317 -27.27 21.61 -43.58
N SER A 318 -27.17 21.63 -42.26
CA SER A 318 -25.97 22.11 -41.57
C SER A 318 -24.74 21.30 -41.95
N GLY A 319 -24.92 20.01 -42.13
CA GLY A 319 -23.84 19.12 -42.52
C GLY A 319 -23.32 19.48 -43.89
N CYS A 320 -24.26 19.68 -44.81
CA CYS A 320 -23.91 20.11 -46.16
C CYS A 320 -23.18 21.46 -46.13
N ALA A 321 -23.66 22.37 -45.29
CA ALA A 321 -23.06 23.67 -45.15
C ALA A 321 -21.63 23.59 -44.64
N ALA A 322 -21.40 22.67 -43.70
CA ALA A 322 -20.07 22.48 -43.14
C ALA A 322 -19.09 21.95 -44.19
N VAL A 323 -19.57 21.02 -45.00
CA VAL A 323 -18.76 20.42 -46.07
C VAL A 323 -18.41 21.47 -47.13
N LEU A 324 -19.39 22.30 -47.49
CA LEU A 324 -19.17 23.35 -48.47
C LEU A 324 -18.23 24.40 -47.91
N GLY A 325 -18.38 24.69 -46.61
CA GLY A 325 -17.49 25.61 -45.92
C GLY A 325 -16.07 25.08 -45.88
N CYS A 326 -15.95 23.77 -45.70
CA CYS A 326 -14.64 23.11 -45.72
C CYS A 326 -14.04 23.20 -47.11
N ALA A 327 -14.91 23.12 -48.12
CA ALA A 327 -14.48 23.23 -49.51
C ALA A 327 -13.82 24.59 -49.78
N TYR A 328 -14.36 25.64 -49.18
CA TYR A 328 -13.78 26.97 -49.33
C TYR A 328 -12.38 27.05 -48.73
N CYS A 329 -12.25 26.54 -47.50
CA CYS A 329 -10.98 26.60 -46.79
C CYS A 329 -9.90 25.81 -47.52
N VAL A 330 -10.27 24.61 -47.97
CA VAL A 330 -9.34 23.73 -48.68
C VAL A 330 -8.95 24.30 -50.03
N GLY A 331 -9.93 24.84 -50.74
CA GLY A 331 -9.69 25.42 -52.06
C GLY A 331 -8.85 26.67 -51.96
N THR A 332 -8.87 27.30 -50.80
CA THR A 332 -8.10 28.52 -50.56
C THR A 332 -6.70 28.22 -50.02
N LEU A 333 -6.62 27.30 -49.07
CA LEU A 333 -5.36 26.97 -48.42
C LEU A 333 -4.54 26.01 -49.28
N LYS A 334 -5.21 25.26 -50.15
CA LYS A 334 -4.55 24.39 -51.12
C LYS A 334 -3.57 23.40 -50.50
N PRO A 335 -4.09 22.39 -49.78
CA PRO A 335 -3.21 21.36 -49.22
C PRO A 335 -2.60 20.48 -50.31
N GLU A 336 -1.46 19.87 -50.04
CA GLU A 336 -0.78 19.06 -51.05
C GLU A 336 -0.96 17.56 -50.81
N ASN A 337 -0.80 16.80 -51.89
CA ASN A 337 -0.78 15.34 -51.80
C ASN A 337 -2.09 14.74 -51.32
N VAL A 338 -3.18 15.47 -51.49
CA VAL A 338 -4.48 15.01 -51.03
C VAL A 338 -5.57 15.25 -52.07
N GLU A 339 -6.53 14.33 -52.13
CA GLU A 339 -7.70 14.50 -52.97
C GLU A 339 -8.96 14.40 -52.13
N ILE A 340 -9.76 15.46 -52.13
CA ILE A 340 -10.93 15.54 -51.27
C ILE A 340 -12.21 15.61 -52.09
N HIS A 341 -13.17 14.75 -51.73
CA HIS A 341 -14.48 14.78 -52.37
C HIS A 341 -15.53 15.32 -51.40
N PHE A 342 -16.18 16.40 -51.80
CA PHE A 342 -17.22 17.02 -51.00
C PHE A 342 -18.59 16.57 -51.52
N LEU A 343 -19.28 15.75 -50.73
CA LEU A 343 -20.52 15.12 -51.19
C LEU A 343 -21.71 15.54 -50.35
N SER A 344 -22.86 15.67 -51.00
CA SER A 344 -24.10 15.96 -50.31
C SER A 344 -25.33 15.57 -51.12
N ALA A 345 -26.12 14.64 -50.60
CA ALA A 345 -27.39 14.28 -51.21
C ALA A 345 -28.45 15.26 -50.75
N VAL A 346 -28.70 16.29 -51.56
CA VAL A 346 -29.58 17.38 -51.17
C VAL A 346 -31.02 17.16 -51.62
N CYS A 347 -31.96 17.39 -50.72
CA CYS A 347 -33.38 17.30 -51.04
C CYS A 347 -34.22 17.95 -49.95
N GLU A 348 -35.54 17.85 -50.10
CA GLU A 348 -36.47 18.44 -49.13
C GLU A 348 -37.54 17.41 -48.76
N ASN A 349 -37.80 17.28 -47.46
CA ASN A 349 -38.76 16.28 -46.97
C ASN A 349 -40.11 16.91 -46.66
N MET A 350 -41.02 16.82 -47.62
CA MET A 350 -42.30 17.53 -47.53
C MET A 350 -43.49 16.59 -47.52
N VAL A 351 -44.67 17.15 -47.26
CA VAL A 351 -45.90 16.37 -47.28
C VAL A 351 -46.69 16.63 -48.56
N SER A 352 -46.97 15.57 -49.29
CA SER A 352 -47.66 15.67 -50.58
C SER A 352 -48.28 14.35 -50.97
N LYS A 353 -49.05 14.35 -52.06
CA LYS A 353 -49.61 13.12 -52.60
C LYS A 353 -48.49 12.25 -53.19
N ASN A 354 -47.36 12.88 -53.47
CA ASN A 354 -46.22 12.21 -54.09
C ASN A 354 -45.16 11.79 -53.07
N SER A 355 -45.38 12.15 -51.82
CA SER A 355 -44.44 11.82 -50.75
C SER A 355 -44.40 10.32 -50.50
N TYR A 356 -43.29 9.83 -49.94
CA TYR A 356 -43.21 8.41 -49.58
C TYR A 356 -43.89 8.19 -48.24
N ARG A 357 -44.39 6.96 -48.03
CA ARG A 357 -45.22 6.66 -46.88
C ARG A 357 -44.51 5.81 -45.82
N PRO A 358 -44.97 5.91 -44.56
CA PRO A 358 -44.57 4.99 -43.50
C PRO A 358 -44.95 3.56 -43.85
N GLY A 359 -44.00 2.64 -43.81
CA GLY A 359 -44.27 1.27 -44.18
C GLY A 359 -43.71 0.92 -45.54
N ASP A 360 -43.45 1.95 -46.34
CA ASP A 360 -42.89 1.78 -47.67
C ASP A 360 -41.56 1.03 -47.63
N ILE A 361 -41.38 0.12 -48.57
CA ILE A 361 -40.11 -0.60 -48.70
C ILE A 361 -39.35 -0.07 -49.91
N ILE A 362 -38.14 0.41 -49.66
CA ILE A 362 -37.35 1.06 -50.70
C ILE A 362 -35.99 0.39 -50.87
N THR A 363 -35.38 0.59 -52.03
CA THR A 363 -34.11 -0.06 -52.34
C THR A 363 -32.96 0.94 -52.46
N ALA A 364 -31.89 0.68 -51.71
CA ALA A 364 -30.71 1.53 -51.76
C ALA A 364 -29.87 1.20 -52.99
N SER A 365 -28.91 2.06 -53.28
CA SER A 365 -28.08 1.89 -54.49
C SER A 365 -27.20 0.65 -54.39
N ASN A 366 -27.00 0.14 -53.17
CA ASN A 366 -26.19 -1.06 -52.97
C ASN A 366 -27.05 -2.33 -52.97
N GLY A 367 -28.32 -2.19 -53.28
CA GLY A 367 -29.22 -3.32 -53.39
C GLY A 367 -30.02 -3.66 -52.14
N LYS A 368 -29.59 -3.13 -50.99
CA LYS A 368 -30.28 -3.41 -49.74
C LYS A 368 -31.65 -2.74 -49.68
N THR A 369 -32.68 -3.52 -49.39
CA THR A 369 -34.04 -3.01 -49.26
C THR A 369 -34.33 -2.53 -47.84
N ILE A 370 -35.06 -1.42 -47.74
CA ILE A 370 -35.30 -0.79 -46.43
C ILE A 370 -36.80 -0.59 -46.16
N GLU A 371 -37.22 -0.97 -44.96
CA GLU A 371 -38.59 -0.73 -44.53
C GLU A 371 -38.68 0.57 -43.74
N VAL A 372 -39.41 1.54 -44.30
CA VAL A 372 -39.57 2.83 -43.65
C VAL A 372 -40.56 2.75 -42.49
N GLY A 373 -40.07 3.04 -41.30
CA GLY A 373 -40.92 3.04 -40.11
C GLY A 373 -41.28 4.44 -39.67
N ASN A 374 -40.53 5.42 -40.18
CA ASN A 374 -40.75 6.82 -39.83
C ASN A 374 -40.13 7.75 -40.86
N THR A 375 -40.98 8.49 -41.57
CA THR A 375 -40.54 9.39 -42.63
C THR A 375 -39.70 10.54 -42.09
N ASP A 376 -39.70 10.70 -40.77
CA ASP A 376 -38.96 11.78 -40.12
C ASP A 376 -37.51 11.35 -39.91
N ALA A 377 -37.22 10.09 -40.19
CA ALA A 377 -35.86 9.58 -40.18
C ALA A 377 -35.28 9.61 -41.59
N GLU A 378 -35.43 10.75 -42.27
CA GLU A 378 -35.08 10.86 -43.68
C GLU A 378 -33.58 11.02 -43.87
N GLY A 379 -32.90 11.55 -42.85
CA GLY A 379 -31.48 11.81 -42.93
C GLY A 379 -30.63 10.59 -43.24
N ARG A 380 -30.85 9.53 -42.49
CA ARG A 380 -30.07 8.30 -42.66
C ARG A 380 -30.31 7.65 -44.01
N LEU A 381 -31.50 7.90 -44.57
CA LEU A 381 -31.85 7.37 -45.89
C LEU A 381 -31.03 8.02 -47.00
N THR A 382 -30.88 9.34 -46.92
CA THR A 382 -30.08 10.09 -47.90
C THR A 382 -28.59 9.76 -47.75
N LEU A 383 -28.14 9.63 -46.50
CA LEU A 383 -26.75 9.31 -46.23
C LEU A 383 -26.36 7.94 -46.75
N ALA A 384 -27.31 7.00 -46.73
CA ALA A 384 -27.06 5.64 -47.18
C ALA A 384 -26.59 5.64 -48.63
N ASP A 385 -27.32 6.33 -49.50
CA ASP A 385 -26.97 6.40 -50.91
C ASP A 385 -25.72 7.24 -51.14
N ALA A 386 -25.50 8.23 -50.27
CA ALA A 386 -24.33 9.09 -50.38
C ALA A 386 -23.07 8.32 -49.99
N LEU A 387 -23.19 7.46 -48.98
CA LEU A 387 -22.07 6.66 -48.51
C LEU A 387 -21.67 5.60 -49.52
N VAL A 388 -22.66 5.01 -50.20
CA VAL A 388 -22.40 4.04 -51.25
C VAL A 388 -21.65 4.69 -52.40
N TYR A 389 -22.09 5.88 -52.77
CA TYR A 389 -21.46 6.66 -53.83
C TYR A 389 -20.04 7.02 -53.43
N ALA A 390 -19.88 7.42 -52.17
CA ALA A 390 -18.59 7.80 -51.64
C ALA A 390 -17.57 6.67 -51.70
N GLU A 391 -17.98 5.50 -51.22
CA GLU A 391 -17.08 4.35 -51.17
C GLU A 391 -16.69 3.85 -52.55
N LYS A 392 -17.57 4.07 -53.53
CA LYS A 392 -17.28 3.67 -54.91
C LYS A 392 -16.25 4.58 -55.55
N LEU A 393 -15.99 5.72 -54.92
CA LEU A 393 -14.97 6.64 -55.39
C LEU A 393 -13.57 6.11 -55.04
N GLY A 394 -13.54 5.07 -54.20
CA GLY A 394 -12.28 4.48 -53.79
C GLY A 394 -11.45 5.41 -52.93
N VAL A 395 -12.00 5.83 -51.81
CA VAL A 395 -11.30 6.73 -50.91
C VAL A 395 -10.71 5.98 -49.73
N ASP A 396 -9.81 6.64 -49.00
CA ASP A 396 -9.19 6.03 -47.83
C ASP A 396 -10.04 6.25 -46.59
N TYR A 397 -10.63 7.44 -46.50
CA TYR A 397 -11.47 7.79 -45.35
C TYR A 397 -12.80 8.38 -45.79
N ILE A 398 -13.88 7.93 -45.14
CA ILE A 398 -15.19 8.56 -45.32
C ILE A 398 -15.69 9.13 -44.01
N VAL A 399 -15.92 10.44 -43.99
CA VAL A 399 -16.44 11.11 -42.80
C VAL A 399 -17.72 11.87 -43.14
N ASP A 400 -18.82 11.52 -42.48
CA ASP A 400 -20.07 12.22 -42.70
C ASP A 400 -20.42 13.10 -41.50
N ILE A 401 -21.10 14.20 -41.76
CA ILE A 401 -21.52 15.13 -40.71
C ILE A 401 -22.97 15.55 -40.95
N ALA A 402 -23.81 15.40 -39.93
CA ALA A 402 -25.24 15.60 -40.12
C ALA A 402 -25.98 15.92 -38.82
N THR A 403 -27.04 16.71 -38.94
CA THR A 403 -27.98 16.95 -37.85
C THR A 403 -28.97 15.79 -37.83
N LEU A 404 -28.51 14.64 -37.33
CA LEU A 404 -29.21 13.38 -37.54
C LEU A 404 -30.25 13.07 -36.46
N THR A 405 -29.87 13.23 -35.20
CA THR A 405 -30.75 12.83 -34.09
C THR A 405 -30.89 13.91 -33.03
N GLY A 406 -32.15 14.21 -32.68
CA GLY A 406 -32.43 15.17 -31.63
C GLY A 406 -32.00 14.66 -30.26
N ALA A 407 -31.82 13.34 -30.16
CA ALA A 407 -31.41 12.71 -28.91
C ALA A 407 -30.05 13.21 -28.44
N MET A 408 -29.26 13.77 -29.37
CA MET A 408 -27.96 14.32 -29.04
C MET A 408 -28.08 15.41 -27.97
N LEU A 409 -29.21 16.11 -27.95
CA LEU A 409 -29.47 17.13 -26.95
C LEU A 409 -29.55 16.51 -25.56
N TYR A 410 -29.84 15.22 -25.51
CA TYR A 410 -29.98 14.50 -24.25
C TYR A 410 -28.69 13.77 -23.88
N SER A 411 -27.79 13.65 -24.85
CA SER A 411 -26.53 12.96 -24.64
C SER A 411 -25.38 13.90 -24.33
N LEU A 412 -25.06 14.78 -25.27
CA LEU A 412 -23.92 15.69 -25.11
C LEU A 412 -24.36 17.14 -24.93
N GLY A 413 -25.59 17.44 -25.35
CA GLY A 413 -26.13 18.77 -25.22
C GLY A 413 -25.82 19.67 -26.40
N THR A 414 -25.58 20.96 -26.11
CA THR A 414 -25.44 21.96 -27.16
C THR A 414 -24.00 22.40 -27.41
N SER A 415 -23.07 21.89 -26.62
CA SER A 415 -21.66 22.30 -26.74
CA SER A 415 -21.66 22.30 -26.74
C SER A 415 -20.82 21.27 -27.47
N TYR A 416 -20.98 19.99 -27.12
CA TYR A 416 -20.18 18.92 -27.72
C TYR A 416 -20.95 18.12 -28.77
N ALA A 417 -20.33 17.93 -29.93
CA ALA A 417 -20.88 17.04 -30.96
C ALA A 417 -20.48 15.59 -30.68
N GLY A 418 -21.23 14.65 -31.25
CA GLY A 418 -20.92 13.25 -31.10
C GLY A 418 -20.29 12.65 -32.34
N VAL A 419 -19.27 11.82 -32.13
CA VAL A 419 -18.61 11.15 -33.25
C VAL A 419 -18.70 9.63 -33.13
N PHE A 420 -19.10 8.98 -34.23
CA PHE A 420 -19.18 7.53 -34.30
C PHE A 420 -18.31 7.03 -35.45
N GLY A 421 -17.96 5.74 -35.43
CA GLY A 421 -17.15 5.18 -36.49
C GLY A 421 -16.88 3.70 -36.36
N ASN A 422 -16.27 3.13 -37.41
CA ASN A 422 -15.92 1.72 -37.42
C ASN A 422 -14.40 1.50 -37.40
N ASN A 423 -13.67 2.60 -37.21
CA ASN A 423 -12.21 2.57 -37.25
C ASN A 423 -11.61 3.47 -36.19
N GLU A 424 -10.87 2.89 -35.25
CA GLU A 424 -10.33 3.62 -34.11
C GLU A 424 -9.36 4.72 -34.53
N GLU A 425 -8.51 4.44 -35.51
CA GLU A 425 -7.51 5.41 -35.94
C GLU A 425 -8.17 6.64 -36.57
N LEU A 426 -9.18 6.41 -37.40
CA LEU A 426 -9.90 7.51 -38.04
C LEU A 426 -10.60 8.35 -36.99
N ILE A 427 -11.18 7.68 -36.00
CA ILE A 427 -11.86 8.36 -34.90
C ILE A 427 -10.88 9.24 -34.11
N ASN A 428 -9.68 8.71 -33.90
CA ASN A 428 -8.64 9.46 -33.18
C ASN A 428 -8.21 10.71 -33.92
N LYS A 429 -8.15 10.64 -35.25
CA LYS A 429 -7.81 11.80 -36.05
C LYS A 429 -8.85 12.90 -35.93
N ILE A 430 -10.12 12.50 -35.89
CA ILE A 430 -11.21 13.46 -35.73
C ILE A 430 -11.15 14.16 -34.38
N LEU A 431 -10.89 13.40 -33.31
CA LEU A 431 -10.80 13.98 -31.97
C LEU A 431 -9.64 14.96 -31.86
N GLN A 432 -8.50 14.61 -32.45
CA GLN A 432 -7.35 15.49 -32.48
C GLN A 432 -7.65 16.74 -33.29
N SER A 433 -8.31 16.56 -34.43
CA SER A 433 -8.74 17.67 -35.26
C SER A 433 -9.69 18.54 -34.45
N SER A 434 -10.47 17.91 -33.58
CA SER A 434 -11.38 18.62 -32.70
C SER A 434 -10.60 19.52 -31.73
N LYS A 435 -9.46 19.00 -31.27
CA LYS A 435 -8.61 19.73 -30.33
C LYS A 435 -7.97 20.97 -30.94
N THR A 436 -7.46 20.82 -32.17
CA THR A 436 -6.74 21.90 -32.81
C THR A 436 -7.68 22.95 -33.42
N SER A 437 -8.90 22.53 -33.72
CA SER A 437 -9.90 23.45 -34.26
C SER A 437 -10.70 24.09 -33.13
N ASN A 438 -10.62 23.50 -31.94
CA ASN A 438 -11.38 23.95 -30.79
C ASN A 438 -12.88 23.85 -31.02
N GLU A 439 -13.28 22.92 -31.87
CA GLU A 439 -14.68 22.56 -32.01
C GLU A 439 -14.89 21.20 -31.37
N PRO A 440 -15.39 21.20 -30.12
CA PRO A 440 -15.47 20.03 -29.23
C PRO A 440 -16.26 18.86 -29.81
N VAL A 441 -15.69 17.67 -29.69
CA VAL A 441 -16.32 16.45 -30.15
C VAL A 441 -16.04 15.32 -29.16
N TRP A 442 -17.04 14.48 -28.90
CA TRP A 442 -16.89 13.38 -27.96
C TRP A 442 -17.18 12.05 -28.63
N TRP A 443 -16.39 11.03 -28.32
CA TRP A 443 -16.52 9.71 -28.94
C TRP A 443 -17.66 8.91 -28.31
N LEU A 444 -18.62 8.52 -29.13
CA LEU A 444 -19.73 7.69 -28.67
C LEU A 444 -19.69 6.32 -29.34
N PRO A 445 -20.13 5.28 -28.62
CA PRO A 445 -20.01 3.89 -29.06
C PRO A 445 -21.10 3.44 -30.02
N ILE A 446 -20.72 2.64 -31.01
CA ILE A 446 -21.71 1.95 -31.84
C ILE A 446 -21.94 0.57 -31.26
N ILE A 447 -22.98 0.44 -30.45
CA ILE A 447 -23.25 -0.79 -29.70
C ILE A 447 -23.97 -1.83 -30.56
N ASN A 448 -23.25 -2.89 -30.92
CA ASN A 448 -23.76 -3.91 -31.83
C ASN A 448 -24.94 -4.72 -31.29
N GLU A 449 -25.11 -4.76 -29.97
CA GLU A 449 -26.21 -5.52 -29.38
C GLU A 449 -27.55 -4.95 -29.82
N TYR A 450 -27.54 -3.68 -30.22
CA TYR A 450 -28.77 -3.01 -30.64
C TYR A 450 -29.05 -3.28 -32.12
N ARG A 451 -28.07 -3.85 -32.81
CA ARG A 451 -28.18 -4.08 -34.25
C ARG A 451 -29.38 -4.95 -34.62
N ALA A 452 -29.75 -5.87 -33.74
CA ALA A 452 -30.84 -6.80 -34.01
C ALA A 452 -32.19 -6.11 -34.11
N THR A 453 -32.30 -4.92 -33.53
CA THR A 453 -33.55 -4.16 -33.56
C THR A 453 -33.86 -3.64 -34.96
N LEU A 454 -32.85 -3.70 -35.84
CA LEU A 454 -33.02 -3.23 -37.21
C LEU A 454 -33.38 -4.36 -38.17
N ASN A 455 -33.56 -5.57 -37.62
CA ASN A 455 -33.97 -6.71 -38.42
C ASN A 455 -35.42 -6.61 -38.85
N SER A 456 -35.64 -6.34 -40.14
CA SER A 456 -36.99 -6.20 -40.68
C SER A 456 -37.62 -7.54 -41.00
N LYS A 457 -38.94 -7.61 -40.87
CA LYS A 457 -39.68 -8.83 -41.16
C LYS A 457 -39.79 -9.09 -42.65
N TYR A 458 -39.86 -8.01 -43.43
CA TYR A 458 -40.06 -8.12 -44.87
C TYR A 458 -38.91 -7.52 -45.66
N ALA A 459 -38.37 -6.41 -45.19
CA ALA A 459 -37.22 -5.77 -45.84
C ALA A 459 -35.92 -6.34 -45.31
N ASP A 460 -34.81 -6.01 -45.98
CA ASP A 460 -33.49 -6.45 -45.55
C ASP A 460 -33.13 -5.89 -44.19
N ILE A 461 -33.55 -4.66 -43.93
CA ILE A 461 -33.19 -3.95 -42.72
C ILE A 461 -34.24 -2.91 -42.37
N ASN A 462 -34.38 -2.64 -41.07
CA ASN A 462 -35.28 -1.61 -40.62
C ASN A 462 -34.63 -0.23 -40.63
N GLN A 463 -35.41 0.77 -40.98
CA GLN A 463 -34.96 2.16 -40.96
C GLN A 463 -34.72 2.61 -39.52
N ILE A 464 -35.65 2.25 -38.65
CA ILE A 464 -35.60 2.66 -37.25
C ILE A 464 -35.84 1.47 -36.31
N SER A 465 -35.58 1.67 -35.02
CA SER A 465 -35.86 0.65 -34.02
C SER A 465 -37.23 0.84 -33.39
N SER A 466 -37.87 -0.26 -33.01
CA SER A 466 -39.16 -0.21 -32.36
C SER A 466 -39.00 -0.15 -30.84
N SER A 467 -37.95 -0.78 -30.33
CA SER A 467 -37.72 -0.85 -28.89
C SER A 467 -36.63 0.13 -28.43
N VAL A 468 -35.41 -0.10 -28.90
CA VAL A 468 -34.25 0.69 -28.48
C VAL A 468 -34.49 2.18 -28.68
N LYS A 469 -34.34 2.95 -27.60
CA LYS A 469 -34.58 4.39 -27.65
C LYS A 469 -33.31 5.20 -27.82
N ALA A 470 -32.17 4.52 -27.83
CA ALA A 470 -30.88 5.19 -28.08
C ALA A 470 -30.76 5.50 -29.56
N SER A 471 -31.56 6.46 -30.02
CA SER A 471 -31.69 6.76 -31.44
C SER A 471 -30.37 7.15 -32.09
N SER A 472 -29.53 7.89 -31.37
CA SER A 472 -28.26 8.35 -31.92
C SER A 472 -27.34 7.16 -32.22
N ILE A 473 -27.37 6.15 -31.35
CA ILE A 473 -26.55 4.96 -31.53
C ILE A 473 -27.14 4.08 -32.63
N VAL A 474 -28.46 3.95 -32.63
CA VAL A 474 -29.16 3.14 -33.62
C VAL A 474 -28.93 3.68 -35.03
N ALA A 475 -28.97 5.00 -35.18
CA ALA A 475 -28.74 5.64 -36.48
C ALA A 475 -27.35 5.30 -37.01
N SER A 476 -26.38 5.30 -36.11
CA SER A 476 -25.01 4.95 -36.47
C SER A 476 -24.93 3.51 -36.96
N LEU A 477 -25.69 2.63 -36.32
CA LEU A 477 -25.76 1.23 -36.73
C LEU A 477 -26.32 1.11 -38.14
N PHE A 478 -27.32 1.92 -38.45
CA PHE A 478 -27.92 1.94 -39.77
C PHE A 478 -26.90 2.31 -40.86
N LEU A 479 -26.24 3.45 -40.67
CA LEU A 479 -25.27 3.96 -41.63
C LEU A 479 -24.13 2.98 -41.87
N LYS A 480 -23.72 2.31 -40.79
CA LYS A 480 -22.61 1.36 -40.83
C LYS A 480 -22.88 0.22 -41.82
N GLU A 481 -24.15 -0.01 -42.10
CA GLU A 481 -24.57 -1.06 -43.05
C GLU A 481 -24.39 -0.62 -44.51
N PHE A 482 -23.92 0.61 -44.71
CA PHE A 482 -23.76 1.15 -46.06
C PHE A 482 -22.32 1.53 -46.33
N VAL A 483 -21.42 1.04 -45.49
CA VAL A 483 -19.98 1.14 -45.71
C VAL A 483 -19.36 -0.25 -45.58
N GLN A 484 -19.02 -0.86 -46.71
CA GLN A 484 -18.61 -2.26 -46.73
C GLN A 484 -17.20 -2.50 -46.22
N ASN A 485 -16.22 -1.76 -46.73
CA ASN A 485 -14.83 -2.03 -46.39
C ASN A 485 -13.96 -0.77 -46.40
N THR A 486 -14.44 0.30 -45.78
CA THR A 486 -13.70 1.55 -45.72
C THR A 486 -13.77 2.20 -44.35
N ALA A 487 -12.68 2.85 -43.94
CA ALA A 487 -12.65 3.59 -42.70
C ALA A 487 -13.68 4.71 -42.74
N TRP A 488 -14.60 4.71 -41.77
CA TRP A 488 -15.73 5.63 -41.78
C TRP A 488 -16.03 6.19 -40.40
N ALA A 489 -16.32 7.48 -40.35
CA ALA A 489 -16.71 8.15 -39.11
C ALA A 489 -17.96 8.98 -39.33
N HIS A 490 -18.75 9.15 -38.27
CA HIS A 490 -20.03 9.85 -38.36
C HIS A 490 -20.17 10.89 -37.26
N ILE A 491 -20.33 12.14 -37.66
CA ILE A 491 -20.47 13.24 -36.71
C ILE A 491 -21.91 13.76 -36.65
N ASP A 492 -22.55 13.59 -35.51
CA ASP A 492 -23.93 14.05 -35.32
C ASP A 492 -23.92 15.42 -34.66
N ILE A 493 -24.28 16.44 -35.44
CA ILE A 493 -24.21 17.82 -34.98
C ILE A 493 -25.58 18.46 -34.76
N ALA A 494 -26.58 17.63 -34.50
CA ALA A 494 -27.95 18.11 -34.28
C ALA A 494 -28.02 19.07 -33.09
N GLY A 495 -27.28 18.76 -32.04
CA GLY A 495 -27.33 19.54 -30.81
C GLY A 495 -26.44 20.77 -30.79
N VAL A 496 -25.39 20.77 -31.62
CA VAL A 496 -24.40 21.85 -31.56
C VAL A 496 -24.49 22.82 -32.73
N SER A 497 -25.28 22.46 -33.75
CA SER A 497 -25.38 23.27 -34.95
C SER A 497 -25.96 24.66 -34.69
N TRP A 498 -27.06 24.71 -33.95
CA TRP A 498 -27.77 25.98 -33.72
C TRP A 498 -27.49 26.59 -32.35
N ASN A 499 -27.17 27.88 -32.34
CA ASN A 499 -26.98 28.63 -31.11
C ASN A 499 -28.29 29.25 -30.64
N PHE A 500 -28.95 28.57 -29.71
CA PHE A 500 -30.30 28.98 -29.28
C PHE A 500 -30.29 30.32 -28.56
N LYS A 501 -29.24 30.58 -27.78
CA LYS A 501 -29.13 31.86 -27.07
C LYS A 501 -28.97 33.02 -28.04
N ALA A 502 -28.18 32.82 -29.09
CA ALA A 502 -27.90 33.89 -30.05
C ALA A 502 -28.88 33.89 -31.22
N ARG A 503 -29.72 32.85 -31.27
CA ARG A 503 -30.74 32.70 -32.32
C ARG A 503 -30.09 32.68 -33.70
N LYS A 504 -28.99 31.94 -33.81
CA LYS A 504 -28.25 31.86 -35.06
C LYS A 504 -27.40 30.58 -35.15
N PRO A 505 -26.99 30.23 -36.38
CA PRO A 505 -26.15 29.05 -36.63
C PRO A 505 -24.72 29.26 -36.15
N LYS A 506 -23.98 28.16 -35.95
CA LYS A 506 -22.59 28.25 -35.55
C LYS A 506 -21.64 28.03 -36.72
N GLY A 507 -22.14 27.37 -37.78
CA GLY A 507 -21.29 26.94 -38.85
C GLY A 507 -20.35 25.86 -38.35
N PHE A 508 -20.86 25.05 -37.43
CA PHE A 508 -20.08 24.01 -36.76
C PHE A 508 -19.60 22.93 -37.73
N GLY A 509 -18.32 22.58 -37.63
CA GLY A 509 -17.77 21.49 -38.41
C GLY A 509 -16.80 21.91 -39.48
N VAL A 510 -16.87 23.17 -39.91
CA VAL A 510 -16.01 23.68 -40.97
C VAL A 510 -14.55 23.64 -40.56
N ARG A 511 -14.25 24.19 -39.39
CA ARG A 511 -12.87 24.22 -38.90
C ARG A 511 -12.42 22.82 -38.48
N LEU A 512 -13.36 22.05 -37.94
CA LEU A 512 -13.10 20.68 -37.53
C LEU A 512 -12.69 19.82 -38.73
N LEU A 513 -13.46 19.92 -39.81
CA LEU A 513 -13.21 19.13 -41.01
C LEU A 513 -11.94 19.58 -41.74
N THR A 514 -11.68 20.89 -41.71
CA THR A 514 -10.50 21.45 -42.36
C THR A 514 -9.22 20.99 -41.67
N GLU A 515 -9.24 20.99 -40.34
CA GLU A 515 -8.10 20.50 -39.58
C GLU A 515 -7.83 19.02 -39.86
N PHE A 516 -8.89 18.25 -40.08
CA PHE A 516 -8.75 16.83 -40.39
C PHE A 516 -8.03 16.59 -41.71
N VAL A 517 -8.42 17.33 -42.75
CA VAL A 517 -7.80 17.20 -44.06
C VAL A 517 -6.37 17.73 -44.07
N LEU A 518 -6.13 18.80 -43.32
CA LEU A 518 -4.83 19.48 -43.33
C LEU A 518 -3.77 18.74 -42.52
N ASN A 519 -4.14 18.22 -41.36
CA ASN A 519 -3.17 17.53 -40.51
C ASN A 519 -3.00 16.09 -40.98
N ASP A 520 -3.69 15.75 -42.06
CA ASP A 520 -3.61 14.42 -42.63
C ASP A 520 -2.85 14.44 -43.95
N SER B 3 -55.02 1.04 -65.43
CA SER B 3 -54.18 -0.15 -65.64
C SER B 3 -52.71 0.17 -65.41
N GLU B 4 -52.24 1.27 -65.97
CA GLU B 4 -50.85 1.68 -65.79
C GLU B 4 -50.65 2.43 -64.47
N VAL B 5 -49.71 1.94 -63.67
CA VAL B 5 -49.41 2.55 -62.37
C VAL B 5 -48.56 3.80 -62.49
N PRO B 6 -49.06 4.93 -61.97
CA PRO B 6 -48.32 6.20 -62.01
C PRO B 6 -47.07 6.16 -61.13
N GLN B 7 -46.03 6.87 -61.55
CA GLN B 7 -44.78 6.92 -60.80
C GLN B 7 -44.34 8.35 -60.52
N VAL B 8 -43.57 8.54 -59.46
CA VAL B 8 -42.92 9.82 -59.18
C VAL B 8 -41.50 9.76 -59.70
N VAL B 9 -40.83 8.64 -59.45
CA VAL B 9 -39.51 8.36 -59.99
C VAL B 9 -39.53 7.02 -60.72
N SER B 10 -38.52 6.78 -61.55
CA SER B 10 -38.47 5.54 -62.34
C SER B 10 -38.27 4.33 -61.43
N LEU B 11 -37.82 4.58 -60.20
CA LEU B 11 -37.55 3.50 -59.25
C LEU B 11 -38.81 3.07 -58.50
N ASP B 12 -39.90 3.81 -58.66
CA ASP B 12 -41.16 3.44 -58.04
C ASP B 12 -41.73 2.18 -58.67
N PRO B 13 -42.16 1.23 -57.82
CA PRO B 13 -42.72 -0.06 -58.26
C PRO B 13 -44.02 0.11 -59.04
N THR B 14 -44.26 -0.77 -60.01
CA THR B 14 -45.44 -0.67 -60.85
C THR B 14 -46.35 -1.89 -60.72
N SER B 15 -46.07 -2.76 -59.75
CA SER B 15 -46.90 -3.93 -59.52
C SER B 15 -46.63 -4.57 -58.16
N ILE B 16 -47.63 -5.26 -57.62
CA ILE B 16 -47.46 -6.00 -56.38
C ILE B 16 -46.85 -7.37 -56.68
N PRO B 17 -45.70 -7.66 -56.06
CA PRO B 17 -45.09 -8.98 -56.24
C PRO B 17 -45.95 -10.07 -55.61
N ILE B 18 -46.38 -11.04 -56.42
CA ILE B 18 -47.23 -12.11 -55.91
C ILE B 18 -46.64 -13.49 -56.21
N GLU B 19 -46.50 -14.29 -55.16
CA GLU B 19 -46.05 -15.66 -55.32
C GLU B 19 -47.26 -16.58 -55.30
N TYR B 20 -47.54 -17.23 -56.42
CA TYR B 20 -48.70 -18.13 -56.52
C TYR B 20 -48.29 -19.56 -56.20
N ASN B 21 -47.26 -20.04 -56.88
CA ASN B 21 -46.72 -21.37 -56.63
C ASN B 21 -45.76 -21.32 -55.45
N THR B 22 -46.26 -21.66 -54.27
CA THR B 22 -45.47 -21.60 -53.05
C THR B 22 -44.87 -22.97 -52.70
N PRO B 23 -43.80 -22.96 -51.89
CA PRO B 23 -43.15 -24.19 -51.42
C PRO B 23 -44.13 -25.16 -50.79
N ILE B 24 -45.16 -24.64 -50.14
CA ILE B 24 -46.20 -25.48 -49.54
C ILE B 24 -46.88 -26.34 -50.60
N HIS B 25 -47.10 -25.75 -51.78
CA HIS B 25 -47.78 -26.44 -52.87
C HIS B 25 -46.95 -27.58 -53.44
N ASP B 26 -45.65 -27.59 -53.12
CA ASP B 26 -44.76 -28.62 -53.63
C ASP B 26 -44.61 -29.76 -52.63
N ILE B 27 -45.31 -29.65 -51.50
CA ILE B 27 -45.27 -30.67 -50.48
C ILE B 27 -46.27 -31.78 -50.78
N LYS B 28 -45.77 -32.99 -50.98
CA LYS B 28 -46.66 -34.13 -51.18
C LYS B 28 -47.21 -34.58 -49.84
N VAL B 29 -48.53 -34.51 -49.69
CA VAL B 29 -49.16 -34.87 -48.44
C VAL B 29 -49.89 -36.20 -48.55
N GLN B 30 -49.57 -37.12 -47.65
CA GLN B 30 -50.21 -38.43 -47.63
C GLN B 30 -50.81 -38.72 -46.26
N VAL B 31 -52.03 -39.23 -46.24
CA VAL B 31 -52.71 -39.56 -45.00
C VAL B 31 -52.92 -41.07 -44.84
N TYR B 32 -52.40 -41.61 -43.75
CA TYR B 32 -52.54 -43.03 -43.47
C TYR B 32 -53.39 -43.27 -42.23
N ASP B 33 -53.99 -44.46 -42.16
CA ASP B 33 -54.73 -44.87 -40.98
C ASP B 33 -53.79 -45.47 -39.95
N ILE B 34 -53.95 -45.07 -38.69
CA ILE B 34 -53.05 -45.51 -37.64
C ILE B 34 -53.15 -47.02 -37.43
N LYS B 35 -54.31 -47.58 -37.75
CA LYS B 35 -54.51 -49.03 -37.67
C LYS B 35 -53.62 -49.73 -38.67
N GLY B 36 -52.53 -50.31 -38.18
CA GLY B 36 -51.57 -50.98 -39.05
C GLY B 36 -50.15 -50.63 -38.67
N GLY B 37 -50.01 -49.71 -37.71
CA GLY B 37 -48.70 -49.30 -37.24
C GLY B 37 -48.12 -48.11 -37.98
N CYS B 38 -47.15 -47.44 -37.36
CA CYS B 38 -46.53 -46.28 -37.96
C CYS B 38 -45.13 -46.64 -38.46
N ASN B 39 -44.82 -46.20 -39.67
CA ASN B 39 -43.49 -46.35 -40.24
C ASN B 39 -42.69 -45.09 -40.02
N VAL B 40 -41.40 -45.26 -39.71
CA VAL B 40 -40.54 -44.11 -39.45
C VAL B 40 -39.36 -44.09 -40.42
N GLU B 41 -38.19 -44.46 -39.92
CA GLU B 41 -36.94 -44.37 -40.67
C GLU B 41 -36.68 -43.03 -41.37
N GLU B 42 -37.49 -42.71 -42.38
CA GLU B 42 -37.27 -41.50 -43.17
C GLU B 42 -37.69 -40.21 -42.46
N GLY B 43 -36.95 -39.14 -42.73
CA GLY B 43 -37.33 -37.80 -42.29
C GLY B 43 -37.36 -37.65 -40.78
N LEU B 44 -38.22 -36.76 -40.33
CA LEU B 44 -38.42 -36.50 -38.91
C LEU B 44 -39.80 -37.01 -38.52
N THR B 45 -39.89 -37.80 -37.46
CA THR B 45 -41.19 -38.32 -37.02
C THR B 45 -41.61 -37.76 -35.67
N ILE B 46 -42.74 -37.07 -35.66
CA ILE B 46 -43.23 -36.43 -34.45
C ILE B 46 -44.57 -37.01 -34.00
N PHE B 47 -44.66 -37.38 -32.73
CA PHE B 47 -45.90 -37.89 -32.16
C PHE B 47 -46.62 -36.79 -31.39
N LEU B 48 -47.90 -36.59 -31.71
CA LEU B 48 -48.72 -35.65 -30.96
C LEU B 48 -49.41 -36.38 -29.82
N VAL B 49 -48.95 -36.14 -28.60
CA VAL B 49 -49.43 -36.89 -27.45
C VAL B 49 -49.93 -35.98 -26.33
N ASN B 50 -50.97 -36.45 -25.63
CA ASN B 50 -51.50 -35.75 -24.47
C ASN B 50 -51.63 -36.70 -23.29
N ASN B 51 -52.10 -36.18 -22.16
CA ASN B 51 -52.38 -37.01 -21.00
C ASN B 51 -53.59 -36.51 -20.22
N PRO B 52 -54.78 -37.00 -20.60
CA PRO B 52 -56.05 -36.61 -19.99
C PRO B 52 -56.04 -36.83 -18.48
N GLY B 53 -56.39 -35.78 -17.73
CA GLY B 53 -56.42 -35.87 -16.28
C GLY B 53 -55.18 -35.31 -15.61
N LYS B 54 -54.01 -35.85 -15.92
CA LYS B 54 -52.78 -35.38 -15.31
C LYS B 54 -52.32 -34.09 -15.99
N GLU B 55 -51.95 -33.10 -15.18
CA GLU B 55 -51.55 -31.80 -15.71
C GLU B 55 -50.28 -31.91 -16.55
N ASN B 56 -49.15 -32.15 -15.89
CA ASN B 56 -47.90 -32.43 -16.58
C ASN B 56 -47.56 -33.91 -16.43
N GLY B 57 -48.50 -34.75 -16.85
CA GLY B 57 -48.34 -36.19 -16.71
C GLY B 57 -47.32 -36.74 -17.68
N PRO B 58 -46.95 -38.02 -17.51
CA PRO B 58 -45.92 -38.67 -18.32
C PRO B 58 -46.36 -38.91 -19.77
N VAL B 59 -45.38 -39.02 -20.66
CA VAL B 59 -45.67 -39.28 -22.06
C VAL B 59 -45.90 -40.77 -22.29
N LYS B 60 -47.00 -41.08 -22.97
CA LYS B 60 -47.31 -42.46 -23.31
C LYS B 60 -47.71 -42.56 -24.78
N ILE B 61 -46.96 -43.35 -25.53
CA ILE B 61 -47.22 -43.54 -26.95
C ILE B 61 -48.17 -44.72 -27.14
N SER B 62 -49.31 -44.45 -27.76
CA SER B 62 -50.37 -45.44 -27.88
C SER B 62 -50.33 -46.19 -29.20
N SER B 63 -49.87 -45.53 -30.25
CA SER B 63 -49.84 -46.12 -31.59
C SER B 63 -48.90 -47.31 -31.68
N LYS B 64 -49.28 -48.30 -32.46
CA LYS B 64 -48.41 -49.44 -32.73
C LYS B 64 -47.36 -48.99 -33.73
N VAL B 65 -46.10 -49.29 -33.46
CA VAL B 65 -45.01 -48.89 -34.34
C VAL B 65 -44.38 -50.08 -35.07
N ASN B 66 -44.39 -50.02 -36.40
CA ASN B 66 -43.89 -51.11 -37.22
C ASN B 66 -42.37 -51.19 -37.25
N ASP B 67 -41.77 -51.05 -36.08
CA ASP B 67 -40.32 -51.12 -35.98
C ASP B 67 -39.85 -51.60 -34.61
N LYS B 68 -38.97 -52.60 -34.59
CA LYS B 68 -38.55 -53.20 -33.33
C LYS B 68 -37.65 -52.24 -32.52
N GLN B 69 -36.70 -51.62 -33.19
CA GLN B 69 -35.78 -50.71 -32.52
C GLN B 69 -36.50 -49.48 -31.95
N VAL B 70 -37.37 -48.94 -32.78
CA VAL B 70 -38.10 -47.75 -32.42
C VAL B 70 -39.11 -48.04 -31.32
N SER B 71 -39.75 -49.21 -31.38
CA SER B 71 -40.75 -49.56 -30.39
C SER B 71 -40.16 -49.72 -29.00
N GLU B 72 -38.97 -50.32 -28.93
CA GLU B 72 -38.27 -50.50 -27.66
C GLU B 72 -37.82 -49.15 -27.12
N PHE B 73 -37.36 -48.29 -28.03
CA PHE B 73 -36.92 -46.95 -27.67
C PHE B 73 -38.10 -46.15 -27.11
N LEU B 74 -39.26 -46.33 -27.75
CA LEU B 74 -40.46 -45.57 -27.41
C LEU B 74 -41.25 -46.21 -26.27
N LYS B 75 -40.63 -47.18 -25.59
CA LYS B 75 -41.28 -47.86 -24.47
C LYS B 75 -41.65 -46.90 -23.34
N ASP B 76 -42.72 -47.22 -22.64
CA ASP B 76 -43.27 -46.37 -21.59
C ASP B 76 -42.23 -46.01 -20.53
N GLU B 77 -41.39 -46.97 -20.18
CA GLU B 77 -40.36 -46.77 -19.16
C GLU B 77 -39.39 -45.66 -19.55
N ASN B 78 -39.08 -45.56 -20.83
CA ASN B 78 -38.16 -44.54 -21.34
C ASN B 78 -38.83 -43.17 -21.40
N MET B 79 -40.10 -43.16 -21.79
CA MET B 79 -40.84 -41.92 -22.03
C MET B 79 -41.38 -41.29 -20.75
N GLU B 80 -41.38 -42.05 -19.65
CA GLU B 80 -41.99 -41.60 -18.41
C GLU B 80 -41.28 -40.41 -17.78
N LYS B 81 -40.07 -40.11 -18.24
CA LYS B 81 -39.35 -38.95 -17.74
C LYS B 81 -39.81 -37.68 -18.47
N PHE B 82 -40.62 -37.87 -19.51
CA PHE B 82 -41.15 -36.74 -20.26
C PHE B 82 -42.63 -36.53 -19.96
N ASN B 83 -43.07 -35.27 -20.05
CA ASN B 83 -44.46 -34.94 -19.78
C ASN B 83 -45.16 -34.32 -20.99
N VAL B 84 -46.48 -34.23 -20.92
CA VAL B 84 -47.29 -33.81 -22.05
C VAL B 84 -47.72 -32.34 -21.96
N LYS B 85 -46.99 -31.56 -21.18
CA LYS B 85 -47.25 -30.13 -21.03
C LYS B 85 -47.36 -29.43 -22.39
N LEU B 86 -48.44 -28.69 -22.58
CA LEU B 86 -48.76 -28.05 -23.85
C LEU B 86 -47.64 -27.17 -24.39
N GLY B 87 -47.14 -27.50 -25.57
CA GLY B 87 -46.09 -26.74 -26.22
C GLY B 87 -44.73 -27.41 -26.15
N THR B 88 -44.59 -28.34 -25.22
CA THR B 88 -43.34 -29.08 -25.06
C THR B 88 -43.02 -29.91 -26.30
N SER B 89 -41.74 -30.04 -26.59
CA SER B 89 -41.28 -30.81 -27.76
C SER B 89 -39.94 -31.44 -27.44
N LYS B 90 -39.69 -32.60 -28.04
CA LYS B 90 -38.46 -33.33 -27.81
C LYS B 90 -37.98 -34.03 -29.08
N HIS B 91 -36.68 -34.27 -29.17
CA HIS B 91 -36.12 -34.98 -30.32
C HIS B 91 -35.34 -36.21 -29.87
N PHE B 92 -35.52 -37.31 -30.59
CA PHE B 92 -34.88 -38.58 -30.24
C PHE B 92 -33.99 -39.07 -31.38
N TYR B 93 -32.83 -39.61 -31.03
CA TYR B 93 -31.95 -40.22 -32.03
C TYR B 93 -31.84 -41.74 -31.84
N MET B 94 -31.99 -42.51 -32.93
CA MET B 94 -31.93 -43.96 -32.83
C MET B 94 -31.73 -44.66 -34.19
N PHE B 95 -31.45 -45.97 -34.15
CA PHE B 95 -31.34 -46.80 -35.34
C PHE B 95 -32.57 -47.71 -35.49
N ASN B 96 -33.09 -47.84 -36.71
CA ASN B 96 -34.26 -48.69 -36.99
C ASN B 96 -33.99 -50.13 -37.36
N ASP B 97 -35.04 -50.76 -37.89
CA ASP B 97 -35.01 -52.17 -38.27
C ASP B 97 -33.98 -52.43 -39.34
N ASN B 98 -33.67 -51.37 -40.10
CA ASN B 98 -32.75 -51.42 -41.21
C ASN B 98 -31.37 -50.93 -40.82
N LYS B 99 -31.11 -50.83 -39.51
CA LYS B 99 -29.83 -50.35 -39.00
C LYS B 99 -29.55 -48.94 -39.52
N ASN B 100 -30.62 -48.19 -39.78
CA ASN B 100 -30.50 -46.81 -40.23
C ASN B 100 -30.81 -45.80 -39.13
N SER B 101 -30.10 -44.68 -39.15
CA SER B 101 -30.30 -43.61 -38.18
C SER B 101 -31.61 -42.88 -38.49
N VAL B 102 -32.46 -42.73 -37.48
CA VAL B 102 -33.75 -42.07 -37.64
C VAL B 102 -34.00 -41.01 -36.59
N ALA B 103 -34.77 -39.99 -36.94
CA ALA B 103 -35.10 -38.94 -35.99
C ALA B 103 -36.57 -38.99 -35.58
N VAL B 104 -36.80 -39.07 -34.28
CA VAL B 104 -38.15 -39.16 -33.72
C VAL B 104 -38.31 -38.18 -32.56
N GLY B 105 -39.54 -37.74 -32.31
CA GLY B 105 -39.80 -36.81 -31.22
C GLY B 105 -41.28 -36.64 -30.95
N TYR B 106 -41.62 -35.73 -30.05
CA TYR B 106 -43.02 -35.49 -29.72
C TYR B 106 -43.31 -34.03 -29.44
N VAL B 107 -44.60 -33.68 -29.46
CA VAL B 107 -45.06 -32.37 -29.05
C VAL B 107 -46.22 -32.52 -28.06
N GLY B 108 -46.09 -31.89 -26.90
CA GLY B 108 -47.10 -31.99 -25.86
C GLY B 108 -48.41 -31.34 -26.26
N CYS B 109 -49.51 -32.05 -26.04
CA CYS B 109 -50.83 -31.55 -26.39
C CYS B 109 -51.67 -31.31 -25.14
N GLY B 110 -50.99 -31.23 -24.00
CA GLY B 110 -51.64 -30.87 -22.74
C GLY B 110 -52.33 -31.99 -21.99
N SER B 111 -53.22 -31.60 -21.09
CA SER B 111 -53.91 -32.55 -20.22
C SER B 111 -55.40 -32.64 -20.52
N VAL B 112 -55.86 -31.80 -21.44
CA VAL B 112 -57.26 -31.79 -21.85
C VAL B 112 -57.44 -32.75 -23.02
N ALA B 113 -58.50 -33.54 -22.98
CA ALA B 113 -58.75 -34.55 -24.01
C ALA B 113 -59.15 -33.91 -25.34
N ASP B 114 -59.89 -32.82 -25.25
CA ASP B 114 -60.36 -32.11 -26.43
C ASP B 114 -59.63 -30.78 -26.59
N LEU B 115 -58.69 -30.74 -27.53
CA LEU B 115 -57.90 -29.53 -27.77
C LEU B 115 -58.72 -28.43 -28.44
N SER B 116 -58.50 -27.20 -28.00
CA SER B 116 -59.15 -26.03 -28.59
C SER B 116 -58.33 -25.47 -29.74
N GLU B 117 -58.91 -24.49 -30.44
CA GLU B 117 -58.24 -23.83 -31.55
C GLU B 117 -56.92 -23.15 -31.16
N ALA B 118 -56.90 -22.49 -30.01
CA ALA B 118 -55.70 -21.81 -29.54
C ALA B 118 -54.63 -22.81 -29.14
N ASP B 119 -55.06 -23.87 -28.47
CA ASP B 119 -54.16 -24.94 -28.05
C ASP B 119 -53.52 -25.59 -29.27
N MET B 120 -54.33 -25.92 -30.25
CA MET B 120 -53.84 -26.52 -31.49
C MET B 120 -52.89 -25.58 -32.21
N LYS B 121 -53.17 -24.29 -32.13
CA LYS B 121 -52.30 -23.27 -32.73
C LYS B 121 -50.95 -23.26 -32.05
N ARG B 122 -50.96 -23.39 -30.72
CA ARG B 122 -49.73 -23.39 -29.94
C ARG B 122 -48.93 -24.65 -30.26
N VAL B 123 -49.66 -25.73 -30.55
CA VAL B 123 -49.04 -26.99 -30.94
C VAL B 123 -48.31 -26.84 -32.27
N VAL B 124 -48.97 -26.20 -33.23
CA VAL B 124 -48.40 -26.00 -34.55
C VAL B 124 -47.13 -25.14 -34.51
N LEU B 125 -47.14 -24.11 -33.68
CA LEU B 125 -45.96 -23.24 -33.55
C LEU B 125 -44.77 -24.02 -33.02
N SER B 126 -45.03 -24.92 -32.07
CA SER B 126 -43.99 -25.78 -31.53
C SER B 126 -43.44 -26.74 -32.59
N LEU B 127 -44.34 -27.27 -33.42
CA LEU B 127 -43.94 -28.19 -34.49
C LEU B 127 -43.12 -27.46 -35.55
N VAL B 128 -43.61 -26.30 -35.97
CA VAL B 128 -42.95 -25.52 -37.01
C VAL B 128 -41.55 -25.09 -36.57
N THR B 129 -41.39 -24.90 -35.26
CA THR B 129 -40.09 -24.55 -34.68
C THR B 129 -39.07 -25.64 -34.98
N MET B 130 -39.54 -26.88 -35.01
CA MET B 130 -38.68 -28.02 -35.30
C MET B 130 -38.30 -28.03 -36.78
N LEU B 131 -39.18 -27.51 -37.61
CA LEU B 131 -38.99 -27.45 -39.06
C LEU B 131 -38.02 -26.36 -39.53
N HIS B 132 -37.93 -25.27 -38.78
CA HIS B 132 -37.12 -24.12 -39.21
C HIS B 132 -35.60 -24.28 -39.06
N ASP B 133 -35.15 -24.80 -37.93
CA ASP B 133 -33.71 -24.95 -37.69
C ASP B 133 -33.19 -26.32 -38.09
N ASN B 134 -33.97 -27.07 -38.88
CA ASN B 134 -33.57 -28.41 -39.27
C ASN B 134 -33.87 -28.68 -40.75
N LYS B 135 -32.86 -29.18 -41.47
CA LYS B 135 -32.97 -29.43 -42.91
C LYS B 135 -33.59 -30.78 -43.25
N LEU B 136 -34.91 -30.87 -43.11
CA LEU B 136 -35.61 -32.14 -43.33
C LEU B 136 -36.23 -32.23 -44.72
N SER B 137 -36.28 -33.46 -45.24
CA SER B 137 -36.91 -33.73 -46.53
C SER B 137 -38.37 -34.13 -46.35
N LYS B 138 -38.66 -34.73 -45.20
CA LYS B 138 -39.98 -35.27 -44.92
C LYS B 138 -40.35 -35.08 -43.46
N LEU B 139 -41.60 -34.68 -43.22
CA LEU B 139 -42.14 -34.59 -41.87
C LEU B 139 -43.24 -35.61 -41.70
N THR B 140 -43.21 -36.33 -40.59
CA THR B 140 -44.25 -37.31 -40.31
C THR B 140 -44.88 -37.02 -38.94
N VAL B 141 -46.18 -36.78 -38.95
CA VAL B 141 -46.91 -36.47 -37.73
C VAL B 141 -47.89 -37.59 -37.39
N VAL B 142 -47.78 -38.10 -36.17
CA VAL B 142 -48.69 -39.15 -35.71
C VAL B 142 -49.68 -38.60 -34.69
N PHE B 143 -50.96 -38.61 -35.05
CA PHE B 143 -51.98 -38.08 -34.17
C PHE B 143 -52.44 -39.10 -33.16
N GLU B 144 -51.91 -38.99 -31.94
CA GLU B 144 -52.35 -39.83 -30.84
C GLU B 144 -53.28 -39.02 -29.94
N ILE B 145 -53.97 -38.07 -30.55
CA ILE B 145 -54.98 -37.26 -29.88
C ILE B 145 -56.25 -37.21 -30.72
N ASN B 146 -57.35 -36.78 -30.12
CA ASN B 146 -58.61 -36.75 -30.84
C ASN B 146 -58.93 -35.35 -31.39
N VAL B 147 -59.09 -35.30 -32.71
CA VAL B 147 -59.48 -34.06 -33.38
C VAL B 147 -60.50 -34.39 -34.45
N ASP B 148 -61.48 -33.50 -34.62
CA ASP B 148 -62.49 -33.69 -35.66
C ASP B 148 -61.94 -33.17 -36.98
N LYS B 149 -62.70 -33.36 -38.05
CA LYS B 149 -62.28 -32.97 -39.39
C LYS B 149 -61.97 -31.48 -39.50
N ASN B 150 -62.80 -30.64 -38.90
CA ASN B 150 -62.58 -29.20 -38.93
C ASN B 150 -61.29 -28.79 -38.23
N LEU B 151 -61.03 -29.39 -37.07
CA LEU B 151 -59.81 -29.09 -36.32
C LEU B 151 -58.60 -29.65 -37.05
N PHE B 152 -58.80 -30.79 -37.71
CA PHE B 152 -57.75 -31.39 -38.51
C PHE B 152 -57.38 -30.49 -39.68
N ARG B 153 -58.40 -29.94 -40.34
CA ARG B 153 -58.16 -29.03 -41.46
C ARG B 153 -57.44 -27.78 -40.96
N PHE B 154 -57.86 -27.30 -39.79
CA PHE B 154 -57.26 -26.13 -39.17
C PHE B 154 -55.79 -26.38 -38.82
N PHE B 155 -55.49 -27.62 -38.45
CA PHE B 155 -54.10 -28.01 -38.16
C PHE B 155 -53.23 -27.74 -39.37
N LEU B 156 -53.68 -28.27 -40.51
CA LEU B 156 -52.94 -28.16 -41.77
C LEU B 156 -52.81 -26.72 -42.23
N GLU B 157 -53.93 -26.00 -42.22
CA GLU B 157 -53.95 -24.58 -42.61
C GLU B 157 -52.94 -23.78 -41.81
N THR B 158 -53.02 -23.88 -40.49
CA THR B 158 -52.14 -23.15 -39.60
C THR B 158 -50.69 -23.60 -39.77
N LEU B 159 -50.49 -24.91 -39.94
CA LEU B 159 -49.16 -25.45 -40.16
C LEU B 159 -48.55 -24.89 -41.44
N PHE B 160 -49.29 -24.98 -42.54
CA PHE B 160 -48.84 -24.48 -43.83
C PHE B 160 -48.55 -22.98 -43.77
N TYR B 161 -49.46 -22.23 -43.15
CA TYR B 161 -49.36 -20.78 -43.09
C TYR B 161 -48.14 -20.32 -42.29
N GLU B 162 -47.94 -20.93 -41.13
CA GLU B 162 -46.83 -20.56 -40.26
C GLU B 162 -45.49 -21.05 -40.81
N TYR B 163 -45.53 -22.19 -41.51
CA TYR B 163 -44.34 -22.75 -42.13
C TYR B 163 -43.80 -21.84 -43.21
N MET B 164 -44.72 -21.28 -44.01
CA MET B 164 -44.37 -20.40 -45.12
C MET B 164 -43.73 -19.09 -44.68
N THR B 165 -42.68 -18.68 -45.40
CA THR B 165 -42.00 -17.42 -45.13
C THR B 165 -42.05 -16.50 -46.34
N ASP B 166 -42.43 -15.24 -46.12
CA ASP B 166 -42.57 -14.27 -47.19
C ASP B 166 -41.26 -13.53 -47.39
N GLU B 167 -40.63 -13.73 -48.56
CA GLU B 167 -39.33 -13.15 -48.85
C GLU B 167 -39.34 -12.31 -50.13
N ARG B 168 -40.53 -11.85 -50.51
CA ARG B 168 -40.70 -11.06 -51.73
C ARG B 168 -39.87 -9.79 -51.71
N PHE B 169 -39.59 -9.28 -50.52
CA PHE B 169 -38.92 -8.00 -50.37
C PHE B 169 -37.51 -8.14 -49.80
N LYS B 170 -36.99 -9.36 -49.80
CA LYS B 170 -35.65 -9.58 -49.27
C LYS B 170 -34.58 -9.54 -50.37
N SER B 171 -33.59 -8.67 -50.21
CA SER B 171 -32.45 -8.62 -51.12
C SER B 171 -31.21 -9.26 -50.50
N THR B 172 -30.85 -8.78 -49.31
CA THR B 172 -29.62 -9.09 -48.59
C THR B 172 -28.51 -8.10 -48.95
N MET B 178 -35.16 -21.85 -46.54
CA MET B 178 -34.47 -22.17 -47.79
C MET B 178 -34.93 -23.52 -48.34
N GLU B 179 -34.74 -24.56 -47.54
CA GLU B 179 -35.07 -25.93 -47.92
C GLU B 179 -36.31 -26.46 -47.20
N TYR B 180 -37.47 -26.29 -47.82
CA TYR B 180 -38.72 -26.79 -47.23
C TYR B 180 -38.82 -28.30 -47.42
N ILE B 181 -39.56 -28.96 -46.54
CA ILE B 181 -39.80 -30.38 -46.68
C ILE B 181 -40.56 -30.63 -47.99
N LYS B 182 -40.37 -31.81 -48.57
CA LYS B 182 -41.02 -32.14 -49.83
C LYS B 182 -42.14 -33.15 -49.64
N HIS B 183 -42.21 -33.73 -48.45
CA HIS B 183 -43.23 -34.72 -48.14
C HIS B 183 -43.79 -34.54 -46.74
N LEU B 184 -45.11 -34.67 -46.60
CA LEU B 184 -45.75 -34.62 -45.30
C LEU B 184 -46.64 -35.83 -45.08
N GLY B 185 -46.27 -36.67 -44.11
CA GLY B 185 -47.03 -37.85 -43.79
C GLY B 185 -47.84 -37.65 -42.52
N VAL B 186 -49.10 -38.08 -42.54
CA VAL B 186 -49.97 -37.94 -41.38
C VAL B 186 -50.60 -39.27 -40.99
N TYR B 187 -50.30 -39.72 -39.78
CA TYR B 187 -50.95 -40.91 -39.24
C TYR B 187 -52.07 -40.54 -38.27
N ILE B 188 -53.29 -40.98 -38.59
CA ILE B 188 -54.45 -40.70 -37.75
C ILE B 188 -55.46 -41.84 -37.89
N ASN B 189 -56.42 -41.86 -36.97
CA ASN B 189 -57.48 -42.87 -37.00
C ASN B 189 -58.65 -42.31 -37.80
N ASN B 190 -59.30 -43.17 -38.58
CA ASN B 190 -60.32 -42.73 -39.52
C ASN B 190 -59.76 -41.85 -40.62
N ALA B 191 -58.62 -42.28 -41.17
CA ALA B 191 -57.89 -41.52 -42.17
C ALA B 191 -58.74 -41.21 -43.40
N ASP B 192 -59.62 -42.14 -43.75
CA ASP B 192 -60.45 -42.02 -44.96
C ASP B 192 -61.32 -40.77 -44.95
N THR B 193 -61.81 -40.39 -43.78
CA THR B 193 -62.69 -39.24 -43.64
C THR B 193 -61.94 -37.91 -43.70
N TYR B 194 -60.66 -37.92 -43.32
CA TYR B 194 -59.88 -36.70 -43.23
C TYR B 194 -59.17 -36.34 -44.54
N LYS B 195 -59.11 -37.29 -45.47
CA LYS B 195 -58.37 -37.09 -46.72
C LYS B 195 -58.91 -35.92 -47.54
N GLU B 196 -60.23 -35.74 -47.52
CA GLU B 196 -60.86 -34.68 -48.29
C GLU B 196 -60.55 -33.31 -47.69
N GLU B 197 -60.10 -33.31 -46.45
CA GLU B 197 -59.79 -32.07 -45.74
C GLU B 197 -58.44 -31.51 -46.17
N VAL B 198 -57.59 -32.37 -46.73
CA VAL B 198 -56.23 -32.00 -47.09
C VAL B 198 -56.19 -30.88 -48.12
N GLU B 199 -56.86 -31.08 -49.26
CA GLU B 199 -56.82 -30.13 -50.35
C GLU B 199 -57.69 -28.90 -50.05
N LYS B 200 -58.65 -29.06 -49.15
CA LYS B 200 -59.43 -27.92 -48.69
C LYS B 200 -58.53 -27.04 -47.83
N ALA B 201 -57.65 -27.69 -47.08
CA ALA B 201 -56.66 -26.99 -46.27
C ALA B 201 -55.66 -26.27 -47.17
N ARG B 202 -55.28 -26.93 -48.26
CA ARG B 202 -54.33 -26.37 -49.21
C ARG B 202 -54.89 -25.09 -49.82
N VAL B 203 -56.17 -25.13 -50.18
CA VAL B 203 -56.86 -23.98 -50.76
C VAL B 203 -57.09 -22.88 -49.73
N TYR B 204 -57.61 -23.27 -48.57
CA TYR B 204 -57.84 -22.31 -47.49
C TYR B 204 -56.53 -21.65 -47.08
N TYR B 205 -55.44 -22.42 -47.13
CA TYR B 205 -54.11 -21.91 -46.84
C TYR B 205 -53.74 -20.74 -47.75
N PHE B 206 -53.87 -20.94 -49.05
CA PHE B 206 -53.39 -19.95 -50.01
C PHE B 206 -54.29 -18.72 -50.04
N GLY B 207 -55.60 -18.93 -49.86
CA GLY B 207 -56.54 -17.83 -49.77
C GLY B 207 -56.14 -16.89 -48.64
N THR B 208 -55.77 -17.49 -47.51
CA THR B 208 -55.30 -16.74 -46.36
C THR B 208 -53.92 -16.13 -46.64
N TYR B 209 -53.05 -16.94 -47.24
CA TYR B 209 -51.69 -16.49 -47.53
C TYR B 209 -51.66 -15.45 -48.66
N TYR B 210 -52.56 -15.59 -49.62
CA TYR B 210 -52.70 -14.61 -50.70
C TYR B 210 -53.02 -13.23 -50.15
N ALA B 211 -54.03 -13.15 -49.30
CA ALA B 211 -54.43 -11.90 -48.66
C ALA B 211 -53.29 -11.37 -47.81
N SER B 212 -52.64 -12.26 -47.08
CA SER B 212 -51.48 -11.91 -46.26
C SER B 212 -50.40 -11.20 -47.08
N GLN B 213 -50.15 -11.69 -48.29
CA GLN B 213 -49.15 -11.09 -49.16
C GLN B 213 -49.56 -9.69 -49.58
N LEU B 214 -50.85 -9.51 -49.84
CA LEU B 214 -51.38 -8.22 -50.26
C LEU B 214 -51.32 -7.20 -49.12
N ILE B 215 -51.66 -7.65 -47.91
CA ILE B 215 -51.65 -6.78 -46.75
C ILE B 215 -50.23 -6.41 -46.37
N ALA B 216 -49.35 -7.41 -46.29
CA ALA B 216 -47.96 -7.20 -45.93
C ALA B 216 -47.25 -6.32 -46.95
N ALA B 217 -47.69 -6.41 -48.20
CA ALA B 217 -47.13 -5.57 -49.25
C ALA B 217 -47.34 -4.10 -48.92
N PRO B 218 -46.25 -3.32 -48.89
CA PRO B 218 -46.27 -1.90 -48.54
C PRO B 218 -47.09 -1.07 -49.52
N SER B 219 -47.48 0.14 -49.10
CA SER B 219 -48.39 0.96 -49.88
C SER B 219 -47.77 1.49 -51.16
N ASN B 220 -46.44 1.51 -51.22
CA ASN B 220 -45.75 1.95 -52.44
C ASN B 220 -45.77 0.85 -53.49
N TYR B 221 -45.86 -0.41 -53.04
CA TYR B 221 -46.07 -1.54 -53.94
C TYR B 221 -47.56 -1.77 -54.18
N CYS B 222 -48.32 -1.78 -53.08
CA CYS B 222 -49.76 -2.03 -53.16
C CYS B 222 -50.53 -0.72 -53.14
N ASN B 223 -50.93 -0.27 -54.32
CA ASN B 223 -51.73 0.95 -54.44
C ASN B 223 -53.03 0.68 -55.17
N PRO B 224 -53.93 1.68 -55.24
CA PRO B 224 -55.25 1.52 -55.86
C PRO B 224 -55.19 0.97 -57.29
N VAL B 225 -54.17 1.35 -58.05
CA VAL B 225 -54.04 0.88 -59.43
C VAL B 225 -53.47 -0.53 -59.48
N SER B 226 -52.41 -0.77 -58.72
CA SER B 226 -51.73 -2.07 -58.73
C SER B 226 -52.56 -3.14 -58.05
N LEU B 227 -53.37 -2.75 -57.07
CA LEU B 227 -54.21 -3.69 -56.36
C LEU B 227 -55.35 -4.17 -57.24
N SER B 228 -55.93 -3.25 -58.00
CA SER B 228 -57.01 -3.60 -58.93
C SER B 228 -56.47 -4.47 -60.06
N ASN B 229 -55.24 -4.18 -60.49
CA ASN B 229 -54.59 -4.99 -61.51
C ASN B 229 -54.35 -6.40 -61.03
N ALA B 230 -53.94 -6.54 -59.78
CA ALA B 230 -53.72 -7.84 -59.16
C ALA B 230 -55.02 -8.61 -59.06
N ALA B 231 -56.12 -7.90 -58.82
CA ALA B 231 -57.44 -8.50 -58.72
C ALA B 231 -57.90 -9.00 -60.09
N VAL B 232 -57.58 -8.23 -61.13
CA VAL B 232 -57.91 -8.61 -62.49
C VAL B 232 -57.11 -9.85 -62.87
N GLU B 233 -55.84 -9.83 -62.49
CA GLU B 233 -54.94 -10.95 -62.73
C GLU B 233 -55.46 -12.20 -62.01
N LEU B 234 -55.93 -12.01 -60.78
CA LEU B 234 -56.49 -13.10 -59.99
C LEU B 234 -57.76 -13.63 -60.65
N ALA B 235 -58.57 -12.71 -61.19
CA ALA B 235 -59.82 -13.08 -61.84
C ALA B 235 -59.51 -13.88 -63.10
N GLN B 236 -58.39 -13.55 -63.75
CA GLN B 236 -57.97 -14.25 -64.94
C GLN B 236 -57.38 -15.64 -64.63
N LYS B 237 -56.67 -15.81 -63.50
CA LYS B 237 -56.14 -17.13 -63.18
C LYS B 237 -57.34 -17.95 -62.74
N LEU B 238 -58.38 -17.27 -62.30
CA LEU B 238 -59.64 -17.93 -62.01
C LEU B 238 -60.47 -17.69 -63.27
N ASN B 239 -61.78 -17.63 -63.16
CA ASN B 239 -62.59 -17.35 -64.34
C ASN B 239 -63.79 -16.54 -63.93
N LEU B 240 -63.55 -15.51 -63.13
CA LEU B 240 -64.62 -14.68 -62.63
C LEU B 240 -64.81 -13.49 -63.56
N GLU B 241 -66.06 -13.11 -63.76
CA GLU B 241 -66.35 -11.90 -64.52
C GLU B 241 -65.81 -10.73 -63.74
N TYR B 242 -65.22 -9.78 -64.43
CA TYR B 242 -64.61 -8.64 -63.75
C TYR B 242 -64.82 -7.33 -64.49
N LYS B 243 -64.88 -6.26 -63.72
CA LYS B 243 -64.97 -4.93 -64.29
C LYS B 243 -64.38 -3.95 -63.29
N ILE B 244 -63.44 -3.14 -63.76
CA ILE B 244 -62.79 -2.16 -62.91
C ILE B 244 -63.27 -0.78 -63.30
N LEU B 245 -64.02 -0.15 -62.41
CA LEU B 245 -64.59 1.16 -62.67
C LEU B 245 -63.56 2.25 -62.38
N GLY B 246 -63.36 3.12 -63.36
CA GLY B 246 -62.43 4.22 -63.21
C GLY B 246 -63.14 5.45 -62.69
N VAL B 247 -62.43 6.57 -62.62
CA VAL B 247 -62.98 7.80 -62.08
C VAL B 247 -64.19 8.26 -62.89
N LYS B 248 -64.12 8.10 -64.21
CA LYS B 248 -65.19 8.54 -65.10
C LYS B 248 -66.50 7.78 -64.84
N GLU B 249 -66.41 6.48 -64.58
CA GLU B 249 -67.60 5.69 -64.29
C GLU B 249 -68.12 6.03 -62.90
N LEU B 250 -67.20 6.26 -61.97
CA LEU B 250 -67.57 6.61 -60.60
C LEU B 250 -68.26 7.96 -60.58
N GLU B 251 -67.83 8.85 -61.47
CA GLU B 251 -68.48 10.14 -61.63
C GLU B 251 -69.89 9.93 -62.17
N GLU B 252 -70.01 9.01 -63.12
CA GLU B 252 -71.30 8.66 -63.70
C GLU B 252 -72.24 8.07 -62.65
N LEU B 253 -71.68 7.28 -61.74
CA LEU B 253 -72.47 6.63 -60.71
C LEU B 253 -72.67 7.54 -59.51
N LYS B 254 -72.09 8.73 -59.57
CA LYS B 254 -72.29 9.76 -58.55
C LYS B 254 -71.83 9.27 -57.17
N MET B 255 -70.69 8.59 -57.16
CA MET B 255 -70.14 8.08 -55.92
C MET B 255 -69.26 9.14 -55.25
N GLY B 256 -69.91 10.16 -54.70
CA GLY B 256 -69.21 11.32 -54.18
C GLY B 256 -68.45 11.09 -52.88
N ALA B 257 -68.96 10.18 -52.05
CA ALA B 257 -68.32 9.87 -50.79
C ALA B 257 -67.01 9.12 -51.03
N TYR B 258 -67.09 8.11 -51.89
CA TYR B 258 -65.94 7.28 -52.23
C TYR B 258 -64.87 8.09 -52.97
N LEU B 259 -65.30 8.92 -53.91
CA LEU B 259 -64.37 9.73 -54.71
C LEU B 259 -63.69 10.81 -53.88
N SER B 260 -64.40 11.32 -52.88
CA SER B 260 -63.88 12.40 -52.03
C SER B 260 -62.65 11.96 -51.27
N VAL B 261 -62.68 10.74 -50.75
CA VAL B 261 -61.57 10.20 -49.96
C VAL B 261 -60.27 10.15 -50.76
N GLY B 262 -60.39 9.85 -52.05
CA GLY B 262 -59.22 9.67 -52.90
C GLY B 262 -58.76 10.91 -53.65
N LYS B 263 -59.40 12.04 -53.37
CA LYS B 263 -59.08 13.29 -54.07
C LYS B 263 -57.62 13.71 -53.90
N GLY B 264 -57.06 13.44 -52.73
CA GLY B 264 -55.70 13.86 -52.42
C GLY B 264 -54.61 12.88 -52.82
N SER B 265 -54.99 11.82 -53.51
CA SER B 265 -54.05 10.77 -53.89
C SER B 265 -53.52 10.95 -55.31
N MET B 266 -52.30 10.46 -55.55
CA MET B 266 -51.74 10.47 -56.90
C MET B 266 -52.27 9.30 -57.71
N TYR B 267 -52.86 8.34 -57.01
CA TYR B 267 -53.46 7.17 -57.66
C TYR B 267 -54.96 7.35 -57.81
N PRO B 268 -55.45 7.17 -59.05
CA PRO B 268 -56.90 7.26 -59.33
C PRO B 268 -57.66 6.18 -58.59
N ASN B 269 -58.90 6.48 -58.20
CA ASN B 269 -59.73 5.49 -57.52
C ASN B 269 -60.03 4.30 -58.43
N LYS B 270 -60.08 3.12 -57.84
CA LYS B 270 -60.37 1.91 -58.59
C LYS B 270 -61.36 1.02 -57.83
N PHE B 271 -62.53 0.81 -58.43
CA PHE B 271 -63.55 -0.02 -57.82
C PHE B 271 -63.47 -1.43 -58.40
N ILE B 272 -63.15 -2.40 -57.54
CA ILE B 272 -63.00 -3.78 -57.96
C ILE B 272 -64.32 -4.53 -57.89
N HIS B 273 -64.70 -5.18 -58.98
CA HIS B 273 -65.92 -5.98 -59.01
C HIS B 273 -65.68 -7.32 -59.67
N LEU B 274 -65.48 -8.35 -58.86
CA LEU B 274 -65.37 -9.72 -59.34
C LEU B 274 -66.67 -10.47 -59.11
N THR B 275 -66.98 -11.42 -60.00
CA THR B 275 -68.21 -12.18 -59.88
C THR B 275 -68.03 -13.68 -60.15
N TYR B 276 -68.53 -14.49 -59.22
CA TYR B 276 -68.61 -15.93 -59.44
C TYR B 276 -70.07 -16.33 -59.59
N LYS B 277 -70.40 -16.95 -60.72
CA LYS B 277 -71.76 -17.42 -60.95
C LYS B 277 -71.78 -18.94 -61.15
N SER B 278 -72.60 -19.63 -60.39
CA SER B 278 -72.69 -21.08 -60.47
C SER B 278 -73.40 -21.56 -61.73
N LYS B 279 -72.93 -22.68 -62.28
CA LYS B 279 -73.54 -23.28 -63.47
C LYS B 279 -74.77 -24.09 -63.08
N GLY B 280 -75.58 -23.54 -62.18
CA GLY B 280 -76.77 -24.18 -61.69
C GLY B 280 -77.82 -23.17 -61.32
N ASP B 281 -78.99 -23.64 -60.91
CA ASP B 281 -80.08 -22.74 -60.56
C ASP B 281 -79.69 -21.97 -59.31
N VAL B 282 -79.40 -20.69 -59.49
CA VAL B 282 -78.93 -19.83 -58.40
C VAL B 282 -79.95 -19.73 -57.27
N LYS B 283 -79.44 -19.69 -56.05
CA LYS B 283 -80.27 -19.72 -54.85
C LYS B 283 -80.03 -18.45 -54.05
N LYS B 284 -78.87 -18.38 -53.39
CA LYS B 284 -78.49 -17.17 -52.67
C LYS B 284 -77.49 -16.33 -53.45
N LYS B 285 -77.76 -15.03 -53.54
CA LYS B 285 -76.86 -14.08 -54.18
C LYS B 285 -76.19 -13.28 -53.08
N ILE B 286 -74.86 -13.22 -53.11
CA ILE B 286 -74.11 -12.58 -52.03
C ILE B 286 -73.13 -11.55 -52.55
N ALA B 287 -73.08 -10.42 -51.86
CA ALA B 287 -72.09 -9.39 -52.14
C ALA B 287 -71.15 -9.27 -50.95
N LEU B 288 -69.86 -9.47 -51.21
CA LEU B 288 -68.86 -9.33 -50.16
C LEU B 288 -68.08 -8.04 -50.37
N VAL B 289 -68.20 -7.13 -49.42
CA VAL B 289 -67.60 -5.81 -49.54
C VAL B 289 -66.44 -5.63 -48.58
N GLY B 290 -65.27 -5.33 -49.13
CA GLY B 290 -64.08 -5.14 -48.32
C GLY B 290 -63.54 -3.73 -48.41
N LYS B 291 -63.15 -3.19 -47.26
CA LYS B 291 -62.53 -1.88 -47.21
C LYS B 291 -61.18 -1.94 -47.91
N GLY B 292 -60.97 -1.02 -48.85
CA GLY B 292 -59.75 -1.05 -49.65
C GLY B 292 -58.99 0.26 -49.66
N ILE B 293 -58.46 0.62 -48.49
CA ILE B 293 -57.60 1.79 -48.38
C ILE B 293 -56.15 1.32 -48.42
N THR B 294 -55.47 1.56 -49.54
CA THR B 294 -54.12 1.05 -49.73
C THR B 294 -53.16 1.68 -48.74
N PHE B 295 -53.48 2.90 -48.32
CA PHE B 295 -52.77 3.54 -47.22
C PHE B 295 -53.66 4.57 -46.53
N ASP B 296 -53.69 4.52 -45.21
CA ASP B 296 -54.48 5.47 -44.44
C ASP B 296 -53.56 6.42 -43.68
N SER B 297 -53.33 7.59 -44.25
CA SER B 297 -52.55 8.62 -43.58
C SER B 297 -53.42 9.38 -42.60
N GLY B 298 -54.73 9.30 -42.81
CA GLY B 298 -55.68 10.00 -41.96
C GLY B 298 -56.22 11.26 -42.62
N GLY B 299 -55.61 11.64 -43.74
CA GLY B 299 -55.96 12.89 -44.40
C GLY B 299 -55.50 14.07 -43.56
N TYR B 300 -56.19 15.19 -43.68
CA TYR B 300 -55.85 16.38 -42.89
C TYR B 300 -56.04 16.12 -41.40
N ASN B 301 -56.86 15.12 -41.07
CA ASN B 301 -56.89 14.58 -39.72
C ASN B 301 -55.75 13.59 -39.56
N LEU B 302 -54.53 14.07 -39.75
CA LEU B 302 -53.34 13.24 -39.82
C LEU B 302 -53.16 12.38 -38.58
N LYS B 303 -52.74 11.14 -38.79
CA LYS B 303 -52.42 10.26 -37.68
C LYS B 303 -51.10 10.70 -37.06
N ALA B 304 -51.17 11.72 -36.21
CA ALA B 304 -49.99 12.30 -35.59
C ALA B 304 -50.04 12.08 -34.07
N ALA B 305 -51.22 11.72 -33.58
CA ALA B 305 -51.40 11.45 -32.16
C ALA B 305 -50.66 10.19 -31.74
N PRO B 306 -50.14 10.19 -30.51
CA PRO B 306 -49.45 9.01 -29.97
C PRO B 306 -50.37 7.79 -29.93
N GLY B 307 -49.91 6.68 -30.50
CA GLY B 307 -50.70 5.47 -30.54
C GLY B 307 -51.56 5.36 -31.79
N SER B 308 -51.36 6.27 -32.73
CA SER B 308 -52.13 6.27 -33.96
C SER B 308 -51.59 5.24 -34.95
N MET B 309 -50.36 4.79 -34.72
CA MET B 309 -49.75 3.70 -35.47
C MET B 309 -49.84 3.89 -36.99
N ILE B 310 -49.31 4.99 -37.49
CA ILE B 310 -49.40 5.31 -38.90
C ILE B 310 -48.59 4.37 -39.79
N ASP B 311 -47.54 3.78 -39.22
CA ASP B 311 -46.67 2.88 -39.98
C ASP B 311 -47.33 1.53 -40.28
N LEU B 312 -48.48 1.28 -39.66
CA LEU B 312 -49.20 0.04 -39.86
C LEU B 312 -50.28 0.17 -40.92
N MET B 313 -50.60 1.41 -41.28
CA MET B 313 -51.80 1.70 -42.07
C MET B 313 -51.72 1.22 -43.53
N LYS B 314 -50.72 0.40 -43.83
CA LYS B 314 -50.70 -0.30 -45.12
C LYS B 314 -51.70 -1.44 -45.08
N PHE B 315 -52.14 -1.80 -43.88
CA PHE B 315 -53.04 -2.94 -43.69
C PHE B 315 -54.50 -2.52 -43.80
N ASP B 316 -54.74 -1.25 -44.13
CA ASP B 316 -56.09 -0.72 -44.13
C ASP B 316 -56.88 -1.23 -45.34
N MET B 317 -56.27 -2.13 -46.11
CA MET B 317 -56.96 -2.81 -47.20
C MET B 317 -57.09 -4.29 -46.87
N SER B 318 -57.02 -4.60 -45.57
CA SER B 318 -57.12 -5.97 -45.08
C SER B 318 -58.46 -6.58 -45.45
N GLY B 319 -59.51 -5.77 -45.41
CA GLY B 319 -60.85 -6.23 -45.77
C GLY B 319 -60.91 -6.63 -47.22
N CYS B 320 -60.36 -5.78 -48.09
CA CYS B 320 -60.28 -6.07 -49.51
C CYS B 320 -59.47 -7.34 -49.77
N ALA B 321 -58.37 -7.48 -49.04
CA ALA B 321 -57.52 -8.66 -49.17
C ALA B 321 -58.28 -9.93 -48.78
N ALA B 322 -59.09 -9.81 -47.73
CA ALA B 322 -59.89 -10.93 -47.25
C ALA B 322 -60.94 -11.34 -48.29
N VAL B 323 -61.56 -10.34 -48.91
CA VAL B 323 -62.58 -10.57 -49.93
C VAL B 323 -61.96 -11.26 -51.15
N LEU B 324 -60.79 -10.79 -51.55
CA LEU B 324 -60.08 -11.36 -52.68
C LEU B 324 -59.59 -12.78 -52.36
N GLY B 325 -59.15 -12.99 -51.12
CA GLY B 325 -58.74 -14.30 -50.66
C GLY B 325 -59.90 -15.27 -50.71
N CYS B 326 -61.08 -14.79 -50.35
CA CYS B 326 -62.30 -15.58 -50.43
C CYS B 326 -62.62 -15.93 -51.88
N ALA B 327 -62.34 -14.98 -52.77
CA ALA B 327 -62.56 -15.18 -54.20
C ALA B 327 -61.76 -16.36 -54.74
N TYR B 328 -60.53 -16.51 -54.26
CA TYR B 328 -59.68 -17.62 -54.67
C TYR B 328 -60.26 -18.97 -54.27
N CYS B 329 -60.66 -19.09 -53.00
CA CYS B 329 -61.19 -20.35 -52.49
C CYS B 329 -62.49 -20.74 -53.21
N VAL B 330 -63.38 -19.77 -53.37
CA VAL B 330 -64.66 -20.01 -54.04
C VAL B 330 -64.46 -20.30 -55.53
N GLY B 331 -63.57 -19.56 -56.17
CA GLY B 331 -63.29 -19.75 -57.58
C GLY B 331 -62.60 -21.08 -57.84
N THR B 332 -61.94 -21.59 -56.80
CA THR B 332 -61.22 -22.86 -56.90
C THR B 332 -62.11 -24.05 -56.56
N LEU B 333 -62.91 -23.89 -55.51
CA LEU B 333 -63.77 -24.97 -55.02
C LEU B 333 -65.06 -25.09 -55.80
N LYS B 334 -65.46 -24.01 -56.47
CA LYS B 334 -66.65 -24.00 -57.33
C LYS B 334 -67.90 -24.48 -56.62
N PRO B 335 -68.41 -23.66 -55.68
CA PRO B 335 -69.68 -23.99 -54.99
C PRO B 335 -70.88 -23.86 -55.93
N GLU B 336 -71.96 -24.57 -55.61
CA GLU B 336 -73.14 -24.56 -56.47
C GLU B 336 -74.28 -23.71 -55.89
N ASN B 337 -75.19 -23.31 -56.78
CA ASN B 337 -76.42 -22.61 -56.38
C ASN B 337 -76.17 -21.24 -55.75
N VAL B 338 -75.03 -20.65 -56.06
CA VAL B 338 -74.70 -19.34 -55.49
C VAL B 338 -74.11 -18.38 -56.51
N GLU B 339 -74.43 -17.10 -56.36
CA GLU B 339 -73.81 -16.05 -57.16
C GLU B 339 -73.18 -15.04 -56.22
N ILE B 340 -71.86 -14.89 -56.33
CA ILE B 340 -71.13 -14.02 -55.41
C ILE B 340 -70.44 -12.86 -56.12
N HIS B 341 -70.64 -11.67 -55.59
CA HIS B 341 -69.97 -10.49 -56.10
C HIS B 341 -68.92 -10.02 -55.11
N PHE B 342 -67.68 -9.95 -55.56
CA PHE B 342 -66.57 -9.49 -54.72
C PHE B 342 -66.30 -8.03 -55.00
N LEU B 343 -66.60 -7.18 -54.03
CA LEU B 343 -66.57 -5.73 -54.22
C LEU B 343 -65.57 -5.06 -53.30
N SER B 344 -64.91 -4.02 -53.80
CA SER B 344 -64.01 -3.23 -52.97
C SER B 344 -63.77 -1.85 -53.57
N ALA B 345 -64.13 -0.82 -52.82
CA ALA B 345 -63.85 0.55 -53.20
C ALA B 345 -62.43 0.92 -52.79
N VAL B 346 -61.50 0.82 -53.73
CA VAL B 346 -60.08 1.00 -53.44
C VAL B 346 -59.63 2.45 -53.67
N CYS B 347 -58.90 2.99 -52.71
CA CYS B 347 -58.33 4.33 -52.86
C CYS B 347 -57.25 4.58 -51.80
N GLU B 348 -56.72 5.79 -51.78
CA GLU B 348 -55.68 6.16 -50.84
C GLU B 348 -56.00 7.48 -50.16
N ASN B 349 -55.83 7.52 -48.85
CA ASN B 349 -56.16 8.72 -48.06
C ASN B 349 -54.92 9.53 -47.70
N MET B 350 -54.62 10.54 -48.51
CA MET B 350 -53.37 11.28 -48.37
C MET B 350 -53.58 12.76 -48.05
N VAL B 351 -52.48 13.45 -47.75
CA VAL B 351 -52.53 14.89 -47.50
C VAL B 351 -52.00 15.63 -48.72
N SER B 352 -52.83 16.51 -49.27
CA SER B 352 -52.48 17.22 -50.49
C SER B 352 -53.32 18.48 -50.63
N LYS B 353 -52.99 19.31 -51.62
CA LYS B 353 -53.78 20.49 -51.91
C LYS B 353 -55.15 20.08 -52.45
N ASN B 354 -55.22 18.85 -52.96
CA ASN B 354 -56.45 18.34 -53.56
C ASN B 354 -57.26 17.44 -52.64
N SER B 355 -56.74 17.18 -51.45
CA SER B 355 -57.42 16.33 -50.48
C SER B 355 -58.72 16.98 -50.01
N TYR B 356 -59.67 16.17 -49.56
CA TYR B 356 -60.91 16.72 -49.01
C TYR B 356 -60.67 17.14 -47.57
N ARG B 357 -61.45 18.11 -47.10
CA ARG B 357 -61.19 18.72 -45.81
C ARG B 357 -62.21 18.34 -44.76
N PRO B 358 -61.82 18.40 -43.48
CA PRO B 358 -62.77 18.30 -42.37
C PRO B 358 -63.80 19.42 -42.46
N GLY B 359 -65.09 19.05 -42.45
CA GLY B 359 -66.15 20.03 -42.59
C GLY B 359 -66.79 19.99 -43.95
N ASP B 360 -66.06 19.44 -44.93
CA ASP B 360 -66.58 19.30 -46.29
C ASP B 360 -67.87 18.49 -46.32
N ILE B 361 -68.83 18.96 -47.12
CA ILE B 361 -70.07 18.22 -47.30
C ILE B 361 -70.08 17.54 -48.68
N ILE B 362 -70.27 16.23 -48.67
CA ILE B 362 -70.20 15.44 -49.89
C ILE B 362 -71.49 14.67 -50.12
N THR B 363 -71.72 14.26 -51.36
CA THR B 363 -72.97 13.58 -51.70
C THR B 363 -72.72 12.12 -52.07
N ALA B 364 -73.42 11.23 -51.39
CA ALA B 364 -73.30 9.79 -51.66
C ALA B 364 -74.13 9.41 -52.88
N SER B 365 -73.90 8.20 -53.39
CA SER B 365 -74.57 7.74 -54.60
C SER B 365 -76.08 7.53 -54.41
N ASN B 366 -76.51 7.42 -53.15
CA ASN B 366 -77.92 7.24 -52.86
C ASN B 366 -78.61 8.58 -52.59
N GLY B 367 -77.87 9.66 -52.80
CA GLY B 367 -78.41 11.00 -52.68
C GLY B 367 -78.18 11.65 -51.32
N LYS B 368 -77.85 10.84 -50.32
CA LYS B 368 -77.64 11.36 -48.97
C LYS B 368 -76.37 12.21 -48.89
N THR B 369 -76.51 13.42 -48.37
CA THR B 369 -75.37 14.30 -48.17
C THR B 369 -74.72 14.05 -46.82
N ILE B 370 -73.39 14.11 -46.78
CA ILE B 370 -72.64 13.77 -45.58
C ILE B 370 -71.68 14.89 -45.16
N GLU B 371 -71.73 15.26 -43.89
CA GLU B 371 -70.79 16.25 -43.36
C GLU B 371 -69.58 15.57 -42.73
N VAL B 372 -68.41 15.78 -43.32
CA VAL B 372 -67.17 15.19 -42.82
C VAL B 372 -66.66 15.93 -41.59
N GLY B 373 -66.58 15.22 -40.48
CA GLY B 373 -66.08 15.79 -39.24
C GLY B 373 -64.66 15.34 -38.97
N ASN B 374 -64.23 14.30 -39.68
CA ASN B 374 -62.90 13.73 -39.49
C ASN B 374 -62.48 12.94 -40.73
N THR B 375 -61.46 13.43 -41.43
CA THR B 375 -60.99 12.81 -42.66
C THR B 375 -60.37 11.44 -42.43
N ASP B 376 -60.08 11.11 -41.17
CA ASP B 376 -59.46 9.83 -40.84
C ASP B 376 -60.52 8.74 -40.69
N ALA B 377 -61.79 9.14 -40.72
CA ALA B 377 -62.89 8.19 -40.74
C ALA B 377 -63.32 7.93 -42.17
N GLU B 378 -62.35 7.67 -43.04
CA GLU B 378 -62.60 7.57 -44.49
C GLU B 378 -63.21 6.23 -44.87
N GLY B 379 -62.99 5.21 -44.04
CA GLY B 379 -63.45 3.86 -44.33
C GLY B 379 -64.95 3.76 -44.55
N ARG B 380 -65.71 4.33 -43.61
CA ARG B 380 -67.17 4.28 -43.67
C ARG B 380 -67.71 5.05 -44.88
N LEU B 381 -66.96 6.05 -45.32
CA LEU B 381 -67.33 6.85 -46.49
C LEU B 381 -67.21 6.02 -47.77
N THR B 382 -66.11 5.27 -47.89
CA THR B 382 -65.90 4.41 -49.04
C THR B 382 -66.88 3.24 -49.04
N LEU B 383 -67.13 2.67 -47.87
CA LEU B 383 -68.06 1.56 -47.73
C LEU B 383 -69.49 2.00 -48.07
N ALA B 384 -69.80 3.25 -47.77
CA ALA B 384 -71.14 3.79 -48.01
C ALA B 384 -71.53 3.68 -49.48
N ASP B 385 -70.64 4.14 -50.36
CA ASP B 385 -70.89 4.08 -51.79
C ASP B 385 -70.84 2.65 -52.29
N ALA B 386 -70.03 1.83 -51.63
CA ALA B 386 -69.91 0.42 -51.99
C ALA B 386 -71.17 -0.35 -51.58
N LEU B 387 -71.74 0.01 -50.44
CA LEU B 387 -72.95 -0.65 -49.95
C LEU B 387 -74.14 -0.31 -50.84
N VAL B 388 -74.19 0.94 -51.30
CA VAL B 388 -75.22 1.37 -52.23
C VAL B 388 -75.08 0.64 -53.56
N TYR B 389 -73.84 0.51 -54.02
CA TYR B 389 -73.53 -0.19 -55.25
C TYR B 389 -73.90 -1.67 -55.13
N ALA B 390 -73.62 -2.22 -53.96
CA ALA B 390 -73.94 -3.62 -53.67
C ALA B 390 -75.44 -3.90 -53.72
N GLU B 391 -76.22 -3.05 -53.06
CA GLU B 391 -77.67 -3.25 -52.96
C GLU B 391 -78.37 -3.15 -54.31
N LYS B 392 -77.80 -2.37 -55.22
CA LYS B 392 -78.38 -2.23 -56.56
C LYS B 392 -78.19 -3.51 -57.37
N LEU B 393 -77.33 -4.39 -56.90
CA LEU B 393 -77.12 -5.68 -57.55
C LEU B 393 -78.28 -6.63 -57.27
N GLY B 394 -79.11 -6.26 -56.31
CA GLY B 394 -80.26 -7.08 -55.94
C GLY B 394 -79.81 -8.40 -55.34
N VAL B 395 -79.06 -8.33 -54.24
CA VAL B 395 -78.55 -9.54 -53.60
C VAL B 395 -79.37 -9.91 -52.36
N ASP B 396 -79.14 -11.12 -51.87
CA ASP B 396 -79.83 -11.61 -50.68
C ASP B 396 -79.08 -11.22 -49.41
N TYR B 397 -77.76 -11.27 -49.48
CA TYR B 397 -76.93 -10.90 -48.34
C TYR B 397 -75.82 -9.93 -48.73
N ILE B 398 -75.63 -8.91 -47.91
CA ILE B 398 -74.49 -8.01 -48.04
C ILE B 398 -73.64 -8.08 -46.78
N VAL B 399 -72.38 -8.47 -46.94
CA VAL B 399 -71.46 -8.55 -45.83
C VAL B 399 -70.20 -7.74 -46.10
N ASP B 400 -69.92 -6.77 -45.22
CA ASP B 400 -68.71 -5.97 -45.36
C ASP B 400 -67.70 -6.36 -44.30
N ILE B 401 -66.43 -6.25 -44.65
CA ILE B 401 -65.35 -6.57 -43.72
C ILE B 401 -64.30 -5.47 -43.83
N ALA B 402 -63.94 -4.88 -42.71
CA ALA B 402 -63.07 -3.71 -42.75
C ALA B 402 -62.34 -3.45 -41.44
N THR B 403 -61.14 -2.89 -41.56
CA THR B 403 -60.38 -2.36 -40.44
C THR B 403 -60.86 -0.95 -40.15
N LEU B 404 -62.03 -0.83 -39.54
CA LEU B 404 -62.73 0.45 -39.50
C LEU B 404 -62.40 1.29 -38.27
N THR B 405 -62.42 0.66 -37.09
CA THR B 405 -62.25 1.39 -35.84
C THR B 405 -61.24 0.74 -34.90
N GLY B 406 -60.32 1.56 -34.39
CA GLY B 406 -59.33 1.11 -33.43
C GLY B 406 -59.93 0.72 -32.10
N ALA B 407 -61.16 1.14 -31.86
CA ALA B 407 -61.86 0.84 -30.61
C ALA B 407 -62.02 -0.66 -30.37
N MET B 408 -61.94 -1.44 -31.44
CA MET B 408 -62.03 -2.89 -31.35
C MET B 408 -60.96 -3.47 -30.42
N LEU B 409 -59.81 -2.79 -30.36
CA LEU B 409 -58.73 -3.21 -29.49
C LEU B 409 -59.11 -3.09 -28.02
N TYR B 410 -60.09 -2.23 -27.73
CA TYR B 410 -60.52 -2.00 -26.36
C TYR B 410 -61.76 -2.83 -26.02
N SER B 411 -62.41 -3.36 -27.05
CA SER B 411 -63.62 -4.14 -26.85
C SER B 411 -63.35 -5.65 -26.87
N LEU B 412 -62.84 -6.15 -27.98
CA LEU B 412 -62.62 -7.58 -28.14
C LEU B 412 -61.14 -7.97 -28.15
N GLY B 413 -60.28 -7.00 -28.43
CA GLY B 413 -58.84 -7.25 -28.42
C GLY B 413 -58.31 -7.71 -29.77
N THR B 414 -57.35 -8.63 -29.74
CA THR B 414 -56.65 -9.04 -30.94
C THR B 414 -57.06 -10.42 -31.45
N SER B 415 -57.93 -11.09 -30.71
CA SER B 415 -58.32 -12.46 -31.08
C SER B 415 -59.69 -12.53 -31.74
N TYR B 416 -60.66 -11.80 -31.19
CA TYR B 416 -62.03 -11.85 -31.70
C TYR B 416 -62.37 -10.62 -32.54
N ALA B 417 -62.91 -10.85 -33.72
CA ALA B 417 -63.44 -9.78 -34.54
C ALA B 417 -64.86 -9.46 -34.10
N GLY B 418 -65.33 -8.25 -34.42
CA GLY B 418 -66.67 -7.86 -34.08
C GLY B 418 -67.58 -7.87 -35.29
N VAL B 419 -68.80 -8.37 -35.10
CA VAL B 419 -69.78 -8.39 -36.18
C VAL B 419 -71.03 -7.58 -35.83
N PHE B 420 -71.44 -6.72 -36.74
CA PHE B 420 -72.67 -5.94 -36.59
C PHE B 420 -73.58 -6.24 -37.78
N GLY B 421 -74.87 -5.94 -37.63
CA GLY B 421 -75.80 -6.20 -38.71
C GLY B 421 -77.24 -5.78 -38.45
N ASN B 422 -78.06 -5.88 -39.48
CA ASN B 422 -79.48 -5.53 -39.39
C ASN B 422 -80.37 -6.76 -39.50
N ASN B 423 -79.76 -7.94 -39.48
CA ASN B 423 -80.50 -9.19 -39.69
C ASN B 423 -80.02 -10.31 -38.77
N GLU B 424 -80.92 -10.80 -37.93
CA GLU B 424 -80.59 -11.80 -36.92
C GLU B 424 -80.07 -13.07 -37.58
N GLU B 425 -80.71 -13.44 -38.69
CA GLU B 425 -80.38 -14.65 -39.43
C GLU B 425 -78.99 -14.58 -40.06
N LEU B 426 -78.66 -13.45 -40.67
CA LEU B 426 -77.36 -13.26 -41.30
C LEU B 426 -76.24 -13.30 -40.27
N ILE B 427 -76.49 -12.69 -39.12
CA ILE B 427 -75.53 -12.69 -38.03
C ILE B 427 -75.20 -14.10 -37.56
N ASN B 428 -76.24 -14.93 -37.45
CA ASN B 428 -76.08 -16.31 -37.01
C ASN B 428 -75.25 -17.16 -37.98
N LYS B 429 -75.41 -16.90 -39.28
CA LYS B 429 -74.65 -17.59 -40.30
C LYS B 429 -73.16 -17.28 -40.14
N ILE B 430 -72.87 -16.02 -39.87
CA ILE B 430 -71.51 -15.56 -39.67
C ILE B 430 -70.88 -16.20 -38.42
N LEU B 431 -71.66 -16.29 -37.35
CA LEU B 431 -71.16 -16.88 -36.11
C LEU B 431 -70.80 -18.34 -36.27
N GLN B 432 -71.64 -19.11 -36.95
CA GLN B 432 -71.32 -20.51 -37.24
C GLN B 432 -70.11 -20.59 -38.16
N SER B 433 -70.09 -19.72 -39.15
CA SER B 433 -68.96 -19.65 -40.07
C SER B 433 -67.70 -19.35 -39.26
N SER B 434 -67.85 -18.58 -38.20
CA SER B 434 -66.74 -18.28 -37.30
C SER B 434 -66.28 -19.56 -36.60
N LYS B 435 -67.24 -20.38 -36.18
CA LYS B 435 -66.96 -21.62 -35.46
C LYS B 435 -66.31 -22.68 -36.36
N THR B 436 -66.84 -22.86 -37.56
CA THR B 436 -66.36 -23.92 -38.46
C THR B 436 -65.10 -23.50 -39.20
N SER B 437 -64.90 -22.19 -39.35
CA SER B 437 -63.69 -21.67 -40.00
C SER B 437 -62.60 -21.46 -38.97
N ASN B 438 -62.99 -21.48 -37.70
CA ASN B 438 -62.06 -21.24 -36.60
C ASN B 438 -61.46 -19.84 -36.65
N GLU B 439 -62.19 -18.90 -37.23
CA GLU B 439 -61.84 -17.48 -37.14
C GLU B 439 -62.85 -16.79 -36.22
N PRO B 440 -62.45 -16.59 -34.95
CA PRO B 440 -63.33 -16.14 -33.87
C PRO B 440 -64.02 -14.81 -34.14
N VAL B 441 -65.33 -14.77 -33.89
CA VAL B 441 -66.11 -13.56 -34.07
C VAL B 441 -67.15 -13.45 -32.96
N TRP B 442 -67.35 -12.25 -32.44
CA TRP B 442 -68.33 -12.03 -31.38
C TRP B 442 -69.36 -11.01 -31.83
N TRP B 443 -70.63 -11.29 -31.50
CA TRP B 443 -71.73 -10.43 -31.93
C TRP B 443 -71.82 -9.18 -31.06
N LEU B 444 -71.73 -8.02 -31.71
CA LEU B 444 -71.85 -6.75 -31.00
C LEU B 444 -73.10 -6.01 -31.47
N PRO B 445 -73.71 -5.24 -30.56
CA PRO B 445 -75.01 -4.58 -30.77
C PRO B 445 -74.93 -3.26 -31.52
N ILE B 446 -75.91 -3.02 -32.40
CA ILE B 446 -76.08 -1.71 -33.00
C ILE B 446 -77.06 -0.90 -32.14
N ILE B 447 -76.52 -0.08 -31.25
CA ILE B 447 -77.36 0.64 -30.30
C ILE B 447 -77.95 1.90 -30.94
N ASN B 448 -79.26 1.84 -31.20
CA ASN B 448 -79.95 2.90 -31.93
C ASN B 448 -80.04 4.22 -31.17
N GLU B 449 -79.91 4.16 -29.85
CA GLU B 449 -80.00 5.37 -29.02
C GLU B 449 -78.88 6.35 -29.36
N TYR B 450 -77.80 5.86 -29.96
CA TYR B 450 -76.67 6.69 -30.32
C TYR B 450 -76.86 7.35 -31.68
N ARG B 451 -77.90 6.93 -32.40
CA ARG B 451 -78.13 7.41 -33.77
C ARG B 451 -78.28 8.93 -33.85
N ALA B 452 -78.82 9.53 -32.79
CA ALA B 452 -79.08 10.97 -32.78
C ALA B 452 -77.80 11.80 -32.86
N THR B 453 -76.68 11.21 -32.49
CA THR B 453 -75.40 11.91 -32.52
C THR B 453 -74.93 12.14 -33.95
N LEU B 454 -75.58 11.45 -34.89
CA LEU B 454 -75.23 11.58 -36.30
C LEU B 454 -76.12 12.59 -37.01
N ASN B 455 -77.00 13.24 -36.25
CA ASN B 455 -77.87 14.27 -36.82
C ASN B 455 -77.10 15.55 -37.14
N SER B 456 -76.88 15.79 -38.42
CA SER B 456 -76.15 16.97 -38.86
C SER B 456 -77.04 18.21 -38.96
N LYS B 457 -76.46 19.37 -38.72
CA LYS B 457 -77.19 20.63 -38.79
C LYS B 457 -77.47 21.07 -40.22
N TYR B 458 -76.55 20.74 -41.13
CA TYR B 458 -76.67 21.21 -42.51
C TYR B 458 -76.79 20.06 -43.51
N ALA B 459 -76.03 18.99 -43.26
CA ALA B 459 -76.10 17.82 -44.13
C ALA B 459 -77.18 16.86 -43.65
N ASP B 460 -77.48 15.85 -44.45
CA ASP B 460 -78.47 14.84 -44.08
C ASP B 460 -78.03 14.04 -42.86
N ILE B 461 -76.73 13.79 -42.76
CA ILE B 461 -76.20 12.93 -41.70
C ILE B 461 -74.75 13.27 -41.38
N ASN B 462 -74.36 13.04 -40.14
CA ASN B 462 -72.97 13.23 -39.73
C ASN B 462 -72.10 12.00 -40.02
N GLN B 463 -70.87 12.25 -40.43
CA GLN B 463 -69.90 11.18 -40.65
C GLN B 463 -69.50 10.53 -39.33
N ILE B 464 -69.28 11.36 -38.32
CA ILE B 464 -68.83 10.89 -37.02
C ILE B 464 -69.65 11.48 -35.88
N SER B 465 -69.48 10.92 -34.69
CA SER B 465 -70.11 11.46 -33.49
C SER B 465 -69.15 12.37 -32.75
N SER B 466 -69.69 13.39 -32.10
CA SER B 466 -68.87 14.32 -31.32
C SER B 466 -68.75 13.84 -29.87
N SER B 467 -69.80 13.18 -29.38
CA SER B 467 -69.85 12.77 -27.97
C SER B 467 -69.53 11.29 -27.77
N VAL B 468 -70.36 10.43 -28.34
CA VAL B 468 -70.26 8.98 -28.16
C VAL B 468 -68.88 8.42 -28.47
N LYS B 469 -68.30 7.70 -27.52
CA LYS B 469 -66.97 7.11 -27.68
C LYS B 469 -67.04 5.67 -28.18
N ALA B 470 -68.26 5.14 -28.29
CA ALA B 470 -68.46 3.80 -28.85
C ALA B 470 -68.34 3.83 -30.37
N SER B 471 -67.11 4.05 -30.84
CA SER B 471 -66.85 4.29 -32.27
C SER B 471 -67.30 3.15 -33.18
N SER B 472 -67.11 1.91 -32.74
CA SER B 472 -67.46 0.76 -33.56
C SER B 472 -68.96 0.68 -33.81
N ILE B 473 -69.74 1.04 -32.80
CA ILE B 473 -71.19 1.03 -32.91
C ILE B 473 -71.68 2.23 -33.72
N VAL B 474 -71.08 3.40 -33.47
CA VAL B 474 -71.43 4.62 -34.19
C VAL B 474 -71.16 4.47 -35.68
N ALA B 475 -70.01 3.90 -36.02
CA ALA B 475 -69.64 3.67 -37.41
C ALA B 475 -70.63 2.71 -38.05
N SER B 476 -71.05 1.70 -37.28
CA SER B 476 -72.04 0.74 -37.75
C SER B 476 -73.37 1.43 -38.02
N LEU B 477 -73.71 2.41 -37.19
CA LEU B 477 -74.91 3.21 -37.40
C LEU B 477 -74.84 3.96 -38.72
N PHE B 478 -73.66 4.47 -39.05
CA PHE B 478 -73.45 5.15 -40.32
C PHE B 478 -73.72 4.23 -41.51
N LEU B 479 -73.07 3.08 -41.51
CA LEU B 479 -73.18 2.13 -42.61
C LEU B 479 -74.63 1.65 -42.82
N LYS B 480 -75.33 1.47 -41.71
CA LYS B 480 -76.72 1.00 -41.74
C LYS B 480 -77.62 1.95 -42.51
N GLU B 481 -77.20 3.21 -42.61
CA GLU B 481 -77.96 4.24 -43.32
C GLU B 481 -77.82 4.12 -44.84
N PHE B 482 -77.01 3.16 -45.29
CA PHE B 482 -76.76 2.99 -46.72
C PHE B 482 -77.12 1.59 -47.21
N VAL B 483 -77.90 0.88 -46.40
CA VAL B 483 -78.50 -0.39 -46.79
C VAL B 483 -79.99 -0.27 -46.55
N GLN B 484 -80.75 -0.12 -47.63
CA GLN B 484 -82.16 0.26 -47.52
C GLN B 484 -83.07 -0.89 -47.09
N ASN B 485 -82.98 -2.03 -47.76
CA ASN B 485 -83.90 -3.14 -47.47
C ASN B 485 -83.28 -4.50 -47.76
N THR B 486 -82.05 -4.71 -47.29
CA THR B 486 -81.36 -5.97 -47.53
C THR B 486 -80.63 -6.46 -46.28
N ALA B 487 -80.59 -7.78 -46.11
CA ALA B 487 -79.86 -8.38 -45.01
C ALA B 487 -78.39 -8.02 -45.12
N TRP B 488 -77.86 -7.39 -44.07
CA TRP B 488 -76.51 -6.85 -44.10
C TRP B 488 -75.77 -7.09 -42.80
N ALA B 489 -74.50 -7.46 -42.92
CA ALA B 489 -73.65 -7.67 -41.75
C ALA B 489 -72.33 -6.92 -41.92
N HIS B 490 -71.74 -6.52 -40.80
CA HIS B 490 -70.51 -5.74 -40.83
C HIS B 490 -69.48 -6.32 -39.86
N ILE B 491 -68.34 -6.73 -40.40
CA ILE B 491 -67.28 -7.33 -39.59
C ILE B 491 -66.11 -6.37 -39.41
N ASP B 492 -65.88 -5.94 -38.18
CA ASP B 492 -64.79 -5.02 -37.87
C ASP B 492 -63.55 -5.81 -37.46
N ILE B 493 -62.54 -5.83 -38.34
CA ILE B 493 -61.35 -6.62 -38.13
C ILE B 493 -60.13 -5.76 -37.85
N ALA B 494 -60.36 -4.55 -37.35
CA ALA B 494 -59.28 -3.63 -37.04
C ALA B 494 -58.32 -4.23 -36.02
N GLY B 495 -58.86 -4.92 -35.04
CA GLY B 495 -58.06 -5.47 -33.95
C GLY B 495 -57.41 -6.82 -34.23
N VAL B 496 -57.97 -7.57 -35.18
CA VAL B 496 -57.52 -8.94 -35.42
C VAL B 496 -56.70 -9.10 -36.71
N SER B 497 -56.70 -8.07 -37.55
CA SER B 497 -56.05 -8.15 -38.84
C SER B 497 -54.55 -8.40 -38.74
N TRP B 498 -53.88 -7.63 -37.90
CA TRP B 498 -52.43 -7.70 -37.78
C TRP B 498 -51.98 -8.47 -36.54
N ASN B 499 -51.06 -9.41 -36.74
CA ASN B 499 -50.47 -10.14 -35.61
C ASN B 499 -49.25 -9.36 -35.14
N PHE B 500 -49.43 -8.57 -34.09
CA PHE B 500 -48.40 -7.66 -33.62
C PHE B 500 -47.19 -8.38 -33.06
N LYS B 501 -47.42 -9.51 -32.39
CA LYS B 501 -46.34 -10.31 -31.83
C LYS B 501 -45.47 -10.92 -32.93
N ALA B 502 -46.10 -11.37 -34.00
CA ALA B 502 -45.39 -12.06 -35.08
C ALA B 502 -44.91 -11.10 -36.18
N ARG B 503 -45.28 -9.83 -36.06
CA ARG B 503 -44.88 -8.82 -37.04
C ARG B 503 -45.39 -9.15 -38.44
N LYS B 504 -46.62 -9.65 -38.52
CA LYS B 504 -47.20 -10.02 -39.81
C LYS B 504 -48.72 -10.08 -39.77
N PRO B 505 -49.36 -10.05 -40.95
CA PRO B 505 -50.82 -10.14 -41.11
C PRO B 505 -51.33 -11.54 -40.80
N LYS B 506 -52.63 -11.66 -40.53
CA LYS B 506 -53.23 -12.97 -40.30
C LYS B 506 -53.94 -13.46 -41.55
N GLY B 507 -54.28 -12.53 -42.44
CA GLY B 507 -55.13 -12.85 -43.58
C GLY B 507 -56.50 -13.19 -43.06
N PHE B 508 -56.90 -12.49 -42.00
CA PHE B 508 -58.15 -12.75 -41.30
C PHE B 508 -59.37 -12.49 -42.17
N GLY B 509 -60.31 -13.44 -42.17
CA GLY B 509 -61.58 -13.26 -42.85
C GLY B 509 -61.77 -14.14 -44.07
N VAL B 510 -60.67 -14.63 -44.65
CA VAL B 510 -60.75 -15.44 -45.86
C VAL B 510 -61.49 -16.75 -45.63
N ARG B 511 -61.11 -17.48 -44.60
CA ARG B 511 -61.73 -18.76 -44.29
C ARG B 511 -63.14 -18.60 -43.73
N LEU B 512 -63.35 -17.55 -42.95
CA LEU B 512 -64.66 -17.25 -42.38
C LEU B 512 -65.68 -17.01 -43.49
N LEU B 513 -65.31 -16.17 -44.45
CA LEU B 513 -66.22 -15.80 -45.54
C LEU B 513 -66.42 -16.98 -46.49
N THR B 514 -65.38 -17.78 -46.68
CA THR B 514 -65.46 -18.94 -47.56
C THR B 514 -66.43 -19.98 -46.99
N GLU B 515 -66.31 -20.22 -45.69
CA GLU B 515 -67.22 -21.12 -44.99
C GLU B 515 -68.64 -20.59 -45.09
N PHE B 516 -68.76 -19.26 -45.05
CA PHE B 516 -70.04 -18.59 -45.17
C PHE B 516 -70.67 -18.89 -46.53
N VAL B 517 -69.86 -18.80 -47.58
CA VAL B 517 -70.33 -19.10 -48.93
C VAL B 517 -70.66 -20.57 -49.07
N LEU B 518 -69.82 -21.42 -48.49
CA LEU B 518 -70.03 -22.86 -48.54
C LEU B 518 -71.12 -23.30 -47.57
N SER C 3 -62.13 33.03 -62.42
CA SER C 3 -63.59 32.94 -62.43
C SER C 3 -64.06 31.48 -62.44
N GLU C 4 -63.35 30.64 -63.19
CA GLU C 4 -63.70 29.23 -63.25
C GLU C 4 -63.11 28.46 -62.07
N VAL C 5 -63.97 27.76 -61.34
CA VAL C 5 -63.54 26.99 -60.17
C VAL C 5 -62.92 25.66 -60.56
N PRO C 6 -61.67 25.42 -60.14
CA PRO C 6 -60.97 24.17 -60.46
C PRO C 6 -61.59 22.99 -59.72
N GLN C 7 -61.56 21.81 -60.35
CA GLN C 7 -62.10 20.60 -59.75
C GLN C 7 -61.08 19.46 -59.76
N VAL C 8 -61.23 18.54 -58.81
CA VAL C 8 -60.45 17.31 -58.80
C VAL C 8 -61.26 16.21 -59.46
N VAL C 9 -62.55 16.16 -59.11
CA VAL C 9 -63.50 15.27 -59.77
C VAL C 9 -64.68 16.09 -60.28
N SER C 10 -65.46 15.52 -61.19
CA SER C 10 -66.58 16.24 -61.79
C SER C 10 -67.70 16.51 -60.77
N LEU C 11 -67.68 15.78 -59.67
CA LEU C 11 -68.72 15.92 -58.65
C LEU C 11 -68.44 17.07 -57.70
N ASP C 12 -67.25 17.66 -57.82
CA ASP C 12 -66.88 18.81 -56.99
C ASP C 12 -67.70 20.04 -57.40
N PRO C 13 -68.27 20.73 -56.40
CA PRO C 13 -69.10 21.92 -56.63
C PRO C 13 -68.31 23.08 -57.25
N THR C 14 -68.96 23.87 -58.09
CA THR C 14 -68.29 24.97 -58.78
C THR C 14 -68.90 26.32 -58.38
N SER C 15 -69.74 26.32 -57.36
CA SER C 15 -70.34 27.55 -56.85
C SER C 15 -70.95 27.34 -55.47
N ILE C 16 -71.02 28.43 -54.71
CA ILE C 16 -71.67 28.39 -53.41
C ILE C 16 -73.17 28.57 -53.60
N PRO C 17 -73.96 27.59 -53.15
CA PRO C 17 -75.41 27.76 -53.23
C PRO C 17 -75.87 28.87 -52.29
N ILE C 18 -76.52 29.89 -52.83
CA ILE C 18 -76.96 31.02 -52.02
C ILE C 18 -78.46 31.26 -52.18
N GLU C 19 -79.14 31.34 -51.05
CA GLU C 19 -80.56 31.64 -51.03
C GLU C 19 -80.79 33.13 -50.76
N TYR C 20 -81.32 33.84 -51.75
CA TYR C 20 -81.60 35.26 -51.62
C TYR C 20 -83.03 35.49 -51.17
N ASN C 21 -83.96 34.89 -51.89
CA ASN C 21 -85.37 34.99 -51.52
C ASN C 21 -85.72 33.97 -50.46
N THR C 22 -85.70 34.41 -49.21
CA THR C 22 -86.00 33.54 -48.08
C THR C 22 -87.45 33.70 -47.68
N PRO C 23 -88.00 32.71 -46.97
CA PRO C 23 -89.38 32.75 -46.48
C PRO C 23 -89.66 34.04 -45.70
N ILE C 24 -88.64 34.57 -45.03
CA ILE C 24 -88.76 35.81 -44.28
C ILE C 24 -89.16 36.99 -45.17
N HIS C 25 -88.62 37.04 -46.39
CA HIS C 25 -88.91 38.13 -47.31
C HIS C 25 -90.35 38.10 -47.82
N ASP C 26 -91.02 36.98 -47.62
CA ASP C 26 -92.41 36.82 -48.08
C ASP C 26 -93.39 37.14 -46.97
N ILE C 27 -92.87 37.50 -45.80
CA ILE C 27 -93.72 37.81 -44.66
C ILE C 27 -94.19 39.26 -44.68
N LYS C 28 -95.51 39.45 -44.78
CA LYS C 28 -96.10 40.77 -44.70
C LYS C 28 -96.19 41.19 -43.24
N VAL C 29 -95.50 42.26 -42.88
CA VAL C 29 -95.47 42.73 -41.50
C VAL C 29 -96.30 43.99 -41.29
N GLN C 30 -97.18 43.95 -40.30
CA GLN C 30 -98.00 45.10 -39.96
C GLN C 30 -97.82 45.49 -38.50
N VAL C 31 -97.63 46.79 -38.26
CA VAL C 31 -97.47 47.29 -36.89
C VAL C 31 -98.63 48.21 -36.53
N TYR C 32 -99.34 47.88 -35.46
CA TYR C 32 -100.46 48.68 -35.00
C TYR C 32 -100.17 49.31 -33.65
N ASP C 33 -100.84 50.40 -33.33
CA ASP C 33 -100.67 51.02 -32.03
C ASP C 33 -101.59 50.35 -31.02
N ILE C 34 -101.01 49.98 -29.87
CA ILE C 34 -101.71 49.21 -28.84
C ILE C 34 -102.85 49.98 -28.17
N LYS C 35 -102.74 51.31 -28.16
CA LYS C 35 -103.77 52.17 -27.59
C LYS C 35 -105.10 52.12 -28.33
N GLY C 36 -105.33 51.04 -29.08
CA GLY C 36 -106.53 50.90 -29.89
C GLY C 36 -107.15 49.53 -29.72
N GLY C 37 -106.48 48.68 -28.96
CA GLY C 37 -106.97 47.34 -28.70
C GLY C 37 -106.42 46.32 -29.68
N CYS C 38 -106.43 45.06 -29.27
CA CYS C 38 -105.89 43.98 -30.10
C CYS C 38 -106.98 43.09 -30.70
N ASN C 39 -106.83 42.78 -31.98
CA ASN C 39 -107.73 41.83 -32.63
C ASN C 39 -107.12 40.43 -32.67
N VAL C 40 -107.94 39.43 -32.37
CA VAL C 40 -107.51 38.04 -32.38
C VAL C 40 -108.40 37.24 -33.32
N GLU C 41 -107.78 36.57 -34.29
CA GLU C 41 -108.53 35.94 -35.37
C GLU C 41 -107.77 34.75 -35.95
N GLU C 42 -106.63 35.00 -36.58
CA GLU C 42 -105.86 33.95 -37.22
C GLU C 42 -104.56 33.67 -36.48
N GLY C 43 -104.12 32.42 -36.54
CA GLY C 43 -102.81 32.06 -36.02
C GLY C 43 -102.65 32.17 -34.51
N LEU C 44 -101.43 32.46 -34.10
CA LEU C 44 -101.07 32.56 -32.69
C LEU C 44 -100.80 34.00 -32.29
N THR C 45 -101.37 34.43 -31.18
CA THR C 45 -101.16 35.78 -30.67
C THR C 45 -100.37 35.69 -29.37
N ILE C 46 -99.19 36.29 -29.36
CA ILE C 46 -98.30 36.19 -28.21
C ILE C 46 -98.10 37.53 -27.51
N PHE C 47 -98.29 37.52 -26.20
CA PHE C 47 -98.07 38.70 -25.38
C PHE C 47 -96.71 38.66 -24.71
N LEU C 48 -95.93 39.72 -24.89
CA LEU C 48 -94.66 39.85 -24.17
C LEU C 48 -94.94 40.58 -22.87
N VAL C 49 -94.89 39.85 -21.76
CA VAL C 49 -95.32 40.41 -20.47
C VAL C 49 -94.24 40.28 -19.41
N ASN C 50 -94.18 41.28 -18.54
CA ASN C 50 -93.27 41.25 -17.40
C ASN C 50 -93.99 41.61 -16.10
N ASN C 51 -93.25 41.59 -15.00
CA ASN C 51 -93.76 42.04 -13.72
C ASN C 51 -92.64 42.70 -12.93
N PRO C 52 -92.45 44.01 -13.14
CA PRO C 52 -91.37 44.78 -12.53
C PRO C 52 -91.35 44.69 -11.01
N GLY C 53 -90.20 44.30 -10.46
CA GLY C 53 -90.04 44.19 -9.02
C GLY C 53 -90.30 42.80 -8.49
N LYS C 54 -91.50 42.30 -8.71
CA LYS C 54 -91.90 40.99 -8.21
C LYS C 54 -91.37 39.88 -9.11
N GLU C 55 -90.19 39.35 -8.78
CA GLU C 55 -89.60 38.29 -9.56
C GLU C 55 -90.45 37.03 -9.48
N ASN C 56 -90.27 36.13 -10.45
CA ASN C 56 -91.31 35.19 -10.89
C ASN C 56 -92.73 35.65 -10.53
N GLY C 57 -93.06 36.87 -10.91
CA GLY C 57 -94.36 37.44 -10.60
C GLY C 57 -95.49 36.88 -11.46
N PRO C 58 -96.74 37.17 -11.08
CA PRO C 58 -97.91 36.70 -11.81
C PRO C 58 -98.10 37.42 -13.15
N VAL C 59 -98.76 36.76 -14.09
CA VAL C 59 -99.02 37.36 -15.40
C VAL C 59 -100.24 38.27 -15.38
N LYS C 60 -100.08 39.49 -15.90
CA LYS C 60 -101.18 40.42 -16.01
C LYS C 60 -101.23 41.06 -17.40
N ILE C 61 -102.33 40.88 -18.11
CA ILE C 61 -102.48 41.45 -19.44
C ILE C 61 -103.11 42.83 -19.31
N SER C 62 -102.39 43.84 -19.78
CA SER C 62 -102.79 45.23 -19.63
C SER C 62 -103.48 45.73 -20.89
N SER C 63 -103.09 45.17 -22.03
CA SER C 63 -103.60 45.62 -23.31
C SER C 63 -105.09 45.37 -23.44
N LYS C 64 -105.79 46.29 -24.09
CA LYS C 64 -107.20 46.11 -24.37
C LYS C 64 -107.39 45.13 -25.52
N VAL C 65 -108.25 44.14 -25.33
CA VAL C 65 -108.49 43.15 -26.36
C VAL C 65 -109.88 43.33 -26.95
N ASN C 66 -109.95 43.52 -28.26
CA ASN C 66 -111.21 43.79 -28.94
C ASN C 66 -112.06 42.53 -29.10
N ASP C 67 -112.13 41.75 -28.02
CA ASP C 67 -112.95 40.53 -28.00
C ASP C 67 -113.40 40.24 -26.57
N LYS C 68 -114.69 40.02 -26.39
CA LYS C 68 -115.25 39.82 -25.05
C LYS C 68 -114.80 38.49 -24.46
N GLN C 69 -114.86 37.43 -25.26
CA GLN C 69 -114.48 36.10 -24.82
C GLN C 69 -113.00 36.02 -24.45
N VAL C 70 -112.16 36.61 -25.29
CA VAL C 70 -110.71 36.57 -25.05
C VAL C 70 -110.32 37.43 -23.87
N SER C 71 -110.99 38.56 -23.70
CA SER C 71 -110.71 39.46 -22.58
C SER C 71 -111.04 38.78 -21.26
N GLU C 72 -112.14 38.04 -21.23
CA GLU C 72 -112.56 37.32 -20.03
C GLU C 72 -111.57 36.19 -19.75
N PHE C 73 -111.11 35.54 -20.83
CA PHE C 73 -110.13 34.48 -20.72
C PHE C 73 -108.82 35.04 -20.16
N LEU C 74 -108.45 36.24 -20.62
CA LEU C 74 -107.19 36.87 -20.24
C LEU C 74 -107.29 37.64 -18.94
N LYS C 75 -108.40 37.45 -18.22
CA LYS C 75 -108.60 38.14 -16.95
C LYS C 75 -107.53 37.76 -15.93
N ASP C 76 -107.23 38.70 -15.04
CA ASP C 76 -106.17 38.52 -14.05
C ASP C 76 -106.38 37.25 -13.22
N GLU C 77 -107.64 36.96 -12.91
CA GLU C 77 -107.97 35.78 -12.12
C GLU C 77 -107.51 34.51 -12.80
N ASN C 78 -107.61 34.49 -14.12
CA ASN C 78 -107.19 33.34 -14.92
C ASN C 78 -105.67 33.27 -15.06
N MET C 79 -105.05 34.41 -15.28
CA MET C 79 -103.62 34.49 -15.57
C MET C 79 -102.71 34.41 -14.34
N GLU C 80 -103.27 34.57 -13.15
CA GLU C 80 -102.46 34.65 -11.95
C GLU C 80 -101.73 33.36 -11.58
N LYS C 81 -102.11 32.23 -12.16
CA LYS C 81 -101.39 30.99 -11.89
C LYS C 81 -100.15 30.85 -12.77
N PHE C 82 -100.00 31.76 -13.74
CA PHE C 82 -98.81 31.76 -14.59
C PHE C 82 -97.91 32.90 -14.16
N ASN C 83 -96.61 32.72 -14.36
CA ASN C 83 -95.64 33.74 -13.97
C ASN C 83 -94.81 34.28 -15.14
N VAL C 84 -94.12 35.38 -14.90
CA VAL C 84 -93.41 36.11 -15.94
C VAL C 84 -91.92 35.80 -15.96
N LYS C 85 -91.55 34.65 -15.41
CA LYS C 85 -90.15 34.22 -15.41
C LYS C 85 -89.56 34.33 -16.80
N LEU C 86 -88.42 35.02 -16.90
CA LEU C 86 -87.80 35.33 -18.18
C LEU C 86 -87.59 34.06 -19.01
N GLY C 87 -88.26 34.00 -20.14
CA GLY C 87 -88.14 32.86 -21.04
C GLY C 87 -89.34 31.93 -20.97
N THR C 88 -90.09 32.00 -19.88
CA THR C 88 -91.27 31.17 -19.69
C THR C 88 -92.37 31.50 -20.70
N SER C 89 -93.09 30.47 -21.14
CA SER C 89 -94.17 30.66 -22.11
C SER C 89 -95.25 29.57 -22.01
N LYS C 90 -96.49 29.94 -22.34
CA LYS C 90 -97.64 29.05 -22.38
C LYS C 90 -98.56 29.33 -23.56
N HIS C 91 -99.22 28.27 -24.02
CA HIS C 91 -100.18 28.35 -25.12
C HIS C 91 -101.61 28.26 -24.61
N PHE C 92 -102.51 29.06 -25.18
CA PHE C 92 -103.89 29.05 -24.76
C PHE C 92 -104.79 28.71 -25.96
N TYR C 93 -105.81 27.89 -25.71
CA TYR C 93 -106.82 27.60 -26.72
C TYR C 93 -108.17 28.16 -26.32
N MET C 94 -108.85 28.85 -27.23
CA MET C 94 -110.15 29.42 -26.90
C MET C 94 -110.97 29.82 -28.12
N PHE C 95 -112.25 30.11 -27.89
CA PHE C 95 -113.14 30.60 -28.92
C PHE C 95 -113.42 32.09 -28.72
N ASN C 96 -113.41 32.85 -29.81
CA ASN C 96 -113.68 34.28 -29.74
C ASN C 96 -115.17 34.61 -29.80
N ASP C 97 -115.47 35.89 -30.01
CA ASP C 97 -116.86 36.36 -30.03
C ASP C 97 -117.66 35.73 -31.17
N ASN C 98 -116.97 35.25 -32.19
CA ASN C 98 -117.63 34.65 -33.34
C ASN C 98 -117.65 33.13 -33.23
N LYS C 99 -117.39 32.63 -32.02
CA LYS C 99 -117.35 31.20 -31.77
C LYS C 99 -116.30 30.52 -32.66
N ASN C 100 -115.26 31.28 -33.01
CA ASN C 100 -114.16 30.75 -33.80
C ASN C 100 -112.94 30.43 -32.95
N SER C 101 -112.22 29.37 -33.31
CA SER C 101 -111.04 28.95 -32.57
C SER C 101 -109.84 29.87 -32.80
N VAL C 102 -109.25 30.34 -31.71
CA VAL C 102 -108.07 31.20 -31.77
C VAL C 102 -107.00 30.69 -30.81
N ALA C 103 -105.74 30.94 -31.14
CA ALA C 103 -104.64 30.53 -30.27
C ALA C 103 -103.95 31.74 -29.65
N VAL C 104 -103.82 31.71 -28.33
CA VAL C 104 -103.22 32.81 -27.58
C VAL C 104 -102.16 32.30 -26.60
N GLY C 105 -101.18 33.13 -26.29
CA GLY C 105 -100.15 32.76 -25.34
C GLY C 105 -99.27 33.93 -24.94
N TYR C 106 -98.25 33.65 -24.16
CA TYR C 106 -97.33 34.68 -23.71
C TYR C 106 -95.91 34.16 -23.55
N VAL C 107 -94.96 35.09 -23.48
CA VAL C 107 -93.58 34.75 -23.14
C VAL C 107 -93.09 35.64 -22.01
N GLY C 108 -92.61 35.03 -20.94
CA GLY C 108 -92.16 35.76 -19.78
C GLY C 108 -90.93 36.58 -20.07
N CYS C 109 -90.94 37.85 -19.66
CA CYS C 109 -89.82 38.74 -19.89
C CYS C 109 -89.16 39.15 -18.57
N GLY C 110 -89.46 38.40 -17.52
CA GLY C 110 -88.80 38.59 -16.23
C GLY C 110 -89.39 39.71 -15.39
N SER C 111 -88.60 40.16 -14.42
CA SER C 111 -89.03 41.19 -13.48
C SER C 111 -88.27 42.49 -13.67
N VAL C 112 -87.29 42.48 -14.57
CA VAL C 112 -86.50 43.67 -14.85
C VAL C 112 -87.12 44.48 -15.99
N ALA C 113 -87.19 45.80 -15.79
CA ALA C 113 -87.82 46.68 -16.75
C ALA C 113 -87.01 46.86 -18.04
N ASP C 114 -85.69 46.89 -17.91
CA ASP C 114 -84.84 47.10 -19.07
C ASP C 114 -84.12 45.81 -19.48
N LEU C 115 -84.59 45.19 -20.55
CA LEU C 115 -83.99 43.95 -21.05
C LEU C 115 -82.65 44.18 -21.71
N SER C 116 -81.71 43.27 -21.45
CA SER C 116 -80.40 43.32 -22.08
C SER C 116 -80.40 42.57 -23.42
N GLU C 117 -79.31 42.66 -24.16
CA GLU C 117 -79.17 41.97 -25.44
C GLU C 117 -79.36 40.47 -25.28
N ALA C 118 -78.81 39.92 -24.19
CA ALA C 118 -78.95 38.50 -23.91
C ALA C 118 -80.36 38.14 -23.48
N ASP C 119 -80.97 39.00 -22.67
CA ASP C 119 -82.34 38.79 -22.20
C ASP C 119 -83.36 38.75 -23.35
N MET C 120 -83.30 39.75 -24.22
CA MET C 120 -84.20 39.80 -25.37
C MET C 120 -83.97 38.61 -26.29
N LYS C 121 -82.71 38.17 -26.34
CA LYS C 121 -82.35 37.01 -27.13
C LYS C 121 -83.05 35.76 -26.61
N ARG C 122 -83.11 35.63 -25.29
CA ARG C 122 -83.75 34.49 -24.66
C ARG C 122 -85.26 34.52 -24.87
N VAL C 123 -85.82 35.72 -24.91
CA VAL C 123 -87.25 35.90 -25.17
C VAL C 123 -87.59 35.45 -26.58
N VAL C 124 -86.78 35.86 -27.56
CA VAL C 124 -87.00 35.52 -28.95
C VAL C 124 -86.91 34.01 -29.17
N LEU C 125 -85.96 33.37 -28.50
CA LEU C 125 -85.79 31.92 -28.61
C LEU C 125 -87.01 31.15 -28.12
N SER C 126 -87.61 31.63 -27.03
CA SER C 126 -88.84 31.03 -26.51
C SER C 126 -89.96 31.19 -27.52
N LEU C 127 -89.98 32.32 -28.20
CA LEU C 127 -90.98 32.62 -29.22
C LEU C 127 -90.85 31.67 -30.41
N VAL C 128 -89.62 31.49 -30.87
CA VAL C 128 -89.36 30.64 -32.03
C VAL C 128 -89.74 29.18 -31.78
N THR C 129 -89.63 28.75 -30.53
CA THR C 129 -90.02 27.39 -30.15
C THR C 129 -91.52 27.20 -30.39
N MET C 130 -92.29 28.26 -30.18
CA MET C 130 -93.73 28.21 -30.39
C MET C 130 -94.04 28.19 -31.89
N LEU C 131 -93.16 28.79 -32.67
CA LEU C 131 -93.32 28.81 -34.12
C LEU C 131 -92.98 27.45 -34.70
N HIS C 132 -92.03 26.78 -34.05
CA HIS C 132 -91.56 25.48 -34.51
C HIS C 132 -92.56 24.40 -34.10
N ASP C 133 -92.69 23.38 -34.94
CA ASP C 133 -93.60 22.26 -34.68
C ASP C 133 -95.06 22.68 -34.70
N ASN C 134 -95.34 23.86 -35.23
CA ASN C 134 -96.71 24.35 -35.35
C ASN C 134 -96.89 25.01 -36.71
N LYS C 135 -97.92 24.58 -37.44
CA LYS C 135 -98.19 25.09 -38.78
C LYS C 135 -99.09 26.33 -38.78
N LEU C 136 -98.51 27.47 -38.41
CA LEU C 136 -99.28 28.71 -38.30
C LEU C 136 -99.15 29.53 -39.57
N SER C 137 -100.22 30.27 -39.90
CA SER C 137 -100.22 31.14 -41.06
C SER C 137 -99.83 32.56 -40.70
N LYS C 138 -100.12 32.97 -39.47
CA LYS C 138 -99.88 34.34 -39.04
C LYS C 138 -99.47 34.42 -37.58
N LEU C 139 -98.46 35.25 -37.30
CA LEU C 139 -98.04 35.52 -35.93
C LEU C 139 -98.26 36.99 -35.56
N THR C 140 -98.81 37.23 -34.38
CA THR C 140 -99.03 38.58 -33.89
C THR C 140 -98.38 38.74 -32.52
N VAL C 141 -97.49 39.74 -32.39
CA VAL C 141 -96.78 39.96 -31.13
C VAL C 141 -97.24 41.25 -30.46
N VAL C 142 -97.66 41.13 -29.21
CA VAL C 142 -98.12 42.28 -28.43
C VAL C 142 -97.11 42.66 -27.35
N PHE C 143 -96.53 43.85 -27.48
CA PHE C 143 -95.52 44.34 -26.55
C PHE C 143 -96.12 45.02 -25.33
N GLU C 144 -96.15 44.31 -24.20
CA GLU C 144 -96.56 44.91 -22.94
C GLU C 144 -95.32 45.23 -22.11
N ILE C 145 -94.22 45.49 -22.80
CA ILE C 145 -93.00 45.93 -22.15
C ILE C 145 -92.46 47.14 -22.89
N ASN C 146 -91.56 47.88 -22.25
CA ASN C 146 -91.01 49.07 -22.87
C ASN C 146 -89.63 48.82 -23.49
N VAL C 147 -89.53 49.05 -24.78
CA VAL C 147 -88.26 48.88 -25.49
C VAL C 147 -88.06 50.02 -26.49
N ASP C 148 -86.81 50.45 -26.67
CA ASP C 148 -86.54 51.50 -27.64
C ASP C 148 -86.44 50.95 -29.05
N LYS C 149 -86.27 51.85 -30.01
CA LYS C 149 -86.23 51.52 -31.42
C LYS C 149 -85.14 50.50 -31.76
N ASN C 150 -83.96 50.67 -31.18
CA ASN C 150 -82.86 49.74 -31.41
C ASN C 150 -83.17 48.33 -30.90
N LEU C 151 -83.73 48.24 -29.71
CA LEU C 151 -84.06 46.94 -29.14
C LEU C 151 -85.23 46.30 -29.89
N PHE C 152 -86.16 47.14 -30.34
CA PHE C 152 -87.27 46.67 -31.15
C PHE C 152 -86.75 46.09 -32.46
N ARG C 153 -85.83 46.82 -33.09
CA ARG C 153 -85.23 46.35 -34.34
C ARG C 153 -84.44 45.07 -34.08
N PHE C 154 -83.76 45.02 -32.94
CA PHE C 154 -83.01 43.84 -32.55
C PHE C 154 -83.94 42.65 -32.38
N PHE C 155 -85.15 42.93 -31.93
CA PHE C 155 -86.19 41.90 -31.80
C PHE C 155 -86.45 41.21 -33.13
N LEU C 156 -86.72 42.02 -34.15
CA LEU C 156 -87.02 41.51 -35.49
C LEU C 156 -85.83 40.78 -36.10
N GLU C 157 -84.65 41.39 -36.01
CA GLU C 157 -83.43 40.78 -36.53
C GLU C 157 -83.22 39.38 -35.98
N THR C 158 -83.28 39.26 -34.66
CA THR C 158 -83.09 37.99 -33.99
C THR C 158 -84.20 37.00 -34.34
N LEU C 159 -85.43 37.51 -34.41
CA LEU C 159 -86.59 36.70 -34.76
C LEU C 159 -86.45 36.09 -36.16
N PHE C 160 -86.16 36.95 -37.14
CA PHE C 160 -85.99 36.51 -38.52
C PHE C 160 -84.87 35.49 -38.64
N TYR C 161 -83.74 35.77 -38.00
CA TYR C 161 -82.57 34.92 -38.10
C TYR C 161 -82.79 33.54 -37.48
N GLU C 162 -83.36 33.51 -36.28
CA GLU C 162 -83.58 32.25 -35.56
C GLU C 162 -84.73 31.46 -36.16
N TYR C 163 -85.72 32.17 -36.69
CA TYR C 163 -86.86 31.55 -37.36
C TYR C 163 -86.39 30.80 -38.61
N MET C 164 -85.48 31.43 -39.33
CA MET C 164 -84.96 30.88 -40.59
C MET C 164 -84.15 29.61 -40.40
N THR C 165 -84.38 28.64 -41.29
CA THR C 165 -83.64 27.39 -41.27
C THR C 165 -82.86 27.18 -42.57
N ASP C 166 -81.58 26.87 -42.45
CA ASP C 166 -80.73 26.69 -43.63
C ASP C 166 -80.73 25.23 -44.08
N GLU C 167 -81.30 24.98 -45.25
CA GLU C 167 -81.43 23.61 -45.76
C GLU C 167 -80.79 23.47 -47.14
N ARG C 168 -79.84 24.36 -47.44
CA ARG C 168 -79.16 24.36 -48.73
C ARG C 168 -78.44 23.03 -49.00
N PHE C 169 -78.04 22.37 -47.93
CA PHE C 169 -77.24 21.16 -48.04
C PHE C 169 -78.01 19.90 -47.62
N LYS C 170 -79.33 20.02 -47.50
CA LYS C 170 -80.15 18.88 -47.15
C LYS C 170 -80.61 18.21 -48.44
N SER C 171 -80.32 16.93 -48.59
CA SER C 171 -80.73 16.17 -49.78
C SER C 171 -81.99 15.34 -49.56
N THR C 172 -81.98 14.53 -48.51
CA THR C 172 -83.02 13.52 -48.30
C THR C 172 -83.42 13.57 -46.83
N ASP C 173 -82.93 14.60 -46.15
CA ASP C 173 -83.26 14.84 -44.76
C ASP C 173 -83.88 16.23 -44.62
N LYS C 174 -84.47 16.71 -45.72
CA LYS C 174 -85.18 17.99 -45.71
C LYS C 174 -86.38 17.87 -44.79
N ASN C 175 -87.01 18.99 -44.46
CA ASN C 175 -88.09 18.99 -43.49
C ASN C 175 -89.46 19.09 -44.14
N VAL C 176 -90.31 18.09 -43.87
CA VAL C 176 -91.62 18.00 -44.49
C VAL C 176 -92.68 18.78 -43.71
N ASN C 177 -92.29 19.34 -42.58
CA ASN C 177 -93.18 20.18 -41.80
C ASN C 177 -92.73 21.63 -41.78
N MET C 178 -91.83 21.97 -42.70
CA MET C 178 -91.26 23.32 -42.77
C MET C 178 -92.20 24.34 -43.42
N GLU C 179 -93.25 24.72 -42.69
CA GLU C 179 -94.21 25.70 -43.20
C GLU C 179 -94.08 27.03 -42.45
N TYR C 180 -93.55 28.05 -43.13
CA TYR C 180 -93.37 29.36 -42.51
C TYR C 180 -94.65 30.21 -42.52
N ILE C 181 -94.77 31.10 -41.53
CA ILE C 181 -95.86 32.06 -41.46
C ILE C 181 -95.81 33.04 -42.62
N LYS C 182 -96.96 33.56 -43.02
CA LYS C 182 -97.03 34.53 -44.10
C LYS C 182 -97.33 35.95 -43.63
N HIS C 183 -97.70 36.09 -42.36
CA HIS C 183 -98.06 37.39 -41.80
C HIS C 183 -97.50 37.62 -40.41
N LEU C 184 -97.02 38.83 -40.16
CA LEU C 184 -96.56 39.21 -38.82
C LEU C 184 -97.22 40.51 -38.36
N GLY C 185 -98.03 40.42 -37.32
CA GLY C 185 -98.68 41.60 -36.76
C GLY C 185 -98.01 42.02 -35.46
N VAL C 186 -97.80 43.32 -35.30
CA VAL C 186 -97.15 43.82 -34.11
C VAL C 186 -97.94 44.95 -33.45
N TYR C 187 -98.36 44.74 -32.21
CA TYR C 187 -99.01 45.77 -31.41
C TYR C 187 -98.01 46.37 -30.42
N ILE C 188 -97.82 47.68 -30.50
CA ILE C 188 -96.84 48.36 -29.65
C ILE C 188 -97.29 49.77 -29.29
N ASN C 189 -96.60 50.39 -28.32
CA ASN C 189 -96.93 51.75 -27.93
C ASN C 189 -96.14 52.76 -28.76
N ASN C 190 -96.83 53.80 -29.22
CA ASN C 190 -96.22 54.78 -30.10
C ASN C 190 -95.73 54.11 -31.38
N ALA C 191 -96.60 53.30 -31.97
CA ALA C 191 -96.26 52.46 -33.12
C ALA C 191 -95.66 53.24 -34.29
N ASP C 192 -96.09 54.48 -34.46
CA ASP C 192 -95.63 55.30 -35.57
C ASP C 192 -94.10 55.46 -35.54
N THR C 193 -93.55 55.47 -34.33
CA THR C 193 -92.11 55.63 -34.17
C THR C 193 -91.36 54.33 -34.51
N TYR C 194 -92.03 53.20 -34.36
CA TYR C 194 -91.39 51.90 -34.58
C TYR C 194 -91.50 51.37 -36.00
N LYS C 195 -92.37 51.96 -36.80
CA LYS C 195 -92.65 51.45 -38.15
C LYS C 195 -91.41 51.43 -39.04
N GLU C 196 -90.56 52.45 -38.89
CA GLU C 196 -89.37 52.57 -39.73
C GLU C 196 -88.32 51.52 -39.41
N GLU C 197 -88.46 50.87 -38.26
CA GLU C 197 -87.49 49.86 -37.83
C GLU C 197 -87.72 48.51 -38.51
N VAL C 198 -88.93 48.31 -39.03
CA VAL C 198 -89.30 47.03 -39.61
C VAL C 198 -88.40 46.65 -40.80
N GLU C 199 -88.35 47.52 -41.79
CA GLU C 199 -87.59 47.24 -43.01
C GLU C 199 -86.09 47.38 -42.79
N LYS C 200 -85.69 48.13 -41.76
CA LYS C 200 -84.29 48.20 -41.39
C LYS C 200 -83.87 46.87 -40.79
N ALA C 201 -84.78 46.25 -40.04
CA ALA C 201 -84.53 44.93 -39.45
C ALA C 201 -84.41 43.85 -40.52
N ARG C 202 -85.28 43.90 -41.53
CA ARG C 202 -85.25 42.91 -42.60
C ARG C 202 -83.94 42.93 -43.38
N VAL C 203 -83.43 44.12 -43.64
CA VAL C 203 -82.16 44.25 -44.36
C VAL C 203 -81.03 43.76 -43.47
N TYR C 204 -81.04 44.20 -42.21
CA TYR C 204 -80.06 43.76 -41.23
C TYR C 204 -80.14 42.24 -41.05
N TYR C 205 -81.35 41.70 -41.12
CA TYR C 205 -81.54 40.26 -41.02
C TYR C 205 -80.77 39.51 -42.11
N PHE C 206 -80.99 39.92 -43.36
CA PHE C 206 -80.41 39.20 -44.49
C PHE C 206 -78.90 39.42 -44.60
N GLY C 207 -78.46 40.63 -44.26
CA GLY C 207 -77.04 40.91 -44.22
C GLY C 207 -76.34 39.94 -43.29
N THR C 208 -76.97 39.70 -42.15
CA THR C 208 -76.47 38.74 -41.17
C THR C 208 -76.61 37.31 -41.67
N TYR C 209 -77.76 37.01 -42.25
CA TYR C 209 -78.04 35.66 -42.73
C TYR C 209 -77.19 35.33 -43.97
N TYR C 210 -76.93 36.36 -44.78
CA TYR C 210 -76.04 36.22 -45.94
C TYR C 210 -74.67 35.77 -45.48
N ALA C 211 -74.11 36.47 -44.49
CA ALA C 211 -72.81 36.10 -43.93
C ALA C 211 -72.87 34.69 -43.35
N SER C 212 -73.96 34.40 -42.65
CA SER C 212 -74.19 33.07 -42.09
C SER C 212 -74.12 31.98 -43.16
N GLN C 213 -74.70 32.25 -44.32
CA GLN C 213 -74.71 31.30 -45.42
C GLN C 213 -73.32 31.02 -45.97
N LEU C 214 -72.50 32.05 -46.07
CA LEU C 214 -71.14 31.91 -46.58
C LEU C 214 -70.25 31.13 -45.61
N ILE C 215 -70.40 31.41 -44.32
CA ILE C 215 -69.60 30.74 -43.29
C ILE C 215 -69.96 29.27 -43.15
N ALA C 216 -71.26 29.00 -43.03
CA ALA C 216 -71.75 27.63 -42.86
C ALA C 216 -71.41 26.75 -44.05
N ALA C 217 -71.34 27.35 -45.23
CA ALA C 217 -70.97 26.62 -46.45
C ALA C 217 -69.57 26.02 -46.31
N PRO C 218 -69.47 24.69 -46.49
CA PRO C 218 -68.22 23.95 -46.35
C PRO C 218 -67.14 24.42 -47.33
N SER C 219 -65.89 24.08 -47.02
CA SER C 219 -64.75 24.60 -47.78
C SER C 219 -64.68 24.07 -49.20
N ASN C 220 -65.36 22.95 -49.46
CA ASN C 220 -65.40 22.39 -50.81
C ASN C 220 -66.35 23.18 -51.70
N TYR C 221 -67.37 23.79 -51.08
CA TYR C 221 -68.25 24.70 -51.79
C TYR C 221 -67.70 26.12 -51.79
N CYS C 222 -67.30 26.58 -50.61
CA CYS C 222 -66.81 27.94 -50.43
C CYS C 222 -65.29 28.01 -50.46
N ASN C 223 -64.75 28.39 -51.62
CA ASN C 223 -63.32 28.57 -51.81
C ASN C 223 -63.01 29.98 -52.32
N PRO C 224 -61.72 30.32 -52.43
CA PRO C 224 -61.28 31.65 -52.87
C PRO C 224 -61.93 32.10 -54.18
N VAL C 225 -62.13 31.16 -55.10
CA VAL C 225 -62.73 31.48 -56.39
C VAL C 225 -64.25 31.66 -56.29
N SER C 226 -64.89 30.73 -55.60
CA SER C 226 -66.34 30.75 -55.47
C SER C 226 -66.81 31.89 -54.57
N LEU C 227 -65.97 32.24 -53.59
CA LEU C 227 -66.30 33.32 -52.68
C LEU C 227 -66.19 34.68 -53.39
N SER C 228 -65.16 34.83 -54.20
CA SER C 228 -64.98 36.06 -54.98
C SER C 228 -66.05 36.21 -56.04
N ASN C 229 -66.44 35.09 -56.65
CA ASN C 229 -67.51 35.09 -57.64
C ASN C 229 -68.84 35.49 -57.03
N ALA C 230 -69.11 35.00 -55.82
CA ALA C 230 -70.32 35.36 -55.09
C ALA C 230 -70.33 36.84 -54.75
N ALA C 231 -69.15 37.39 -54.46
CA ALA C 231 -69.01 38.80 -54.14
C ALA C 231 -69.28 39.66 -55.37
N VAL C 232 -68.84 39.16 -56.53
CA VAL C 232 -69.08 39.84 -57.79
C VAL C 232 -70.56 39.85 -58.10
N GLU C 233 -71.20 38.70 -57.88
CA GLU C 233 -72.63 38.56 -58.10
C GLU C 233 -73.42 39.49 -57.19
N LEU C 234 -73.00 39.59 -55.93
CA LEU C 234 -73.65 40.47 -54.97
C LEU C 234 -73.51 41.94 -55.35
N ALA C 235 -72.33 42.31 -55.85
CA ALA C 235 -72.06 43.68 -56.24
C ALA C 235 -72.91 44.09 -57.44
N GLN C 236 -73.18 43.12 -58.32
CA GLN C 236 -73.96 43.37 -59.52
C GLN C 236 -75.43 43.59 -59.18
N LYS C 237 -75.90 42.85 -58.17
CA LYS C 237 -77.28 42.96 -57.73
C LYS C 237 -77.49 44.24 -56.93
N LEU C 238 -76.40 44.78 -56.41
CA LEU C 238 -76.47 45.99 -55.61
C LEU C 238 -76.13 47.20 -56.46
N ASN C 239 -75.18 47.01 -57.38
CA ASN C 239 -74.75 48.01 -58.36
C ASN C 239 -73.57 48.78 -57.80
N LEU C 240 -72.68 48.04 -57.14
CA LEU C 240 -71.47 48.61 -56.56
C LEU C 240 -70.30 48.32 -57.47
N GLU C 241 -69.34 49.25 -57.51
CA GLU C 241 -68.12 49.00 -58.25
C GLU C 241 -67.39 47.84 -57.58
N TYR C 242 -66.82 46.96 -58.38
CA TYR C 242 -66.16 45.77 -57.84
C TYR C 242 -64.90 45.46 -58.65
N LYS C 243 -63.93 44.82 -58.01
CA LYS C 243 -62.74 44.39 -58.71
C LYS C 243 -62.13 43.17 -58.02
N ILE C 244 -61.90 42.11 -58.80
CA ILE C 244 -61.31 40.89 -58.27
C ILE C 244 -59.89 40.74 -58.78
N LEU C 245 -58.92 40.90 -57.89
CA LEU C 245 -57.52 40.82 -58.27
C LEU C 245 -57.02 39.38 -58.26
N GLY C 246 -56.41 38.97 -59.37
CA GLY C 246 -55.88 37.63 -59.48
C GLY C 246 -54.43 37.57 -59.04
N VAL C 247 -53.80 36.41 -59.22
CA VAL C 247 -52.43 36.21 -58.78
C VAL C 247 -51.46 37.14 -59.48
N LYS C 248 -51.68 37.37 -60.77
CA LYS C 248 -50.79 38.21 -61.57
C LYS C 248 -50.77 39.67 -61.11
N GLU C 249 -51.92 40.21 -60.74
CA GLU C 249 -51.98 41.58 -60.26
C GLU C 249 -51.36 41.68 -58.87
N LEU C 250 -51.59 40.64 -58.07
CA LEU C 250 -51.07 40.57 -56.71
C LEU C 250 -49.55 40.47 -56.71
N GLU C 251 -49.01 39.79 -57.71
CA GLU C 251 -47.56 39.71 -57.88
C GLU C 251 -47.00 41.07 -58.21
N GLU C 252 -47.72 41.81 -59.08
CA GLU C 252 -47.35 43.16 -59.45
C GLU C 252 -47.38 44.07 -58.23
N LEU C 253 -48.33 43.82 -57.33
CA LEU C 253 -48.50 44.64 -56.13
C LEU C 253 -47.56 44.19 -55.02
N LYS C 254 -46.78 43.15 -55.30
CA LYS C 254 -45.75 42.67 -54.39
C LYS C 254 -46.32 42.23 -53.03
N MET C 255 -47.47 41.58 -53.05
CA MET C 255 -48.07 41.07 -51.81
C MET C 255 -47.54 39.68 -51.48
N GLY C 256 -46.29 39.63 -51.03
CA GLY C 256 -45.63 38.36 -50.79
C GLY C 256 -46.13 37.60 -49.58
N ALA C 257 -46.61 38.34 -48.58
CA ALA C 257 -47.16 37.72 -47.38
C ALA C 257 -48.48 37.02 -47.67
N TYR C 258 -49.37 37.72 -48.37
CA TYR C 258 -50.68 37.19 -48.73
C TYR C 258 -50.57 36.03 -49.71
N LEU C 259 -49.70 36.17 -50.71
CA LEU C 259 -49.53 35.14 -51.73
C LEU C 259 -48.88 33.89 -51.17
N SER C 260 -47.99 34.06 -50.20
CA SER C 260 -47.27 32.94 -49.60
C SER C 260 -48.22 31.98 -48.90
N VAL C 261 -49.20 32.55 -48.19
CA VAL C 261 -50.17 31.77 -47.45
C VAL C 261 -51.00 30.85 -48.36
N GLY C 262 -51.30 31.32 -49.56
CA GLY C 262 -52.15 30.59 -50.49
C GLY C 262 -51.40 29.73 -51.48
N LYS C 263 -50.08 29.70 -51.36
CA LYS C 263 -49.23 28.96 -52.30
C LYS C 263 -49.58 27.48 -52.38
N GLY C 264 -49.98 26.90 -51.25
CA GLY C 264 -50.23 25.46 -51.18
C GLY C 264 -51.63 25.05 -51.58
N SER C 265 -52.43 26.00 -52.06
CA SER C 265 -53.82 25.71 -52.41
C SER C 265 -53.97 25.43 -53.90
N MET C 266 -54.99 24.63 -54.24
CA MET C 266 -55.31 24.37 -55.63
C MET C 266 -56.12 25.54 -56.19
N TYR C 267 -56.62 26.38 -55.29
CA TYR C 267 -57.38 27.56 -55.67
C TYR C 267 -56.48 28.79 -55.66
N PRO C 268 -56.43 29.52 -56.78
CA PRO C 268 -55.65 30.76 -56.86
C PRO C 268 -56.16 31.81 -55.88
N ASN C 269 -55.26 32.65 -55.38
CA ASN C 269 -55.65 33.73 -54.48
C ASN C 269 -56.58 34.71 -55.19
N LYS C 270 -57.56 35.23 -54.46
CA LYS C 270 -58.50 36.19 -55.02
C LYS C 270 -58.71 37.35 -54.06
N PHE C 271 -58.36 38.55 -54.48
CA PHE C 271 -58.51 39.73 -53.65
C PHE C 271 -59.80 40.44 -54.02
N ILE C 272 -60.74 40.49 -53.08
CA ILE C 272 -62.04 41.10 -53.33
C ILE C 272 -61.99 42.59 -53.03
N HIS C 273 -62.43 43.39 -53.98
CA HIS C 273 -62.49 44.84 -53.80
C HIS C 273 -63.81 45.41 -54.29
N LEU C 274 -64.74 45.60 -53.37
CA LEU C 274 -66.01 46.25 -53.67
C LEU C 274 -65.98 47.69 -53.18
N THR C 275 -66.69 48.58 -53.87
CA THR C 275 -66.72 49.98 -53.49
C THR C 275 -68.13 50.56 -53.56
N TYR C 276 -68.56 51.17 -52.48
CA TYR C 276 -69.79 51.94 -52.47
C TYR C 276 -69.50 53.43 -52.33
N LYS C 277 -69.95 54.22 -53.31
CA LYS C 277 -69.79 55.67 -53.21
C LYS C 277 -71.15 56.34 -53.25
N SER C 278 -71.45 57.14 -52.24
CA SER C 278 -72.72 57.85 -52.16
C SER C 278 -72.77 59.02 -53.14
N LYS C 279 -73.95 59.28 -53.70
CA LYS C 279 -74.12 60.42 -54.59
C LYS C 279 -74.27 61.69 -53.76
N GLY C 280 -73.14 62.30 -53.42
CA GLY C 280 -73.13 63.48 -52.58
C GLY C 280 -71.70 63.82 -52.18
N ASP C 281 -71.53 64.94 -51.49
CA ASP C 281 -70.19 65.37 -51.09
C ASP C 281 -69.63 64.41 -50.04
N VAL C 282 -68.65 63.62 -50.44
CA VAL C 282 -68.04 62.63 -49.57
C VAL C 282 -67.38 63.28 -48.36
N LYS C 283 -67.52 62.64 -47.21
CA LYS C 283 -67.01 63.16 -45.95
C LYS C 283 -66.05 62.15 -45.35
N LYS C 284 -66.59 61.04 -44.87
CA LYS C 284 -65.73 59.97 -44.36
C LYS C 284 -65.55 58.86 -45.39
N LYS C 285 -64.29 58.48 -45.59
CA LYS C 285 -63.94 57.38 -46.48
C LYS C 285 -63.52 56.22 -45.60
N ILE C 286 -64.12 55.05 -45.84
CA ILE C 286 -63.89 53.91 -44.96
C ILE C 286 -63.49 52.65 -45.72
N ALA C 287 -62.50 51.94 -45.18
CA ALA C 287 -62.09 50.65 -45.72
C ALA C 287 -62.40 49.55 -44.71
N LEU C 288 -63.21 48.58 -45.11
CA LEU C 288 -63.54 47.46 -44.24
C LEU C 288 -62.82 46.20 -44.71
N VAL C 289 -61.94 45.68 -43.86
CA VAL C 289 -61.10 44.54 -44.22
C VAL C 289 -61.50 43.29 -43.43
N GLY C 290 -61.83 42.23 -44.16
CA GLY C 290 -62.22 40.98 -43.53
C GLY C 290 -61.28 39.84 -43.85
N LYS C 291 -60.93 39.06 -42.82
CA LYS C 291 -60.10 37.88 -43.01
C LYS C 291 -60.86 36.85 -43.83
N GLY C 292 -60.25 36.38 -44.91
CA GLY C 292 -60.92 35.46 -45.82
C GLY C 292 -60.15 34.19 -46.10
N ILE C 293 -59.98 33.36 -45.07
CA ILE C 293 -59.38 32.05 -45.23
C ILE C 293 -60.48 31.00 -45.34
N THR C 294 -60.70 30.49 -46.55
CA THR C 294 -61.81 29.58 -46.81
C THR C 294 -61.67 28.28 -46.02
N PHE C 295 -60.42 27.89 -45.76
CA PHE C 295 -60.16 26.79 -44.84
C PHE C 295 -58.78 26.92 -44.21
N ASP C 296 -58.72 26.73 -42.91
CA ASP C 296 -57.46 26.82 -42.19
C ASP C 296 -57.03 25.45 -41.66
N SER C 297 -56.16 24.77 -42.41
CA SER C 297 -55.62 23.50 -41.96
C SER C 297 -54.48 23.76 -40.99
N GLY C 298 -53.93 24.97 -41.04
CA GLY C 298 -52.80 25.34 -40.22
C GLY C 298 -51.52 25.33 -41.02
N GLY C 299 -51.59 24.82 -42.24
CA GLY C 299 -50.40 24.64 -43.06
C GLY C 299 -49.55 23.53 -42.49
N TYR C 300 -48.25 23.60 -42.72
CA TYR C 300 -47.34 22.58 -42.19
C TYR C 300 -47.36 22.59 -40.67
N ASN C 301 -47.78 23.71 -40.08
CA ASN C 301 -48.12 23.74 -38.67
C ASN C 301 -49.54 23.24 -38.50
N LEU C 302 -49.77 22.00 -38.92
CA LEU C 302 -51.10 21.41 -38.99
C LEU C 302 -51.83 21.45 -37.66
N LYS C 303 -53.12 21.75 -37.73
CA LYS C 303 -53.99 21.71 -36.55
C LYS C 303 -54.26 20.27 -36.14
N ALA C 304 -53.33 19.69 -35.40
CA ALA C 304 -53.45 18.29 -34.99
C ALA C 304 -53.58 18.15 -33.48
N ALA C 305 -53.27 19.21 -32.75
CA ALA C 305 -53.37 19.20 -31.30
C ALA C 305 -54.82 19.11 -30.85
N PRO C 306 -55.07 18.41 -29.74
CA PRO C 306 -56.42 18.27 -29.17
C PRO C 306 -57.03 19.62 -28.82
N GLY C 307 -58.25 19.87 -29.30
CA GLY C 307 -58.92 21.13 -29.04
C GLY C 307 -58.66 22.16 -30.12
N SER C 308 -58.01 21.74 -31.20
CA SER C 308 -57.69 22.63 -32.30
C SER C 308 -58.90 22.89 -33.20
N MET C 309 -59.91 22.02 -33.11
CA MET C 309 -61.17 22.19 -33.82
C MET C 309 -60.96 22.43 -35.31
N ILE C 310 -60.26 21.52 -35.98
CA ILE C 310 -59.91 21.70 -37.38
C ILE C 310 -61.12 21.59 -38.30
N ASP C 311 -62.14 20.84 -37.87
CA ASP C 311 -63.33 20.65 -38.69
C ASP C 311 -64.22 21.89 -38.69
N LEU C 312 -63.87 22.86 -37.85
CA LEU C 312 -64.63 24.10 -37.74
C LEU C 312 -64.06 25.20 -38.62
N MET C 313 -62.84 24.99 -39.11
CA MET C 313 -62.06 26.06 -39.74
C MET C 313 -62.60 26.50 -41.10
N LYS C 314 -63.83 26.10 -41.42
CA LYS C 314 -64.51 26.64 -42.59
C LYS C 314 -64.99 28.06 -42.29
N PHE C 315 -64.99 28.41 -41.00
CA PHE C 315 -65.49 29.71 -40.56
C PHE C 315 -64.41 30.79 -40.57
N ASP C 316 -63.22 30.45 -41.05
CA ASP C 316 -62.09 31.38 -40.98
C ASP C 316 -62.21 32.51 -42.00
N MET C 317 -63.32 32.54 -42.72
CA MET C 317 -63.63 33.65 -43.62
C MET C 317 -64.83 34.43 -43.10
N SER C 318 -65.08 34.30 -41.79
CA SER C 318 -66.20 34.97 -41.15
C SER C 318 -66.07 36.49 -41.26
N GLY C 319 -64.83 36.98 -41.19
CA GLY C 319 -64.57 38.40 -41.31
C GLY C 319 -64.94 38.88 -42.69
N CYS C 320 -64.52 38.13 -43.70
CA CYS C 320 -64.86 38.43 -45.09
C CYS C 320 -66.37 38.41 -45.28
N ALA C 321 -67.02 37.42 -44.67
CA ALA C 321 -68.47 37.29 -44.74
C ALA C 321 -69.16 38.48 -44.08
N ALA C 322 -68.60 38.93 -42.96
CA ALA C 322 -69.16 40.07 -42.24
C ALA C 322 -69.06 41.35 -43.07
N VAL C 323 -67.92 41.53 -43.73
CA VAL C 323 -67.69 42.71 -44.57
C VAL C 323 -68.64 42.71 -45.77
N LEU C 324 -68.82 41.55 -46.39
CA LEU C 324 -69.72 41.43 -47.53
C LEU C 324 -71.17 41.62 -47.11
N GLY C 325 -71.51 41.13 -45.92
CA GLY C 325 -72.84 41.32 -45.38
C GLY C 325 -73.09 42.80 -45.19
N CYS C 326 -72.05 43.52 -44.75
CA CYS C 326 -72.11 44.96 -44.61
C CYS C 326 -72.28 45.62 -45.98
N ALA C 327 -71.63 45.06 -46.99
CA ALA C 327 -71.73 45.57 -48.35
C ALA C 327 -73.17 45.53 -48.83
N TYR C 328 -73.89 44.46 -48.48
CA TYR C 328 -75.30 44.34 -48.82
C TYR C 328 -76.13 45.41 -48.12
N CYS C 329 -75.91 45.55 -46.81
CA CYS C 329 -76.67 46.49 -46.00
C CYS C 329 -76.44 47.93 -46.43
N VAL C 330 -75.17 48.28 -46.64
CA VAL C 330 -74.80 49.63 -47.06
C VAL C 330 -75.30 49.92 -48.46
N GLY C 331 -75.16 48.94 -49.35
CA GLY C 331 -75.60 49.10 -50.73
C GLY C 331 -77.10 49.19 -50.85
N THR C 332 -77.79 48.67 -49.84
CA THR C 332 -79.26 48.66 -49.83
C THR C 332 -79.82 49.93 -49.17
N LEU C 333 -79.23 50.34 -48.06
CA LEU C 333 -79.72 51.50 -47.33
C LEU C 333 -79.24 52.80 -47.96
N LYS C 334 -78.13 52.71 -48.69
CA LYS C 334 -77.59 53.84 -49.43
C LYS C 334 -77.38 55.07 -48.56
N PRO C 335 -76.40 55.00 -47.65
CA PRO C 335 -76.07 56.16 -46.79
C PRO C 335 -75.42 57.28 -47.59
N GLU C 336 -75.51 58.50 -47.09
CA GLU C 336 -74.97 59.66 -47.80
C GLU C 336 -73.66 60.12 -47.19
N ASN C 337 -72.86 60.83 -47.97
CA ASN C 337 -71.64 61.45 -47.48
C ASN C 337 -70.58 60.45 -47.04
N VAL C 338 -70.64 59.24 -47.57
CA VAL C 338 -69.67 58.20 -47.21
C VAL C 338 -69.18 57.43 -48.42
N GLU C 339 -67.91 57.04 -48.39
CA GLU C 339 -67.34 56.15 -49.40
C GLU C 339 -66.73 54.93 -48.73
N ILE C 340 -67.23 53.74 -49.08
CA ILE C 340 -66.81 52.52 -48.41
C ILE C 340 -66.13 51.53 -49.35
N HIS C 341 -64.97 51.04 -48.95
CA HIS C 341 -64.27 49.99 -49.68
C HIS C 341 -64.33 48.69 -48.91
N PHE C 342 -64.88 47.66 -49.53
CA PHE C 342 -64.97 46.35 -48.90
C PHE C 342 -63.86 45.45 -49.39
N LEU C 343 -62.90 45.15 -48.51
CA LEU C 343 -61.70 44.43 -48.92
C LEU C 343 -61.54 43.10 -48.19
N SER C 344 -61.03 42.10 -48.89
CA SER C 344 -60.71 40.81 -48.30
C SER C 344 -59.72 40.03 -49.15
N ALA C 345 -58.56 39.75 -48.58
CA ALA C 345 -57.58 38.91 -49.25
C ALA C 345 -57.92 37.44 -49.02
N VAL C 346 -58.60 36.84 -50.00
CA VAL C 346 -59.12 35.50 -49.85
C VAL C 346 -58.17 34.43 -50.38
N CYS C 347 -57.99 33.37 -49.59
CA CYS C 347 -57.15 32.25 -50.00
C CYS C 347 -57.42 31.04 -49.12
N GLU C 348 -56.64 29.98 -49.32
CA GLU C 348 -56.81 28.75 -48.56
C GLU C 348 -55.46 28.30 -48.03
N ASN C 349 -55.41 27.94 -46.76
CA ASN C 349 -54.17 27.56 -46.11
C ASN C 349 -54.06 26.04 -46.00
N MET C 350 -53.38 25.43 -46.96
CA MET C 350 -53.34 23.98 -47.09
C MET C 350 -51.93 23.42 -46.95
N VAL C 351 -51.83 22.11 -46.85
CA VAL C 351 -50.53 21.44 -46.79
C VAL C 351 -50.22 20.80 -48.15
N SER C 352 -49.09 21.20 -48.73
CA SER C 352 -48.72 20.74 -50.05
C SER C 352 -47.23 20.91 -50.29
N LYS C 353 -46.74 20.39 -51.41
CA LYS C 353 -45.35 20.59 -51.81
C LYS C 353 -45.10 22.05 -52.17
N ASN C 354 -46.16 22.78 -52.45
CA ASN C 354 -46.06 24.18 -52.86
C ASN C 354 -46.30 25.14 -51.70
N SER C 355 -46.62 24.60 -50.53
CA SER C 355 -46.89 25.40 -49.35
C SER C 355 -45.65 26.14 -48.85
N TYR C 356 -45.86 27.24 -48.17
CA TYR C 356 -44.75 27.96 -47.55
C TYR C 356 -44.41 27.29 -46.22
N ARG C 357 -43.16 27.42 -45.79
CA ARG C 357 -42.69 26.66 -44.65
C ARG C 357 -42.49 27.52 -43.40
N PRO C 358 -42.56 26.88 -42.23
CA PRO C 358 -42.15 27.52 -40.98
C PRO C 358 -40.67 27.89 -41.07
N GLY C 359 -40.35 29.16 -40.82
CA GLY C 359 -38.98 29.62 -40.94
C GLY C 359 -38.77 30.45 -42.19
N ASP C 360 -39.67 30.27 -43.16
CA ASP C 360 -39.61 31.03 -44.41
C ASP C 360 -39.67 32.53 -44.15
N ILE C 361 -38.83 33.28 -44.86
CA ILE C 361 -38.86 34.73 -44.77
C ILE C 361 -39.47 35.33 -46.03
N ILE C 362 -40.52 36.14 -45.85
CA ILE C 362 -41.27 36.69 -46.96
C ILE C 362 -41.31 38.22 -46.91
N THR C 363 -41.59 38.83 -48.06
CA THR C 363 -41.60 40.28 -48.17
C THR C 363 -43.01 40.81 -48.42
N ALA C 364 -43.45 41.74 -47.56
CA ALA C 364 -44.77 42.34 -47.70
C ALA C 364 -44.77 43.43 -48.77
N SER C 365 -45.96 43.87 -49.16
CA SER C 365 -46.11 44.85 -50.23
C SER C 365 -45.53 46.22 -49.84
N ASN C 366 -45.34 46.44 -48.55
CA ASN C 366 -44.75 47.69 -48.07
C ASN C 366 -43.24 47.57 -47.88
N GLY C 367 -42.69 46.43 -48.30
CA GLY C 367 -41.25 46.22 -48.25
C GLY C 367 -40.74 45.50 -47.02
N LYS C 368 -41.57 45.43 -45.98
CA LYS C 368 -41.17 44.80 -44.72
C LYS C 368 -40.98 43.29 -44.87
N THR C 369 -39.83 42.79 -44.43
CA THR C 369 -39.56 41.36 -44.46
C THR C 369 -40.06 40.70 -43.18
N ILE C 370 -40.65 39.52 -43.32
CA ILE C 370 -41.28 38.83 -42.19
C ILE C 370 -40.77 37.41 -42.05
N GLU C 371 -40.38 37.02 -40.85
CA GLU C 371 -39.99 35.64 -40.59
C GLU C 371 -41.18 34.84 -40.08
N VAL C 372 -41.60 33.85 -40.88
CA VAL C 372 -42.73 33.01 -40.51
C VAL C 372 -42.30 32.00 -39.45
N GLY C 373 -42.92 32.10 -38.26
CA GLY C 373 -42.62 31.18 -37.18
C GLY C 373 -43.68 30.11 -37.03
N ASN C 374 -44.83 30.35 -37.64
CA ASN C 374 -45.95 29.42 -37.57
C ASN C 374 -46.92 29.65 -38.71
N THR C 375 -47.04 28.66 -39.59
CA THR C 375 -47.89 28.77 -40.77
C THR C 375 -49.36 28.87 -40.39
N ASP C 376 -49.66 28.60 -39.12
CA ASP C 376 -51.03 28.65 -38.65
C ASP C 376 -51.40 30.07 -38.23
N ALA C 377 -50.41 30.95 -38.20
CA ALA C 377 -50.66 32.38 -37.98
C ALA C 377 -50.75 33.11 -39.31
N GLU C 378 -51.50 32.54 -40.24
CA GLU C 378 -51.56 33.05 -41.61
C GLU C 378 -52.46 34.27 -41.75
N GLY C 379 -53.43 34.39 -40.84
CA GLY C 379 -54.41 35.45 -40.91
C GLY C 379 -53.77 36.83 -40.90
N ARG C 380 -52.87 37.06 -39.95
CA ARG C 380 -52.21 38.34 -39.81
C ARG C 380 -51.32 38.62 -41.03
N LEU C 381 -50.86 37.56 -41.67
CA LEU C 381 -50.05 37.68 -42.89
C LEU C 381 -50.87 38.20 -44.06
N THR C 382 -52.06 37.65 -44.23
CA THR C 382 -52.95 38.09 -45.31
C THR C 382 -53.47 39.49 -45.01
N LEU C 383 -53.78 39.74 -43.75
CA LEU C 383 -54.27 41.04 -43.31
C LEU C 383 -53.20 42.11 -43.49
N ALA C 384 -51.93 41.71 -43.34
CA ALA C 384 -50.81 42.63 -43.47
C ALA C 384 -50.80 43.31 -44.84
N ASP C 385 -50.89 42.50 -45.90
CA ASP C 385 -50.90 43.04 -47.26
C ASP C 385 -52.20 43.76 -47.55
N ALA C 386 -53.29 43.32 -46.92
CA ALA C 386 -54.59 43.94 -47.09
C ALA C 386 -54.65 45.32 -46.44
N LEU C 387 -54.01 45.46 -45.29
CA LEU C 387 -53.98 46.73 -44.57
C LEU C 387 -53.18 47.76 -45.34
N VAL C 388 -52.09 47.29 -45.96
CA VAL C 388 -51.27 48.15 -46.80
C VAL C 388 -52.04 48.64 -48.02
N TYR C 389 -52.79 47.74 -48.63
CA TYR C 389 -53.61 48.07 -49.80
C TYR C 389 -54.68 49.08 -49.38
N ALA C 390 -55.24 48.87 -48.20
CA ALA C 390 -56.28 49.75 -47.68
C ALA C 390 -55.78 51.19 -47.53
N GLU C 391 -54.61 51.35 -46.91
CA GLU C 391 -54.05 52.67 -46.67
C GLU C 391 -53.68 53.39 -47.97
N LYS C 392 -53.38 52.63 -49.02
CA LYS C 392 -53.03 53.23 -50.30
C LYS C 392 -54.24 53.84 -50.99
N LEU C 393 -55.43 53.48 -50.52
CA LEU C 393 -56.66 54.06 -51.05
C LEU C 393 -56.91 55.47 -50.52
N GLY C 394 -56.11 55.87 -49.53
CA GLY C 394 -56.26 57.18 -48.92
C GLY C 394 -57.59 57.27 -48.20
N VAL C 395 -57.77 56.40 -47.21
CA VAL C 395 -59.02 56.33 -46.47
C VAL C 395 -58.89 57.03 -45.12
N ASP C 396 -60.03 57.29 -44.49
CA ASP C 396 -60.04 57.95 -43.18
C ASP C 396 -59.94 56.93 -42.05
N TYR C 397 -60.63 55.81 -42.24
CA TYR C 397 -60.63 54.74 -41.24
C TYR C 397 -60.36 53.39 -41.89
N ILE C 398 -59.50 52.61 -41.25
CA ILE C 398 -59.31 51.22 -41.66
C ILE C 398 -59.75 50.34 -40.51
N VAL C 399 -60.76 49.51 -40.76
CA VAL C 399 -61.26 48.58 -39.76
C VAL C 399 -61.24 47.17 -40.30
N ASP C 400 -60.49 46.29 -39.64
CA ASP C 400 -60.45 44.90 -40.03
C ASP C 400 -61.20 44.05 -39.02
N ILE C 401 -61.79 42.96 -39.49
CA ILE C 401 -62.50 42.03 -38.63
C ILE C 401 -62.12 40.60 -39.01
N ALA C 402 -61.70 39.82 -38.03
CA ALA C 402 -61.15 38.50 -38.32
C ALA C 402 -61.19 37.55 -37.14
N THR C 403 -61.35 36.27 -37.44
CA THR C 403 -61.22 35.21 -36.45
C THR C 403 -59.75 34.89 -36.28
N LEU C 404 -59.04 35.77 -35.57
CA LEU C 404 -57.59 35.79 -35.60
C LEU C 404 -56.94 34.89 -34.55
N THR C 405 -57.40 34.98 -33.31
CA THR C 405 -56.74 34.27 -32.21
C THR C 405 -57.71 33.48 -31.35
N GLY C 406 -57.36 32.21 -31.12
CA GLY C 406 -58.15 31.34 -30.26
C GLY C 406 -58.07 31.81 -28.82
N ALA C 407 -57.07 32.64 -28.53
CA ALA C 407 -56.87 33.17 -27.19
C ALA C 407 -58.08 34.00 -26.74
N MET C 408 -58.86 34.46 -27.72
CA MET C 408 -60.08 35.22 -27.43
C MET C 408 -61.06 34.42 -26.59
N LEU C 409 -61.07 33.10 -26.77
CA LEU C 409 -61.93 32.21 -26.00
C LEU C 409 -61.57 32.18 -24.52
N TYR C 410 -60.33 32.53 -24.21
CA TYR C 410 -59.84 32.50 -22.83
C TYR C 410 -59.89 33.89 -22.20
N SER C 411 -60.06 34.91 -23.03
CA SER C 411 -60.09 36.28 -22.55
C SER C 411 -61.52 36.79 -22.38
N LEU C 412 -62.28 36.82 -23.48
CA LEU C 412 -63.62 37.38 -23.48
C LEU C 412 -64.70 36.31 -23.62
N GLY C 413 -64.33 35.15 -24.15
CA GLY C 413 -65.26 34.05 -24.29
C GLY C 413 -66.03 34.06 -25.60
N THR C 414 -67.29 33.64 -25.55
CA THR C 414 -68.08 33.42 -26.76
C THR C 414 -69.13 34.51 -27.01
N SER C 415 -69.27 35.46 -26.09
CA SER C 415 -70.30 36.49 -26.21
C SER C 415 -69.74 37.82 -26.70
N TYR C 416 -68.61 38.23 -26.13
CA TYR C 416 -68.02 39.53 -26.46
C TYR C 416 -66.81 39.40 -27.40
N ALA C 417 -66.81 40.19 -28.47
CA ALA C 417 -65.65 40.28 -29.33
C ALA C 417 -64.66 41.30 -28.78
N GLY C 418 -63.40 41.19 -29.20
CA GLY C 418 -62.37 42.12 -28.77
C GLY C 418 -62.01 43.12 -29.85
N VAL C 419 -61.83 44.37 -29.45
CA VAL C 419 -61.44 45.42 -30.40
C VAL C 419 -60.11 46.06 -30.02
N PHE C 420 -59.22 46.16 -31.01
CA PHE C 420 -57.93 46.82 -30.83
C PHE C 420 -57.80 47.96 -31.83
N GLY C 421 -56.88 48.88 -31.58
CA GLY C 421 -56.69 50.00 -32.48
C GLY C 421 -55.56 50.94 -32.10
N ASN C 422 -55.28 51.90 -32.98
CA ASN C 422 -54.25 52.90 -32.75
C ASN C 422 -54.83 54.29 -32.55
N ASN C 423 -56.16 54.36 -32.45
CA ASN C 423 -56.86 55.63 -32.36
C ASN C 423 -58.04 55.59 -31.39
N GLU C 424 -57.97 56.41 -30.36
CA GLU C 424 -58.96 56.40 -29.29
C GLU C 424 -60.36 56.71 -29.83
N GLU C 425 -60.44 57.66 -30.76
CA GLU C 425 -61.72 58.07 -31.32
C GLU C 425 -62.41 56.98 -32.14
N LEU C 426 -61.64 56.29 -32.97
CA LEU C 426 -62.18 55.21 -33.81
C LEU C 426 -62.72 54.07 -32.97
N ILE C 427 -62.01 53.73 -31.90
CA ILE C 427 -62.43 52.67 -31.01
C ILE C 427 -63.78 52.98 -30.36
N ASN C 428 -63.98 54.22 -29.93
CA ASN C 428 -65.24 54.60 -29.30
C ASN C 428 -66.40 54.49 -30.29
N LYS C 429 -66.12 54.79 -31.55
CA LYS C 429 -67.11 54.67 -32.60
C LYS C 429 -67.52 53.21 -32.74
N ILE C 430 -66.54 52.31 -32.66
CA ILE C 430 -66.81 50.89 -32.73
C ILE C 430 -67.63 50.44 -31.52
N LEU C 431 -67.24 50.93 -30.34
CA LEU C 431 -67.94 50.59 -29.11
C LEU C 431 -69.37 51.10 -29.12
N GLN C 432 -69.54 52.32 -29.61
CA GLN C 432 -70.85 52.94 -29.72
C GLN C 432 -71.70 52.17 -30.73
N SER C 433 -71.08 51.82 -31.86
CA SER C 433 -71.74 51.01 -32.89
C SER C 433 -72.15 49.65 -32.34
N SER C 434 -71.34 49.13 -31.42
CA SER C 434 -71.63 47.87 -30.76
C SER C 434 -72.89 47.97 -29.92
N LYS C 435 -73.06 49.11 -29.26
CA LYS C 435 -74.21 49.34 -28.39
C LYS C 435 -75.51 49.41 -29.17
N THR C 436 -75.49 50.13 -30.29
CA THR C 436 -76.71 50.34 -31.07
C THR C 436 -77.02 49.13 -31.95
N SER C 437 -76.00 48.35 -32.27
CA SER C 437 -76.21 47.13 -33.07
C SER C 437 -76.47 45.95 -32.16
N ASN C 438 -76.15 46.12 -30.87
CA ASN C 438 -76.30 45.06 -29.88
C ASN C 438 -75.45 43.82 -30.17
N GLU C 439 -74.32 44.04 -30.84
CA GLU C 439 -73.31 43.01 -30.97
C GLU C 439 -72.13 43.35 -30.07
N PRO C 440 -72.08 42.72 -28.89
CA PRO C 440 -71.15 43.07 -27.81
C PRO C 440 -69.68 43.03 -28.19
N VAL C 441 -68.95 44.08 -27.83
CA VAL C 441 -67.52 44.19 -28.09
C VAL C 441 -66.84 44.84 -26.89
N TRP C 442 -65.66 44.35 -26.53
CA TRP C 442 -64.91 44.91 -25.42
C TRP C 442 -63.53 45.40 -25.86
N TRP C 443 -63.12 46.53 -25.34
CA TRP C 443 -61.86 47.16 -25.71
C TRP C 443 -60.67 46.48 -25.03
N LEU C 444 -59.74 45.96 -25.84
CA LEU C 444 -58.54 45.33 -25.31
C LEU C 444 -57.29 46.13 -25.70
N PRO C 445 -56.28 46.12 -24.83
CA PRO C 445 -55.09 46.95 -24.97
C PRO C 445 -54.03 46.37 -25.90
N ILE C 446 -53.39 47.23 -26.69
CA ILE C 446 -52.20 46.86 -27.43
C ILE C 446 -50.98 47.23 -26.61
N ILE C 447 -50.46 46.26 -25.87
CA ILE C 447 -49.37 46.50 -24.93
C ILE C 447 -48.03 46.53 -25.67
N ASN C 448 -47.46 47.74 -25.77
CA ASN C 448 -46.24 47.96 -26.55
C ASN C 448 -45.01 47.25 -26.01
N GLU C 449 -45.02 46.89 -24.73
CA GLU C 449 -43.89 46.22 -24.11
C GLU C 449 -43.61 44.87 -24.76
N TYR C 450 -44.62 44.32 -25.42
CA TYR C 450 -44.51 43.02 -26.08
C TYR C 450 -43.90 43.11 -27.47
N ARG C 451 -43.77 44.33 -27.99
CA ARG C 451 -43.30 44.55 -29.35
C ARG C 451 -41.93 43.92 -29.61
N ALA C 452 -41.09 43.90 -28.58
CA ALA C 452 -39.73 43.39 -28.70
C ALA C 452 -39.67 41.90 -29.00
N THR C 453 -40.73 41.17 -28.64
CA THR C 453 -40.77 39.74 -28.90
C THR C 453 -40.95 39.44 -30.38
N LEU C 454 -41.31 40.47 -31.14
CA LEU C 454 -41.51 40.32 -32.58
C LEU C 454 -40.24 40.72 -33.35
N ASN C 455 -39.19 41.07 -32.60
CA ASN C 455 -37.92 41.42 -33.21
C ASN C 455 -37.19 40.20 -33.77
N SER C 456 -37.14 40.11 -35.10
CA SER C 456 -36.49 38.98 -35.76
C SER C 456 -34.98 39.19 -35.83
N LYS C 457 -34.25 38.08 -35.82
CA LYS C 457 -32.79 38.13 -35.87
C LYS C 457 -32.30 38.46 -37.28
N TYR C 458 -33.05 38.04 -38.29
CA TYR C 458 -32.63 38.21 -39.68
C TYR C 458 -33.58 39.08 -40.49
N ALA C 459 -34.88 38.90 -40.27
CA ALA C 459 -35.89 39.69 -40.98
C ALA C 459 -36.21 40.95 -40.19
N ASP C 460 -36.98 41.85 -40.82
CA ASP C 460 -37.39 43.09 -40.15
C ASP C 460 -38.26 42.79 -38.93
N ILE C 461 -39.11 41.77 -39.05
CA ILE C 461 -40.06 41.48 -37.99
C ILE C 461 -40.46 40.01 -37.96
N ASN C 462 -40.79 39.52 -36.77
CA ASN C 462 -41.30 38.17 -36.58
C ASN C 462 -42.80 38.10 -36.77
N GLN C 463 -43.27 37.00 -37.34
CA GLN C 463 -44.71 36.77 -37.50
C GLN C 463 -45.38 36.61 -36.14
N ILE C 464 -44.75 35.83 -35.28
CA ILE C 464 -45.29 35.53 -33.95
C ILE C 464 -44.25 35.71 -32.86
N SER C 465 -44.70 35.66 -31.62
CA SER C 465 -43.81 35.69 -30.47
C SER C 465 -43.49 34.26 -30.05
N SER C 466 -42.28 34.06 -29.52
CA SER C 466 -41.87 32.74 -29.04
C SER C 466 -42.24 32.55 -27.58
N SER C 467 -42.27 33.64 -26.83
CA SER C 467 -42.52 33.60 -25.39
C SER C 467 -43.96 33.97 -25.02
N VAL C 468 -44.35 35.20 -25.32
CA VAL C 468 -45.65 35.76 -24.92
C VAL C 468 -46.84 34.90 -25.34
N LYS C 469 -47.70 34.60 -24.36
CA LYS C 469 -48.89 33.78 -24.60
C LYS C 469 -50.12 34.64 -24.87
N ALA C 470 -49.96 35.95 -24.77
CA ALA C 470 -51.03 36.90 -25.07
C ALA C 470 -51.21 37.04 -26.57
N SER C 471 -51.72 35.99 -27.21
CA SER C 471 -51.77 35.90 -28.67
C SER C 471 -52.54 37.05 -29.32
N SER C 472 -53.65 37.45 -28.71
CA SER C 472 -54.49 38.50 -29.28
C SER C 472 -53.80 39.86 -29.31
N ILE C 473 -53.03 40.16 -28.27
CA ILE C 473 -52.30 41.42 -28.20
C ILE C 473 -51.08 41.40 -29.13
N VAL C 474 -50.36 40.29 -29.13
CA VAL C 474 -49.19 40.13 -29.98
C VAL C 474 -49.56 40.23 -31.45
N ALA C 475 -50.66 39.58 -31.82
CA ALA C 475 -51.13 39.63 -33.21
C ALA C 475 -51.48 41.04 -33.63
N SER C 476 -52.11 41.78 -32.71
CA SER C 476 -52.46 43.18 -32.94
C SER C 476 -51.21 44.05 -33.13
N LEU C 477 -50.16 43.74 -32.37
CA LEU C 477 -48.89 44.45 -32.50
C LEU C 477 -48.31 44.25 -33.89
N PHE C 478 -48.45 43.05 -34.42
CA PHE C 478 -48.01 42.74 -35.77
C PHE C 478 -48.71 43.60 -36.81
N LEU C 479 -50.04 43.60 -36.76
CA LEU C 479 -50.86 44.33 -37.73
C LEU C 479 -50.57 45.83 -37.71
N LYS C 480 -50.35 46.37 -36.51
CA LYS C 480 -50.10 47.80 -36.35
C LYS C 480 -48.84 48.24 -37.10
N GLU C 481 -47.96 47.30 -37.38
CA GLU C 481 -46.71 47.59 -38.09
C GLU C 481 -46.96 47.80 -39.59
N PHE C 482 -48.22 47.64 -40.01
CA PHE C 482 -48.57 47.76 -41.41
C PHE C 482 -49.61 48.86 -41.64
N VAL C 483 -49.78 49.72 -40.64
CA VAL C 483 -50.59 50.92 -40.77
C VAL C 483 -49.76 52.12 -40.34
N GLN C 484 -49.27 52.87 -41.33
CA GLN C 484 -48.29 53.93 -41.08
C GLN C 484 -48.88 55.21 -40.50
N ASN C 485 -49.92 55.72 -41.13
CA ASN C 485 -50.46 57.02 -40.74
C ASN C 485 -51.97 57.14 -40.93
N THR C 486 -52.70 56.13 -40.51
CA THR C 486 -54.15 56.15 -40.62
C THR C 486 -54.82 55.56 -39.37
N ALA C 487 -55.96 56.13 -39.01
CA ALA C 487 -56.75 55.60 -37.90
C ALA C 487 -57.18 54.18 -38.20
N TRP C 488 -56.84 53.25 -37.32
CA TRP C 488 -57.08 51.83 -37.57
C TRP C 488 -57.58 51.10 -36.34
N ALA C 489 -58.57 50.23 -36.55
CA ALA C 489 -59.11 49.40 -35.48
C ALA C 489 -59.19 47.95 -35.95
N HIS C 490 -59.08 47.03 -34.99
CA HIS C 490 -59.06 45.61 -35.30
C HIS C 490 -60.02 44.86 -34.40
N ILE C 491 -61.00 44.19 -34.99
CA ILE C 491 -61.97 43.44 -34.22
C ILE C 491 -61.72 41.94 -34.34
N ASP C 492 -61.37 41.31 -33.22
CA ASP C 492 -61.11 39.88 -33.19
C ASP C 492 -62.37 39.13 -32.79
N ILE C 493 -62.98 38.45 -33.75
CA ILE C 493 -64.25 37.77 -33.53
C ILE C 493 -64.09 36.25 -33.53
N ALA C 494 -62.89 35.78 -33.22
CA ALA C 494 -62.61 34.35 -33.22
C ALA C 494 -63.51 33.59 -32.26
N GLY C 495 -63.76 34.16 -31.10
CA GLY C 495 -64.52 33.49 -30.06
C GLY C 495 -66.03 33.59 -30.19
N VAL C 496 -66.50 34.62 -30.90
CA VAL C 496 -67.93 34.89 -30.98
C VAL C 496 -68.54 34.51 -32.33
N SER C 497 -67.68 34.21 -33.29
CA SER C 497 -68.13 33.93 -34.66
C SER C 497 -69.07 32.74 -34.75
N TRP C 498 -68.69 31.62 -34.12
CA TRP C 498 -69.48 30.40 -34.22
C TRP C 498 -70.31 30.17 -32.97
N ASN C 499 -71.59 29.86 -33.16
CA ASN C 499 -72.48 29.50 -32.06
C ASN C 499 -72.40 28.01 -31.79
N PHE C 500 -71.60 27.63 -30.80
CA PHE C 500 -71.32 26.22 -30.53
C PHE C 500 -72.56 25.47 -30.04
N LYS C 501 -73.38 26.12 -29.23
CA LYS C 501 -74.59 25.50 -28.71
C LYS C 501 -75.61 25.24 -29.81
N ALA C 502 -75.76 26.18 -30.74
CA ALA C 502 -76.75 26.07 -31.80
C ALA C 502 -76.15 25.41 -33.03
N ARG C 503 -74.84 25.21 -33.00
CA ARG C 503 -74.09 24.59 -34.08
C ARG C 503 -74.22 25.35 -35.40
N LYS C 504 -74.13 26.68 -35.34
CA LYS C 504 -74.25 27.50 -36.54
C LYS C 504 -73.57 28.83 -36.32
N PRO C 505 -73.28 29.54 -37.42
CA PRO C 505 -72.64 30.85 -37.34
C PRO C 505 -73.58 31.92 -36.78
N LYS C 506 -73.02 33.03 -36.31
CA LYS C 506 -73.82 34.12 -35.79
C LYS C 506 -73.98 35.21 -36.84
N GLY C 507 -73.06 35.23 -37.80
CA GLY C 507 -72.99 36.33 -38.75
C GLY C 507 -72.59 37.58 -38.01
N PHE C 508 -71.74 37.40 -37.00
CA PHE C 508 -71.32 38.49 -36.13
C PHE C 508 -70.52 39.53 -36.90
N GLY C 509 -70.85 40.80 -36.70
CA GLY C 509 -70.07 41.89 -37.27
C GLY C 509 -70.79 42.67 -38.36
N VAL C 510 -71.77 42.05 -38.99
CA VAL C 510 -72.49 42.70 -40.09
C VAL C 510 -73.24 43.94 -39.61
N ARG C 511 -74.03 43.78 -38.56
CA ARG C 511 -74.81 44.88 -38.01
C ARG C 511 -73.92 45.90 -37.31
N LEU C 512 -72.85 45.41 -36.69
CA LEU C 512 -71.88 46.27 -36.03
C LEU C 512 -71.23 47.24 -37.03
N LEU C 513 -70.76 46.70 -38.15
CA LEU C 513 -70.08 47.50 -39.16
C LEU C 513 -71.04 48.43 -39.89
N THR C 514 -72.27 47.96 -40.12
CA THR C 514 -73.27 48.77 -40.82
C THR C 514 -73.66 49.98 -39.98
N GLU C 515 -73.89 49.76 -38.69
CA GLU C 515 -74.18 50.84 -37.77
C GLU C 515 -73.01 51.82 -37.71
N PHE C 516 -71.80 51.29 -37.81
CA PHE C 516 -70.60 52.09 -37.81
C PHE C 516 -70.55 53.01 -39.03
N VAL C 517 -70.87 52.45 -40.20
CA VAL C 517 -70.88 53.22 -41.44
C VAL C 517 -72.03 54.22 -41.45
N LEU C 518 -73.16 53.84 -40.88
CA LEU C 518 -74.37 54.67 -40.90
C LEU C 518 -74.31 55.79 -39.87
N ASN C 519 -73.80 55.50 -38.67
CA ASN C 519 -73.77 56.49 -37.60
C ASN C 519 -72.56 57.42 -37.76
N ASP C 520 -71.82 57.20 -38.84
CA ASP C 520 -70.66 58.01 -39.22
C ASP C 520 -70.96 58.84 -40.47
N ALA D 2 -48.17 34.89 18.22
CA ALA D 2 -47.24 34.04 17.49
C ALA D 2 -47.38 32.58 17.89
N SER D 3 -47.83 31.76 16.93
CA SER D 3 -48.00 30.33 17.18
C SER D 3 -46.73 29.56 16.81
N GLU D 4 -46.61 28.35 17.33
CA GLU D 4 -45.44 27.52 17.05
C GLU D 4 -45.59 26.79 15.72
N VAL D 5 -44.58 26.94 14.86
CA VAL D 5 -44.59 26.29 13.56
C VAL D 5 -44.20 24.82 13.67
N PRO D 6 -45.10 23.93 13.22
CA PRO D 6 -44.84 22.48 13.27
C PRO D 6 -43.73 22.06 12.32
N GLN D 7 -42.98 21.03 12.70
CA GLN D 7 -41.89 20.53 11.88
C GLN D 7 -42.01 19.03 11.61
N VAL D 8 -41.42 18.59 10.52
CA VAL D 8 -41.29 17.17 10.25
C VAL D 8 -39.92 16.73 10.73
N VAL D 9 -38.92 17.55 10.45
CA VAL D 9 -37.57 17.37 10.99
C VAL D 9 -37.11 18.64 11.68
N SER D 10 -36.08 18.52 12.53
CA SER D 10 -35.57 19.65 13.29
C SER D 10 -34.89 20.69 12.40
N LEU D 11 -34.55 20.28 11.18
CA LEU D 11 -33.85 21.16 10.25
C LEU D 11 -34.81 22.06 9.48
N ASP D 12 -36.11 21.79 9.62
CA ASP D 12 -37.14 22.61 8.98
C ASP D 12 -37.20 23.99 9.63
N PRO D 13 -37.23 25.04 8.80
CA PRO D 13 -37.28 26.43 9.29
C PRO D 13 -38.59 26.71 10.03
N THR D 14 -38.54 27.57 11.04
CA THR D 14 -39.73 27.87 11.84
C THR D 14 -40.13 29.34 11.74
N SER D 15 -39.52 30.07 10.82
CA SER D 15 -39.85 31.47 10.61
C SER D 15 -39.31 32.00 9.28
N ILE D 16 -39.97 33.02 8.75
CA ILE D 16 -39.53 33.67 7.52
C ILE D 16 -38.48 34.73 7.82
N PRO D 17 -37.28 34.59 7.24
CA PRO D 17 -36.21 35.59 7.37
C PRO D 17 -36.60 36.90 6.69
N ILE D 18 -36.61 37.99 7.45
CA ILE D 18 -37.01 39.29 6.91
C ILE D 18 -35.96 40.38 7.13
N GLU D 19 -35.61 41.06 6.03
CA GLU D 19 -34.70 42.18 6.09
C GLU D 19 -35.49 43.50 6.12
N TYR D 20 -35.42 44.21 7.24
CA TYR D 20 -36.11 45.48 7.39
C TYR D 20 -35.21 46.66 7.03
N ASN D 21 -34.03 46.69 7.66
CA ASN D 21 -33.06 47.74 7.39
C ASN D 21 -32.20 47.42 6.16
N THR D 22 -32.59 47.95 5.01
CA THR D 22 -31.87 47.68 3.77
C THR D 22 -30.88 48.79 3.43
N PRO D 23 -29.87 48.45 2.63
CA PRO D 23 -28.86 49.39 2.13
C PRO D 23 -29.48 50.61 1.45
N ILE D 24 -30.63 50.40 0.80
CA ILE D 24 -31.36 51.47 0.14
C ILE D 24 -31.73 52.56 1.13
N HIS D 25 -32.08 52.15 2.35
CA HIS D 25 -32.48 53.09 3.39
C HIS D 25 -31.29 53.94 3.83
N ASP D 26 -30.10 53.50 3.47
CA ASP D 26 -28.88 54.20 3.84
C ASP D 26 -28.38 55.13 2.73
N ILE D 27 -29.12 55.18 1.62
CA ILE D 27 -28.72 56.01 0.49
C ILE D 27 -29.18 57.45 0.66
N LYS D 28 -28.23 58.37 0.76
CA LYS D 28 -28.52 59.79 0.83
C LYS D 28 -28.82 60.34 -0.55
N VAL D 29 -30.04 60.85 -0.72
CA VAL D 29 -30.49 61.35 -2.01
C VAL D 29 -30.54 62.87 -2.07
N GLN D 30 -29.91 63.43 -3.09
CA GLN D 30 -29.91 64.88 -3.27
C GLN D 30 -30.46 65.23 -4.66
N VAL D 31 -31.37 66.19 -4.72
CA VAL D 31 -31.94 66.61 -5.99
C VAL D 31 -31.55 68.04 -6.31
N TYR D 32 -30.89 68.23 -7.45
CA TYR D 32 -30.45 69.54 -7.89
C TYR D 32 -31.18 69.95 -9.16
N ASP D 33 -31.26 71.25 -9.41
CA ASP D 33 -31.87 71.72 -10.63
C ASP D 33 -30.83 71.71 -11.76
N ILE D 34 -31.22 71.14 -12.89
CA ILE D 34 -30.32 70.94 -14.03
C ILE D 34 -29.88 72.26 -14.66
N LYS D 35 -30.68 73.31 -14.48
CA LYS D 35 -30.35 74.62 -15.04
C LYS D 35 -29.06 75.22 -14.49
N GLY D 36 -28.70 74.86 -13.26
CA GLY D 36 -27.52 75.41 -12.61
C GLY D 36 -26.21 74.78 -13.03
N GLY D 37 -26.29 73.74 -13.85
CA GLY D 37 -25.10 73.03 -14.30
C GLY D 37 -24.79 71.84 -13.40
N CYS D 38 -24.02 70.89 -13.92
CA CYS D 38 -23.71 69.67 -13.18
C CYS D 38 -22.28 69.62 -12.65
N ASN D 39 -22.14 69.20 -11.40
CA ASN D 39 -20.83 68.95 -10.82
C ASN D 39 -20.44 67.48 -10.93
N VAL D 40 -19.19 67.24 -11.30
CA VAL D 40 -18.65 65.90 -11.43
C VAL D 40 -17.42 65.81 -10.53
N GLU D 41 -17.40 64.82 -9.64
CA GLU D 41 -16.44 64.81 -8.56
C GLU D 41 -16.30 63.41 -8.00
N GLU D 42 -17.36 62.92 -7.39
CA GLU D 42 -17.32 61.59 -6.78
C GLU D 42 -18.21 60.60 -7.53
N GLY D 43 -17.82 59.33 -7.52
CA GLY D 43 -18.65 58.26 -8.04
C GLY D 43 -18.88 58.23 -9.54
N LEU D 44 -20.05 57.70 -9.92
CA LEU D 44 -20.42 57.55 -11.32
C LEU D 44 -21.55 58.51 -11.69
N THR D 45 -21.37 59.21 -12.81
CA THR D 45 -22.39 60.14 -13.30
C THR D 45 -22.95 59.68 -14.64
N ILE D 46 -24.25 59.42 -14.67
CA ILE D 46 -24.91 58.91 -15.87
C ILE D 46 -25.91 59.93 -16.42
N PHE D 47 -25.82 60.20 -17.71
CA PHE D 47 -26.74 61.10 -18.37
C PHE D 47 -27.87 60.35 -19.08
N LEU D 48 -29.11 60.73 -18.79
CA LEU D 48 -30.25 60.16 -19.51
C LEU D 48 -30.57 61.03 -20.72
N VAL D 49 -30.24 60.51 -21.90
CA VAL D 49 -30.37 61.29 -23.12
C VAL D 49 -31.19 60.57 -24.17
N ASN D 50 -31.92 61.32 -24.97
CA ASN D 50 -32.67 60.77 -26.09
C ASN D 50 -32.40 61.53 -27.38
N ASN D 51 -33.03 61.09 -28.47
CA ASN D 51 -32.94 61.81 -29.73
C ASN D 51 -34.25 61.72 -30.49
N PRO D 52 -35.17 62.66 -30.20
CA PRO D 52 -36.51 62.72 -30.79
C PRO D 52 -36.50 62.79 -32.31
N GLY D 53 -37.21 61.87 -32.96
CA GLY D 53 -37.31 61.85 -34.40
C GLY D 53 -36.29 60.91 -35.02
N LYS D 54 -35.01 61.20 -34.78
CA LYS D 54 -33.93 60.38 -35.31
C LYS D 54 -33.74 59.13 -34.47
N GLU D 55 -34.44 58.06 -34.84
CA GLU D 55 -34.34 56.82 -34.07
C GLU D 55 -32.94 56.26 -34.17
N ASN D 56 -32.59 55.38 -33.23
CA ASN D 56 -31.21 55.16 -32.80
C ASN D 56 -30.25 56.28 -33.19
N GLY D 57 -30.60 57.50 -32.81
CA GLY D 57 -29.78 58.66 -33.13
C GLY D 57 -28.54 58.77 -32.27
N PRO D 58 -27.62 59.68 -32.64
CA PRO D 58 -26.37 59.88 -31.91
C PRO D 58 -26.59 60.55 -30.55
N VAL D 59 -25.69 60.31 -29.61
CA VAL D 59 -25.76 60.91 -28.28
C VAL D 59 -25.20 62.33 -28.25
N LYS D 60 -25.99 63.25 -27.68
CA LYS D 60 -25.54 64.63 -27.51
C LYS D 60 -25.83 65.12 -26.10
N ILE D 61 -24.79 65.50 -25.37
CA ILE D 61 -24.93 65.99 -24.01
C ILE D 61 -25.08 67.50 -23.98
N SER D 62 -26.20 67.98 -23.42
CA SER D 62 -26.51 69.40 -23.46
C SER D 62 -26.11 70.13 -22.18
N SER D 63 -26.17 69.45 -21.04
CA SER D 63 -25.89 70.10 -19.77
C SER D 63 -24.43 70.55 -19.68
N LYS D 64 -24.22 71.73 -19.11
CA LYS D 64 -22.86 72.22 -18.87
C LYS D 64 -22.29 71.58 -17.62
N VAL D 65 -21.07 71.07 -17.72
CA VAL D 65 -20.41 70.41 -16.59
C VAL D 65 -19.24 71.25 -16.07
N ASN D 66 -19.27 71.54 -14.77
CA ASN D 66 -18.24 72.38 -14.14
C ASN D 66 -16.91 71.65 -13.98
N ASP D 67 -16.48 70.96 -15.04
CA ASP D 67 -15.21 70.25 -15.04
C ASP D 67 -14.65 70.18 -16.45
N LYS D 68 -13.39 70.58 -16.60
CA LYS D 68 -12.75 70.68 -17.91
C LYS D 68 -12.49 69.31 -18.53
N GLN D 69 -11.97 68.38 -17.74
CA GLN D 69 -11.64 67.04 -18.23
C GLN D 69 -12.88 66.30 -18.69
N VAL D 70 -13.94 66.37 -17.89
CA VAL D 70 -15.20 65.70 -18.21
C VAL D 70 -15.89 66.39 -19.38
N SER D 71 -15.74 67.71 -19.45
CA SER D 71 -16.35 68.50 -20.53
C SER D 71 -15.80 68.12 -21.90
N GLU D 72 -14.50 67.85 -21.97
CA GLU D 72 -13.89 67.44 -23.24
C GLU D 72 -14.42 66.08 -23.63
N PHE D 73 -14.64 65.23 -22.63
CA PHE D 73 -15.18 63.90 -22.85
C PHE D 73 -16.59 63.94 -23.44
N LEU D 74 -17.41 64.86 -22.95
CA LEU D 74 -18.80 64.92 -23.37
C LEU D 74 -19.03 65.76 -24.62
N LYS D 75 -17.94 66.18 -25.28
CA LYS D 75 -18.08 66.99 -26.49
C LYS D 75 -18.77 66.19 -27.58
N ASP D 76 -19.50 66.90 -28.45
CA ASP D 76 -20.30 66.28 -29.50
C ASP D 76 -19.50 65.30 -30.36
N GLU D 77 -18.26 65.65 -30.67
CA GLU D 77 -17.42 64.81 -31.51
C GLU D 77 -17.21 63.43 -30.90
N ASN D 78 -17.06 63.40 -29.57
CA ASN D 78 -16.87 62.13 -28.87
C ASN D 78 -18.17 61.35 -28.64
N MET D 79 -19.25 62.06 -28.32
CA MET D 79 -20.49 61.39 -27.95
C MET D 79 -21.31 60.94 -29.15
N GLU D 80 -21.03 61.52 -30.32
CA GLU D 80 -21.79 61.20 -31.52
C GLU D 80 -21.47 59.79 -32.01
N LYS D 81 -20.44 59.19 -31.45
CA LYS D 81 -20.07 57.82 -31.81
C LYS D 81 -20.96 56.81 -31.10
N PHE D 82 -21.74 57.31 -30.14
CA PHE D 82 -22.68 56.47 -29.42
C PHE D 82 -24.10 56.83 -29.85
N ASN D 83 -25.02 55.87 -29.76
CA ASN D 83 -26.39 56.12 -30.16
C ASN D 83 -27.36 55.99 -28.99
N VAL D 84 -28.59 56.46 -29.19
CA VAL D 84 -29.56 56.57 -28.11
C VAL D 84 -30.57 55.45 -28.09
N LYS D 85 -30.25 54.33 -28.72
CA LYS D 85 -31.11 53.15 -28.71
C LYS D 85 -31.50 52.80 -27.28
N LEU D 86 -32.81 52.63 -27.04
CA LEU D 86 -33.33 52.42 -25.70
C LEU D 86 -32.64 51.27 -24.97
N GLY D 87 -31.98 51.58 -23.87
CA GLY D 87 -31.30 50.58 -23.07
C GLY D 87 -29.81 50.58 -23.26
N THR D 88 -29.35 51.14 -24.38
CA THR D 88 -27.92 51.20 -24.68
C THR D 88 -27.20 52.06 -23.66
N SER D 89 -25.97 51.67 -23.32
CA SER D 89 -25.21 52.41 -22.32
C SER D 89 -23.70 52.30 -22.54
N LYS D 90 -23.01 53.36 -22.13
CA LYS D 90 -21.56 53.42 -22.20
C LYS D 90 -21.07 54.17 -20.97
N HIS D 91 -19.93 53.80 -20.42
CA HIS D 91 -19.35 54.57 -19.32
C HIS D 91 -17.85 54.36 -19.26
N PHE D 92 -17.13 55.45 -19.03
CA PHE D 92 -15.67 55.46 -18.99
C PHE D 92 -15.12 55.95 -17.65
N TYR D 93 -13.96 55.44 -17.28
CA TYR D 93 -13.27 55.88 -16.07
C TYR D 93 -12.15 56.83 -16.48
N MET D 94 -12.03 57.93 -15.75
CA MET D 94 -11.07 58.98 -16.07
C MET D 94 -10.79 59.86 -14.86
N PHE D 95 -9.82 60.75 -14.99
CA PHE D 95 -9.49 61.69 -13.92
C PHE D 95 -10.11 63.05 -14.20
N ASN D 96 -10.68 63.65 -13.16
CA ASN D 96 -11.28 64.97 -13.30
C ASN D 96 -10.22 66.05 -13.13
N ASP D 97 -10.67 67.30 -12.99
CA ASP D 97 -9.76 68.42 -12.88
C ASP D 97 -8.90 68.34 -11.63
N ASN D 98 -9.39 67.61 -10.63
CA ASN D 98 -8.69 67.45 -9.36
C ASN D 98 -7.92 66.14 -9.25
N LYS D 99 -7.68 65.50 -10.39
CA LYS D 99 -6.99 64.20 -10.41
C LYS D 99 -7.73 63.16 -9.59
N ASN D 100 -9.05 63.25 -9.56
CA ASN D 100 -9.87 62.27 -8.87
C ASN D 100 -10.43 61.28 -9.88
N SER D 101 -10.51 60.01 -9.49
CA SER D 101 -11.06 59.01 -10.41
C SER D 101 -12.58 59.16 -10.47
N VAL D 102 -13.09 59.36 -11.67
CA VAL D 102 -14.53 59.50 -11.87
C VAL D 102 -15.01 58.67 -13.06
N ALA D 103 -16.24 58.21 -12.98
CA ALA D 103 -16.85 57.45 -14.06
C ALA D 103 -17.99 58.24 -14.70
N VAL D 104 -17.98 58.35 -16.02
CA VAL D 104 -19.02 59.09 -16.71
C VAL D 104 -19.62 58.22 -17.82
N GLY D 105 -20.91 58.41 -18.07
CA GLY D 105 -21.61 57.62 -19.08
C GLY D 105 -23.01 58.10 -19.36
N TYR D 106 -23.74 57.31 -20.15
CA TYR D 106 -25.11 57.64 -20.51
C TYR D 106 -25.98 56.40 -20.60
N VAL D 107 -27.29 56.60 -20.60
CA VAL D 107 -28.24 55.53 -20.89
C VAL D 107 -29.23 56.01 -21.95
N GLY D 108 -29.34 55.26 -23.05
CA GLY D 108 -30.21 55.65 -24.14
C GLY D 108 -31.68 55.60 -23.79
N CYS D 109 -32.40 56.66 -24.13
CA CYS D 109 -33.83 56.75 -23.82
C CYS D 109 -34.67 56.78 -25.08
N GLY D 110 -34.09 56.38 -26.20
CA GLY D 110 -34.83 56.24 -27.44
C GLY D 110 -35.04 57.52 -28.23
N SER D 111 -36.02 57.50 -29.11
CA SER D 111 -36.31 58.64 -29.97
C SER D 111 -37.65 59.26 -29.59
N VAL D 112 -38.33 58.65 -28.63
CA VAL D 112 -39.60 59.18 -28.14
C VAL D 112 -39.37 60.12 -26.96
N ALA D 113 -40.07 61.25 -26.96
CA ALA D 113 -39.87 62.27 -25.93
C ALA D 113 -40.43 61.83 -24.58
N ASP D 114 -41.56 61.12 -24.60
CA ASP D 114 -42.22 60.69 -23.37
C ASP D 114 -42.08 59.19 -23.11
N LEU D 115 -41.24 58.83 -22.14
CA LEU D 115 -41.04 57.42 -21.79
C LEU D 115 -42.26 56.83 -21.09
N SER D 116 -42.57 55.58 -21.42
CA SER D 116 -43.65 54.86 -20.75
C SER D 116 -43.12 54.16 -19.51
N GLU D 117 -44.03 53.59 -18.72
CA GLU D 117 -43.65 52.86 -17.53
C GLU D 117 -42.71 51.70 -17.84
N ALA D 118 -42.98 51.00 -18.94
CA ALA D 118 -42.13 49.89 -19.35
C ALA D 118 -40.77 50.37 -19.86
N ASP D 119 -40.80 51.47 -20.62
CA ASP D 119 -39.57 52.06 -21.16
C ASP D 119 -38.63 52.50 -20.04
N MET D 120 -39.19 53.19 -19.06
CA MET D 120 -38.41 53.68 -17.91
C MET D 120 -37.81 52.50 -17.16
N LYS D 121 -38.52 51.37 -17.15
CA LYS D 121 -38.04 50.16 -16.51
C LYS D 121 -36.76 49.66 -17.18
N ARG D 122 -36.74 49.72 -18.51
CA ARG D 122 -35.58 49.28 -19.27
C ARG D 122 -34.38 50.19 -19.03
N VAL D 123 -34.65 51.47 -18.82
CA VAL D 123 -33.60 52.44 -18.53
C VAL D 123 -32.93 52.12 -17.19
N VAL D 124 -33.75 51.85 -16.17
CA VAL D 124 -33.24 51.54 -14.85
C VAL D 124 -32.42 50.26 -14.82
N LEU D 125 -32.87 49.24 -15.55
CA LEU D 125 -32.15 47.97 -15.61
C LEU D 125 -30.78 48.15 -16.24
N SER D 126 -30.70 48.99 -17.27
CA SER D 126 -29.44 49.32 -17.90
C SER D 126 -28.56 50.05 -16.90
N LEU D 127 -29.18 50.93 -16.12
CA LEU D 127 -28.50 51.68 -15.07
C LEU D 127 -28.01 50.76 -13.95
N VAL D 128 -28.89 49.87 -13.51
CA VAL D 128 -28.58 48.94 -12.42
C VAL D 128 -27.45 48.00 -12.80
N THR D 129 -27.34 47.68 -14.08
CA THR D 129 -26.27 46.81 -14.56
C THR D 129 -24.91 47.43 -14.29
N MET D 130 -24.80 48.75 -14.43
CA MET D 130 -23.55 49.43 -14.16
C MET D 130 -23.28 49.53 -12.65
N LEU D 131 -24.36 49.56 -11.87
CA LEU D 131 -24.24 49.66 -10.42
C LEU D 131 -23.77 48.33 -9.83
N HIS D 132 -24.16 47.23 -10.46
CA HIS D 132 -23.81 45.90 -9.98
C HIS D 132 -22.36 45.55 -10.35
N ASP D 133 -21.79 46.32 -11.27
CA ASP D 133 -20.40 46.10 -11.69
C ASP D 133 -19.46 47.20 -11.20
N ASN D 134 -19.91 48.04 -10.27
CA ASN D 134 -19.04 49.11 -9.77
C ASN D 134 -19.11 49.36 -8.27
N LYS D 135 -17.93 49.40 -7.64
CA LYS D 135 -17.83 49.69 -6.21
C LYS D 135 -17.70 51.20 -6.02
N LEU D 136 -18.80 51.89 -6.29
CA LEU D 136 -18.86 53.35 -6.26
C LEU D 136 -19.43 53.86 -4.96
N SER D 137 -19.05 55.07 -4.57
CA SER D 137 -19.59 55.67 -3.35
C SER D 137 -20.83 56.50 -3.67
N LYS D 138 -20.90 57.01 -4.89
CA LYS D 138 -21.99 57.89 -5.27
C LYS D 138 -22.42 57.70 -6.72
N LEU D 139 -23.73 57.72 -6.94
CA LEU D 139 -24.29 57.69 -8.29
C LEU D 139 -24.99 59.02 -8.59
N THR D 140 -24.75 59.55 -9.78
CA THR D 140 -25.39 60.78 -10.21
C THR D 140 -26.14 60.58 -11.52
N VAL D 141 -27.44 60.87 -11.49
CA VAL D 141 -28.27 60.70 -12.67
C VAL D 141 -28.69 62.06 -13.21
N VAL D 142 -28.40 62.32 -14.48
CA VAL D 142 -28.76 63.58 -15.10
C VAL D 142 -29.91 63.39 -16.07
N PHE D 143 -31.06 63.98 -15.75
CA PHE D 143 -32.24 63.85 -16.59
C PHE D 143 -32.24 64.88 -17.71
N GLU D 144 -31.82 64.46 -18.89
CA GLU D 144 -31.91 65.31 -20.06
C GLU D 144 -33.11 64.85 -20.89
N ILE D 145 -34.09 64.30 -20.19
CA ILE D 145 -35.35 63.89 -20.76
C ILE D 145 -36.47 64.48 -19.90
N ASN D 146 -37.67 64.50 -20.44
CA ASN D 146 -38.79 65.11 -19.71
C ASN D 146 -39.64 64.05 -19.00
N VAL D 147 -39.75 64.16 -17.68
CA VAL D 147 -40.56 63.24 -16.90
C VAL D 147 -41.39 63.97 -15.84
N ASP D 148 -42.59 63.49 -15.58
CA ASP D 148 -43.46 64.07 -14.57
C ASP D 148 -43.16 63.56 -13.15
N LYS D 149 -43.87 64.11 -12.17
CA LYS D 149 -43.66 63.81 -10.76
C LYS D 149 -43.82 62.31 -10.44
N ASN D 150 -44.87 61.70 -10.98
CA ASN D 150 -45.12 60.28 -10.78
C ASN D 150 -44.06 59.39 -11.42
N LEU D 151 -43.65 59.74 -12.63
CA LEU D 151 -42.67 58.95 -13.36
C LEU D 151 -41.29 59.06 -12.71
N PHE D 152 -40.99 60.24 -12.17
CA PHE D 152 -39.75 60.42 -11.44
C PHE D 152 -39.72 59.54 -10.21
N ARG D 153 -40.83 59.53 -9.47
CA ARG D 153 -40.96 58.68 -8.30
C ARG D 153 -40.89 57.22 -8.71
N PHE D 154 -41.50 56.90 -9.85
CA PHE D 154 -41.44 55.54 -10.39
C PHE D 154 -40.00 55.18 -10.72
N PHE D 155 -39.24 56.17 -11.17
CA PHE D 155 -37.82 55.99 -11.45
C PHE D 155 -37.08 55.52 -10.21
N LEU D 156 -37.27 56.26 -9.12
CA LEU D 156 -36.60 55.97 -7.85
C LEU D 156 -37.02 54.62 -7.29
N GLU D 157 -38.33 54.38 -7.24
CA GLU D 157 -38.85 53.11 -6.75
C GLU D 157 -38.25 51.94 -7.51
N THR D 158 -38.31 52.01 -8.84
CA THR D 158 -37.78 50.95 -9.68
C THR D 158 -36.27 50.82 -9.48
N LEU D 159 -35.61 51.97 -9.36
CA LEU D 159 -34.17 52.01 -9.12
C LEU D 159 -33.82 51.33 -7.79
N PHE D 160 -34.48 51.73 -6.72
CA PHE D 160 -34.27 51.14 -5.40
C PHE D 160 -34.55 49.64 -5.41
N TYR D 161 -35.69 49.27 -6.00
CA TYR D 161 -36.13 47.88 -6.00
C TYR D 161 -35.19 46.97 -6.79
N GLU D 162 -34.83 47.41 -7.99
CA GLU D 162 -33.98 46.61 -8.86
C GLU D 162 -32.54 46.58 -8.37
N TYR D 163 -32.11 47.67 -7.73
CA TYR D 163 -30.77 47.76 -7.17
C TYR D 163 -30.61 46.75 -6.04
N MET D 164 -31.64 46.62 -5.21
CA MET D 164 -31.62 45.72 -4.07
C MET D 164 -31.54 44.26 -4.49
N THR D 165 -30.68 43.49 -3.82
CA THR D 165 -30.55 42.07 -4.07
C THR D 165 -30.84 41.26 -2.81
N ASP D 166 -31.69 40.25 -2.93
CA ASP D 166 -32.09 39.43 -1.80
C ASP D 166 -31.15 38.24 -1.63
N GLU D 167 -30.44 38.20 -0.51
CA GLU D 167 -29.42 37.18 -0.26
C GLU D 167 -29.70 36.39 1.01
N ARG D 168 -30.95 36.37 1.45
CA ARG D 168 -31.34 35.71 2.69
C ARG D 168 -31.05 34.22 2.72
N PHE D 169 -31.04 33.57 1.56
CA PHE D 169 -30.86 32.12 1.52
C PHE D 169 -29.51 31.79 0.90
N LYS D 170 -28.69 32.83 0.72
CA LYS D 170 -27.35 32.68 0.17
C LYS D 170 -26.24 32.61 1.22
N SER D 171 -25.41 31.57 1.12
CA SER D 171 -24.23 31.37 1.96
C SER D 171 -23.78 29.93 1.86
N THR D 172 -22.55 29.71 1.41
CA THR D 172 -22.08 28.37 1.07
C THR D 172 -20.65 28.11 1.52
N GLU D 179 -19.55 47.63 -2.66
CA GLU D 179 -20.86 47.51 -2.04
C GLU D 179 -21.86 48.50 -2.64
N TYR D 180 -22.86 48.86 -1.85
CA TYR D 180 -23.88 49.81 -2.31
C TYR D 180 -23.41 51.25 -2.20
N ILE D 181 -23.95 52.10 -3.06
CA ILE D 181 -23.71 53.53 -3.00
C ILE D 181 -24.26 54.12 -1.70
N LYS D 182 -23.64 55.21 -1.24
CA LYS D 182 -24.10 55.88 -0.03
C LYS D 182 -24.78 57.19 -0.37
N HIS D 183 -24.65 57.61 -1.63
CA HIS D 183 -25.22 58.87 -2.09
C HIS D 183 -25.83 58.75 -3.48
N LEU D 184 -26.99 59.39 -3.67
CA LEU D 184 -27.62 59.45 -4.98
C LEU D 184 -27.94 60.89 -5.33
N GLY D 185 -27.28 61.41 -6.36
CA GLY D 185 -27.50 62.76 -6.82
C GLY D 185 -28.34 62.80 -8.08
N VAL D 186 -29.30 63.73 -8.12
CA VAL D 186 -30.20 63.84 -9.26
C VAL D 186 -30.26 65.25 -9.83
N TYR D 187 -29.89 65.41 -11.09
CA TYR D 187 -30.06 66.68 -11.77
C TYR D 187 -31.30 66.63 -12.66
N ILE D 188 -32.26 67.50 -12.37
CA ILE D 188 -33.51 67.54 -13.12
C ILE D 188 -34.05 68.97 -13.12
N ASN D 189 -35.03 69.24 -13.96
CA ASN D 189 -35.64 70.56 -14.03
C ASN D 189 -36.80 70.67 -13.05
N ASN D 190 -36.90 71.80 -12.36
CA ASN D 190 -37.87 71.98 -11.31
C ASN D 190 -37.60 71.03 -10.16
N ALA D 191 -36.34 70.95 -9.75
CA ALA D 191 -35.91 70.00 -8.74
C ALA D 191 -36.70 70.13 -7.45
N ASP D 192 -37.06 71.36 -7.11
CA ASP D 192 -37.80 71.63 -5.87
C ASP D 192 -39.15 70.92 -5.83
N THR D 193 -39.79 70.81 -6.99
CA THR D 193 -41.10 70.18 -7.07
C THR D 193 -41.02 68.66 -6.97
N TYR D 194 -39.88 68.10 -7.37
CA TYR D 194 -39.69 66.65 -7.37
C TYR D 194 -39.15 66.14 -6.04
N LYS D 195 -38.68 67.07 -5.21
CA LYS D 195 -38.02 66.72 -3.95
C LYS D 195 -38.92 65.92 -2.99
N GLU D 196 -40.20 66.25 -2.97
CA GLU D 196 -41.14 65.61 -2.05
C GLU D 196 -41.42 64.16 -2.42
N GLU D 197 -41.08 63.79 -3.65
CA GLU D 197 -41.33 62.43 -4.14
C GLU D 197 -40.30 61.43 -3.63
N VAL D 198 -39.16 61.94 -3.17
CA VAL D 198 -38.04 61.10 -2.78
C VAL D 198 -38.36 60.13 -1.65
N GLU D 199 -38.83 60.64 -0.52
CA GLU D 199 -39.09 59.81 0.65
C GLU D 199 -40.35 58.95 0.50
N LYS D 200 -41.26 59.38 -0.37
CA LYS D 200 -42.42 58.55 -0.68
C LYS D 200 -41.98 57.35 -1.51
N ALA D 201 -40.99 57.58 -2.37
CA ALA D 201 -40.41 56.51 -3.19
C ALA D 201 -39.76 55.47 -2.30
N ARG D 202 -39.05 55.91 -1.27
CA ARG D 202 -38.38 55.01 -0.34
C ARG D 202 -39.38 54.09 0.36
N VAL D 203 -40.51 54.66 0.77
CA VAL D 203 -41.55 53.89 1.46
C VAL D 203 -42.22 52.90 0.52
N TYR D 204 -42.61 53.38 -0.65
CA TYR D 204 -43.22 52.52 -1.68
C TYR D 204 -42.23 51.42 -2.08
N TYR D 205 -40.95 51.78 -2.09
CA TYR D 205 -39.89 50.82 -2.40
C TYR D 205 -39.92 49.63 -1.44
N PHE D 206 -39.92 49.90 -0.14
CA PHE D 206 -39.82 48.84 0.85
C PHE D 206 -41.10 48.04 0.93
N GLY D 207 -42.23 48.71 0.75
CA GLY D 207 -43.51 48.04 0.71
C GLY D 207 -43.52 46.99 -0.39
N THR D 208 -42.96 47.37 -1.54
CA THR D 208 -42.84 46.45 -2.67
C THR D 208 -41.82 45.35 -2.41
N TYR D 209 -40.66 45.74 -1.86
CA TYR D 209 -39.60 44.77 -1.60
C TYR D 209 -39.98 43.84 -0.47
N TYR D 210 -40.72 44.36 0.51
CA TYR D 210 -41.24 43.54 1.60
C TYR D 210 -42.10 42.40 1.07
N ALA D 211 -43.05 42.74 0.20
CA ALA D 211 -43.90 41.74 -0.42
C ALA D 211 -43.06 40.75 -1.22
N SER D 212 -42.06 41.27 -1.93
CA SER D 212 -41.13 40.45 -2.69
C SER D 212 -40.43 39.41 -1.82
N GLN D 213 -40.07 39.81 -0.59
CA GLN D 213 -39.42 38.90 0.34
C GLN D 213 -40.35 37.77 0.72
N LEU D 214 -41.63 38.11 0.91
CA LEU D 214 -42.63 37.12 1.30
C LEU D 214 -42.92 36.14 0.16
N ILE D 215 -43.00 36.65 -1.07
CA ILE D 215 -43.28 35.83 -2.23
C ILE D 215 -42.12 34.91 -2.60
N ALA D 216 -40.92 35.48 -2.68
CA ALA D 216 -39.73 34.74 -3.03
C ALA D 216 -39.41 33.65 -2.00
N ALA D 217 -39.78 33.91 -0.76
CA ALA D 217 -39.57 32.95 0.32
C ALA D 217 -40.28 31.64 0.01
N PRO D 218 -39.53 30.53 0.02
CA PRO D 218 -40.03 29.19 -0.30
C PRO D 218 -41.13 28.73 0.66
N SER D 219 -41.90 27.74 0.24
CA SER D 219 -43.07 27.30 0.99
C SER D 219 -42.72 26.64 2.31
N ASN D 220 -41.49 26.15 2.44
CA ASN D 220 -41.04 25.56 3.69
C ASN D 220 -40.68 26.62 4.73
N TYR D 221 -40.28 27.79 4.24
CA TYR D 221 -40.08 28.94 5.13
C TYR D 221 -41.40 29.70 5.30
N CYS D 222 -42.07 29.97 4.18
CA CYS D 222 -43.31 30.73 4.22
C CYS D 222 -44.53 29.81 4.20
N ASN D 223 -45.07 29.55 5.39
CA ASN D 223 -46.28 28.75 5.52
C ASN D 223 -47.34 29.54 6.30
N PRO D 224 -48.55 29.00 6.42
CA PRO D 224 -49.65 29.69 7.09
C PRO D 224 -49.31 30.19 8.50
N VAL D 225 -48.51 29.42 9.24
CA VAL D 225 -48.15 29.79 10.60
C VAL D 225 -47.06 30.86 10.61
N SER D 226 -46.01 30.65 9.81
CA SER D 226 -44.88 31.57 9.79
C SER D 226 -45.26 32.88 9.11
N LEU D 227 -46.16 32.81 8.14
CA LEU D 227 -46.57 34.00 7.41
C LEU D 227 -47.48 34.84 8.31
N SER D 228 -48.36 34.19 9.08
CA SER D 228 -49.24 34.90 10.01
C SER D 228 -48.44 35.53 11.16
N ASN D 229 -47.40 34.83 11.60
CA ASN D 229 -46.51 35.36 12.63
C ASN D 229 -45.80 36.61 12.13
N ALA D 230 -45.39 36.58 10.87
CA ALA D 230 -44.73 37.73 10.25
C ALA D 230 -45.67 38.93 10.15
N ALA D 231 -46.95 38.66 9.93
CA ALA D 231 -47.95 39.72 9.82
C ALA D 231 -48.15 40.41 11.18
N VAL D 232 -48.10 39.61 12.24
CA VAL D 232 -48.24 40.12 13.60
C VAL D 232 -47.03 40.99 13.95
N GLU D 233 -45.85 40.52 13.57
CA GLU D 233 -44.61 41.25 13.81
C GLU D 233 -44.62 42.59 13.09
N LEU D 234 -45.10 42.59 11.85
CA LEU D 234 -45.19 43.82 11.07
C LEU D 234 -46.18 44.79 11.70
N ALA D 235 -47.29 44.25 12.21
CA ALA D 235 -48.31 45.06 12.84
C ALA D 235 -47.80 45.70 14.13
N GLN D 236 -46.93 44.98 14.83
CA GLN D 236 -46.39 45.47 16.10
C GLN D 236 -45.37 46.58 15.87
N LYS D 237 -44.62 46.46 14.77
CA LYS D 237 -43.61 47.45 14.44
C LYS D 237 -44.25 48.72 13.90
N LEU D 238 -45.47 48.60 13.40
CA LEU D 238 -46.17 49.76 12.84
C LEU D 238 -47.13 50.39 13.85
N ASN D 239 -47.77 49.52 14.62
CA ASN D 239 -48.69 49.86 15.72
C ASN D 239 -50.11 49.66 15.22
N LEU D 240 -50.31 48.59 14.46
CA LEU D 240 -51.62 48.29 13.92
C LEU D 240 -52.32 47.25 14.77
N GLU D 241 -53.63 47.39 14.88
CA GLU D 241 -54.43 46.37 15.56
C GLU D 241 -54.32 45.10 14.73
N TYR D 242 -54.20 43.96 15.40
CA TYR D 242 -54.03 42.71 14.69
C TYR D 242 -54.82 41.60 15.35
N LYS D 243 -55.24 40.63 14.55
CA LYS D 243 -55.97 39.48 15.05
C LYS D 243 -55.74 38.29 14.13
N ILE D 244 -55.27 37.18 14.70
CA ILE D 244 -55.03 35.97 13.93
C ILE D 244 -56.03 34.89 14.36
N LEU D 245 -56.97 34.56 13.48
CA LEU D 245 -57.98 33.58 13.80
C LEU D 245 -57.50 32.15 13.53
N GLY D 246 -57.63 31.29 14.54
CA GLY D 246 -57.23 29.90 14.40
C GLY D 246 -58.38 29.03 13.94
N VAL D 247 -58.14 27.71 13.88
CA VAL D 247 -59.14 26.77 13.37
C VAL D 247 -60.42 26.74 14.20
N LYS D 248 -60.28 26.83 15.52
CA LYS D 248 -61.44 26.79 16.41
C LYS D 248 -62.35 27.99 16.18
N GLU D 249 -61.74 29.16 15.98
CA GLU D 249 -62.49 30.38 15.71
C GLU D 249 -63.07 30.35 14.29
N LEU D 250 -62.31 29.79 13.36
CA LEU D 250 -62.76 29.67 11.97
C LEU D 250 -63.93 28.70 11.86
N GLU D 251 -63.93 27.67 12.70
CA GLU D 251 -65.03 26.72 12.75
C GLU D 251 -66.31 27.37 13.26
N GLU D 252 -66.17 28.21 14.28
CA GLU D 252 -67.29 28.93 14.85
C GLU D 252 -67.94 29.88 13.84
N LEU D 253 -67.11 30.47 12.98
CA LEU D 253 -67.60 31.41 11.97
C LEU D 253 -68.10 30.68 10.73
N LYS D 254 -68.03 29.35 10.77
CA LYS D 254 -68.56 28.51 9.70
C LYS D 254 -67.90 28.77 8.35
N MET D 255 -66.59 28.96 8.35
CA MET D 255 -65.85 29.19 7.11
C MET D 255 -65.42 27.86 6.50
N GLY D 256 -66.39 27.14 5.95
CA GLY D 256 -66.17 25.79 5.44
C GLY D 256 -65.41 25.72 4.12
N ALA D 257 -65.57 26.75 3.29
CA ALA D 257 -64.88 26.80 2.00
C ALA D 257 -63.38 26.99 2.22
N TYR D 258 -63.04 27.95 3.08
CA TYR D 258 -61.66 28.25 3.41
C TYR D 258 -60.98 27.09 4.14
N LEU D 259 -61.71 26.47 5.07
CA LEU D 259 -61.17 25.37 5.86
C LEU D 259 -60.95 24.11 5.02
N SER D 260 -61.79 23.90 4.01
CA SER D 260 -61.71 22.71 3.18
C SER D 260 -60.39 22.61 2.40
N VAL D 261 -59.94 23.73 1.86
CA VAL D 261 -58.71 23.76 1.07
C VAL D 261 -57.49 23.35 1.88
N GLY D 262 -57.47 23.73 3.16
CA GLY D 262 -56.32 23.49 4.02
C GLY D 262 -56.37 22.21 4.82
N LYS D 263 -57.41 21.41 4.60
CA LYS D 263 -57.63 20.17 5.34
C LYS D 263 -56.45 19.21 5.23
N GLY D 264 -55.82 19.18 4.06
CA GLY D 264 -54.75 18.23 3.80
C GLY D 264 -53.37 18.71 4.20
N SER D 265 -53.30 19.88 4.84
CA SER D 265 -52.02 20.47 5.21
C SER D 265 -51.62 20.15 6.64
N MET D 266 -50.31 20.10 6.90
CA MET D 266 -49.80 19.92 8.24
C MET D 266 -49.81 21.24 9.01
N TYR D 267 -49.95 22.34 8.28
CA TYR D 267 -50.03 23.67 8.89
C TYR D 267 -51.49 24.10 9.01
N PRO D 268 -51.90 24.46 10.23
CA PRO D 268 -53.27 24.94 10.48
C PRO D 268 -53.57 26.23 9.74
N ASN D 269 -54.82 26.41 9.33
CA ASN D 269 -55.24 27.64 8.66
C ASN D 269 -55.11 28.84 9.59
N LYS D 270 -54.73 29.98 9.01
CA LYS D 270 -54.59 31.21 9.78
C LYS D 270 -55.21 32.40 9.05
N PHE D 271 -56.20 33.02 9.67
CA PHE D 271 -56.87 34.17 9.07
C PHE D 271 -56.28 35.47 9.61
N ILE D 272 -55.66 36.24 8.72
CA ILE D 272 -55.01 37.48 9.11
C ILE D 272 -55.97 38.65 9.05
N HIS D 273 -56.03 39.43 10.13
CA HIS D 273 -56.85 40.62 10.18
C HIS D 273 -56.05 41.76 10.78
N LEU D 274 -55.51 42.60 9.90
CA LEU D 274 -54.81 43.80 10.33
C LEU D 274 -55.74 44.99 10.16
N THR D 275 -55.61 45.99 11.03
CA THR D 275 -56.46 47.16 10.96
C THR D 275 -55.69 48.45 11.20
N TYR D 276 -55.85 49.40 10.28
CA TYR D 276 -55.34 50.75 10.50
C TYR D 276 -56.51 51.71 10.69
N LYS D 277 -56.53 52.40 11.83
CA LYS D 277 -57.55 53.41 12.08
C LYS D 277 -56.91 54.78 12.26
N SER D 278 -57.40 55.76 11.53
CA SER D 278 -56.85 57.11 11.60
C SER D 278 -57.20 57.77 12.92
N LYS D 279 -56.29 58.60 13.44
CA LYS D 279 -56.52 59.32 14.68
C LYS D 279 -57.42 60.52 14.40
N GLY D 280 -58.44 60.29 13.58
CA GLY D 280 -59.38 61.31 13.17
C GLY D 280 -60.73 60.68 12.92
N ASP D 281 -61.73 61.50 12.61
CA ASP D 281 -63.08 60.99 12.39
C ASP D 281 -63.13 60.14 11.13
N VAL D 282 -63.33 58.84 11.32
CA VAL D 282 -63.33 57.90 10.21
C VAL D 282 -64.43 58.25 9.21
N LYS D 283 -64.09 58.11 7.93
CA LYS D 283 -64.96 58.50 6.84
C LYS D 283 -65.22 57.31 5.93
N LYS D 284 -64.20 56.91 5.19
CA LYS D 284 -64.30 55.72 4.36
C LYS D 284 -63.62 54.52 5.03
N LYS D 285 -64.34 53.40 5.08
CA LYS D 285 -63.82 52.15 5.63
C LYS D 285 -63.54 51.20 4.48
N ILE D 286 -62.33 50.65 4.45
CA ILE D 286 -61.91 49.81 3.34
C ILE D 286 -61.36 48.47 3.80
N ALA D 287 -61.75 47.41 3.10
CA ALA D 287 -61.22 46.09 3.36
C ALA D 287 -60.39 45.63 2.17
N LEU D 288 -59.11 45.33 2.42
CA LEU D 288 -58.22 44.84 1.38
C LEU D 288 -57.97 43.36 1.59
N VAL D 289 -58.41 42.54 0.63
CA VAL D 289 -58.33 41.10 0.76
C VAL D 289 -57.32 40.51 -0.23
N GLY D 290 -56.34 39.79 0.29
CA GLY D 290 -55.33 39.18 -0.55
C GLY D 290 -55.35 37.66 -0.45
N LYS D 291 -55.25 37.00 -1.60
CA LYS D 291 -55.19 35.54 -1.62
C LYS D 291 -53.89 35.06 -0.98
N GLY D 292 -54.00 34.14 -0.03
CA GLY D 292 -52.86 33.68 0.73
C GLY D 292 -52.64 32.18 0.73
N ILE D 293 -52.32 31.61 -0.43
CA ILE D 293 -51.97 30.20 -0.52
C ILE D 293 -50.46 30.05 -0.51
N THR D 294 -49.91 29.55 0.60
CA THR D 294 -48.47 29.49 0.78
C THR D 294 -47.82 28.54 -0.22
N PHE D 295 -48.58 27.54 -0.65
CA PHE D 295 -48.17 26.70 -1.77
C PHE D 295 -49.36 26.05 -2.46
N ASP D 296 -49.38 26.12 -3.78
CA ASP D 296 -50.46 25.52 -4.57
C ASP D 296 -49.98 24.32 -5.35
N SER D 297 -50.19 23.13 -4.80
CA SER D 297 -49.86 21.89 -5.50
C SER D 297 -50.97 21.52 -6.46
N GLY D 298 -52.15 22.08 -6.23
CA GLY D 298 -53.31 21.79 -7.05
C GLY D 298 -54.26 20.83 -6.39
N GLY D 299 -53.82 20.22 -5.28
CA GLY D 299 -54.59 19.20 -4.62
C GLY D 299 -54.64 17.91 -5.41
N TYR D 300 -55.70 17.13 -5.24
CA TYR D 300 -55.87 15.88 -5.97
C TYR D 300 -55.97 16.15 -7.47
N ASN D 301 -56.37 17.37 -7.81
CA ASN D 301 -56.22 17.87 -9.17
C ASN D 301 -54.81 18.39 -9.33
N LEU D 302 -53.83 17.51 -9.12
CA LEU D 302 -52.42 17.88 -9.04
C LEU D 302 -51.92 18.59 -10.29
N LYS D 303 -51.08 19.61 -10.08
CA LYS D 303 -50.43 20.30 -11.18
C LYS D 303 -49.37 19.44 -11.82
N ALA D 304 -49.80 18.55 -12.70
CA ALA D 304 -48.90 17.60 -13.36
C ALA D 304 -48.83 17.87 -14.87
N ALA D 305 -49.78 18.65 -15.36
CA ALA D 305 -49.83 19.00 -16.78
C ALA D 305 -48.65 19.90 -17.15
N PRO D 306 -48.13 19.75 -18.37
CA PRO D 306 -47.03 20.58 -18.87
C PRO D 306 -47.40 22.06 -18.91
N GLY D 307 -46.56 22.90 -18.31
CA GLY D 307 -46.82 24.32 -18.27
C GLY D 307 -47.60 24.74 -17.04
N SER D 308 -47.80 23.80 -16.12
CA SER D 308 -48.55 24.08 -14.90
C SER D 308 -47.66 24.81 -13.89
N MET D 309 -46.35 24.77 -14.11
CA MET D 309 -45.38 25.52 -13.32
C MET D 309 -45.54 25.33 -11.82
N ILE D 310 -45.45 24.09 -11.37
CA ILE D 310 -45.67 23.76 -9.97
C ILE D 310 -44.57 24.32 -9.07
N ASP D 311 -43.38 24.51 -9.64
CA ASP D 311 -42.24 25.00 -8.87
C ASP D 311 -42.36 26.50 -8.57
N LEU D 312 -43.35 27.15 -9.19
CA LEU D 312 -43.56 28.57 -8.99
C LEU D 312 -44.62 28.85 -7.93
N MET D 313 -45.38 27.82 -7.58
CA MET D 313 -46.58 27.99 -6.78
C MET D 313 -46.35 28.37 -5.32
N LYS D 314 -45.12 28.77 -4.99
CA LYS D 314 -44.86 29.38 -3.69
C LYS D 314 -45.39 30.82 -3.72
N PHE D 315 -45.62 31.32 -4.92
CA PHE D 315 -46.03 32.71 -5.11
C PHE D 315 -47.54 32.90 -5.02
N ASP D 316 -48.25 31.83 -4.71
CA ASP D 316 -49.71 31.85 -4.70
C ASP D 316 -50.26 32.65 -3.52
N MET D 317 -49.36 33.25 -2.75
CA MET D 317 -49.72 34.14 -1.66
C MET D 317 -49.30 35.57 -2.00
N SER D 318 -49.13 35.83 -3.29
CA SER D 318 -48.74 37.14 -3.78
C SER D 318 -49.75 38.21 -3.41
N GLY D 319 -51.02 37.84 -3.42
CA GLY D 319 -52.09 38.77 -3.06
C GLY D 319 -52.00 39.21 -1.61
N CYS D 320 -51.79 38.25 -0.71
CA CYS D 320 -51.59 38.55 0.69
C CYS D 320 -50.36 39.43 0.91
N ALA D 321 -49.30 39.11 0.17
CA ALA D 321 -48.05 39.86 0.27
C ALA D 321 -48.25 41.32 -0.12
N ALA D 322 -49.06 41.54 -1.15
CA ALA D 322 -49.35 42.89 -1.62
C ALA D 322 -50.11 43.67 -0.56
N VAL D 323 -51.07 43.01 0.09
CA VAL D 323 -51.86 43.63 1.14
C VAL D 323 -51.00 44.01 2.34
N LEU D 324 -50.10 43.11 2.73
CA LEU D 324 -49.19 43.37 3.84
C LEU D 324 -48.22 44.49 3.49
N GLY D 325 -47.78 44.51 2.23
CA GLY D 325 -46.92 45.57 1.76
C GLY D 325 -47.64 46.90 1.80
N CYS D 326 -48.92 46.87 1.45
CA CYS D 326 -49.77 48.06 1.55
C CYS D 326 -49.94 48.49 3.01
N ALA D 327 -50.04 47.50 3.89
CA ALA D 327 -50.16 47.75 5.32
C ALA D 327 -48.96 48.54 5.84
N TYR D 328 -47.78 48.20 5.32
CA TYR D 328 -46.56 48.91 5.70
C TYR D 328 -46.58 50.37 5.25
N CYS D 329 -46.95 50.59 3.99
CA CYS D 329 -46.97 51.94 3.44
C CYS D 329 -47.98 52.82 4.17
N VAL D 330 -49.16 52.27 4.39
CA VAL D 330 -50.23 53.00 5.07
C VAL D 330 -49.89 53.26 6.54
N GLY D 331 -49.34 52.25 7.20
CA GLY D 331 -48.97 52.37 8.60
C GLY D 331 -47.82 53.34 8.80
N THR D 332 -47.04 53.55 7.76
CA THR D 332 -45.90 54.45 7.82
C THR D 332 -46.30 55.86 7.44
N LEU D 333 -47.12 55.99 6.40
CA LEU D 333 -47.54 57.29 5.90
C LEU D 333 -48.68 57.85 6.73
N LYS D 334 -49.42 56.95 7.37
CA LYS D 334 -50.48 57.31 8.32
C LYS D 334 -51.48 58.31 7.76
N PRO D 335 -52.33 57.86 6.81
CA PRO D 335 -53.39 58.67 6.22
C PRO D 335 -54.52 58.99 7.19
N GLU D 336 -55.26 60.05 6.93
CA GLU D 336 -56.32 60.50 7.82
C GLU D 336 -57.71 60.13 7.31
N ASN D 337 -58.68 60.09 8.22
CA ASN D 337 -60.09 59.90 7.86
C ASN D 337 -60.38 58.54 7.22
N VAL D 338 -59.53 57.56 7.49
CA VAL D 338 -59.72 56.24 6.91
C VAL D 338 -59.49 55.11 7.90
N GLU D 339 -60.28 54.04 7.76
CA GLU D 339 -60.08 52.83 8.53
C GLU D 339 -59.91 51.67 7.56
N ILE D 340 -58.77 51.01 7.63
CA ILE D 340 -58.44 49.96 6.67
C ILE D 340 -58.26 48.61 7.35
N HIS D 341 -58.91 47.58 6.81
CA HIS D 341 -58.74 46.23 7.32
C HIS D 341 -57.95 45.40 6.32
N PHE D 342 -56.83 44.86 6.76
CA PHE D 342 -55.99 44.03 5.91
C PHE D 342 -56.28 42.56 6.19
N LEU D 343 -56.90 41.89 5.23
CA LEU D 343 -57.40 40.53 5.44
C LEU D 343 -56.77 39.52 4.48
N SER D 344 -56.52 38.33 4.98
CA SER D 344 -56.03 37.23 4.15
C SER D 344 -56.27 35.88 4.83
N ALA D 345 -57.08 35.03 4.17
CA ALA D 345 -57.29 33.66 4.65
C ALA D 345 -56.16 32.76 4.15
N VAL D 346 -55.17 32.54 5.00
CA VAL D 346 -53.96 31.82 4.60
C VAL D 346 -54.04 30.33 4.89
N CYS D 347 -53.63 29.52 3.93
CA CYS D 347 -53.59 28.07 4.09
C CYS D 347 -52.71 27.43 3.03
N GLU D 348 -52.68 26.10 3.01
CA GLU D 348 -51.86 25.37 2.05
C GLU D 348 -52.67 24.28 1.37
N ASN D 349 -52.53 24.18 0.04
CA ASN D 349 -53.30 23.22 -0.74
C ASN D 349 -52.45 22.01 -1.09
N MET D 350 -52.55 20.96 -0.26
CA MET D 350 -51.67 19.82 -0.38
C MET D 350 -52.43 18.52 -0.65
N VAL D 351 -51.68 17.46 -0.95
CA VAL D 351 -52.27 16.14 -1.16
C VAL D 351 -52.03 15.25 0.05
N SER D 352 -53.11 14.73 0.62
CA SER D 352 -53.06 13.93 1.84
C SER D 352 -54.32 13.09 1.98
N LYS D 353 -54.34 12.20 2.97
CA LYS D 353 -55.54 11.43 3.27
C LYS D 353 -56.63 12.36 3.82
N ASN D 354 -56.21 13.53 4.29
CA ASN D 354 -57.12 14.49 4.89
C ASN D 354 -57.53 15.59 3.92
N SER D 355 -56.97 15.55 2.71
CA SER D 355 -57.26 16.55 1.70
C SER D 355 -58.71 16.46 1.24
N TYR D 356 -59.26 17.57 0.75
CA TYR D 356 -60.62 17.54 0.21
C TYR D 356 -60.60 17.01 -1.22
N ARG D 357 -61.71 16.41 -1.64
CA ARG D 357 -61.77 15.72 -2.92
C ARG D 357 -62.58 16.45 -3.97
N PRO D 358 -62.27 16.19 -5.25
CA PRO D 358 -63.11 16.65 -6.37
C PRO D 358 -64.52 16.09 -6.25
N GLY D 359 -65.52 16.97 -6.28
CA GLY D 359 -66.89 16.54 -6.14
C GLY D 359 -67.45 16.86 -4.77
N ASP D 360 -66.57 17.06 -3.80
CA ASP D 360 -66.98 17.41 -2.44
C ASP D 360 -67.82 18.68 -2.42
N ILE D 361 -68.89 18.65 -1.65
CA ILE D 361 -69.74 19.83 -1.49
C ILE D 361 -69.54 20.46 -0.11
N ILE D 362 -69.18 21.74 -0.11
CA ILE D 362 -68.85 22.44 1.13
C ILE D 362 -69.71 23.68 1.35
N THR D 363 -69.79 24.12 2.59
CA THR D 363 -70.65 25.26 2.96
C THR D 363 -69.86 26.48 3.41
N ALA D 364 -70.11 27.61 2.76
CA ALA D 364 -69.45 28.87 3.12
C ALA D 364 -70.12 29.52 4.33
N SER D 365 -69.46 30.54 4.88
CA SER D 365 -69.93 31.20 6.09
C SER D 365 -71.25 31.94 5.86
N ASN D 366 -71.58 32.19 4.59
CA ASN D 366 -72.83 32.85 4.25
C ASN D 366 -73.94 31.85 3.97
N GLY D 367 -73.66 30.58 4.19
CA GLY D 367 -74.65 29.54 4.04
C GLY D 367 -74.66 28.87 2.67
N LYS D 368 -74.02 29.50 1.68
CA LYS D 368 -74.00 28.96 0.34
C LYS D 368 -73.20 27.67 0.25
N THR D 369 -73.83 26.62 -0.28
CA THR D 369 -73.18 25.35 -0.48
C THR D 369 -72.50 25.32 -1.85
N ILE D 370 -71.30 24.74 -1.91
CA ILE D 370 -70.49 24.76 -3.13
C ILE D 370 -70.02 23.36 -3.55
N GLU D 371 -70.20 23.04 -4.83
CA GLU D 371 -69.69 21.78 -5.37
C GLU D 371 -68.31 21.98 -5.98
N VAL D 372 -67.31 21.33 -5.38
CA VAL D 372 -65.94 21.42 -5.86
C VAL D 372 -65.76 20.57 -7.11
N GLY D 373 -65.41 21.21 -8.22
CA GLY D 373 -65.19 20.51 -9.46
C GLY D 373 -63.71 20.34 -9.76
N ASN D 374 -62.89 21.11 -9.06
CA ASN D 374 -61.44 21.08 -9.25
C ASN D 374 -60.72 21.65 -8.04
N THR D 375 -59.95 20.80 -7.36
CA THR D 375 -59.26 21.18 -6.13
C THR D 375 -58.18 22.23 -6.40
N ASP D 376 -57.86 22.43 -7.68
CA ASP D 376 -56.84 23.39 -8.07
C ASP D 376 -57.43 24.79 -8.17
N ALA D 377 -58.76 24.87 -8.05
CA ALA D 377 -59.44 26.15 -7.96
C ALA D 377 -59.66 26.55 -6.52
N GLU D 378 -58.60 26.46 -5.72
CA GLU D 378 -58.70 26.65 -4.27
C GLU D 378 -58.79 28.13 -3.87
N GLY D 379 -58.25 29.01 -4.72
CA GLY D 379 -58.19 30.43 -4.40
C GLY D 379 -59.54 31.06 -4.13
N ARG D 380 -60.47 30.85 -5.05
CA ARG D 380 -61.80 31.46 -4.95
C ARG D 380 -62.57 30.93 -3.74
N LEU D 381 -62.23 29.71 -3.31
CA LEU D 381 -62.86 29.10 -2.15
C LEU D 381 -62.46 29.84 -0.88
N THR D 382 -61.17 30.13 -0.76
CA THR D 382 -60.64 30.87 0.38
C THR D 382 -61.12 32.30 0.35
N LEU D 383 -61.14 32.89 -0.85
CA LEU D 383 -61.59 34.26 -1.04
C LEU D 383 -63.07 34.43 -0.69
N ALA D 384 -63.86 33.39 -0.97
CA ALA D 384 -65.30 33.42 -0.73
C ALA D 384 -65.61 33.70 0.74
N ASP D 385 -64.98 32.95 1.63
CA ASP D 385 -65.20 33.11 3.06
C ASP D 385 -64.57 34.43 3.55
N ALA D 386 -63.51 34.85 2.89
CA ALA D 386 -62.83 36.10 3.23
C ALA D 386 -63.68 37.30 2.84
N LEU D 387 -64.36 37.20 1.70
CA LEU D 387 -65.22 38.26 1.22
C LEU D 387 -66.45 38.41 2.10
N VAL D 388 -66.96 37.27 2.58
CA VAL D 388 -68.10 37.27 3.50
C VAL D 388 -67.73 37.94 4.83
N TYR D 389 -66.54 37.63 5.32
CA TYR D 389 -66.03 38.22 6.56
C TYR D 389 -65.84 39.72 6.40
N ALA D 390 -65.33 40.13 5.24
CA ALA D 390 -65.08 41.54 4.96
C ALA D 390 -66.36 42.34 5.00
N GLU D 391 -67.39 41.85 4.31
CA GLU D 391 -68.66 42.58 4.23
C GLU D 391 -69.31 42.68 5.60
N LYS D 392 -69.02 41.73 6.48
CA LYS D 392 -69.56 41.74 7.84
C LYS D 392 -68.91 42.82 8.68
N LEU D 393 -67.78 43.35 8.22
CA LEU D 393 -67.12 44.45 8.91
C LEU D 393 -67.84 45.77 8.67
N GLY D 394 -68.75 45.76 7.69
CA GLY D 394 -69.49 46.96 7.34
C GLY D 394 -68.59 48.03 6.75
N VAL D 395 -67.94 47.70 5.64
CA VAL D 395 -67.00 48.62 5.00
C VAL D 395 -67.64 49.29 3.78
N ASP D 396 -66.99 50.33 3.28
CA ASP D 396 -67.47 51.06 2.12
C ASP D 396 -66.95 50.44 0.82
N TYR D 397 -65.70 49.99 0.83
CA TYR D 397 -65.09 49.39 -0.34
C TYR D 397 -64.44 48.05 0.01
N ILE D 398 -64.66 47.05 -0.84
CA ILE D 398 -63.93 45.80 -0.73
C ILE D 398 -63.12 45.54 -2.00
N VAL D 399 -61.80 45.46 -1.84
CA VAL D 399 -60.92 45.18 -2.96
C VAL D 399 -60.06 43.95 -2.68
N ASP D 400 -60.19 42.94 -3.53
CA ASP D 400 -59.38 41.74 -3.37
C ASP D 400 -58.31 41.67 -4.46
N ILE D 401 -57.17 41.07 -4.12
CA ILE D 401 -56.07 40.92 -5.05
C ILE D 401 -55.51 39.50 -4.96
N ALA D 402 -55.42 38.83 -6.10
CA ALA D 402 -55.06 37.41 -6.09
C ALA D 402 -54.51 36.91 -7.43
N THR D 403 -53.59 35.95 -7.33
CA THR D 403 -53.10 35.21 -8.49
C THR D 403 -54.10 34.08 -8.80
N LEU D 404 -55.22 34.44 -9.40
CA LEU D 404 -56.37 33.54 -9.45
C LEU D 404 -56.41 32.61 -10.66
N THR D 405 -56.19 33.13 -11.85
CA THR D 405 -56.36 32.34 -13.07
C THR D 405 -55.18 32.47 -14.04
N GLY D 406 -54.68 31.33 -14.49
CA GLY D 406 -53.59 31.29 -15.44
C GLY D 406 -53.95 31.83 -16.81
N ALA D 407 -55.25 31.91 -17.09
CA ALA D 407 -55.74 32.42 -18.36
C ALA D 407 -55.31 33.88 -18.57
N MET D 408 -54.98 34.55 -17.48
CA MET D 408 -54.52 35.94 -17.53
C MET D 408 -53.30 36.07 -18.43
N LEU D 409 -52.50 35.01 -18.50
CA LEU D 409 -51.34 34.97 -19.37
C LEU D 409 -51.75 35.02 -20.83
N TYR D 410 -52.98 34.62 -21.11
CA TYR D 410 -53.50 34.57 -22.47
C TYR D 410 -54.31 35.82 -22.83
N SER D 411 -54.70 36.59 -21.81
CA SER D 411 -55.52 37.77 -22.01
C SER D 411 -54.69 39.05 -22.06
N LEU D 412 -54.02 39.35 -20.96
CA LEU D 412 -53.24 40.59 -20.84
C LEU D 412 -51.74 40.29 -20.81
N GLY D 413 -51.39 39.05 -20.50
CA GLY D 413 -50.00 38.63 -20.47
C GLY D 413 -49.34 38.86 -19.12
N THR D 414 -48.07 39.27 -19.16
CA THR D 414 -47.25 39.37 -17.96
C THR D 414 -47.07 40.82 -17.51
N SER D 415 -47.62 41.77 -18.28
CA SER D 415 -47.43 43.18 -18.00
C SER D 415 -48.64 43.82 -17.32
N TYR D 416 -49.83 43.52 -17.80
CA TYR D 416 -51.05 44.12 -17.27
C TYR D 416 -51.84 43.17 -16.38
N ALA D 417 -52.23 43.66 -15.20
CA ALA D 417 -53.13 42.91 -14.34
C ALA D 417 -54.57 43.15 -14.77
N GLY D 418 -55.47 42.24 -14.41
CA GLY D 418 -56.88 42.38 -14.75
C GLY D 418 -57.73 42.81 -13.57
N VAL D 419 -58.68 43.70 -13.83
CA VAL D 419 -59.60 44.15 -12.80
C VAL D 419 -61.06 43.86 -13.17
N PHE D 420 -61.78 43.25 -12.24
CA PHE D 420 -63.21 42.98 -12.40
C PHE D 420 -63.94 43.64 -11.23
N GLY D 421 -65.26 43.82 -11.36
CA GLY D 421 -66.01 44.42 -10.28
C GLY D 421 -67.50 44.53 -10.50
N ASN D 422 -68.20 44.95 -9.43
CA ASN D 422 -69.65 45.15 -9.48
C ASN D 422 -70.03 46.62 -9.37
N ASN D 423 -69.03 47.48 -9.38
CA ASN D 423 -69.23 48.91 -9.20
C ASN D 423 -68.31 49.73 -10.08
N GLU D 424 -68.90 50.50 -10.99
CA GLU D 424 -68.13 51.27 -11.98
C GLU D 424 -67.22 52.31 -11.34
N GLU D 425 -67.71 52.97 -10.30
CA GLU D 425 -66.93 54.02 -9.64
C GLU D 425 -65.68 53.48 -8.95
N LEU D 426 -65.84 52.34 -8.26
CA LEU D 426 -64.72 51.70 -7.58
C LEU D 426 -63.67 51.25 -8.58
N ILE D 427 -64.14 50.71 -9.71
CA ILE D 427 -63.24 50.25 -10.77
C ILE D 427 -62.43 51.42 -11.34
N ASN D 428 -63.07 52.56 -11.50
CA ASN D 428 -62.40 53.75 -12.02
C ASN D 428 -61.32 54.23 -11.06
N LYS D 429 -61.56 54.07 -9.77
CA LYS D 429 -60.57 54.42 -8.75
C LYS D 429 -59.33 53.54 -8.88
N ILE D 430 -59.56 52.25 -9.14
CA ILE D 430 -58.45 51.31 -9.32
C ILE D 430 -57.65 51.66 -10.56
N LEU D 431 -58.35 52.01 -11.63
CA LEU D 431 -57.69 52.40 -12.87
C LEU D 431 -56.89 53.69 -12.65
N GLN D 432 -57.48 54.60 -11.87
CA GLN D 432 -56.80 55.83 -11.50
C GLN D 432 -55.57 55.52 -10.65
N SER D 433 -55.74 54.62 -9.69
CA SER D 433 -54.63 54.19 -8.85
C SER D 433 -53.53 53.54 -9.67
N SER D 434 -53.91 52.85 -10.73
CA SER D 434 -52.96 52.22 -11.64
C SER D 434 -52.06 53.24 -12.33
N LYS D 435 -52.65 54.35 -12.75
CA LYS D 435 -51.92 55.39 -13.46
C LYS D 435 -50.88 56.10 -12.59
N THR D 436 -51.26 56.44 -11.36
CA THR D 436 -50.37 57.18 -10.48
C THR D 436 -49.33 56.27 -9.83
N SER D 437 -49.65 54.99 -9.73
CA SER D 437 -48.72 54.02 -9.17
C SER D 437 -47.82 53.42 -10.24
N ASN D 438 -48.22 53.61 -11.50
CA ASN D 438 -47.51 53.04 -12.64
C ASN D 438 -47.45 51.52 -12.60
N GLU D 439 -48.46 50.92 -11.97
CA GLU D 439 -48.67 49.48 -12.05
C GLU D 439 -49.86 49.21 -12.94
N PRO D 440 -49.59 48.88 -14.22
CA PRO D 440 -50.62 48.79 -15.27
C PRO D 440 -51.75 47.82 -14.94
N VAL D 441 -52.97 48.29 -15.15
CA VAL D 441 -54.17 47.48 -14.90
C VAL D 441 -55.23 47.76 -15.97
N TRP D 442 -55.90 46.72 -16.44
CA TRP D 442 -56.93 46.90 -17.46
C TRP D 442 -58.27 46.35 -16.97
N TRP D 443 -59.34 47.07 -17.30
CA TRP D 443 -60.68 46.70 -16.86
C TRP D 443 -61.26 45.57 -17.70
N LEU D 444 -61.61 44.47 -17.05
CA LEU D 444 -62.21 43.34 -17.75
C LEU D 444 -63.66 43.14 -17.30
N PRO D 445 -64.51 42.69 -18.22
CA PRO D 445 -65.97 42.61 -17.99
C PRO D 445 -66.41 41.34 -17.26
N ILE D 446 -67.38 41.49 -16.35
CA ILE D 446 -68.06 40.35 -15.76
C ILE D 446 -69.33 40.05 -16.56
N ILE D 447 -69.22 39.09 -17.48
CA ILE D 447 -70.32 38.78 -18.39
C ILE D 447 -71.35 37.88 -17.71
N ASN D 448 -72.51 38.45 -17.41
CA ASN D 448 -73.54 37.75 -16.66
C ASN D 448 -74.10 36.56 -17.43
N GLU D 449 -73.95 36.58 -18.74
CA GLU D 449 -74.46 35.51 -19.59
C GLU D 449 -73.77 34.17 -19.29
N TYR D 450 -72.57 34.23 -18.71
CA TYR D 450 -71.83 33.02 -18.37
C TYR D 450 -72.22 32.47 -17.01
N ARG D 451 -72.98 33.25 -16.25
CA ARG D 451 -73.35 32.91 -14.88
C ARG D 451 -74.06 31.55 -14.78
N ALA D 452 -74.80 31.20 -15.83
CA ALA D 452 -75.58 29.97 -15.84
C ALA D 452 -74.69 28.71 -15.78
N THR D 453 -73.44 28.86 -16.17
CA THR D 453 -72.50 27.74 -16.16
C THR D 453 -72.13 27.33 -14.74
N LEU D 454 -72.45 28.20 -13.78
CA LEU D 454 -72.13 27.92 -12.38
C LEU D 454 -73.30 27.30 -11.63
N ASN D 455 -74.39 27.03 -12.35
CA ASN D 455 -75.55 26.37 -11.76
C ASN D 455 -75.28 24.88 -11.50
N SER D 456 -75.13 24.53 -10.24
CA SER D 456 -74.84 23.15 -9.86
C SER D 456 -76.12 22.32 -9.81
N LYS D 457 -75.99 21.03 -10.09
CA LYS D 457 -77.14 20.13 -10.11
C LYS D 457 -77.60 19.82 -8.68
N TYR D 458 -76.65 19.81 -7.75
CA TYR D 458 -76.94 19.42 -6.37
C TYR D 458 -76.66 20.54 -5.37
N ALA D 459 -75.58 21.28 -5.59
CA ALA D 459 -75.23 22.40 -4.71
C ALA D 459 -75.87 23.70 -5.15
N ASP D 460 -75.78 24.72 -4.31
CA ASP D 460 -76.29 26.04 -4.62
C ASP D 460 -75.58 26.62 -5.83
N ILE D 461 -74.28 26.34 -5.92
CA ILE D 461 -73.43 26.91 -6.96
C ILE D 461 -72.23 26.02 -7.26
N ASN D 462 -71.77 26.08 -8.50
CA ASN D 462 -70.57 25.36 -8.91
C ASN D 462 -69.31 26.18 -8.65
N GLN D 463 -68.24 25.50 -8.26
CA GLN D 463 -66.95 26.15 -8.06
C GLN D 463 -66.38 26.61 -9.40
N ILE D 464 -66.47 25.74 -10.40
CA ILE D 464 -65.94 26.03 -11.72
C ILE D 464 -66.94 25.68 -12.82
N SER D 465 -66.65 26.14 -14.04
CA SER D 465 -67.44 25.77 -15.20
C SER D 465 -66.80 24.57 -15.90
N SER D 466 -67.63 23.73 -16.50
CA SER D 466 -67.12 22.58 -17.25
C SER D 466 -66.89 22.94 -18.70
N SER D 467 -67.70 23.87 -19.22
CA SER D 467 -67.65 24.24 -20.63
C SER D 467 -66.91 25.55 -20.87
N VAL D 468 -67.43 26.64 -20.31
CA VAL D 468 -66.92 27.99 -20.56
C VAL D 468 -65.43 28.11 -20.29
N LYS D 469 -64.70 28.61 -21.29
CA LYS D 469 -63.25 28.72 -21.19
C LYS D 469 -62.79 30.09 -20.70
N ALA D 470 -63.73 31.01 -20.54
CA ALA D 470 -63.41 32.30 -19.96
C ALA D 470 -63.24 32.15 -18.45
N SER D 471 -62.18 31.44 -18.06
CA SER D 471 -61.98 31.07 -16.67
C SER D 471 -61.87 32.27 -15.73
N SER D 472 -61.20 33.31 -16.21
CA SER D 472 -60.99 34.52 -15.41
C SER D 472 -62.31 35.23 -15.12
N ILE D 473 -63.19 35.24 -16.11
CA ILE D 473 -64.51 35.87 -15.96
C ILE D 473 -65.42 34.99 -15.09
N VAL D 474 -65.35 33.69 -15.30
CA VAL D 474 -66.15 32.73 -14.54
C VAL D 474 -65.82 32.82 -13.05
N ALA D 475 -64.53 32.94 -12.74
CA ALA D 475 -64.08 33.05 -11.36
C ALA D 475 -64.65 34.31 -10.69
N SER D 476 -64.69 35.41 -11.43
CA SER D 476 -65.26 36.65 -10.92
C SER D 476 -66.75 36.49 -10.65
N LEU D 477 -67.42 35.74 -11.52
CA LEU D 477 -68.82 35.44 -11.34
C LEU D 477 -69.02 34.66 -10.05
N PHE D 478 -68.10 33.75 -9.77
CA PHE D 478 -68.11 33.00 -8.52
C PHE D 478 -67.99 33.92 -7.31
N LEU D 479 -66.96 34.76 -7.33
CA LEU D 479 -66.66 35.67 -6.22
C LEU D 479 -67.80 36.64 -5.96
N LYS D 480 -68.44 37.08 -7.03
CA LYS D 480 -69.54 38.04 -6.96
C LYS D 480 -70.72 37.50 -6.14
N GLU D 481 -70.80 36.18 -6.03
CA GLU D 481 -71.86 35.54 -5.27
C GLU D 481 -71.66 35.64 -3.76
N PHE D 482 -70.55 36.23 -3.35
CA PHE D 482 -70.23 36.32 -1.92
C PHE D 482 -70.07 37.78 -1.49
N VAL D 483 -70.55 38.69 -2.33
CA VAL D 483 -70.65 40.10 -1.98
C VAL D 483 -72.08 40.57 -2.25
N GLN D 484 -72.87 40.70 -1.19
CA GLN D 484 -74.30 40.94 -1.34
C GLN D 484 -74.65 42.40 -1.66
N ASN D 485 -74.09 43.32 -0.90
CA ASN D 485 -74.45 44.73 -1.05
C ASN D 485 -73.30 45.69 -0.74
N THR D 486 -72.14 45.41 -1.30
CA THR D 486 -70.98 46.26 -1.09
C THR D 486 -70.20 46.48 -2.38
N ALA D 487 -69.66 47.68 -2.54
CA ALA D 487 -68.81 47.97 -3.69
C ALA D 487 -67.60 47.07 -3.65
N TRP D 488 -67.39 46.30 -4.71
CA TRP D 488 -66.34 45.29 -4.70
C TRP D 488 -65.61 45.24 -6.04
N ALA D 489 -64.28 45.11 -5.96
CA ALA D 489 -63.45 44.99 -7.14
C ALA D 489 -62.50 43.80 -6.97
N HIS D 490 -62.11 43.19 -8.08
CA HIS D 490 -61.27 42.00 -8.06
C HIS D 490 -60.10 42.13 -9.02
N ILE D 491 -58.88 42.07 -8.48
CA ILE D 491 -57.68 42.20 -9.29
C ILE D 491 -56.97 40.86 -9.45
N ASP D 492 -56.92 40.37 -10.69
CA ASP D 492 -56.27 39.10 -10.99
C ASP D 492 -54.83 39.35 -11.45
N ILE D 493 -53.88 39.02 -10.59
CA ILE D 493 -52.47 39.32 -10.85
C ILE D 493 -51.65 38.06 -11.14
N ALA D 494 -52.32 37.01 -11.60
CA ALA D 494 -51.67 35.74 -11.88
C ALA D 494 -50.56 35.87 -12.92
N GLY D 495 -50.81 36.68 -13.96
CA GLY D 495 -49.87 36.81 -15.05
C GLY D 495 -48.74 37.80 -14.82
N VAL D 496 -48.96 38.75 -13.92
CA VAL D 496 -48.00 39.83 -13.72
C VAL D 496 -47.22 39.70 -12.42
N SER D 497 -47.63 38.78 -11.56
CA SER D 497 -47.03 38.62 -10.24
C SER D 497 -45.55 38.27 -10.32
N TRP D 498 -45.21 37.30 -11.16
CA TRP D 498 -43.83 36.83 -11.27
C TRP D 498 -43.11 37.35 -12.50
N ASN D 499 -41.90 37.85 -12.30
CA ASN D 499 -41.05 38.26 -13.40
C ASN D 499 -40.26 37.05 -13.89
N PHE D 500 -40.77 36.40 -14.93
CA PHE D 500 -40.21 35.14 -15.39
C PHE D 500 -38.80 35.29 -15.98
N LYS D 501 -38.57 36.39 -16.69
CA LYS D 501 -37.27 36.67 -17.28
C LYS D 501 -36.20 36.98 -16.23
N ALA D 502 -36.59 37.73 -15.20
CA ALA D 502 -35.66 38.18 -14.17
C ALA D 502 -35.56 37.19 -13.03
N ARG D 503 -36.42 36.18 -13.07
CA ARG D 503 -36.45 35.12 -12.06
C ARG D 503 -36.72 35.63 -10.65
N LYS D 504 -37.66 36.56 -10.52
CA LYS D 504 -37.98 37.12 -9.22
C LYS D 504 -39.38 37.73 -9.22
N PRO D 505 -39.94 37.96 -8.03
CA PRO D 505 -41.25 38.59 -7.86
C PRO D 505 -41.23 40.08 -8.19
N LYS D 506 -42.39 40.65 -8.47
CA LYS D 506 -42.49 42.08 -8.73
C LYS D 506 -43.00 42.83 -7.49
N GLY D 507 -43.67 42.10 -6.60
CA GLY D 507 -44.35 42.72 -5.48
C GLY D 507 -45.49 43.58 -6.01
N PHE D 508 -46.13 43.09 -7.07
CA PHE D 508 -47.18 43.82 -7.75
C PHE D 508 -48.41 44.04 -6.89
N GLY D 509 -48.91 45.27 -6.87
CA GLY D 509 -50.14 45.59 -6.18
C GLY D 509 -49.97 46.46 -4.94
N VAL D 510 -48.76 46.45 -4.37
CA VAL D 510 -48.49 47.20 -3.15
C VAL D 510 -48.66 48.70 -3.38
N ARG D 511 -48.04 49.20 -4.44
CA ARG D 511 -48.11 50.62 -4.76
C ARG D 511 -49.49 50.99 -5.29
N LEU D 512 -50.10 50.08 -6.03
CA LEU D 512 -51.45 50.29 -6.56
C LEU D 512 -52.47 50.47 -5.43
N LEU D 513 -52.41 49.57 -4.45
CA LEU D 513 -53.36 49.59 -3.33
C LEU D 513 -53.13 50.79 -2.42
N THR D 514 -51.86 51.16 -2.24
CA THR D 514 -51.52 52.30 -1.40
C THR D 514 -52.03 53.61 -2.00
N GLU D 515 -51.85 53.77 -3.31
CA GLU D 515 -52.37 54.94 -4.01
C GLU D 515 -53.88 55.00 -3.91
N PHE D 516 -54.52 53.83 -3.95
CA PHE D 516 -55.97 53.74 -3.80
C PHE D 516 -56.39 54.19 -2.41
N VAL D 517 -55.66 53.74 -1.40
CA VAL D 517 -55.96 54.10 -0.02
C VAL D 517 -55.70 55.58 0.25
N LEU D 518 -54.66 56.12 -0.38
CA LEU D 518 -54.26 57.50 -0.14
C LEU D 518 -55.15 58.48 -0.91
N ASN D 519 -55.44 58.15 -2.16
CA ASN D 519 -56.24 59.03 -3.02
C ASN D 519 -57.75 58.86 -2.87
N ASP D 520 -58.17 57.99 -1.95
CA ASP D 520 -59.59 57.76 -1.72
C ASP D 520 -60.06 58.35 -0.39
N SER E 3 -68.04 2.99 14.22
CA SER E 3 -69.26 3.53 13.63
C SER E 3 -69.23 5.05 13.59
N GLU E 4 -68.31 5.64 14.34
CA GLU E 4 -68.16 7.09 14.37
C GLU E 4 -67.32 7.58 13.19
N VAL E 5 -67.86 8.54 12.44
CA VAL E 5 -67.17 9.07 11.28
C VAL E 5 -66.07 10.04 11.68
N PRO E 6 -64.82 9.76 11.28
CA PRO E 6 -63.68 10.62 11.60
C PRO E 6 -63.76 11.97 10.88
N GLN E 7 -63.26 13.01 11.51
CA GLN E 7 -63.28 14.35 10.91
C GLN E 7 -61.90 14.97 10.91
N VAL E 8 -61.68 15.88 9.97
CA VAL E 8 -60.47 16.69 9.96
C VAL E 8 -60.80 18.04 10.60
N VAL E 9 -61.96 18.58 10.25
CA VAL E 9 -62.49 19.77 10.89
C VAL E 9 -63.91 19.49 11.41
N SER E 10 -64.39 20.34 12.31
CA SER E 10 -65.71 20.14 12.92
C SER E 10 -66.83 20.32 11.91
N LEU E 11 -66.52 20.96 10.78
CA LEU E 11 -67.51 21.24 9.76
C LEU E 11 -67.72 20.05 8.82
N ASP E 12 -66.88 19.03 8.95
CA ASP E 12 -67.00 17.82 8.13
C ASP E 12 -68.26 17.03 8.51
N PRO E 13 -69.03 16.62 7.49
CA PRO E 13 -70.27 15.86 7.69
C PRO E 13 -70.01 14.48 8.31
N THR E 14 -70.95 14.01 9.13
CA THR E 14 -70.77 12.74 9.81
C THR E 14 -71.84 11.72 9.42
N SER E 15 -72.63 12.05 8.41
CA SER E 15 -73.65 11.13 7.91
C SER E 15 -74.18 11.54 6.54
N ILE E 16 -74.65 10.57 5.77
CA ILE E 16 -75.28 10.85 4.49
C ILE E 16 -76.76 11.18 4.67
N PRO E 17 -77.17 12.37 4.21
CA PRO E 17 -78.58 12.76 4.25
C PRO E 17 -79.42 11.89 3.32
N ILE E 18 -80.44 11.25 3.87
CA ILE E 18 -81.28 10.34 3.10
C ILE E 18 -82.75 10.73 3.15
N GLU E 19 -83.36 10.84 1.97
CA GLU E 19 -84.80 11.08 1.88
C GLU E 19 -85.54 9.77 1.65
N TYR E 20 -86.33 9.35 2.63
CA TYR E 20 -87.10 8.12 2.52
C TYR E 20 -88.51 8.41 2.01
N ASN E 21 -89.21 9.31 2.70
CA ASN E 21 -90.55 9.71 2.29
C ASN E 21 -90.50 10.80 1.23
N THR E 22 -90.61 10.40 -0.04
CA THR E 22 -90.55 11.34 -1.16
C THR E 22 -91.94 11.73 -1.63
N PRO E 23 -92.03 12.89 -2.32
CA PRO E 23 -93.28 13.39 -2.91
C PRO E 23 -93.94 12.35 -3.81
N ILE E 24 -93.13 11.51 -4.45
CA ILE E 24 -93.63 10.45 -5.31
C ILE E 24 -94.54 9.49 -4.56
N HIS E 25 -94.19 9.20 -3.30
CA HIS E 25 -94.98 8.28 -2.49
C HIS E 25 -96.36 8.83 -2.14
N ASP E 26 -96.54 10.13 -2.33
CA ASP E 26 -97.82 10.77 -2.01
C ASP E 26 -98.73 10.87 -3.23
N ILE E 27 -98.27 10.37 -4.37
CA ILE E 27 -99.07 10.42 -5.59
C ILE E 27 -100.02 9.24 -5.66
N LYS E 28 -101.32 9.53 -5.62
CA LYS E 28 -102.35 8.50 -5.77
C LYS E 28 -102.55 8.16 -7.23
N VAL E 29 -102.31 6.91 -7.59
CA VAL E 29 -102.40 6.48 -8.98
C VAL E 29 -103.65 5.62 -9.24
N GLN E 30 -104.42 6.02 -10.25
CA GLN E 30 -105.59 5.27 -10.66
C GLN E 30 -105.47 4.91 -12.13
N VAL E 31 -105.77 3.66 -12.46
CA VAL E 31 -105.69 3.19 -13.84
C VAL E 31 -107.07 2.84 -14.37
N TYR E 32 -107.46 3.46 -15.47
CA TYR E 32 -108.74 3.21 -16.09
C TYR E 32 -108.57 2.55 -17.45
N ASP E 33 -109.60 1.85 -17.90
CA ASP E 33 -109.59 1.24 -19.21
C ASP E 33 -110.01 2.31 -20.22
N ILE E 34 -109.28 2.40 -21.33
CA ILE E 34 -109.51 3.47 -22.28
C ILE E 34 -110.90 3.35 -22.91
N LYS E 35 -111.43 2.14 -22.93
CA LYS E 35 -112.79 1.90 -23.41
C LYS E 35 -113.77 2.58 -22.47
N GLY E 36 -114.79 3.22 -23.03
CA GLY E 36 -115.77 3.94 -22.22
C GLY E 36 -115.54 5.44 -22.26
N GLY E 37 -114.45 5.85 -22.90
CA GLY E 37 -114.12 7.25 -23.03
C GLY E 37 -113.23 7.81 -21.93
N CYS E 38 -112.58 8.93 -22.23
CA CYS E 38 -111.68 9.58 -21.29
C CYS E 38 -112.33 10.83 -20.73
N ASN E 39 -112.22 11.04 -19.42
CA ASN E 39 -112.70 12.27 -18.81
C ASN E 39 -111.60 13.32 -18.66
N VAL E 40 -111.96 14.56 -18.98
CA VAL E 40 -111.05 15.68 -18.86
C VAL E 40 -111.73 16.69 -17.95
N GLU E 41 -111.06 17.06 -16.87
CA GLU E 41 -111.67 17.82 -15.80
C GLU E 41 -110.63 18.65 -15.05
N GLU E 42 -109.71 17.98 -14.37
CA GLU E 42 -108.67 18.65 -13.60
C GLU E 42 -107.27 18.44 -14.17
N GLY E 43 -106.39 19.43 -13.96
CA GLY E 43 -104.98 19.29 -14.29
C GLY E 43 -104.60 19.19 -15.76
N LEU E 44 -103.50 18.47 -16.01
CA LEU E 44 -102.95 18.30 -17.35
C LEU E 44 -103.16 16.89 -17.89
N THR E 45 -103.65 16.82 -19.12
CA THR E 45 -103.88 15.54 -19.78
C THR E 45 -102.99 15.37 -21.00
N ILE E 46 -102.16 14.33 -20.99
CA ILE E 46 -101.22 14.10 -22.08
C ILE E 46 -101.53 12.82 -22.85
N PHE E 47 -101.58 12.94 -24.18
CA PHE E 47 -101.80 11.80 -25.04
C PHE E 47 -100.49 11.28 -25.62
N LEU E 48 -100.24 9.99 -25.46
CA LEU E 48 -99.08 9.35 -26.05
C LEU E 48 -99.42 8.83 -27.44
N VAL E 49 -98.91 9.50 -28.46
CA VAL E 49 -99.31 9.21 -29.84
C VAL E 49 -98.13 8.92 -30.75
N ASN E 50 -98.34 8.01 -31.70
CA ASN E 50 -97.36 7.71 -32.72
C ASN E 50 -97.99 7.76 -34.10
N ASN E 51 -97.18 7.55 -35.14
CA ASN E 51 -97.71 7.47 -36.49
C ASN E 51 -96.93 6.47 -37.34
N PRO E 52 -97.34 5.19 -37.30
CA PRO E 52 -96.68 4.10 -38.02
C PRO E 52 -96.59 4.35 -39.52
N LYS E 54 -96.23 8.48 -42.08
CA LYS E 54 -95.38 7.64 -41.24
C LYS E 54 -94.42 8.48 -40.40
N GLU E 55 -93.17 8.57 -40.84
CA GLU E 55 -92.18 9.34 -40.11
C GLU E 55 -92.56 10.82 -40.11
N ASN E 56 -92.01 11.56 -39.15
CA ASN E 56 -92.64 12.79 -38.63
C ASN E 56 -94.09 13.01 -39.07
N GLY E 57 -94.94 12.02 -38.83
CA GLY E 57 -96.33 12.11 -39.24
C GLY E 57 -97.15 13.03 -38.37
N PRO E 58 -98.39 13.35 -38.81
CA PRO E 58 -99.30 14.23 -38.08
C PRO E 58 -99.86 13.55 -36.83
N VAL E 59 -100.27 14.33 -35.84
CA VAL E 59 -100.86 13.80 -34.63
C VAL E 59 -102.34 13.48 -34.84
N LYS E 60 -102.75 12.27 -34.46
CA LYS E 60 -104.15 11.89 -34.57
C LYS E 60 -104.63 11.21 -33.28
N ILE E 61 -105.64 11.81 -32.65
CA ILE E 61 -106.21 11.28 -31.40
C ILE E 61 -107.41 10.37 -31.66
N SER E 62 -107.32 9.13 -31.20
CA SER E 62 -108.36 8.15 -31.47
C SER E 62 -109.37 8.02 -30.33
N SER E 63 -108.92 8.25 -29.11
CA SER E 63 -109.75 8.08 -27.93
C SER E 63 -110.92 9.06 -27.85
N LYS E 64 -112.05 8.58 -27.37
CA LYS E 64 -113.22 9.42 -27.13
C LYS E 64 -113.05 10.21 -25.83
N VAL E 65 -113.30 11.51 -25.90
CA VAL E 65 -113.18 12.36 -24.73
C VAL E 65 -114.55 12.86 -24.28
N ASN E 66 -114.91 12.57 -23.04
CA ASN E 66 -116.22 12.93 -22.51
C ASN E 66 -116.32 14.42 -22.19
N ASP E 67 -115.83 15.25 -23.10
CA ASP E 67 -115.90 16.70 -22.96
C ASP E 67 -115.91 17.36 -24.33
N LYS E 68 -116.90 18.22 -24.56
CA LYS E 68 -117.12 18.83 -25.87
C LYS E 68 -116.02 19.83 -26.23
N GLN E 69 -115.66 20.68 -25.27
CA GLN E 69 -114.65 21.71 -25.51
C GLN E 69 -113.30 21.08 -25.85
N VAL E 70 -112.93 20.05 -25.09
CA VAL E 70 -111.67 19.36 -25.29
C VAL E 70 -111.71 18.53 -26.58
N SER E 71 -112.88 17.98 -26.88
CA SER E 71 -113.08 17.18 -28.09
C SER E 71 -112.87 18.02 -29.34
N GLU E 72 -113.31 19.28 -29.29
CA GLU E 72 -113.13 20.18 -30.41
C GLU E 72 -111.65 20.48 -30.62
N PHE E 73 -110.93 20.61 -29.51
CA PHE E 73 -109.49 20.85 -29.55
C PHE E 73 -108.75 19.67 -30.17
N LEU E 74 -109.17 18.46 -29.83
CA LEU E 74 -108.49 17.26 -30.27
C LEU E 74 -108.91 16.79 -31.67
N LYS E 75 -109.67 17.62 -32.37
CA LYS E 75 -110.12 17.29 -33.73
C LYS E 75 -108.93 17.14 -34.67
N ASP E 76 -109.07 16.29 -35.67
CA ASP E 76 -107.96 15.97 -36.55
C ASP E 76 -107.29 17.21 -37.17
N GLU E 77 -108.07 18.23 -37.52
CA GLU E 77 -107.55 19.43 -38.16
C GLU E 77 -106.65 20.26 -37.24
N ASN E 78 -107.02 20.31 -35.97
CA ASN E 78 -106.22 21.07 -35.02
C ASN E 78 -104.98 20.27 -34.68
N MET E 79 -105.11 18.96 -34.56
CA MET E 79 -103.99 18.15 -34.12
C MET E 79 -103.05 17.82 -35.28
N GLU E 80 -103.55 17.95 -36.51
CA GLU E 80 -102.78 17.61 -37.70
C GLU E 80 -101.68 18.63 -37.94
N LYS E 81 -101.75 19.75 -37.22
CA LYS E 81 -100.76 20.82 -37.31
C LYS E 81 -99.52 20.49 -36.50
N PHE E 82 -99.61 19.42 -35.70
CA PHE E 82 -98.49 18.93 -34.92
C PHE E 82 -98.00 17.60 -35.49
N ASN E 83 -96.72 17.29 -35.27
CA ASN E 83 -96.15 16.05 -35.78
C ASN E 83 -95.70 15.11 -34.65
N VAL E 84 -95.42 13.86 -35.00
CA VAL E 84 -95.18 12.84 -34.00
C VAL E 84 -93.70 12.52 -33.77
N LYS E 85 -92.83 13.47 -34.12
CA LYS E 85 -91.40 13.31 -33.88
C LYS E 85 -91.14 12.92 -32.44
N LEU E 86 -90.36 11.85 -32.25
CA LEU E 86 -90.14 11.29 -30.92
C LEU E 86 -89.61 12.34 -29.96
N GLY E 87 -90.39 12.62 -28.92
CA GLY E 87 -90.02 13.58 -27.91
C GLY E 87 -90.73 14.92 -28.06
N THR E 88 -91.23 15.20 -29.25
CA THR E 88 -91.95 16.44 -29.51
C THR E 88 -93.24 16.47 -28.70
N SER E 89 -93.61 17.66 -28.20
CA SER E 89 -94.81 17.79 -27.39
C SER E 89 -95.43 19.18 -27.45
N LYS E 90 -96.74 19.25 -27.26
CA LYS E 90 -97.44 20.52 -27.17
C LYS E 90 -98.54 20.40 -26.12
N HIS E 91 -98.71 21.43 -25.30
CA HIS E 91 -99.84 21.44 -24.36
C HIS E 91 -100.50 22.82 -24.32
N PHE E 92 -101.83 22.83 -24.27
CA PHE E 92 -102.61 24.06 -24.25
C PHE E 92 -103.52 24.16 -23.02
N TYR E 93 -103.75 25.39 -22.57
CA TYR E 93 -104.67 25.66 -21.47
C TYR E 93 -105.96 26.20 -22.05
N MET E 94 -107.08 25.69 -21.55
CA MET E 94 -108.39 26.02 -22.07
C MET E 94 -109.48 25.70 -21.05
N PHE E 95 -110.71 26.11 -21.33
CA PHE E 95 -111.82 25.80 -20.45
C PHE E 95 -112.63 24.65 -21.01
N ASN E 96 -112.97 23.70 -20.14
CA ASN E 96 -113.78 22.56 -20.55
C ASN E 96 -115.27 22.88 -20.45
N ASP E 97 -116.10 21.84 -20.55
CA ASP E 97 -117.55 22.00 -20.54
C ASP E 97 -118.05 22.58 -19.22
N ASN E 98 -117.27 22.42 -18.14
CA ASN E 98 -117.68 22.92 -16.84
C ASN E 98 -117.05 24.28 -16.54
N LYS E 99 -116.51 24.91 -17.59
CA LYS E 99 -115.84 26.20 -17.45
C LYS E 99 -114.70 26.11 -16.45
N ASN E 100 -114.10 24.92 -16.36
CA ASN E 100 -112.95 24.70 -15.48
C ASN E 100 -111.66 24.71 -16.29
N SER E 101 -110.60 25.24 -15.69
CA SER E 101 -109.32 25.32 -16.39
C SER E 101 -108.64 23.96 -16.50
N VAL E 102 -108.33 23.58 -17.73
CA VAL E 102 -107.63 22.32 -18.00
C VAL E 102 -106.50 22.52 -19.00
N ALA E 103 -105.47 21.71 -18.86
CA ALA E 103 -104.35 21.72 -19.81
C ALA E 103 -104.34 20.41 -20.58
N VAL E 104 -104.29 20.50 -21.91
CA VAL E 104 -104.31 19.29 -22.73
C VAL E 104 -103.15 19.31 -23.71
N GLY E 105 -102.64 18.12 -24.05
CA GLY E 105 -101.51 18.01 -24.92
C GLY E 105 -101.18 16.59 -25.35
N TYR E 106 -100.04 16.44 -26.02
CA TYR E 106 -99.60 15.14 -26.50
C TYR E 106 -98.07 15.02 -26.40
N VAL E 107 -97.58 13.78 -26.50
CA VAL E 107 -96.15 13.54 -26.63
C VAL E 107 -95.90 12.58 -27.78
N GLY E 108 -95.07 13.02 -28.73
CA GLY E 108 -94.77 12.21 -29.91
C GLY E 108 -93.99 10.96 -29.57
N CYS E 109 -94.43 9.83 -30.11
CA CYS E 109 -93.77 8.55 -29.84
C CYS E 109 -93.14 7.96 -31.11
N GLY E 110 -92.95 8.79 -32.13
CA GLY E 110 -92.25 8.37 -33.32
C GLY E 110 -93.10 7.61 -34.33
N SER E 111 -92.44 6.87 -35.20
CA SER E 111 -93.11 6.16 -36.29
C SER E 111 -93.05 4.64 -36.08
N VAL E 112 -92.35 4.20 -35.04
CA VAL E 112 -92.24 2.78 -34.74
C VAL E 112 -93.34 2.34 -33.78
N ALA E 113 -93.94 1.19 -34.06
CA ALA E 113 -95.05 0.67 -33.27
C ALA E 113 -94.60 0.20 -31.89
N ASP E 114 -93.41 -0.40 -31.83
CA ASP E 114 -92.88 -0.93 -30.59
C ASP E 114 -91.76 -0.06 -30.04
N LEU E 115 -92.07 0.71 -29.00
CA LEU E 115 -91.08 1.60 -28.38
C LEU E 115 -90.04 0.82 -27.59
N SER E 116 -88.79 1.25 -27.69
CA SER E 116 -87.71 0.67 -26.91
C SER E 116 -87.59 1.38 -25.57
N GLU E 117 -86.76 0.85 -24.68
CA GLU E 117 -86.51 1.46 -23.38
C GLU E 117 -86.00 2.88 -23.55
N ALA E 118 -85.14 3.07 -24.56
CA ALA E 118 -84.59 4.38 -24.85
C ALA E 118 -85.66 5.30 -25.41
N ASP E 119 -86.50 4.75 -26.27
CA ASP E 119 -87.61 5.52 -26.85
C ASP E 119 -88.54 6.01 -25.76
N MET E 120 -88.92 5.09 -24.87
CA MET E 120 -89.80 5.42 -23.75
C MET E 120 -89.15 6.43 -22.81
N LYS E 121 -87.83 6.34 -22.68
CA LYS E 121 -87.09 7.28 -21.84
C LYS E 121 -87.22 8.71 -22.34
N ARG E 122 -87.13 8.88 -23.66
CA ARG E 122 -87.23 10.20 -24.27
C ARG E 122 -88.66 10.73 -24.13
N VAL E 123 -89.63 9.83 -24.19
CA VAL E 123 -91.02 10.19 -24.02
C VAL E 123 -91.30 10.70 -22.60
N VAL E 124 -90.80 9.97 -21.61
CA VAL E 124 -91.01 10.33 -20.21
C VAL E 124 -90.35 11.67 -19.85
N LEU E 125 -89.15 11.90 -20.38
CA LEU E 125 -88.44 13.15 -20.13
C LEU E 125 -89.18 14.37 -20.68
N SER E 126 -89.80 14.21 -21.84
CA SER E 126 -90.61 15.27 -22.42
C SER E 126 -91.80 15.56 -21.53
N LEU E 127 -92.36 14.52 -20.95
CA LEU E 127 -93.49 14.64 -20.03
C LEU E 127 -93.08 15.37 -18.75
N VAL E 128 -91.93 14.97 -18.20
CA VAL E 128 -91.44 15.55 -16.95
C VAL E 128 -91.15 17.05 -17.09
N THR E 129 -90.76 17.47 -18.29
CA THR E 129 -90.50 18.88 -18.55
C THR E 129 -91.74 19.73 -18.33
N MET E 130 -92.90 19.20 -18.71
CA MET E 130 -94.16 19.90 -18.51
C MET E 130 -94.58 19.87 -17.04
N LEU E 131 -94.18 18.80 -16.34
CA LEU E 131 -94.52 18.66 -14.94
C LEU E 131 -93.68 19.63 -14.10
N HIS E 132 -92.46 19.86 -14.55
CA HIS E 132 -91.55 20.76 -13.86
C HIS E 132 -91.86 22.22 -14.15
N ASP E 133 -92.60 22.47 -15.23
CA ASP E 133 -92.92 23.83 -15.62
C ASP E 133 -94.41 24.14 -15.42
N ASN E 134 -95.10 23.27 -14.69
CA ASN E 134 -96.52 23.45 -14.43
C ASN E 134 -96.94 23.09 -13.00
N LYS E 135 -97.66 24.00 -12.35
CA LYS E 135 -98.11 23.77 -10.98
C LYS E 135 -99.42 23.01 -11.01
N LEU E 136 -99.34 21.73 -11.35
CA LEU E 136 -100.52 20.89 -11.54
C LEU E 136 -100.87 20.06 -10.32
N SER E 137 -102.16 19.79 -10.13
CA SER E 137 -102.63 18.96 -9.05
C SER E 137 -102.74 17.51 -9.51
N LYS E 138 -102.97 17.34 -10.81
CA LYS E 138 -103.17 16.00 -11.38
C LYS E 138 -102.60 15.90 -12.79
N LEU E 139 -101.96 14.78 -13.08
CA LEU E 139 -101.51 14.45 -14.42
C LEU E 139 -102.26 13.23 -14.94
N THR E 140 -102.73 13.31 -16.18
CA THR E 140 -103.43 12.19 -16.79
C THR E 140 -102.76 11.78 -18.09
N VAL E 141 -102.37 10.51 -18.16
CA VAL E 141 -101.70 9.99 -19.35
C VAL E 141 -102.59 8.99 -20.08
N VAL E 142 -102.81 9.26 -21.36
CA VAL E 142 -103.63 8.38 -22.18
C VAL E 142 -102.75 7.60 -23.16
N PHE E 143 -102.70 6.29 -23.00
CA PHE E 143 -101.86 5.44 -23.83
C PHE E 143 -102.52 5.03 -25.15
N GLU E 144 -102.18 5.73 -26.22
CA GLU E 144 -102.63 5.34 -27.55
C GLU E 144 -101.50 4.65 -28.31
N ILE E 145 -100.60 4.03 -27.55
CA ILE E 145 -99.51 3.25 -28.12
C ILE E 145 -99.44 1.90 -27.42
N ASN E 146 -98.70 0.97 -27.99
CA ASN E 146 -98.62 -0.37 -27.42
C ASN E 146 -97.41 -0.58 -26.53
N VAL E 147 -97.68 -0.94 -25.29
CA VAL E 147 -96.63 -1.25 -24.33
C VAL E 147 -97.05 -2.50 -23.58
N ASP E 148 -96.07 -3.36 -23.30
CA ASP E 148 -96.35 -4.56 -22.54
C ASP E 148 -96.33 -4.25 -21.05
N LYS E 149 -96.65 -5.24 -20.23
CA LYS E 149 -96.69 -5.05 -18.78
C LYS E 149 -95.37 -4.56 -18.25
N ASN E 150 -94.28 -5.15 -18.73
CA ASN E 150 -92.95 -4.76 -18.31
C ASN E 150 -92.61 -3.33 -18.70
N LEU E 151 -92.95 -2.97 -19.94
CA LEU E 151 -92.64 -1.63 -20.44
C LEU E 151 -93.50 -0.57 -19.75
N PHE E 152 -94.73 -0.94 -19.40
CA PHE E 152 -95.61 -0.03 -18.68
C PHE E 152 -95.04 0.29 -17.30
N ARG E 153 -94.57 -0.73 -16.60
CA ARG E 153 -93.96 -0.53 -15.28
C ARG E 153 -92.71 0.33 -15.42
N PHE E 154 -91.97 0.12 -16.49
CA PHE E 154 -90.78 0.94 -16.78
C PHE E 154 -91.17 2.40 -16.98
N PHE E 155 -92.35 2.61 -17.56
CA PHE E 155 -92.87 3.96 -17.75
C PHE E 155 -93.00 4.71 -16.44
N LEU E 156 -93.68 4.08 -15.49
CA LEU E 156 -93.95 4.68 -14.18
C LEU E 156 -92.66 4.93 -13.41
N GLU E 157 -91.80 3.92 -13.36
CA GLU E 157 -90.52 4.02 -12.68
C GLU E 157 -89.71 5.21 -13.17
N THR E 158 -89.56 5.31 -14.49
CA THR E 158 -88.79 6.37 -15.10
C THR E 158 -89.42 7.74 -14.84
N LEU E 159 -90.74 7.81 -14.91
CA LEU E 159 -91.45 9.05 -14.61
C LEU E 159 -91.20 9.49 -13.18
N PHE E 160 -91.41 8.56 -12.24
CA PHE E 160 -91.17 8.84 -10.83
C PHE E 160 -89.73 9.28 -10.58
N TYR E 161 -88.79 8.57 -11.19
CA TYR E 161 -87.37 8.83 -10.99
C TYR E 161 -86.96 10.20 -11.51
N GLU E 162 -87.37 10.51 -12.74
CA GLU E 162 -87.01 11.77 -13.37
C GLU E 162 -87.79 12.95 -12.78
N TYR E 163 -89.03 12.67 -12.36
CA TYR E 163 -89.87 13.68 -11.74
C TYR E 163 -89.25 14.15 -10.42
N MET E 164 -88.74 13.20 -9.64
CA MET E 164 -88.15 13.50 -8.35
C MET E 164 -86.87 14.32 -8.50
N THR E 165 -86.72 15.33 -7.66
CA THR E 165 -85.53 16.18 -7.68
C THR E 165 -84.79 16.10 -6.36
N ASP E 166 -83.48 15.89 -6.43
CA ASP E 166 -82.67 15.73 -5.22
C ASP E 166 -82.13 17.07 -4.74
N GLU E 167 -82.60 17.50 -3.57
CA GLU E 167 -82.23 18.81 -3.03
C GLU E 167 -81.62 18.70 -1.64
N ARG E 168 -81.10 17.53 -1.30
CA ARG E 168 -80.53 17.28 0.02
C ARG E 168 -79.38 18.24 0.32
N PHE E 169 -78.72 18.72 -0.73
CA PHE E 169 -77.54 19.56 -0.57
C PHE E 169 -77.78 21.01 -0.98
N LYS E 170 -79.03 21.40 -1.14
CA LYS E 170 -79.33 22.78 -1.49
C LYS E 170 -79.58 23.58 -0.22
N SER E 171 -78.79 24.63 0.00
CA SER E 171 -79.00 25.51 1.16
C SER E 171 -79.68 26.82 0.78
N THR E 172 -79.06 27.54 -0.15
CA THR E 172 -79.44 28.91 -0.47
C THR E 172 -80.29 28.97 -1.73
N VAL E 176 -85.67 25.31 -3.03
CA VAL E 176 -87.07 25.58 -3.32
C VAL E 176 -87.94 24.36 -3.03
N ASN E 177 -89.18 24.60 -2.63
CA ASN E 177 -90.12 23.52 -2.42
C ASN E 177 -91.24 23.55 -3.45
N MET E 178 -91.07 22.79 -4.53
CA MET E 178 -92.04 22.78 -5.61
C MET E 178 -93.26 21.96 -5.20
N GLU E 179 -94.33 22.08 -5.98
CA GLU E 179 -95.55 21.35 -5.70
C GLU E 179 -95.75 20.21 -6.68
N TYR E 180 -95.53 18.99 -6.22
CA TYR E 180 -95.71 17.81 -7.05
C TYR E 180 -97.20 17.50 -7.15
N ILE E 181 -97.58 16.83 -8.23
CA ILE E 181 -98.96 16.39 -8.37
C ILE E 181 -99.30 15.40 -7.27
N LYS E 182 -100.59 15.34 -6.91
CA LYS E 182 -101.05 14.45 -5.87
C LYS E 182 -101.82 13.28 -6.47
N HIS E 183 -102.10 13.38 -7.77
CA HIS E 183 -102.88 12.36 -8.46
C HIS E 183 -102.29 12.04 -9.84
N LEU E 184 -102.26 10.75 -10.17
CA LEU E 184 -101.84 10.31 -11.50
C LEU E 184 -102.89 9.41 -12.10
N GLY E 185 -103.49 9.86 -13.20
CA GLY E 185 -104.49 9.08 -13.89
C GLY E 185 -103.93 8.45 -15.14
N VAL E 186 -104.25 7.18 -15.36
CA VAL E 186 -103.74 6.46 -16.52
C VAL E 186 -104.86 5.76 -17.29
N TYR E 187 -105.03 6.17 -18.55
CA TYR E 187 -105.96 5.48 -19.45
C TYR E 187 -105.21 4.54 -20.38
N ILE E 188 -105.57 3.26 -20.32
CA ILE E 188 -104.92 2.25 -21.15
C ILE E 188 -105.92 1.15 -21.50
N ASN E 189 -105.57 0.33 -22.48
CA ASN E 189 -106.43 -0.77 -22.88
C ASN E 189 -106.08 -2.04 -22.12
N ASN E 190 -107.10 -2.78 -21.69
CA ASN E 190 -106.89 -3.96 -20.86
C ASN E 190 -106.26 -3.55 -19.53
N ALA E 191 -106.81 -2.48 -18.94
CA ALA E 191 -106.26 -1.85 -17.75
C ALA E 191 -106.09 -2.78 -16.54
N ASP E 192 -106.99 -3.75 -16.41
CA ASP E 192 -106.97 -4.65 -15.25
C ASP E 192 -105.66 -5.42 -15.09
N THR E 193 -105.02 -5.76 -16.21
CA THR E 193 -103.77 -6.52 -16.18
C THR E 193 -102.59 -5.64 -15.75
N TYR E 194 -102.72 -4.34 -15.97
CA TYR E 194 -101.62 -3.41 -15.69
C TYR E 194 -101.66 -2.88 -14.25
N LYS E 195 -102.77 -3.11 -13.57
CA LYS E 195 -102.99 -2.54 -12.23
C LYS E 195 -101.96 -3.02 -11.20
N GLU E 196 -101.57 -4.28 -11.27
CA GLU E 196 -100.64 -4.85 -10.30
C GLU E 196 -99.22 -4.32 -10.45
N GLU E 197 -98.95 -3.69 -11.60
CA GLU E 197 -97.62 -3.16 -11.89
C GLU E 197 -97.35 -1.84 -11.18
N VAL E 198 -98.41 -1.17 -10.75
CA VAL E 198 -98.31 0.16 -10.16
C VAL E 198 -97.42 0.21 -8.92
N GLU E 199 -97.75 -0.62 -7.93
CA GLU E 199 -97.02 -0.59 -6.67
C GLU E 199 -95.64 -1.23 -6.78
N LYS E 200 -95.47 -2.08 -7.78
CA LYS E 200 -94.15 -2.65 -8.06
C LYS E 200 -93.23 -1.57 -8.63
N ALA E 201 -93.80 -0.70 -9.47
CA ALA E 201 -93.06 0.41 -10.04
C ALA E 201 -92.65 1.42 -8.98
N ARG E 202 -93.55 1.70 -8.04
CA ARG E 202 -93.27 2.65 -6.97
C ARG E 202 -92.10 2.15 -6.10
N VAL E 203 -92.09 0.86 -5.83
CA VAL E 203 -91.03 0.25 -5.03
C VAL E 203 -89.71 0.27 -5.79
N TYR E 204 -89.76 -0.12 -7.06
CA TYR E 204 -88.58 -0.10 -7.91
C TYR E 204 -88.03 1.32 -8.02
N TYR E 205 -88.93 2.30 -8.00
CA TYR E 205 -88.55 3.71 -8.04
C TYR E 205 -87.62 4.08 -6.90
N PHE E 206 -88.00 3.76 -5.67
CA PHE E 206 -87.22 4.17 -4.52
C PHE E 206 -85.90 3.40 -4.42
N GLY E 207 -85.94 2.13 -4.79
CA GLY E 207 -84.73 1.31 -4.84
C GLY E 207 -83.71 1.95 -5.74
N THR E 208 -84.16 2.44 -6.89
CA THR E 208 -83.30 3.14 -7.83
C THR E 208 -82.90 4.51 -7.29
N TYR E 209 -83.87 5.23 -6.73
CA TYR E 209 -83.63 6.57 -6.22
C TYR E 209 -82.76 6.56 -4.96
N TYR E 210 -82.92 5.52 -4.14
CA TYR E 210 -82.09 5.34 -2.96
C TYR E 210 -80.62 5.22 -3.35
N ALA E 211 -80.35 4.34 -4.30
CA ALA E 211 -78.99 4.14 -4.80
C ALA E 211 -78.45 5.42 -5.42
N SER E 212 -79.29 6.11 -6.18
CA SER E 212 -78.93 7.40 -6.77
C SER E 212 -78.49 8.39 -5.69
N GLN E 213 -79.19 8.37 -4.56
CA GLN E 213 -78.87 9.26 -3.45
C GLN E 213 -77.50 8.96 -2.89
N LEU E 214 -77.16 7.68 -2.83
CA LEU E 214 -75.86 7.26 -2.32
C LEU E 214 -74.74 7.64 -3.28
N ILE E 215 -75.00 7.46 -4.57
CA ILE E 215 -74.03 7.79 -5.61
C ILE E 215 -73.84 9.29 -5.74
N ALA E 216 -74.95 10.02 -5.82
CA ALA E 216 -74.92 11.47 -5.97
C ALA E 216 -74.26 12.13 -4.76
N ALA E 217 -74.39 11.50 -3.60
CA ALA E 217 -73.78 12.00 -2.38
C ALA E 217 -72.26 12.07 -2.53
N PRO E 218 -71.69 13.26 -2.30
CA PRO E 218 -70.25 13.51 -2.45
C PRO E 218 -69.40 12.66 -1.51
N SER E 219 -68.12 12.53 -1.82
CA SER E 219 -67.23 11.63 -1.09
C SER E 219 -66.96 12.10 0.33
N ASN E 220 -67.17 13.39 0.59
CA ASN E 220 -67.01 13.92 1.93
C ASN E 220 -68.20 13.58 2.81
N TYR E 221 -69.36 13.42 2.19
CA TYR E 221 -70.55 12.95 2.90
C TYR E 221 -70.57 11.42 2.90
N CYS E 222 -70.38 10.84 1.73
CA CYS E 222 -70.41 9.39 1.58
C CYS E 222 -69.01 8.81 1.61
N ASN E 223 -68.62 8.30 2.77
CA ASN E 223 -67.33 7.65 2.94
C ASN E 223 -67.53 6.23 3.45
N PRO E 224 -66.44 5.45 3.56
CA PRO E 224 -66.54 4.04 3.98
C PRO E 224 -67.32 3.83 5.27
N VAL E 225 -67.17 4.74 6.23
CA VAL E 225 -67.87 4.62 7.51
C VAL E 225 -69.33 5.04 7.41
N SER E 226 -69.58 6.19 6.79
CA SER E 226 -70.92 6.74 6.70
C SER E 226 -71.81 5.94 5.73
N LEU E 227 -71.20 5.36 4.71
CA LEU E 227 -71.94 4.58 3.72
C LEU E 227 -72.38 3.25 4.35
N SER E 228 -71.49 2.65 5.13
CA SER E 228 -71.80 1.41 5.84
C SER E 228 -72.86 1.64 6.91
N ASN E 229 -72.81 2.80 7.56
CA ASN E 229 -73.81 3.16 8.55
C ASN E 229 -75.20 3.26 7.93
N ALA E 230 -75.26 3.81 6.73
CA ALA E 230 -76.52 3.91 5.99
C ALA E 230 -77.08 2.53 5.66
N ALA E 231 -76.18 1.59 5.40
CA ALA E 231 -76.58 0.22 5.09
C ALA E 231 -77.18 -0.49 6.30
N VAL E 232 -76.62 -0.23 7.48
CA VAL E 232 -77.13 -0.82 8.71
C VAL E 232 -78.51 -0.26 9.06
N GLU E 233 -78.67 1.05 8.93
CA GLU E 233 -79.95 1.70 9.20
C GLU E 233 -81.03 1.18 8.26
N LEU E 234 -80.65 1.00 6.99
CA LEU E 234 -81.56 0.46 6.00
C LEU E 234 -81.95 -0.97 6.35
N ALA E 235 -80.98 -1.73 6.85
CA ALA E 235 -81.21 -3.12 7.24
C ALA E 235 -82.15 -3.21 8.44
N GLN E 236 -82.06 -2.22 9.32
CA GLN E 236 -82.89 -2.19 10.52
C GLN E 236 -84.35 -1.86 10.19
N LYS E 237 -84.55 -1.02 9.20
CA LYS E 237 -85.90 -0.62 8.77
C LYS E 237 -86.60 -1.71 7.97
N LEU E 238 -85.82 -2.62 7.41
CA LEU E 238 -86.35 -3.71 6.61
C LEU E 238 -86.47 -4.98 7.44
N ASN E 239 -85.56 -5.12 8.40
CA ASN E 239 -85.54 -6.24 9.35
C ASN E 239 -84.64 -7.31 8.79
N LEU E 240 -83.53 -6.87 8.19
CA LEU E 240 -82.56 -7.77 7.63
C LEU E 240 -81.43 -7.94 8.62
N GLU E 241 -80.88 -9.15 8.69
CA GLU E 241 -79.68 -9.35 9.49
C GLU E 241 -78.53 -8.60 8.81
N TYR E 242 -77.67 -8.00 9.62
CA TYR E 242 -76.57 -7.20 9.09
C TYR E 242 -75.29 -7.40 9.89
N LYS E 243 -74.17 -7.20 9.21
CA LYS E 243 -72.86 -7.31 9.84
C LYS E 243 -71.86 -6.40 9.14
N ILE E 244 -71.21 -5.54 9.92
CA ILE E 244 -70.22 -4.64 9.38
C ILE E 244 -68.84 -5.03 9.88
N LEU E 245 -68.00 -5.54 8.98
CA LEU E 245 -66.67 -6.00 9.36
C LEU E 245 -65.67 -4.86 9.41
N GLY E 246 -64.99 -4.75 10.54
CA GLY E 246 -63.97 -3.72 10.72
C GLY E 246 -62.59 -4.21 10.34
N VAL E 247 -61.58 -3.38 10.58
CA VAL E 247 -60.21 -3.69 10.21
C VAL E 247 -59.69 -4.93 10.91
N LYS E 248 -60.06 -5.10 12.17
CA LYS E 248 -59.60 -6.25 12.95
C LYS E 248 -60.11 -7.57 12.38
N GLU E 249 -61.35 -7.58 11.93
CA GLU E 249 -61.95 -8.77 11.33
C GLU E 249 -61.37 -9.02 9.94
N LEU E 250 -61.16 -7.96 9.19
CA LEU E 250 -60.61 -8.06 7.84
C LEU E 250 -59.17 -8.57 7.88
N GLU E 251 -58.44 -8.16 8.90
CA GLU E 251 -57.08 -8.67 9.10
C GLU E 251 -57.10 -10.15 9.46
N GLU E 252 -58.08 -10.52 10.29
CA GLU E 252 -58.25 -11.93 10.67
C GLU E 252 -58.56 -12.80 9.46
N LEU E 253 -59.33 -12.25 8.53
CA LEU E 253 -59.72 -12.99 7.33
C LEU E 253 -58.64 -12.89 6.25
N LYS E 254 -57.59 -12.14 6.54
CA LYS E 254 -56.45 -12.02 5.65
C LYS E 254 -56.83 -11.43 4.29
N MET E 255 -57.68 -10.41 4.31
CA MET E 255 -58.11 -9.74 3.08
C MET E 255 -57.12 -8.64 2.71
N GLY E 256 -55.96 -9.05 2.21
CA GLY E 256 -54.86 -8.13 1.94
C GLY E 256 -55.06 -7.25 0.72
N ALA E 257 -55.79 -7.75 -0.28
CA ALA E 257 -56.06 -6.95 -1.48
C ALA E 257 -56.99 -5.80 -1.15
N TYR E 258 -58.08 -6.12 -0.46
CA TYR E 258 -59.07 -5.14 -0.04
C TYR E 258 -58.48 -4.14 0.95
N LEU E 259 -57.70 -4.63 1.90
CA LEU E 259 -57.10 -3.79 2.91
C LEU E 259 -56.01 -2.87 2.34
N SER E 260 -55.31 -3.35 1.32
CA SER E 260 -54.23 -2.59 0.71
C SER E 260 -54.73 -1.30 0.06
N VAL E 261 -55.85 -1.39 -0.63
CA VAL E 261 -56.43 -0.25 -1.33
C VAL E 261 -56.80 0.90 -0.40
N GLY E 262 -57.25 0.56 0.81
CA GLY E 262 -57.72 1.56 1.75
C GLY E 262 -56.68 2.08 2.72
N LYS E 263 -55.44 1.62 2.55
CA LYS E 263 -54.35 1.99 3.45
C LYS E 263 -54.13 3.50 3.51
N GLY E 264 -54.33 4.18 2.39
CA GLY E 264 -54.07 5.61 2.31
C GLY E 264 -55.23 6.50 2.71
N SER E 265 -56.31 5.91 3.18
CA SER E 265 -57.51 6.66 3.53
C SER E 265 -57.57 6.99 5.02
N MET E 266 -58.23 8.10 5.36
CA MET E 266 -58.44 8.46 6.76
C MET E 266 -59.62 7.66 7.30
N TYR E 267 -60.41 7.09 6.40
CA TYR E 267 -61.54 6.27 6.78
C TYR E 267 -61.17 4.79 6.71
N PRO E 268 -61.37 4.07 7.82
CA PRO E 268 -61.12 2.64 7.95
C PRO E 268 -62.00 1.81 7.02
N ASN E 269 -61.50 0.67 6.55
CA ASN E 269 -62.28 -0.21 5.70
C ASN E 269 -63.51 -0.71 6.44
N LYS E 270 -64.62 -0.84 5.71
CA LYS E 270 -65.86 -1.36 6.27
C LYS E 270 -66.47 -2.34 5.29
N PHE E 271 -66.62 -3.59 5.73
CA PHE E 271 -67.19 -4.62 4.88
C PHE E 271 -68.67 -4.80 5.20
N ILE E 272 -69.52 -4.50 4.23
CA ILE E 272 -70.97 -4.57 4.42
C ILE E 272 -71.52 -5.95 4.08
N HIS E 273 -72.28 -6.51 5.02
CA HIS E 273 -72.92 -7.80 4.80
C HIS E 273 -74.38 -7.79 5.26
N LEU E 274 -75.29 -7.58 4.32
CA LEU E 274 -76.72 -7.69 4.59
C LEU E 274 -77.24 -9.02 4.09
N THR E 275 -78.24 -9.57 4.77
CA THR E 275 -78.80 -10.86 4.40
C THR E 275 -80.32 -10.87 4.45
N TYR E 276 -80.94 -11.32 3.38
CA TYR E 276 -82.37 -11.57 3.37
C TYR E 276 -82.66 -13.06 3.30
N LYS E 277 -83.41 -13.56 4.28
CA LYS E 277 -83.81 -14.97 4.29
C LYS E 277 -85.32 -15.10 4.23
N SER E 278 -85.80 -15.94 3.32
CA SER E 278 -87.22 -16.16 3.16
C SER E 278 -87.75 -16.92 4.37
N LYS E 279 -88.99 -16.64 4.77
CA LYS E 279 -89.58 -17.30 5.92
C LYS E 279 -90.00 -18.72 5.55
N GLY E 280 -89.70 -19.09 4.31
CA GLY E 280 -90.02 -20.40 3.78
C GLY E 280 -88.74 -21.19 3.63
N ASP E 281 -88.86 -22.46 3.22
CA ASP E 281 -87.68 -23.29 3.07
C ASP E 281 -86.83 -22.76 1.92
N VAL E 282 -85.68 -22.17 2.26
CA VAL E 282 -84.81 -21.57 1.26
C VAL E 282 -84.32 -22.63 0.27
N LYS E 283 -84.32 -22.28 -1.01
CA LYS E 283 -83.97 -23.25 -2.03
C LYS E 283 -82.86 -22.70 -2.93
N LYS E 284 -82.94 -21.42 -3.26
CA LYS E 284 -81.85 -20.75 -3.98
C LYS E 284 -81.07 -19.82 -3.05
N LYS E 285 -79.75 -19.95 -3.04
CA LYS E 285 -78.89 -19.04 -2.28
C LYS E 285 -78.10 -18.14 -3.22
N ILE E 286 -78.18 -16.84 -3.02
CA ILE E 286 -77.55 -15.89 -3.94
C ILE E 286 -76.68 -14.88 -3.22
N ALA E 287 -75.50 -14.61 -3.78
CA ALA E 287 -74.61 -13.57 -3.26
C ALA E 287 -74.48 -12.42 -4.26
N LEU E 288 -74.83 -11.22 -3.82
CA LEU E 288 -74.71 -10.03 -4.66
C LEU E 288 -73.55 -9.15 -4.20
N VAL E 289 -72.56 -8.98 -5.07
CA VAL E 289 -71.35 -8.23 -4.72
C VAL E 289 -71.28 -6.91 -5.49
N GLY E 290 -71.21 -5.80 -4.76
CA GLY E 290 -71.12 -4.49 -5.38
C GLY E 290 -69.82 -3.77 -5.05
N LYS E 291 -69.21 -3.16 -6.05
CA LYS E 291 -68.00 -2.37 -5.85
C LYS E 291 -68.31 -1.12 -5.02
N GLY E 292 -67.54 -0.92 -3.95
CA GLY E 292 -67.81 0.19 -3.05
C GLY E 292 -66.62 1.08 -2.76
N ILE E 293 -66.15 1.79 -3.79
CA ILE E 293 -65.10 2.78 -3.61
C ILE E 293 -65.74 4.17 -3.51
N THR E 294 -65.76 4.72 -2.31
CA THR E 294 -66.47 5.98 -2.06
C THR E 294 -65.84 7.12 -2.84
N PHE E 295 -64.54 7.02 -3.09
CA PHE E 295 -63.87 7.93 -4.01
C PHE E 295 -62.61 7.29 -4.60
N ASP E 296 -62.46 7.42 -5.90
CA ASP E 296 -61.30 6.87 -6.60
C ASP E 296 -60.40 7.98 -7.13
N SER E 297 -59.35 8.29 -6.39
CA SER E 297 -58.37 9.26 -6.84
C SER E 297 -57.40 8.58 -7.79
N GLY E 298 -57.33 7.25 -7.71
CA GLY E 298 -56.44 6.46 -8.53
C GLY E 298 -55.22 6.02 -7.74
N GLY E 299 -55.08 6.56 -6.54
CA GLY E 299 -53.89 6.32 -5.73
C GLY E 299 -52.70 7.02 -6.34
N TYR E 300 -51.51 6.48 -6.12
CA TYR E 300 -50.30 7.07 -6.69
C TYR E 300 -50.33 7.05 -8.22
N ASN E 301 -51.14 6.18 -8.79
CA ASN E 301 -51.48 6.27 -10.20
C ASN E 301 -52.62 7.27 -10.36
N LEU E 302 -52.35 8.50 -9.94
CA LEU E 302 -53.37 9.54 -9.85
C LEU E 302 -54.08 9.78 -11.17
N LYS E 303 -55.40 9.99 -11.10
CA LYS E 303 -56.18 10.34 -12.27
C LYS E 303 -55.89 11.79 -12.67
N ALA E 304 -54.79 11.99 -13.38
CA ALA E 304 -54.36 13.33 -13.77
C ALA E 304 -54.39 13.48 -15.28
N ALA E 305 -54.51 12.35 -15.98
CA ALA E 305 -54.59 12.37 -17.44
C ALA E 305 -55.90 12.98 -17.89
N PRO E 306 -55.87 13.69 -19.03
CA PRO E 306 -57.07 14.28 -19.62
C PRO E 306 -58.14 13.23 -19.93
N GLY E 307 -59.35 13.45 -19.43
CA GLY E 307 -60.43 12.51 -19.65
C GLY E 307 -60.54 11.48 -18.55
N SER E 308 -59.76 11.65 -17.50
CA SER E 308 -59.76 10.71 -16.38
C SER E 308 -60.96 10.97 -15.49
N MET E 309 -61.55 12.16 -15.63
CA MET E 309 -62.79 12.53 -14.94
C MET E 309 -62.71 12.29 -13.44
N ILE E 310 -61.73 12.93 -12.80
CA ILE E 310 -61.50 12.72 -11.36
C ILE E 310 -62.62 13.29 -10.50
N ASP E 311 -63.32 14.30 -11.00
CA ASP E 311 -64.40 14.93 -10.26
C ASP E 311 -65.66 14.06 -10.24
N LEU E 312 -65.64 13.00 -11.04
CA LEU E 312 -66.79 12.11 -11.14
C LEU E 312 -66.65 10.90 -10.23
N MET E 313 -65.44 10.67 -9.72
CA MET E 313 -65.12 9.41 -9.04
C MET E 313 -65.79 9.25 -7.67
N LYS E 314 -66.77 10.09 -7.36
CA LYS E 314 -67.61 9.86 -6.19
C LYS E 314 -68.59 8.74 -6.51
N PHE E 315 -68.75 8.45 -7.80
CA PHE E 315 -69.72 7.46 -8.26
C PHE E 315 -69.12 6.06 -8.30
N ASP E 316 -67.89 5.93 -7.83
CA ASP E 316 -67.17 4.67 -7.92
C ASP E 316 -67.70 3.65 -6.93
N MET E 317 -68.75 4.02 -6.21
CA MET E 317 -69.43 3.09 -5.31
C MET E 317 -70.84 2.80 -5.82
N SER E 318 -71.04 3.01 -7.12
CA SER E 318 -72.32 2.76 -7.76
C SER E 318 -72.78 1.31 -7.64
N GLY E 319 -71.81 0.38 -7.70
CA GLY E 319 -72.10 -1.03 -7.58
C GLY E 319 -72.66 -1.38 -6.22
N CYS E 320 -72.02 -0.87 -5.18
CA CYS E 320 -72.52 -1.05 -3.81
C CYS E 320 -73.90 -0.46 -3.66
N ALA E 321 -74.12 0.71 -4.25
CA ALA E 321 -75.41 1.38 -4.19
C ALA E 321 -76.48 0.54 -4.89
N ALA E 322 -76.11 -0.07 -6.01
CA ALA E 322 -77.02 -0.91 -6.77
C ALA E 322 -77.43 -2.14 -5.97
N VAL E 323 -76.46 -2.74 -5.28
CA VAL E 323 -76.71 -3.92 -4.46
C VAL E 323 -77.63 -3.58 -3.29
N LEU E 324 -77.37 -2.44 -2.66
CA LEU E 324 -78.17 -1.97 -1.55
C LEU E 324 -79.59 -1.60 -1.99
N GLY E 325 -79.69 -1.01 -3.18
CA GLY E 325 -80.98 -0.68 -3.75
C GLY E 325 -81.83 -1.92 -3.98
N CYS E 326 -81.18 -2.99 -4.42
CA CYS E 326 -81.85 -4.27 -4.58
C CYS E 326 -82.30 -4.80 -3.22
N ALA E 327 -81.48 -4.56 -2.20
CA ALA E 327 -81.79 -4.99 -0.84
C ALA E 327 -83.11 -4.39 -0.36
N TYR E 328 -83.34 -3.13 -0.70
CA TYR E 328 -84.60 -2.47 -0.34
C TYR E 328 -85.79 -3.13 -1.03
N CYS E 329 -85.65 -3.35 -2.34
CA CYS E 329 -86.72 -3.94 -3.13
C CYS E 329 -87.05 -5.34 -2.65
N VAL E 330 -86.01 -6.13 -2.41
CA VAL E 330 -86.16 -7.51 -1.96
C VAL E 330 -86.76 -7.55 -0.56
N GLY E 331 -86.29 -6.67 0.32
CA GLY E 331 -86.80 -6.61 1.67
C GLY E 331 -88.23 -6.13 1.73
N THR E 332 -88.66 -5.41 0.70
CA THR E 332 -90.01 -4.89 0.64
C THR E 332 -90.96 -5.87 -0.04
N LEU E 333 -90.52 -6.46 -1.14
CA LEU E 333 -91.35 -7.37 -1.91
C LEU E 333 -91.35 -8.78 -1.30
N LYS E 334 -90.29 -9.08 -0.56
CA LYS E 334 -90.19 -10.34 0.19
C LYS E 334 -90.42 -11.58 -0.66
N PRO E 335 -89.45 -11.91 -1.54
CA PRO E 335 -89.55 -13.14 -2.33
C PRO E 335 -89.38 -14.38 -1.47
N GLU E 336 -89.91 -15.51 -1.93
CA GLU E 336 -89.87 -16.74 -1.15
C GLU E 336 -88.81 -17.72 -1.67
N ASN E 337 -88.41 -18.66 -0.81
CA ASN E 337 -87.51 -19.75 -1.17
C ASN E 337 -86.11 -19.30 -1.58
N VAL E 338 -85.71 -18.12 -1.11
CA VAL E 338 -84.39 -17.59 -1.44
C VAL E 338 -83.70 -16.96 -0.24
N GLU E 339 -82.38 -17.10 -0.20
CA GLU E 339 -81.55 -16.42 0.80
C GLU E 339 -80.53 -15.59 0.05
N ILE E 340 -80.56 -14.27 0.27
CA ILE E 340 -79.72 -13.36 -0.50
C ILE E 340 -78.76 -12.61 0.40
N HIS E 341 -77.48 -12.61 0.04
CA HIS E 341 -76.48 -11.85 0.77
C HIS E 341 -76.02 -10.64 -0.03
N PHE E 342 -76.19 -9.46 0.55
CA PHE E 342 -75.79 -8.23 -0.09
C PHE E 342 -74.43 -7.80 0.46
N LEU E 343 -73.41 -7.88 -0.39
CA LEU E 343 -72.04 -7.70 0.06
C LEU E 343 -71.33 -6.53 -0.62
N SER E 344 -70.48 -5.86 0.13
CA SER E 344 -69.67 -4.78 -0.43
C SER E 344 -68.44 -4.49 0.43
N ALA E 345 -67.26 -4.67 -0.15
CA ALA E 345 -66.02 -4.30 0.50
C ALA E 345 -65.78 -2.81 0.29
N VAL E 346 -66.15 -2.01 1.27
CA VAL E 346 -66.14 -0.55 1.11
C VAL E 346 -64.83 0.05 1.59
N CYS E 347 -64.28 0.96 0.77
CA CYS E 347 -63.06 1.67 1.13
C CYS E 347 -62.83 2.88 0.24
N GLU E 348 -61.70 3.55 0.44
CA GLU E 348 -61.37 4.74 -0.31
C GLU E 348 -59.94 4.69 -0.84
N ASN E 349 -59.76 5.05 -2.11
CA ASN E 349 -58.46 4.99 -2.76
C ASN E 349 -57.79 6.35 -2.83
N MET E 350 -56.93 6.63 -1.85
CA MET E 350 -56.35 7.96 -1.70
C MET E 350 -54.83 7.98 -1.84
N VAL E 351 -54.26 9.17 -1.90
CA VAL E 351 -52.82 9.34 -1.95
C VAL E 351 -52.30 9.80 -0.59
N SER E 352 -51.39 9.02 -0.01
CA SER E 352 -50.88 9.30 1.32
C SER E 352 -49.54 8.59 1.57
N LYS E 353 -48.91 8.88 2.70
CA LYS E 353 -47.70 8.18 3.08
C LYS E 353 -48.00 6.72 3.38
N ASN E 354 -49.27 6.43 3.64
CA ASN E 354 -49.69 5.09 4.01
C ASN E 354 -50.28 4.29 2.84
N SER E 355 -50.39 4.94 1.68
CA SER E 355 -50.97 4.30 0.50
C SER E 355 -50.07 3.18 -0.03
N TYR E 356 -50.67 2.23 -0.74
CA TYR E 356 -49.89 1.17 -1.37
C TYR E 356 -49.33 1.67 -2.69
N ARG E 357 -48.23 1.06 -3.14
CA ARG E 357 -47.47 1.58 -4.28
C ARG E 357 -47.63 0.72 -5.52
N PRO E 358 -47.42 1.34 -6.69
CA PRO E 358 -47.27 0.58 -7.94
C PRO E 358 -46.08 -0.37 -7.84
N GLY E 359 -46.30 -1.65 -8.11
CA GLY E 359 -45.25 -2.64 -8.00
C GLY E 359 -45.36 -3.51 -6.76
N ASP E 360 -46.08 -3.02 -5.76
CA ASP E 360 -46.29 -3.77 -4.52
C ASP E 360 -46.95 -5.12 -4.76
N ILE E 361 -46.46 -6.14 -4.05
CA ILE E 361 -47.07 -7.46 -4.11
C ILE E 361 -47.85 -7.73 -2.82
N ILE E 362 -49.14 -8.02 -2.97
CA ILE E 362 -50.03 -8.21 -1.83
C ILE E 362 -50.71 -9.57 -1.89
N THR E 363 -51.19 -10.03 -0.74
CA THR E 363 -51.79 -11.36 -0.64
C THR E 363 -53.29 -11.32 -0.37
N ALA E 364 -54.05 -11.99 -1.22
CA ALA E 364 -55.50 -12.09 -1.07
C ALA E 364 -55.87 -13.14 -0.02
N SER E 365 -57.13 -13.15 0.39
CA SER E 365 -57.61 -14.04 1.43
C SER E 365 -57.56 -15.51 1.01
N ASN E 366 -57.46 -15.77 -0.29
CA ASN E 366 -57.39 -17.14 -0.77
C ASN E 366 -55.94 -17.62 -0.94
N GLY E 367 -54.99 -16.80 -0.50
CA GLY E 367 -53.59 -17.18 -0.52
C GLY E 367 -52.82 -16.72 -1.75
N LYS E 368 -53.54 -16.32 -2.79
CA LYS E 368 -52.90 -15.88 -4.03
C LYS E 368 -52.19 -14.53 -3.87
N THR E 369 -50.93 -14.49 -4.27
CA THR E 369 -50.16 -13.25 -4.23
C THR E 369 -50.35 -12.46 -5.52
N ILE E 370 -50.45 -11.14 -5.39
CA ILE E 370 -50.74 -10.28 -6.53
C ILE E 370 -49.75 -9.14 -6.68
N GLU E 371 -49.24 -8.94 -7.89
CA GLU E 371 -48.35 -7.82 -8.18
C GLU E 371 -49.14 -6.63 -8.72
N VAL E 372 -49.14 -5.53 -7.98
CA VAL E 372 -49.85 -4.32 -8.37
C VAL E 372 -49.10 -3.57 -9.45
N GLY E 373 -49.72 -3.42 -10.62
CA GLY E 373 -49.11 -2.67 -11.72
C GLY E 373 -49.68 -1.29 -11.86
N ASN E 374 -50.85 -1.07 -11.24
CA ASN E 374 -51.53 0.22 -11.31
C ASN E 374 -52.53 0.34 -10.16
N THR E 375 -52.26 1.29 -9.26
CA THR E 375 -53.11 1.47 -8.08
C THR E 375 -54.50 1.97 -8.45
N ASP E 376 -54.68 2.39 -9.70
CA ASP E 376 -55.96 2.90 -10.14
C ASP E 376 -56.88 1.75 -10.56
N ALA E 377 -56.31 0.54 -10.60
CA ALA E 377 -57.09 -0.66 -10.83
C ALA E 377 -57.45 -1.28 -9.49
N GLU E 378 -57.93 -0.45 -8.57
CA GLU E 378 -58.17 -0.88 -7.18
C GLU E 378 -59.45 -1.69 -7.03
N GLY E 379 -60.39 -1.49 -7.95
CA GLY E 379 -61.69 -2.13 -7.87
C GLY E 379 -61.61 -3.64 -7.82
N ARG E 380 -60.86 -4.22 -8.75
CA ARG E 380 -60.71 -5.66 -8.85
C ARG E 380 -60.03 -6.26 -7.63
N LEU E 381 -59.19 -5.46 -6.96
CA LEU E 381 -58.50 -5.92 -5.76
C LEU E 381 -59.47 -6.13 -4.61
N THR E 382 -60.37 -5.16 -4.43
CA THR E 382 -61.39 -5.25 -3.39
C THR E 382 -62.39 -6.34 -3.74
N LEU E 383 -62.73 -6.44 -5.03
CA LEU E 383 -63.66 -7.44 -5.51
C LEU E 383 -63.12 -8.86 -5.33
N ALA E 384 -61.80 -9.02 -5.47
CA ALA E 384 -61.16 -10.32 -5.36
C ALA E 384 -61.42 -10.96 -3.99
N ASP E 385 -61.19 -10.19 -2.93
CA ASP E 385 -61.39 -10.66 -1.57
C ASP E 385 -62.87 -10.82 -1.25
N ALA E 386 -63.70 -10.00 -1.88
CA ALA E 386 -65.14 -10.06 -1.68
C ALA E 386 -65.70 -11.32 -2.31
N LEU E 387 -65.15 -11.70 -3.46
CA LEU E 387 -65.59 -12.89 -4.18
C LEU E 387 -65.23 -14.15 -3.40
N VAL E 388 -64.06 -14.14 -2.77
CA VAL E 388 -63.63 -15.24 -1.91
C VAL E 388 -64.56 -15.36 -0.71
N TYR E 389 -64.88 -14.20 -0.12
CA TYR E 389 -65.79 -14.14 1.02
C TYR E 389 -67.16 -14.64 0.60
N ALA E 390 -67.60 -14.23 -0.60
CA ALA E 390 -68.90 -14.64 -1.12
C ALA E 390 -68.98 -16.15 -1.29
N GLU E 391 -67.97 -16.73 -1.93
CA GLU E 391 -67.94 -18.16 -2.21
C GLU E 391 -67.87 -18.95 -0.89
N LYS E 392 -67.33 -18.32 0.15
CA LYS E 392 -67.20 -18.95 1.45
C LYS E 392 -68.56 -19.13 2.12
N LEU E 393 -69.56 -18.41 1.64
CA LEU E 393 -70.92 -18.54 2.16
C LEU E 393 -71.64 -19.77 1.62
N GLY E 394 -71.05 -20.41 0.61
CA GLY E 394 -71.65 -21.57 -0.01
C GLY E 394 -72.96 -21.24 -0.70
N VAL E 395 -72.90 -20.34 -1.68
CA VAL E 395 -74.07 -19.91 -2.41
C VAL E 395 -74.16 -20.59 -3.78
N ASP E 396 -75.32 -20.46 -4.42
CA ASP E 396 -75.53 -21.05 -5.74
C ASP E 396 -75.08 -20.12 -6.85
N TYR E 397 -75.31 -18.81 -6.66
CA TYR E 397 -74.93 -17.81 -7.64
C TYR E 397 -74.13 -16.67 -7.02
N ILE E 398 -73.06 -16.26 -7.70
CA ILE E 398 -72.35 -15.05 -7.33
C ILE E 398 -72.41 -14.06 -8.49
N VAL E 399 -73.00 -12.90 -8.24
CA VAL E 399 -73.10 -11.84 -9.25
C VAL E 399 -72.54 -10.54 -8.72
N ASP E 400 -71.53 -10.01 -9.38
CA ASP E 400 -70.96 -8.72 -8.99
C ASP E 400 -71.32 -7.63 -9.99
N ILE E 401 -71.44 -6.41 -9.47
CA ILE E 401 -71.75 -5.26 -10.30
C ILE E 401 -70.84 -4.11 -9.91
N ALA E 402 -70.13 -3.54 -10.88
CA ALA E 402 -69.09 -2.56 -10.56
C ALA E 402 -68.75 -1.62 -11.71
N THR E 403 -68.37 -0.41 -11.35
CA THR E 403 -67.81 0.55 -12.31
C THR E 403 -66.33 0.26 -12.48
N LEU E 404 -66.03 -0.81 -13.22
CA LEU E 404 -64.68 -1.38 -13.21
C LEU E 404 -63.75 -0.79 -14.25
N THR E 405 -64.20 -0.68 -15.50
CA THR E 405 -63.32 -0.27 -16.57
C THR E 405 -63.92 0.83 -17.45
N GLY E 406 -63.14 1.89 -17.65
CA GLY E 406 -63.54 2.99 -18.51
C GLY E 406 -63.63 2.58 -19.96
N ALA E 407 -62.99 1.45 -20.29
CA ALA E 407 -62.97 0.92 -21.65
C ALA E 407 -64.39 0.60 -22.13
N MET E 408 -65.30 0.42 -21.18
CA MET E 408 -66.70 0.14 -21.49
C MET E 408 -67.30 1.25 -22.35
N LEU E 409 -66.81 2.47 -22.16
CA LEU E 409 -67.26 3.62 -22.94
C LEU E 409 -66.88 3.46 -24.41
N TYR E 410 -65.87 2.64 -24.67
CA TYR E 410 -65.39 2.42 -26.04
C TYR E 410 -65.98 1.15 -26.64
N SER E 411 -66.55 0.31 -25.79
CA SER E 411 -67.12 -0.95 -26.24
C SER E 411 -68.64 -0.86 -26.42
N LEU E 412 -69.35 -0.59 -25.33
CA LEU E 412 -70.81 -0.55 -25.38
C LEU E 412 -71.37 0.86 -25.19
N GLY E 413 -70.56 1.75 -24.62
CA GLY E 413 -70.97 3.13 -24.43
C GLY E 413 -71.70 3.40 -23.13
N THR E 414 -72.71 4.27 -23.18
CA THR E 414 -73.39 4.74 -21.99
C THR E 414 -74.77 4.11 -21.78
N SER E 415 -75.20 3.29 -22.73
CA SER E 415 -76.55 2.70 -22.67
C SER E 415 -76.52 1.26 -22.21
N TYR E 416 -75.59 0.47 -22.74
CA TYR E 416 -75.51 -0.95 -22.41
C TYR E 416 -74.35 -1.23 -21.47
N ALA E 417 -74.64 -1.94 -20.39
CA ALA E 417 -73.59 -2.44 -19.50
C ALA E 417 -73.07 -3.76 -20.07
N GLY E 418 -71.87 -4.15 -19.66
CA GLY E 418 -71.30 -5.40 -20.11
C GLY E 418 -71.39 -6.48 -19.05
N VAL E 419 -71.74 -7.69 -19.48
CA VAL E 419 -71.82 -8.81 -18.54
C VAL E 419 -70.84 -9.93 -18.93
N PHE E 420 -70.07 -10.38 -17.95
CA PHE E 420 -69.13 -11.48 -18.13
C PHE E 420 -69.45 -12.58 -17.11
N GLY E 421 -68.94 -13.79 -17.35
CA GLY E 421 -69.18 -14.87 -16.42
C GLY E 421 -68.50 -16.19 -16.75
N ASN E 422 -68.60 -17.14 -15.84
CA ASN E 422 -68.03 -18.46 -16.05
C ASN E 422 -69.12 -19.52 -16.20
N ASN E 423 -70.38 -19.07 -16.24
CA ASN E 423 -71.52 -19.96 -16.32
C ASN E 423 -72.57 -19.39 -17.25
N GLU E 424 -72.80 -20.10 -18.35
CA GLU E 424 -73.67 -19.62 -19.41
C GLU E 424 -75.13 -19.46 -18.97
N GLU E 425 -75.59 -20.37 -18.12
CA GLU E 425 -76.97 -20.34 -17.66
C GLU E 425 -77.24 -19.08 -16.82
N LEU E 426 -76.30 -18.76 -15.95
CA LEU E 426 -76.41 -17.57 -15.11
C LEU E 426 -76.39 -16.30 -15.96
N ILE E 427 -75.55 -16.29 -17.00
CA ILE E 427 -75.47 -15.14 -17.89
C ILE E 427 -76.81 -14.89 -18.56
N ASN E 428 -77.45 -15.95 -19.02
CA ASN E 428 -78.77 -15.86 -19.64
C ASN E 428 -79.81 -15.40 -18.62
N LYS E 429 -79.63 -15.81 -17.36
CA LYS E 429 -80.52 -15.39 -16.29
C LYS E 429 -80.46 -13.87 -16.14
N ILE E 430 -79.24 -13.35 -16.20
CA ILE E 430 -79.01 -11.91 -16.14
C ILE E 430 -79.59 -11.19 -17.35
N LEU E 431 -79.37 -11.77 -18.53
CA LEU E 431 -79.87 -11.18 -19.77
C LEU E 431 -81.39 -11.09 -19.80
N GLN E 432 -82.05 -12.12 -19.29
CA GLN E 432 -83.51 -12.12 -19.20
C GLN E 432 -83.99 -11.02 -18.27
N SER E 433 -83.32 -10.87 -17.13
CA SER E 433 -83.65 -9.81 -16.19
C SER E 433 -83.46 -8.44 -16.83
N SER E 434 -82.51 -8.36 -17.76
CA SER E 434 -82.26 -7.13 -18.51
C SER E 434 -83.50 -6.76 -19.34
N LYS E 435 -84.14 -7.78 -19.91
CA LYS E 435 -85.32 -7.57 -20.74
C LYS E 435 -86.49 -7.08 -19.92
N THR E 436 -86.72 -7.72 -18.77
CA THR E 436 -87.88 -7.40 -17.94
C THR E 436 -87.68 -6.17 -17.07
N SER E 437 -86.43 -5.85 -16.77
CA SER E 437 -86.12 -4.66 -16.00
C SER E 437 -85.90 -3.46 -16.92
N ASN E 438 -85.70 -3.75 -18.20
CA ASN E 438 -85.42 -2.71 -19.19
C ASN E 438 -84.16 -1.93 -18.87
N GLU E 439 -83.22 -2.59 -18.19
CA GLU E 439 -81.88 -2.06 -18.01
C GLU E 439 -80.93 -2.82 -18.91
N PRO E 440 -80.58 -2.19 -20.05
CA PRO E 440 -79.85 -2.83 -21.15
C PRO E 440 -78.51 -3.45 -20.72
N VAL E 441 -78.30 -4.69 -21.13
CA VAL E 441 -77.05 -5.39 -20.85
C VAL E 441 -76.68 -6.27 -22.04
N TRP E 442 -75.39 -6.29 -22.37
CA TRP E 442 -74.92 -7.12 -23.47
C TRP E 442 -73.85 -8.10 -23.01
N TRP E 443 -73.91 -9.31 -23.53
CA TRP E 443 -73.00 -10.37 -23.14
C TRP E 443 -71.65 -10.20 -23.82
N LEU E 444 -70.60 -10.07 -23.02
CA LEU E 444 -69.24 -9.95 -23.55
C LEU E 444 -68.41 -11.16 -23.17
N PRO E 445 -67.47 -11.54 -24.05
CA PRO E 445 -66.69 -12.78 -23.92
C PRO E 445 -65.49 -12.68 -22.98
N ILE E 446 -65.26 -13.74 -22.20
CA ILE E 446 -64.03 -13.88 -21.44
C ILE E 446 -63.02 -14.67 -22.24
N ILE E 447 -62.12 -13.97 -22.93
CA ILE E 447 -61.17 -14.59 -23.84
C ILE E 447 -59.95 -15.17 -23.12
N ASN E 448 -59.86 -16.49 -23.08
CA ASN E 448 -58.80 -17.19 -22.35
C ASN E 448 -57.41 -16.95 -22.93
N GLU E 449 -57.35 -16.58 -24.20
CA GLU E 449 -56.08 -16.33 -24.86
C GLU E 449 -55.33 -15.17 -24.22
N TYR E 450 -56.07 -14.30 -23.55
CA TYR E 450 -55.50 -13.13 -22.90
C TYR E 450 -54.99 -13.44 -21.50
N ARG E 451 -55.33 -14.63 -21.00
CA ARG E 451 -55.00 -15.01 -19.63
C ARG E 451 -53.50 -14.97 -19.35
N ALA E 452 -52.70 -15.27 -20.38
CA ALA E 452 -51.25 -15.33 -20.23
C ALA E 452 -50.64 -13.98 -19.90
N THR E 453 -51.33 -12.90 -20.26
CA THR E 453 -50.82 -11.55 -20.01
C THR E 453 -50.85 -11.22 -18.52
N LEU E 454 -51.54 -12.04 -17.75
CA LEU E 454 -51.64 -11.83 -16.31
C LEU E 454 -50.61 -12.65 -15.54
N ASN E 455 -49.77 -13.38 -16.27
CA ASN E 455 -48.72 -14.17 -15.63
C ASN E 455 -47.62 -13.26 -15.12
N SER E 456 -47.54 -13.12 -13.81
CA SER E 456 -46.54 -12.26 -13.17
C SER E 456 -45.20 -12.97 -13.04
N LYS E 457 -44.12 -12.20 -13.07
CA LYS E 457 -42.78 -12.76 -12.95
C LYS E 457 -42.45 -13.19 -11.53
N TYR E 458 -43.00 -12.50 -10.54
CA TYR E 458 -42.66 -12.78 -9.15
C TYR E 458 -43.87 -13.23 -8.33
N ALA E 459 -45.02 -12.62 -8.58
CA ALA E 459 -46.25 -12.98 -7.88
C ALA E 459 -46.99 -14.09 -8.62
N ASP E 460 -48.02 -14.64 -7.98
CA ASP E 460 -48.84 -15.67 -8.59
C ASP E 460 -49.55 -15.13 -9.82
N ILE E 461 -49.96 -13.86 -9.75
CA ILE E 461 -50.76 -13.25 -10.81
C ILE E 461 -50.58 -11.74 -10.86
N ASN E 462 -50.72 -11.18 -12.05
CA ASN E 462 -50.69 -9.73 -12.24
C ASN E 462 -52.05 -9.08 -12.04
N GLN E 463 -52.06 -7.89 -11.45
CA GLN E 463 -53.29 -7.13 -11.28
C GLN E 463 -53.83 -6.68 -12.64
N ILE E 464 -52.93 -6.19 -13.49
CA ILE E 464 -53.31 -5.69 -14.81
C ILE E 464 -52.39 -6.23 -15.89
N SER E 465 -52.78 -6.03 -17.15
CA SER E 465 -51.95 -6.40 -18.28
C SER E 465 -51.13 -5.21 -18.78
N SER E 466 -49.94 -5.51 -19.29
CA SER E 466 -49.08 -4.46 -19.85
C SER E 466 -49.33 -4.26 -21.34
N SER E 467 -49.73 -5.34 -22.01
CA SER E 467 -49.93 -5.29 -23.46
C SER E 467 -51.40 -5.19 -23.84
N VAL E 468 -52.18 -6.20 -23.50
CA VAL E 468 -53.59 -6.28 -23.92
C VAL E 468 -54.37 -5.02 -23.54
N LYS E 469 -55.03 -4.40 -24.53
CA LYS E 469 -55.77 -3.17 -24.31
C LYS E 469 -57.25 -3.45 -24.02
N ALA E 470 -57.65 -4.71 -24.12
CA ALA E 470 -59.02 -5.11 -23.80
C ALA E 470 -59.21 -5.22 -22.29
N SER E 471 -59.19 -4.06 -21.62
CA SER E 471 -59.17 -4.00 -20.16
C SER E 471 -60.35 -4.69 -19.50
N SER E 472 -61.53 -4.57 -20.11
CA SER E 472 -62.74 -5.16 -19.55
C SER E 472 -62.66 -6.67 -19.55
N ILE E 473 -62.08 -7.23 -20.60
CA ILE E 473 -61.92 -8.68 -20.69
C ILE E 473 -60.83 -9.17 -19.76
N VAL E 474 -59.74 -8.41 -19.68
CA VAL E 474 -58.63 -8.75 -18.80
C VAL E 474 -59.06 -8.74 -17.32
N ALA E 475 -59.84 -7.74 -16.94
CA ALA E 475 -60.33 -7.62 -15.58
C ALA E 475 -61.23 -8.79 -15.18
N SER E 476 -62.07 -9.23 -16.11
CA SER E 476 -62.95 -10.37 -15.87
C SER E 476 -62.12 -11.63 -15.65
N LEU E 477 -61.02 -11.75 -16.40
CA LEU E 477 -60.09 -12.85 -16.23
C LEU E 477 -59.48 -12.82 -14.82
N PHE E 478 -59.20 -11.62 -14.34
CA PHE E 478 -58.67 -11.45 -12.99
C PHE E 478 -59.65 -11.98 -11.94
N LEU E 479 -60.88 -11.50 -11.99
CA LEU E 479 -61.91 -11.90 -11.03
C LEU E 479 -62.17 -13.39 -11.08
N LYS E 480 -62.12 -13.94 -12.30
CA LYS E 480 -62.38 -15.36 -12.53
C LYS E 480 -61.39 -16.22 -11.76
N GLU E 481 -60.24 -15.63 -11.43
CA GLU E 481 -59.21 -16.35 -10.66
C GLU E 481 -59.55 -16.45 -9.17
N PHE E 482 -60.66 -15.86 -8.76
CA PHE E 482 -61.05 -15.86 -7.35
C PHE E 482 -62.41 -16.50 -7.11
N VAL E 483 -62.93 -17.20 -8.12
CA VAL E 483 -64.13 -18.01 -7.96
C VAL E 483 -63.83 -19.42 -8.46
N GLN E 484 -63.63 -20.35 -7.54
CA GLN E 484 -63.12 -21.67 -7.89
C GLN E 484 -64.14 -22.60 -8.52
N ASN E 485 -65.30 -22.76 -7.88
CA ASN E 485 -66.26 -23.75 -8.34
C ASN E 485 -67.71 -23.34 -8.07
N THR E 486 -68.04 -22.09 -8.41
CA THR E 486 -69.38 -21.57 -8.23
C THR E 486 -69.80 -20.74 -9.42
N ALA E 487 -71.08 -20.79 -9.78
CA ALA E 487 -71.61 -19.97 -10.85
C ALA E 487 -71.43 -18.49 -10.54
N TRP E 488 -70.77 -17.78 -11.44
CA TRP E 488 -70.40 -16.38 -11.19
C TRP E 488 -70.59 -15.51 -12.41
N ALA E 489 -71.15 -14.32 -12.20
CA ALA E 489 -71.33 -13.35 -13.27
C ALA E 489 -70.81 -11.98 -12.85
N HIS E 490 -70.34 -11.20 -13.82
CA HIS E 490 -69.76 -9.89 -13.54
C HIS E 490 -70.31 -8.83 -14.47
N ILE E 491 -70.95 -7.82 -13.90
CA ILE E 491 -71.55 -6.73 -14.68
C ILE E 491 -70.74 -5.44 -14.55
N ASP E 492 -70.17 -4.98 -15.67
CA ASP E 492 -69.38 -3.76 -15.68
C ASP E 492 -70.26 -2.57 -16.06
N ILE E 493 -70.55 -1.72 -15.08
CA ILE E 493 -71.47 -0.60 -15.27
C ILE E 493 -70.76 0.75 -15.24
N ALA E 494 -69.46 0.75 -15.54
CA ALA E 494 -68.67 1.98 -15.53
C ALA E 494 -69.24 3.02 -16.51
N GLY E 495 -69.69 2.56 -17.66
CA GLY E 495 -70.18 3.45 -18.71
C GLY E 495 -71.62 3.89 -18.57
N VAL E 496 -72.43 3.12 -17.85
CA VAL E 496 -73.86 3.39 -17.78
C VAL E 496 -74.32 3.99 -16.45
N SER E 497 -73.46 3.97 -15.45
CA SER E 497 -73.83 4.41 -14.11
C SER E 497 -74.24 5.89 -14.05
N TRP E 498 -73.44 6.75 -14.66
CA TRP E 498 -73.67 8.19 -14.60
C TRP E 498 -74.32 8.75 -15.87
N ASN E 499 -75.37 9.55 -15.68
CA ASN E 499 -76.01 10.25 -16.79
C ASN E 499 -75.30 11.57 -17.03
N PHE E 500 -74.39 11.58 -17.99
CA PHE E 500 -73.54 12.75 -18.22
C PHE E 500 -74.36 13.94 -18.73
N LYS E 501 -75.34 13.66 -19.56
CA LYS E 501 -76.19 14.71 -20.11
C LYS E 501 -77.04 15.35 -19.01
N ALA E 502 -77.55 14.53 -18.11
CA ALA E 502 -78.43 15.00 -17.04
C ALA E 502 -77.67 15.37 -15.78
N ARG E 503 -76.37 15.08 -15.77
CA ARG E 503 -75.51 15.37 -14.62
C ARG E 503 -76.00 14.69 -13.35
N LYS E 504 -76.39 13.42 -13.47
CA LYS E 504 -76.88 12.68 -12.31
C LYS E 504 -76.75 11.17 -12.52
N PRO E 505 -76.85 10.41 -11.43
CA PRO E 505 -76.79 8.95 -11.49
C PRO E 505 -78.06 8.37 -12.11
N LYS E 506 -77.97 7.13 -12.58
CA LYS E 506 -79.13 6.45 -13.14
C LYS E 506 -79.74 5.51 -12.11
N GLY E 507 -78.93 5.14 -11.11
CA GLY E 507 -79.31 4.10 -10.18
C GLY E 507 -79.39 2.78 -10.92
N PHE E 508 -78.51 2.63 -11.91
CA PHE E 508 -78.49 1.47 -12.78
C PHE E 508 -78.15 0.19 -12.03
N GLY E 509 -78.93 -0.85 -12.26
CA GLY E 509 -78.65 -2.17 -11.70
C GLY E 509 -79.61 -2.65 -10.62
N VAL E 510 -80.30 -1.73 -9.99
CA VAL E 510 -81.23 -2.07 -8.91
C VAL E 510 -82.37 -2.96 -9.38
N ARG E 511 -83.04 -2.52 -10.45
CA ARG E 511 -84.17 -3.25 -11.00
C ARG E 511 -83.73 -4.53 -11.69
N LEU E 512 -82.55 -4.48 -12.32
CA LEU E 512 -81.98 -5.64 -12.99
C LEU E 512 -81.74 -6.79 -12.00
N LEU E 513 -81.11 -6.47 -10.88
CA LEU E 513 -80.75 -7.48 -9.88
C LEU E 513 -81.98 -8.00 -9.16
N THR E 514 -82.96 -7.13 -8.93
CA THR E 514 -84.19 -7.51 -8.25
C THR E 514 -85.01 -8.48 -9.09
N GLU E 515 -85.11 -8.19 -10.38
CA GLU E 515 -85.77 -9.09 -11.32
C GLU E 515 -85.07 -10.43 -11.36
N PHE E 516 -83.75 -10.39 -11.22
CA PHE E 516 -82.94 -11.61 -11.17
C PHE E 516 -83.33 -12.41 -9.93
N VAL E 517 -83.46 -11.70 -8.80
CA VAL E 517 -83.84 -12.33 -7.55
C VAL E 517 -85.28 -12.81 -7.57
N LEU E 518 -86.14 -12.05 -8.24
CA LEU E 518 -87.58 -12.35 -8.27
C LEU E 518 -87.91 -13.47 -9.26
N ASN E 519 -87.27 -13.44 -10.43
CA ASN E 519 -87.54 -14.42 -11.47
C ASN E 519 -86.76 -15.71 -11.26
N SER F 3 -35.07 -0.07 13.58
CA SER F 3 -35.04 -1.49 13.27
C SER F 3 -36.45 -2.06 13.12
N GLU F 4 -37.40 -1.50 13.86
CA GLU F 4 -38.77 -1.97 13.78
C GLU F 4 -39.51 -1.33 12.60
N VAL F 5 -40.07 -2.16 11.74
CA VAL F 5 -40.81 -1.70 10.57
C VAL F 5 -42.24 -1.28 10.91
N PRO F 6 -42.59 -0.02 10.61
CA PRO F 6 -43.95 0.49 10.85
C PRO F 6 -44.97 -0.17 9.93
N GLN F 7 -46.20 -0.34 10.40
CA GLN F 7 -47.25 -0.96 9.59
C GLN F 7 -48.51 -0.10 9.52
N VAL F 8 -49.26 -0.25 8.44
CA VAL F 8 -50.59 0.34 8.32
C VAL F 8 -51.62 -0.71 8.70
N VAL F 9 -51.42 -1.92 8.20
CA VAL F 9 -52.23 -3.06 8.58
C VAL F 9 -51.32 -4.19 9.05
N SER F 10 -51.89 -5.16 9.75
CA SER F 10 -51.11 -6.27 10.30
C SER F 10 -50.56 -7.17 9.19
N LEU F 11 -51.12 -7.04 7.99
CA LEU F 11 -50.73 -7.88 6.88
C LEU F 11 -49.50 -7.35 6.15
N ASP F 12 -49.07 -6.14 6.50
CA ASP F 12 -47.87 -5.56 5.89
C ASP F 12 -46.60 -6.28 6.37
N PRO F 13 -45.74 -6.65 5.41
CA PRO F 13 -44.49 -7.36 5.70
C PRO F 13 -43.51 -6.50 6.51
N THR F 14 -42.73 -7.14 7.37
CA THR F 14 -41.82 -6.42 8.25
C THR F 14 -40.36 -6.79 7.98
N SER F 15 -40.11 -7.50 6.88
CA SER F 15 -38.75 -7.87 6.51
C SER F 15 -38.67 -8.32 5.06
N ILE F 16 -37.50 -8.16 4.46
CA ILE F 16 -37.25 -8.62 3.10
C ILE F 16 -36.85 -10.09 3.07
N PRO F 17 -37.63 -10.91 2.36
CA PRO F 17 -37.30 -12.33 2.20
C PRO F 17 -36.02 -12.53 1.39
N ILE F 18 -35.05 -13.21 1.97
CA ILE F 18 -33.77 -13.41 1.31
C ILE F 18 -33.37 -14.88 1.20
N GLU F 19 -33.01 -15.29 -0.01
CA GLU F 19 -32.48 -16.63 -0.23
C GLU F 19 -30.96 -16.59 -0.26
N TYR F 20 -30.33 -17.20 0.74
CA TYR F 20 -28.88 -17.24 0.79
C TYR F 20 -28.38 -18.54 0.16
N ASN F 21 -28.89 -19.67 0.64
CA ASN F 21 -28.53 -20.97 0.10
C ASN F 21 -29.35 -21.29 -1.15
N THR F 22 -28.78 -21.03 -2.31
CA THR F 22 -29.47 -21.28 -3.58
C THR F 22 -29.04 -22.61 -4.17
N PRO F 23 -29.87 -23.19 -5.04
CA PRO F 23 -29.58 -24.44 -5.74
C PRO F 23 -28.24 -24.40 -6.46
N ILE F 24 -27.86 -23.21 -6.93
CA ILE F 24 -26.58 -23.02 -7.61
C ILE F 24 -25.40 -23.41 -6.73
N HIS F 25 -25.50 -23.11 -5.44
CA HIS F 25 -24.42 -23.41 -4.51
C HIS F 25 -24.25 -24.91 -4.28
N ASP F 26 -25.24 -25.68 -4.70
CA ASP F 26 -25.22 -27.12 -4.53
C ASP F 26 -24.68 -27.84 -5.77
N ILE F 27 -24.31 -27.06 -6.78
CA ILE F 27 -23.80 -27.61 -8.03
C ILE F 27 -22.30 -27.90 -7.95
N LYS F 28 -21.93 -29.17 -8.06
CA LYS F 28 -20.52 -29.55 -8.12
C LYS F 28 -19.96 -29.33 -9.52
N VAL F 29 -18.97 -28.45 -9.63
CA VAL F 29 -18.39 -28.10 -10.92
C VAL F 29 -17.00 -28.71 -11.13
N GLN F 30 -16.83 -29.39 -12.26
CA GLN F 30 -15.54 -29.98 -12.61
C GLN F 30 -15.08 -29.52 -13.99
N VAL F 31 -13.80 -29.17 -14.11
CA VAL F 31 -13.24 -28.70 -15.37
C VAL F 31 -12.20 -29.67 -15.93
N TYR F 32 -12.43 -30.15 -17.15
CA TYR F 32 -11.52 -31.08 -17.80
C TYR F 32 -10.88 -30.46 -19.04
N ASP F 33 -9.72 -30.99 -19.42
CA ASP F 33 -9.03 -30.54 -20.64
C ASP F 33 -9.57 -31.29 -21.85
N ILE F 34 -9.84 -30.55 -22.92
CA ILE F 34 -10.45 -31.12 -24.12
C ILE F 34 -9.52 -32.11 -24.80
N LYS F 35 -8.21 -31.97 -24.55
CA LYS F 35 -7.22 -32.87 -25.12
C LYS F 35 -7.41 -34.31 -24.61
N GLY F 36 -7.81 -34.45 -23.36
CA GLY F 36 -7.99 -35.75 -22.75
C GLY F 36 -9.26 -36.44 -23.24
N GLY F 37 -10.06 -35.71 -24.02
CA GLY F 37 -11.29 -36.25 -24.56
C GLY F 37 -12.49 -35.98 -23.66
N CYS F 38 -13.68 -36.04 -24.24
CA CYS F 38 -14.91 -35.79 -23.48
C CYS F 38 -15.65 -37.09 -23.21
N ASN F 39 -16.10 -37.26 -21.98
CA ASN F 39 -16.92 -38.41 -21.61
C ASN F 39 -18.42 -38.15 -21.64
N VAL F 40 -19.17 -39.11 -22.16
CA VAL F 40 -20.62 -39.04 -22.22
C VAL F 40 -21.18 -40.27 -21.50
N GLU F 41 -22.03 -40.05 -20.50
CA GLU F 41 -22.45 -41.14 -19.64
C GLU F 41 -23.57 -40.71 -18.68
N GLU F 42 -23.96 -39.45 -18.77
CA GLU F 42 -25.01 -38.92 -17.90
C GLU F 42 -25.39 -37.49 -18.29
N GLY F 43 -26.66 -37.16 -18.06
CA GLY F 43 -27.14 -35.79 -18.25
C GLY F 43 -27.11 -35.29 -19.68
N LEU F 44 -26.98 -33.98 -19.80
CA LEU F 44 -26.97 -33.31 -21.10
C LEU F 44 -25.59 -32.74 -21.44
N THR F 45 -25.12 -33.02 -22.64
CA THR F 45 -23.83 -32.51 -23.11
C THR F 45 -24.00 -31.53 -24.27
N ILE F 46 -23.54 -30.30 -24.07
CA ILE F 46 -23.71 -29.26 -25.09
C ILE F 46 -22.37 -28.78 -25.66
N PHE F 47 -22.28 -28.76 -26.99
CA PHE F 47 -21.09 -28.26 -27.66
C PHE F 47 -21.25 -26.82 -28.12
N LEU F 48 -20.29 -25.97 -27.75
CA LEU F 48 -20.26 -24.60 -28.22
C LEU F 48 -19.41 -24.51 -29.49
N VAL F 49 -20.09 -24.33 -30.63
CA VAL F 49 -19.41 -24.36 -31.92
C VAL F 49 -19.67 -23.11 -32.74
N ASN F 50 -18.67 -22.69 -33.50
CA ASN F 50 -18.82 -21.56 -34.41
C ASN F 50 -18.33 -21.89 -35.82
N ASN F 51 -18.46 -20.93 -36.72
CA ASN F 51 -17.94 -21.07 -38.08
C ASN F 51 -17.43 -19.74 -38.61
N PRO F 52 -16.15 -19.42 -38.34
CA PRO F 52 -15.52 -18.15 -38.74
C PRO F 52 -15.61 -17.90 -40.24
N GLU F 55 -21.64 -18.92 -40.08
CA GLU F 55 -21.26 -18.26 -41.32
C GLU F 55 -22.40 -17.56 -42.07
N ASN F 56 -23.68 -17.76 -41.73
CA ASN F 56 -24.27 -18.85 -40.93
C ASN F 56 -24.07 -20.28 -41.45
N GLY F 57 -22.83 -20.71 -41.60
CA GLY F 57 -22.50 -22.01 -42.13
C GLY F 57 -22.83 -23.15 -41.21
N PRO F 58 -22.68 -24.39 -41.71
CA PRO F 58 -23.01 -25.64 -41.00
C PRO F 58 -22.11 -25.93 -39.81
N VAL F 59 -22.64 -26.71 -38.88
CA VAL F 59 -21.92 -27.12 -37.67
C VAL F 59 -20.97 -28.28 -37.90
N LYS F 60 -19.74 -28.14 -37.42
CA LYS F 60 -18.75 -29.20 -37.50
C LYS F 60 -18.09 -29.42 -36.14
N ILE F 61 -18.24 -30.63 -35.61
CA ILE F 61 -17.70 -30.96 -34.30
C ILE F 61 -16.29 -31.52 -34.40
N SER F 62 -15.35 -30.88 -33.70
CA SER F 62 -13.94 -31.23 -33.80
C SER F 62 -13.46 -32.14 -32.66
N SER F 63 -14.05 -32.00 -31.50
CA SER F 63 -13.62 -32.74 -30.32
C SER F 63 -13.85 -34.25 -30.45
N LYS F 64 -12.92 -35.04 -29.92
CA LYS F 64 -13.05 -36.49 -29.90
C LYS F 64 -14.01 -36.96 -28.79
N VAL F 65 -14.94 -37.83 -29.14
CA VAL F 65 -15.91 -38.35 -28.18
C VAL F 65 -15.71 -39.84 -27.87
N ASN F 66 -15.50 -40.14 -26.59
CA ASN F 66 -15.25 -41.49 -26.12
C ASN F 66 -16.51 -42.36 -26.02
N ASP F 67 -17.37 -42.32 -27.03
CA ASP F 67 -18.60 -43.11 -27.05
C ASP F 67 -19.00 -43.43 -28.49
N LYS F 68 -19.31 -44.69 -28.76
CA LYS F 68 -19.57 -45.10 -30.14
C LYS F 68 -20.84 -44.48 -30.74
N GLN F 69 -21.97 -44.59 -30.04
CA GLN F 69 -23.20 -43.97 -30.55
C GLN F 69 -23.10 -42.44 -30.52
N VAL F 70 -22.56 -41.89 -29.44
CA VAL F 70 -22.48 -40.43 -29.31
C VAL F 70 -21.48 -39.82 -30.30
N SER F 71 -20.37 -40.52 -30.53
CA SER F 71 -19.38 -40.05 -31.50
C SER F 71 -19.98 -40.08 -32.91
N GLU F 72 -20.78 -41.12 -33.16
CA GLU F 72 -21.44 -41.30 -34.44
C GLU F 72 -22.49 -40.21 -34.68
N PHE F 73 -23.15 -39.81 -33.60
CA PHE F 73 -24.16 -38.76 -33.66
C PHE F 73 -23.57 -37.43 -34.14
N LEU F 74 -22.37 -37.13 -33.67
CA LEU F 74 -21.72 -35.85 -33.96
C LEU F 74 -20.98 -35.90 -35.30
N LYS F 75 -21.26 -36.92 -36.10
CA LYS F 75 -20.59 -37.09 -37.39
C LYS F 75 -20.82 -35.89 -38.32
N ASP F 76 -19.81 -35.64 -39.15
CA ASP F 76 -19.78 -34.48 -40.03
C ASP F 76 -21.00 -34.36 -40.95
N GLU F 77 -21.42 -35.48 -41.52
CA GLU F 77 -22.57 -35.51 -42.44
C GLU F 77 -23.88 -35.09 -41.78
N ASN F 78 -24.07 -35.51 -40.54
CA ASN F 78 -25.29 -35.22 -39.80
C ASN F 78 -25.40 -33.79 -39.29
N MET F 79 -24.28 -33.24 -38.84
CA MET F 79 -24.29 -31.92 -38.21
C MET F 79 -24.34 -30.82 -39.26
N GLU F 80 -24.04 -31.17 -40.50
CA GLU F 80 -23.99 -30.20 -41.58
C GLU F 80 -25.40 -29.69 -41.89
N LYS F 81 -26.40 -30.39 -41.35
CA LYS F 81 -27.79 -30.00 -41.52
C LYS F 81 -28.16 -28.91 -40.51
N PHE F 82 -27.26 -28.66 -39.56
CA PHE F 82 -27.46 -27.61 -38.57
C PHE F 82 -26.51 -26.44 -38.83
N ASN F 83 -26.93 -25.25 -38.45
CA ASN F 83 -26.10 -24.06 -38.66
C ASN F 83 -25.73 -23.38 -37.33
N VAL F 84 -24.75 -22.49 -37.40
CA VAL F 84 -24.19 -21.90 -36.18
C VAL F 84 -24.69 -20.48 -35.90
N LYS F 85 -25.84 -20.12 -36.45
CA LYS F 85 -26.43 -18.81 -36.20
C LYS F 85 -26.50 -18.58 -34.69
N LEU F 86 -25.98 -17.43 -34.26
CA LEU F 86 -25.83 -17.15 -32.83
C LEU F 86 -27.13 -17.35 -32.06
N GLY F 87 -27.11 -18.31 -31.14
CA GLY F 87 -28.27 -18.59 -30.31
C GLY F 87 -29.02 -19.84 -30.74
N THR F 88 -28.86 -20.24 -32.00
CA THR F 88 -29.55 -21.43 -32.49
C THR F 88 -29.05 -22.68 -31.77
N SER F 89 -29.96 -23.60 -31.47
CA SER F 89 -29.59 -24.81 -30.76
C SER F 89 -30.54 -25.98 -31.01
N LYS F 90 -30.02 -27.20 -30.94
CA LYS F 90 -30.86 -28.38 -31.02
C LYS F 90 -30.28 -29.45 -30.08
N HIS F 91 -31.15 -30.21 -29.42
CA HIS F 91 -30.70 -31.33 -28.60
C HIS F 91 -31.52 -32.60 -28.82
N PHE F 92 -30.83 -33.73 -28.85
CA PHE F 92 -31.43 -35.04 -29.08
C PHE F 92 -31.20 -36.02 -27.94
N TYR F 93 -32.16 -36.92 -27.74
CA TYR F 93 -32.05 -37.96 -26.73
C TYR F 93 -31.72 -39.30 -27.38
N MET F 94 -30.77 -40.02 -26.79
CA MET F 94 -30.29 -41.28 -27.33
C MET F 94 -29.59 -42.10 -26.25
N PHE F 95 -29.24 -43.34 -26.59
CA PHE F 95 -28.53 -44.22 -25.68
C PHE F 95 -27.04 -44.29 -26.02
N ASN F 96 -26.20 -44.25 -25.00
CA ASN F 96 -24.75 -44.34 -25.17
C ASN F 96 -24.29 -45.80 -25.19
N ASP F 97 -22.98 -46.02 -25.04
CA ASP F 97 -22.42 -47.36 -25.14
C ASP F 97 -22.96 -48.30 -24.05
N ASN F 98 -23.42 -47.72 -22.93
CA ASN F 98 -23.95 -48.51 -21.83
C ASN F 98 -25.47 -48.58 -21.78
N LYS F 99 -26.12 -48.24 -22.89
CA LYS F 99 -27.58 -48.23 -22.96
C LYS F 99 -28.17 -47.28 -21.93
N ASN F 100 -27.44 -46.21 -21.62
CA ASN F 100 -27.92 -45.19 -20.71
C ASN F 100 -28.44 -43.99 -21.50
N SER F 101 -29.50 -43.37 -20.99
CA SER F 101 -30.07 -42.21 -21.68
C SER F 101 -29.18 -41.00 -21.51
N VAL F 102 -28.78 -40.42 -22.64
CA VAL F 102 -27.95 -39.23 -22.64
C VAL F 102 -28.51 -38.20 -23.61
N ALA F 103 -28.32 -36.93 -23.29
CA ALA F 103 -28.76 -35.85 -24.15
C ALA F 103 -27.57 -35.11 -24.74
N VAL F 104 -27.54 -34.95 -26.05
CA VAL F 104 -26.43 -34.25 -26.70
C VAL F 104 -26.98 -33.16 -27.61
N GLY F 105 -26.20 -32.09 -27.75
CA GLY F 105 -26.63 -30.96 -28.56
C GLY F 105 -25.53 -29.93 -28.74
N TYR F 106 -25.90 -28.81 -29.35
CA TYR F 106 -24.95 -27.72 -29.58
C TYR F 106 -25.63 -26.36 -29.44
N VAL F 107 -24.83 -25.33 -29.29
CA VAL F 107 -25.33 -23.95 -29.34
C VAL F 107 -24.47 -23.13 -30.29
N GLY F 108 -25.12 -22.49 -31.26
CA GLY F 108 -24.40 -21.72 -32.26
C GLY F 108 -23.74 -20.50 -31.65
N CYS F 109 -22.47 -20.28 -31.99
CA CYS F 109 -21.72 -19.17 -31.46
C CYS F 109 -21.33 -18.15 -32.53
N GLY F 110 -22.00 -18.21 -33.67
CA GLY F 110 -21.82 -17.22 -34.72
C GLY F 110 -20.62 -17.44 -35.61
N SER F 111 -20.20 -16.38 -36.29
CA SER F 111 -19.11 -16.47 -37.25
C SER F 111 -17.89 -15.69 -36.80
N VAL F 112 -18.02 -14.97 -35.68
CA VAL F 112 -16.92 -14.20 -35.14
C VAL F 112 -16.10 -15.01 -34.15
N ALA F 113 -14.78 -14.90 -34.25
CA ALA F 113 -13.87 -15.67 -33.42
C ALA F 113 -13.90 -15.17 -31.98
N ASP F 114 -14.06 -13.86 -31.81
CA ASP F 114 -14.05 -13.25 -30.48
C ASP F 114 -15.46 -12.84 -30.05
N LEU F 115 -16.02 -13.63 -29.14
CA LEU F 115 -17.37 -13.36 -28.63
C LEU F 115 -17.39 -12.14 -27.70
N SER F 116 -18.44 -11.33 -27.84
CA SER F 116 -18.65 -10.20 -26.93
C SER F 116 -19.44 -10.66 -25.71
N GLU F 117 -19.54 -9.77 -24.71
CA GLU F 117 -20.32 -10.06 -23.52
C GLU F 117 -21.77 -10.32 -23.90
N ALA F 118 -22.27 -9.53 -24.84
CA ALA F 118 -23.64 -9.68 -25.32
C ALA F 118 -23.82 -10.96 -26.12
N ASP F 119 -22.84 -11.27 -26.95
CA ASP F 119 -22.86 -12.49 -27.76
C ASP F 119 -22.89 -13.72 -26.87
N MET F 120 -21.99 -13.74 -25.88
CA MET F 120 -21.92 -14.84 -24.91
C MET F 120 -23.21 -14.93 -24.11
N LYS F 121 -23.83 -13.78 -23.87
CA LYS F 121 -25.09 -13.71 -23.15
C LYS F 121 -26.20 -14.42 -23.92
N ARG F 122 -26.22 -14.25 -25.23
CA ARG F 122 -27.21 -14.90 -26.07
C ARG F 122 -26.98 -16.42 -26.08
N VAL F 123 -25.72 -16.81 -26.01
CA VAL F 123 -25.34 -18.21 -25.95
C VAL F 123 -25.80 -18.87 -24.65
N VAL F 124 -25.56 -18.17 -23.53
CA VAL F 124 -25.91 -18.68 -22.21
C VAL F 124 -27.41 -18.91 -22.04
N LEU F 125 -28.21 -17.99 -22.59
CA LEU F 125 -29.66 -18.09 -22.51
C LEU F 125 -30.20 -19.32 -23.24
N SER F 126 -29.60 -19.65 -24.37
CA SER F 126 -29.98 -20.84 -25.12
C SER F 126 -29.74 -22.10 -24.28
N LEU F 127 -28.63 -22.10 -23.56
CA LEU F 127 -28.30 -23.21 -22.68
C LEU F 127 -29.31 -23.31 -21.54
N VAL F 128 -29.60 -22.16 -20.92
CA VAL F 128 -30.53 -22.10 -19.81
C VAL F 128 -31.94 -22.50 -20.22
N THR F 129 -32.29 -22.22 -21.48
CA THR F 129 -33.59 -22.59 -22.01
C THR F 129 -33.76 -24.10 -22.00
N MET F 130 -32.68 -24.81 -22.28
CA MET F 130 -32.68 -26.27 -22.27
C MET F 130 -32.69 -26.82 -20.85
N LEU F 131 -32.10 -26.08 -19.93
CA LEU F 131 -32.04 -26.50 -18.54
C LEU F 131 -33.39 -26.36 -17.86
N HIS F 132 -34.15 -25.34 -18.27
CA HIS F 132 -35.45 -25.05 -17.69
C HIS F 132 -36.55 -25.96 -18.25
N ASP F 133 -36.22 -26.73 -19.28
CA ASP F 133 -37.20 -27.64 -19.89
C ASP F 133 -36.72 -29.09 -19.88
N ASN F 134 -35.68 -29.36 -19.11
CA ASN F 134 -35.12 -30.71 -19.02
C ASN F 134 -34.75 -31.08 -17.59
N LYS F 135 -35.21 -32.24 -17.14
CA LYS F 135 -34.93 -32.70 -15.79
C LYS F 135 -33.59 -33.43 -15.76
N LEU F 136 -32.51 -32.65 -15.86
CA LEU F 136 -31.18 -33.21 -15.96
C LEU F 136 -30.47 -33.25 -14.62
N SER F 137 -29.61 -34.25 -14.43
CA SER F 137 -28.82 -34.37 -13.21
C SER F 137 -27.46 -33.69 -13.37
N LYS F 138 -26.97 -33.66 -14.60
CA LYS F 138 -25.64 -33.11 -14.87
C LYS F 138 -25.60 -32.40 -16.22
N LEU F 139 -24.94 -31.24 -16.25
CA LEU F 139 -24.71 -30.54 -17.50
C LEU F 139 -23.22 -30.50 -17.82
N THR F 140 -22.89 -30.81 -19.08
CA THR F 140 -21.51 -30.76 -19.53
C THR F 140 -21.39 -29.87 -20.76
N VAL F 141 -20.54 -28.85 -20.65
CA VAL F 141 -20.34 -27.91 -21.74
C VAL F 141 -18.95 -28.07 -22.35
N VAL F 142 -18.89 -28.27 -23.66
CA VAL F 142 -17.63 -28.42 -24.35
C VAL F 142 -17.31 -27.17 -25.18
N PHE F 143 -16.24 -26.49 -24.80
CA PHE F 143 -15.84 -25.26 -25.46
C PHE F 143 -15.01 -25.52 -26.71
N GLU F 144 -15.66 -25.44 -27.87
CA GLU F 144 -14.94 -25.54 -29.14
C GLU F 144 -14.77 -24.13 -29.72
N ILE F 145 -14.70 -23.16 -28.82
CA ILE F 145 -14.42 -21.77 -29.17
C ILE F 145 -13.36 -21.21 -28.22
N ASN F 146 -12.77 -20.07 -28.58
CA ASN F 146 -11.72 -19.47 -27.78
C ASN F 146 -12.22 -18.36 -26.86
N VAL F 147 -12.01 -18.53 -25.56
CA VAL F 147 -12.38 -17.53 -24.56
C VAL F 147 -11.29 -17.39 -23.51
N ASP F 148 -11.07 -16.17 -23.03
CA ASP F 148 -10.08 -15.94 -21.97
C ASP F 148 -10.68 -16.22 -20.59
N LYS F 149 -9.84 -16.13 -19.57
CA LYS F 149 -10.26 -16.44 -18.20
C LYS F 149 -11.44 -15.55 -17.75
N ASN F 150 -11.36 -14.27 -18.07
CA ASN F 150 -12.42 -13.34 -17.72
C ASN F 150 -13.74 -13.66 -18.41
N LEU F 151 -13.67 -13.98 -19.70
CA LEU F 151 -14.86 -14.33 -20.46
C LEU F 151 -15.43 -15.68 -20.04
N PHE F 152 -14.55 -16.60 -19.67
CA PHE F 152 -14.96 -17.91 -19.17
C PHE F 152 -15.73 -17.78 -17.87
N ARG F 153 -15.21 -16.96 -16.95
CA ARG F 153 -15.87 -16.71 -15.68
C ARG F 153 -17.21 -16.02 -15.89
N PHE F 154 -17.26 -15.12 -16.87
CA PHE F 154 -18.49 -14.43 -17.22
C PHE F 154 -19.55 -15.42 -17.66
N PHE F 155 -19.12 -16.47 -18.35
CA PHE F 155 -19.99 -17.56 -18.76
C PHE F 155 -20.67 -18.19 -17.55
N LEU F 156 -19.87 -18.56 -16.55
CA LEU F 156 -20.37 -19.21 -15.34
C LEU F 156 -21.31 -18.28 -14.57
N GLU F 157 -20.88 -17.04 -14.38
CA GLU F 157 -21.69 -16.03 -13.69
C GLU F 157 -23.07 -15.92 -14.33
N THR F 158 -23.07 -15.72 -15.65
CA THR F 158 -24.31 -15.56 -16.40
C THR F 158 -25.14 -16.83 -16.36
N LEU F 159 -24.49 -17.98 -16.45
CA LEU F 159 -25.17 -19.27 -16.38
C LEU F 159 -25.90 -19.43 -15.06
N PHE F 160 -25.17 -19.22 -13.96
CA PHE F 160 -25.75 -19.32 -12.62
C PHE F 160 -26.92 -18.35 -12.43
N TYR F 161 -26.72 -17.10 -12.85
CA TYR F 161 -27.70 -16.05 -12.63
C TYR F 161 -29.00 -16.28 -13.41
N GLU F 162 -28.86 -16.59 -14.68
CA GLU F 162 -30.01 -16.79 -15.56
C GLU F 162 -30.73 -18.10 -15.26
N TYR F 163 -29.96 -19.10 -14.83
CA TYR F 163 -30.51 -20.40 -14.46
C TYR F 163 -31.41 -20.26 -13.23
N MET F 164 -30.96 -19.47 -12.27
CA MET F 164 -31.68 -19.28 -11.01
C MET F 164 -33.03 -18.59 -11.21
N THR F 165 -34.05 -19.08 -10.52
CA THR F 165 -35.38 -18.48 -10.57
C THR F 165 -35.83 -17.99 -9.20
N ASP F 166 -36.32 -16.75 -9.14
CA ASP F 166 -36.74 -16.16 -7.88
C ASP F 166 -38.22 -16.46 -7.61
N GLU F 167 -38.48 -17.22 -6.55
CA GLU F 167 -39.84 -17.66 -6.25
C GLU F 167 -40.26 -17.26 -4.83
N ARG F 168 -39.60 -16.24 -4.29
CA ARG F 168 -39.87 -15.78 -2.92
C ARG F 168 -41.31 -15.33 -2.71
N PHE F 169 -41.96 -14.87 -3.76
CA PHE F 169 -43.31 -14.31 -3.64
C PHE F 169 -44.37 -15.20 -4.30
N LYS F 170 -43.97 -16.44 -4.59
CA LYS F 170 -44.86 -17.40 -5.21
C LYS F 170 -45.57 -18.27 -4.16
N SER F 171 -46.90 -18.37 -4.25
CA SER F 171 -47.65 -19.22 -3.33
C SER F 171 -47.90 -20.59 -3.95
N GLU F 179 -34.97 -30.63 -8.97
CA GLU F 179 -35.28 -29.71 -10.05
C GLU F 179 -34.02 -29.24 -10.77
N TYR F 180 -33.09 -28.65 -10.01
CA TYR F 180 -31.84 -28.17 -10.58
C TYR F 180 -30.82 -29.29 -10.75
N ILE F 181 -29.92 -29.13 -11.71
CA ILE F 181 -28.82 -30.07 -11.89
C ILE F 181 -27.94 -30.05 -10.65
N LYS F 182 -27.28 -31.18 -10.37
CA LYS F 182 -26.40 -31.27 -9.19
C LYS F 182 -24.94 -31.26 -9.58
N HIS F 183 -24.67 -31.42 -10.88
CA HIS F 183 -23.30 -31.47 -11.37
C HIS F 183 -23.12 -30.68 -12.68
N LEU F 184 -22.01 -29.95 -12.78
CA LEU F 184 -21.68 -29.24 -14.00
C LEU F 184 -20.26 -29.57 -14.47
N GLY F 185 -20.17 -30.20 -15.64
CA GLY F 185 -18.89 -30.56 -16.22
C GLY F 185 -18.51 -29.63 -17.36
N VAL F 186 -17.25 -29.21 -17.39
CA VAL F 186 -16.78 -28.30 -18.42
C VAL F 186 -15.52 -28.81 -19.10
N TYR F 187 -15.61 -29.05 -20.41
CA TYR F 187 -14.45 -29.43 -21.20
C TYR F 187 -13.93 -28.22 -21.98
N ILE F 188 -12.68 -27.85 -21.73
CA ILE F 188 -12.08 -26.69 -22.37
C ILE F 188 -10.57 -26.89 -22.54
N ASN F 189 -9.93 -26.02 -23.31
CA ASN F 189 -8.49 -26.12 -23.53
C ASN F 189 -7.73 -25.31 -22.48
N ASN F 190 -6.64 -25.90 -21.97
CA ASN F 190 -5.90 -25.29 -20.87
C ASN F 190 -6.78 -25.19 -19.62
N ALA F 191 -7.45 -26.29 -19.31
CA ALA F 191 -8.44 -26.34 -18.22
C ALA F 191 -7.85 -25.88 -16.89
N ASP F 192 -6.57 -26.19 -16.67
CA ASP F 192 -5.91 -25.84 -15.41
C ASP F 192 -5.96 -24.34 -15.16
N THR F 193 -5.92 -23.56 -16.24
CA THR F 193 -5.94 -22.11 -16.15
C THR F 193 -7.32 -21.55 -15.79
N TYR F 194 -8.36 -22.30 -16.14
CA TYR F 194 -9.73 -21.85 -15.93
C TYR F 194 -10.30 -22.23 -14.57
N LYS F 195 -9.62 -23.15 -13.88
CA LYS F 195 -10.13 -23.70 -12.63
C LYS F 195 -10.32 -22.65 -11.54
N GLU F 196 -9.43 -21.67 -11.48
CA GLU F 196 -9.49 -20.64 -10.45
C GLU F 196 -10.67 -19.69 -10.66
N GLU F 197 -11.22 -19.68 -11.87
CA GLU F 197 -12.32 -18.79 -12.20
C GLU F 197 -13.68 -19.32 -11.71
N VAL F 198 -13.75 -20.63 -11.46
CA VAL F 198 -15.01 -21.27 -11.12
C VAL F 198 -15.66 -20.72 -9.86
N GLU F 199 -14.93 -20.75 -8.75
CA GLU F 199 -15.49 -20.34 -7.47
C GLU F 199 -15.61 -18.81 -7.37
N LYS F 200 -14.83 -18.10 -8.18
CA LYS F 200 -14.97 -16.66 -8.27
C LYS F 200 -16.30 -16.34 -8.93
N ALA F 201 -16.68 -17.18 -9.89
CA ALA F 201 -17.97 -17.06 -10.56
C ALA F 201 -19.10 -17.30 -9.58
N ARG F 202 -18.91 -18.28 -8.70
CA ARG F 202 -19.91 -18.62 -7.69
C ARG F 202 -20.18 -17.43 -6.78
N VAL F 203 -19.12 -16.75 -6.37
CA VAL F 203 -19.21 -15.59 -5.51
C VAL F 203 -19.82 -14.39 -6.24
N TYR F 204 -19.31 -14.13 -7.44
CA TYR F 204 -19.83 -13.05 -8.27
C TYR F 204 -21.30 -13.28 -8.60
N TYR F 205 -21.68 -14.55 -8.76
CA TYR F 205 -23.06 -14.91 -9.03
C TYR F 205 -24.03 -14.43 -7.96
N PHE F 206 -23.76 -14.77 -6.70
CA PHE F 206 -24.70 -14.48 -5.63
C PHE F 206 -24.75 -12.99 -5.30
N GLY F 207 -23.60 -12.33 -5.39
CA GLY F 207 -23.54 -10.90 -5.19
C GLY F 207 -24.47 -10.20 -6.15
N THR F 208 -24.47 -10.66 -7.39
CA THR F 208 -25.37 -10.13 -8.41
C THR F 208 -26.82 -10.54 -8.11
N TYR F 209 -27.01 -11.80 -7.73
CA TYR F 209 -28.35 -12.30 -7.44
C TYR F 209 -28.91 -11.71 -6.15
N TYR F 210 -28.02 -11.47 -5.19
CA TYR F 210 -28.40 -10.81 -3.94
C TYR F 210 -28.99 -9.43 -4.21
N ALA F 211 -28.27 -8.63 -4.98
CA ALA F 211 -28.72 -7.29 -5.34
C ALA F 211 -30.05 -7.34 -6.10
N SER F 212 -30.15 -8.28 -7.04
CA SER F 212 -31.38 -8.48 -7.79
C SER F 212 -32.57 -8.72 -6.86
N GLN F 213 -32.33 -9.46 -5.78
CA GLN F 213 -33.37 -9.77 -4.82
C GLN F 213 -33.85 -8.50 -4.13
N LEU F 214 -32.92 -7.61 -3.84
CA LEU F 214 -33.26 -6.34 -3.20
C LEU F 214 -34.05 -5.46 -4.16
N ILE F 215 -33.62 -5.45 -5.42
CA ILE F 215 -34.27 -4.63 -6.44
C ILE F 215 -35.66 -5.17 -6.78
N ALA F 216 -35.72 -6.48 -7.04
CA ALA F 216 -36.98 -7.12 -7.41
C ALA F 216 -38.01 -7.03 -6.28
N ALA F 217 -37.52 -7.00 -5.04
CA ALA F 217 -38.40 -6.88 -3.88
C ALA F 217 -39.20 -5.59 -3.93
N PRO F 218 -40.54 -5.71 -3.86
CA PRO F 218 -41.45 -4.56 -3.91
C PRO F 218 -41.25 -3.59 -2.75
N SER F 219 -41.75 -2.37 -2.90
CA SER F 219 -41.49 -1.31 -1.93
C SER F 219 -42.20 -1.55 -0.59
N ASN F 220 -43.23 -2.40 -0.59
CA ASN F 220 -43.91 -2.74 0.64
C ASN F 220 -43.10 -3.75 1.45
N TYR F 221 -42.31 -4.55 0.74
CA TYR F 221 -41.35 -5.45 1.40
C TYR F 221 -40.04 -4.72 1.65
N CYS F 222 -39.53 -4.05 0.61
CA CYS F 222 -38.26 -3.35 0.70
C CYS F 222 -38.43 -1.86 0.97
N ASN F 223 -38.28 -1.46 2.23
CA ASN F 223 -38.35 -0.06 2.60
C ASN F 223 -37.07 0.35 3.31
N PRO F 224 -36.91 1.65 3.60
CA PRO F 224 -35.69 2.17 4.24
C PRO F 224 -35.32 1.41 5.52
N VAL F 225 -36.32 0.99 6.28
CA VAL F 225 -36.07 0.28 7.52
C VAL F 225 -35.72 -1.19 7.28
N SER F 226 -36.51 -1.87 6.46
CA SER F 226 -36.29 -3.29 6.20
C SER F 226 -35.05 -3.51 5.34
N LEU F 227 -34.76 -2.56 4.47
CA LEU F 227 -33.60 -2.67 3.59
C LEU F 227 -32.32 -2.45 4.39
N SER F 228 -32.37 -1.49 5.32
CA SER F 228 -31.23 -1.22 6.19
C SER F 228 -31.03 -2.40 7.15
N ASN F 229 -32.12 -3.00 7.59
CA ASN F 229 -32.07 -4.19 8.44
C ASN F 229 -31.40 -5.36 7.73
N ALA F 230 -31.72 -5.51 6.45
CA ALA F 230 -31.11 -6.55 5.63
C ALA F 230 -29.60 -6.34 5.50
N ALA F 231 -29.20 -5.07 5.48
CA ALA F 231 -27.78 -4.72 5.38
C ALA F 231 -27.03 -5.10 6.65
N VAL F 232 -27.68 -4.94 7.80
CA VAL F 232 -27.09 -5.31 9.08
C VAL F 232 -26.89 -6.83 9.14
N GLU F 233 -27.90 -7.56 8.70
CA GLU F 233 -27.85 -9.02 8.66
C GLU F 233 -26.72 -9.51 7.75
N LEU F 234 -26.59 -8.87 6.60
CA LEU F 234 -25.54 -9.21 5.65
C LEU F 234 -24.17 -8.93 6.22
N ALA F 235 -24.05 -7.81 6.94
CA ALA F 235 -22.78 -7.41 7.55
C ALA F 235 -22.38 -8.37 8.66
N GLN F 236 -23.36 -8.91 9.37
CA GLN F 236 -23.10 -9.81 10.48
C GLN F 236 -22.61 -11.19 10.01
N LYS F 237 -23.15 -11.66 8.89
CA LYS F 237 -22.74 -12.95 8.33
C LYS F 237 -21.40 -12.84 7.58
N LEU F 238 -21.04 -11.64 7.18
CA LEU F 238 -19.82 -11.40 6.40
C LEU F 238 -18.65 -10.94 7.27
N ASN F 239 -18.95 -10.36 8.43
CA ASN F 239 -17.94 -9.91 9.38
C ASN F 239 -17.47 -8.51 9.03
N LEU F 240 -18.39 -7.67 8.58
CA LEU F 240 -18.06 -6.29 8.27
C LEU F 240 -18.48 -5.36 9.39
N GLU F 241 -17.70 -4.32 9.63
CA GLU F 241 -18.11 -3.28 10.56
C GLU F 241 -19.32 -2.57 9.95
N TYR F 242 -20.31 -2.24 10.78
CA TYR F 242 -21.50 -1.59 10.26
C TYR F 242 -22.02 -0.52 11.22
N LYS F 243 -22.70 0.46 10.65
CA LYS F 243 -23.30 1.54 11.44
C LYS F 243 -24.54 2.07 10.74
N ILE F 244 -25.66 2.08 11.45
CA ILE F 244 -26.91 2.58 10.90
C ILE F 244 -27.34 3.88 11.57
N LEU F 245 -27.27 4.98 10.82
CA LEU F 245 -27.63 6.30 11.33
C LEU F 245 -29.12 6.56 11.23
N GLY F 246 -29.72 6.95 12.35
CA GLY F 246 -31.14 7.27 12.38
C GLY F 246 -31.40 8.75 12.13
N VAL F 247 -32.66 9.14 12.24
CA VAL F 247 -33.07 10.52 11.97
C VAL F 247 -32.41 11.53 12.91
N LYS F 248 -32.27 11.16 14.18
CA LYS F 248 -31.69 12.05 15.17
C LYS F 248 -30.23 12.36 14.86
N GLU F 249 -29.50 11.34 14.41
CA GLU F 249 -28.09 11.50 14.06
C GLU F 249 -27.94 12.28 12.76
N LEU F 250 -28.85 12.03 11.82
CA LEU F 250 -28.81 12.70 10.52
C LEU F 250 -29.11 14.19 10.69
N GLU F 251 -29.98 14.52 11.64
CA GLU F 251 -30.28 15.91 11.96
C GLU F 251 -29.06 16.57 12.60
N GLU F 252 -28.39 15.83 13.48
CA GLU F 252 -27.19 16.31 14.15
C GLU F 252 -26.10 16.59 13.13
N LEU F 253 -26.05 15.77 12.09
CA LEU F 253 -25.04 15.91 11.03
C LEU F 253 -25.51 16.92 9.99
N LYS F 254 -26.70 17.46 10.19
CA LYS F 254 -27.24 18.51 9.32
C LYS F 254 -27.41 18.06 7.87
N MET F 255 -27.89 16.83 7.68
CA MET F 255 -28.13 16.29 6.34
C MET F 255 -29.52 16.67 5.86
N GLY F 256 -29.71 17.95 5.54
CA GLY F 256 -31.03 18.47 5.19
C GLY F 256 -31.54 18.09 3.81
N ALA F 257 -30.62 17.90 2.86
CA ALA F 257 -30.98 17.50 1.51
C ALA F 257 -31.53 16.08 1.53
N TYR F 258 -30.80 15.20 2.20
CA TYR F 258 -31.16 13.80 2.34
C TYR F 258 -32.47 13.65 3.11
N LEU F 259 -32.60 14.39 4.21
CA LEU F 259 -33.78 14.31 5.06
C LEU F 259 -35.04 14.89 4.41
N SER F 260 -34.85 15.91 3.57
CA SER F 260 -35.98 16.57 2.92
C SER F 260 -36.72 15.60 2.00
N VAL F 261 -35.96 14.79 1.26
CA VAL F 261 -36.51 13.82 0.34
C VAL F 261 -37.40 12.79 1.04
N GLY F 262 -37.02 12.42 2.26
CA GLY F 262 -37.72 11.39 3.00
C GLY F 262 -38.80 11.90 3.94
N LYS F 263 -39.04 13.21 3.91
CA LYS F 263 -40.02 13.83 4.80
C LYS F 263 -41.43 13.27 4.65
N GLY F 264 -41.80 12.90 3.43
CA GLY F 264 -43.15 12.45 3.15
C GLY F 264 -43.40 10.96 3.31
N SER F 265 -42.40 10.25 3.82
CA SER F 265 -42.51 8.79 3.96
C SER F 265 -42.98 8.39 5.35
N MET F 266 -43.65 7.24 5.43
CA MET F 266 -44.04 6.68 6.72
C MET F 266 -42.85 5.94 7.32
N TYR F 267 -41.87 5.65 6.47
CA TYR F 267 -40.64 5.01 6.91
C TYR F 267 -39.55 6.05 7.12
N PRO F 268 -38.94 6.07 8.32
CA PRO F 268 -37.86 6.99 8.67
C PRO F 268 -36.62 6.75 7.82
N ASN F 269 -35.86 7.81 7.53
CA ASN F 269 -34.62 7.66 6.78
C ASN F 269 -33.61 6.81 7.53
N LYS F 270 -32.86 6.00 6.78
CA LYS F 270 -31.83 5.16 7.38
C LYS F 270 -30.58 5.18 6.52
N PHE F 271 -29.47 5.66 7.09
CA PHE F 271 -28.22 5.76 6.36
C PHE F 271 -27.34 4.53 6.65
N ILE F 272 -27.07 3.74 5.61
CA ILE F 272 -26.29 2.51 5.77
C ILE F 272 -24.79 2.75 5.58
N HIS F 273 -23.99 2.29 6.54
CA HIS F 273 -22.55 2.40 6.45
C HIS F 273 -21.86 1.10 6.85
N LEU F 274 -21.49 0.31 5.85
CA LEU F 274 -20.70 -0.90 6.08
C LEU F 274 -19.25 -0.63 5.70
N THR F 275 -18.32 -1.30 6.38
CA THR F 275 -16.91 -1.09 6.13
C THR F 275 -16.12 -2.39 6.10
N TYR F 276 -15.30 -2.56 5.07
CA TYR F 276 -14.36 -3.67 5.01
C TYR F 276 -12.94 -3.14 5.19
N LYS F 277 -12.25 -3.67 6.21
CA LYS F 277 -10.87 -3.29 6.47
C LYS F 277 -9.93 -4.49 6.36
N SER F 278 -8.87 -4.32 5.57
CA SER F 278 -7.89 -5.39 5.37
C SER F 278 -7.05 -5.62 6.62
N GLY F 280 -3.81 -5.05 8.81
CA GLY F 280 -3.56 -3.64 8.90
C GLY F 280 -2.79 -3.09 7.70
N ASP F 281 -2.61 -3.93 6.69
CA ASP F 281 -1.86 -3.55 5.49
C ASP F 281 -2.61 -2.55 4.59
N VAL F 282 -3.38 -1.66 5.20
CA VAL F 282 -4.19 -0.72 4.41
C VAL F 282 -3.35 0.18 3.51
N LYS F 283 -3.83 0.37 2.29
CA LYS F 283 -3.13 1.13 1.26
C LYS F 283 -4.00 2.23 0.71
N LYS F 284 -4.96 1.83 -0.13
CA LYS F 284 -5.95 2.74 -0.70
C LYS F 284 -7.29 2.63 0.02
N LYS F 285 -7.86 3.78 0.35
CA LYS F 285 -9.17 3.83 1.00
C LYS F 285 -10.24 4.25 0.01
N ILE F 286 -11.30 3.47 -0.07
CA ILE F 286 -12.34 3.66 -1.08
C ILE F 286 -13.75 3.76 -0.49
N ALA F 287 -14.52 4.71 -1.01
CA ALA F 287 -15.93 4.83 -0.63
C ALA F 287 -16.84 4.55 -1.82
N LEU F 288 -17.72 3.57 -1.67
CA LEU F 288 -18.69 3.24 -2.71
C LEU F 288 -20.07 3.71 -2.28
N VAL F 289 -20.64 4.65 -3.03
CA VAL F 289 -21.92 5.25 -2.68
C VAL F 289 -23.03 4.85 -3.64
N GLY F 290 -24.09 4.25 -3.11
CA GLY F 290 -25.21 3.82 -3.92
C GLY F 290 -26.50 4.55 -3.57
N LYS F 291 -27.24 4.95 -4.60
CA LYS F 291 -28.54 5.58 -4.41
C LYS F 291 -29.54 4.58 -3.83
N GLY F 292 -30.20 4.96 -2.74
CA GLY F 292 -31.09 4.05 -2.05
C GLY F 292 -32.49 4.61 -1.84
N ILE F 293 -33.21 4.82 -2.94
CA ILE F 293 -34.61 5.20 -2.86
C ILE F 293 -35.48 3.97 -3.05
N THR F 294 -36.09 3.50 -1.97
CA THR F 294 -36.85 2.26 -1.99
C THR F 294 -38.06 2.34 -2.91
N PHE F 295 -38.60 3.54 -3.05
CA PHE F 295 -39.62 3.81 -4.06
C PHE F 295 -39.63 5.27 -4.47
N ASP F 296 -39.67 5.51 -5.78
CA ASP F 296 -39.70 6.86 -6.31
C ASP F 296 -41.03 7.15 -6.98
N SER F 297 -41.93 7.80 -6.25
CA SER F 297 -43.21 8.23 -6.82
C SER F 297 -43.01 9.52 -7.60
N GLY F 298 -41.92 10.21 -7.31
CA GLY F 298 -41.62 11.47 -7.94
C GLY F 298 -41.92 12.66 -7.05
N GLY F 299 -42.58 12.39 -5.93
CA GLY F 299 -43.03 13.45 -5.04
C GLY F 299 -44.16 14.25 -5.66
N TYR F 300 -44.28 15.51 -5.29
CA TYR F 300 -45.33 16.37 -5.84
C TYR F 300 -45.12 16.56 -7.35
N ASN F 301 -43.89 16.36 -7.80
CA ASN F 301 -43.62 16.20 -9.22
C ASN F 301 -43.90 14.75 -9.61
N LEU F 302 -45.13 14.32 -9.39
CA LEU F 302 -45.52 12.92 -9.53
C LEU F 302 -45.23 12.33 -10.90
N LYS F 303 -44.78 11.08 -10.90
CA LYS F 303 -44.57 10.35 -12.14
C LYS F 303 -45.90 9.97 -12.75
N ALA F 304 -46.53 10.92 -13.44
CA ALA F 304 -47.84 10.70 -14.02
C ALA F 304 -47.79 10.81 -15.55
N ALA F 305 -46.71 11.39 -16.04
CA ALA F 305 -46.53 11.55 -17.48
C ALA F 305 -46.32 10.21 -18.16
N PRO F 306 -46.81 10.07 -19.40
CA PRO F 306 -46.65 8.83 -20.18
C PRO F 306 -45.18 8.46 -20.37
N GLY F 307 -44.83 7.23 -20.02
CA GLY F 307 -43.47 6.76 -20.15
C GLY F 307 -42.63 6.97 -18.89
N SER F 308 -43.26 7.41 -17.82
CA SER F 308 -42.56 7.65 -16.56
C SER F 308 -42.32 6.35 -15.82
N MET F 309 -43.09 5.31 -16.18
CA MET F 309 -42.89 3.97 -15.66
C MET F 309 -42.80 3.92 -14.13
N ILE F 310 -43.84 4.43 -13.47
CA ILE F 310 -43.85 4.52 -12.01
C ILE F 310 -43.90 3.16 -11.33
N ASP F 311 -44.44 2.16 -12.03
CA ASP F 311 -44.55 0.82 -11.46
C ASP F 311 -43.19 0.12 -11.42
N LEU F 312 -42.19 0.75 -12.03
CA LEU F 312 -40.84 0.21 -12.07
C LEU F 312 -39.97 0.79 -10.97
N MET F 313 -40.44 1.87 -10.36
CA MET F 313 -39.62 2.69 -9.47
C MET F 313 -39.27 2.02 -8.14
N LYS F 314 -39.53 0.73 -8.03
CA LYS F 314 -39.02 -0.03 -6.89
C LYS F 314 -37.53 -0.26 -7.08
N PHE F 315 -37.07 -0.08 -8.31
CA PHE F 315 -35.69 -0.36 -8.67
C PHE F 315 -34.77 0.84 -8.42
N ASP F 316 -35.33 1.90 -7.86
CA ASP F 316 -34.58 3.14 -7.69
C ASP F 316 -33.55 3.02 -6.57
N MET F 317 -33.44 1.81 -6.01
CA MET F 317 -32.40 1.50 -5.04
C MET F 317 -31.40 0.50 -5.63
N SER F 318 -31.37 0.42 -6.95
CA SER F 318 -30.46 -0.50 -7.65
C SER F 318 -29.01 -0.21 -7.34
N GLY F 319 -28.67 1.07 -7.20
CA GLY F 319 -27.31 1.46 -6.87
C GLY F 319 -26.91 0.95 -5.50
N CYS F 320 -27.79 1.13 -4.53
CA CYS F 320 -27.58 0.62 -3.18
C CYS F 320 -27.44 -0.90 -3.20
N ALA F 321 -28.27 -1.55 -4.00
CA ALA F 321 -28.23 -3.00 -4.13
C ALA F 321 -26.88 -3.46 -4.70
N ALA F 322 -26.35 -2.69 -5.64
CA ALA F 322 -25.06 -3.01 -6.25
C ALA F 322 -23.95 -2.89 -5.20
N VAL F 323 -24.04 -1.87 -4.36
CA VAL F 323 -23.05 -1.65 -3.31
C VAL F 323 -23.05 -2.78 -2.28
N LEU F 324 -24.24 -3.22 -1.88
CA LEU F 324 -24.37 -4.31 -0.93
C LEU F 324 -23.91 -5.64 -1.55
N GLY F 325 -24.21 -5.82 -2.83
CA GLY F 325 -23.76 -6.99 -3.56
C GLY F 325 -22.25 -7.03 -3.63
N CYS F 326 -21.64 -5.86 -3.81
CA CYS F 326 -20.20 -5.73 -3.80
C CYS F 326 -19.64 -6.06 -2.42
N ALA F 327 -20.38 -5.68 -1.38
CA ALA F 327 -20.00 -5.97 0.00
C ALA F 327 -19.86 -7.46 0.23
N TYR F 328 -20.76 -8.25 -0.36
CA TYR F 328 -20.69 -9.69 -0.24
C TYR F 328 -19.44 -10.24 -0.91
N CYS F 329 -19.19 -9.80 -2.13
CA CYS F 329 -18.04 -10.28 -2.91
C CYS F 329 -16.73 -9.91 -2.22
N VAL F 330 -16.64 -8.66 -1.76
CA VAL F 330 -15.44 -8.19 -1.09
C VAL F 330 -15.28 -8.87 0.27
N GLY F 331 -16.38 -9.00 0.99
CA GLY F 331 -16.37 -9.64 2.30
C GLY F 331 -16.08 -11.12 2.24
N THR F 332 -16.37 -11.73 1.09
CA THR F 332 -16.16 -13.16 0.91
C THR F 332 -14.75 -13.47 0.41
N LEU F 333 -14.29 -12.69 -0.56
CA LEU F 333 -12.98 -12.94 -1.16
C LEU F 333 -11.86 -12.34 -0.31
N LYS F 334 -12.21 -11.35 0.51
CA LYS F 334 -11.27 -10.75 1.46
C LYS F 334 -9.99 -10.28 0.78
N PRO F 335 -10.08 -9.21 -0.03
CA PRO F 335 -8.92 -8.62 -0.69
C PRO F 335 -7.98 -7.92 0.29
N GLU F 336 -6.71 -7.78 -0.09
CA GLU F 336 -5.71 -7.19 0.79
C GLU F 336 -5.36 -5.75 0.41
N ASN F 337 -4.82 -5.02 1.38
CA ASN F 337 -4.29 -3.68 1.16
C ASN F 337 -5.34 -2.65 0.75
N VAL F 338 -6.59 -2.90 1.10
CA VAL F 338 -7.66 -1.98 0.74
C VAL F 338 -8.66 -1.77 1.89
N GLU F 339 -9.18 -0.55 1.99
CA GLU F 339 -10.24 -0.23 2.93
C GLU F 339 -11.44 0.35 2.18
N ILE F 340 -12.58 -0.32 2.28
CA ILE F 340 -13.76 0.09 1.53
C ILE F 340 -14.94 0.45 2.42
N HIS F 341 -15.55 1.60 2.15
CA HIS F 341 -16.76 2.03 2.85
C HIS F 341 -17.98 1.91 1.94
N PHE F 342 -18.95 1.13 2.36
CA PHE F 342 -20.18 0.95 1.60
C PHE F 342 -21.28 1.86 2.13
N LEU F 343 -21.65 2.86 1.33
CA LEU F 343 -22.58 3.89 1.78
C LEU F 343 -23.85 3.95 0.94
N SER F 344 -24.97 4.23 1.61
CA SER F 344 -26.24 4.43 0.91
C SER F 344 -27.20 5.21 1.80
N ALA F 345 -27.59 6.39 1.34
CA ALA F 345 -28.61 7.16 2.03
C ALA F 345 -29.99 6.67 1.61
N VAL F 346 -30.56 5.80 2.43
CA VAL F 346 -31.81 5.14 2.07
C VAL F 346 -33.03 5.89 2.58
N CYS F 347 -34.01 6.06 1.71
CA CYS F 347 -35.27 6.70 2.06
C CYS F 347 -36.32 6.45 0.99
N GLU F 348 -37.48 7.07 1.15
CA GLU F 348 -38.59 6.88 0.23
C GLU F 348 -39.16 8.22 -0.21
N ASN F 349 -39.39 8.38 -1.51
CA ASN F 349 -39.89 9.64 -2.05
C ASN F 349 -41.38 9.57 -2.31
N MET F 350 -42.17 10.04 -1.36
CA MET F 350 -43.62 9.88 -1.41
C MET F 350 -44.36 11.21 -1.43
N VAL F 351 -45.67 11.15 -1.67
CA VAL F 351 -46.51 12.33 -1.64
C VAL F 351 -47.33 12.37 -0.35
N SER F 352 -47.20 13.45 0.41
CA SER F 352 -47.85 13.55 1.70
C SER F 352 -47.98 15.01 2.15
N LYS F 353 -48.68 15.22 3.25
CA LYS F 353 -48.78 16.54 3.86
C LYS F 353 -47.43 16.97 4.41
N ASN F 354 -46.56 15.99 4.63
CA ASN F 354 -45.24 16.23 5.19
C ASN F 354 -44.13 16.28 4.14
N SER F 355 -44.50 16.01 2.90
CA SER F 355 -43.54 15.99 1.80
C SER F 355 -42.99 17.40 1.54
N TYR F 356 -41.79 17.46 0.96
CA TYR F 356 -41.21 18.75 0.57
C TYR F 356 -41.77 19.19 -0.79
N ARG F 357 -41.77 20.49 -1.01
CA ARG F 357 -42.43 21.08 -2.18
C ARG F 357 -41.45 21.59 -3.22
N PRO F 358 -41.88 21.65 -4.48
CA PRO F 358 -41.15 22.35 -5.54
C PRO F 358 -40.94 23.82 -5.19
N GLY F 359 -39.70 24.28 -5.23
CA GLY F 359 -39.39 25.65 -4.87
C GLY F 359 -38.73 25.76 -3.51
N ASP F 360 -38.91 24.73 -2.69
CA ASP F 360 -38.29 24.69 -1.36
C ASP F 360 -36.77 24.82 -1.44
N ILE F 361 -36.20 25.62 -0.55
CA ILE F 361 -34.76 25.73 -0.46
C ILE F 361 -34.27 24.98 0.77
N ILE F 362 -33.35 24.04 0.56
CA ILE F 362 -32.88 23.18 1.63
C ILE F 362 -31.38 23.30 1.79
N THR F 363 -30.86 22.93 2.96
CA THR F 363 -29.45 23.07 3.24
C THR F 363 -28.76 21.72 3.37
N ALA F 364 -27.70 21.54 2.59
CA ALA F 364 -26.92 20.31 2.63
C ALA F 364 -25.95 20.34 3.81
N SER F 365 -25.36 19.20 4.12
CA SER F 365 -24.46 19.08 5.26
C SER F 365 -23.19 19.91 5.11
N ASN F 366 -22.89 20.32 3.88
CA ASN F 366 -21.71 21.13 3.61
C ASN F 366 -22.00 22.62 3.63
N GLY F 367 -23.21 22.99 4.01
CA GLY F 367 -23.58 24.39 4.13
C GLY F 367 -24.23 24.96 2.88
N LYS F 368 -24.09 24.27 1.77
CA LYS F 368 -24.64 24.74 0.50
C LYS F 368 -26.16 24.70 0.52
N THR F 369 -26.80 25.83 0.21
CA THR F 369 -28.25 25.87 0.13
C THR F 369 -28.68 25.51 -1.28
N ILE F 370 -29.78 24.75 -1.37
CA ILE F 370 -30.23 24.24 -2.66
C ILE F 370 -31.70 24.58 -2.91
N GLU F 371 -31.97 25.10 -4.11
CA GLU F 371 -33.35 25.39 -4.51
C GLU F 371 -33.96 24.21 -5.24
N VAL F 372 -34.97 23.61 -4.65
CA VAL F 372 -35.63 22.47 -5.26
C VAL F 372 -36.55 22.93 -6.39
N GLY F 373 -36.23 22.51 -7.61
CA GLY F 373 -37.03 22.85 -8.78
C GLY F 373 -37.90 21.68 -9.20
N ASN F 374 -37.56 20.49 -8.72
CA ASN F 374 -38.28 19.28 -9.08
C ASN F 374 -38.04 18.19 -8.04
N THR F 375 -39.10 17.81 -7.33
CA THR F 375 -39.00 16.81 -6.28
C THR F 375 -38.68 15.43 -6.82
N ASP F 376 -38.79 15.27 -8.14
CA ASP F 376 -38.52 13.99 -8.78
C ASP F 376 -37.03 13.83 -9.05
N ALA F 377 -36.28 14.90 -8.85
CA ALA F 377 -34.82 14.84 -8.91
C ALA F 377 -34.26 14.63 -7.51
N GLU F 378 -34.84 13.70 -6.78
CA GLU F 378 -34.52 13.49 -5.37
C GLU F 378 -33.20 12.74 -5.18
N GLY F 379 -32.82 11.96 -6.19
CA GLY F 379 -31.64 11.12 -6.11
C GLY F 379 -30.36 11.89 -5.82
N ARG F 380 -30.13 12.95 -6.59
CA ARG F 380 -28.92 13.76 -6.44
C ARG F 380 -28.86 14.44 -5.08
N LEU F 381 -30.02 14.70 -4.49
CA LEU F 381 -30.10 15.31 -3.17
C LEU F 381 -29.57 14.36 -2.11
N THR F 382 -29.99 13.11 -2.19
CA THR F 382 -29.53 12.08 -1.25
C THR F 382 -28.05 11.79 -1.46
N LEU F 383 -27.63 11.76 -2.73
CA LEU F 383 -26.23 11.50 -3.06
C LEU F 383 -25.33 12.64 -2.56
N ALA F 384 -25.86 13.86 -2.57
CA ALA F 384 -25.10 15.03 -2.15
C ALA F 384 -24.60 14.91 -0.71
N ASP F 385 -25.51 14.56 0.20
CA ASP F 385 -25.18 14.42 1.61
C ASP F 385 -24.30 13.19 1.85
N ALA F 386 -24.49 12.16 1.02
CA ALA F 386 -23.70 10.94 1.12
C ALA F 386 -22.26 11.20 0.69
N LEU F 387 -22.10 12.04 -0.33
CA LEU F 387 -20.78 12.38 -0.83
C LEU F 387 -20.00 13.20 0.18
N VAL F 388 -20.69 14.09 0.89
CA VAL F 388 -20.08 14.87 1.95
C VAL F 388 -19.62 13.97 3.08
N TYR F 389 -20.46 13.00 3.44
CA TYR F 389 -20.13 12.03 4.47
C TYR F 389 -18.95 11.18 4.00
N ALA F 390 -18.98 10.80 2.73
CA ALA F 390 -17.91 9.97 2.15
C ALA F 390 -16.56 10.68 2.21
N GLU F 391 -16.53 11.94 1.78
CA GLU F 391 -15.29 12.70 1.73
C GLU F 391 -14.75 12.97 3.13
N LYS F 392 -15.64 13.05 4.12
CA LYS F 392 -15.22 13.32 5.49
C LYS F 392 -14.52 12.12 6.12
N LEU F 393 -14.69 10.95 5.51
CA LEU F 393 -13.98 9.75 5.97
C LEU F 393 -12.53 9.77 5.49
N GLY F 394 -12.22 10.69 4.59
CA GLY F 394 -10.88 10.82 4.06
C GLY F 394 -10.42 9.65 3.20
N VAL F 395 -11.11 9.39 2.11
CA VAL F 395 -10.78 8.28 1.24
C VAL F 395 -10.00 8.75 0.01
N ASP F 396 -9.44 7.79 -0.72
CA ASP F 396 -8.67 8.08 -1.92
C ASP F 396 -9.57 8.18 -3.15
N TYR F 397 -10.59 7.32 -3.20
CA TYR F 397 -11.52 7.30 -4.31
C TYR F 397 -12.97 7.35 -3.82
N ILE F 398 -13.79 8.19 -4.45
CA ILE F 398 -15.22 8.16 -4.21
C ILE F 398 -15.94 7.82 -5.51
N VAL F 399 -16.65 6.70 -5.50
CA VAL F 399 -17.42 6.27 -6.66
C VAL F 399 -18.87 6.03 -6.29
N ASP F 400 -19.78 6.74 -6.93
CA ASP F 400 -21.19 6.55 -6.67
C ASP F 400 -21.86 5.83 -7.83
N ILE F 401 -22.89 5.05 -7.52
CA ILE F 401 -23.65 4.32 -8.53
C ILE F 401 -25.14 4.47 -8.24
N ALA F 402 -25.89 4.91 -9.24
CA ALA F 402 -27.29 5.27 -9.01
C ALA F 402 -28.12 5.27 -10.28
N THR F 403 -29.40 4.94 -10.14
CA THR F 403 -30.37 5.09 -11.22
C THR F 403 -30.84 6.54 -11.26
N LEU F 404 -29.99 7.42 -11.78
CA LEU F 404 -30.16 8.85 -11.60
C LEU F 404 -30.99 9.54 -12.68
N THR F 405 -30.70 9.27 -13.95
CA THR F 405 -31.35 10.00 -15.04
C THR F 405 -31.89 9.11 -16.15
N GLY F 406 -33.16 9.35 -16.50
CA GLY F 406 -33.80 8.63 -17.58
C GLY F 406 -33.20 8.95 -18.93
N ALA F 407 -32.48 10.07 -19.00
CA ALA F 407 -31.84 10.50 -20.24
C ALA F 407 -30.82 9.47 -20.72
N MET F 408 -30.35 8.64 -19.81
CA MET F 408 -29.40 7.57 -20.15
C MET F 408 -29.98 6.64 -21.20
N LEU F 409 -31.31 6.51 -21.19
CA LEU F 409 -32.00 5.67 -22.16
C LEU F 409 -31.89 6.23 -23.57
N TYR F 410 -31.64 7.52 -23.68
CA TYR F 410 -31.53 8.18 -24.98
C TYR F 410 -30.08 8.31 -25.46
N SER F 411 -29.14 8.12 -24.54
CA SER F 411 -27.72 8.28 -24.89
C SER F 411 -27.04 6.95 -25.19
N LEU F 412 -26.99 6.05 -24.20
CA LEU F 412 -26.29 4.78 -24.34
C LEU F 412 -27.24 3.59 -24.38
N GLY F 413 -28.46 3.78 -23.90
CA GLY F 413 -29.46 2.73 -23.92
C GLY F 413 -29.46 1.82 -22.70
N THR F 414 -29.72 0.53 -22.93
CA THR F 414 -29.94 -0.42 -21.84
C THR F 414 -28.76 -1.34 -21.60
N SER F 415 -27.72 -1.24 -22.41
CA SER F 415 -26.57 -2.13 -22.31
C SER F 415 -25.40 -1.46 -21.60
N TYR F 416 -25.13 -0.22 -21.95
CA TYR F 416 -24.00 0.51 -21.38
C TYR F 416 -24.43 1.51 -20.32
N ALA F 417 -23.76 1.47 -19.18
CA ALA F 417 -23.93 2.48 -18.15
C ALA F 417 -23.03 3.66 -18.48
N GLY F 418 -23.33 4.82 -17.91
CA GLY F 418 -22.52 6.00 -18.12
C GLY F 418 -21.67 6.33 -16.91
N VAL F 419 -20.41 6.70 -17.14
CA VAL F 419 -19.52 7.07 -16.05
C VAL F 419 -19.03 8.50 -16.19
N PHE F 420 -19.14 9.27 -15.12
CA PHE F 420 -18.65 10.64 -15.07
C PHE F 420 -17.66 10.76 -13.92
N GLY F 421 -16.84 11.82 -13.94
CA GLY F 421 -15.87 12.02 -12.88
C GLY F 421 -15.05 13.29 -12.99
N ASN F 422 -14.26 13.55 -11.96
CA ASN F 422 -13.38 14.71 -11.93
C ASN F 422 -11.91 14.34 -12.03
N ASN F 423 -11.66 13.04 -12.25
CA ASN F 423 -10.30 12.52 -12.28
C ASN F 423 -10.15 11.44 -13.36
N GLU F 424 -9.31 11.70 -14.36
CA GLU F 424 -9.14 10.80 -15.49
C GLU F 424 -8.59 9.43 -15.09
N GLU F 425 -7.68 9.43 -14.12
CA GLU F 425 -7.02 8.21 -13.71
C GLU F 425 -8.04 7.24 -13.12
N LEU F 426 -8.94 7.76 -12.27
CA LEU F 426 -10.02 6.97 -11.69
C LEU F 426 -11.01 6.48 -12.75
N ILE F 427 -11.31 7.35 -13.72
CA ILE F 427 -12.23 6.99 -14.80
C ILE F 427 -11.71 5.80 -15.59
N ASN F 428 -10.41 5.81 -15.89
CA ASN F 428 -9.79 4.72 -16.62
C ASN F 428 -9.81 3.43 -15.80
N LYS F 429 -9.66 3.56 -14.48
CA LYS F 429 -9.74 2.40 -13.59
C LYS F 429 -11.13 1.79 -13.66
N ILE F 430 -12.16 2.64 -13.71
CA ILE F 430 -13.54 2.17 -13.85
C ILE F 430 -13.73 1.47 -15.19
N LEU F 431 -13.19 2.09 -16.25
CA LEU F 431 -13.28 1.54 -17.59
C LEU F 431 -12.55 0.20 -17.70
N GLN F 432 -11.39 0.10 -17.05
CA GLN F 432 -10.62 -1.14 -17.05
C GLN F 432 -11.36 -2.28 -16.37
N SER F 433 -11.96 -1.98 -15.22
CA SER F 433 -12.77 -2.94 -14.49
C SER F 433 -13.97 -3.38 -15.32
N SER F 434 -14.48 -2.48 -16.14
CA SER F 434 -15.60 -2.76 -17.02
C SER F 434 -15.26 -3.85 -18.02
N LYS F 435 -14.03 -3.80 -18.55
CA LYS F 435 -13.58 -4.78 -19.52
C LYS F 435 -13.44 -6.17 -18.92
N THR F 436 -12.86 -6.24 -17.73
CA THR F 436 -12.59 -7.52 -17.08
C THR F 436 -13.82 -8.11 -16.39
N SER F 437 -14.77 -7.25 -16.03
CA SER F 437 -16.00 -7.69 -15.39
C SER F 437 -17.07 -8.00 -16.43
N ASN F 438 -16.83 -7.53 -17.65
CA ASN F 438 -17.78 -7.69 -18.75
C ASN F 438 -19.12 -7.02 -18.48
N GLU F 439 -19.11 -5.99 -17.64
CA GLU F 439 -20.26 -5.11 -17.49
C GLU F 439 -19.94 -3.78 -18.13
N PRO F 440 -20.42 -3.58 -19.37
CA PRO F 440 -20.06 -2.45 -20.25
C PRO F 440 -20.33 -1.08 -19.64
N VAL F 441 -19.33 -0.19 -19.77
CA VAL F 441 -19.44 1.17 -19.27
C VAL F 441 -18.76 2.11 -20.25
N TRP F 442 -19.36 3.28 -20.50
CA TRP F 442 -18.79 4.25 -21.43
C TRP F 442 -18.55 5.59 -20.75
N TRP F 443 -17.42 6.20 -21.08
CA TRP F 443 -17.02 7.46 -20.47
C TRP F 443 -17.79 8.63 -21.07
N LEU F 444 -18.51 9.37 -20.22
CA LEU F 444 -19.23 10.55 -20.65
C LEU F 444 -18.66 11.79 -19.97
N PRO F 445 -18.68 12.94 -20.68
CA PRO F 445 -18.03 14.17 -20.23
C PRO F 445 -18.87 15.00 -19.26
N ILE F 446 -18.22 15.58 -18.27
CA ILE F 446 -18.85 16.60 -17.43
C ILE F 446 -18.51 17.97 -18.01
N ILE F 447 -19.42 18.52 -18.82
CA ILE F 447 -19.16 19.75 -19.53
C ILE F 447 -19.41 20.97 -18.65
N ASN F 448 -18.32 21.65 -18.29
CA ASN F 448 -18.38 22.77 -17.35
C ASN F 448 -19.15 23.98 -17.88
N GLU F 449 -19.29 24.07 -19.19
CA GLU F 449 -19.99 25.19 -19.81
C GLU F 449 -21.46 25.21 -19.39
N TYR F 450 -21.98 24.07 -18.95
CA TYR F 450 -23.36 23.94 -18.53
C TYR F 450 -23.57 24.33 -17.07
N ARG F 451 -22.47 24.51 -16.35
CA ARG F 451 -22.52 24.77 -14.91
C ARG F 451 -23.38 25.99 -14.54
N ALA F 452 -23.42 26.98 -15.42
CA ALA F 452 -24.13 28.22 -15.16
C ALA F 452 -25.64 27.99 -15.03
N THR F 453 -26.14 26.91 -15.60
CA THR F 453 -27.57 26.60 -15.54
C THR F 453 -28.01 26.21 -14.13
N LEU F 454 -27.05 25.93 -13.27
CA LEU F 454 -27.34 25.54 -11.90
C LEU F 454 -27.27 26.75 -10.96
N ASN F 455 -27.05 27.93 -11.53
CA ASN F 455 -27.00 29.15 -10.76
C ASN F 455 -28.38 29.59 -10.28
N SER F 456 -28.62 29.44 -8.98
CA SER F 456 -29.91 29.80 -8.39
C SER F 456 -29.99 31.29 -8.07
N LYS F 457 -31.20 31.83 -8.12
CA LYS F 457 -31.42 33.24 -7.83
C LYS F 457 -31.32 33.54 -6.34
N TYR F 458 -31.74 32.59 -5.51
CA TYR F 458 -31.79 32.80 -4.07
C TYR F 458 -30.89 31.83 -3.29
N ALA F 459 -30.84 30.58 -3.74
CA ALA F 459 -30.01 29.58 -3.07
C ALA F 459 -28.61 29.58 -3.65
N ASP F 460 -27.71 28.84 -3.00
CA ASP F 460 -26.33 28.71 -3.47
C ASP F 460 -26.28 28.08 -4.85
N ILE F 461 -27.16 27.11 -5.09
CA ILE F 461 -27.15 26.34 -6.32
C ILE F 461 -28.53 25.78 -6.63
N ASN F 462 -28.81 25.60 -7.92
CA ASN F 462 -30.06 24.97 -8.34
C ASN F 462 -29.95 23.45 -8.36
N GLN F 463 -31.04 22.79 -7.98
CA GLN F 463 -31.11 21.34 -8.01
C GLN F 463 -31.08 20.82 -9.44
N ILE F 464 -31.83 21.49 -10.30
CA ILE F 464 -31.95 21.07 -11.70
C ILE F 464 -31.76 22.23 -12.65
N SER F 465 -31.61 21.91 -13.93
CA SER F 465 -31.54 22.95 -14.96
C SER F 465 -32.95 23.17 -15.50
N SER F 466 -33.25 24.40 -15.89
CA SER F 466 -34.56 24.70 -16.44
C SER F 466 -34.56 24.54 -17.96
N SER F 467 -33.41 24.81 -18.57
CA SER F 467 -33.28 24.77 -20.03
C SER F 467 -32.58 23.51 -20.52
N VAL F 468 -31.31 23.36 -20.12
CA VAL F 468 -30.47 22.27 -20.62
C VAL F 468 -31.10 20.90 -20.43
N LYS F 469 -31.20 20.16 -21.53
CA LYS F 469 -31.83 18.84 -21.52
C LYS F 469 -30.81 17.72 -21.38
N ALA F 470 -29.52 18.07 -21.36
CA ALA F 470 -28.48 17.09 -21.12
C ALA F 470 -28.48 16.74 -19.63
N SER F 471 -29.54 16.06 -19.21
CA SER F 471 -29.81 15.79 -17.80
C SER F 471 -28.70 15.01 -17.12
N SER F 472 -28.12 14.06 -17.85
CA SER F 472 -27.06 13.22 -17.29
C SER F 472 -25.82 14.05 -16.96
N ILE F 473 -25.51 15.02 -17.81
CA ILE F 473 -24.36 15.90 -17.58
C ILE F 473 -24.65 16.92 -16.50
N VAL F 474 -25.86 17.48 -16.52
CA VAL F 474 -26.28 18.46 -15.53
C VAL F 474 -26.27 17.87 -14.11
N ALA F 475 -26.78 16.64 -13.98
CA ALA F 475 -26.80 15.96 -12.69
C ALA F 475 -25.39 15.73 -12.18
N SER F 476 -24.48 15.37 -13.08
CA SER F 476 -23.08 15.18 -12.72
C SER F 476 -22.47 16.49 -12.25
N LEU F 477 -22.87 17.58 -12.88
CA LEU F 477 -22.42 18.92 -12.49
C LEU F 477 -22.88 19.25 -11.07
N PHE F 478 -24.11 18.85 -10.75
CA PHE F 478 -24.64 19.02 -9.40
C PHE F 478 -23.79 18.26 -8.38
N LEU F 479 -23.61 16.98 -8.64
CA LEU F 479 -22.86 16.10 -7.74
C LEU F 479 -21.44 16.62 -7.56
N LYS F 480 -20.89 17.19 -8.63
CA LYS F 480 -19.52 17.70 -8.61
C LYS F 480 -19.32 18.76 -7.56
N GLU F 481 -20.40 19.45 -7.20
CA GLU F 481 -20.35 20.51 -6.21
C GLU F 481 -20.26 20.00 -4.79
N PHE F 482 -20.28 18.68 -4.63
CA PHE F 482 -20.29 18.10 -3.29
C PHE F 482 -19.08 17.19 -3.07
N VAL F 483 -18.10 17.32 -3.94
CA VAL F 483 -16.80 16.68 -3.75
C VAL F 483 -15.73 17.77 -3.87
N GLN F 484 -15.22 18.21 -2.73
CA GLN F 484 -14.35 19.38 -2.69
C GLN F 484 -12.93 19.09 -3.16
N ASN F 485 -12.32 18.05 -2.62
CA ASN F 485 -10.92 17.77 -2.90
C ASN F 485 -10.60 16.28 -2.91
N THR F 486 -11.44 15.50 -3.58
CA THR F 486 -11.23 14.06 -3.68
C THR F 486 -11.53 13.53 -5.07
N ALA F 487 -10.76 12.53 -5.51
CA ALA F 487 -11.01 11.87 -6.78
C ALA F 487 -12.39 11.20 -6.76
N TRP F 488 -13.23 11.56 -7.72
CA TRP F 488 -14.62 11.11 -7.70
C TRP F 488 -15.14 10.71 -9.08
N ALA F 489 -15.85 9.59 -9.13
CA ALA F 489 -16.48 9.12 -10.36
C ALA F 489 -17.93 8.75 -10.10
N HIS F 490 -18.78 8.90 -11.12
CA HIS F 490 -20.21 8.65 -10.98
C HIS F 490 -20.74 7.79 -12.12
N ILE F 491 -21.32 6.63 -11.77
CA ILE F 491 -21.84 5.70 -12.77
C ILE F 491 -23.37 5.72 -12.82
N ASP F 492 -23.92 6.16 -13.95
CA ASP F 492 -25.36 6.23 -14.13
C ASP F 492 -25.89 4.97 -14.78
N ILE F 493 -26.60 4.16 -13.99
CA ILE F 493 -27.07 2.85 -14.43
C ILE F 493 -28.59 2.81 -14.61
N ALA F 494 -29.20 3.97 -14.84
CA ALA F 494 -30.64 4.05 -14.98
C ALA F 494 -31.16 3.17 -16.12
N GLY F 495 -30.43 3.16 -17.24
CA GLY F 495 -30.86 2.43 -18.42
C GLY F 495 -30.55 0.95 -18.42
N VAL F 496 -29.55 0.54 -17.64
CA VAL F 496 -29.06 -0.83 -17.69
C VAL F 496 -29.49 -1.67 -16.48
N SER F 497 -30.02 -1.01 -15.46
CA SER F 497 -30.37 -1.69 -14.22
C SER F 497 -31.43 -2.77 -14.43
N TRP F 498 -32.50 -2.42 -15.15
CA TRP F 498 -33.62 -3.33 -15.33
C TRP F 498 -33.64 -3.98 -16.72
N ASN F 499 -33.81 -5.30 -16.74
CA ASN F 499 -33.96 -6.04 -17.99
C ASN F 499 -35.43 -6.09 -18.40
N PHE F 500 -35.82 -5.19 -19.30
CA PHE F 500 -37.22 -5.06 -19.67
C PHE F 500 -37.74 -6.29 -20.41
N LYS F 501 -36.89 -6.86 -21.24
CA LYS F 501 -37.24 -8.06 -22.01
C LYS F 501 -37.44 -9.26 -21.09
N ALA F 502 -36.59 -9.36 -20.08
CA ALA F 502 -36.61 -10.51 -19.18
C ALA F 502 -37.53 -10.26 -17.98
N ARG F 503 -38.04 -9.04 -17.89
CA ARG F 503 -38.96 -8.71 -16.80
C ARG F 503 -38.32 -8.89 -15.43
N LYS F 504 -37.05 -8.51 -15.32
CA LYS F 504 -36.31 -8.66 -14.08
C LYS F 504 -35.08 -7.75 -14.06
N PRO F 505 -34.52 -7.52 -12.87
CA PRO F 505 -33.31 -6.71 -12.69
C PRO F 505 -32.07 -7.46 -13.19
N LYS F 506 -30.99 -6.73 -13.45
CA LYS F 506 -29.73 -7.34 -13.87
C LYS F 506 -28.77 -7.50 -12.70
N GLY F 507 -28.98 -6.70 -11.66
CA GLY F 507 -28.01 -6.61 -10.57
C GLY F 507 -26.75 -5.99 -11.11
N PHE F 508 -26.92 -5.04 -12.04
CA PHE F 508 -25.82 -4.40 -12.73
C PHE F 508 -24.97 -3.57 -11.75
N GLY F 509 -23.65 -3.74 -11.84
CA GLY F 509 -22.73 -2.95 -11.04
C GLY F 509 -22.01 -3.74 -9.98
N VAL F 510 -22.57 -4.88 -9.60
CA VAL F 510 -21.98 -5.72 -8.56
C VAL F 510 -20.61 -6.23 -8.97
N ARG F 511 -20.52 -6.82 -10.15
CA ARG F 511 -19.26 -7.38 -10.65
C ARG F 511 -18.28 -6.28 -11.04
N LEU F 512 -18.79 -5.18 -11.57
CA LEU F 512 -17.96 -4.04 -11.96
C LEU F 512 -17.21 -3.43 -10.77
N LEU F 513 -17.93 -3.19 -9.68
CA LEU F 513 -17.36 -2.56 -8.50
C LEU F 513 -16.37 -3.47 -7.78
N THR F 514 -16.66 -4.77 -7.79
CA THR F 514 -15.79 -5.75 -7.16
C THR F 514 -14.44 -5.81 -7.87
N GLU F 515 -14.49 -5.80 -9.20
CA GLU F 515 -13.28 -5.78 -10.01
C GLU F 515 -12.47 -4.51 -9.75
N PHE F 516 -13.17 -3.39 -9.53
CA PHE F 516 -12.52 -2.12 -9.24
C PHE F 516 -11.74 -2.13 -7.92
N VAL F 517 -12.36 -2.66 -6.87
CA VAL F 517 -11.73 -2.73 -5.57
C VAL F 517 -10.58 -3.75 -5.57
N LEU F 518 -10.73 -4.81 -6.35
CA LEU F 518 -9.74 -5.89 -6.36
C LEU F 518 -8.49 -5.58 -7.16
N ASN F 519 -8.65 -4.95 -8.33
CA ASN F 519 -7.52 -4.69 -9.21
C ASN F 519 -6.72 -3.41 -8.93
N ASP F 520 -7.09 -2.67 -7.89
CA ASP F 520 -6.36 -1.46 -7.56
C ASP F 520 -5.54 -1.63 -6.28
N ALA G 2 74.62 -4.80 -14.25
CA ALA G 2 73.62 -4.04 -13.50
C ALA G 2 72.21 -4.36 -14.01
N SER G 3 71.41 -4.99 -13.16
CA SER G 3 70.03 -5.33 -13.50
C SER G 3 69.08 -4.21 -13.08
N GLU G 4 67.96 -4.12 -13.78
CA GLU G 4 66.96 -3.10 -13.47
C GLU G 4 66.07 -3.56 -12.32
N VAL G 5 65.95 -2.70 -11.30
CA VAL G 5 65.15 -3.00 -10.12
C VAL G 5 63.66 -2.82 -10.38
N PRO G 6 62.87 -3.88 -10.15
CA PRO G 6 61.42 -3.83 -10.36
C PRO G 6 60.73 -2.91 -9.37
N GLN G 7 59.64 -2.28 -9.81
CA GLN G 7 58.89 -1.36 -8.96
C GLN G 7 57.40 -1.70 -8.93
N VAL G 8 56.74 -1.33 -7.85
CA VAL G 8 55.29 -1.42 -7.77
C VAL G 8 54.70 -0.07 -8.15
N VAL G 9 55.33 0.98 -7.63
CA VAL G 9 55.01 2.34 -8.02
C VAL G 9 56.29 3.06 -8.47
N SER G 10 56.14 4.17 -9.18
CA SER G 10 57.27 4.91 -9.69
C SER G 10 58.08 5.56 -8.57
N LEU G 11 57.48 5.66 -7.40
CA LEU G 11 58.14 6.30 -6.26
C LEU G 11 59.05 5.33 -5.53
N ASP G 12 58.98 4.05 -5.89
CA ASP G 12 59.84 3.04 -5.29
C ASP G 12 61.29 3.27 -5.71
N PRO G 13 62.21 3.24 -4.74
CA PRO G 13 63.64 3.45 -5.01
C PRO G 13 64.21 2.33 -5.88
N THR G 14 65.17 2.66 -6.74
CA THR G 14 65.74 1.67 -7.66
C THR G 14 67.23 1.47 -7.42
N SER G 15 67.73 2.00 -6.31
CA SER G 15 69.14 1.83 -5.96
C SER G 15 69.39 2.18 -4.51
N ILE G 16 70.43 1.58 -3.93
CA ILE G 16 70.84 1.90 -2.57
C ILE G 16 71.75 3.12 -2.55
N PRO G 17 71.35 4.16 -1.82
CA PRO G 17 72.23 5.33 -1.69
C PRO G 17 73.48 4.98 -0.91
N ILE G 18 74.65 5.18 -1.53
CA ILE G 18 75.92 4.84 -0.89
C ILE G 18 76.85 6.04 -0.88
N GLU G 19 77.38 6.38 0.29
CA GLU G 19 78.36 7.44 0.41
C GLU G 19 79.78 6.90 0.46
N TYR G 20 80.57 7.20 -0.58
CA TYR G 20 81.95 6.74 -0.67
C TYR G 20 82.89 7.80 -0.09
N ASN G 21 82.78 9.03 -0.58
CA ASN G 21 83.55 10.14 -0.03
C ASN G 21 82.94 10.74 1.21
N THR G 22 83.45 10.29 2.35
CA THR G 22 82.97 10.74 3.64
C THR G 22 83.89 11.84 4.17
N PRO G 23 83.37 12.67 5.09
CA PRO G 23 84.16 13.71 5.74
C PRO G 23 85.42 13.14 6.37
N ILE G 24 85.34 11.89 6.81
CA ILE G 24 86.48 11.18 7.40
C ILE G 24 87.65 11.10 6.42
N HIS G 25 87.33 10.88 5.15
CA HIS G 25 88.36 10.75 4.12
C HIS G 25 89.07 12.08 3.84
N ASP G 26 88.47 13.18 4.28
CA ASP G 26 89.05 14.49 4.05
C ASP G 26 89.88 14.96 5.24
N ILE G 27 89.95 14.11 6.27
CA ILE G 27 90.70 14.45 7.47
C ILE G 27 92.18 14.10 7.36
N LYS G 28 93.02 15.13 7.42
CA LYS G 28 94.47 14.93 7.42
C LYS G 28 94.96 14.54 8.81
N VAL G 29 95.57 13.37 8.91
CA VAL G 29 96.04 12.85 10.18
C VAL G 29 97.55 12.97 10.30
N GLN G 30 98.01 13.55 11.41
CA GLN G 30 99.43 13.72 11.67
C GLN G 30 99.80 13.04 12.98
N VAL G 31 100.89 12.29 12.97
CA VAL G 31 101.34 11.59 14.17
C VAL G 31 102.66 12.15 14.67
N TYR G 32 102.68 12.62 15.91
CA TYR G 32 103.90 13.16 16.50
C TYR G 32 104.35 12.31 17.68
N ASP G 33 105.65 12.35 17.96
CA ASP G 33 106.19 11.64 19.11
C ASP G 33 106.12 12.52 20.35
N ILE G 34 105.69 11.95 21.46
CA ILE G 34 105.46 12.69 22.71
C ILE G 34 106.77 13.27 23.26
N LYS G 35 107.89 12.66 22.88
CA LYS G 35 109.20 13.12 23.33
C LYS G 35 109.49 14.55 22.89
N GLY G 36 109.02 14.89 21.69
CA GLY G 36 109.28 16.21 21.12
C GLY G 36 108.41 17.30 21.73
N GLY G 37 107.48 16.90 22.58
CA GLY G 37 106.59 17.86 23.22
C GLY G 37 105.33 18.07 22.41
N CYS G 38 104.29 18.59 23.06
CA CYS G 38 103.02 18.81 22.40
C CYS G 38 102.78 20.30 22.11
N ASN G 39 102.31 20.59 20.91
CA ASN G 39 101.91 21.94 20.56
C ASN G 39 100.41 22.11 20.78
N VAL G 40 100.04 23.25 21.34
CA VAL G 40 98.65 23.55 21.64
C VAL G 40 98.22 24.82 20.91
N GLU G 41 97.14 24.73 20.15
CA GLU G 41 96.76 25.79 19.21
C GLU G 41 95.30 25.64 18.79
N GLU G 42 95.02 25.87 17.51
CA GLU G 42 93.65 25.82 17.00
C GLU G 42 92.91 24.54 17.37
N GLY G 43 91.58 24.67 17.47
CA GLY G 43 90.70 23.55 17.73
C GLY G 43 90.81 23.00 19.14
N LEU G 44 90.51 21.72 19.29
CA LEU G 44 90.50 21.09 20.61
C LEU G 44 91.63 20.09 20.82
N THR G 45 92.31 20.20 21.96
CA THR G 45 93.39 19.28 22.31
C THR G 45 92.96 18.45 23.52
N ILE G 46 92.89 17.14 23.33
CA ILE G 46 92.41 16.24 24.38
C ILE G 46 93.49 15.28 24.86
N PHE G 47 93.65 15.21 26.18
CA PHE G 47 94.60 14.27 26.79
C PHE G 47 93.91 13.01 27.28
N LEU G 48 94.41 11.86 26.87
CA LEU G 48 93.92 10.58 27.37
C LEU G 48 94.74 10.18 28.59
N VAL G 49 94.14 10.29 29.78
CA VAL G 49 94.88 10.09 31.01
C VAL G 49 94.25 9.06 31.94
N ASN G 50 95.09 8.31 32.64
CA ASN G 50 94.64 7.37 33.66
C ASN G 50 95.41 7.53 34.97
N ASN G 51 95.05 6.74 35.96
CA ASN G 51 95.79 6.69 37.21
C ASN G 51 95.77 5.26 37.74
N PRO G 52 96.76 4.46 37.31
CA PRO G 52 96.87 3.04 37.63
C PRO G 52 96.86 2.74 39.13
N GLY G 53 95.94 1.87 39.55
CA GLY G 53 95.85 1.48 40.94
C GLY G 53 94.83 2.27 41.73
N LYS G 54 95.03 3.59 41.79
CA LYS G 54 94.14 4.46 42.55
C LYS G 54 92.85 4.78 41.81
N GLU G 55 91.77 4.12 42.20
CA GLU G 55 90.48 4.35 41.57
C GLU G 55 90.00 5.76 41.87
N ASN G 56 89.08 6.26 41.06
CA ASN G 56 88.88 7.70 40.84
C ASN G 56 90.07 8.56 41.25
N GLY G 57 91.25 8.24 40.73
CA GLY G 57 92.45 8.97 41.08
C GLY G 57 92.49 10.33 40.42
N PRO G 58 93.43 11.18 40.86
CA PRO G 58 93.57 12.53 40.30
C PRO G 58 94.14 12.53 38.89
N VAL G 59 93.82 13.56 38.12
CA VAL G 59 94.36 13.69 36.77
C VAL G 59 95.76 14.28 36.83
N LYS G 60 96.70 13.64 36.14
CA LYS G 60 98.06 14.14 36.09
C LYS G 60 98.60 14.13 34.67
N ILE G 61 99.01 15.29 34.17
CA ILE G 61 99.53 15.40 32.82
C ILE G 61 101.05 15.22 32.81
N SER G 62 101.52 14.21 32.08
CA SER G 62 102.93 13.84 32.09
C SER G 62 103.67 14.42 30.89
N SER G 63 102.97 14.55 29.77
CA SER G 63 103.58 14.99 28.51
C SER G 63 104.12 16.41 28.61
N LYS G 64 105.22 16.66 27.92
CA LYS G 64 105.78 18.00 27.85
C LYS G 64 104.96 18.85 26.89
N VAL G 65 104.56 20.03 27.33
CA VAL G 65 103.76 20.94 26.51
C VAL G 65 104.59 22.16 26.11
N ASN G 66 104.70 22.39 24.81
CA ASN G 66 105.53 23.49 24.30
C ASN G 66 104.88 24.86 24.48
N ASP G 67 104.32 25.11 25.65
CA ASP G 67 103.73 26.42 25.95
C ASP G 67 103.78 26.68 27.45
N LYS G 68 104.30 27.84 27.83
CA LYS G 68 104.49 28.19 29.23
C LYS G 68 103.14 28.39 29.93
N GLN G 69 102.25 29.14 29.28
CA GLN G 69 100.94 29.42 29.84
C GLN G 69 100.13 28.13 30.02
N VAL G 70 100.16 27.28 29.00
CA VAL G 70 99.40 26.03 29.04
C VAL G 70 100.02 25.04 30.02
N SER G 71 101.34 25.04 30.10
CA SER G 71 102.05 24.14 31.01
C SER G 71 101.70 24.48 32.46
N GLU G 72 101.59 25.76 32.76
CA GLU G 72 101.23 26.20 34.11
C GLU G 72 99.81 25.81 34.47
N PHE G 73 98.91 25.93 33.50
CA PHE G 73 97.50 25.59 33.70
C PHE G 73 97.33 24.10 34.02
N LEU G 74 98.06 23.26 33.30
CA LEU G 74 97.94 21.81 33.44
C LEU G 74 98.83 21.23 34.53
N LYS G 75 99.42 22.10 35.36
CA LYS G 75 100.28 21.64 36.45
C LYS G 75 99.49 20.80 37.45
N ASP G 76 100.19 19.90 38.14
CA ASP G 76 99.57 18.91 39.02
C ASP G 76 98.60 19.52 40.04
N GLU G 77 98.96 20.66 40.61
CA GLU G 77 98.12 21.30 41.62
C GLU G 77 96.74 21.67 41.08
N ASN G 78 96.69 22.11 39.83
CA ASN G 78 95.43 22.50 39.20
C ASN G 78 94.56 21.32 38.77
N MET G 79 95.21 20.27 38.28
CA MET G 79 94.49 19.13 37.72
C MET G 79 93.97 18.15 38.76
N GLU G 80 94.47 18.26 39.99
CA GLU G 80 94.14 17.30 41.03
C GLU G 80 92.68 17.37 41.47
N LYS G 81 91.97 18.41 41.06
CA LYS G 81 90.56 18.52 41.41
C LYS G 81 89.72 17.66 40.47
N PHE G 82 90.36 17.15 39.43
CA PHE G 82 89.71 16.28 38.48
C PHE G 82 90.21 14.84 38.62
N ASN G 83 89.35 13.88 38.32
CA ASN G 83 89.72 12.47 38.42
C ASN G 83 89.64 11.75 37.08
N VAL G 84 90.23 10.56 37.01
CA VAL G 84 90.37 9.83 35.76
C VAL G 84 89.36 8.71 35.60
N LYS G 85 88.27 8.78 36.35
CA LYS G 85 87.22 7.76 36.27
C LYS G 85 86.73 7.59 34.82
N LEU G 86 86.67 6.33 34.38
CA LEU G 86 86.43 5.96 32.98
C LEU G 86 85.19 6.60 32.35
N GLY G 87 85.42 7.38 31.30
CA GLY G 87 84.35 8.03 30.56
C GLY G 87 84.23 9.51 30.88
N THR G 88 84.78 9.91 32.01
CA THR G 88 84.74 11.31 32.44
C THR G 88 85.50 12.21 31.46
N SER G 89 85.03 13.44 31.32
CA SER G 89 85.65 14.39 30.39
C SER G 89 85.48 15.82 30.91
N LYS G 90 86.44 16.67 30.57
CA LYS G 90 86.42 18.07 31.00
C LYS G 90 86.94 18.98 29.89
N HIS G 91 86.51 20.24 29.89
CA HIS G 91 86.99 21.21 28.90
C HIS G 91 87.64 22.40 29.59
N PHE G 92 88.77 22.84 29.03
CA PHE G 92 89.51 23.95 29.62
C PHE G 92 89.65 25.09 28.63
N TYR G 93 89.51 26.32 29.09
CA TYR G 93 89.74 27.50 28.25
C TYR G 93 90.93 28.31 28.73
N MET G 94 91.82 28.70 27.82
CA MET G 94 93.00 29.49 28.21
C MET G 94 93.68 30.17 27.04
N PHE G 95 94.61 31.08 27.35
CA PHE G 95 95.44 31.74 26.35
C PHE G 95 96.86 31.17 26.38
N ASN G 96 97.43 30.92 25.21
CA ASN G 96 98.79 30.41 25.13
C ASN G 96 99.84 31.52 25.12
N ASP G 97 101.08 31.16 24.82
CA ASP G 97 102.20 32.11 24.85
C ASP G 97 102.07 33.23 23.81
N ASN G 98 101.29 32.99 22.76
CA ASN G 98 101.09 33.97 21.71
C ASN G 98 99.81 34.77 21.90
N LYS G 99 99.30 34.74 23.13
CA LYS G 99 98.07 35.44 23.49
C LYS G 99 96.87 34.97 22.67
N ASN G 100 96.90 33.70 22.26
CA ASN G 100 95.78 33.11 21.55
C ASN G 100 94.94 32.22 22.46
N SER G 101 93.64 32.26 22.27
CA SER G 101 92.72 31.43 23.04
C SER G 101 92.78 29.99 22.53
N VAL G 102 92.98 29.05 23.45
CA VAL G 102 93.06 27.64 23.07
C VAL G 102 92.13 26.78 23.92
N ALA G 103 91.66 25.68 23.33
CA ALA G 103 90.77 24.77 24.05
C ALA G 103 91.48 23.46 24.34
N VAL G 104 91.48 23.09 25.62
CA VAL G 104 92.14 21.88 26.09
C VAL G 104 91.22 21.07 26.99
N GLY G 105 91.45 19.76 27.05
CA GLY G 105 90.65 18.89 27.89
C GLY G 105 91.24 17.50 28.00
N TYR G 106 90.52 16.61 28.67
CA TYR G 106 90.99 15.24 28.87
C TYR G 106 89.85 14.24 28.88
N VAL G 107 90.18 12.96 28.73
CA VAL G 107 89.21 11.89 28.91
C VAL G 107 89.77 10.83 29.85
N GLY G 108 89.03 10.53 30.92
CA GLY G 108 89.45 9.56 31.91
C GLY G 108 89.47 8.14 31.39
N CYS G 109 90.55 7.42 31.65
CA CYS G 109 90.68 6.05 31.16
C CYS G 109 90.72 5.01 32.29
N GLY G 110 90.29 5.42 33.48
CA GLY G 110 90.15 4.48 34.59
C GLY G 110 91.41 4.18 35.37
N SER G 111 91.39 3.08 36.11
CA SER G 111 92.50 2.70 36.97
C SER G 111 93.21 1.43 36.49
N VAL G 112 92.68 0.82 35.43
CA VAL G 112 93.30 -0.38 34.88
C VAL G 112 94.32 0.02 33.82
N ALA G 113 95.49 -0.61 33.86
CA ALA G 113 96.59 -0.26 32.96
C ALA G 113 96.31 -0.65 31.52
N ASP G 114 95.66 -1.80 31.34
CA ASP G 114 95.37 -2.31 30.01
C ASP G 114 93.89 -2.17 29.66
N LEU G 115 93.59 -1.21 28.80
CA LEU G 115 92.21 -0.99 28.39
C LEU G 115 91.73 -2.12 27.49
N SER G 116 90.50 -2.57 27.71
CA SER G 116 89.90 -3.59 26.87
C SER G 116 89.22 -2.95 25.66
N GLU G 117 88.78 -3.79 24.73
CA GLU G 117 88.07 -3.31 23.55
C GLU G 117 86.82 -2.53 23.96
N ALA G 118 86.15 -3.00 25.01
CA ALA G 118 84.96 -2.34 25.52
C ALA G 118 85.31 -1.01 26.21
N ASP G 119 86.41 -1.00 26.96
CA ASP G 119 86.88 0.20 27.63
C ASP G 119 87.19 1.31 26.65
N MET G 120 87.94 0.98 25.60
CA MET G 120 88.34 1.94 24.59
C MET G 120 87.12 2.54 23.88
N LYS G 121 86.08 1.73 23.70
CA LYS G 121 84.85 2.19 23.08
C LYS G 121 84.17 3.26 23.94
N ARG G 122 84.18 3.04 25.26
CA ARG G 122 83.58 4.00 26.18
C ARG G 122 84.37 5.31 26.17
N VAL G 123 85.68 5.20 26.00
CA VAL G 123 86.56 6.36 25.90
C VAL G 123 86.27 7.14 24.62
N VAL G 124 86.14 6.43 23.52
CA VAL G 124 85.89 7.04 22.21
C VAL G 124 84.56 7.78 22.18
N LEU G 125 83.54 7.19 22.81
CA LEU G 125 82.23 7.83 22.87
C LEU G 125 82.29 9.15 23.63
N SER G 126 83.07 9.18 24.69
CA SER G 126 83.26 10.40 25.46
C SER G 126 83.97 11.45 24.60
N LEU G 127 84.94 11.00 23.81
CA LEU G 127 85.67 11.90 22.92
C LEU G 127 84.77 12.44 21.81
N VAL G 128 84.01 11.54 21.17
CA VAL G 128 83.13 11.93 20.08
C VAL G 128 82.04 12.88 20.58
N THR G 129 81.67 12.73 21.85
CA THR G 129 80.69 13.61 22.47
C THR G 129 81.22 15.04 22.48
N MET G 130 82.53 15.18 22.66
CA MET G 130 83.18 16.50 22.63
C MET G 130 83.24 17.01 21.21
N LEU G 131 83.29 16.09 20.25
CA LEU G 131 83.35 16.46 18.85
C LEU G 131 81.98 16.96 18.38
N HIS G 132 80.94 16.39 18.96
CA HIS G 132 79.58 16.75 18.57
C HIS G 132 79.18 18.08 19.20
N ASP G 133 78.18 18.72 18.60
CA ASP G 133 77.70 20.02 19.06
C ASP G 133 78.80 21.07 19.24
N ASN G 134 79.96 20.82 18.64
CA ASN G 134 81.08 21.76 18.72
C ASN G 134 81.69 21.89 17.32
N LYS G 135 81.80 23.13 16.87
CA LYS G 135 82.28 23.43 15.52
C LYS G 135 83.80 23.57 15.45
N LEU G 136 84.49 22.43 15.53
CA LEU G 136 85.95 22.43 15.57
C LEU G 136 86.57 22.18 14.20
N SER G 137 87.73 22.79 13.96
CA SER G 137 88.47 22.58 12.73
C SER G 137 89.51 21.48 12.89
N LYS G 138 90.00 21.30 14.11
CA LYS G 138 91.05 20.34 14.39
C LYS G 138 90.89 19.66 15.75
N LEU G 139 91.12 18.35 15.77
CA LEU G 139 91.16 17.60 17.02
C LEU G 139 92.56 17.04 17.26
N THR G 140 93.07 17.20 18.48
CA THR G 140 94.37 16.65 18.84
C THR G 140 94.27 15.76 20.07
N VAL G 141 94.68 14.51 19.92
CA VAL G 141 94.63 13.55 21.01
C VAL G 141 96.03 13.17 21.48
N VAL G 142 96.28 13.31 22.77
CA VAL G 142 97.57 12.98 23.35
C VAL G 142 97.47 11.69 24.16
N PHE G 143 98.18 10.65 23.70
CA PHE G 143 98.13 9.36 24.37
C PHE G 143 99.09 9.29 25.55
N GLU G 144 98.55 9.50 26.74
CA GLU G 144 99.33 9.33 27.96
C GLU G 144 98.97 8.00 28.62
N ILE G 145 98.59 7.05 27.80
CA ILE G 145 98.29 5.69 28.25
C ILE G 145 99.00 4.69 27.35
N ASN G 146 99.10 3.45 27.81
CA ASN G 146 99.78 2.43 27.02
C ASN G 146 98.78 1.57 26.23
N VAL G 147 98.94 1.60 24.91
CA VAL G 147 98.11 0.81 24.02
C VAL G 147 98.98 0.22 22.92
N ASP G 148 98.67 -0.99 22.48
CA ASP G 148 99.43 -1.57 21.39
C ASP G 148 98.92 -1.03 20.06
N LYS G 149 99.60 -1.40 18.99
CA LYS G 149 99.27 -0.91 17.66
C LYS G 149 97.85 -1.29 17.24
N ASN G 150 97.44 -2.52 17.53
CA ASN G 150 96.10 -2.97 17.21
C ASN G 150 95.03 -2.19 17.97
N LEU G 151 95.24 -1.95 19.26
CA LEU G 151 94.29 -1.20 20.06
C LEU G 151 94.30 0.26 19.61
N PHE G 152 95.47 0.74 19.22
CA PHE G 152 95.62 2.08 18.69
C PHE G 152 94.81 2.24 17.40
N ARG G 153 94.95 1.25 16.51
CA ARG G 153 94.19 1.27 15.26
C ARG G 153 92.70 1.17 15.55
N PHE G 154 92.35 0.36 16.55
CA PHE G 154 90.96 0.22 16.98
C PHE G 154 90.42 1.56 17.47
N PHE G 155 91.29 2.33 18.12
CA PHE G 155 90.94 3.67 18.57
C PHE G 155 90.49 4.53 17.40
N LEU G 156 91.33 4.56 16.37
CA LEU G 156 91.08 5.38 15.18
C LEU G 156 89.83 4.92 14.45
N GLU G 157 89.73 3.60 14.22
CA GLU G 157 88.58 3.00 13.56
C GLU G 157 87.28 3.38 14.26
N THR G 158 87.25 3.17 15.57
CA THR G 158 86.08 3.45 16.38
C THR G 158 85.75 4.93 16.39
N LEU G 159 86.78 5.77 16.47
CA LEU G 159 86.61 7.21 16.46
C LEU G 159 85.94 7.67 15.17
N PHE G 160 86.49 7.22 14.04
CA PHE G 160 85.94 7.55 12.72
C PHE G 160 84.48 7.10 12.59
N TYR G 161 84.21 5.88 13.02
CA TYR G 161 82.88 5.29 12.86
C TYR G 161 81.80 6.01 13.67
N GLU G 162 82.07 6.26 14.95
CA GLU G 162 81.10 6.91 15.82
C GLU G 162 80.96 8.40 15.52
N TYR G 163 82.06 9.01 15.08
CA TYR G 163 82.05 10.42 14.69
C TYR G 163 81.13 10.63 13.49
N MET G 164 81.20 9.71 12.55
CA MET G 164 80.45 9.78 11.29
C MET G 164 78.95 9.69 11.53
N THR G 165 78.19 10.53 10.82
CA THR G 165 76.74 10.51 10.90
C THR G 165 76.10 10.21 9.54
N ASP G 166 75.18 9.26 9.54
CA ASP G 166 74.51 8.82 8.31
C ASP G 166 73.23 9.61 8.06
N GLU G 167 73.21 10.40 6.98
CA GLU G 167 72.05 11.24 6.68
C GLU G 167 71.51 10.98 5.27
N ARG G 168 71.79 9.79 4.73
CA ARG G 168 71.35 9.45 3.38
C ARG G 168 69.83 9.52 3.23
N PHE G 169 69.12 9.33 4.34
CA PHE G 169 67.66 9.25 4.30
C PHE G 169 67.00 10.46 4.97
N LYS G 170 67.77 11.52 5.19
CA LYS G 170 67.22 12.73 5.79
C LYS G 170 66.74 13.68 4.70
N SER G 171 65.47 14.08 4.77
CA SER G 171 64.90 15.01 3.81
C SER G 171 64.84 16.45 4.33
N THR G 172 64.27 16.63 5.53
CA THR G 172 63.94 17.95 6.03
C THR G 172 64.33 18.12 7.49
N ASP G 173 65.08 17.16 8.01
CA ASP G 173 65.59 17.23 9.38
C ASP G 173 67.11 17.13 9.38
N GLU G 179 79.62 19.90 10.03
CA GLU G 179 80.88 20.61 10.24
C GLU G 179 81.93 19.71 10.88
N TYR G 180 82.49 18.80 10.09
CA TYR G 180 83.52 17.89 10.58
C TYR G 180 84.89 18.54 10.61
N ILE G 181 85.76 18.06 11.49
CA ILE G 181 87.14 18.53 11.54
C ILE G 181 87.86 18.19 10.24
N LYS G 182 88.86 19.00 9.88
CA LYS G 182 89.62 18.76 8.67
C LYS G 182 91.02 18.26 8.99
N HIS G 183 91.40 18.33 10.26
CA HIS G 183 92.72 17.91 10.68
C HIS G 183 92.68 17.14 11.99
N LEU G 184 93.44 16.05 12.07
CA LEU G 184 93.56 15.27 13.30
C LEU G 184 95.02 15.02 13.68
N GLY G 185 95.43 15.55 14.82
CA GLY G 185 96.78 15.36 15.31
C GLY G 185 96.84 14.34 16.43
N VAL G 186 97.84 13.47 16.39
CA VAL G 186 97.99 12.42 17.39
C VAL G 186 99.39 12.41 18.00
N TYR G 187 99.47 12.63 19.30
CA TYR G 187 100.74 12.53 20.02
C TYR G 187 100.88 11.22 20.79
N ILE G 188 101.90 10.45 20.45
CA ILE G 188 102.13 9.16 21.11
C ILE G 188 103.63 8.84 21.12
N ASN G 189 104.03 7.83 21.90
CA ASN G 189 105.43 7.41 21.95
C ASN G 189 105.71 6.32 20.92
N ASN G 190 106.86 6.42 20.26
CA ASN G 190 107.19 5.54 19.15
C ASN G 190 106.22 5.78 18.00
N ALA G 191 105.99 7.05 17.69
CA ALA G 191 105.00 7.44 16.70
C ALA G 191 105.26 6.77 15.36
N ASP G 192 106.54 6.57 15.04
CA ASP G 192 106.92 5.95 13.77
C ASP G 192 106.33 4.55 13.67
N THR G 193 106.23 3.86 14.81
CA THR G 193 105.69 2.52 14.82
C THR G 193 104.18 2.51 14.66
N TYR G 194 103.53 3.59 15.09
CA TYR G 194 102.07 3.69 15.02
C TYR G 194 101.58 4.32 13.73
N LYS G 195 102.49 4.95 12.98
CA LYS G 195 102.11 5.66 11.76
C LYS G 195 101.50 4.74 10.71
N GLU G 196 102.03 3.51 10.64
CA GLU G 196 101.57 2.56 9.63
C GLU G 196 100.15 2.07 9.90
N GLU G 197 99.68 2.26 11.12
CA GLU G 197 98.34 1.83 11.50
C GLU G 197 97.25 2.81 11.06
N VAL G 198 97.66 4.04 10.79
CA VAL G 198 96.71 5.12 10.48
C VAL G 198 95.82 4.84 9.27
N GLU G 199 96.45 4.57 8.13
CA GLU G 199 95.69 4.37 6.89
C GLU G 199 95.00 3.02 6.85
N LYS G 200 95.49 2.07 7.64
CA LYS G 200 94.82 0.78 7.77
C LYS G 200 93.51 0.93 8.51
N ALA G 201 93.49 1.79 9.52
CA ALA G 201 92.27 2.09 10.27
C ALA G 201 91.24 2.77 9.39
N ARG G 202 91.70 3.72 8.58
CA ARG G 202 90.82 4.46 7.67
C ARG G 202 90.18 3.48 6.69
N VAL G 203 90.97 2.53 6.22
CA VAL G 203 90.48 1.50 5.31
C VAL G 203 89.51 0.58 6.04
N TYR G 204 89.90 0.12 7.22
CA TYR G 204 89.02 -0.70 8.05
C TYR G 204 87.75 0.05 8.41
N TYR G 205 87.88 1.35 8.63
CA TYR G 205 86.73 2.19 8.94
C TYR G 205 85.65 2.12 7.87
N PHE G 206 86.04 2.34 6.61
CA PHE G 206 85.07 2.45 5.54
C PHE G 206 84.44 1.09 5.23
N GLY G 207 85.23 0.03 5.35
CA GLY G 207 84.71 -1.31 5.18
C GLY G 207 83.57 -1.56 6.16
N THR G 208 83.76 -1.14 7.40
CA THR G 208 82.74 -1.25 8.43
C THR G 208 81.56 -0.31 8.19
N TYR G 209 81.88 0.94 7.83
CA TYR G 209 80.83 1.93 7.61
C TYR G 209 80.05 1.62 6.34
N TYR G 210 80.75 1.06 5.35
CA TYR G 210 80.11 0.60 4.12
C TYR G 210 79.04 -0.45 4.44
N ALA G 211 79.43 -1.45 5.23
CA ALA G 211 78.50 -2.48 5.66
C ALA G 211 77.36 -1.87 6.46
N SER G 212 77.70 -0.93 7.33
CA SER G 212 76.71 -0.21 8.12
C SER G 212 75.67 0.46 7.22
N GLN G 213 76.13 1.02 6.10
CA GLN G 213 75.24 1.67 5.14
C GLN G 213 74.27 0.69 4.49
N LEU G 214 74.76 -0.51 4.17
CA LEU G 214 73.93 -1.53 3.55
C LEU G 214 72.89 -2.07 4.53
N ILE G 215 73.31 -2.27 5.78
CA ILE G 215 72.42 -2.78 6.81
C ILE G 215 71.35 -1.77 7.20
N ALA G 216 71.77 -0.53 7.45
CA ALA G 216 70.85 0.52 7.85
C ALA G 216 69.83 0.83 6.76
N ALA G 217 70.23 0.66 5.50
CA ALA G 217 69.33 0.87 4.38
C ALA G 217 68.13 -0.07 4.45
N PRO G 218 66.91 0.50 4.44
CA PRO G 218 65.66 -0.26 4.54
C PRO G 218 65.46 -1.22 3.37
N SER G 219 64.57 -2.19 3.54
CA SER G 219 64.40 -3.26 2.57
C SER G 219 63.79 -2.80 1.25
N ASN G 220 63.13 -1.65 1.26
CA ASN G 220 62.58 -1.11 0.02
C ASN G 220 63.65 -0.44 -0.84
N TYR G 221 64.71 0.05 -0.19
CA TYR G 221 65.88 0.54 -0.91
C TYR G 221 66.86 -0.60 -1.20
N CYS G 222 67.16 -1.37 -0.16
CA CYS G 222 68.12 -2.46 -0.28
C CYS G 222 67.40 -3.78 -0.51
N ASN G 223 67.34 -4.19 -1.77
CA ASN G 223 66.75 -5.46 -2.14
C ASN G 223 67.74 -6.33 -2.91
N PRO G 224 67.36 -7.58 -3.22
CA PRO G 224 68.25 -8.52 -3.90
C PRO G 224 68.87 -7.96 -5.17
N VAL G 225 68.11 -7.17 -5.92
CA VAL G 225 68.62 -6.59 -7.16
C VAL G 225 69.53 -5.40 -6.89
N SER G 226 69.09 -4.50 -6.01
CA SER G 226 69.85 -3.30 -5.71
C SER G 226 71.09 -3.62 -4.91
N LEU G 227 71.03 -4.67 -4.10
CA LEU G 227 72.18 -5.08 -3.30
C LEU G 227 73.24 -5.73 -4.20
N SER G 228 72.79 -6.54 -5.15
CA SER G 228 73.69 -7.18 -6.09
C SER G 228 74.32 -6.13 -7.01
N ASN G 229 73.54 -5.13 -7.39
CA ASN G 229 74.05 -4.01 -8.18
C ASN G 229 75.12 -3.24 -7.41
N ALA G 230 74.89 -3.06 -6.11
CA ALA G 230 75.84 -2.39 -5.26
C ALA G 230 77.13 -3.19 -5.17
N ALA G 231 77.00 -4.52 -5.21
CA ALA G 231 78.16 -5.40 -5.19
C ALA G 231 78.92 -5.28 -6.50
N VAL G 232 78.19 -5.12 -7.60
CA VAL G 232 78.79 -4.94 -8.91
C VAL G 232 79.54 -3.62 -9.00
N GLU G 233 78.92 -2.56 -8.50
CA GLU G 233 79.54 -1.23 -8.49
C GLU G 233 80.82 -1.23 -7.66
N LEU G 234 80.76 -1.90 -6.51
CA LEU G 234 81.91 -2.00 -5.63
C LEU G 234 83.06 -2.77 -6.28
N ALA G 235 82.71 -3.82 -7.01
CA ALA G 235 83.71 -4.65 -7.69
C ALA G 235 84.37 -3.87 -8.82
N GLN G 236 83.61 -2.99 -9.46
CA GLN G 236 84.10 -2.20 -10.58
C GLN G 236 85.07 -1.12 -10.15
N LYS G 237 84.84 -0.56 -8.96
CA LYS G 237 85.68 0.50 -8.42
C LYS G 237 87.01 -0.04 -7.88
N LEU G 238 87.04 -1.33 -7.55
CA LEU G 238 88.25 -1.93 -7.00
C LEU G 238 89.09 -2.67 -8.04
N ASN G 239 88.41 -3.34 -8.96
CA ASN G 239 88.98 -4.10 -10.08
C ASN G 239 88.95 -5.58 -9.74
N LEU G 240 87.86 -6.00 -9.11
CA LEU G 240 87.68 -7.39 -8.74
C LEU G 240 86.81 -8.09 -9.77
N GLU G 241 87.12 -9.36 -10.03
CA GLU G 241 86.25 -10.17 -10.88
C GLU G 241 84.94 -10.38 -10.16
N TYR G 242 83.83 -10.32 -10.91
CA TYR G 242 82.53 -10.48 -10.29
C TYR G 242 81.60 -11.28 -11.19
N LYS G 243 80.64 -11.96 -10.57
CA LYS G 243 79.64 -12.72 -11.30
C LYS G 243 78.35 -12.76 -10.50
N ILE G 244 77.26 -12.35 -11.14
CA ILE G 244 75.95 -12.35 -10.52
C ILE G 244 75.07 -13.41 -11.18
N LEU G 245 74.75 -14.45 -10.42
CA LEU G 245 73.96 -15.55 -10.94
C LEU G 245 72.47 -15.23 -10.85
N GLY G 246 71.78 -15.35 -11.99
CA GLY G 246 70.36 -15.10 -12.02
C GLY G 246 69.58 -16.37 -11.79
N VAL G 247 68.25 -16.28 -11.91
CA VAL G 247 67.37 -17.41 -11.67
C VAL G 247 67.66 -18.55 -12.64
N LYS G 248 67.95 -18.19 -13.89
CA LYS G 248 68.22 -19.18 -14.92
C LYS G 248 69.48 -19.98 -14.61
N GLU G 249 70.50 -19.31 -14.11
CA GLU G 249 71.75 -19.98 -13.74
C GLU G 249 71.58 -20.79 -12.47
N LEU G 250 70.82 -20.24 -11.51
CA LEU G 250 70.57 -20.92 -10.26
C LEU G 250 69.72 -22.17 -10.45
N GLU G 251 68.80 -22.11 -11.41
CA GLU G 251 68.00 -23.27 -11.78
C GLU G 251 68.90 -24.31 -12.44
N GLU G 252 69.82 -23.83 -13.27
CA GLU G 252 70.78 -24.69 -13.95
C GLU G 252 71.69 -25.41 -12.95
N LEU G 253 72.03 -24.71 -11.87
CA LEU G 253 72.91 -25.26 -10.85
C LEU G 253 72.16 -26.09 -9.81
N LYS G 254 70.85 -26.19 -9.99
CA LYS G 254 70.00 -27.02 -9.12
C LYS G 254 70.02 -26.57 -7.65
N MET G 255 70.00 -25.25 -7.43
CA MET G 255 69.97 -24.72 -6.07
C MET G 255 68.54 -24.57 -5.57
N GLY G 256 67.90 -25.70 -5.24
CA GLY G 256 66.50 -25.69 -4.86
C GLY G 256 66.22 -25.10 -3.49
N ALA G 257 67.17 -25.24 -2.57
CA ALA G 257 67.01 -24.70 -1.23
C ALA G 257 67.03 -23.17 -1.25
N TYR G 258 68.03 -22.62 -1.93
CA TYR G 258 68.20 -21.17 -2.05
C TYR G 258 67.04 -20.55 -2.83
N LEU G 259 66.63 -21.20 -3.91
CA LEU G 259 65.56 -20.69 -4.76
C LEU G 259 64.19 -20.74 -4.07
N SER G 260 63.98 -21.72 -3.22
CA SER G 260 62.70 -21.90 -2.55
C SER G 260 62.35 -20.72 -1.65
N VAL G 261 63.34 -20.22 -0.92
CA VAL G 261 63.15 -19.13 0.02
C VAL G 261 62.66 -17.85 -0.68
N GLY G 262 63.13 -17.62 -1.91
CA GLY G 262 62.82 -16.41 -2.63
C GLY G 262 61.61 -16.50 -3.54
N LYS G 263 60.94 -17.64 -3.52
CA LYS G 263 59.79 -17.89 -4.38
C LYS G 263 58.68 -16.85 -4.20
N GLY G 264 58.51 -16.38 -2.97
CA GLY G 264 57.43 -15.46 -2.65
C GLY G 264 57.78 -14.00 -2.82
N SER G 265 58.97 -13.71 -3.36
CA SER G 265 59.42 -12.33 -3.51
C SER G 265 59.16 -11.77 -4.91
N MET G 266 58.96 -10.46 -4.97
CA MET G 266 58.81 -9.76 -6.25
C MET G 266 60.17 -9.51 -6.87
N TYR G 267 61.22 -9.65 -6.07
CA TYR G 267 62.58 -9.47 -6.55
C TYR G 267 63.19 -10.84 -6.86
N PRO G 268 63.69 -11.01 -8.09
CA PRO G 268 64.34 -12.28 -8.45
C PRO G 268 65.61 -12.50 -7.62
N ASN G 269 65.92 -13.75 -7.32
CA ASN G 269 67.12 -14.08 -6.56
C ASN G 269 68.39 -13.68 -7.30
N LYS G 270 69.38 -13.23 -6.54
CA LYS G 270 70.67 -12.83 -7.09
C LYS G 270 71.80 -13.36 -6.22
N PHE G 271 72.64 -14.20 -6.82
CA PHE G 271 73.78 -14.77 -6.10
C PHE G 271 75.03 -13.96 -6.40
N ILE G 272 75.60 -13.37 -5.36
CA ILE G 272 76.78 -12.52 -5.51
C ILE G 272 78.07 -13.32 -5.45
N HIS G 273 78.92 -13.13 -6.45
CA HIS G 273 80.22 -13.78 -6.49
C HIS G 273 81.32 -12.80 -6.89
N LEU G 274 82.01 -12.26 -5.89
CA LEU G 274 83.18 -11.44 -6.13
C LEU G 274 84.44 -12.26 -5.88
N THR G 275 85.50 -11.94 -6.61
CA THR G 275 86.76 -12.67 -6.46
C THR G 275 87.95 -11.73 -6.44
N TYR G 276 88.80 -11.88 -5.44
CA TYR G 276 90.08 -11.17 -5.41
C TYR G 276 91.19 -12.17 -5.66
N LYS G 277 92.00 -11.91 -6.68
CA LYS G 277 93.13 -12.76 -7.00
C LYS G 277 94.42 -11.95 -6.83
N SER G 278 95.36 -12.52 -6.09
CA SER G 278 96.62 -11.85 -5.81
C SER G 278 97.50 -11.77 -7.05
N LYS G 279 98.22 -10.67 -7.18
CA LYS G 279 99.14 -10.50 -8.31
C LYS G 279 100.42 -11.26 -8.04
N GLY G 280 100.26 -12.46 -7.46
CA GLY G 280 101.38 -13.31 -7.09
C GLY G 280 100.93 -14.76 -7.18
N ASP G 281 101.86 -15.67 -6.97
CA ASP G 281 101.53 -17.09 -7.05
C ASP G 281 100.61 -17.46 -5.89
N VAL G 282 99.37 -17.77 -6.22
CA VAL G 282 98.36 -18.07 -5.22
C VAL G 282 98.75 -19.27 -4.36
N LYS G 283 98.45 -19.18 -3.07
CA LYS G 283 98.86 -20.16 -2.08
C LYS G 283 97.63 -20.72 -1.37
N LYS G 284 97.02 -19.90 -0.52
CA LYS G 284 95.79 -20.29 0.15
C LYS G 284 94.56 -19.66 -0.51
N LYS G 285 93.56 -20.49 -0.75
CA LYS G 285 92.29 -20.06 -1.35
C LYS G 285 91.19 -20.00 -0.30
N ILE G 286 90.50 -18.86 -0.23
CA ILE G 286 89.49 -18.65 0.81
C ILE G 286 88.14 -18.23 0.24
N ALA G 287 87.08 -18.82 0.77
CA ALA G 287 85.72 -18.43 0.43
C ALA G 287 84.99 -17.85 1.63
N LEU G 288 84.52 -16.61 1.49
CA LEU G 288 83.76 -15.97 2.56
C LEU G 288 82.28 -15.88 2.18
N VAL G 289 81.43 -16.57 2.95
CA VAL G 289 80.01 -16.65 2.66
C VAL G 289 79.18 -15.91 3.69
N GLY G 290 78.38 -14.94 3.24
CA GLY G 290 77.54 -14.17 4.14
C GLY G 290 76.06 -14.34 3.86
N LYS G 291 75.27 -14.48 4.91
CA LYS G 291 73.82 -14.56 4.76
C LYS G 291 73.26 -13.24 4.25
N GLY G 292 72.50 -13.29 3.15
CA GLY G 292 71.99 -12.10 2.52
C GLY G 292 70.49 -12.08 2.29
N ILE G 293 69.73 -12.04 3.38
CA ILE G 293 68.29 -11.90 3.30
C ILE G 293 67.90 -10.45 3.50
N THR G 294 67.50 -9.79 2.41
CA THR G 294 67.24 -8.35 2.43
C THR G 294 66.07 -7.99 3.34
N PHE G 295 65.13 -8.91 3.48
CA PHE G 295 64.09 -8.76 4.48
C PHE G 295 63.52 -10.12 4.89
N ASP G 296 63.39 -10.32 6.20
CA ASP G 296 62.85 -11.55 6.73
C ASP G 296 61.51 -11.33 7.42
N SER G 297 60.42 -11.59 6.70
CA SER G 297 59.09 -11.51 7.28
C SER G 297 58.80 -12.78 8.07
N GLY G 298 59.55 -13.84 7.75
CA GLY G 298 59.37 -15.12 8.38
C GLY G 298 58.63 -16.09 7.47
N GLY G 299 58.11 -15.58 6.36
CA GLY G 299 57.30 -16.37 5.47
C GLY G 299 55.96 -16.69 6.11
N TYR G 300 55.37 -17.81 5.72
CA TYR G 300 54.10 -18.23 6.30
C TYR G 300 54.26 -18.51 7.80
N ASN G 301 55.49 -18.80 8.20
CA ASN G 301 55.83 -18.78 9.62
C ASN G 301 56.14 -17.34 10.02
N LEU G 302 55.15 -16.47 9.83
CA LEU G 302 55.31 -15.03 9.99
C LEU G 302 55.79 -14.63 11.37
N LYS G 303 56.69 -13.64 11.42
CA LYS G 303 57.15 -13.07 12.69
C LYS G 303 56.05 -12.20 13.29
N ALA G 304 55.11 -12.83 13.98
CA ALA G 304 53.98 -12.13 14.58
C ALA G 304 53.99 -12.21 16.10
N ALA G 305 54.80 -13.13 16.63
CA ALA G 305 54.92 -13.32 18.07
C ALA G 305 55.61 -12.12 18.73
N PRO G 306 55.20 -11.81 19.97
CA PRO G 306 55.81 -10.72 20.75
C PRO G 306 57.31 -10.93 20.95
N GLY G 307 58.11 -9.93 20.62
CA GLY G 307 59.55 -10.03 20.76
C GLY G 307 60.23 -10.53 19.51
N SER G 308 59.47 -10.64 18.41
CA SER G 308 60.02 -11.12 17.15
C SER G 308 60.79 -10.04 16.41
N MET G 309 60.55 -8.77 16.76
CA MET G 309 61.29 -7.63 16.22
C MET G 309 61.35 -7.66 14.68
N ILE G 310 60.19 -7.72 14.05
CA ILE G 310 60.12 -7.83 12.60
C ILE G 310 60.58 -6.54 11.90
N ASP G 311 60.46 -5.41 12.60
CA ASP G 311 60.84 -4.12 12.03
C ASP G 311 62.35 -3.97 11.93
N LEU G 312 63.09 -4.91 12.52
CA LEU G 312 64.54 -4.89 12.49
C LEU G 312 65.10 -5.74 11.36
N MET G 313 64.25 -6.58 10.77
CA MET G 313 64.72 -7.62 9.86
C MET G 313 65.25 -7.10 8.52
N LYS G 314 65.48 -5.80 8.43
CA LYS G 314 66.20 -5.24 7.30
C LYS G 314 67.69 -5.55 7.45
N PHE G 315 68.09 -5.90 8.68
CA PHE G 315 69.50 -6.15 8.99
C PHE G 315 69.88 -7.60 8.73
N ASP G 316 68.94 -8.36 8.18
CA ASP G 316 69.14 -9.80 7.99
C ASP G 316 70.10 -10.10 6.85
N MET G 317 70.68 -9.06 6.26
CA MET G 317 71.72 -9.21 5.26
C MET G 317 73.05 -8.73 5.79
N SER G 318 73.17 -8.69 7.11
CA SER G 318 74.37 -8.23 7.79
C SER G 318 75.58 -9.09 7.44
N GLY G 319 75.35 -10.39 7.27
CA GLY G 319 76.42 -11.31 6.91
C GLY G 319 76.97 -10.99 5.53
N CYS G 320 76.06 -10.79 4.58
CA CYS G 320 76.43 -10.38 3.24
C CYS G 320 77.14 -9.03 3.28
N ALA G 321 76.63 -8.13 4.10
CA ALA G 321 77.22 -6.80 4.26
C ALA G 321 78.63 -6.89 4.80
N ALA G 322 78.86 -7.81 5.73
CA ALA G 322 80.17 -8.00 6.32
C ALA G 322 81.16 -8.49 5.26
N VAL G 323 80.70 -9.40 4.41
CA VAL G 323 81.53 -9.95 3.35
C VAL G 323 81.90 -8.88 2.32
N LEU G 324 80.93 -8.03 1.97
CA LEU G 324 81.16 -6.97 1.01
C LEU G 324 82.12 -5.92 1.57
N GLY G 325 81.99 -5.62 2.86
CA GLY G 325 82.88 -4.69 3.52
C GLY G 325 84.30 -5.24 3.54
N CYS G 326 84.40 -6.54 3.75
CA CYS G 326 85.69 -7.23 3.70
C CYS G 326 86.26 -7.17 2.29
N ALA G 327 85.39 -7.25 1.30
CA ALA G 327 85.79 -7.16 -0.10
C ALA G 327 86.48 -5.83 -0.38
N TYR G 328 85.95 -4.76 0.21
CA TYR G 328 86.57 -3.44 0.06
C TYR G 328 87.96 -3.40 0.68
N CYS G 329 88.06 -3.89 1.91
CA CYS G 329 89.32 -3.86 2.65
C CYS G 329 90.40 -4.68 1.95
N VAL G 330 90.04 -5.88 1.51
CA VAL G 330 90.98 -6.77 0.83
C VAL G 330 91.38 -6.21 -0.52
N GLY G 331 90.40 -5.69 -1.25
CA GLY G 331 90.64 -5.13 -2.57
C GLY G 331 91.46 -3.85 -2.54
N THR G 332 91.45 -3.16 -1.40
CA THR G 332 92.18 -1.92 -1.24
C THR G 332 93.62 -2.15 -0.77
N LEU G 333 93.78 -3.05 0.20
CA LEU G 333 95.08 -3.32 0.78
C LEU G 333 95.89 -4.29 -0.06
N LYS G 334 95.20 -5.07 -0.89
CA LYS G 334 95.84 -5.99 -1.83
C LYS G 334 96.84 -6.96 -1.18
N PRO G 335 96.32 -7.95 -0.44
CA PRO G 335 97.19 -8.97 0.16
C PRO G 335 97.80 -9.86 -0.92
N GLU G 336 98.94 -10.49 -0.62
CA GLU G 336 99.63 -11.29 -1.62
C GLU G 336 99.44 -12.80 -1.43
N ASN G 337 99.61 -13.55 -2.50
CA ASN G 337 99.63 -15.01 -2.45
C ASN G 337 98.32 -15.62 -1.95
N VAL G 338 97.23 -14.90 -2.13
CA VAL G 338 95.93 -15.38 -1.66
C VAL G 338 94.84 -15.17 -2.71
N GLU G 339 93.88 -16.11 -2.72
CA GLU G 339 92.70 -16.00 -3.57
C GLU G 339 91.43 -16.05 -2.71
N ILE G 340 90.64 -14.98 -2.77
CA ILE G 340 89.48 -14.86 -1.92
C ILE G 340 88.19 -14.77 -2.73
N HIS G 341 87.21 -15.60 -2.39
CA HIS G 341 85.91 -15.55 -3.02
C HIS G 341 84.86 -14.99 -2.04
N PHE G 342 84.23 -13.89 -2.43
CA PHE G 342 83.21 -13.28 -1.60
C PHE G 342 81.82 -13.66 -2.10
N LEU G 343 81.11 -14.47 -1.32
CA LEU G 343 79.85 -15.07 -1.76
C LEU G 343 78.65 -14.69 -0.91
N SER G 344 77.50 -14.56 -1.56
CA SER G 344 76.24 -14.32 -0.85
C SER G 344 75.02 -14.71 -1.69
N ALA G 345 74.24 -15.67 -1.20
CA ALA G 345 72.98 -16.03 -1.84
C ALA G 345 71.89 -15.08 -1.39
N VAL G 346 71.62 -14.07 -2.20
CA VAL G 346 70.70 -13.00 -1.82
C VAL G 346 69.27 -13.23 -2.29
N CYS G 347 68.32 -13.01 -1.38
CA CYS G 347 66.90 -13.11 -1.71
C CYS G 347 66.06 -12.46 -0.62
N GLU G 348 64.74 -12.58 -0.75
CA GLU G 348 63.81 -12.00 0.21
C GLU G 348 62.77 -13.02 0.63
N ASN G 349 62.52 -13.11 1.94
CA ASN G 349 61.58 -14.10 2.47
C ASN G 349 60.23 -13.47 2.76
N MET G 350 59.31 -13.60 1.81
CA MET G 350 58.03 -12.91 1.88
C MET G 350 56.84 -13.87 1.92
N VAL G 351 55.66 -13.31 2.16
CA VAL G 351 54.42 -14.08 2.16
C VAL G 351 53.66 -13.82 0.87
N SER G 352 53.38 -14.88 0.12
CA SER G 352 52.72 -14.75 -1.18
C SER G 352 52.08 -16.06 -1.62
N LYS G 353 51.34 -16.01 -2.72
CA LYS G 353 50.79 -17.22 -3.32
C LYS G 353 51.92 -18.08 -3.87
N ASN G 354 53.07 -17.45 -4.09
CA ASN G 354 54.21 -18.13 -4.68
C ASN G 354 55.24 -18.56 -3.63
N SER G 355 54.98 -18.19 -2.38
CA SER G 355 55.89 -18.53 -1.29
C SER G 355 55.93 -20.04 -1.06
N TYR G 356 57.03 -20.53 -0.50
CA TYR G 356 57.10 -21.95 -0.14
C TYR G 356 56.40 -22.16 1.20
N ARG G 357 55.90 -23.36 1.41
CA ARG G 357 55.08 -23.63 2.59
C ARG G 357 55.80 -24.47 3.63
N PRO G 358 55.38 -24.35 4.90
CA PRO G 358 55.83 -25.27 5.94
C PRO G 358 55.45 -26.70 5.57
N GLY G 359 56.42 -27.60 5.57
CA GLY G 359 56.16 -28.97 5.18
C GLY G 359 56.69 -29.29 3.80
N ASP G 360 56.92 -28.25 3.00
CA ASP G 360 57.47 -28.42 1.66
C ASP G 360 58.80 -29.14 1.72
N ILE G 361 59.00 -30.11 0.83
CA ILE G 361 60.27 -30.80 0.74
C ILE G 361 61.03 -30.34 -0.50
N ILE G 362 62.25 -29.86 -0.28
CA ILE G 362 63.04 -29.28 -1.35
C ILE G 362 64.39 -29.98 -1.49
N THR G 363 65.01 -29.83 -2.65
CA THR G 363 66.27 -30.50 -2.94
C THR G 363 67.40 -29.50 -3.07
N ALA G 364 68.47 -29.70 -2.30
CA ALA G 364 69.63 -28.82 -2.38
C ALA G 364 70.49 -29.21 -3.57
N SER G 365 71.44 -28.35 -3.92
CA SER G 365 72.28 -28.58 -5.09
C SER G 365 73.18 -29.80 -4.94
N ASN G 366 73.36 -30.28 -3.71
CA ASN G 366 74.19 -31.45 -3.48
C ASN G 366 73.37 -32.74 -3.46
N GLY G 367 72.08 -32.63 -3.78
CA GLY G 367 71.21 -33.78 -3.89
C GLY G 367 70.40 -34.12 -2.64
N LYS G 368 70.80 -33.56 -1.50
CA LYS G 368 70.10 -33.83 -0.24
C LYS G 368 68.70 -33.21 -0.24
N THR G 369 67.69 -34.01 0.06
CA THR G 369 66.33 -33.52 0.16
C THR G 369 66.06 -33.01 1.58
N ILE G 370 65.35 -31.90 1.68
CA ILE G 370 65.13 -31.26 2.97
C ILE G 370 63.65 -30.99 3.26
N GLU G 371 63.20 -31.36 4.45
CA GLU G 371 61.84 -31.07 4.87
C GLU G 371 61.76 -29.76 5.66
N VAL G 372 61.07 -28.78 5.10
CA VAL G 372 60.92 -27.48 5.75
C VAL G 372 59.92 -27.54 6.90
N GLY G 373 60.40 -27.25 8.11
CA GLY G 373 59.55 -27.23 9.29
C GLY G 373 59.18 -25.83 9.72
N ASN G 374 59.91 -24.84 9.21
CA ASN G 374 59.69 -23.44 9.57
C ASN G 374 60.27 -22.50 8.51
N THR G 375 59.40 -21.77 7.84
CA THR G 375 59.81 -20.87 6.76
C THR G 375 60.65 -19.71 7.28
N ASP G 376 60.65 -19.51 8.59
CA ASP G 376 61.42 -18.43 9.20
C ASP G 376 62.85 -18.87 9.45
N ALA G 377 63.12 -20.16 9.25
CA ALA G 377 64.48 -20.67 9.29
C ALA G 377 65.06 -20.74 7.89
N GLU G 378 64.90 -19.64 7.14
CA GLU G 378 65.24 -19.61 5.73
C GLU G 378 66.74 -19.46 5.52
N GLY G 379 67.43 -18.89 6.51
CA GLY G 379 68.85 -18.61 6.40
C GLY G 379 69.71 -19.82 6.10
N ARG G 380 69.52 -20.89 6.87
CA ARG G 380 70.32 -22.09 6.70
C ARG G 380 70.08 -22.73 5.34
N LEU G 381 68.89 -22.53 4.79
CA LEU G 381 68.55 -23.06 3.48
C LEU G 381 69.34 -22.36 2.38
N THR G 382 69.43 -21.03 2.46
CA THR G 382 70.19 -20.26 1.48
C THR G 382 71.68 -20.51 1.60
N LEU G 383 72.17 -20.62 2.84
CA LEU G 383 73.57 -20.89 3.09
C LEU G 383 73.99 -22.27 2.60
N ALA G 384 73.06 -23.22 2.65
CA ALA G 384 73.33 -24.60 2.24
C ALA G 384 73.81 -24.65 0.79
N ASP G 385 73.07 -23.98 -0.09
CA ASP G 385 73.42 -23.97 -1.51
C ASP G 385 74.67 -23.13 -1.75
N ALA G 386 74.89 -22.13 -0.92
CA ALA G 386 76.09 -21.29 -1.03
C ALA G 386 77.33 -22.06 -0.61
N LEU G 387 77.21 -22.88 0.42
CA LEU G 387 78.32 -23.68 0.92
C LEU G 387 78.70 -24.78 -0.07
N VAL G 388 77.69 -25.38 -0.71
CA VAL G 388 77.94 -26.39 -1.72
C VAL G 388 78.69 -25.75 -2.88
N TYR G 389 78.24 -24.55 -3.25
CA TYR G 389 78.86 -23.77 -4.31
C TYR G 389 80.29 -23.41 -3.90
N ALA G 390 80.46 -23.05 -2.63
CA ALA G 390 81.76 -22.66 -2.09
C ALA G 390 82.81 -23.76 -2.19
N GLU G 391 82.46 -24.96 -1.73
CA GLU G 391 83.40 -26.07 -1.72
C GLU G 391 83.78 -26.51 -3.13
N LYS G 392 82.86 -26.27 -4.07
CA LYS G 392 83.10 -26.63 -5.47
C LYS G 392 84.12 -25.71 -6.14
N LEU G 393 84.42 -24.59 -5.49
CA LEU G 393 85.43 -23.65 -5.98
C LEU G 393 86.82 -24.19 -5.65
N GLY G 394 86.86 -25.24 -4.84
CA GLY G 394 88.10 -25.85 -4.43
C GLY G 394 88.92 -24.93 -3.57
N VAL G 395 88.36 -24.53 -2.44
CA VAL G 395 89.05 -23.62 -1.52
C VAL G 395 89.63 -24.37 -0.34
N ASP G 396 90.51 -23.70 0.40
CA ASP G 396 91.13 -24.30 1.59
C ASP G 396 90.27 -24.05 2.82
N TYR G 397 89.67 -22.87 2.88
CA TYR G 397 88.83 -22.48 4.01
C TYR G 397 87.47 -21.95 3.55
N ILE G 398 86.41 -22.39 4.23
CA ILE G 398 85.09 -21.81 4.05
C ILE G 398 84.61 -21.22 5.37
N VAL G 399 84.37 -19.90 5.37
CA VAL G 399 83.87 -19.23 6.56
C VAL G 399 82.59 -18.46 6.26
N ASP G 400 81.51 -18.81 6.96
CA ASP G 400 80.26 -18.08 6.78
C ASP G 400 79.96 -17.21 7.99
N ILE G 401 79.29 -16.09 7.74
CA ILE G 401 78.90 -15.16 8.80
C ILE G 401 77.45 -14.74 8.56
N ALA G 402 76.61 -14.88 9.58
CA ALA G 402 75.18 -14.68 9.39
C ALA G 402 74.41 -14.38 10.66
N THR G 403 73.34 -13.60 10.52
CA THR G 403 72.38 -13.40 11.58
C THR G 403 71.39 -14.56 11.57
N LEU G 404 71.83 -15.71 12.06
CA LEU G 404 71.11 -16.97 11.84
C LEU G 404 70.07 -17.28 12.91
N THR G 405 70.45 -17.15 14.17
CA THR G 405 69.58 -17.54 15.27
C THR G 405 69.48 -16.48 16.36
N GLY G 406 68.26 -16.15 16.74
CA GLY G 406 68.01 -15.19 17.81
C GLY G 406 68.48 -15.69 19.15
N ALA G 407 68.69 -17.00 19.24
CA ALA G 407 69.14 -17.62 20.48
C ALA G 407 70.49 -17.08 20.94
N MET G 408 71.25 -16.49 20.02
CA MET G 408 72.54 -15.89 20.34
C MET G 408 72.41 -14.80 21.41
N LEU G 409 71.27 -14.12 21.41
CA LEU G 409 70.99 -13.09 22.41
C LEU G 409 70.86 -13.66 23.82
N TYR G 410 70.53 -14.94 23.91
CA TYR G 410 70.33 -15.59 25.20
C TYR G 410 71.57 -16.33 25.66
N SER G 411 72.49 -16.56 24.72
CA SER G 411 73.71 -17.29 25.02
C SER G 411 74.89 -16.34 25.26
N LEU G 412 75.23 -15.55 24.25
CA LEU G 412 76.39 -14.67 24.34
C LEU G 412 76.01 -13.19 24.44
N GLY G 413 74.80 -12.86 24.01
CA GLY G 413 74.31 -11.49 24.11
C GLY G 413 74.65 -10.61 22.92
N THR G 414 74.93 -9.33 23.20
CA THR G 414 75.09 -8.34 22.15
C THR G 414 76.55 -7.94 21.89
N SER G 415 77.48 -8.47 22.68
CA SER G 415 78.88 -8.10 22.55
C SER G 415 79.71 -9.17 21.82
N TYR G 416 79.48 -10.43 22.17
CA TYR G 416 80.25 -11.53 21.58
C TYR G 416 79.45 -12.29 20.54
N ALA G 417 80.04 -12.49 19.37
CA ALA G 417 79.46 -13.37 18.35
C ALA G 417 79.87 -14.81 18.64
N GLY G 418 79.10 -15.75 18.11
CA GLY G 418 79.41 -17.16 18.28
C GLY G 418 80.02 -17.76 17.04
N VAL G 419 81.06 -18.57 17.23
CA VAL G 419 81.71 -19.24 16.10
C VAL G 419 81.64 -20.75 16.21
N PHE G 420 81.24 -21.39 15.12
CA PHE G 420 81.19 -22.84 15.03
C PHE G 420 82.05 -23.30 13.87
N GLY G 421 82.43 -24.58 13.86
CA GLY G 421 83.24 -25.10 12.78
C GLY G 421 83.54 -26.59 12.89
N ASN G 422 84.17 -27.13 11.86
CA ASN G 422 84.56 -28.53 11.85
C ASN G 422 86.07 -28.73 11.92
N ASN G 423 86.79 -27.63 12.09
CA ASN G 423 88.25 -27.67 12.09
C ASN G 423 88.82 -26.66 13.09
N GLU G 424 89.50 -27.17 14.11
CA GLU G 424 90.04 -26.31 15.18
C GLU G 424 91.09 -25.29 14.71
N GLU G 425 91.94 -25.66 13.76
CA GLU G 425 92.96 -24.71 13.30
C GLU G 425 92.27 -23.53 12.65
N LEU G 426 91.25 -23.82 11.86
CA LEU G 426 90.47 -22.75 11.24
C LEU G 426 89.76 -21.94 12.32
N ILE G 427 89.22 -22.65 13.31
CA ILE G 427 88.54 -22.01 14.43
C ILE G 427 89.49 -21.11 15.24
N ASN G 428 90.70 -21.60 15.49
CA ASN G 428 91.69 -20.83 16.23
C ASN G 428 92.14 -19.58 15.48
N LYS G 429 92.23 -19.70 14.16
CA LYS G 429 92.61 -18.56 13.32
C LYS G 429 91.58 -17.44 13.41
N ILE G 430 90.31 -17.82 13.43
CA ILE G 430 89.23 -16.84 13.57
C ILE G 430 89.33 -16.17 14.94
N LEU G 431 89.61 -16.95 15.96
CA LEU G 431 89.77 -16.44 17.32
C LEU G 431 90.96 -15.49 17.36
N GLN G 432 92.01 -15.86 16.61
CA GLN G 432 93.20 -15.02 16.52
C GLN G 432 92.84 -13.69 15.89
N SER G 433 92.04 -13.74 14.83
CA SER G 433 91.55 -12.55 14.15
C SER G 433 90.68 -11.68 15.04
N SER G 434 89.94 -12.31 15.94
CA SER G 434 89.07 -11.59 16.87
C SER G 434 89.90 -10.72 17.80
N LYS G 435 91.05 -11.23 18.24
CA LYS G 435 91.92 -10.48 19.13
C LYS G 435 92.53 -9.28 18.41
N THR G 436 92.98 -9.50 17.18
CA THR G 436 93.66 -8.45 16.42
C THR G 436 92.68 -7.47 15.78
N SER G 437 91.46 -7.93 15.53
CA SER G 437 90.43 -7.06 14.96
C SER G 437 89.62 -6.38 16.06
N ASN G 438 89.74 -6.91 17.27
CA ASN G 438 88.99 -6.42 18.42
C ASN G 438 87.49 -6.54 18.23
N GLU G 439 87.07 -7.50 17.42
CA GLU G 439 85.67 -7.89 17.32
C GLU G 439 85.46 -9.24 17.99
N PRO G 440 84.96 -9.22 19.23
CA PRO G 440 84.87 -10.37 20.13
C PRO G 440 84.10 -11.54 19.55
N VAL G 441 84.67 -12.73 19.69
CA VAL G 441 84.02 -13.95 19.23
C VAL G 441 84.30 -15.07 20.23
N TRP G 442 83.29 -15.88 20.53
CA TRP G 442 83.46 -16.98 21.47
C TRP G 442 83.13 -18.30 20.80
N TRP G 443 83.95 -19.32 21.08
CA TRP G 443 83.79 -20.62 20.47
C TRP G 443 82.67 -21.41 21.13
N LEU G 444 81.68 -21.79 20.34
CA LEU G 444 80.57 -22.61 20.83
C LEU G 444 80.61 -23.97 20.16
N PRO G 445 80.19 -25.01 20.88
CA PRO G 445 80.33 -26.40 20.42
C PRO G 445 79.23 -26.85 19.45
N ILE G 446 79.62 -27.64 18.45
CA ILE G 446 78.66 -28.33 17.61
C ILE G 446 78.42 -29.72 18.20
N ILE G 447 77.36 -29.84 18.99
CA ILE G 447 77.09 -31.08 19.72
C ILE G 447 76.41 -32.11 18.81
N ASN G 448 77.17 -33.14 18.45
CA ASN G 448 76.69 -34.15 17.51
C ASN G 448 75.51 -34.95 18.04
N GLU G 449 75.36 -34.98 19.36
CA GLU G 449 74.28 -35.72 19.99
C GLU G 449 72.92 -35.18 19.58
N TYR G 450 72.88 -33.93 19.12
CA TYR G 450 71.64 -33.30 18.70
C TYR G 450 71.30 -33.61 17.24
N ARG G 451 72.27 -34.19 16.53
CA ARG G 451 72.11 -34.46 15.10
C ARG G 451 70.91 -35.33 14.75
N ALA G 452 70.58 -36.25 15.65
CA ALA G 452 69.49 -37.20 15.40
C ALA G 452 68.13 -36.51 15.30
N THR G 453 68.01 -35.33 15.89
CA THR G 453 66.74 -34.59 15.85
C THR G 453 66.45 -34.05 14.46
N LEU G 454 67.46 -34.08 13.60
CA LEU G 454 67.32 -33.61 12.23
C LEU G 454 67.03 -34.74 11.25
N ASN G 455 66.92 -35.96 11.75
CA ASN G 455 66.59 -37.11 10.92
C ASN G 455 65.13 -37.09 10.49
N SER G 456 64.88 -36.77 9.23
CA SER G 456 63.50 -36.66 8.73
C SER G 456 62.90 -38.02 8.37
N LYS G 457 61.58 -38.12 8.53
CA LYS G 457 60.87 -39.35 8.22
C LYS G 457 60.73 -39.58 6.72
N TYR G 458 60.63 -38.48 5.96
CA TYR G 458 60.39 -38.57 4.53
C TYR G 458 61.54 -37.96 3.73
N ALA G 459 62.07 -36.85 4.20
CA ALA G 459 63.19 -36.20 3.54
C ALA G 459 64.51 -36.76 4.07
N ASP G 460 65.61 -36.41 3.42
CA ASP G 460 66.93 -36.83 3.86
C ASP G 460 67.24 -36.24 5.23
N ILE G 461 66.78 -35.01 5.45
CA ILE G 461 67.09 -34.28 6.67
C ILE G 461 66.03 -33.24 7.00
N ASN G 462 65.85 -32.96 8.27
CA ASN G 462 64.93 -31.91 8.70
C ASN G 462 65.58 -30.54 8.67
N GLN G 463 64.80 -29.53 8.32
CA GLN G 463 65.27 -28.16 8.34
C GLN G 463 65.55 -27.73 9.78
N ILE G 464 64.62 -28.06 10.67
CA ILE G 464 64.73 -27.68 12.07
C ILE G 464 64.42 -28.85 12.99
N SER G 465 64.74 -28.69 14.27
CA SER G 465 64.39 -29.68 15.29
C SER G 465 63.08 -29.28 15.96
N SER G 466 62.30 -30.29 16.37
CA SER G 466 61.05 -30.03 17.06
C SER G 466 61.25 -29.96 18.58
N SER G 467 62.24 -30.69 19.07
CA SER G 467 62.48 -30.80 20.50
C SER G 467 63.62 -29.90 20.99
N VAL G 468 64.82 -30.17 20.50
CA VAL G 468 66.03 -29.47 20.96
C VAL G 468 65.87 -27.95 20.86
N LYS G 469 66.08 -27.25 21.96
CA LYS G 469 65.94 -25.79 21.99
C LYS G 469 67.26 -25.07 21.78
N ALA G 470 68.36 -25.82 21.66
CA ALA G 470 69.66 -25.21 21.35
C ALA G 470 69.73 -24.86 19.87
N SER G 471 68.96 -23.85 19.47
CA SER G 471 68.78 -23.51 18.06
C SER G 471 70.07 -23.18 17.32
N SER G 472 70.98 -22.47 17.98
CA SER G 472 72.21 -22.06 17.33
C SER G 472 73.09 -23.26 17.00
N ILE G 473 73.09 -24.24 17.89
CA ILE G 473 73.87 -25.45 17.68
C ILE G 473 73.22 -26.34 16.63
N VAL G 474 71.89 -26.47 16.71
CA VAL G 474 71.14 -27.28 15.75
C VAL G 474 71.32 -26.75 14.34
N ALA G 475 71.29 -25.44 14.20
CA ALA G 475 71.49 -24.79 12.91
C ALA G 475 72.87 -25.13 12.38
N SER G 476 73.84 -25.15 13.28
CA SER G 476 75.22 -25.50 12.93
C SER G 476 75.33 -26.95 12.43
N LEU G 477 74.58 -27.86 13.04
CA LEU G 477 74.56 -29.25 12.58
C LEU G 477 74.02 -29.35 11.17
N PHE G 478 73.00 -28.56 10.86
CA PHE G 478 72.42 -28.52 9.52
C PHE G 478 73.44 -28.11 8.47
N LEU G 479 74.10 -26.97 8.69
CA LEU G 479 75.06 -26.45 7.72
C LEU G 479 76.22 -27.40 7.48
N LYS G 480 76.69 -28.06 8.53
CA LYS G 480 77.83 -28.96 8.43
C LYS G 480 77.51 -30.14 7.50
N GLU G 481 76.22 -30.40 7.29
CA GLU G 481 75.78 -31.47 6.41
C GLU G 481 75.96 -31.12 4.93
N PHE G 482 76.42 -29.90 4.67
CA PHE G 482 76.59 -29.43 3.30
C PHE G 482 78.03 -29.02 3.04
N VAL G 483 78.93 -29.44 3.92
CA VAL G 483 80.37 -29.28 3.71
C VAL G 483 81.05 -30.64 3.89
N GLN G 484 81.42 -31.27 2.77
CA GLN G 484 81.87 -32.65 2.79
C GLN G 484 83.31 -32.83 3.28
N ASN G 485 84.25 -32.07 2.72
CA ASN G 485 85.66 -32.28 3.01
C ASN G 485 86.50 -31.02 2.96
N THR G 486 86.02 -29.96 3.60
CA THR G 486 86.75 -28.70 3.64
C THR G 486 86.69 -28.07 5.02
N ALA G 487 87.78 -27.43 5.43
CA ALA G 487 87.79 -26.71 6.70
C ALA G 487 86.76 -25.60 6.65
N TRP G 488 85.83 -25.62 7.60
CA TRP G 488 84.69 -24.71 7.55
C TRP G 488 84.35 -24.16 8.93
N ALA G 489 84.06 -22.87 8.98
CA ALA G 489 83.66 -22.21 10.21
C ALA G 489 82.40 -21.36 9.99
N HIS G 490 81.62 -21.19 11.05
CA HIS G 490 80.35 -20.47 10.95
C HIS G 490 80.23 -19.44 12.07
N ILE G 491 80.07 -18.17 11.68
CA ILE G 491 79.96 -17.09 12.64
C ILE G 491 78.53 -16.57 12.73
N ASP G 492 77.92 -16.75 13.90
CA ASP G 492 76.55 -16.30 14.12
C ASP G 492 76.54 -14.91 14.75
N ILE G 493 76.17 -13.91 13.96
CA ILE G 493 76.22 -12.52 14.42
C ILE G 493 74.82 -11.95 14.61
N ALA G 494 73.84 -12.81 14.82
CA ALA G 494 72.46 -12.39 15.00
C ALA G 494 72.32 -11.45 16.19
N GLY G 495 73.03 -11.75 17.27
CA GLY G 495 72.93 -10.98 18.49
C GLY G 495 73.77 -9.71 18.56
N VAL G 496 74.84 -9.66 17.77
CA VAL G 496 75.81 -8.57 17.85
C VAL G 496 75.73 -7.57 16.71
N SER G 497 74.99 -7.91 15.66
CA SER G 497 74.94 -7.09 14.46
C SER G 497 74.39 -5.68 14.69
N TRP G 498 73.28 -5.59 15.41
CA TRP G 498 72.61 -4.31 15.60
C TRP G 498 72.89 -3.69 16.97
N ASN G 499 73.24 -2.41 16.98
CA ASN G 499 73.44 -1.65 18.22
C ASN G 499 72.13 -1.04 18.70
N PHE G 500 71.49 -1.71 19.65
CA PHE G 500 70.16 -1.31 20.11
C PHE G 500 70.18 0.03 20.84
N LYS G 501 71.22 0.29 21.62
CA LYS G 501 71.33 1.55 22.34
C LYS G 501 71.50 2.73 21.39
N ALA G 502 72.31 2.52 20.34
CA ALA G 502 72.59 3.59 19.39
C ALA G 502 71.61 3.57 18.23
N ARG G 503 70.77 2.53 18.18
CA ARG G 503 69.77 2.39 17.13
C ARG G 503 70.39 2.37 15.74
N LYS G 504 71.47 1.62 15.58
CA LYS G 504 72.16 1.54 14.30
C LYS G 504 72.98 0.25 14.19
N PRO G 505 73.36 -0.11 12.96
CA PRO G 505 74.18 -1.31 12.75
C PRO G 505 75.60 -1.10 13.25
N LYS G 506 76.31 -2.20 13.47
CA LYS G 506 77.71 -2.13 13.91
C LYS G 506 78.67 -2.35 12.75
N GLY G 507 78.19 -2.97 11.68
CA GLY G 507 79.06 -3.39 10.60
C GLY G 507 80.00 -4.46 11.08
N PHE G 508 79.50 -5.31 11.98
CA PHE G 508 80.29 -6.35 12.62
C PHE G 508 80.79 -7.41 11.64
N GLY G 509 82.07 -7.75 11.75
CA GLY G 509 82.64 -8.84 10.97
C GLY G 509 83.63 -8.44 9.90
N VAL G 510 83.56 -7.19 9.45
CA VAL G 510 84.43 -6.72 8.38
C VAL G 510 85.90 -6.74 8.78
N ARG G 511 86.20 -6.16 9.93
CA ARG G 511 87.58 -6.09 10.41
C ARG G 511 88.08 -7.47 10.83
N LEU G 512 87.19 -8.28 11.39
CA LEU G 512 87.52 -9.65 11.77
C LEU G 512 87.94 -10.49 10.57
N LEU G 513 87.14 -10.43 9.50
CA LEU G 513 87.40 -11.24 8.32
C LEU G 513 88.64 -10.76 7.57
N THR G 514 88.87 -9.45 7.56
CA THR G 514 90.03 -8.87 6.88
C THR G 514 91.31 -9.29 7.59
N GLU G 515 91.30 -9.23 8.92
CA GLU G 515 92.43 -9.68 9.72
C GLU G 515 92.69 -11.17 9.51
N PHE G 516 91.61 -11.92 9.33
CA PHE G 516 91.71 -13.35 9.05
C PHE G 516 92.41 -13.62 7.72
N VAL G 517 92.01 -12.87 6.70
CA VAL G 517 92.59 -13.01 5.37
C VAL G 517 94.03 -12.50 5.32
N LEU G 518 94.30 -11.43 6.06
CA LEU G 518 95.60 -10.77 6.02
C LEU G 518 96.67 -11.51 6.84
N ASN G 519 96.29 -12.00 8.01
CA ASN G 519 97.24 -12.68 8.88
C ASN G 519 97.41 -14.14 8.47
N ASP G 520 96.77 -14.50 7.37
CA ASP G 520 96.85 -15.85 6.83
C ASP G 520 97.70 -15.90 5.56
N SER H 3 45.32 -29.02 -16.19
CA SER H 3 46.09 -30.25 -16.10
C SER H 3 47.59 -29.97 -15.94
N GLU H 4 48.04 -28.85 -16.49
CA GLU H 4 49.44 -28.45 -16.37
C GLU H 4 49.68 -27.75 -15.05
N VAL H 5 50.67 -28.24 -14.30
CA VAL H 5 50.99 -27.67 -12.99
C VAL H 5 51.82 -26.39 -13.11
N PRO H 6 51.31 -25.29 -12.55
CA PRO H 6 52.02 -24.01 -12.57
C PRO H 6 53.28 -24.07 -11.72
N GLN H 7 54.32 -23.35 -12.13
CA GLN H 7 55.57 -23.31 -11.38
C GLN H 7 56.03 -21.87 -11.13
N VAL H 8 56.80 -21.69 -10.06
CA VAL H 8 57.46 -20.41 -9.81
C VAL H 8 58.88 -20.49 -10.33
N VAL H 9 59.53 -21.62 -10.05
CA VAL H 9 60.84 -21.93 -10.60
C VAL H 9 60.80 -23.28 -11.30
N SER H 10 61.80 -23.52 -12.15
CA SER H 10 61.85 -24.76 -12.92
C SER H 10 62.07 -25.99 -12.04
N LEU H 11 62.55 -25.76 -10.82
CA LEU H 11 62.83 -26.87 -9.91
C LEU H 11 61.59 -27.31 -9.15
N ASP H 12 60.51 -26.56 -9.27
CA ASP H 12 59.24 -26.93 -8.63
C ASP H 12 58.66 -28.16 -9.30
N PRO H 13 58.26 -29.16 -8.48
CA PRO H 13 57.68 -30.42 -8.94
C PRO H 13 56.35 -30.25 -9.65
N THR H 14 56.07 -31.10 -10.64
CA THR H 14 54.85 -31.00 -11.42
C THR H 14 53.98 -32.25 -11.28
N SER H 15 54.33 -33.12 -10.35
CA SER H 15 53.54 -34.33 -10.11
C SER H 15 53.86 -34.98 -8.77
N ILE H 16 52.88 -35.69 -8.22
CA ILE H 16 53.06 -36.44 -6.98
C ILE H 16 53.64 -37.82 -7.25
N PRO H 17 54.80 -38.13 -6.66
CA PRO H 17 55.37 -39.47 -6.80
C PRO H 17 54.50 -40.53 -6.12
N ILE H 18 54.05 -41.51 -6.90
CA ILE H 18 53.16 -42.55 -6.39
C ILE H 18 53.72 -43.94 -6.63
N GLU H 19 53.78 -44.75 -5.58
CA GLU H 19 54.18 -46.14 -5.70
C GLU H 19 52.96 -47.05 -5.79
N TYR H 20 52.77 -47.68 -6.94
CA TYR H 20 51.65 -48.58 -7.12
C TYR H 20 52.07 -50.01 -6.82
N ASN H 21 53.12 -50.47 -7.50
CA ASN H 21 53.66 -51.80 -7.24
C ASN H 21 54.64 -51.75 -6.07
N THR H 22 54.14 -52.07 -4.88
CA THR H 22 54.96 -52.03 -3.68
C THR H 22 55.51 -53.40 -3.35
N PRO H 23 56.60 -53.45 -2.56
CA PRO H 23 57.22 -54.70 -2.11
C PRO H 23 56.20 -55.64 -1.46
N ILE H 24 55.19 -55.07 -0.81
CA ILE H 24 54.13 -55.85 -0.21
C ILE H 24 53.41 -56.70 -1.25
N HIS H 25 53.22 -56.13 -2.43
CA HIS H 25 52.51 -56.80 -3.52
C HIS H 25 53.31 -57.96 -4.11
N ASP H 26 54.60 -58.01 -3.82
CA ASP H 26 55.46 -59.05 -4.36
C ASP H 26 55.62 -60.21 -3.39
N ILE H 27 54.98 -60.12 -2.23
CA ILE H 27 55.05 -61.16 -1.22
C ILE H 27 54.03 -62.25 -1.50
N LYS H 28 54.50 -63.46 -1.73
CA LYS H 28 53.59 -64.59 -1.91
C LYS H 28 53.07 -65.06 -0.57
N VAL H 29 51.76 -64.97 -0.38
CA VAL H 29 51.14 -65.34 0.89
C VAL H 29 50.40 -66.66 0.76
N GLN H 30 50.72 -67.60 1.64
CA GLN H 30 50.05 -68.88 1.65
C GLN H 30 49.49 -69.19 3.04
N VAL H 31 48.26 -69.68 3.08
CA VAL H 31 47.63 -70.03 4.35
C VAL H 31 47.40 -71.53 4.44
N TYR H 32 47.96 -72.13 5.48
CA TYR H 32 47.82 -73.57 5.71
C TYR H 32 47.00 -73.81 6.95
N ASP H 33 46.39 -74.98 7.06
CA ASP H 33 45.66 -75.32 8.28
C ASP H 33 46.64 -75.86 9.30
N ILE H 34 46.59 -75.32 10.50
CA ILE H 34 47.54 -75.68 11.55
C ILE H 34 47.31 -77.11 12.01
N LYS H 35 46.09 -77.60 11.84
CA LYS H 35 45.73 -78.98 12.20
C LYS H 35 46.46 -80.02 11.36
N GLY H 36 47.61 -79.63 10.79
CA GLY H 36 48.37 -80.51 9.92
C GLY H 36 49.84 -80.48 10.31
N GLY H 37 50.15 -79.64 11.29
CA GLY H 37 51.51 -79.49 11.78
C GLY H 37 52.24 -78.37 11.08
N CYS H 38 53.30 -77.86 11.72
CA CYS H 38 54.06 -76.77 11.14
C CYS H 38 55.43 -77.20 10.62
N ASN H 39 55.76 -76.72 9.43
CA ASN H 39 57.08 -76.90 8.84
C ASN H 39 57.94 -75.67 9.08
N VAL H 40 59.21 -75.87 9.37
CA VAL H 40 60.12 -74.75 9.62
C VAL H 40 61.24 -74.79 8.58
N GLU H 41 62.49 -74.97 9.02
CA GLU H 41 63.65 -74.93 8.13
C GLU H 41 64.05 -73.52 7.65
N GLU H 42 63.18 -72.86 6.89
CA GLU H 42 63.53 -71.58 6.27
C GLU H 42 62.90 -70.34 6.89
N GLY H 43 63.63 -69.23 6.80
CA GLY H 43 63.16 -67.93 7.20
C GLY H 43 62.95 -67.80 8.69
N LEU H 44 62.03 -66.93 9.08
CA LEU H 44 61.74 -66.72 10.49
C LEU H 44 60.35 -67.25 10.80
N THR H 45 60.23 -68.06 11.85
CA THR H 45 58.94 -68.60 12.25
C THR H 45 58.54 -68.07 13.63
N ILE H 46 57.42 -67.36 13.67
CA ILE H 46 56.96 -66.73 14.91
C ILE H 46 55.63 -67.31 15.38
N PHE H 47 55.58 -67.67 16.66
CA PHE H 47 54.36 -68.17 17.27
C PHE H 47 53.63 -67.06 18.01
N LEU H 48 52.36 -66.86 17.70
CA LEU H 48 51.54 -65.91 18.44
C LEU H 48 50.85 -66.63 19.59
N VAL H 49 51.34 -66.41 20.81
CA VAL H 49 50.86 -67.16 21.96
C VAL H 49 50.39 -66.26 23.11
N ASN H 50 49.35 -66.71 23.81
CA ASN H 50 48.87 -66.04 25.00
C ASN H 50 48.71 -67.04 26.14
N ASN H 51 48.30 -66.56 27.30
CA ASN H 51 48.01 -67.45 28.42
C ASN H 51 46.84 -66.94 29.27
N PRO H 52 45.62 -67.35 28.90
CA PRO H 52 44.36 -66.96 29.55
C PRO H 52 44.36 -67.24 31.04
N GLY H 53 44.02 -66.23 31.84
CA GLY H 53 43.98 -66.36 33.28
C GLY H 53 45.23 -65.80 33.95
N LYS H 54 46.39 -66.32 33.57
CA LYS H 54 47.64 -65.86 34.16
C LYS H 54 48.03 -64.54 33.49
N GLU H 55 48.44 -63.56 34.29
CA GLU H 55 48.78 -62.24 33.77
C GLU H 55 49.98 -62.32 32.83
N ASN H 56 51.15 -62.56 33.40
CA ASN H 56 52.35 -62.81 32.61
C ASN H 56 52.76 -64.27 32.75
N GLY H 57 51.82 -65.16 32.41
CA GLY H 57 52.05 -66.59 32.55
C GLY H 57 53.05 -67.11 31.55
N PRO H 58 53.47 -68.37 31.72
CA PRO H 58 54.49 -68.99 30.87
C PRO H 58 54.00 -69.28 29.46
N VAL H 59 54.96 -69.34 28.53
CA VAL H 59 54.66 -69.65 27.14
C VAL H 59 54.53 -71.16 26.95
N LYS H 60 53.45 -71.57 26.30
CA LYS H 60 53.22 -72.98 26.01
C LYS H 60 52.84 -73.16 24.54
N ILE H 61 53.64 -73.93 23.80
CA ILE H 61 53.37 -74.15 22.39
C ILE H 61 52.50 -75.39 22.20
N SER H 62 51.32 -75.18 21.60
CA SER H 62 50.31 -76.22 21.46
C SER H 62 50.37 -76.87 20.08
N SER H 63 50.77 -76.10 19.08
CA SER H 63 50.78 -76.57 17.71
C SER H 63 51.75 -77.71 17.50
N LYS H 64 51.36 -78.67 16.66
CA LYS H 64 52.24 -79.77 16.32
C LYS H 64 53.27 -79.29 15.31
N VAL H 65 54.54 -79.58 15.57
CA VAL H 65 55.62 -79.16 14.68
C VAL H 65 56.20 -80.38 13.98
N ASN H 66 56.18 -80.36 12.65
CA ASN H 66 56.64 -81.49 11.86
C ASN H 66 58.16 -81.59 11.83
N ASP H 67 58.78 -81.45 12.99
CA ASP H 67 60.23 -81.58 13.13
C ASP H 67 60.57 -82.03 14.53
N LYS H 68 61.39 -83.09 14.64
CA LYS H 68 61.70 -83.69 15.93
C LYS H 68 62.56 -82.76 16.78
N GLN H 69 63.58 -82.18 16.18
CA GLN H 69 64.49 -81.29 16.90
C GLN H 69 63.78 -80.03 17.41
N VAL H 70 62.96 -79.43 16.56
CA VAL H 70 62.27 -78.20 16.91
C VAL H 70 61.17 -78.45 17.95
N SER H 71 60.50 -79.59 17.86
CA SER H 71 59.47 -79.94 18.82
C SER H 71 60.06 -80.13 20.21
N GLU H 72 61.23 -80.76 20.27
CA GLU H 72 61.92 -80.97 21.54
C GLU H 72 62.43 -79.65 22.13
N PHE H 73 62.91 -78.78 21.25
CA PHE H 73 63.39 -77.47 21.64
C PHE H 73 62.26 -76.64 22.22
N LEU H 74 61.09 -76.73 21.59
CA LEU H 74 59.93 -75.95 21.96
C LEU H 74 59.11 -76.59 23.08
N LYS H 75 59.70 -77.59 23.73
CA LYS H 75 59.03 -78.29 24.83
C LYS H 75 58.68 -77.33 25.96
N ASP H 76 57.60 -77.64 26.67
CA ASP H 76 57.07 -76.77 27.71
C ASP H 76 58.10 -76.37 28.75
N GLU H 77 58.97 -77.31 29.12
CA GLU H 77 60.02 -77.05 30.11
C GLU H 77 60.94 -75.93 29.63
N ASN H 78 61.20 -75.90 28.33
CA ASN H 78 62.07 -74.88 27.75
C ASN H 78 61.38 -73.52 27.64
N MET H 79 60.11 -73.53 27.30
CA MET H 79 59.36 -72.30 27.05
C MET H 79 58.85 -71.64 28.33
N GLU H 80 58.86 -72.39 29.44
CA GLU H 80 58.30 -71.91 30.69
C GLU H 80 59.10 -70.75 31.29
N LYS H 81 60.29 -70.52 30.77
CA LYS H 81 61.13 -69.42 31.20
C LYS H 81 60.73 -68.10 30.54
N PHE H 82 59.84 -68.20 29.56
CA PHE H 82 59.31 -67.02 28.87
C PHE H 82 57.86 -66.77 29.25
N ASN H 83 57.43 -65.52 29.19
CA ASN H 83 56.06 -65.16 29.54
C ASN H 83 55.32 -64.54 28.35
N VAL H 84 54.00 -64.42 28.49
CA VAL H 84 53.14 -64.02 27.38
C VAL H 84 52.71 -62.55 27.45
N LYS H 85 53.47 -61.74 28.18
CA LYS H 85 53.20 -60.30 28.28
C LYS H 85 53.01 -59.65 26.91
N LEU H 86 51.92 -58.92 26.75
CA LEU H 86 51.54 -58.31 25.48
C LEU H 86 52.65 -57.45 24.89
N GLY H 87 53.14 -57.82 23.71
CA GLY H 87 54.19 -57.06 23.06
C GLY H 87 55.53 -57.75 23.15
N THR H 88 55.66 -58.68 24.08
CA THR H 88 56.89 -59.42 24.30
C THR H 88 57.26 -60.24 23.07
N SER H 89 58.57 -60.39 22.85
CA SER H 89 59.06 -61.12 21.69
C SER H 89 60.39 -61.80 22.02
N LYS H 90 60.63 -62.94 21.38
CA LYS H 90 61.85 -63.71 21.59
C LYS H 90 62.31 -64.37 20.29
N HIS H 91 63.62 -64.62 20.18
CA HIS H 91 64.16 -65.29 19.01
C HIS H 91 64.91 -66.54 19.44
N PHE H 92 64.72 -67.63 18.70
CA PHE H 92 65.36 -68.89 19.04
C PHE H 92 66.24 -69.36 17.89
N TYR H 93 67.41 -69.90 18.22
CA TYR H 93 68.29 -70.49 17.21
C TYR H 93 68.40 -72.00 17.44
N MET H 94 68.27 -72.79 16.39
CA MET H 94 68.35 -74.24 16.55
C MET H 94 68.61 -74.97 15.23
N PHE H 95 68.90 -76.27 15.35
CA PHE H 95 69.13 -77.11 14.19
C PHE H 95 67.92 -78.00 13.92
N ASN H 96 67.53 -78.14 12.66
CA ASN H 96 66.41 -78.99 12.32
C ASN H 96 66.84 -80.45 12.11
N ASP H 97 65.93 -81.26 11.58
CA ASP H 97 66.20 -82.68 11.36
C ASP H 97 67.32 -82.89 10.34
N ASN H 98 67.52 -81.89 9.49
CA ASN H 98 68.54 -81.96 8.45
C ASN H 98 69.83 -81.27 8.88
N LYS H 99 69.95 -81.03 10.18
CA LYS H 99 71.10 -80.32 10.73
C LYS H 99 71.22 -78.93 10.12
N ASN H 100 70.08 -78.35 9.78
CA ASN H 100 70.03 -77.00 9.22
C ASN H 100 69.64 -75.96 10.26
N SER H 101 70.26 -74.78 10.17
CA SER H 101 69.98 -73.67 11.06
C SER H 101 68.63 -73.03 10.76
N VAL H 102 67.79 -72.91 11.78
CA VAL H 102 66.47 -72.31 11.61
C VAL H 102 66.22 -71.25 12.68
N ALA H 103 65.41 -70.25 12.36
CA ALA H 103 65.07 -69.21 13.32
C ALA H 103 63.61 -69.32 13.75
N VAL H 104 63.42 -69.41 15.07
CA VAL H 104 62.10 -69.56 15.65
C VAL H 104 61.91 -68.56 16.80
N GLY H 105 60.67 -68.16 17.05
CA GLY H 105 60.39 -67.23 18.12
C GLY H 105 58.91 -67.08 18.40
N TYR H 106 58.57 -66.16 19.30
CA TYR H 106 57.18 -65.93 19.67
C TYR H 106 56.92 -64.45 19.95
N VAL H 107 55.64 -64.08 19.95
CA VAL H 107 55.23 -62.75 20.37
C VAL H 107 54.09 -62.84 21.37
N GLY H 108 54.27 -62.22 22.54
CA GLY H 108 53.26 -62.27 23.58
C GLY H 108 52.00 -61.50 23.20
N CYS H 109 50.85 -62.14 23.38
CA CYS H 109 49.57 -61.53 23.05
C CYS H 109 48.71 -61.33 24.29
N GLY H 110 49.36 -61.35 25.45
CA GLY H 110 48.70 -61.04 26.71
C GLY H 110 47.98 -62.21 27.35
N SER H 111 47.06 -61.91 28.26
CA SER H 111 46.36 -62.94 29.02
C SER H 111 44.88 -63.04 28.66
N VAL H 112 44.41 -62.12 27.84
CA VAL H 112 43.02 -62.13 27.39
C VAL H 112 42.89 -62.93 26.11
N ALA H 113 41.84 -63.75 26.03
CA ALA H 113 41.65 -64.62 24.88
C ALA H 113 41.30 -63.81 23.64
N ASP H 114 40.51 -62.76 23.82
CA ASP H 114 40.08 -61.92 22.70
C ASP H 114 40.80 -60.58 22.70
N LEU H 115 41.78 -60.44 21.80
CA LEU H 115 42.55 -59.21 21.67
C LEU H 115 41.72 -58.12 21.00
N SER H 116 41.88 -56.88 21.46
CA SER H 116 41.20 -55.75 20.84
C SER H 116 42.00 -55.21 19.67
N GLU H 117 41.40 -54.27 18.92
CA GLU H 117 42.06 -53.67 17.77
C GLU H 117 43.38 -52.99 18.15
N ALA H 118 43.39 -52.32 19.30
CA ALA H 118 44.60 -51.66 19.76
C ALA H 118 45.64 -52.69 20.18
N ASP H 119 45.17 -53.74 20.84
CA ASP H 119 46.03 -54.85 21.26
C ASP H 119 46.68 -55.54 20.06
N MET H 120 45.87 -55.85 19.06
CA MET H 120 46.36 -56.51 17.85
C MET H 120 47.39 -55.64 17.13
N LYS H 121 47.19 -54.33 17.21
CA LYS H 121 48.14 -53.38 16.63
C LYS H 121 49.49 -53.51 17.34
N ARG H 122 49.43 -53.68 18.66
CA ARG H 122 50.65 -53.83 19.47
C ARG H 122 51.38 -55.13 19.13
N VAL H 123 50.61 -56.16 18.79
CA VAL H 123 51.18 -57.44 18.40
C VAL H 123 51.94 -57.31 17.08
N VAL H 124 51.30 -56.66 16.11
CA VAL H 124 51.89 -56.46 14.78
C VAL H 124 53.15 -55.60 14.83
N LEU H 125 53.13 -54.57 15.67
CA LEU H 125 54.28 -53.68 15.81
C LEU H 125 55.50 -54.44 16.31
N SER H 126 55.27 -55.37 17.23
CA SER H 126 56.34 -56.24 17.71
C SER H 126 56.86 -57.11 16.58
N LEU H 127 55.95 -57.54 15.71
CA LEU H 127 56.31 -58.36 14.57
C LEU H 127 57.17 -57.59 13.57
N VAL H 128 56.77 -56.36 13.27
CA VAL H 128 57.49 -55.53 12.31
C VAL H 128 58.90 -55.19 12.79
N THR H 129 59.07 -55.08 14.10
CA THR H 129 60.38 -54.80 14.68
C THR H 129 61.38 -55.91 14.36
N MET H 130 60.88 -57.14 14.32
CA MET H 130 61.73 -58.29 14.02
C MET H 130 62.12 -58.33 12.55
N LEU H 131 61.24 -57.79 11.70
CA LEU H 131 61.46 -57.75 10.25
C LEU H 131 62.46 -56.69 9.77
N HIS H 132 62.55 -55.58 10.49
CA HIS H 132 63.37 -54.45 10.05
C HIS H 132 64.87 -54.55 10.26
N ASP H 133 65.31 -55.21 11.32
CA ASP H 133 66.74 -55.32 11.58
C ASP H 133 67.30 -56.68 11.14
N ASN H 134 66.52 -57.41 10.35
CA ASN H 134 66.95 -58.73 9.89
C ASN H 134 66.59 -58.95 8.42
N LYS H 135 67.58 -59.39 7.64
CA LYS H 135 67.41 -59.61 6.20
C LYS H 135 66.83 -61.00 5.92
N LEU H 136 65.52 -61.14 6.14
CA LEU H 136 64.85 -62.42 5.99
C LEU H 136 64.24 -62.57 4.61
N SER H 137 64.19 -63.80 4.12
CA SER H 137 63.57 -64.08 2.82
C SER H 137 62.11 -64.47 2.93
N LYS H 138 61.74 -65.05 4.06
CA LYS H 138 60.38 -65.53 4.25
C LYS H 138 59.97 -65.41 5.72
N LEU H 139 58.73 -64.98 5.95
CA LEU H 139 58.17 -64.91 7.30
C LEU H 139 57.03 -65.92 7.46
N THR H 140 57.04 -66.62 8.59
CA THR H 140 56.01 -67.60 8.89
C THR H 140 55.35 -67.29 10.23
N VAL H 141 54.03 -67.10 10.19
CA VAL H 141 53.28 -66.79 11.40
C VAL H 141 52.34 -67.93 11.78
N VAL H 142 52.46 -68.41 13.01
CA VAL H 142 51.60 -69.47 13.51
C VAL H 142 50.64 -68.91 14.55
N PHE H 143 49.34 -68.92 14.23
CA PHE H 143 48.33 -68.38 15.12
C PHE H 143 47.87 -69.39 16.17
N GLU H 144 48.41 -69.27 17.38
CA GLU H 144 47.95 -70.08 18.50
C GLU H 144 47.05 -69.24 19.39
N ILE H 145 46.37 -68.29 18.77
CA ILE H 145 45.38 -67.46 19.46
C ILE H 145 44.10 -67.45 18.63
N ASN H 146 43.00 -67.04 19.24
CA ASN H 146 41.72 -67.05 18.54
C ASN H 146 41.36 -65.69 17.97
N VAL H 147 41.19 -65.64 16.65
CA VAL H 147 40.77 -64.42 15.97
C VAL H 147 39.75 -64.74 14.89
N ASP H 148 38.78 -63.86 14.72
CA ASP H 148 37.80 -64.04 13.65
C ASP H 148 38.36 -63.51 12.35
N LYS H 149 37.63 -63.70 11.26
CA LYS H 149 38.09 -63.27 9.94
C LYS H 149 38.39 -61.77 9.90
N ASN H 150 37.51 -61.00 10.53
CA ASN H 150 37.65 -59.54 10.58
C ASN H 150 38.92 -59.12 11.29
N LEU H 151 39.20 -59.75 12.43
CA LEU H 151 40.41 -59.45 13.19
C LEU H 151 41.65 -59.95 12.45
N PHE H 152 41.48 -61.07 11.76
CA PHE H 152 42.56 -61.65 10.95
C PHE H 152 42.96 -60.73 9.81
N ARG H 153 41.98 -60.20 9.09
CA ARG H 153 42.26 -59.28 7.99
C ARG H 153 42.91 -58.01 8.49
N PHE H 154 42.45 -57.51 9.64
CA PHE H 154 43.04 -56.32 10.24
C PHE H 154 44.50 -56.57 10.59
N PHE H 155 44.80 -57.80 10.99
CA PHE H 155 46.18 -58.20 11.27
C PHE H 155 47.05 -57.98 10.04
N LEU H 156 46.59 -58.52 8.90
CA LEU H 156 47.33 -58.42 7.65
C LEU H 156 47.45 -56.98 7.19
N GLU H 157 46.33 -56.26 7.20
CA GLU H 157 46.30 -54.86 6.82
C GLU H 157 47.31 -54.05 7.62
N THR H 158 47.24 -54.19 8.95
CA THR H 158 48.14 -53.48 9.85
C THR H 158 49.58 -53.92 9.63
N LEU H 159 49.77 -55.21 9.41
CA LEU H 159 51.10 -55.76 9.15
C LEU H 159 51.70 -55.16 7.88
N PHE H 160 50.93 -55.18 6.80
CA PHE H 160 51.36 -54.63 5.52
C PHE H 160 51.70 -53.15 5.63
N TYR H 161 50.83 -52.41 6.30
CA TYR H 161 50.96 -50.95 6.40
C TYR H 161 52.21 -50.55 7.18
N GLU H 162 52.42 -51.19 8.33
CA GLU H 162 53.55 -50.86 9.19
C GLU H 162 54.87 -51.38 8.62
N TYR H 163 54.80 -52.51 7.93
CA TYR H 163 55.97 -53.11 7.29
C TYR H 163 56.50 -52.19 6.19
N MET H 164 55.58 -51.62 5.42
CA MET H 164 55.91 -50.77 4.29
C MET H 164 56.59 -49.48 4.74
N THR H 165 57.63 -49.08 4.01
CA THR H 165 58.34 -47.83 4.30
C THR H 165 58.26 -46.89 3.10
N ASP H 166 57.88 -45.64 3.35
CA ASP H 166 57.74 -44.66 2.29
C ASP H 166 59.05 -43.92 2.07
N GLU H 167 59.66 -44.13 0.91
CA GLU H 167 60.95 -43.55 0.61
C GLU H 167 60.94 -42.73 -0.67
N ARG H 168 59.75 -42.26 -1.06
CA ARG H 168 59.59 -41.50 -2.28
C ARG H 168 60.42 -40.22 -2.30
N PHE H 169 60.69 -39.67 -1.13
CA PHE H 169 61.37 -38.38 -1.02
C PHE H 169 62.79 -38.48 -0.47
N LYS H 170 63.33 -39.70 -0.43
CA LYS H 170 64.69 -39.89 0.06
C LYS H 170 65.68 -39.85 -1.10
N SER H 171 66.66 -38.95 -1.01
CA SER H 171 67.70 -38.85 -2.03
C SER H 171 68.99 -39.58 -1.64
N THR H 172 69.51 -39.23 -0.46
CA THR H 172 70.84 -39.67 -0.04
C THR H 172 70.86 -40.04 1.44
N TYR H 180 62.84 -56.58 1.63
CA TYR H 180 61.56 -57.12 2.07
C TYR H 180 61.49 -58.63 1.88
N ILE H 181 60.68 -59.29 2.70
CA ILE H 181 60.42 -60.71 2.53
C ILE H 181 59.70 -60.95 1.21
N LYS H 182 59.89 -62.13 0.64
CA LYS H 182 59.24 -62.47 -0.62
C LYS H 182 58.13 -63.49 -0.39
N HIS H 183 58.09 -64.05 0.81
CA HIS H 183 57.09 -65.06 1.16
C HIS H 183 56.54 -64.85 2.56
N LEU H 184 55.23 -65.03 2.71
CA LEU H 184 54.60 -64.97 4.02
C LEU H 184 53.76 -66.21 4.27
N GLY H 185 54.16 -67.01 5.26
CA GLY H 185 53.42 -68.21 5.60
C GLY H 185 52.61 -68.03 6.87
N VAL H 186 51.37 -68.49 6.83
CA VAL H 186 50.48 -68.37 7.98
C VAL H 186 49.83 -69.70 8.32
N TYR H 187 50.10 -70.18 9.54
CA TYR H 187 49.44 -71.38 10.04
C TYR H 187 48.31 -71.00 10.99
N ILE H 188 47.11 -71.45 10.66
CA ILE H 188 45.93 -71.15 11.46
C ILE H 188 44.93 -72.29 11.40
N ASN H 189 43.98 -72.28 12.32
CA ASN H 189 42.93 -73.30 12.34
C ASN H 189 41.72 -72.84 11.56
N ASN H 190 41.13 -73.75 10.79
CA ASN H 190 40.05 -73.40 9.88
C ASN H 190 40.59 -72.44 8.82
N ALA H 191 41.77 -72.77 8.30
CA ALA H 191 42.49 -71.91 7.37
C ALA H 191 41.67 -71.57 6.13
N ASP H 192 40.83 -72.51 5.71
CA ASP H 192 40.03 -72.36 4.50
C ASP H 192 39.13 -71.13 4.54
N THR H 193 38.62 -70.81 5.72
CA THR H 193 37.71 -69.67 5.87
C THR H 193 38.46 -68.33 5.85
N TYR H 194 39.74 -68.36 6.24
CA TYR H 194 40.52 -67.14 6.35
C TYR H 194 41.21 -66.80 5.04
N LYS H 195 41.25 -67.78 4.14
CA LYS H 195 41.98 -67.65 2.88
C LYS H 195 41.42 -66.51 2.01
N GLU H 196 40.11 -66.33 2.04
CA GLU H 196 39.46 -65.31 1.24
C GLU H 196 39.78 -63.90 1.74
N GLU H 197 40.27 -63.82 2.98
CA GLU H 197 40.60 -62.56 3.61
C GLU H 197 41.96 -62.02 3.16
N VAL H 198 42.79 -62.90 2.62
CA VAL H 198 44.17 -62.54 2.27
C VAL H 198 44.25 -61.39 1.28
N GLU H 199 43.60 -61.56 0.12
CA GLU H 199 43.68 -60.54 -0.93
C GLU H 199 42.79 -59.33 -0.63
N LYS H 200 41.77 -59.50 0.21
CA LYS H 200 40.98 -58.35 0.63
C LYS H 200 41.81 -57.48 1.55
N ALA H 201 42.64 -58.13 2.37
CA ALA H 201 43.55 -57.41 3.27
C ALA H 201 44.58 -56.63 2.45
N ARG H 202 45.09 -57.25 1.39
CA ARG H 202 46.06 -56.62 0.52
C ARG H 202 45.47 -55.37 -0.14
N VAL H 203 44.22 -55.49 -0.57
CA VAL H 203 43.53 -54.38 -1.23
C VAL H 203 43.26 -53.24 -0.25
N TYR H 204 42.73 -53.57 0.93
CA TYR H 204 42.48 -52.58 1.95
C TYR H 204 43.79 -51.90 2.35
N TYR H 205 44.88 -52.67 2.35
CA TYR H 205 46.20 -52.14 2.65
C TYR H 205 46.59 -50.99 1.71
N PHE H 206 46.50 -51.24 0.40
CA PHE H 206 46.98 -50.27 -0.56
C PHE H 206 46.08 -49.05 -0.63
N GLY H 207 44.78 -49.27 -0.47
CA GLY H 207 43.83 -48.19 -0.41
C GLY H 207 44.22 -47.25 0.73
N THR H 208 44.59 -47.86 1.85
CA THR H 208 45.06 -47.11 3.01
C THR H 208 46.43 -46.49 2.77
N TYR H 209 47.34 -47.26 2.18
CA TYR H 209 48.70 -46.77 1.94
C TYR H 209 48.72 -45.73 0.83
N TYR H 210 47.85 -45.89 -0.16
CA TYR H 210 47.69 -44.89 -1.22
C TYR H 210 47.33 -43.55 -0.62
N ALA H 211 46.32 -43.54 0.23
CA ALA H 211 45.89 -42.31 0.91
C ALA H 211 47.04 -41.74 1.74
N SER H 212 47.76 -42.63 2.43
CA SER H 212 48.93 -42.24 3.20
C SER H 212 49.96 -41.50 2.35
N GLN H 213 50.17 -42.00 1.13
CA GLN H 213 51.13 -41.41 0.21
C GLN H 213 50.74 -40.00 -0.21
N LEU H 214 49.44 -39.80 -0.44
CA LEU H 214 48.93 -38.50 -0.88
C LEU H 214 49.04 -37.46 0.23
N ILE H 215 48.73 -37.86 1.45
CA ILE H 215 48.76 -36.94 2.59
C ILE H 215 50.20 -36.55 2.95
N ALA H 216 51.07 -37.56 3.06
CA ALA H 216 52.46 -37.34 3.43
C ALA H 216 53.19 -36.46 2.42
N ALA H 217 52.76 -36.54 1.15
CA ALA H 217 53.34 -35.71 0.10
C ALA H 217 53.17 -34.23 0.42
N PRO H 218 54.29 -33.49 0.44
CA PRO H 218 54.30 -32.06 0.77
C PRO H 218 53.45 -31.22 -0.19
N SER H 219 53.11 -30.00 0.23
CA SER H 219 52.17 -29.17 -0.51
C SER H 219 52.74 -28.67 -1.85
N ASN H 220 54.06 -28.69 -1.99
CA ASN H 220 54.69 -28.30 -3.23
C ASN H 220 54.61 -29.42 -4.28
N TYR H 221 54.52 -30.66 -3.81
CA TYR H 221 54.26 -31.79 -4.69
C TYR H 221 52.76 -31.98 -4.90
N CYS H 222 52.03 -31.99 -3.79
CA CYS H 222 50.59 -32.23 -3.81
C CYS H 222 49.79 -30.93 -3.77
N ASN H 223 49.35 -30.48 -4.95
CA ASN H 223 48.51 -29.29 -5.05
C ASN H 223 47.21 -29.63 -5.78
N PRO H 224 46.29 -28.66 -5.85
CA PRO H 224 44.99 -28.87 -6.49
C PRO H 224 45.12 -29.40 -7.92
N VAL H 225 46.15 -28.96 -8.64
CA VAL H 225 46.35 -29.40 -10.02
C VAL H 225 46.96 -30.80 -10.09
N SER H 226 48.01 -31.03 -9.30
CA SER H 226 48.70 -32.33 -9.33
C SER H 226 47.86 -33.42 -8.66
N LEU H 227 47.06 -33.03 -7.67
CA LEU H 227 46.21 -33.98 -6.96
C LEU H 227 45.05 -34.43 -7.85
N SER H 228 44.47 -33.49 -8.58
CA SER H 228 43.39 -33.82 -9.50
C SER H 228 43.93 -34.68 -10.65
N ASN H 229 45.16 -34.38 -11.06
CA ASN H 229 45.82 -35.18 -12.08
C ASN H 229 46.05 -36.61 -11.59
N ALA H 230 46.43 -36.74 -10.33
CA ALA H 230 46.63 -38.04 -9.71
C ALA H 230 45.30 -38.80 -9.63
N ALA H 231 44.22 -38.05 -9.41
CA ALA H 231 42.89 -38.64 -9.32
C ALA H 231 42.44 -39.16 -10.68
N VAL H 232 42.78 -38.44 -11.73
CA VAL H 232 42.45 -38.85 -13.09
C VAL H 232 43.19 -40.13 -13.47
N GLU H 233 44.48 -40.17 -13.13
CA GLU H 233 45.32 -41.33 -13.40
C GLU H 233 44.79 -42.55 -12.67
N LEU H 234 44.37 -42.36 -11.42
CA LEU H 234 43.80 -43.45 -10.64
C LEU H 234 42.50 -43.93 -11.27
N ALA H 235 41.71 -43.00 -11.80
CA ALA H 235 40.45 -43.33 -12.44
C ALA H 235 40.69 -44.08 -13.75
N GLN H 236 41.78 -43.75 -14.44
CA GLN H 236 42.10 -44.41 -15.70
C GLN H 236 42.58 -45.83 -15.49
N LYS H 237 43.32 -46.05 -14.41
CA LYS H 237 43.82 -47.37 -14.08
C LYS H 237 42.75 -48.26 -13.46
N LEU H 238 41.71 -47.64 -12.92
CA LEU H 238 40.62 -48.39 -12.29
C LEU H 238 39.45 -48.57 -13.24
N ASN H 239 39.19 -47.56 -14.07
CA ASN H 239 38.18 -47.59 -15.13
C ASN H 239 36.86 -46.98 -14.68
N LEU H 240 36.93 -45.89 -13.92
CA LEU H 240 35.74 -45.18 -13.48
C LEU H 240 35.54 -43.97 -14.37
N GLU H 241 34.30 -43.58 -14.59
CA GLU H 241 34.04 -42.33 -15.30
C GLU H 241 34.57 -41.20 -14.45
N TYR H 242 35.19 -40.21 -15.08
CA TYR H 242 35.76 -39.10 -14.33
C TYR H 242 35.55 -37.78 -15.05
N LYS H 243 35.47 -36.71 -14.27
CA LYS H 243 35.36 -35.37 -14.82
C LYS H 243 35.92 -34.38 -13.81
N ILE H 244 36.85 -33.55 -14.27
CA ILE H 244 37.47 -32.56 -13.41
C ILE H 244 37.02 -31.17 -13.82
N LEU H 245 36.24 -30.53 -12.95
CA LEU H 245 35.71 -29.22 -13.25
C LEU H 245 36.72 -28.13 -12.90
N GLY H 246 36.99 -27.26 -13.87
CA GLY H 246 37.91 -26.15 -13.67
C GLY H 246 37.17 -24.93 -13.19
N VAL H 247 37.88 -23.82 -13.10
CA VAL H 247 37.29 -22.58 -12.58
C VAL H 247 36.13 -22.11 -13.43
N LYS H 248 36.24 -22.29 -14.75
CA LYS H 248 35.19 -21.86 -15.66
C LYS H 248 33.88 -22.61 -15.43
N GLU H 249 33.97 -23.91 -15.18
CA GLU H 249 32.78 -24.72 -14.92
C GLU H 249 32.23 -24.42 -13.52
N LEU H 250 33.12 -24.22 -12.57
CA LEU H 250 32.73 -23.92 -11.20
C LEU H 250 32.03 -22.57 -11.11
N GLU H 251 32.46 -21.63 -11.92
CA GLU H 251 31.83 -20.31 -12.00
C GLU H 251 30.43 -20.44 -12.59
N GLU H 252 30.29 -21.28 -13.61
CA GLU H 252 29.00 -21.52 -14.23
C GLU H 252 28.03 -22.11 -13.22
N LEU H 253 28.55 -22.95 -12.34
CA LEU H 253 27.75 -23.63 -11.33
C LEU H 253 27.54 -22.74 -10.09
N LYS H 254 28.12 -21.55 -10.12
CA LYS H 254 27.94 -20.57 -9.04
C LYS H 254 28.42 -21.09 -7.69
N MET H 255 29.58 -21.76 -7.70
CA MET H 255 30.16 -22.28 -6.46
C MET H 255 31.01 -21.18 -5.80
N GLY H 256 30.32 -20.20 -5.25
CA GLY H 256 30.93 -19.00 -4.69
C GLY H 256 31.67 -19.19 -3.38
N ALA H 257 31.25 -20.15 -2.57
CA ALA H 257 31.92 -20.44 -1.30
C ALA H 257 33.28 -21.08 -1.53
N TYR H 258 33.30 -22.09 -2.39
CA TYR H 258 34.50 -22.86 -2.73
C TYR H 258 35.63 -22.08 -3.45
N LEU H 259 35.26 -21.23 -4.41
CA LEU H 259 36.25 -20.50 -5.21
C LEU H 259 37.03 -19.45 -4.41
N SER H 260 36.38 -18.85 -3.42
CA SER H 260 36.99 -17.82 -2.58
C SER H 260 38.15 -18.37 -1.77
N VAL H 261 37.96 -19.57 -1.24
CA VAL H 261 38.98 -20.22 -0.41
C VAL H 261 40.27 -20.41 -1.21
N GLY H 262 40.12 -20.72 -2.50
CA GLY H 262 41.27 -20.97 -3.34
C GLY H 262 41.69 -19.74 -4.12
N LYS H 263 40.99 -18.63 -3.88
CA LYS H 263 41.21 -17.38 -4.59
C LYS H 263 42.64 -16.86 -4.45
N GLY H 264 43.24 -17.08 -3.27
CA GLY H 264 44.56 -16.54 -2.99
C GLY H 264 45.69 -17.47 -3.43
N SER H 265 45.33 -18.55 -4.11
CA SER H 265 46.31 -19.55 -4.53
C SER H 265 46.80 -19.35 -5.96
N MET H 266 48.03 -19.80 -6.21
CA MET H 266 48.59 -19.79 -7.57
C MET H 266 48.05 -20.99 -8.35
N TYR H 267 47.48 -21.94 -7.62
CA TYR H 267 46.88 -23.12 -8.22
C TYR H 267 45.37 -22.96 -8.34
N PRO H 268 44.83 -23.13 -9.56
CA PRO H 268 43.39 -23.07 -9.80
C PRO H 268 42.64 -24.18 -9.08
N ASN H 269 41.41 -23.90 -8.66
CA ASN H 269 40.58 -24.91 -8.00
C ASN H 269 40.30 -26.08 -8.93
N LYS H 270 40.23 -27.29 -8.36
CA LYS H 270 39.94 -28.48 -9.14
C LYS H 270 38.93 -29.38 -8.42
N PHE H 271 37.77 -29.58 -9.03
CA PHE H 271 36.74 -30.43 -8.44
C PHE H 271 36.80 -31.84 -9.00
N ILE H 272 37.09 -32.81 -8.14
CA ILE H 272 37.21 -34.21 -8.56
C ILE H 272 35.88 -34.94 -8.48
N HIS H 273 35.50 -35.60 -9.58
CA HIS H 273 34.27 -36.38 -9.60
C HIS H 273 34.50 -37.73 -10.28
N LEU H 274 34.72 -38.77 -9.49
CA LEU H 274 34.82 -40.15 -9.99
C LEU H 274 33.54 -40.91 -9.72
N THR H 275 33.23 -41.87 -10.60
CA THR H 275 32.02 -42.66 -10.44
C THR H 275 32.21 -44.15 -10.70
N TYR H 276 31.78 -44.97 -9.75
CA TYR H 276 31.68 -46.41 -9.95
C TYR H 276 30.22 -46.83 -10.00
N LYS H 277 29.80 -47.40 -11.13
CA LYS H 277 28.44 -47.90 -11.23
C LYS H 277 28.47 -49.38 -11.56
N SER H 278 27.75 -50.18 -10.77
CA SER H 278 27.72 -51.62 -10.97
C SER H 278 26.94 -52.03 -12.22
N LYS H 279 27.39 -53.11 -12.86
CA LYS H 279 26.73 -53.65 -14.04
C LYS H 279 25.50 -54.46 -13.62
N GLY H 280 24.76 -53.91 -12.68
CA GLY H 280 23.60 -54.56 -12.10
C GLY H 280 22.55 -53.56 -11.69
N ASP H 281 21.43 -54.06 -11.18
CA ASP H 281 20.32 -53.18 -10.81
C ASP H 281 20.75 -52.30 -9.64
N VAL H 282 20.92 -51.01 -9.91
CA VAL H 282 21.35 -50.07 -8.89
C VAL H 282 20.30 -50.02 -7.79
N LYS H 283 20.77 -49.99 -6.55
CA LYS H 283 19.91 -50.04 -5.38
C LYS H 283 20.17 -48.82 -4.53
N LYS H 284 21.34 -48.78 -3.89
CA LYS H 284 21.75 -47.59 -3.15
C LYS H 284 22.72 -46.76 -3.96
N LYS H 285 22.43 -45.46 -4.05
CA LYS H 285 23.30 -44.50 -4.73
C LYS H 285 24.00 -43.67 -3.67
N ILE H 286 25.33 -43.60 -3.75
CA ILE H 286 26.10 -42.95 -2.69
C ILE H 286 27.09 -41.90 -3.19
N ALA H 287 27.14 -40.78 -2.47
CA ALA H 287 28.11 -39.73 -2.74
C ALA H 287 29.09 -39.62 -1.57
N LEU H 288 30.38 -39.79 -1.87
CA LEU H 288 31.42 -39.67 -0.85
C LEU H 288 32.19 -38.37 -1.04
N VAL H 289 32.10 -37.48 -0.05
CA VAL H 289 32.73 -36.16 -0.14
C VAL H 289 33.91 -36.04 0.80
N GLY H 290 35.08 -35.74 0.24
CA GLY H 290 36.27 -35.58 1.04
C GLY H 290 36.84 -34.18 0.95
N LYS H 291 37.22 -33.62 2.10
CA LYS H 291 37.85 -32.31 2.15
C LYS H 291 39.23 -32.37 1.48
N GLY H 292 39.47 -31.47 0.54
CA GLY H 292 40.70 -31.49 -0.22
C GLY H 292 41.44 -30.17 -0.22
N ILE H 293 41.92 -29.77 0.95
CA ILE H 293 42.77 -28.59 1.07
C ILE H 293 44.23 -29.02 1.10
N THR H 294 44.94 -28.79 0.00
CA THR H 294 46.31 -29.28 -0.13
C THR H 294 47.23 -28.62 0.88
N PHE H 295 46.91 -27.39 1.27
CA PHE H 295 47.58 -26.75 2.39
C PHE H 295 46.70 -25.69 3.02
N ASP H 296 46.64 -25.69 4.35
CA ASP H 296 45.86 -24.72 5.09
C ASP H 296 46.77 -23.76 5.85
N SER H 297 47.02 -22.59 5.26
CA SER H 297 47.81 -21.57 5.91
C SER H 297 46.95 -20.79 6.91
N GLY H 298 45.63 -20.87 6.72
CA GLY H 298 44.70 -20.17 7.58
C GLY H 298 44.17 -18.91 6.90
N GLY H 299 44.79 -18.54 5.80
CA GLY H 299 44.44 -17.30 5.12
C GLY H 299 44.90 -16.12 5.95
N TYR H 300 44.19 -15.00 5.81
CA TYR H 300 44.52 -13.81 6.58
C TYR H 300 44.32 -14.08 8.08
N ASN H 301 43.50 -15.09 8.39
CA ASN H 301 43.45 -15.64 9.73
C ASN H 301 44.58 -16.65 9.87
N LEU H 302 45.80 -16.17 9.68
CA LEU H 302 46.99 -17.01 9.61
C LEU H 302 47.19 -17.88 10.85
N LYS H 303 47.61 -19.12 10.65
CA LYS H 303 47.94 -20.02 11.74
C LYS H 303 49.26 -19.58 12.40
N ALA H 304 49.17 -18.62 13.30
CA ALA H 304 50.35 -18.07 13.96
C ALA H 304 50.33 -18.36 15.45
N ALA H 305 49.17 -18.77 15.95
CA ALA H 305 49.02 -19.09 17.36
C ALA H 305 49.81 -20.35 17.73
N PRO H 306 50.37 -20.39 18.94
CA PRO H 306 51.09 -21.56 19.44
C PRO H 306 50.21 -22.80 19.48
N GLY H 307 50.67 -23.88 18.87
CA GLY H 307 49.91 -25.12 18.84
C GLY H 307 49.01 -25.23 17.63
N SER H 308 49.13 -24.28 16.71
CA SER H 308 48.32 -24.27 15.51
C SER H 308 48.87 -25.24 14.47
N MET H 309 50.12 -25.65 14.65
CA MET H 309 50.75 -26.69 13.84
C MET H 309 50.62 -26.44 12.33
N ILE H 310 51.12 -25.30 11.86
CA ILE H 310 50.98 -24.92 10.46
C ILE H 310 51.80 -25.84 9.56
N ASP H 311 52.86 -26.42 10.13
CA ASP H 311 53.74 -27.30 9.36
C ASP H 311 53.11 -28.66 9.09
N LEU H 312 51.96 -28.92 9.70
CA LEU H 312 51.24 -30.19 9.52
C LEU H 312 50.16 -30.08 8.45
N MET H 313 49.83 -28.85 8.07
CA MET H 313 48.65 -28.60 7.27
C MET H 313 48.73 -29.09 5.83
N LYS H 314 49.73 -29.92 5.53
CA LYS H 314 49.74 -30.62 4.26
C LYS H 314 48.71 -31.74 4.31
N PHE H 315 48.28 -32.09 5.51
CA PHE H 315 47.37 -33.22 5.71
C PHE H 315 45.91 -32.80 5.62
N ASP H 316 45.67 -31.53 5.30
CA ASP H 316 44.31 -30.99 5.30
C ASP H 316 43.53 -31.50 4.08
N MET H 317 44.16 -32.38 3.31
CA MET H 317 43.48 -33.05 2.21
C MET H 317 43.34 -34.55 2.52
N SER H 318 43.38 -34.88 3.80
CA SER H 318 43.25 -36.26 4.26
C SER H 318 41.91 -36.85 3.85
N GLY H 319 40.87 -36.02 3.89
CA GLY H 319 39.54 -36.45 3.53
C GLY H 319 39.45 -36.85 2.07
N CYS H 320 40.02 -36.01 1.21
CA CYS H 320 40.09 -36.31 -0.22
C CYS H 320 40.86 -37.60 -0.46
N ALA H 321 41.95 -37.77 0.28
CA ALA H 321 42.77 -38.97 0.18
C ALA H 321 42.00 -40.22 0.59
N ALA H 322 41.17 -40.08 1.63
CA ALA H 322 40.38 -41.20 2.12
C ALA H 322 39.36 -41.67 1.09
N VAL H 323 38.70 -40.72 0.45
CA VAL H 323 37.72 -41.02 -0.59
C VAL H 323 38.40 -41.67 -1.80
N LEU H 324 39.55 -41.13 -2.17
CA LEU H 324 40.33 -41.63 -3.29
C LEU H 324 40.88 -43.04 -3.00
N GLY H 325 41.31 -43.24 -1.76
CA GLY H 325 41.78 -44.55 -1.33
C GLY H 325 40.65 -45.55 -1.39
N CYS H 326 39.45 -45.10 -1.03
CA CYS H 326 38.24 -45.91 -1.10
C CYS H 326 37.91 -46.26 -2.55
N ALA H 327 38.15 -45.30 -3.45
CA ALA H 327 37.90 -45.50 -4.87
C ALA H 327 38.68 -46.68 -5.43
N TYR H 328 39.93 -46.83 -4.97
CA TYR H 328 40.76 -47.95 -5.40
C TYR H 328 40.16 -49.28 -4.95
N CYS H 329 39.77 -49.34 -3.68
CA CYS H 329 39.21 -50.56 -3.11
C CYS H 329 37.91 -50.94 -3.81
N VAL H 330 37.04 -49.94 -4.00
CA VAL H 330 35.76 -50.17 -4.66
C VAL H 330 35.96 -50.52 -6.13
N GLY H 331 36.87 -49.81 -6.79
CA GLY H 331 37.17 -50.05 -8.19
C GLY H 331 37.83 -51.40 -8.40
N THR H 332 38.47 -51.91 -7.35
CA THR H 332 39.16 -53.19 -7.42
C THR H 332 38.25 -54.35 -7.06
N LEU H 333 37.47 -54.18 -5.99
CA LEU H 333 36.61 -55.25 -5.51
C LEU H 333 35.30 -55.31 -6.30
N LYS H 334 34.91 -54.19 -6.88
CA LYS H 334 33.75 -54.12 -7.76
C LYS H 334 32.48 -54.71 -7.15
N PRO H 335 31.90 -54.02 -6.16
CA PRO H 335 30.63 -54.44 -5.56
C PRO H 335 29.46 -54.26 -6.53
N GLU H 336 28.37 -55.02 -6.31
CA GLU H 336 27.23 -54.96 -7.21
C GLU H 336 26.08 -54.14 -6.65
N ASN H 337 25.21 -53.67 -7.54
CA ASN H 337 23.98 -52.99 -7.16
C ASN H 337 24.19 -51.65 -6.47
N VAL H 338 25.34 -51.02 -6.71
CA VAL H 338 25.63 -49.73 -6.08
C VAL H 338 26.24 -48.74 -7.07
N GLU H 339 25.93 -47.47 -6.89
CA GLU H 339 26.54 -46.40 -7.66
C GLU H 339 27.18 -45.39 -6.72
N ILE H 340 28.49 -45.21 -6.86
CA ILE H 340 29.24 -44.35 -5.94
C ILE H 340 29.91 -43.17 -6.65
N HIS H 341 29.72 -41.97 -6.11
CA HIS H 341 30.39 -40.79 -6.63
C HIS H 341 31.48 -40.31 -5.66
N PHE H 342 32.71 -40.25 -6.15
CA PHE H 342 33.83 -39.80 -5.33
C PHE H 342 34.12 -38.33 -5.60
N LEU H 343 33.85 -37.49 -4.59
CA LEU H 343 33.89 -36.05 -4.76
C LEU H 343 34.89 -35.37 -3.84
N SER H 344 35.52 -34.30 -4.34
CA SER H 344 36.41 -33.49 -3.54
C SER H 344 36.61 -32.11 -4.15
N ALA H 345 36.20 -31.07 -3.43
CA ALA H 345 36.44 -29.70 -3.86
C ALA H 345 37.84 -29.28 -3.44
N VAL H 346 38.78 -29.40 -4.37
CA VAL H 346 40.19 -29.20 -4.07
C VAL H 346 40.66 -27.76 -4.34
N CYS H 347 41.41 -27.22 -3.39
CA CYS H 347 42.01 -25.90 -3.52
C CYS H 347 43.07 -25.70 -2.45
N GLU H 348 43.63 -24.50 -2.40
CA GLU H 348 44.69 -24.20 -1.45
C GLU H 348 44.38 -22.90 -0.72
N ASN H 349 44.54 -22.90 0.59
CA ASN H 349 44.21 -21.73 1.40
C ASN H 349 45.46 -20.92 1.73
N MET H 350 45.71 -19.89 0.92
CA MET H 350 46.96 -19.14 1.03
C MET H 350 46.72 -17.67 1.36
N VAL H 351 47.80 -16.96 1.65
CA VAL H 351 47.73 -15.53 1.90
C VAL H 351 48.27 -14.77 0.70
N SER H 352 47.43 -13.89 0.14
CA SER H 352 47.79 -13.16 -1.06
C SER H 352 46.94 -11.91 -1.22
N LYS H 353 47.29 -11.08 -2.19
CA LYS H 353 46.48 -9.91 -2.52
C LYS H 353 45.16 -10.35 -3.12
N ASN H 354 45.13 -11.60 -3.61
CA ASN H 354 43.95 -12.14 -4.25
C ASN H 354 43.13 -13.01 -3.29
N SER H 355 43.66 -13.19 -2.07
CA SER H 355 42.98 -14.00 -1.07
C SER H 355 41.68 -13.33 -0.63
N TYR H 356 40.73 -14.11 -0.15
CA TYR H 356 39.50 -13.54 0.40
C TYR H 356 39.72 -13.10 1.84
N ARG H 357 38.94 -12.12 2.28
CA ARG H 357 39.16 -11.48 3.56
C ARG H 357 38.14 -11.89 4.61
N PRO H 358 38.52 -11.79 5.90
CA PRO H 358 37.59 -11.91 7.02
C PRO H 358 36.50 -10.84 6.93
N GLY H 359 35.24 -11.25 6.96
CA GLY H 359 34.14 -10.31 6.85
C GLY H 359 33.48 -10.37 5.48
N ASP H 360 34.19 -10.91 4.51
CA ASP H 360 33.68 -11.05 3.15
C ASP H 360 32.38 -11.84 3.12
N ILE H 361 31.43 -11.36 2.33
CA ILE H 361 30.17 -12.07 2.14
C ILE H 361 30.15 -12.74 0.77
N ILE H 362 29.98 -14.05 0.76
CA ILE H 362 30.04 -14.84 -0.46
C ILE H 362 28.76 -15.65 -0.67
N THR H 363 28.53 -16.07 -1.92
CA THR H 363 27.31 -16.79 -2.25
C THR H 363 27.59 -18.25 -2.62
N ALA H 364 26.93 -19.16 -1.93
CA ALA H 364 27.08 -20.59 -2.21
C ALA H 364 26.24 -20.99 -3.42
N SER H 365 26.47 -22.21 -3.91
CA SER H 365 25.79 -22.69 -5.11
C SER H 365 24.30 -22.87 -4.87
N ASN H 366 23.88 -22.92 -3.62
CA ASN H 366 22.46 -23.06 -3.28
C ASN H 366 21.80 -21.72 -3.05
N GLY H 367 22.55 -20.64 -3.30
CA GLY H 367 22.01 -19.30 -3.19
C GLY H 367 22.25 -18.65 -1.84
N LYS H 368 22.60 -19.45 -0.84
CA LYS H 368 22.83 -18.93 0.50
C LYS H 368 24.08 -18.06 0.58
N THR H 369 23.91 -16.86 1.13
CA THR H 369 25.03 -15.95 1.35
C THR H 369 25.67 -16.25 2.69
N ILE H 370 26.99 -16.18 2.74
CA ILE H 370 27.74 -16.56 3.93
C ILE H 370 28.66 -15.43 4.38
N GLU H 371 28.61 -15.11 5.66
CA GLU H 371 29.50 -14.11 6.24
C GLU H 371 30.74 -14.78 6.82
N VAL H 372 31.89 -14.50 6.23
CA VAL H 372 33.16 -15.06 6.68
C VAL H 372 33.66 -14.35 7.94
N GLY H 373 33.77 -15.09 9.04
CA GLY H 373 34.29 -14.54 10.27
C GLY H 373 35.72 -14.96 10.52
N ASN H 374 36.14 -16.01 9.81
CA ASN H 374 37.48 -16.57 9.98
C ASN H 374 37.88 -17.40 8.76
N THR H 375 38.89 -16.93 8.04
CA THR H 375 39.33 -17.61 6.82
C THR H 375 39.93 -18.98 7.09
N ASP H 376 40.19 -19.28 8.36
CA ASP H 376 40.78 -20.56 8.74
C ASP H 376 39.71 -21.65 8.87
N ALA H 377 38.45 -21.24 8.79
CA ALA H 377 37.35 -22.20 8.74
C ALA H 377 36.96 -22.44 7.29
N GLU H 378 37.97 -22.68 6.46
CA GLU H 378 37.78 -22.75 5.01
C GLU H 378 37.17 -24.08 4.57
N GLY H 379 37.37 -25.11 5.39
CA GLY H 379 36.90 -26.45 5.06
C GLY H 379 35.40 -26.52 4.83
N ARG H 380 34.64 -25.97 5.77
CA ARG H 380 33.18 -26.00 5.69
C ARG H 380 32.66 -25.21 4.49
N LEU H 381 33.42 -24.21 4.06
CA LEU H 381 33.04 -23.42 2.90
C LEU H 381 33.17 -24.26 1.63
N THR H 382 34.26 -24.99 1.52
CA THR H 382 34.48 -25.88 0.38
C THR H 382 33.50 -27.05 0.44
N LEU H 383 33.27 -27.55 1.64
CA LEU H 383 32.36 -28.67 1.87
C LEU H 383 30.91 -28.29 1.55
N ALA H 384 30.58 -27.02 1.79
CA ALA H 384 29.23 -26.53 1.53
C ALA H 384 28.84 -26.71 0.08
N ASP H 385 29.71 -26.28 -0.83
CA ASP H 385 29.45 -26.38 -2.26
C ASP H 385 29.51 -27.83 -2.75
N ALA H 386 30.32 -28.65 -2.09
CA ALA H 386 30.44 -30.05 -2.45
C ALA H 386 29.17 -30.82 -2.08
N LEU H 387 28.58 -30.46 -0.94
CA LEU H 387 27.35 -31.11 -0.50
C LEU H 387 26.16 -30.74 -1.39
N VAL H 388 26.13 -29.48 -1.84
CA VAL H 388 25.10 -29.03 -2.77
C VAL H 388 25.22 -29.77 -4.10
N TYR H 389 26.45 -29.92 -4.56
CA TYR H 389 26.74 -30.64 -5.79
C TYR H 389 26.37 -32.12 -5.62
N ALA H 390 26.67 -32.65 -4.44
CA ALA H 390 26.36 -34.04 -4.11
C ALA H 390 24.86 -34.30 -4.16
N GLU H 391 24.10 -33.42 -3.51
CA GLU H 391 22.66 -33.59 -3.41
C GLU H 391 21.99 -33.50 -4.79
N LYS H 392 22.63 -32.77 -5.71
CA LYS H 392 22.11 -32.64 -7.07
C LYS H 392 22.29 -33.91 -7.90
N LEU H 393 23.12 -34.82 -7.43
CA LEU H 393 23.30 -36.10 -8.11
C LEU H 393 22.15 -37.05 -7.83
N GLY H 394 21.32 -36.68 -6.86
CA GLY H 394 20.17 -37.49 -6.48
C GLY H 394 20.57 -38.82 -5.89
N VAL H 395 21.33 -38.77 -4.80
CA VAL H 395 21.79 -39.98 -4.13
C VAL H 395 20.96 -40.27 -2.89
N ASP H 396 21.11 -41.47 -2.36
CA ASP H 396 20.38 -41.89 -1.16
C ASP H 396 21.16 -41.48 0.10
N TYR H 397 22.49 -41.58 0.02
CA TYR H 397 23.33 -41.24 1.15
C TYR H 397 24.45 -40.26 0.77
N ILE H 398 24.65 -39.26 1.60
CA ILE H 398 25.81 -38.37 1.48
C ILE H 398 26.66 -38.46 2.74
N VAL H 399 27.90 -38.89 2.59
CA VAL H 399 28.82 -38.98 3.71
C VAL H 399 30.09 -38.19 3.41
N ASP H 400 30.39 -37.21 4.25
CA ASP H 400 31.61 -36.42 4.08
C ASP H 400 32.64 -36.78 5.14
N ILE H 401 33.91 -36.66 4.77
CA ILE H 401 35.02 -36.94 5.67
C ILE H 401 36.08 -35.86 5.54
N ALA H 402 36.46 -35.26 6.66
CA ALA H 402 37.34 -34.10 6.62
C ALA H 402 38.09 -33.85 7.93
N THR H 403 39.29 -33.30 7.80
CA THR H 403 40.03 -32.80 8.94
C THR H 403 39.55 -31.39 9.26
N LEU H 404 38.37 -31.30 9.87
CA LEU H 404 37.64 -30.03 9.95
C LEU H 404 37.98 -29.21 11.19
N THR H 405 37.98 -29.85 12.36
CA THR H 405 38.14 -29.11 13.62
C THR H 405 39.18 -29.72 14.55
N GLY H 406 40.10 -28.89 15.02
CA GLY H 406 41.11 -29.30 15.97
C GLY H 406 40.51 -29.67 17.32
N ALA H 407 39.28 -29.20 17.55
CA ALA H 407 38.59 -29.45 18.80
C ALA H 407 38.38 -30.94 19.05
N MET H 408 38.44 -31.73 17.99
CA MET H 408 38.30 -33.19 18.11
C MET H 408 39.34 -33.78 19.04
N LEU H 409 40.52 -33.15 19.08
CA LEU H 409 41.60 -33.60 19.95
C LEU H 409 41.26 -33.43 21.42
N TYR H 410 40.33 -32.53 21.71
CA TYR H 410 39.93 -32.26 23.09
C TYR H 410 38.70 -33.06 23.48
N SER H 411 38.01 -33.59 22.47
CA SER H 411 36.79 -34.35 22.70
C SER H 411 37.06 -35.85 22.71
N LEU H 412 37.52 -36.37 21.58
CA LEU H 412 37.75 -37.81 21.44
C LEU H 412 39.23 -38.15 21.33
N GLY H 413 40.05 -37.16 20.99
CA GLY H 413 41.49 -37.37 20.92
C GLY H 413 42.00 -37.86 19.58
N THR H 414 42.99 -38.75 19.62
CA THR H 414 43.70 -39.17 18.43
C THR H 414 43.31 -40.57 17.95
N SER H 415 42.44 -41.24 18.70
CA SER H 415 42.09 -42.62 18.37
C SER H 415 40.73 -42.73 17.68
N TYR H 416 39.74 -42.01 18.19
CA TYR H 416 38.39 -42.09 17.66
C TYR H 416 38.05 -40.88 16.80
N ALA H 417 37.52 -41.14 15.61
CA ALA H 417 36.99 -40.07 14.77
C ALA H 417 35.57 -39.77 15.22
N GLY H 418 35.08 -38.58 14.89
CA GLY H 418 33.73 -38.20 15.24
C GLY H 418 32.80 -38.25 14.05
N VAL H 419 31.59 -38.76 14.26
CA VAL H 419 30.59 -38.81 13.21
C VAL H 419 29.35 -38.02 13.59
N PHE H 420 28.91 -37.15 12.68
CA PHE H 420 27.71 -36.36 12.86
C PHE H 420 26.76 -36.65 11.70
N GLY H 421 25.49 -36.31 11.85
CA GLY H 421 24.53 -36.54 10.79
C GLY H 421 23.12 -36.06 11.07
N ASN H 422 22.27 -36.17 10.05
CA ASN H 422 20.86 -35.81 10.19
C ASN H 422 19.96 -37.04 10.14
N ASN H 423 20.58 -38.21 10.12
CA ASN H 423 19.86 -39.47 10.01
C ASN H 423 20.51 -40.56 10.85
N GLU H 424 19.78 -41.04 11.86
CA GLU H 424 20.34 -42.00 12.79
C GLU H 424 20.70 -43.35 12.15
N GLU H 425 19.88 -43.82 11.21
CA GLU H 425 20.14 -45.10 10.55
C GLU H 425 21.43 -45.06 9.75
N LEU H 426 21.65 -43.96 9.04
CA LEU H 426 22.88 -43.81 8.27
C LEU H 426 24.06 -43.81 9.22
N ILE H 427 23.89 -43.13 10.34
CA ILE H 427 24.92 -43.08 11.39
C ILE H 427 25.18 -44.48 11.91
N ASN H 428 24.12 -45.26 12.06
CA ASN H 428 24.24 -46.63 12.55
C ASN H 428 25.06 -47.49 11.60
N LYS H 429 24.86 -47.26 10.30
CA LYS H 429 25.62 -47.96 9.27
C LYS H 429 27.11 -47.63 9.36
N ILE H 430 27.39 -46.35 9.61
CA ILE H 430 28.77 -45.89 9.77
C ILE H 430 29.41 -46.53 10.99
N LEU H 431 28.67 -46.62 12.08
CA LEU H 431 29.18 -47.23 13.31
C LEU H 431 29.53 -48.69 13.09
N GLN H 432 28.68 -49.42 12.37
CA GLN H 432 28.98 -50.80 12.03
C GLN H 432 30.18 -50.87 11.11
N SER H 433 30.23 -49.96 10.13
CA SER H 433 31.36 -49.89 9.22
C SER H 433 32.65 -49.61 9.99
N SER H 434 32.52 -48.83 11.06
CA SER H 434 33.65 -48.54 11.94
C SER H 434 34.11 -49.81 12.65
N LYS H 435 33.15 -50.62 13.07
CA LYS H 435 33.44 -51.85 13.80
C LYS H 435 34.13 -52.91 12.95
N THR H 436 33.63 -53.10 11.74
CA THR H 436 34.14 -54.15 10.84
C THR H 436 35.42 -53.71 10.12
N SER H 437 35.62 -52.41 9.99
CA SER H 437 36.82 -51.87 9.36
C SER H 437 37.91 -51.69 10.41
N ASN H 438 37.51 -51.74 11.67
CA ASN H 438 38.41 -51.55 12.80
C ASN H 438 39.04 -50.16 12.81
N GLU H 439 38.33 -49.19 12.22
CA GLU H 439 38.71 -47.79 12.36
C GLU H 439 37.70 -47.09 13.27
N PRO H 440 38.07 -46.91 14.54
CA PRO H 440 37.16 -46.45 15.61
C PRO H 440 36.52 -45.09 15.32
N VAL H 441 35.21 -45.03 15.53
CA VAL H 441 34.45 -43.80 15.35
C VAL H 441 33.38 -43.71 16.45
N TRP H 442 33.17 -42.51 16.98
CA TRP H 442 32.18 -42.33 18.03
C TRP H 442 31.13 -41.30 17.61
N TRP H 443 29.88 -41.58 17.94
CA TRP H 443 28.76 -40.73 17.55
C TRP H 443 28.66 -39.48 18.42
N LEU H 444 28.74 -38.32 17.78
CA LEU H 444 28.59 -37.05 18.48
C LEU H 444 27.34 -36.32 18.01
N PRO H 445 26.70 -35.57 18.92
CA PRO H 445 25.41 -34.94 18.68
C PRO H 445 25.51 -33.59 17.96
N ILE H 446 24.58 -33.33 17.04
CA ILE H 446 24.43 -32.01 16.45
C ILE H 446 23.37 -31.25 17.25
N ILE H 447 23.84 -30.43 18.20
CA ILE H 447 22.96 -29.75 19.14
C ILE H 447 22.36 -28.48 18.54
N ASN H 448 21.05 -28.52 18.29
CA ASN H 448 20.34 -27.45 17.60
C ASN H 448 20.31 -26.13 18.39
N GLU H 449 20.49 -26.20 19.71
CA GLU H 449 20.46 -25.00 20.54
C GLU H 449 21.57 -24.01 20.19
N TYR H 450 22.63 -24.51 19.58
CA TYR H 450 23.76 -23.65 19.21
C TYR H 450 23.55 -22.99 17.87
N ARG H 451 22.51 -23.43 17.16
CA ARG H 451 22.22 -22.97 15.80
C ARG H 451 22.05 -21.45 15.69
N ALA H 452 21.52 -20.83 16.74
CA ALA H 452 21.24 -19.41 16.72
C ALA H 452 22.52 -18.58 16.60
N THR H 453 23.64 -19.18 16.99
CA THR H 453 24.93 -18.48 16.93
C THR H 453 25.40 -18.29 15.49
N LEU H 454 24.76 -18.98 14.55
CA LEU H 454 25.11 -18.86 13.14
C LEU H 454 24.20 -17.86 12.43
N ASN H 455 23.30 -17.24 13.19
CA ASN H 455 22.42 -16.22 12.62
C ASN H 455 23.18 -14.93 12.34
N SER H 456 23.45 -14.66 11.07
CA SER H 456 24.18 -13.46 10.67
C SER H 456 23.26 -12.25 10.55
N LYS H 457 23.80 -11.07 10.83
CA LYS H 457 23.05 -9.83 10.74
C LYS H 457 22.83 -9.40 9.29
N TYR H 458 23.78 -9.72 8.42
CA TYR H 458 23.72 -9.26 7.03
C TYR H 458 23.63 -10.40 6.03
N ALA H 459 24.37 -11.48 6.28
CA ALA H 459 24.33 -12.64 5.39
C ALA H 459 23.23 -13.59 5.84
N ASP H 460 22.93 -14.58 5.00
CA ASP H 460 21.94 -15.59 5.35
C ASP H 460 22.39 -16.37 6.58
N ILE H 461 23.70 -16.60 6.67
CA ILE H 461 24.25 -17.43 7.72
C ILE H 461 25.70 -17.05 8.03
N ASN H 462 26.11 -17.28 9.27
CA ASN H 462 27.49 -17.06 9.67
C ASN H 462 28.32 -18.31 9.39
N GLN H 463 29.57 -18.10 8.97
CA GLN H 463 30.48 -19.21 8.75
C GLN H 463 30.86 -19.89 10.06
N ILE H 464 31.13 -19.07 11.08
CA ILE H 464 31.56 -19.58 12.38
C ILE H 464 30.78 -18.92 13.51
N SER H 465 30.93 -19.47 14.71
CA SER H 465 30.32 -18.87 15.90
C SER H 465 31.32 -17.94 16.60
N SER H 466 30.81 -16.89 17.21
CA SER H 466 31.66 -15.96 17.95
C SER H 466 31.78 -16.36 19.42
N SER H 467 30.73 -16.97 19.96
CA SER H 467 30.68 -17.32 21.37
C SER H 467 30.96 -18.80 21.63
N VAL H 468 30.08 -19.66 21.12
CA VAL H 468 30.15 -21.10 21.39
C VAL H 468 31.50 -21.72 21.07
N LYS H 469 32.06 -22.44 22.03
CA LYS H 469 33.39 -23.02 21.87
C LYS H 469 33.33 -24.47 21.37
N ALA H 470 32.12 -25.01 21.26
CA ALA H 470 31.95 -26.34 20.68
C ALA H 470 32.03 -26.25 19.16
N SER H 471 33.23 -25.93 18.66
CA SER H 471 33.44 -25.63 17.25
C SER H 471 33.06 -26.80 16.33
N SER H 472 33.35 -28.01 16.76
CA SER H 472 33.09 -29.20 15.95
C SER H 472 31.60 -29.40 15.71
N ILE H 473 30.79 -29.12 16.73
CA ILE H 473 29.35 -29.26 16.61
C ILE H 473 28.77 -28.12 15.78
N VAL H 474 29.27 -26.91 15.99
CA VAL H 474 28.83 -25.74 15.25
C VAL H 474 29.09 -25.90 13.75
N ALA H 475 30.27 -26.42 13.41
CA ALA H 475 30.63 -26.66 12.01
C ALA H 475 29.68 -27.65 11.37
N SER H 476 29.30 -28.67 12.13
CA SER H 476 28.34 -29.66 11.65
C SER H 476 27.00 -29.00 11.38
N LEU H 477 26.63 -28.06 12.23
CA LEU H 477 25.41 -27.28 12.06
C LEU H 477 25.46 -26.47 10.76
N PHE H 478 26.63 -25.92 10.46
CA PHE H 478 26.85 -25.17 9.23
C PHE H 478 26.60 -26.06 8.01
N LEU H 479 27.25 -27.22 7.99
CA LEU H 479 27.14 -28.16 6.88
C LEU H 479 25.68 -28.59 6.69
N LYS H 480 24.97 -28.73 7.80
CA LYS H 480 23.58 -29.16 7.81
C LYS H 480 22.67 -28.22 7.03
N GLU H 481 23.11 -26.97 6.89
CA GLU H 481 22.34 -25.97 6.15
C GLU H 481 22.44 -26.13 4.64
N PHE H 482 23.24 -27.10 4.20
CA PHE H 482 23.46 -27.31 2.76
C PHE H 482 23.05 -28.70 2.31
N VAL H 483 22.30 -29.39 3.18
CA VAL H 483 21.66 -30.65 2.79
C VAL H 483 20.17 -30.56 3.13
N GLN H 484 19.37 -30.32 2.11
CA GLN H 484 17.95 -30.00 2.31
C GLN H 484 17.11 -31.24 2.62
N ASN H 485 17.27 -32.28 1.81
CA ASN H 485 16.40 -33.45 1.93
C ASN H 485 17.12 -34.75 1.59
N THR H 486 18.31 -34.93 2.15
CA THR H 486 19.09 -36.15 1.92
C THR H 486 19.75 -36.63 3.19
N ALA H 487 19.81 -37.95 3.37
CA ALA H 487 20.52 -38.55 4.49
C ALA H 487 22.00 -38.21 4.41
N TRP H 488 22.52 -37.58 5.47
CA TRP H 488 23.89 -37.08 5.44
C TRP H 488 24.62 -37.31 6.76
N ALA H 489 25.88 -37.74 6.65
CA ALA H 489 26.73 -37.94 7.81
C ALA H 489 28.07 -37.26 7.59
N HIS H 490 28.71 -36.85 8.68
CA HIS H 490 29.97 -36.10 8.60
C HIS H 490 31.01 -36.70 9.53
N ILE H 491 32.15 -37.10 8.96
CA ILE H 491 33.22 -37.70 9.74
C ILE H 491 34.38 -36.73 9.91
N ASP H 492 34.61 -36.32 11.16
CA ASP H 492 35.69 -35.39 11.46
C ASP H 492 36.93 -36.17 11.86
N ILE H 493 37.93 -36.18 10.98
CA ILE H 493 39.13 -36.99 11.20
C ILE H 493 40.33 -36.10 11.49
N ALA H 494 40.06 -34.89 11.97
CA ALA H 494 41.12 -33.94 12.29
C ALA H 494 42.08 -34.49 13.34
N GLY H 495 41.54 -35.17 14.33
CA GLY H 495 42.34 -35.67 15.43
C GLY H 495 43.02 -37.01 15.17
N VAL H 496 42.47 -37.79 14.26
CA VAL H 496 42.93 -39.15 14.03
C VAL H 496 43.72 -39.32 12.72
N SER H 497 43.70 -38.28 11.88
CA SER H 497 44.32 -38.36 10.57
C SER H 497 45.82 -38.61 10.63
N TRP H 498 46.51 -37.85 11.47
CA TRP H 498 47.96 -37.93 11.56
C TRP H 498 48.41 -38.73 12.78
N ASN H 499 49.33 -39.67 12.56
CA ASN H 499 49.91 -40.43 13.67
C ASN H 499 51.12 -39.66 14.19
N PHE H 500 50.92 -38.89 15.25
CA PHE H 500 51.94 -37.99 15.77
C PHE H 500 53.15 -38.72 16.35
N LYS H 501 52.91 -39.85 16.99
CA LYS H 501 54.01 -40.63 17.56
C LYS H 501 54.91 -41.21 16.47
N ALA H 502 54.29 -41.69 15.39
CA ALA H 502 55.04 -42.33 14.32
C ALA H 502 55.45 -41.33 13.25
N ARG H 503 54.94 -40.11 13.37
CA ARG H 503 55.26 -39.05 12.45
C ARG H 503 54.89 -39.38 11.01
N LYS H 504 53.69 -39.93 10.85
CA LYS H 504 53.18 -40.31 9.54
C LYS H 504 51.65 -40.38 9.55
N PRO H 505 51.03 -40.33 8.37
CA PRO H 505 49.58 -40.42 8.23
C PRO H 505 49.07 -41.83 8.52
N LYS H 506 47.78 -41.96 8.81
CA LYS H 506 47.18 -43.26 9.04
C LYS H 506 46.44 -43.78 7.82
N GLY H 507 46.07 -42.86 6.93
CA GLY H 507 45.20 -43.21 5.82
C GLY H 507 43.84 -43.58 6.36
N PHE H 508 43.44 -42.89 7.43
CA PHE H 508 42.20 -43.16 8.13
C PHE H 508 40.98 -42.91 7.26
N GLY H 509 40.05 -43.87 7.26
CA GLY H 509 38.78 -43.70 6.57
C GLY H 509 38.57 -44.57 5.34
N VAL H 510 39.66 -45.06 4.76
CA VAL H 510 39.58 -45.87 3.55
C VAL H 510 38.80 -47.16 3.79
N ARG H 511 39.17 -47.88 4.85
CA ARG H 511 38.51 -49.14 5.19
C ARG H 511 37.10 -48.91 5.72
N LEU H 512 36.93 -47.80 6.46
CA LEU H 512 35.61 -47.44 6.98
C LEU H 512 34.60 -47.23 5.86
N LEU H 513 34.99 -46.46 4.85
CA LEU H 513 34.12 -46.14 3.73
C LEU H 513 33.89 -47.35 2.83
N THR H 514 34.91 -48.18 2.67
CA THR H 514 34.81 -49.37 1.83
C THR H 514 33.84 -50.38 2.43
N GLU H 515 33.97 -50.61 3.73
CA GLU H 515 33.04 -51.48 4.45
C GLU H 515 31.63 -50.92 4.41
N PHE H 516 31.53 -49.58 4.44
CA PHE H 516 30.24 -48.90 4.37
C PHE H 516 29.56 -49.16 3.03
N VAL H 517 30.33 -49.05 1.95
CA VAL H 517 29.80 -49.30 0.61
C VAL H 517 29.49 -50.77 0.33
N LEU H 518 30.34 -51.65 0.83
CA LEU H 518 30.23 -53.09 0.55
C LEU H 518 29.15 -53.77 1.38
N ASN H 519 29.07 -53.38 2.65
CA ASN H 519 28.14 -53.97 3.60
C ASN H 519 26.74 -53.36 3.50
N ASP H 520 26.54 -52.54 2.47
CA ASP H 520 25.27 -51.87 2.25
C ASP H 520 24.49 -52.56 1.13
N SER I 3 38.41 2.69 -12.82
CA SER I 3 36.96 2.71 -12.96
C SER I 3 36.39 1.29 -12.99
N GLU I 4 37.05 0.40 -13.70
CA GLU I 4 36.61 -0.99 -13.78
C GLU I 4 37.10 -1.77 -12.57
N VAL I 5 36.18 -2.43 -11.87
CA VAL I 5 36.53 -3.19 -10.68
C VAL I 5 37.16 -4.53 -11.06
N PRO I 6 38.40 -4.76 -10.59
CA PRO I 6 39.13 -5.99 -10.86
C PRO I 6 38.53 -7.20 -10.15
N GLN I 7 38.63 -8.36 -10.79
CA GLN I 7 38.11 -9.60 -10.19
C GLN I 7 39.19 -10.68 -10.18
N VAL I 8 39.08 -11.61 -9.25
CA VAL I 8 39.92 -12.79 -9.25
C VAL I 8 39.16 -13.93 -9.92
N VAL I 9 37.87 -14.01 -9.59
CA VAL I 9 36.95 -14.93 -10.25
C VAL I 9 35.76 -14.14 -10.76
N SER I 10 35.00 -14.72 -11.69
CA SER I 10 33.87 -14.02 -12.29
C SER I 10 32.73 -13.78 -11.29
N LEU I 11 32.76 -14.51 -10.18
CA LEU I 11 31.72 -14.41 -9.17
C LEU I 11 31.96 -13.25 -8.20
N ASP I 12 33.14 -12.63 -8.31
CA ASP I 12 33.45 -11.48 -7.47
C ASP I 12 32.61 -10.28 -7.87
N PRO I 13 32.02 -9.60 -6.87
CA PRO I 13 31.16 -8.44 -7.12
C PRO I 13 31.96 -7.27 -7.71
N THR I 14 31.32 -6.48 -8.57
CA THR I 14 32.00 -5.38 -9.25
C THR I 14 31.41 -4.03 -8.86
N SER I 15 30.57 -4.02 -7.83
CA SER I 15 29.98 -2.78 -7.34
C SER I 15 29.38 -2.96 -5.95
N ILE I 16 29.32 -1.87 -5.20
CA ILE I 16 28.69 -1.88 -3.89
C ILE I 16 27.18 -1.70 -4.04
N PRO I 17 26.40 -2.68 -3.54
CA PRO I 17 24.94 -2.53 -3.57
C PRO I 17 24.49 -1.39 -2.68
N ILE I 18 23.80 -0.42 -3.25
CA ILE I 18 23.36 0.75 -2.52
C ILE I 18 21.85 0.97 -2.63
N GLU I 19 21.19 1.12 -1.49
CA GLU I 19 19.77 1.44 -1.46
C GLU I 19 19.57 2.94 -1.26
N TYR I 20 19.03 3.60 -2.28
CA TYR I 20 18.79 5.04 -2.22
C TYR I 20 17.37 5.31 -1.75
N ASN I 21 16.40 4.71 -2.44
CA ASN I 21 15.00 4.83 -2.06
C ASN I 21 14.65 3.86 -0.95
N THR I 22 14.68 4.33 0.29
CA THR I 22 14.39 3.48 1.44
C THR I 22 12.94 3.61 1.88
N PRO I 23 12.43 2.59 2.59
CA PRO I 23 11.06 2.59 3.13
C PRO I 23 10.75 3.84 3.94
N ILE I 24 11.76 4.36 4.62
CA ILE I 24 11.62 5.58 5.40
C ILE I 24 11.20 6.75 4.50
N HIS I 25 11.75 6.78 3.29
CA HIS I 25 11.48 7.86 2.35
C HIS I 25 10.03 7.83 1.86
N ASP I 26 9.36 6.70 2.06
CA ASP I 26 7.98 6.55 1.61
C ASP I 26 6.98 6.84 2.74
N ILE I 27 7.51 7.20 3.91
CA ILE I 27 6.67 7.50 5.05
C ILE I 27 6.19 8.94 5.04
N LYS I 28 4.87 9.13 4.95
CA LYS I 28 4.30 10.46 5.01
C LYS I 28 4.23 10.93 6.47
N VAL I 29 4.93 12.01 6.77
CA VAL I 29 5.00 12.51 8.13
C VAL I 29 4.17 13.78 8.32
N GLN I 30 3.31 13.76 9.34
CA GLN I 30 2.48 14.90 9.67
C GLN I 30 2.69 15.31 11.13
N VAL I 31 2.83 16.61 11.35
CA VAL I 31 3.01 17.13 12.70
C VAL I 31 1.82 17.99 13.11
N TYR I 32 1.18 17.61 14.22
CA TYR I 32 0.02 18.34 14.72
C TYR I 32 0.32 18.99 16.07
N ASP I 33 -0.43 20.03 16.40
CA ASP I 33 -0.30 20.68 17.71
C ASP I 33 -1.14 19.93 18.75
N ILE I 34 -0.55 19.66 19.90
CA ILE I 34 -1.19 18.86 20.93
C ILE I 34 -2.41 19.53 21.55
N LYS I 35 -2.47 20.85 21.48
CA LYS I 35 -3.59 21.61 22.01
C LYS I 35 -4.90 21.30 21.29
N GLY I 36 -4.81 20.93 20.02
CA GLY I 36 -5.98 20.66 19.20
C GLY I 36 -6.64 19.32 19.50
N GLY I 37 -6.02 18.54 20.38
CA GLY I 37 -6.54 17.24 20.74
C GLY I 37 -5.95 16.16 19.85
N CYS I 38 -6.00 14.92 20.31
CA CYS I 38 -5.44 13.80 19.57
C CYS I 38 -6.51 12.93 18.94
N ASN I 39 -6.31 12.56 17.67
CA ASN I 39 -7.21 11.63 17.00
C ASN I 39 -6.70 10.19 17.03
N VAL I 40 -7.60 9.27 17.33
CA VAL I 40 -7.30 7.84 17.35
C VAL I 40 -8.30 7.15 16.44
N GLU I 41 -7.80 6.36 15.50
CA GLU I 41 -8.61 5.80 14.40
C GLU I 41 -7.92 4.68 13.64
N GLU I 42 -6.61 4.74 13.49
CA GLU I 42 -5.90 3.69 12.75
C GLU I 42 -4.49 3.48 13.29
N GLY I 43 -4.01 2.25 13.16
CA GLY I 43 -2.64 1.92 13.52
C GLY I 43 -2.37 2.01 15.00
N LEU I 44 -1.13 2.33 15.35
CA LEU I 44 -0.70 2.38 16.75
C LEU I 44 -0.43 3.80 17.21
N THR I 45 -0.98 4.17 18.37
CA THR I 45 -0.76 5.48 18.95
C THR I 45 0.02 5.36 20.25
N ILE I 46 1.20 5.97 20.29
CA ILE I 46 2.07 5.87 21.45
C ILE I 46 2.27 7.21 22.16
N PHE I 47 2.08 7.20 23.47
CA PHE I 47 2.30 8.39 24.28
C PHE I 47 3.67 8.34 24.96
N LEU I 48 4.44 9.42 24.80
CA LEU I 48 5.71 9.55 25.51
C LEU I 48 5.44 10.27 26.82
N VAL I 49 5.49 9.53 27.93
CA VAL I 49 5.10 10.09 29.22
C VAL I 49 6.17 9.95 30.29
N ASN I 50 6.26 10.95 31.15
CA ASN I 50 7.15 10.92 32.30
C ASN I 50 6.44 11.32 33.58
N ASN I 51 7.16 11.29 34.69
CA ASN I 51 6.64 11.79 35.96
C ASN I 51 7.79 12.39 36.76
N PRO I 52 8.06 13.69 36.54
CA PRO I 52 9.17 14.42 37.17
C PRO I 52 9.17 14.30 38.68
N GLY I 53 10.29 13.87 39.25
CA GLY I 53 10.42 13.73 40.68
C GLY I 53 10.18 12.30 41.14
N LYS I 54 9.00 11.76 40.82
CA LYS I 54 8.63 10.43 41.25
C LYS I 54 9.28 9.35 40.39
N GLU I 55 10.43 8.86 40.83
CA GLU I 55 11.17 7.82 40.12
C GLU I 55 10.40 6.51 40.08
N ASN I 56 10.17 6.00 38.88
CA ASN I 56 9.11 5.05 38.60
C ASN I 56 7.72 5.50 39.05
N GLY I 57 7.33 6.70 38.64
CA GLY I 57 6.03 7.23 39.01
C GLY I 57 4.91 6.59 38.19
N PRO I 58 3.66 6.83 38.59
CA PRO I 58 2.52 6.29 37.85
C PRO I 58 2.34 7.01 36.52
N VAL I 59 1.73 6.36 35.53
CA VAL I 59 1.49 6.99 34.25
C VAL I 59 0.25 7.88 34.29
N LYS I 60 0.41 9.11 33.81
CA LYS I 60 -0.70 10.05 33.73
C LYS I 60 -0.75 10.70 32.36
N ILE I 61 -1.86 10.53 31.66
CA ILE I 61 -2.00 11.10 30.32
C ILE I 61 -2.61 12.49 30.39
N SER I 62 -1.88 13.48 29.88
CA SER I 62 -2.27 14.88 29.99
C SER I 62 -2.98 15.39 28.75
N SER I 63 -2.60 14.86 27.59
CA SER I 63 -3.14 15.33 26.32
C SER I 63 -4.63 15.04 26.20
N LYS I 64 -5.36 15.96 25.59
CA LYS I 64 -6.78 15.75 25.34
C LYS I 64 -6.97 14.82 24.14
N VAL I 65 -7.82 13.81 24.30
CA VAL I 65 -8.09 12.86 23.24
C VAL I 65 -9.50 13.04 22.71
N ASN I 66 -9.61 13.27 21.41
CA ASN I 66 -10.90 13.53 20.77
C ASN I 66 -11.76 12.27 20.61
N ASP I 67 -11.81 11.46 21.66
CA ASP I 67 -12.62 10.25 21.66
C ASP I 67 -13.04 9.92 23.09
N LYS I 68 -14.33 9.71 23.29
CA LYS I 68 -14.85 9.51 24.65
C LYS I 68 -14.42 8.17 25.25
N GLN I 69 -14.57 7.09 24.47
CA GLN I 69 -14.20 5.76 24.95
C GLN I 69 -12.70 5.65 25.22
N VAL I 70 -11.89 6.19 24.31
CA VAL I 70 -10.44 6.13 24.45
C VAL I 70 -10.01 7.01 25.62
N SER I 71 -10.70 8.14 25.79
CA SER I 71 -10.42 9.04 26.90
C SER I 71 -10.76 8.35 28.23
N GLU I 72 -11.84 7.57 28.21
CA GLU I 72 -12.27 6.82 29.37
C GLU I 72 -11.28 5.71 29.72
N PHE I 73 -10.74 5.08 28.69
CA PHE I 73 -9.76 4.01 28.86
C PHE I 73 -8.49 4.55 29.52
N LEU I 74 -8.08 5.74 29.11
CA LEU I 74 -6.83 6.35 29.57
C LEU I 74 -6.98 7.10 30.89
N LYS I 75 -8.10 6.90 31.57
CA LYS I 75 -8.35 7.56 32.85
C LYS I 75 -7.29 7.20 33.88
N ASP I 76 -7.04 8.14 34.79
CA ASP I 76 -6.00 8.00 35.80
C ASP I 76 -6.14 6.72 36.59
N GLU I 77 -7.39 6.39 36.93
CA GLU I 77 -7.68 5.18 37.70
C GLU I 77 -7.22 3.94 36.95
N ASN I 78 -7.38 3.97 35.62
CA ASN I 78 -6.99 2.86 34.77
C ASN I 78 -5.47 2.80 34.54
N MET I 79 -4.88 3.96 34.36
CA MET I 79 -3.46 4.07 34.01
C MET I 79 -2.49 4.02 35.19
N GLU I 80 -3.00 4.18 36.41
CA GLU I 80 -2.12 4.31 37.58
C GLU I 80 -1.35 3.05 37.96
N LYS I 81 -1.74 1.91 37.40
CA LYS I 81 -1.02 0.67 37.68
C LYS I 81 0.22 0.49 36.80
N PHE I 82 0.41 1.39 35.84
CA PHE I 82 1.61 1.38 35.01
C PHE I 82 2.53 2.53 35.44
N ASN I 83 3.83 2.34 35.27
CA ASN I 83 4.81 3.35 35.66
C ASN I 83 5.63 3.88 34.48
N VAL I 84 6.33 4.97 34.72
CA VAL I 84 7.04 5.69 33.66
C VAL I 84 8.52 5.37 33.61
N LYS I 85 8.90 4.22 34.17
CA LYS I 85 10.29 3.78 34.15
C LYS I 85 10.87 3.85 32.74
N LEU I 86 12.00 4.53 32.61
CA LEU I 86 12.61 4.81 31.31
C LEU I 86 12.82 3.53 30.50
N GLY I 87 12.17 3.46 29.34
CA GLY I 87 12.30 2.32 28.47
C GLY I 87 11.09 1.40 28.51
N THR I 88 10.32 1.51 29.58
CA THR I 88 9.11 0.71 29.74
C THR I 88 8.08 1.05 28.67
N SER I 89 7.32 0.04 28.24
CA SER I 89 6.32 0.23 27.21
C SER I 89 5.17 -0.74 27.41
N LYS I 90 3.97 -0.34 26.99
CA LYS I 90 2.79 -1.18 27.13
C LYS I 90 1.88 -1.03 25.91
N HIS I 91 1.14 -2.08 25.59
CA HIS I 91 0.19 -2.01 24.49
C HIS I 91 -1.24 -2.07 25.00
N PHE I 92 -2.12 -1.25 24.43
CA PHE I 92 -3.51 -1.24 24.86
C PHE I 92 -4.39 -1.57 23.67
N TYR I 93 -5.40 -2.40 23.90
CA TYR I 93 -6.40 -2.71 22.88
C TYR I 93 -7.75 -2.18 23.31
N MET I 94 -8.46 -1.48 22.42
CA MET I 94 -9.77 -0.94 22.78
C MET I 94 -10.60 -0.54 21.57
N PHE I 95 -11.88 -0.27 21.82
CA PHE I 95 -12.79 0.21 20.79
C PHE I 95 -13.07 1.69 20.96
N ASN I 96 -13.08 2.43 19.86
CA ASN I 96 -13.35 3.86 19.88
C ASN I 96 -14.84 4.17 19.82
N ASP I 97 -15.18 5.44 19.58
CA ASP I 97 -16.57 5.88 19.57
C ASP I 97 -17.41 5.21 18.48
N ASN I 98 -16.75 4.73 17.43
CA ASN I 98 -17.45 4.09 16.33
C ASN I 98 -17.45 2.57 16.45
N LYS I 99 -17.17 2.08 17.65
CA LYS I 99 -17.10 0.64 17.91
C LYS I 99 -16.03 -0.03 17.03
N ASN I 100 -14.98 0.71 16.71
CA ASN I 100 -13.87 0.18 15.94
C ASN I 100 -12.66 -0.16 16.83
N SER I 101 -11.97 -1.23 16.47
CA SER I 101 -10.80 -1.67 17.23
C SER I 101 -9.61 -0.74 17.01
N VAL I 102 -9.01 -0.27 18.10
CA VAL I 102 -7.88 0.63 18.05
C VAL I 102 -6.74 0.19 18.96
N ALA I 103 -5.50 0.51 18.58
CA ALA I 103 -4.34 0.17 19.38
C ALA I 103 -3.70 1.42 20.00
N VAL I 104 -3.51 1.36 21.32
CA VAL I 104 -2.93 2.46 22.07
C VAL I 104 -1.83 1.96 23.02
N GLY I 105 -0.87 2.83 23.33
CA GLY I 105 0.20 2.45 24.25
C GLY I 105 1.05 3.62 24.68
N TYR I 106 2.10 3.33 25.44
CA TYR I 106 3.00 4.36 25.93
C TYR I 106 4.44 3.85 26.04
N VAL I 107 5.38 4.79 26.12
CA VAL I 107 6.77 4.47 26.42
C VAL I 107 7.29 5.37 27.54
N GLY I 108 7.83 4.75 28.58
CA GLY I 108 8.31 5.49 29.74
C GLY I 108 9.53 6.34 29.42
N CYS I 109 9.49 7.60 29.85
CA CYS I 109 10.59 8.53 29.60
C CYS I 109 11.28 8.93 30.91
N GLY I 110 11.05 8.14 31.95
CA GLY I 110 11.74 8.31 33.22
C GLY I 110 11.13 9.37 34.12
N SER I 111 11.93 9.82 35.08
CA SER I 111 11.48 10.79 36.08
C SER I 111 12.18 12.13 35.91
N VAL I 112 13.12 12.20 34.97
CA VAL I 112 13.86 13.43 34.71
C VAL I 112 13.17 14.29 33.66
N ALA I 113 13.12 15.60 33.91
CA ALA I 113 12.42 16.52 33.03
C ALA I 113 13.17 16.70 31.71
N ASP I 114 14.50 16.73 31.78
CA ASP I 114 15.32 16.93 30.59
C ASP I 114 16.01 15.64 30.18
N LEU I 115 15.50 15.03 29.12
CA LEU I 115 16.05 13.78 28.62
C LEU I 115 17.41 13.97 27.95
N SER I 116 18.32 13.02 28.21
CA SER I 116 19.63 13.03 27.57
C SER I 116 19.60 12.32 26.22
N GLU I 117 20.70 12.43 25.48
CA GLU I 117 20.83 11.76 24.19
C GLU I 117 20.70 10.25 24.32
N ALA I 118 21.29 9.70 25.37
CA ALA I 118 21.22 8.26 25.61
C ALA I 118 19.83 7.80 26.02
N ASP I 119 19.18 8.58 26.87
CA ASP I 119 17.82 8.27 27.34
C ASP I 119 16.82 8.23 26.19
N MET I 120 16.88 9.25 25.33
CA MET I 120 15.99 9.31 24.18
C MET I 120 16.25 8.13 23.25
N LYS I 121 17.50 7.68 23.22
CA LYS I 121 17.88 6.52 22.42
C LYS I 121 17.15 5.27 22.92
N ARG I 122 17.09 5.11 24.24
CA ARG I 122 16.40 3.96 24.83
C ARG I 122 14.90 4.06 24.60
N VAL I 123 14.39 5.29 24.57
CA VAL I 123 12.99 5.54 24.31
C VAL I 123 12.65 5.10 22.89
N VAL I 124 13.51 5.49 21.94
CA VAL I 124 13.33 5.14 20.54
C VAL I 124 13.41 3.62 20.35
N LEU I 125 14.34 2.99 21.05
CA LEU I 125 14.52 1.54 20.97
C LEU I 125 13.28 0.81 21.48
N SER I 126 12.67 1.32 22.54
CA SER I 126 11.44 0.75 23.06
C SER I 126 10.33 0.87 22.03
N LEU I 127 10.31 2.00 21.33
CA LEU I 127 9.33 2.25 20.28
C LEU I 127 9.51 1.31 19.09
N VAL I 128 10.76 1.15 18.66
CA VAL I 128 11.07 0.31 17.50
C VAL I 128 10.69 -1.15 17.75
N THR I 129 10.79 -1.58 18.99
CA THR I 129 10.40 -2.94 19.37
C THR I 129 8.91 -3.17 19.09
N MET I 130 8.12 -2.12 19.27
CA MET I 130 6.68 -2.18 19.03
C MET I 130 6.40 -2.23 17.54
N LEU I 131 7.30 -1.63 16.76
CA LEU I 131 7.17 -1.61 15.31
C LEU I 131 7.56 -2.98 14.75
N HIS I 132 8.47 -3.65 15.43
CA HIS I 132 8.94 -4.96 15.00
C HIS I 132 7.92 -6.04 15.36
N ASP I 133 7.90 -7.11 14.56
CA ASP I 133 6.97 -8.21 14.74
C ASP I 133 5.49 -7.79 14.78
N ASN I 134 5.18 -6.59 14.30
CA ASN I 134 3.81 -6.11 14.26
C ASN I 134 3.51 -5.45 12.91
N LYS I 135 2.42 -5.87 12.27
CA LYS I 135 2.06 -5.37 10.94
C LYS I 135 1.21 -4.10 10.98
N LEU I 136 1.84 -2.98 11.31
CA LEU I 136 1.11 -1.71 11.43
C LEU I 136 1.22 -0.89 10.15
N SER I 137 0.17 -0.14 9.85
CA SER I 137 0.16 0.74 8.68
C SER I 137 0.57 2.17 9.03
N LYS I 138 0.29 2.57 10.27
CA LYS I 138 0.53 3.95 10.69
C LYS I 138 0.98 4.04 12.14
N LEU I 139 1.98 4.88 12.40
CA LEU I 139 2.40 5.16 13.76
C LEU I 139 2.17 6.63 14.11
N THR I 140 1.59 6.87 15.28
CA THR I 140 1.36 8.22 15.77
C THR I 140 1.98 8.39 17.16
N VAL I 141 2.87 9.37 17.29
CA VAL I 141 3.57 9.61 18.55
C VAL I 141 3.12 10.90 19.22
N VAL I 142 2.72 10.79 20.48
CA VAL I 142 2.27 11.95 21.25
C VAL I 142 3.30 12.36 22.30
N PHE I 143 3.87 13.55 22.13
CA PHE I 143 4.90 14.04 23.04
C PHE I 143 4.32 14.71 24.28
N GLU I 144 4.28 13.97 25.38
CA GLU I 144 3.86 14.53 26.66
C GLU I 144 5.08 14.80 27.52
N ILE I 145 6.20 15.10 26.86
CA ILE I 145 7.44 15.47 27.53
C ILE I 145 8.02 16.73 26.89
N ASN I 146 8.97 17.38 27.55
CA ASN I 146 9.55 18.58 26.97
C ASN I 146 10.86 18.22 26.27
N VAL I 147 10.93 18.55 24.99
CA VAL I 147 12.12 18.34 24.18
C VAL I 147 12.39 19.55 23.29
N ASP I 148 13.67 19.88 23.12
CA ASP I 148 14.04 20.99 22.27
C ASP I 148 14.08 20.53 20.82
N LYS I 149 14.30 21.48 19.93
CA LYS I 149 14.30 21.23 18.49
C LYS I 149 15.35 20.20 18.09
N ASN I 150 16.55 20.31 18.67
CA ASN I 150 17.62 19.35 18.38
C ASN I 150 17.28 17.94 18.82
N LEU I 151 16.72 17.82 20.02
CA LEU I 151 16.35 16.52 20.57
C LEU I 151 15.18 15.93 19.81
N PHE I 152 14.27 16.80 19.37
CA PHE I 152 13.13 16.38 18.57
C PHE I 152 13.61 15.79 17.24
N ARG I 153 14.53 16.49 16.59
CA ARG I 153 15.09 16.01 15.33
C ARG I 153 15.86 14.71 15.56
N PHE I 154 16.54 14.65 16.70
CA PHE I 154 17.29 13.47 17.10
C PHE I 154 16.36 12.27 17.27
N PHE I 155 15.14 12.53 17.73
CA PHE I 155 14.13 11.50 17.87
C PHE I 155 13.87 10.81 16.53
N LEU I 156 13.58 11.62 15.52
CA LEU I 156 13.27 11.13 14.18
C LEU I 156 14.45 10.43 13.53
N GLU I 157 15.62 11.06 13.60
CA GLU I 157 16.83 10.48 13.04
C GLU I 157 17.08 9.07 13.57
N THR I 158 17.06 8.94 14.90
CA THR I 158 17.29 7.65 15.54
C THR I 158 16.19 6.65 15.20
N LEU I 159 14.95 7.13 15.16
CA LEU I 159 13.80 6.29 14.82
C LEU I 159 13.93 5.70 13.41
N PHE I 160 14.19 6.56 12.44
CA PHE I 160 14.36 6.13 11.05
C PHE I 160 15.50 5.12 10.94
N TYR I 161 16.61 5.43 11.60
CA TYR I 161 17.82 4.64 11.50
C TYR I 161 17.64 3.24 12.10
N GLU I 162 17.07 3.16 13.29
CA GLU I 162 16.87 1.89 13.97
C GLU I 162 15.73 1.07 13.36
N TYR I 163 14.71 1.77 12.86
CA TYR I 163 13.57 1.13 12.21
C TYR I 163 14.00 0.41 10.95
N MET I 164 14.88 1.05 10.18
CA MET I 164 15.37 0.53 8.91
C MET I 164 16.17 -0.75 9.08
N THR I 165 15.93 -1.72 8.20
CA THR I 165 16.68 -2.97 8.22
C THR I 165 17.41 -3.17 6.89
N ASP I 166 18.70 -3.47 6.97
CA ASP I 166 19.52 -3.64 5.78
C ASP I 166 19.54 -5.11 5.35
N GLU I 167 18.99 -5.38 4.17
CA GLU I 167 18.88 -6.74 3.67
C GLU I 167 19.55 -6.91 2.32
N ARG I 168 20.49 -6.01 2.01
CA ARG I 168 21.19 -6.02 0.73
C ARG I 168 21.91 -7.35 0.50
N PHE I 169 22.29 -8.00 1.59
CA PHE I 169 23.08 -9.23 1.50
C PHE I 169 22.29 -10.45 1.95
N LYS I 170 20.97 -10.31 2.06
CA LYS I 170 20.14 -11.45 2.40
C LYS I 170 19.67 -12.07 1.09
N SER I 171 19.95 -13.36 0.92
CA SER I 171 19.55 -14.10 -0.27
C SER I 171 18.28 -14.92 -0.04
N THR I 172 18.27 -15.69 1.03
CA THR I 172 17.23 -16.69 1.25
C THR I 172 16.73 -16.60 2.68
N ASP I 173 17.18 -15.56 3.39
CA ASP I 173 16.69 -15.31 4.74
C ASP I 173 16.10 -13.90 4.81
N LYS I 174 15.74 -13.35 3.65
CA LYS I 174 15.08 -12.05 3.60
C LYS I 174 13.67 -12.13 4.17
N ASN I 175 13.10 -10.97 4.48
CA ASN I 175 11.76 -10.92 5.05
C ASN I 175 10.74 -10.37 4.06
N MET I 178 7.36 -8.30 6.94
CA MET I 178 8.32 -7.21 7.07
C MET I 178 7.89 -5.99 6.27
N GLU I 179 6.71 -5.45 6.60
CA GLU I 179 6.20 -4.27 5.91
C GLU I 179 6.30 -3.04 6.82
N TYR I 180 6.85 -1.96 6.27
CA TYR I 180 7.01 -0.71 7.01
C TYR I 180 5.71 0.11 7.03
N ILE I 181 5.56 0.94 8.06
CA ILE I 181 4.44 1.87 8.13
C ILE I 181 4.50 2.85 6.98
N LYS I 182 3.36 3.36 6.56
CA LYS I 182 3.31 4.30 5.44
C LYS I 182 3.03 5.72 5.92
N HIS I 183 2.64 5.86 7.19
CA HIS I 183 2.33 7.16 7.75
C HIS I 183 2.86 7.29 9.17
N LEU I 184 3.43 8.45 9.48
CA LEU I 184 3.88 8.76 10.83
C LEU I 184 3.30 10.10 11.28
N GLY I 185 2.46 10.06 12.30
CA GLY I 185 1.85 11.27 12.83
C GLY I 185 2.51 11.70 14.12
N VAL I 186 2.74 13.01 14.25
CA VAL I 186 3.40 13.54 15.44
C VAL I 186 2.62 14.68 16.08
N TYR I 187 2.23 14.47 17.33
CA TYR I 187 1.58 15.50 18.15
C TYR I 187 2.58 16.11 19.13
N ILE I 188 2.73 17.44 19.06
CA ILE I 188 3.65 18.13 19.94
C ILE I 188 3.14 19.54 20.25
N ASN I 189 3.74 20.17 21.26
CA ASN I 189 3.38 21.52 21.63
C ASN I 189 4.23 22.54 20.88
N ASN I 190 3.60 23.60 20.40
CA ASN I 190 4.28 24.57 19.55
C ASN I 190 4.76 23.88 18.28
N ALA I 191 3.87 23.10 17.69
CA ALA I 191 4.18 22.25 16.54
C ALA I 191 4.76 23.01 15.36
N ASP I 192 4.33 24.26 15.18
CA ASP I 192 4.76 25.07 14.04
C ASP I 192 6.28 25.22 14.01
N THR I 193 6.90 25.27 15.18
CA THR I 193 8.34 25.44 15.29
C THR I 193 9.09 24.15 14.94
N TYR I 194 8.43 23.01 15.13
CA TYR I 194 9.06 21.71 14.94
C TYR I 194 8.94 21.18 13.52
N LYS I 195 8.06 21.79 12.73
CA LYS I 195 7.75 21.29 11.39
C LYS I 195 8.98 21.23 10.48
N GLU I 196 9.87 22.21 10.61
CA GLU I 196 11.06 22.30 9.78
C GLU I 196 12.07 21.20 10.11
N GLU I 197 11.90 20.56 11.26
CA GLU I 197 12.83 19.53 11.71
C GLU I 197 12.57 18.18 11.04
N VAL I 198 11.37 18.01 10.51
CA VAL I 198 10.98 16.73 9.92
C VAL I 198 11.85 16.33 8.73
N GLU I 199 11.92 17.20 7.74
CA GLU I 199 12.65 16.88 6.51
C GLU I 199 14.16 16.97 6.69
N LYS I 200 14.59 17.73 7.69
CA LYS I 200 16.00 17.78 8.04
C LYS I 200 16.43 16.47 8.67
N ALA I 201 15.54 15.87 9.47
CA ALA I 201 15.80 14.58 10.08
C ALA I 201 15.92 13.49 9.03
N ARG I 202 15.05 13.53 8.03
CA ARG I 202 15.07 12.56 6.95
C ARG I 202 16.37 12.62 6.17
N VAL I 203 16.86 13.83 5.93
CA VAL I 203 18.11 14.03 5.21
C VAL I 203 19.29 13.52 6.04
N TYR I 204 19.33 13.91 7.31
CA TYR I 204 20.36 13.44 8.22
C TYR I 204 20.33 11.92 8.35
N TYR I 205 19.12 11.36 8.34
CA TYR I 205 18.94 9.92 8.43
C TYR I 205 19.67 9.16 7.32
N PHE I 206 19.44 9.56 6.08
CA PHE I 206 19.98 8.81 4.97
C PHE I 206 21.49 9.01 4.85
N GLY I 207 21.95 10.22 5.17
CA GLY I 207 23.38 10.50 5.20
C GLY I 207 24.07 9.56 6.17
N THR I 208 23.45 9.36 7.32
CA THR I 208 23.95 8.43 8.33
C THR I 208 23.79 6.98 7.86
N TYR I 209 22.63 6.67 7.31
CA TYR I 209 22.33 5.33 6.84
C TYR I 209 23.16 4.98 5.60
N TYR I 210 23.42 5.99 4.78
CA TYR I 210 24.28 5.85 3.61
C TYR I 210 25.67 5.37 4.03
N ALA I 211 26.25 6.05 5.00
CA ALA I 211 27.56 5.67 5.53
C ALA I 211 27.51 4.25 6.10
N SER I 212 26.43 3.96 6.81
CA SER I 212 26.21 2.63 7.38
C SER I 212 26.29 1.55 6.29
N GLN I 213 25.70 1.83 5.13
CA GLN I 213 25.70 0.90 4.01
C GLN I 213 27.10 0.66 3.47
N LEU I 214 27.90 1.72 3.39
CA LEU I 214 29.27 1.60 2.91
C LEU I 214 30.13 0.83 3.89
N ILE I 215 29.94 1.11 5.18
CA ILE I 215 30.71 0.45 6.22
C ILE I 215 30.33 -1.03 6.35
N ALA I 216 29.02 -1.29 6.41
CA ALA I 216 28.51 -2.64 6.54
C ALA I 216 28.88 -3.48 5.32
N ALA I 217 29.02 -2.81 4.18
CA ALA I 217 29.44 -3.49 2.95
C ALA I 217 30.81 -4.14 3.13
N PRO I 218 30.89 -5.46 2.90
CA PRO I 218 32.12 -6.23 3.07
C PRO I 218 33.23 -5.77 2.14
N SER I 219 34.46 -6.14 2.45
CA SER I 219 35.62 -5.64 1.71
C SER I 219 35.70 -6.18 0.29
N ASN I 220 35.01 -7.29 0.02
CA ASN I 220 34.97 -7.83 -1.33
C ASN I 220 33.98 -7.06 -2.20
N TYR I 221 32.97 -6.48 -1.56
CA TYR I 221 32.05 -5.57 -2.25
C TYR I 221 32.61 -4.15 -2.24
N CYS I 222 33.04 -3.71 -1.05
CA CYS I 222 33.54 -2.36 -0.87
C CYS I 222 35.06 -2.33 -0.94
N ASN I 223 35.58 -1.97 -2.11
CA ASN I 223 37.01 -1.83 -2.31
C ASN I 223 37.34 -0.43 -2.82
N PRO I 224 38.64 -0.12 -2.96
CA PRO I 224 39.08 1.22 -3.41
C PRO I 224 38.40 1.65 -4.71
N VAL I 225 38.18 0.70 -5.62
CA VAL I 225 37.56 1.00 -6.90
C VAL I 225 36.05 1.17 -6.80
N SER I 226 35.39 0.24 -6.12
CA SER I 226 33.94 0.27 -6.02
C SER I 226 33.47 1.40 -5.11
N LEU I 227 34.29 1.72 -4.11
CA LEU I 227 33.96 2.81 -3.19
C LEU I 227 34.12 4.16 -3.89
N SER I 228 35.18 4.27 -4.69
CA SER I 228 35.42 5.50 -5.45
C SER I 228 34.35 5.69 -6.53
N ASN I 229 33.92 4.59 -7.14
CA ASN I 229 32.85 4.63 -8.12
C ASN I 229 31.55 5.11 -7.48
N ALA I 230 31.29 4.62 -6.26
CA ALA I 230 30.12 5.02 -5.51
C ALA I 230 30.14 6.52 -5.18
N ALA I 231 31.34 7.05 -4.95
CA ALA I 231 31.50 8.46 -4.63
C ALA I 231 31.19 9.35 -5.83
N VAL I 232 31.59 8.91 -7.02
CA VAL I 232 31.33 9.65 -8.25
C VAL I 232 29.83 9.68 -8.55
N GLU I 233 29.19 8.53 -8.39
CA GLU I 233 27.75 8.40 -8.61
C GLU I 233 26.95 9.30 -7.67
N LEU I 234 27.37 9.36 -6.41
CA LEU I 234 26.71 10.20 -5.42
C LEU I 234 26.84 11.68 -5.75
N ALA I 235 28.02 12.08 -6.23
CA ALA I 235 28.28 13.46 -6.58
C ALA I 235 27.44 13.89 -7.78
N GLN I 236 27.21 12.95 -8.70
CA GLN I 236 26.45 13.23 -9.92
C GLN I 236 24.97 13.40 -9.60
N LYS I 237 24.49 12.66 -8.62
CA LYS I 237 23.10 12.73 -8.20
C LYS I 237 22.84 14.01 -7.41
N LEU I 238 23.91 14.58 -6.86
CA LEU I 238 23.78 15.79 -6.06
C LEU I 238 24.09 17.03 -6.89
N ASN I 239 25.08 16.88 -7.78
CA ASN I 239 25.51 17.91 -8.73
C ASN I 239 26.77 18.57 -8.19
N LEU I 240 27.62 17.76 -7.59
CA LEU I 240 28.88 18.25 -7.03
C LEU I 240 30.01 17.97 -8.00
N GLU I 241 30.97 18.90 -8.02
CA GLU I 241 32.18 18.67 -8.77
C GLU I 241 32.92 17.51 -8.12
N TYR I 242 33.48 16.62 -8.93
CA TYR I 242 34.16 15.46 -8.40
C TYR I 242 35.41 15.14 -9.21
N LYS I 243 36.41 14.55 -8.55
CA LYS I 243 37.64 14.16 -9.22
C LYS I 243 38.30 12.99 -8.50
N ILE I 244 38.55 11.92 -9.25
CA ILE I 244 39.20 10.73 -8.70
C ILE I 244 40.60 10.57 -9.29
N LEU I 245 41.62 10.75 -8.45
CA LEU I 245 43.00 10.65 -8.92
C LEU I 245 43.50 9.19 -8.89
N GLY I 246 44.05 8.75 -10.02
CA GLY I 246 44.59 7.40 -10.11
C GLY I 246 46.06 7.37 -9.75
N VAL I 247 46.68 6.21 -9.91
CA VAL I 247 48.08 6.01 -9.52
C VAL I 247 49.05 6.91 -10.28
N LYS I 248 48.80 7.12 -11.56
CA LYS I 248 49.66 7.96 -12.39
C LYS I 248 49.64 9.39 -11.87
N GLU I 249 48.45 9.84 -11.48
CA GLU I 249 48.30 11.18 -10.93
C GLU I 249 48.85 11.27 -9.52
N LEU I 250 48.65 10.21 -8.73
CA LEU I 250 49.15 10.15 -7.37
C LEU I 250 50.68 10.10 -7.34
N GLU I 251 51.27 9.45 -8.33
CA GLU I 251 52.72 9.40 -8.47
C GLU I 251 53.29 10.78 -8.78
N GLU I 252 52.58 11.53 -9.63
CA GLU I 252 53.00 12.88 -9.99
C GLU I 252 53.02 13.80 -8.78
N LEU I 253 52.08 13.59 -7.86
CA LEU I 253 51.97 14.41 -6.65
C LEU I 253 52.89 13.91 -5.53
N LYS I 254 53.64 12.85 -5.81
CA LYS I 254 54.63 12.33 -4.87
C LYS I 254 54.02 11.86 -3.56
N MET I 255 52.87 11.22 -3.61
CA MET I 255 52.24 10.70 -2.39
C MET I 255 52.78 9.31 -2.09
N GLY I 256 54.03 9.25 -1.63
CA GLY I 256 54.70 7.99 -1.40
C GLY I 256 54.19 7.26 -0.17
N ALA I 257 53.74 8.02 0.81
CA ALA I 257 53.19 7.44 2.03
C ALA I 257 51.86 6.76 1.75
N TYR I 258 50.98 7.46 1.04
CA TYR I 258 49.67 6.94 0.68
C TYR I 258 49.76 5.76 -0.27
N LEU I 259 50.64 5.87 -1.27
CA LEU I 259 50.81 4.82 -2.26
C LEU I 259 51.47 3.56 -1.67
N SER I 260 52.35 3.77 -0.70
CA SER I 260 53.08 2.67 -0.07
C SER I 260 52.13 1.71 0.63
N VAL I 261 51.15 2.26 1.32
CA VAL I 261 50.19 1.45 2.08
C VAL I 261 49.40 0.50 1.16
N GLY I 262 49.11 0.97 -0.05
CA GLY I 262 48.30 0.21 -0.99
C GLY I 262 49.06 -0.64 -1.99
N LYS I 263 50.39 -0.68 -1.87
CA LYS I 263 51.23 -1.42 -2.81
C LYS I 263 50.87 -2.89 -2.91
N GLY I 264 50.46 -3.49 -1.80
CA GLY I 264 50.20 -4.91 -1.74
C GLY I 264 48.78 -5.30 -2.13
N SER I 265 48.00 -4.33 -2.58
CA SER I 265 46.60 -4.58 -2.93
C SER I 265 46.41 -4.86 -4.41
N MET I 266 45.40 -5.65 -4.74
CA MET I 266 45.05 -5.91 -6.13
C MET I 266 44.23 -4.75 -6.69
N TYR I 267 43.72 -3.93 -5.77
CA TYR I 267 42.95 -2.76 -6.16
C TYR I 267 43.83 -1.50 -6.14
N PRO I 268 43.87 -0.78 -7.27
CA PRO I 268 44.65 0.46 -7.38
C PRO I 268 44.15 1.54 -6.44
N ASN I 269 45.05 2.37 -5.93
CA ASN I 269 44.67 3.47 -5.07
C ASN I 269 43.77 4.45 -5.82
N LYS I 270 42.79 5.00 -5.10
CA LYS I 270 41.89 5.98 -5.69
C LYS I 270 41.67 7.13 -4.71
N PHE I 271 42.07 8.33 -5.10
CA PHE I 271 41.89 9.49 -4.24
C PHE I 271 40.62 10.24 -4.61
N ILE I 272 39.68 10.27 -3.68
CA ILE I 272 38.38 10.90 -3.92
C ILE I 272 38.40 12.37 -3.57
N HIS I 273 37.97 13.21 -4.50
CA HIS I 273 37.87 14.64 -4.26
C HIS I 273 36.55 15.18 -4.79
N LEU I 274 35.58 15.31 -3.88
CA LEU I 274 34.31 15.95 -4.21
C LEU I 274 34.33 17.38 -3.67
N THR I 275 33.64 18.29 -4.35
CA THR I 275 33.62 19.67 -3.92
C THR I 275 32.22 20.27 -4.00
N TYR I 276 31.81 20.90 -2.91
CA TYR I 276 30.58 21.68 -2.90
C TYR I 276 30.90 23.17 -2.81
N LYS I 277 30.41 23.92 -3.78
CA LYS I 277 30.59 25.38 -3.78
C LYS I 277 29.23 26.06 -3.70
N SER I 278 29.10 26.99 -2.76
CA SER I 278 27.85 27.70 -2.58
C SER I 278 27.62 28.67 -3.73
N LYS I 279 26.36 28.83 -4.12
CA LYS I 279 25.96 29.74 -5.19
C LYS I 279 25.93 31.16 -4.64
N GLY I 280 26.98 31.52 -3.91
CA GLY I 280 27.14 32.83 -3.30
C GLY I 280 28.59 33.22 -3.07
N ASP I 281 28.79 34.41 -2.53
CA ASP I 281 30.14 34.87 -2.20
C ASP I 281 30.72 34.02 -1.06
N VAL I 282 31.71 33.21 -1.39
CA VAL I 282 32.33 32.29 -0.46
C VAL I 282 32.98 32.99 0.74
N LYS I 283 32.85 32.38 1.91
CA LYS I 283 33.36 32.95 3.15
C LYS I 283 34.35 31.98 3.79
N LYS I 284 33.85 30.87 4.30
CA LYS I 284 34.72 29.83 4.86
C LYS I 284 34.96 28.67 3.89
N LYS I 285 36.23 28.30 3.74
CA LYS I 285 36.63 27.15 2.93
C LYS I 285 37.04 26.02 3.86
N ILE I 286 36.44 24.85 3.67
CA ILE I 286 36.67 23.74 4.58
C ILE I 286 37.05 22.45 3.85
N ALA I 287 38.03 21.73 4.41
CA ALA I 287 38.41 20.44 3.88
C ALA I 287 38.09 19.33 4.89
N LEU I 288 37.26 18.38 4.47
CA LEU I 288 36.90 17.25 5.32
C LEU I 288 37.59 15.98 4.84
N VAL I 289 38.45 15.43 5.68
CA VAL I 289 39.25 14.27 5.30
C VAL I 289 38.81 13.01 6.05
N GLY I 290 38.45 11.98 5.30
CA GLY I 290 38.03 10.73 5.90
C GLY I 290 38.99 9.62 5.54
N LYS I 291 39.35 8.81 6.54
CA LYS I 291 40.20 7.65 6.31
C LYS I 291 39.44 6.62 5.49
N GLY I 292 40.05 6.16 4.41
CA GLY I 292 39.37 5.24 3.50
C GLY I 292 40.15 3.98 3.24
N ILE I 293 40.33 3.18 4.28
CA ILE I 293 40.94 1.86 4.16
C ILE I 293 39.84 0.81 4.08
N THR I 294 39.62 0.27 2.89
CA THR I 294 38.50 -0.64 2.65
C THR I 294 38.64 -1.93 3.46
N PHE I 295 39.89 -2.32 3.72
CA PHE I 295 40.16 -3.41 4.66
C PHE I 295 41.55 -3.29 5.25
N ASP I 296 41.64 -3.44 6.56
CA ASP I 296 42.92 -3.38 7.25
C ASP I 296 43.32 -4.75 7.81
N SER I 297 44.16 -5.46 7.06
CA SER I 297 44.69 -6.73 7.53
C SER I 297 45.85 -6.46 8.49
N GLY I 298 46.41 -5.26 8.39
CA GLY I 298 47.55 -4.87 9.20
C GLY I 298 48.85 -4.92 8.43
N GLY I 299 48.80 -5.50 7.23
CA GLY I 299 50.00 -5.72 6.44
C GLY I 299 50.85 -6.81 7.07
N TYR I 300 52.16 -6.74 6.84
CA TYR I 300 53.07 -7.74 7.41
C TYR I 300 53.08 -7.70 8.94
N ASN I 301 52.69 -6.58 9.52
CA ASN I 301 52.37 -6.54 10.94
C ASN I 301 50.95 -7.03 11.13
N LEU I 302 50.72 -8.27 10.73
CA LEU I 302 49.38 -8.86 10.65
C LEU I 302 48.60 -8.81 11.96
N LYS I 303 47.31 -8.53 11.85
CA LYS I 303 46.42 -8.59 13.00
C LYS I 303 46.16 -10.04 13.35
N ALA I 304 47.09 -10.66 14.08
CA ALA I 304 46.97 -12.06 14.43
C ALA I 304 46.86 -12.25 15.95
N ALA I 305 47.17 -11.19 16.68
CA ALA I 305 47.08 -11.23 18.14
C ALA I 305 45.63 -11.33 18.59
N PRO I 306 45.38 -12.04 19.69
CA PRO I 306 44.03 -12.17 20.25
C PRO I 306 43.42 -10.82 20.58
N GLY I 307 42.21 -10.58 20.09
CA GLY I 307 41.54 -9.31 20.33
C GLY I 307 41.79 -8.27 19.25
N SER I 308 42.46 -8.69 18.17
CA SER I 308 42.77 -7.77 17.08
C SER I 308 41.56 -7.54 16.19
N MET I 309 40.58 -8.43 16.28
CA MET I 309 39.31 -8.28 15.58
C MET I 309 39.49 -8.01 14.08
N ILE I 310 40.18 -8.92 13.40
CA ILE I 310 40.49 -8.74 11.98
C ILE I 310 39.24 -8.84 11.11
N ASP I 311 38.24 -9.57 11.59
CA ASP I 311 37.00 -9.75 10.85
C ASP I 311 36.13 -8.49 10.85
N LEU I 312 36.52 -7.52 11.67
CA LEU I 312 35.78 -6.27 11.79
C LEU I 312 36.37 -5.18 10.90
N MET I 313 37.58 -5.43 10.39
CA MET I 313 38.37 -4.39 9.75
C MET I 313 37.82 -3.93 8.39
N LYS I 314 36.59 -4.32 8.08
CA LYS I 314 35.89 -3.77 6.94
C LYS I 314 35.44 -2.34 7.24
N PHE I 315 35.44 -1.99 8.53
CA PHE I 315 34.94 -0.69 8.97
C PHE I 315 36.01 0.39 8.96
N ASP I 316 37.20 0.05 8.50
CA ASP I 316 38.33 0.98 8.55
C ASP I 316 38.22 2.08 7.50
N MET I 317 37.10 2.08 6.78
CA MET I 317 36.80 3.15 5.84
C MET I 317 35.62 3.97 6.36
N SER I 318 35.39 3.88 7.66
CA SER I 318 34.30 4.60 8.32
C SER I 318 34.44 6.11 8.17
N GLY I 319 35.67 6.60 8.19
CA GLY I 319 35.95 8.02 8.05
C GLY I 319 35.52 8.54 6.69
N CYS I 320 35.89 7.80 5.65
CA CYS I 320 35.48 8.12 4.29
C CYS I 320 33.95 8.10 4.17
N ALA I 321 33.33 7.11 4.80
CA ALA I 321 31.88 6.95 4.77
C ALA I 321 31.18 8.14 5.43
N ALA I 322 31.75 8.62 6.53
CA ALA I 322 31.19 9.76 7.24
C ALA I 322 31.27 11.01 6.36
N VAL I 323 32.40 11.16 5.68
CA VAL I 323 32.60 12.29 4.78
C VAL I 323 31.65 12.22 3.59
N LEU I 324 31.47 11.03 3.02
CA LEU I 324 30.53 10.86 1.92
C LEU I 324 29.10 11.05 2.39
N GLY I 325 28.81 10.57 3.61
CA GLY I 325 27.50 10.77 4.20
C GLY I 325 27.21 12.24 4.41
N CYS I 326 28.24 12.97 4.84
CA CYS I 326 28.14 14.42 4.99
C CYS I 326 27.97 15.11 3.65
N ALA I 327 28.64 14.58 2.63
CA ALA I 327 28.55 15.12 1.27
C ALA I 327 27.11 15.11 0.78
N TYR I 328 26.38 14.05 1.12
CA TYR I 328 24.98 13.95 0.75
C TYR I 328 24.17 15.04 1.45
N CYS I 329 24.40 15.20 2.74
CA CYS I 329 23.66 16.18 3.53
C CYS I 329 23.90 17.59 3.02
N VAL I 330 25.17 17.90 2.76
CA VAL I 330 25.55 19.22 2.25
C VAL I 330 25.01 19.44 0.84
N GLY I 331 25.12 18.41 0.00
CA GLY I 331 24.63 18.50 -1.36
C GLY I 331 23.12 18.59 -1.45
N THR I 332 22.44 18.11 -0.41
CA THR I 332 20.98 18.13 -0.38
C THR I 332 20.44 19.41 0.25
N LEU I 333 21.05 19.84 1.35
CA LEU I 333 20.57 21.02 2.06
C LEU I 333 21.08 22.31 1.42
N LYS I 334 22.20 22.21 0.71
CA LYS I 334 22.75 23.32 -0.06
C LYS I 334 22.91 24.59 0.77
N PRO I 335 23.85 24.58 1.72
CA PRO I 335 24.16 25.76 2.54
C PRO I 335 24.86 26.86 1.73
N GLU I 336 24.76 28.10 2.20
CA GLU I 336 25.34 29.23 1.49
C GLU I 336 26.65 29.71 2.14
N ASN I 337 27.45 30.42 1.36
CA ASN I 337 28.65 31.07 1.86
C ASN I 337 29.74 30.09 2.32
N VAL I 338 29.71 28.87 1.81
CA VAL I 338 30.69 27.87 2.18
C VAL I 338 31.21 27.09 0.97
N GLU I 339 32.48 26.73 1.00
CA GLU I 339 33.06 25.83 0.00
C GLU I 339 33.69 24.65 0.73
N ILE I 340 33.19 23.45 0.45
CA ILE I 340 33.64 22.27 1.18
C ILE I 340 34.29 21.24 0.26
N HIS I 341 35.46 20.76 0.65
CA HIS I 341 36.12 19.70 -0.09
C HIS I 341 36.07 18.39 0.69
N PHE I 342 35.49 17.36 0.06
CA PHE I 342 35.39 16.05 0.65
C PHE I 342 36.51 15.16 0.12
N LEU I 343 37.46 14.83 0.99
CA LEU I 343 38.66 14.12 0.56
C LEU I 343 38.79 12.77 1.25
N SER I 344 39.33 11.79 0.52
CA SER I 344 39.60 10.49 1.10
C SER I 344 40.64 9.74 0.26
N ALA I 345 41.77 9.44 0.89
CA ALA I 345 42.79 8.60 0.26
C ALA I 345 42.43 7.14 0.45
N VAL I 346 41.80 6.55 -0.57
CA VAL I 346 41.28 5.19 -0.44
C VAL I 346 42.28 4.15 -0.91
N CYS I 347 42.45 3.10 -0.10
CA CYS I 347 43.31 1.99 -0.47
C CYS I 347 43.04 0.80 0.44
N GLU I 348 43.82 -0.26 0.27
CA GLU I 348 43.65 -1.48 1.06
C GLU I 348 45.00 -1.95 1.60
N ASN I 349 45.01 -2.32 2.88
CA ASN I 349 46.26 -2.73 3.52
C ASN I 349 46.37 -4.24 3.59
N MET I 350 47.06 -4.82 2.61
CA MET I 350 47.09 -6.27 2.45
C MET I 350 48.49 -6.87 2.59
N VAL I 351 48.55 -8.20 2.64
CA VAL I 351 49.81 -8.92 2.69
C VAL I 351 50.10 -9.53 1.32
N SER I 352 51.24 -9.18 0.75
CA SER I 352 51.59 -9.61 -0.59
C SER I 352 53.10 -9.51 -0.83
N LYS I 353 53.55 -10.01 -1.97
CA LYS I 353 54.94 -9.85 -2.35
C LYS I 353 55.22 -8.38 -2.67
N ASN I 354 54.17 -7.63 -2.94
CA ASN I 354 54.29 -6.22 -3.31
C ASN I 354 54.03 -5.26 -2.15
N SER I 355 53.66 -5.80 -1.00
CA SER I 355 53.37 -4.96 0.17
C SER I 355 54.61 -4.25 0.68
N TYR I 356 54.42 -3.13 1.38
CA TYR I 356 55.54 -2.43 2.00
C TYR I 356 55.89 -3.08 3.32
N ARG I 357 57.14 -2.94 3.74
CA ARG I 357 57.64 -3.67 4.89
C ARG I 357 57.84 -2.80 6.12
N PRO I 358 57.80 -3.43 7.31
CA PRO I 358 58.24 -2.77 8.53
C PRO I 358 59.71 -2.37 8.41
N GLY I 359 60.02 -1.09 8.63
CA GLY I 359 61.39 -0.62 8.48
C GLY I 359 61.59 0.18 7.21
N ASP I 360 60.70 -0.02 6.25
CA ASP I 360 60.76 0.71 4.99
C ASP I 360 60.68 2.21 5.24
N ILE I 361 61.51 2.97 4.53
CA ILE I 361 61.48 4.42 4.62
C ILE I 361 60.82 5.00 3.37
N ILE I 362 59.77 5.77 3.58
CA ILE I 362 58.97 6.30 2.49
C ILE I 362 58.91 7.83 2.54
N THR I 363 58.59 8.43 1.40
CA THR I 363 58.58 9.89 1.29
C THR I 363 57.17 10.42 1.09
N ALA I 364 56.76 11.35 1.95
CA ALA I 364 55.44 11.96 1.83
C ALA I 364 55.45 13.04 0.75
N SER I 365 54.26 13.49 0.37
CA SER I 365 54.13 14.47 -0.71
C SER I 365 54.73 15.81 -0.34
N ASN I 366 54.94 16.04 0.96
CA ASN I 366 55.54 17.28 1.44
C ASN I 366 57.06 17.13 1.61
N GLY I 367 57.58 16.00 1.17
CA GLY I 367 59.02 15.76 1.17
C GLY I 367 59.56 15.05 2.39
N LYS I 368 58.78 15.02 3.47
CA LYS I 368 59.22 14.38 4.71
C LYS I 368 59.32 12.87 4.58
N THR I 369 60.47 12.33 4.96
CA THR I 369 60.68 10.88 4.92
C THR I 369 60.22 10.25 6.23
N ILE I 370 59.60 9.08 6.12
CA ILE I 370 59.01 8.41 7.27
C ILE I 370 59.53 6.99 7.41
N GLU I 371 59.93 6.62 8.62
CA GLU I 371 60.37 5.26 8.89
C GLU I 371 59.20 4.42 9.40
N VAL I 372 58.83 3.40 8.63
CA VAL I 372 57.73 2.52 8.98
C VAL I 372 58.13 1.54 10.08
N GLY I 373 57.49 1.65 11.23
CA GLY I 373 57.75 0.75 12.34
C GLY I 373 56.68 -0.31 12.48
N ASN I 374 55.55 -0.08 11.83
CA ASN I 374 54.42 -0.99 11.90
C ASN I 374 53.47 -0.76 10.73
N THR I 375 53.36 -1.76 9.86
CA THR I 375 52.52 -1.65 8.67
C THR I 375 51.04 -1.55 9.03
N ASP I 376 50.72 -1.85 10.29
CA ASP I 376 49.33 -1.80 10.76
C ASP I 376 48.97 -0.39 11.19
N ALA I 377 49.97 0.50 11.23
CA ALA I 377 49.72 1.91 11.46
C ALA I 377 49.64 2.64 10.12
N GLU I 378 48.87 2.05 9.20
CA GLU I 378 48.81 2.52 7.82
C GLU I 378 47.93 3.76 7.68
N GLY I 379 46.98 3.90 8.61
CA GLY I 379 46.01 5.00 8.56
C GLY I 379 46.64 6.38 8.54
N ARG I 380 47.54 6.62 9.48
CA ARG I 380 48.19 7.92 9.61
C ARG I 380 49.04 8.27 8.40
N LEU I 381 49.53 7.24 7.71
CA LEU I 381 50.32 7.44 6.50
C LEU I 381 49.46 7.98 5.37
N THR I 382 48.28 7.41 5.20
CA THR I 382 47.35 7.85 4.17
C THR I 382 46.81 9.24 4.49
N LEU I 383 46.55 9.48 5.77
CA LEU I 383 46.06 10.79 6.22
C LEU I 383 47.12 11.87 6.00
N ALA I 384 48.38 11.47 6.13
CA ALA I 384 49.50 12.40 5.98
C ALA I 384 49.51 13.05 4.61
N ASP I 385 49.40 12.25 3.55
CA ASP I 385 49.38 12.76 2.19
C ASP I 385 48.08 13.49 1.90
N ALA I 386 47.00 13.06 2.55
CA ALA I 386 45.70 13.69 2.39
C ALA I 386 45.69 15.05 3.06
N LEU I 387 46.36 15.17 4.19
CA LEU I 387 46.44 16.42 4.91
C LEU I 387 47.28 17.43 4.12
N VAL I 388 48.33 16.92 3.49
CA VAL I 388 49.17 17.74 2.62
C VAL I 388 48.38 18.23 1.41
N TYR I 389 47.60 17.33 0.82
CA TYR I 389 46.76 17.66 -0.32
C TYR I 389 45.70 18.68 0.07
N ALA I 390 45.13 18.51 1.26
CA ALA I 390 44.09 19.40 1.77
C ALA I 390 44.62 20.82 1.93
N GLU I 391 45.78 20.95 2.57
CA GLU I 391 46.34 22.25 2.86
C GLU I 391 46.72 23.02 1.59
N LYS I 392 47.04 22.29 0.53
CA LYS I 392 47.37 22.93 -0.74
C LYS I 392 46.14 23.52 -1.43
N LEU I 393 44.95 23.13 -0.96
CA LEU I 393 43.71 23.67 -1.49
C LEU I 393 43.47 25.08 -0.95
N GLY I 394 44.25 25.47 0.05
CA GLY I 394 44.14 26.79 0.66
C GLY I 394 42.82 26.98 1.38
N VAL I 395 42.57 26.12 2.36
CA VAL I 395 41.32 26.18 3.13
C VAL I 395 41.53 26.84 4.49
N ASP I 396 40.42 27.17 5.15
CA ASP I 396 40.47 27.79 6.46
C ASP I 396 40.56 26.73 7.56
N TYR I 397 39.84 25.63 7.35
CA TYR I 397 39.82 24.54 8.32
C TYR I 397 40.06 23.18 7.66
N ILE I 398 40.90 22.38 8.29
CA ILE I 398 41.07 20.99 7.89
C ILE I 398 40.64 20.08 9.04
N VAL I 399 39.62 19.27 8.80
CA VAL I 399 39.14 18.34 9.81
C VAL I 399 39.14 16.92 9.24
N ASP I 400 39.89 16.03 9.89
CA ASP I 400 39.93 14.64 9.46
C ASP I 400 39.17 13.76 10.45
N ILE I 401 38.60 12.68 9.94
CA ILE I 401 37.85 11.73 10.75
C ILE I 401 38.25 10.31 10.37
N ALA I 402 38.65 9.52 11.35
CA ALA I 402 39.22 8.20 11.05
C ALA I 402 39.15 7.23 12.23
N THR I 403 39.01 5.95 11.90
CA THR I 403 39.13 4.88 12.87
C THR I 403 40.62 4.57 13.03
N LEU I 404 41.32 5.45 13.74
CA LEU I 404 42.78 5.47 13.71
C LEU I 404 43.45 4.58 14.76
N THR I 405 43.01 4.67 16.00
CA THR I 405 43.69 3.97 17.09
C THR I 405 42.74 3.19 18.00
N GLY I 406 43.07 1.94 18.24
CA GLY I 406 42.31 1.07 19.13
C GLY I 406 42.33 1.49 20.58
N ALA I 407 43.30 2.31 20.95
CA ALA I 407 43.45 2.79 22.32
C ALA I 407 42.23 3.58 22.78
N MET I 408 41.46 4.09 21.83
CA MET I 408 40.24 4.84 22.12
C MET I 408 39.27 3.99 22.94
N LEU I 409 39.31 2.68 22.74
CA LEU I 409 38.45 1.77 23.49
C LEU I 409 38.81 1.78 24.97
N TYR I 410 40.04 2.18 25.26
CA TYR I 410 40.54 2.23 26.63
C TYR I 410 40.45 3.65 27.22
N SER I 411 40.25 4.64 26.34
CA SER I 411 40.20 6.03 26.78
C SER I 411 38.77 6.52 26.97
N LEU I 412 37.99 6.52 25.89
CA LEU I 412 36.64 7.05 25.93
C LEU I 412 35.58 5.96 25.78
N GLY I 413 35.99 4.81 25.26
CA GLY I 413 35.09 3.69 25.12
C GLY I 413 34.33 3.68 23.80
N THR I 414 33.07 3.26 23.85
CA THR I 414 32.29 3.05 22.63
C THR I 414 31.25 4.14 22.38
N SER I 415 31.11 5.08 23.32
CA SER I 415 30.09 6.12 23.21
C SER I 415 30.65 7.46 22.75
N TYR I 416 31.78 7.86 23.32
CA TYR I 416 32.36 9.16 23.01
C TYR I 416 33.56 9.03 22.07
N ALA I 417 33.57 9.83 21.01
CA ALA I 417 34.73 9.91 20.14
C ALA I 417 35.75 10.90 20.71
N GLY I 418 37.01 10.76 20.29
CA GLY I 418 38.04 11.67 20.74
C GLY I 418 38.41 12.66 19.64
N VAL I 419 38.59 13.92 20.03
CA VAL I 419 38.98 14.96 19.08
C VAL I 419 40.31 15.60 19.49
N PHE I 420 41.22 15.72 18.52
CA PHE I 420 42.50 16.38 18.73
C PHE I 420 42.63 17.53 17.74
N GLY I 421 43.53 18.46 18.01
CA GLY I 421 43.72 19.58 17.11
C GLY I 421 44.83 20.55 17.48
N ASN I 422 45.09 21.50 16.57
CA ASN I 422 46.10 22.52 16.79
C ASN I 422 45.48 23.90 16.98
N ASN I 423 44.16 23.94 17.07
CA ASN I 423 43.43 25.19 17.13
C ASN I 423 42.26 25.12 18.12
N GLU I 424 42.33 25.93 19.16
CA GLU I 424 41.32 25.91 20.23
C GLU I 424 39.94 26.29 19.70
N GLU I 425 39.90 27.26 18.80
CA GLU I 425 38.63 27.74 18.24
C GLU I 425 37.98 26.65 17.38
N LEU I 426 38.80 25.97 16.58
CA LEU I 426 38.32 24.88 15.73
C LEU I 426 37.81 23.72 16.57
N ILE I 427 38.52 23.40 17.64
CA ILE I 427 38.12 22.34 18.55
C ILE I 427 36.75 22.63 19.16
N ASN I 428 36.55 23.88 19.55
CA ASN I 428 35.29 24.30 20.15
C ASN I 428 34.12 24.18 19.18
N LYS I 429 34.38 24.47 17.90
CA LYS I 429 33.35 24.32 16.88
C LYS I 429 32.91 22.87 16.74
N ILE I 430 33.88 21.96 16.80
CA ILE I 430 33.60 20.54 16.73
C ILE I 430 32.77 20.12 17.95
N LEU I 431 33.16 20.66 19.10
CA LEU I 431 32.45 20.38 20.35
C LEU I 431 31.01 20.90 20.29
N GLN I 432 30.83 22.08 19.70
CA GLN I 432 29.49 22.64 19.52
C GLN I 432 28.67 21.74 18.58
N SER I 433 29.31 21.31 17.49
CA SER I 433 28.67 20.41 16.54
C SER I 433 28.28 19.10 17.22
N SER I 434 29.10 18.66 18.17
CA SER I 434 28.82 17.47 18.95
C SER I 434 27.55 17.65 19.77
N LYS I 435 27.40 18.84 20.34
CA LYS I 435 26.25 19.16 21.20
C LYS I 435 24.95 19.24 20.42
N THR I 436 24.98 19.91 19.27
CA THR I 436 23.77 20.12 18.48
C THR I 436 23.41 18.91 17.63
N SER I 437 24.40 18.09 17.30
CA SER I 437 24.16 16.87 16.54
C SER I 437 23.89 15.69 17.46
N ASN I 438 24.21 15.86 18.74
CA ASN I 438 24.04 14.81 19.74
C ASN I 438 24.88 13.57 19.44
N GLU I 439 26.01 13.77 18.78
CA GLU I 439 27.02 12.73 18.62
C GLU I 439 28.21 13.05 19.51
N PRO I 440 28.27 12.40 20.69
CA PRO I 440 29.21 12.72 21.77
C PRO I 440 30.67 12.69 21.36
N VAL I 441 31.41 13.73 21.75
CA VAL I 441 32.83 13.86 21.47
C VAL I 441 33.56 14.49 22.65
N TRP I 442 34.76 13.99 22.95
CA TRP I 442 35.55 14.53 24.05
C TRP I 442 36.91 15.03 23.57
N TRP I 443 37.32 16.18 24.11
CA TRP I 443 38.58 16.79 23.71
C TRP I 443 39.76 16.12 24.41
N LEU I 444 40.68 15.58 23.62
CA LEU I 444 41.88 14.97 24.16
C LEU I 444 43.12 15.77 23.75
N PRO I 445 44.14 15.79 24.62
CA PRO I 445 45.32 16.64 24.45
C PRO I 445 46.37 16.06 23.51
N ILE I 446 46.99 16.93 22.70
CA ILE I 446 48.17 16.55 21.94
C ILE I 446 49.40 16.95 22.75
N ILE I 447 49.96 15.99 23.48
CA ILE I 447 51.06 16.27 24.39
C ILE I 447 52.40 16.31 23.66
N ASN I 448 52.97 17.51 23.53
CA ASN I 448 54.18 17.70 22.77
C ASN I 448 55.38 17.00 23.40
N GLU I 449 55.29 16.71 24.70
CA GLU I 449 56.37 16.05 25.42
C GLU I 449 56.66 14.66 24.86
N TYR I 450 55.68 14.07 24.19
CA TYR I 450 55.83 12.74 23.61
C TYR I 450 56.44 12.79 22.21
N ARG I 451 56.54 13.98 21.65
CA ARG I 451 57.00 14.16 20.27
C ARG I 451 58.39 13.56 20.02
N ALA I 452 59.25 13.58 21.03
CA ALA I 452 60.62 13.12 20.88
C ALA I 452 60.71 11.63 20.55
N THR I 453 59.68 10.87 20.89
CA THR I 453 59.67 9.44 20.60
C THR I 453 59.52 9.16 19.11
N LEU I 454 59.15 10.19 18.35
CA LEU I 454 58.97 10.05 16.91
C LEU I 454 60.23 10.48 16.15
N ASN I 455 61.28 10.84 16.89
CA ASN I 455 62.55 11.21 16.28
C ASN I 455 63.28 9.99 15.74
N SER I 456 63.31 9.85 14.42
CA SER I 456 63.96 8.71 13.77
C SER I 456 65.47 8.89 13.63
N LYS I 457 66.19 7.78 13.64
CA LYS I 457 67.64 7.81 13.50
C LYS I 457 68.09 8.11 12.07
N TYR I 458 67.30 7.66 11.10
CA TYR I 458 67.68 7.81 9.70
C TYR I 458 66.69 8.66 8.91
N ALA I 459 65.40 8.48 9.17
CA ALA I 459 64.37 9.27 8.49
C ALA I 459 64.09 10.55 9.26
N ASP I 460 63.34 11.46 8.64
CA ASP I 460 62.99 12.71 9.29
C ASP I 460 62.14 12.46 10.53
N ILE I 461 61.26 11.47 10.45
CA ILE I 461 60.32 11.21 11.54
C ILE I 461 59.89 9.75 11.55
N ASN I 462 59.59 9.25 12.75
CA ASN I 462 59.07 7.90 12.92
C ASN I 462 57.56 7.83 12.76
N GLN I 463 57.08 6.74 12.16
CA GLN I 463 55.65 6.50 12.03
C GLN I 463 55.03 6.24 13.39
N ILE I 464 55.72 5.46 14.22
CA ILE I 464 55.19 5.10 15.54
C ILE I 464 56.22 5.31 16.64
N SER I 465 55.76 5.26 17.88
CA SER I 465 56.63 5.30 19.05
C SER I 465 56.96 3.90 19.54
N SER I 466 58.15 3.74 20.09
CA SER I 466 58.57 2.46 20.65
C SER I 466 58.19 2.35 22.12
N SER I 467 58.17 3.49 22.80
CA SER I 467 57.92 3.53 24.24
C SER I 467 56.49 3.94 24.59
N VAL I 468 56.12 5.16 24.21
CA VAL I 468 54.82 5.74 24.57
C VAL I 468 53.63 4.86 24.20
N LYS I 469 52.78 4.58 25.19
CA LYS I 469 51.62 3.73 24.98
C LYS I 469 50.35 4.54 24.70
N ALA I 470 50.48 5.86 24.78
CA ALA I 470 49.37 6.75 24.44
C ALA I 470 49.25 6.87 22.92
N SER I 471 48.85 5.79 22.28
CA SER I 471 48.86 5.68 20.82
C SER I 471 48.01 6.76 20.15
N SER I 472 46.88 7.09 20.77
CA SER I 472 45.96 8.07 20.20
C SER I 472 46.62 9.45 20.14
N ILE I 473 47.40 9.78 21.18
CA ILE I 473 48.10 11.05 21.24
C ILE I 473 49.30 11.05 20.29
N VAL I 474 50.03 9.94 20.27
CA VAL I 474 51.19 9.80 19.41
C VAL I 474 50.82 9.92 17.93
N ALA I 475 49.71 9.29 17.55
CA ALA I 475 49.23 9.35 16.18
C ALA I 475 48.88 10.78 15.79
N SER I 476 48.25 11.50 16.73
CA SER I 476 47.90 12.90 16.52
C SER I 476 49.16 13.76 16.36
N LEU I 477 50.20 13.45 17.13
CA LEU I 477 51.46 14.14 17.01
C LEU I 477 52.06 13.95 15.62
N PHE I 478 51.91 12.74 15.09
CA PHE I 478 52.36 12.43 13.74
C PHE I 478 51.64 13.29 12.70
N LEU I 479 50.31 13.28 12.73
CA LEU I 479 49.49 13.99 11.75
C LEU I 479 49.75 15.50 11.77
N LYS I 480 49.97 16.06 12.95
CA LYS I 480 50.19 17.50 13.08
C LYS I 480 51.43 17.95 12.32
N GLU I 481 52.33 17.02 12.06
CA GLU I 481 53.56 17.32 11.33
C GLU I 481 53.31 17.50 9.83
N PHE I 482 52.06 17.31 9.41
CA PHE I 482 51.70 17.39 8.01
C PHE I 482 50.67 18.48 7.76
N VAL I 483 50.50 19.36 8.75
CA VAL I 483 49.69 20.56 8.60
C VAL I 483 50.56 21.76 8.97
N GLN I 484 51.02 22.48 7.95
CA GLN I 484 52.03 23.50 8.12
C GLN I 484 51.49 24.80 8.70
N ASN I 485 50.40 25.31 8.13
CA ASN I 485 49.89 26.63 8.52
C ASN I 485 48.37 26.74 8.42
N THR I 486 47.67 25.72 8.91
CA THR I 486 46.20 25.72 8.86
C THR I 486 45.59 25.15 10.13
N ALA I 487 44.46 25.72 10.54
CA ALA I 487 43.71 25.19 11.67
C ALA I 487 43.23 23.77 11.36
N TRP I 488 43.60 22.83 12.22
CA TRP I 488 43.34 21.42 11.96
C TRP I 488 42.89 20.67 13.20
N ALA I 489 41.88 19.82 13.03
CA ALA I 489 41.37 18.98 14.11
C ALA I 489 41.25 17.53 13.64
N HIS I 490 41.38 16.59 14.58
CA HIS I 490 41.37 15.17 14.27
C HIS I 490 40.43 14.40 15.18
N ILE I 491 39.45 13.73 14.58
CA ILE I 491 38.48 12.96 15.35
C ILE I 491 38.73 11.47 15.20
N ASP I 492 39.08 10.82 16.31
CA ASP I 492 39.36 9.38 16.30
C ASP I 492 38.10 8.61 16.68
N ILE I 493 37.52 7.92 15.70
CA ILE I 493 36.24 7.23 15.89
C ILE I 493 36.36 5.71 15.89
N ALA I 494 37.54 5.21 16.22
CA ALA I 494 37.78 3.77 16.25
C ALA I 494 36.85 3.04 17.22
N GLY I 495 36.60 3.65 18.38
CA GLY I 495 35.81 3.03 19.42
C GLY I 495 34.30 3.19 19.26
N VAL I 496 33.88 4.22 18.53
CA VAL I 496 32.46 4.53 18.43
C VAL I 496 31.87 4.16 17.09
N SER I 497 32.73 3.81 16.14
CA SER I 497 32.29 3.52 14.78
C SER I 497 31.33 2.33 14.72
N TRP I 498 31.70 1.24 15.38
CA TRP I 498 30.90 0.03 15.33
C TRP I 498 30.07 -0.18 16.59
N ASN I 499 28.78 -0.47 16.42
CA ASN I 499 27.92 -0.79 17.54
C ASN I 499 27.98 -2.29 17.80
N PHE I 500 28.80 -2.68 18.76
CA PHE I 500 29.10 -4.10 18.99
C PHE I 500 27.88 -4.87 19.50
N LYS I 501 27.07 -4.22 20.33
CA LYS I 501 25.88 -4.86 20.87
C LYS I 501 24.85 -5.14 19.77
N ALA I 502 24.72 -4.18 18.84
CA ALA I 502 23.72 -4.29 17.79
C ALA I 502 24.26 -4.98 16.53
N ARG I 503 25.56 -5.26 16.53
CA ARG I 503 26.20 -5.94 15.41
C ARG I 503 26.07 -5.14 14.11
N LYS I 504 26.22 -3.82 14.20
CA LYS I 504 26.09 -2.97 13.02
C LYS I 504 26.79 -1.62 13.20
N PRO I 505 27.03 -0.93 12.08
CA PRO I 505 27.69 0.39 12.09
C PRO I 505 26.76 1.47 12.66
N LYS I 506 27.34 2.57 13.10
CA LYS I 506 26.56 3.68 13.61
C LYS I 506 26.40 4.80 12.58
N GLY I 507 27.31 4.84 11.62
CA GLY I 507 27.38 5.96 10.69
C GLY I 507 27.78 7.21 11.46
N PHE I 508 28.64 7.02 12.46
CA PHE I 508 29.05 8.11 13.35
C PHE I 508 29.85 9.17 12.60
N GLY I 509 29.48 10.44 12.81
CA GLY I 509 30.24 11.54 12.26
C GLY I 509 29.52 12.29 11.16
N VAL I 510 28.54 11.65 10.54
CA VAL I 510 27.81 12.27 9.43
C VAL I 510 27.06 13.50 9.88
N ARG I 511 26.28 13.36 10.95
CA ARG I 511 25.51 14.47 11.49
C ARG I 511 26.43 15.49 12.17
N LEU I 512 27.49 14.99 12.80
CA LEU I 512 28.47 15.84 13.45
C LEU I 512 29.13 16.79 12.46
N LEU I 513 29.57 16.25 11.33
CA LEU I 513 30.26 17.03 10.31
C LEU I 513 29.33 18.00 9.60
N THR I 514 28.09 17.59 9.38
CA THR I 514 27.10 18.43 8.70
C THR I 514 26.73 19.66 9.53
N GLU I 515 26.49 19.46 10.81
CA GLU I 515 26.21 20.57 11.72
C GLU I 515 27.39 21.53 11.78
N PHE I 516 28.59 20.98 11.69
CA PHE I 516 29.81 21.78 11.67
C PHE I 516 29.83 22.68 10.43
N VAL I 517 29.48 22.10 9.29
CA VAL I 517 29.43 22.83 8.03
C VAL I 517 28.27 23.85 8.04
N LEU I 518 27.17 23.46 8.67
CA LEU I 518 25.96 24.28 8.69
C LEU I 518 26.01 25.44 9.68
N ASN I 519 26.59 25.21 10.85
CA ASN I 519 26.60 26.23 11.89
C ASN I 519 27.71 27.27 11.72
N ASP I 520 28.45 27.18 10.62
CA ASP I 520 29.51 28.15 10.35
C ASP I 520 29.10 29.05 9.19
N ALA J 2 52.32 4.41 67.92
CA ALA J 2 53.29 3.62 67.19
C ALA J 2 53.12 2.12 67.47
N SER J 3 52.72 1.38 66.44
CA SER J 3 52.53 -0.06 66.57
C SER J 3 53.80 -0.82 66.20
N GLU J 4 53.91 -2.04 66.67
CA GLU J 4 55.08 -2.88 66.39
C GLU J 4 54.95 -3.56 65.03
N VAL J 5 55.98 -3.40 64.20
CA VAL J 5 55.98 -4.00 62.87
C VAL J 5 56.33 -5.48 62.96
N PRO J 6 55.43 -6.34 62.46
CA PRO J 6 55.64 -7.80 62.51
C PRO J 6 56.78 -8.24 61.61
N GLN J 7 57.49 -9.29 62.02
CA GLN J 7 58.60 -9.82 61.25
C GLN J 7 58.44 -11.32 61.00
N VAL J 8 59.05 -11.79 59.91
CA VAL J 8 59.14 -13.22 59.66
C VAL J 8 60.48 -13.72 60.15
N VAL J 9 61.52 -12.94 59.87
CA VAL J 9 62.85 -13.20 60.39
C VAL J 9 63.37 -11.93 61.09
N SER J 10 64.40 -12.09 61.91
CA SER J 10 64.94 -10.98 62.68
C SER J 10 65.59 -9.92 61.78
N LEU J 11 65.89 -10.29 60.55
CA LEU J 11 66.54 -9.39 59.60
C LEU J 11 65.55 -8.48 58.89
N ASP J 12 64.26 -8.75 59.06
CA ASP J 12 63.22 -7.92 58.45
C ASP J 12 63.19 -6.53 59.09
N PRO J 13 63.16 -5.49 58.24
CA PRO J 13 63.15 -4.09 58.72
C PRO J 13 61.87 -3.77 59.49
N THR J 14 61.98 -2.90 60.49
CA THR J 14 60.83 -2.57 61.35
C THR J 14 60.45 -1.10 61.26
N SER J 15 61.01 -0.39 60.29
CA SER J 15 60.67 1.02 60.10
C SER J 15 61.13 1.53 58.74
N ILE J 16 60.45 2.54 58.23
CA ILE J 16 60.84 3.18 56.98
C ILE J 16 61.92 4.21 57.25
N PRO J 17 63.10 4.04 56.63
CA PRO J 17 64.15 5.04 56.76
C PRO J 17 63.74 6.33 56.08
N ILE J 18 63.72 7.42 56.83
CA ILE J 18 63.29 8.70 56.29
C ILE J 18 64.35 9.77 56.52
N GLU J 19 64.74 10.44 55.44
CA GLU J 19 65.68 11.55 55.52
C GLU J 19 64.94 12.88 55.52
N TYR J 20 65.01 13.59 56.64
CA TYR J 20 64.37 14.89 56.79
C TYR J 20 65.34 16.03 56.47
N ASN J 21 66.52 15.99 57.10
CA ASN J 21 67.54 17.01 56.86
C ASN J 21 68.36 16.71 55.61
N THR J 22 67.96 17.31 54.49
CA THR J 22 68.64 17.09 53.22
C THR J 22 69.64 18.21 52.90
N PRO J 23 70.63 17.90 52.07
CA PRO J 23 71.64 18.86 51.59
C PRO J 23 71.03 20.11 50.96
N ILE J 24 69.87 19.95 50.32
CA ILE J 24 69.16 21.06 49.70
C ILE J 24 68.81 22.15 50.71
N HIS J 25 68.45 21.74 51.92
CA HIS J 25 68.05 22.69 52.95
C HIS J 25 69.23 23.57 53.38
N ASP J 26 70.44 23.16 53.03
CA ASP J 26 71.64 23.90 53.40
C ASP J 26 72.12 24.85 52.29
N ILE J 27 71.39 24.89 51.19
CA ILE J 27 71.74 25.74 50.05
C ILE J 27 71.21 27.15 50.20
N LYS J 28 72.14 28.11 50.29
CA LYS J 28 71.80 29.52 50.35
C LYS J 28 71.48 30.07 48.96
N VAL J 29 70.25 30.56 48.77
CA VAL J 29 69.82 31.06 47.47
C VAL J 29 69.78 32.58 47.44
N GLN J 30 70.42 33.17 46.43
CA GLN J 30 70.44 34.61 46.26
C GLN J 30 69.89 34.97 44.88
N VAL J 31 69.01 35.97 44.84
CA VAL J 31 68.43 36.41 43.58
C VAL J 31 68.87 37.83 43.23
N TYR J 32 69.50 37.98 42.07
CA TYR J 32 69.95 39.28 41.61
C TYR J 32 69.20 39.66 40.34
N ASP J 33 69.09 40.96 40.06
CA ASP J 33 68.47 41.41 38.83
C ASP J 33 69.51 41.45 37.72
N ILE J 34 69.15 40.90 36.56
CA ILE J 34 70.07 40.75 35.45
C ILE J 34 70.53 42.06 34.81
N LYS J 35 69.73 43.12 34.95
CA LYS J 35 70.08 44.43 34.40
C LYS J 35 71.35 45.02 35.03
N GLY J 36 71.72 44.50 36.19
CA GLY J 36 72.87 45.01 36.92
C GLY J 36 74.19 44.41 36.50
N GLY J 37 74.13 43.43 35.60
CA GLY J 37 75.33 42.75 35.14
C GLY J 37 75.60 41.53 35.99
N CYS J 38 76.38 40.59 35.45
CA CYS J 38 76.66 39.34 36.15
C CYS J 38 78.09 39.28 36.70
N ASN J 39 78.22 38.84 37.94
CA ASN J 39 79.53 38.59 38.51
C ASN J 39 79.89 37.11 38.41
N VAL J 40 81.11 36.82 37.96
CA VAL J 40 81.59 35.45 37.88
C VAL J 40 82.90 35.35 38.63
N GLU J 41 82.99 34.54 39.68
CA GLU J 41 84.18 34.61 40.53
C GLU J 41 84.30 33.36 41.37
N GLU J 42 83.27 32.52 41.36
CA GLU J 42 83.30 31.30 42.14
C GLU J 42 82.33 30.28 41.56
N GLY J 43 82.66 29.00 41.71
CA GLY J 43 81.75 27.93 41.33
C GLY J 43 81.50 27.84 39.85
N LEU J 44 80.32 27.34 39.49
CA LEU J 44 79.92 27.16 38.10
C LEU J 44 78.85 28.15 37.69
N THR J 45 79.06 28.82 36.56
CA THR J 45 78.07 29.76 36.04
C THR J 45 77.50 29.28 34.72
N ILE J 46 76.20 29.04 34.70
CA ILE J 46 75.54 28.52 33.50
C ILE J 46 74.52 29.52 32.96
N PHE J 47 74.61 29.78 31.65
CA PHE J 47 73.65 30.67 30.99
C PHE J 47 72.55 29.87 30.31
N LEU J 48 71.30 30.19 30.62
CA LEU J 48 70.17 29.58 29.95
C LEU J 48 69.78 30.44 28.75
N VAL J 49 70.09 29.94 27.56
CA VAL J 49 69.95 30.73 26.34
C VAL J 49 69.11 30.03 25.28
N ASN J 50 68.39 30.84 24.49
CA ASN J 50 67.63 30.33 23.37
C ASN J 50 67.96 31.11 22.10
N ASN J 51 67.33 30.73 20.99
CA ASN J 51 67.48 31.47 19.74
C ASN J 51 66.16 31.45 18.97
N PRO J 52 65.29 32.42 19.29
CA PRO J 52 63.94 32.54 18.71
C PRO J 52 63.95 32.62 17.19
N GLY J 53 63.21 31.74 16.53
CA GLY J 53 63.10 31.73 15.08
C GLY J 53 64.08 30.77 14.44
N LYS J 54 65.37 30.98 14.69
CA LYS J 54 66.42 30.16 14.12
C LYS J 54 66.56 28.85 14.90
N GLU J 55 65.94 27.79 14.40
CA GLU J 55 66.02 26.51 15.08
C GLU J 55 67.45 25.99 15.05
N ASN J 56 67.76 25.08 15.96
CA ASN J 56 69.12 24.87 16.47
C ASN J 56 70.09 26.02 16.14
N GLY J 57 69.70 27.23 16.52
CA GLY J 57 70.50 28.41 16.22
C GLY J 57 71.75 28.50 17.08
N PRO J 58 72.65 29.42 16.74
CA PRO J 58 73.91 29.59 17.49
C PRO J 58 73.67 30.20 18.87
N VAL J 59 74.56 29.93 19.81
CA VAL J 59 74.47 30.49 21.15
C VAL J 59 75.03 31.91 21.20
N LYS J 60 74.25 32.83 21.76
CA LYS J 60 74.71 34.20 21.91
C LYS J 60 74.44 34.73 23.32
N ILE J 61 75.51 35.10 24.02
CA ILE J 61 75.40 35.63 25.37
C ILE J 61 75.27 37.15 25.35
N SER J 62 74.17 37.65 25.88
CA SER J 62 73.87 39.07 25.81
C SER J 62 74.25 39.83 27.08
N SER J 63 74.19 39.15 28.23
CA SER J 63 74.43 39.78 29.51
C SER J 63 75.87 40.26 29.69
N LYS J 64 76.03 41.41 30.35
CA LYS J 64 77.34 41.93 30.69
C LYS J 64 77.93 41.19 31.88
N VAL J 65 79.18 40.76 31.74
CA VAL J 65 79.86 40.05 32.81
C VAL J 65 80.98 40.91 33.38
N ASN J 66 80.94 41.15 34.69
CA ASN J 66 81.91 42.02 35.34
C ASN J 66 83.27 41.35 35.50
N ASP J 67 83.72 40.68 34.45
CA ASP J 67 85.03 40.02 34.44
C ASP J 67 85.57 39.94 33.03
N LYS J 68 86.81 40.38 32.84
CA LYS J 68 87.42 40.46 31.51
C LYS J 68 87.68 39.10 30.88
N GLN J 69 88.24 38.18 31.67
CA GLN J 69 88.57 36.85 31.16
C GLN J 69 87.33 36.07 30.71
N VAL J 70 86.29 36.11 31.52
CA VAL J 70 85.05 35.40 31.21
C VAL J 70 84.34 36.09 30.05
N SER J 71 84.45 37.41 30.00
CA SER J 71 83.84 38.19 28.93
C SER J 71 84.43 37.83 27.57
N GLU J 72 85.74 37.58 27.54
CA GLU J 72 86.39 37.17 26.30
C GLU J 72 85.89 35.80 25.89
N PHE J 73 85.67 34.95 26.88
CA PHE J 73 85.15 33.61 26.65
C PHE J 73 83.75 33.64 26.05
N LEU J 74 82.90 34.53 26.55
CA LEU J 74 81.51 34.58 26.12
C LEU J 74 81.28 35.44 24.87
N LYS J 75 82.36 35.90 24.23
CA LYS J 75 82.22 36.70 23.03
C LYS J 75 81.58 35.89 21.91
N ASP J 76 80.84 36.56 21.03
CA ASP J 76 80.06 35.89 19.98
C ASP J 76 80.87 34.94 19.11
N GLU J 77 82.10 35.31 18.77
CA GLU J 77 82.94 34.48 17.92
C GLU J 77 83.17 33.11 18.53
N ASN J 78 83.34 33.08 19.85
CA ASN J 78 83.56 31.81 20.55
C ASN J 78 82.28 30.99 20.76
N MET J 79 81.18 31.68 21.06
CA MET J 79 79.94 30.99 21.41
C MET J 79 79.15 30.50 20.20
N GLU J 80 79.46 31.04 19.03
CA GLU J 80 78.71 30.69 17.82
C GLU J 80 79.02 29.26 17.37
N LYS J 81 80.03 28.65 17.98
CA LYS J 81 80.40 27.28 17.64
C LYS J 81 79.46 26.30 18.35
N PHE J 82 78.66 26.83 19.27
CA PHE J 82 77.67 26.04 20.00
C PHE J 82 76.26 26.41 19.55
N ASN J 83 75.33 25.47 19.66
CA ASN J 83 73.96 25.72 19.26
C ASN J 83 73.01 25.61 20.44
N VAL J 84 71.78 26.08 20.26
CA VAL J 84 70.83 26.20 21.36
C VAL J 84 69.80 25.07 21.38
N LYS J 85 70.12 23.96 20.73
CA LYS J 85 69.26 22.78 20.72
C LYS J 85 68.86 22.42 22.15
N LEU J 86 67.56 22.27 22.38
CA LEU J 86 67.03 22.06 23.72
C LEU J 86 67.70 20.89 24.45
N GLY J 87 68.36 21.21 25.56
CA GLY J 87 69.02 20.21 26.37
C GLY J 87 70.53 20.19 26.19
N THR J 88 70.99 20.74 25.07
CA THR J 88 72.42 20.81 24.77
C THR J 88 73.13 21.68 25.79
N SER J 89 74.36 21.31 26.14
CA SER J 89 75.12 22.07 27.12
C SER J 89 76.63 21.96 26.89
N LYS J 90 77.33 23.03 27.28
CA LYS J 90 78.78 23.08 27.21
C LYS J 90 79.27 23.84 28.43
N HIS J 91 80.41 23.47 28.97
CA HIS J 91 81.00 24.23 30.06
C HIS J 91 82.52 24.04 30.12
N PHE J 92 83.21 25.15 30.37
CA PHE J 92 84.67 25.19 30.39
C PHE J 92 85.22 25.66 31.74
N TYR J 93 86.40 25.16 32.07
CA TYR J 93 87.09 25.57 33.28
C TYR J 93 88.18 26.55 32.88
N MET J 94 88.29 27.64 33.64
CA MET J 94 89.22 28.70 33.32
C MET J 94 89.49 29.58 34.54
N PHE J 95 90.46 30.47 34.40
CA PHE J 95 90.80 31.40 35.47
C PHE J 95 90.22 32.78 35.18
N ASN J 96 89.67 33.41 36.21
CA ASN J 96 89.11 34.75 36.08
C ASN J 96 90.21 35.79 36.25
N ASP J 97 89.81 37.05 36.39
CA ASP J 97 90.77 38.14 36.51
C ASP J 97 91.64 38.01 37.77
N ASN J 98 91.13 37.27 38.75
CA ASN J 98 91.85 37.08 40.01
C ASN J 98 92.61 35.75 40.05
N LYS J 99 92.82 35.14 38.89
CA LYS J 99 93.50 33.85 38.80
C LYS J 99 92.77 32.78 39.61
N ASN J 100 91.46 32.90 39.70
CA ASN J 100 90.65 31.91 40.39
C ASN J 100 90.00 30.93 39.43
N SER J 101 89.90 29.67 39.86
CA SER J 101 89.29 28.65 39.02
C SER J 101 87.78 28.82 38.94
N VAL J 102 87.27 28.95 37.73
CA VAL J 102 85.84 29.08 37.52
C VAL J 102 85.37 28.20 36.38
N ALA J 103 84.13 27.75 36.47
CA ALA J 103 83.52 26.96 35.42
C ALA J 103 82.40 27.77 34.78
N VAL J 104 82.41 27.88 33.46
CA VAL J 104 81.38 28.64 32.78
C VAL J 104 80.78 27.81 31.66
N GLY J 105 79.50 28.01 31.40
CA GLY J 105 78.81 27.24 30.39
C GLY J 105 77.40 27.73 30.11
N TYR J 106 76.67 26.95 29.32
CA TYR J 106 75.30 27.29 28.97
C TYR J 106 74.44 26.03 28.86
N VAL J 107 73.13 26.21 28.87
CA VAL J 107 72.20 25.15 28.56
C VAL J 107 71.23 25.64 27.51
N GLY J 108 71.13 24.92 26.39
CA GLY J 108 70.26 25.33 25.30
C GLY J 108 68.80 25.26 25.66
N CYS J 109 68.06 26.32 25.37
CA CYS J 109 66.64 26.36 25.69
C CYS J 109 65.78 26.43 24.42
N GLY J 110 66.38 26.08 23.29
CA GLY J 110 65.66 25.96 22.04
C GLY J 110 65.43 27.27 21.31
N SER J 111 64.46 27.25 20.41
CA SER J 111 64.16 28.42 19.58
C SER J 111 62.80 28.99 19.91
N VAL J 112 62.07 28.33 20.81
CA VAL J 112 60.75 28.78 21.22
C VAL J 112 60.87 29.70 22.43
N ALA J 113 60.12 30.81 22.40
CA ALA J 113 60.20 31.81 23.45
C ALA J 113 59.59 31.36 24.77
N ASP J 114 58.50 30.61 24.70
CA ASP J 114 57.81 30.18 25.92
C ASP J 114 58.01 28.69 26.21
N LEU J 115 58.86 28.42 27.17
CA LEU J 115 59.15 27.04 27.57
C LEU J 115 58.00 26.42 28.36
N SER J 116 57.72 25.15 28.09
CA SER J 116 56.71 24.41 28.82
C SER J 116 57.30 23.74 30.07
N GLU J 117 56.44 23.15 30.88
CA GLU J 117 56.88 22.43 32.06
C GLU J 117 57.84 21.31 31.66
N ALA J 118 57.52 20.67 30.54
CA ALA J 118 58.35 19.59 30.02
C ALA J 118 59.68 20.15 29.48
N ASP J 119 59.62 21.29 28.82
CA ASP J 119 60.82 21.94 28.30
C ASP J 119 61.79 22.29 29.42
N MET J 120 61.26 22.93 30.46
CA MET J 120 62.08 23.33 31.60
C MET J 120 62.67 22.12 32.31
N LYS J 121 61.92 21.03 32.30
CA LYS J 121 62.40 19.78 32.90
C LYS J 121 63.64 19.26 32.20
N ARG J 122 63.64 19.34 30.86
CA ARG J 122 64.79 18.89 30.08
C ARG J 122 65.99 19.79 30.29
N VAL J 123 65.73 21.08 30.46
CA VAL J 123 66.80 22.04 30.73
C VAL J 123 67.44 21.80 32.08
N VAL J 124 66.60 21.60 33.09
CA VAL J 124 67.06 21.38 34.46
C VAL J 124 67.86 20.09 34.56
N LEU J 125 67.39 19.05 33.86
CA LEU J 125 68.07 17.76 33.86
C LEU J 125 69.46 17.90 33.25
N SER J 126 69.56 18.71 32.20
CA SER J 126 70.85 19.00 31.57
C SER J 126 71.79 19.70 32.53
N LEU J 127 71.24 20.61 33.33
CA LEU J 127 72.01 21.34 34.32
C LEU J 127 72.50 20.43 35.44
N VAL J 128 71.62 19.57 35.94
CA VAL J 128 71.94 18.66 37.03
C VAL J 128 73.03 17.68 36.63
N THR J 129 73.08 17.34 35.35
CA THR J 129 74.11 16.43 34.86
C THR J 129 75.49 17.05 35.09
N MET J 130 75.58 18.36 34.96
CA MET J 130 76.84 19.05 35.21
C MET J 130 77.15 19.16 36.70
N LEU J 131 76.11 19.21 37.53
CA LEU J 131 76.31 19.33 38.96
C LEU J 131 76.81 18.03 39.57
N HIS J 132 76.42 16.91 38.98
CA HIS J 132 76.81 15.60 39.47
C HIS J 132 78.24 15.27 39.06
N ASP J 133 78.83 16.14 38.25
CA ASP J 133 80.21 15.95 37.78
C ASP J 133 81.12 17.09 38.23
N ASN J 134 80.67 17.88 39.19
CA ASN J 134 81.46 19.01 39.65
C ASN J 134 81.50 19.18 41.16
N LYS J 135 82.69 19.26 41.73
CA LYS J 135 82.83 19.48 43.16
C LYS J 135 82.86 20.98 43.40
N LEU J 136 81.73 21.63 43.13
CA LEU J 136 81.62 23.08 43.25
C LEU J 136 80.95 23.51 44.55
N SER J 137 81.30 24.70 45.01
CA SER J 137 80.68 25.26 46.21
C SER J 137 79.45 26.08 45.81
N LYS J 138 79.44 26.59 44.58
CA LYS J 138 78.38 27.46 44.14
C LYS J 138 77.98 27.28 42.68
N LEU J 139 76.68 27.29 42.42
CA LEU J 139 76.15 27.29 41.06
C LEU J 139 75.43 28.61 40.81
N THR J 140 75.68 29.21 39.64
CA THR J 140 75.03 30.45 39.29
C THR J 140 74.31 30.34 37.95
N VAL J 141 73.01 30.61 37.95
CA VAL J 141 72.21 30.52 36.74
C VAL J 141 71.76 31.90 36.26
N VAL J 142 72.07 32.21 35.01
CA VAL J 142 71.68 33.48 34.41
C VAL J 142 70.57 33.26 33.40
N PHE J 143 69.39 33.80 33.69
CA PHE J 143 68.24 33.63 32.81
C PHE J 143 68.24 34.64 31.67
N GLU J 144 68.69 34.20 30.50
CA GLU J 144 68.60 35.03 29.31
C GLU J 144 67.42 34.55 28.46
N ILE J 145 66.44 34.00 29.17
CA ILE J 145 65.17 33.56 28.59
C ILE J 145 64.04 34.09 29.45
N ASN J 146 62.82 34.01 28.94
CA ASN J 146 61.65 34.55 29.64
C ASN J 146 60.87 33.50 30.42
N VAL J 147 60.78 33.71 31.73
CA VAL J 147 60.00 32.83 32.58
C VAL J 147 59.20 33.61 33.62
N ASP J 148 57.99 33.16 33.91
CA ASP J 148 57.13 33.76 34.92
C ASP J 148 57.42 33.19 36.32
N LYS J 149 56.74 33.77 37.30
CA LYS J 149 56.91 33.41 38.71
C LYS J 149 56.62 31.92 38.99
N ASN J 150 55.54 31.38 38.44
CA ASN J 150 55.21 29.98 38.61
C ASN J 150 56.25 29.06 37.97
N LEU J 151 56.69 29.40 36.76
CA LEU J 151 57.67 28.59 36.05
C LEU J 151 59.05 28.67 36.71
N PHE J 152 59.38 29.84 37.26
CA PHE J 152 60.62 30.00 37.98
C PHE J 152 60.67 29.13 39.23
N ARG J 153 59.58 29.13 39.99
CA ARG J 153 59.51 28.30 41.19
C ARG J 153 59.59 26.83 40.78
N PHE J 154 58.95 26.50 39.67
CA PHE J 154 59.01 25.15 39.12
C PHE J 154 60.45 24.80 38.77
N PHE J 155 61.19 25.80 38.29
CA PHE J 155 62.61 25.65 38.00
C PHE J 155 63.37 25.19 39.24
N LEU J 156 63.17 25.93 40.33
CA LEU J 156 63.84 25.68 41.59
C LEU J 156 63.45 24.33 42.19
N GLU J 157 62.15 24.06 42.26
CA GLU J 157 61.64 22.79 42.77
C GLU J 157 62.24 21.59 42.05
N THR J 158 62.15 21.62 40.72
CA THR J 158 62.64 20.54 39.88
C THR J 158 64.16 20.41 40.01
N LEU J 159 64.84 21.56 40.09
CA LEU J 159 66.29 21.58 40.25
C LEU J 159 66.66 20.83 41.52
N PHE J 160 66.03 21.21 42.63
CA PHE J 160 66.27 20.56 43.91
C PHE J 160 65.97 19.07 43.87
N TYR J 161 64.82 18.70 43.30
CA TYR J 161 64.36 17.32 43.31
C TYR J 161 65.28 16.40 42.51
N GLU J 162 65.65 16.83 41.30
CA GLU J 162 66.50 16.01 40.44
C GLU J 162 67.94 16.02 40.96
N TYR J 163 68.33 17.14 41.56
CA TYR J 163 69.65 17.27 42.15
C TYR J 163 69.85 16.28 43.28
N MET J 164 68.83 16.15 44.13
CA MET J 164 68.88 15.27 45.29
C MET J 164 68.94 13.79 44.87
N THR J 165 69.83 13.05 45.49
CA THR J 165 69.94 11.61 45.24
C THR J 165 69.70 10.84 46.53
N ASP J 166 68.86 9.81 46.45
CA ASP J 166 68.46 9.02 47.60
C ASP J 166 69.43 7.86 47.86
N GLU J 167 70.07 7.88 49.03
CA GLU J 167 71.09 6.90 49.37
C GLU J 167 70.73 6.13 50.64
N ARG J 168 69.44 6.11 50.98
CA ARG J 168 68.98 5.42 52.18
C ARG J 168 69.26 3.93 52.16
N PHE J 169 69.32 3.35 50.97
CA PHE J 169 69.47 1.91 50.82
C PHE J 169 70.83 1.57 50.23
N LYS J 170 71.71 2.55 50.24
CA LYS J 170 73.08 2.44 49.74
C LYS J 170 74.03 2.08 50.89
N SER J 171 74.87 1.07 50.69
CA SER J 171 75.85 0.70 51.70
C SER J 171 77.18 1.41 51.45
N GLU J 179 78.86 15.81 48.29
CA GLU J 179 79.38 17.16 48.18
C GLU J 179 78.47 18.05 47.34
N TYR J 180 77.35 18.46 47.92
CA TYR J 180 76.40 19.34 47.25
C TYR J 180 76.88 20.78 47.34
N ILE J 181 76.47 21.61 46.38
CA ILE J 181 76.76 23.03 46.45
C ILE J 181 76.11 23.66 47.68
N LYS J 182 76.71 24.73 48.19
CA LYS J 182 76.17 25.41 49.36
C LYS J 182 75.55 26.75 48.96
N HIS J 183 75.76 27.16 47.72
CA HIS J 183 75.25 28.43 47.24
C HIS J 183 74.68 28.34 45.83
N LEU J 184 73.54 28.99 45.62
CA LEU J 184 72.93 29.08 44.30
C LEU J 184 72.61 30.53 43.95
N GLY J 185 73.27 31.04 42.92
CA GLY J 185 73.04 32.40 42.48
C GLY J 185 72.16 32.45 41.25
N VAL J 186 71.20 33.37 41.24
CA VAL J 186 70.27 33.49 40.13
C VAL J 186 70.19 34.92 39.60
N TYR J 187 70.54 35.09 38.33
CA TYR J 187 70.36 36.37 37.66
C TYR J 187 69.10 36.31 36.80
N ILE J 188 68.15 37.18 37.09
CA ILE J 188 66.89 37.20 36.35
C ILE J 188 66.34 38.63 36.31
N ASN J 189 65.35 38.85 35.46
CA ASN J 189 64.71 40.16 35.36
C ASN J 189 63.55 40.25 36.33
N ASN J 190 63.42 41.40 36.99
CA ASN J 190 62.43 41.59 38.04
C ASN J 190 62.69 40.67 39.22
N ALA J 191 63.96 40.60 39.63
CA ALA J 191 64.39 39.66 40.68
C ALA J 191 63.60 39.81 41.97
N ASP J 192 63.21 41.03 42.30
CA ASP J 192 62.47 41.30 43.54
C ASP J 192 61.15 40.54 43.59
N THR J 193 60.53 40.37 42.42
CA THR J 193 59.24 39.69 42.32
C THR J 193 59.35 38.17 42.48
N TYR J 194 60.51 37.63 42.13
CA TYR J 194 60.72 36.18 42.16
C TYR J 194 61.26 35.69 43.50
N LYS J 195 61.74 36.61 44.32
CA LYS J 195 62.40 36.25 45.58
C LYS J 195 61.48 35.50 46.55
N GLU J 196 60.21 35.88 46.57
CA GLU J 196 59.25 35.27 47.49
C GLU J 196 58.93 33.83 47.12
N GLU J 197 59.26 33.44 45.89
CA GLU J 197 59.00 32.08 45.41
C GLU J 197 60.03 31.06 45.88
N VAL J 198 61.20 31.55 46.30
CA VAL J 198 62.32 30.68 46.65
C VAL J 198 62.01 29.68 47.76
N GLU J 199 61.58 30.17 48.91
CA GLU J 199 61.33 29.31 50.05
C GLU J 199 60.04 28.50 49.90
N LYS J 200 59.14 28.98 49.06
CA LYS J 200 57.94 28.21 48.73
C LYS J 200 58.36 27.01 47.89
N ALA J 201 59.35 27.22 47.04
CA ALA J 201 59.93 26.15 46.23
C ALA J 201 60.62 25.13 47.13
N ARG J 202 61.31 25.63 48.15
CA ARG J 202 62.02 24.78 49.10
C ARG J 202 61.06 23.85 49.82
N VAL J 203 59.90 24.40 50.20
CA VAL J 203 58.87 23.64 50.90
C VAL J 203 58.24 22.60 49.97
N TYR J 204 57.87 23.05 48.78
CA TYR J 204 57.30 22.16 47.77
C TYR J 204 58.27 21.04 47.41
N TYR J 205 59.56 21.38 47.43
CA TYR J 205 60.61 20.41 47.14
C TYR J 205 60.57 19.21 48.09
N PHE J 206 60.56 19.47 49.40
CA PHE J 206 60.65 18.39 50.37
C PHE J 206 59.34 17.61 50.47
N GLY J 207 58.22 18.31 50.33
CA GLY J 207 56.92 17.67 50.30
C GLY J 207 56.89 16.64 49.18
N THR J 208 57.44 17.02 48.05
CA THR J 208 57.55 16.14 46.90
C THR J 208 58.56 15.04 47.16
N TYR J 209 59.70 15.40 47.74
CA TYR J 209 60.77 14.45 48.01
C TYR J 209 60.40 13.46 49.11
N TYR J 210 59.63 13.92 50.09
CA TYR J 210 59.14 13.06 51.17
C TYR J 210 58.33 11.90 50.60
N ALA J 211 57.35 12.23 49.75
CA ALA J 211 56.51 11.23 49.11
C ALA J 211 57.34 10.29 48.24
N SER J 212 58.31 10.87 47.53
CA SER J 212 59.24 10.09 46.71
C SER J 212 59.94 9.01 47.55
N GLN J 213 60.31 9.39 48.77
CA GLN J 213 61.00 8.48 49.68
C GLN J 213 60.13 7.29 50.08
N LEU J 214 58.84 7.56 50.30
CA LEU J 214 57.90 6.51 50.68
C LEU J 214 57.64 5.53 49.54
N ILE J 215 57.48 6.07 48.34
CA ILE J 215 57.21 5.25 47.16
C ILE J 215 58.44 4.44 46.78
N ALA J 216 59.60 5.11 46.73
CA ALA J 216 60.85 4.44 46.37
C ALA J 216 61.19 3.36 47.38
N ALA J 217 60.78 3.56 48.62
CA ALA J 217 60.97 2.58 49.67
C ALA J 217 60.29 1.25 49.34
N PRO J 218 61.06 0.15 49.35
CA PRO J 218 60.54 -1.17 49.01
C PRO J 218 59.44 -1.60 49.97
N SER J 219 58.64 -2.60 49.57
CA SER J 219 57.46 -2.99 50.32
C SER J 219 57.80 -3.67 51.64
N ASN J 220 59.02 -4.18 51.77
CA ASN J 220 59.46 -4.79 53.02
C ASN J 220 59.83 -3.74 54.07
N TYR J 221 60.25 -2.57 53.60
CA TYR J 221 60.49 -1.44 54.50
C TYR J 221 59.20 -0.65 54.70
N CYS J 222 58.52 -0.35 53.60
CA CYS J 222 57.29 0.43 53.64
C CYS J 222 56.06 -0.48 53.64
N ASN J 223 55.51 -0.71 54.82
CA ASN J 223 54.29 -1.50 54.97
C ASN J 223 53.22 -0.69 55.68
N PRO J 224 52.00 -1.25 55.78
CA PRO J 224 50.88 -0.55 56.43
C PRO J 224 51.20 -0.05 57.84
N VAL J 225 51.98 -0.81 58.59
CA VAL J 225 52.32 -0.43 59.96
C VAL J 225 53.40 0.66 60.01
N SER J 226 54.47 0.47 59.24
CA SER J 226 55.59 1.41 59.26
C SER J 226 55.20 2.71 58.60
N LEU J 227 54.29 2.63 57.62
CA LEU J 227 53.83 3.80 56.91
C LEU J 227 52.93 4.66 57.80
N SER J 228 52.06 4.01 58.56
CA SER J 228 51.18 4.71 59.48
C SER J 228 51.97 5.34 60.62
N ASN J 229 53.00 4.62 61.08
CA ASN J 229 53.89 5.15 62.11
C ASN J 229 54.64 6.38 61.61
N ALA J 230 55.09 6.32 60.36
CA ALA J 230 55.78 7.44 59.73
C ALA J 230 54.86 8.64 59.60
N ALA J 231 53.58 8.37 59.35
CA ALA J 231 52.58 9.44 59.23
C ALA J 231 52.37 10.08 60.59
N VAL J 232 52.40 9.26 61.63
CA VAL J 232 52.27 9.74 63.01
C VAL J 232 53.47 10.60 63.35
N GLU J 233 54.65 10.14 62.94
CA GLU J 233 55.89 10.86 63.16
C GLU J 233 55.85 12.23 62.47
N LEU J 234 55.32 12.24 61.24
CA LEU J 234 55.18 13.46 60.47
C LEU J 234 54.18 14.41 61.13
N ALA J 235 53.10 13.85 61.66
CA ALA J 235 52.06 14.64 62.31
C ALA J 235 52.56 15.28 63.59
N GLN J 236 53.45 14.59 64.30
CA GLN J 236 53.97 15.09 65.56
C GLN J 236 54.94 16.25 65.33
N LYS J 237 55.70 16.17 64.24
CA LYS J 237 56.65 17.23 63.91
C LYS J 237 55.96 18.46 63.32
N LEU J 238 54.77 18.26 62.77
CA LEU J 238 54.02 19.35 62.16
C LEU J 238 52.94 19.90 63.09
N ASN J 239 52.79 19.27 64.26
CA ASN J 239 51.79 19.67 65.22
C ASN J 239 50.39 19.44 64.67
N LEU J 240 50.21 18.32 63.99
CA LEU J 240 48.92 17.96 63.42
C LEU J 240 48.17 16.98 64.31
N GLU J 241 46.86 17.12 64.36
CA GLU J 241 46.05 16.12 65.05
C GLU J 241 46.15 14.82 64.25
N TYR J 242 46.25 13.70 64.94
CA TYR J 242 46.40 12.42 64.24
C TYR J 242 45.62 11.29 64.91
N LYS J 243 45.19 10.33 64.08
CA LYS J 243 44.47 9.17 64.57
C LYS J 243 44.69 7.99 63.63
N ILE J 244 45.17 6.88 64.18
CA ILE J 244 45.39 5.67 63.39
C ILE J 244 44.41 4.60 63.82
N LEU J 245 43.45 4.28 62.96
CA LEU J 245 42.44 3.28 63.28
C LEU J 245 42.92 1.87 62.95
N GLY J 246 42.81 0.98 63.94
CA GLY J 246 43.22 -0.40 63.76
C GLY J 246 42.06 -1.27 63.31
N VAL J 247 42.30 -2.57 63.24
CA VAL J 247 41.30 -3.51 62.74
C VAL J 247 40.02 -3.51 63.59
N LYS J 248 40.18 -3.39 64.90
CA LYS J 248 39.03 -3.40 65.80
C LYS J 248 38.10 -2.21 65.56
N GLU J 249 38.67 -1.04 65.31
CA GLU J 249 37.85 0.13 65.02
C GLU J 249 37.24 0.01 63.62
N LEU J 250 38.00 -0.56 62.70
CA LEU J 250 37.54 -0.74 61.33
C LEU J 250 36.35 -1.69 61.30
N GLU J 251 36.37 -2.67 62.20
CA GLU J 251 35.26 -3.59 62.34
C GLU J 251 34.01 -2.87 62.88
N GLU J 252 34.20 -1.98 63.86
CA GLU J 252 33.09 -1.19 64.39
C GLU J 252 32.51 -0.27 63.32
N LEU J 253 33.36 0.25 62.45
CA LEU J 253 32.90 1.17 61.41
C LEU J 253 32.35 0.43 60.19
N LYS J 254 32.35 -0.90 60.26
CA LYS J 254 31.77 -1.73 59.22
C LYS J 254 32.46 -1.51 57.88
N MET J 255 33.78 -1.37 57.90
CA MET J 255 34.55 -1.18 56.67
C MET J 255 34.96 -2.52 56.05
N GLY J 256 33.99 -3.21 55.47
CA GLY J 256 34.21 -4.54 54.94
C GLY J 256 35.00 -4.61 53.63
N ALA J 257 34.87 -3.57 52.80
CA ALA J 257 35.59 -3.53 51.53
C ALA J 257 37.09 -3.35 51.74
N TYR J 258 37.43 -2.38 52.58
CA TYR J 258 38.82 -2.09 52.89
C TYR J 258 39.49 -3.25 53.61
N LEU J 259 38.76 -3.87 54.54
CA LEU J 259 39.28 -4.98 55.32
C LEU J 259 39.50 -6.24 54.48
N SER J 260 38.66 -6.43 53.46
CA SER J 260 38.75 -7.61 52.61
C SER J 260 40.07 -7.65 51.84
N VAL J 261 40.50 -6.51 51.33
CA VAL J 261 41.74 -6.42 50.56
C VAL J 261 42.96 -6.83 51.37
N GLY J 262 42.95 -6.52 52.66
CA GLY J 262 44.08 -6.77 53.52
C GLY J 262 44.06 -8.09 54.28
N LYS J 263 43.03 -8.90 54.03
CA LYS J 263 42.87 -10.17 54.74
C LYS J 263 44.07 -11.11 54.57
N GLY J 264 44.69 -11.08 53.40
CA GLY J 264 45.78 -11.99 53.09
C GLY J 264 47.16 -11.50 53.48
N SER J 265 47.22 -10.35 54.16
CA SER J 265 48.49 -9.76 54.53
C SER J 265 48.89 -10.12 55.96
N MET J 266 50.20 -10.17 56.21
CA MET J 266 50.71 -10.40 57.56
C MET J 266 50.67 -9.10 58.35
N TYR J 267 50.51 -7.99 57.65
CA TYR J 267 50.45 -6.68 58.27
C TYR J 267 49.00 -6.24 58.46
N PRO J 268 48.62 -5.89 59.70
CA PRO J 268 47.27 -5.41 59.97
C PRO J 268 46.98 -4.12 59.22
N ASN J 269 45.73 -3.94 58.80
CA ASN J 269 45.32 -2.71 58.12
C ASN J 269 45.46 -1.50 59.03
N LYS J 270 45.84 -0.37 58.43
CA LYS J 270 46.00 0.87 59.19
C LYS J 270 45.37 2.04 58.44
N PHE J 271 44.36 2.66 59.05
CA PHE J 271 43.68 3.79 58.45
C PHE J 271 44.26 5.09 59.00
N ILE J 272 44.89 5.87 58.12
CA ILE J 272 45.53 7.12 58.52
C ILE J 272 44.58 8.30 58.45
N HIS J 273 44.50 9.06 59.55
CA HIS J 273 43.68 10.26 59.60
C HIS J 273 44.48 11.40 60.24
N LEU J 274 45.04 12.25 59.39
CA LEU J 274 45.72 13.44 59.85
C LEU J 274 44.81 14.65 59.68
N THR J 275 44.92 15.63 60.57
CA THR J 275 44.07 16.81 60.48
C THR J 275 44.83 18.10 60.73
N TYR J 276 44.65 19.07 59.83
CA TYR J 276 45.15 20.42 60.02
C TYR J 276 43.99 21.36 60.25
N LYS J 277 44.01 22.07 61.38
CA LYS J 277 42.97 23.05 61.66
C LYS J 277 43.53 24.46 61.81
N SER J 278 42.94 25.40 61.08
CA SER J 278 43.36 26.79 61.13
C SER J 278 42.95 27.41 62.46
N LYS J 279 43.74 28.35 62.96
CA LYS J 279 43.42 28.99 64.23
C LYS J 279 42.32 30.01 64.02
N GLY J 280 42.12 30.41 62.77
CA GLY J 280 41.09 31.36 62.41
C GLY J 280 39.76 30.65 62.26
N ASP J 281 38.70 31.42 62.02
CA ASP J 281 37.37 30.83 61.87
C ASP J 281 37.31 30.02 60.58
N VAL J 282 37.21 28.70 60.72
CA VAL J 282 37.24 27.81 59.57
C VAL J 282 36.09 28.10 58.61
N LYS J 283 36.39 28.08 57.32
CA LYS J 283 35.42 28.43 56.29
C LYS J 283 35.29 27.29 55.27
N LYS J 284 36.42 26.84 54.74
CA LYS J 284 36.42 25.68 53.86
C LYS J 284 36.96 24.43 54.56
N LYS J 285 36.20 23.33 54.46
CA LYS J 285 36.64 22.05 55.01
C LYS J 285 36.99 21.08 53.87
N ILE J 286 38.19 20.51 53.93
CA ILE J 286 38.66 19.67 52.82
C ILE J 286 39.16 18.30 53.28
N ALA J 287 38.79 17.27 52.53
CA ALA J 287 39.29 15.92 52.78
C ALA J 287 40.15 15.45 51.61
N LEU J 288 41.39 15.09 51.91
CA LEU J 288 42.29 14.56 50.89
C LEU J 288 42.49 13.06 51.09
N VAL J 289 42.06 12.28 50.11
CA VAL J 289 42.10 10.82 50.21
C VAL J 289 43.12 10.21 49.26
N GLY J 290 44.07 9.46 49.82
CA GLY J 290 45.09 8.82 49.01
C GLY J 290 45.06 7.30 49.08
N LYS J 291 45.20 6.67 47.93
CA LYS J 291 45.28 5.21 47.87
C LYS J 291 46.56 4.73 48.53
N GLY J 292 46.44 3.78 49.46
CA GLY J 292 47.59 3.32 50.21
C GLY J 292 47.81 1.82 50.17
N ILE J 293 48.14 1.31 48.99
CA ILE J 293 48.51 -0.10 48.86
C ILE J 293 50.03 -0.22 48.86
N THR J 294 50.59 -0.70 49.97
CA THR J 294 52.03 -0.75 50.13
C THR J 294 52.68 -1.71 49.14
N PHE J 295 51.93 -2.75 48.76
CA PHE J 295 52.34 -3.61 47.65
C PHE J 295 51.13 -4.29 47.02
N ASP J 296 51.08 -4.26 45.69
CA ASP J 296 49.99 -4.88 44.94
C ASP J 296 50.46 -6.08 44.13
N SER J 297 50.26 -7.28 44.69
CA SER J 297 50.57 -8.50 43.98
C SER J 297 49.42 -8.85 43.03
N GLY J 298 48.26 -8.26 43.30
CA GLY J 298 47.07 -8.51 42.51
C GLY J 298 46.12 -9.47 43.20
N GLY J 299 46.58 -10.07 44.30
CA GLY J 299 45.81 -11.10 44.98
C GLY J 299 45.75 -12.36 44.15
N TYR J 300 44.69 -13.14 44.30
CA TYR J 300 44.53 -14.37 43.54
C TYR J 300 44.43 -14.10 42.05
N ASN J 301 44.02 -12.87 41.69
CA ASN J 301 44.16 -12.40 40.32
C ASN J 301 45.57 -11.88 40.11
N LEU J 302 46.55 -12.76 40.31
CA LEU J 302 47.96 -12.40 40.34
C LEU J 302 48.44 -11.65 39.10
N LYS J 303 49.26 -10.65 39.32
CA LYS J 303 49.88 -9.92 38.21
C LYS J 303 50.95 -10.78 37.56
N ALA J 304 50.52 -11.67 36.68
CA ALA J 304 51.41 -12.62 36.03
C ALA J 304 51.49 -12.39 34.54
N ALA J 305 50.56 -11.60 34.01
CA ALA J 305 50.53 -11.28 32.59
C ALA J 305 51.73 -10.41 32.21
N PRO J 306 52.25 -10.61 31.00
CA PRO J 306 53.38 -9.81 30.48
C PRO J 306 53.04 -8.33 30.41
N GLY J 307 53.89 -7.50 31.01
CA GLY J 307 53.67 -6.07 31.02
C GLY J 307 52.89 -5.60 32.23
N SER J 308 52.64 -6.52 33.16
CA SER J 308 51.89 -6.19 34.36
C SER J 308 52.79 -5.49 35.38
N MET J 309 54.10 -5.62 35.19
CA MET J 309 55.09 -4.90 36.00
C MET J 309 54.87 -5.04 37.51
N ILE J 310 54.88 -6.28 38.00
CA ILE J 310 54.61 -6.54 39.41
C ILE J 310 55.73 -6.04 40.32
N ASP J 311 56.94 -5.94 39.78
CA ASP J 311 58.09 -5.50 40.57
C ASP J 311 58.03 -4.00 40.82
N LEU J 312 57.09 -3.33 40.17
CA LEU J 312 56.90 -1.90 40.33
C LEU J 312 55.84 -1.58 41.38
N MET J 313 55.07 -2.60 41.76
CA MET J 313 53.85 -2.39 42.55
C MET J 313 54.10 -1.96 43.99
N LYS J 314 55.34 -1.57 44.31
CA LYS J 314 55.61 -0.93 45.59
C LYS J 314 55.12 0.51 45.55
N PHE J 315 54.85 1.00 44.34
CA PHE J 315 54.45 2.39 44.14
C PHE J 315 52.94 2.58 44.26
N ASP J 316 52.23 1.51 44.60
CA ASP J 316 50.76 1.56 44.62
C ASP J 316 50.22 2.33 45.81
N MET J 317 51.11 2.93 46.58
CA MET J 317 50.70 3.82 47.67
C MET J 317 51.11 5.25 47.35
N SER J 318 51.32 5.52 46.06
CA SER J 318 51.73 6.86 45.61
C SER J 318 50.72 7.93 45.98
N GLY J 319 49.44 7.58 45.93
CA GLY J 319 48.38 8.51 46.29
C GLY J 319 48.47 8.89 47.75
N CYS J 320 48.64 7.89 48.61
CA CYS J 320 48.83 8.10 50.03
C CYS J 320 50.08 8.93 50.29
N ALA J 321 51.14 8.62 49.55
CA ALA J 321 52.40 9.34 49.68
C ALA J 321 52.20 10.80 49.27
N ALA J 322 51.40 11.01 48.24
CA ALA J 322 51.10 12.35 47.74
C ALA J 322 50.33 13.15 48.80
N VAL J 323 49.40 12.49 49.47
CA VAL J 323 48.60 13.13 50.51
C VAL J 323 49.46 13.56 51.70
N LEU J 324 50.37 12.69 52.12
CA LEU J 324 51.27 13.00 53.23
C LEU J 324 52.26 14.11 52.84
N GLY J 325 52.71 14.09 51.59
CA GLY J 325 53.59 15.13 51.10
C GLY J 325 52.89 16.48 51.13
N CYS J 326 51.61 16.47 50.78
CA CYS J 326 50.77 17.66 50.87
C CYS J 326 50.59 18.06 52.34
N ALA J 327 50.49 17.06 53.20
CA ALA J 327 50.34 17.28 54.63
C ALA J 327 51.51 18.08 55.17
N TYR J 328 52.71 17.77 54.68
CA TYR J 328 53.90 18.52 55.06
C TYR J 328 53.83 19.98 54.64
N CYS J 329 53.47 20.20 53.37
CA CYS J 329 53.42 21.55 52.82
C CYS J 329 52.41 22.43 53.53
N VAL J 330 51.22 21.89 53.77
CA VAL J 330 50.17 22.64 54.45
C VAL J 330 50.54 22.89 55.92
N GLY J 331 51.08 21.87 56.57
CA GLY J 331 51.48 21.97 57.96
C GLY J 331 52.64 22.92 58.15
N THR J 332 53.42 23.12 57.10
CA THR J 332 54.58 23.99 57.16
C THR J 332 54.21 25.42 56.81
N LEU J 333 53.40 25.58 55.76
CA LEU J 333 53.01 26.91 55.29
C LEU J 333 51.85 27.47 56.10
N LYS J 334 51.08 26.59 56.74
CA LYS J 334 50.00 26.98 57.63
C LYS J 334 49.00 27.96 57.01
N PRO J 335 48.16 27.47 56.09
CA PRO J 335 47.12 28.29 55.47
C PRO J 335 46.03 28.66 56.49
N GLU J 336 45.31 29.74 56.21
CA GLU J 336 44.30 30.23 57.15
C GLU J 336 42.88 29.87 56.71
N ASN J 337 41.97 29.85 57.68
CA ASN J 337 40.55 29.69 57.38
C ASN J 337 40.20 28.34 56.76
N VAL J 338 41.04 27.33 56.98
CA VAL J 338 40.80 26.03 56.39
C VAL J 338 41.03 24.88 57.36
N GLU J 339 40.23 23.83 57.20
CA GLU J 339 40.42 22.58 57.95
C GLU J 339 40.55 21.42 56.98
N ILE J 340 41.70 20.74 57.03
CA ILE J 340 41.99 19.68 56.08
C ILE J 340 42.18 18.33 56.76
N HIS J 341 41.51 17.32 56.24
CA HIS J 341 41.67 15.96 56.73
C HIS J 341 42.47 15.12 55.72
N PHE J 342 43.59 14.58 56.17
CA PHE J 342 44.41 13.73 55.31
C PHE J 342 44.10 12.27 55.62
N LEU J 343 43.45 11.60 54.67
CA LEU J 343 42.95 10.25 54.91
C LEU J 343 43.59 9.25 53.95
N SER J 344 43.82 8.03 54.45
CA SER J 344 44.33 6.95 53.62
C SER J 344 44.06 5.59 54.24
N ALA J 345 43.29 4.77 53.53
CA ALA J 345 43.06 3.40 53.96
C ALA J 345 44.21 2.51 53.50
N VAL J 346 45.15 2.27 54.40
CA VAL J 346 46.37 1.55 54.05
C VAL J 346 46.28 0.05 54.32
N CYS J 347 46.72 -0.75 53.37
CA CYS J 347 46.77 -2.19 53.52
C CYS J 347 47.66 -2.81 52.45
N GLU J 348 47.71 -4.14 52.42
CA GLU J 348 48.56 -4.85 51.47
C GLU J 348 47.77 -5.97 50.79
N ASN J 349 47.90 -6.07 49.47
CA ASN J 349 47.15 -7.04 48.69
C ASN J 349 47.99 -8.26 48.34
N MET J 350 47.87 -9.31 49.14
CA MET J 350 48.73 -10.48 49.00
C MET J 350 47.97 -11.76 48.69
N VAL J 351 48.71 -12.81 48.36
CA VAL J 351 48.12 -14.12 48.13
C VAL J 351 48.36 -15.02 49.32
N SER J 352 47.28 -15.54 49.90
CA SER J 352 47.37 -16.35 51.11
C SER J 352 46.13 -17.20 51.28
N LYS J 353 46.16 -18.09 52.27
CA LYS J 353 45.00 -18.90 52.62
C LYS J 353 43.90 -18.00 53.19
N ASN J 354 44.29 -16.82 53.65
CA ASN J 354 43.36 -15.89 54.28
C ASN J 354 42.88 -14.79 53.34
N SER J 355 43.42 -14.77 52.12
CA SER J 355 43.04 -13.76 51.14
C SER J 355 41.59 -13.92 50.70
N TYR J 356 40.99 -12.83 50.23
CA TYR J 356 39.64 -12.90 49.70
C TYR J 356 39.72 -13.37 48.25
N ARG J 357 38.64 -13.97 47.76
CA ARG J 357 38.65 -14.63 46.47
C ARG J 357 37.88 -13.87 45.40
N PRO J 358 38.24 -14.09 44.13
CA PRO J 358 37.44 -13.60 43.01
C PRO J 358 36.03 -14.18 43.09
N GLY J 359 35.03 -13.30 43.06
CA GLY J 359 33.65 -13.74 43.18
C GLY J 359 33.06 -13.42 44.55
N ASP J 360 33.93 -13.20 45.53
CA ASP J 360 33.49 -12.87 46.89
C ASP J 360 32.62 -11.62 46.91
N ILE J 361 31.55 -11.67 47.70
CA ILE J 361 30.69 -10.52 47.88
C ILE J 361 30.91 -9.91 49.26
N ILE J 362 31.25 -8.63 49.28
CA ILE J 362 31.61 -7.95 50.54
C ILE J 362 30.74 -6.72 50.75
N THR J 363 30.64 -6.27 51.99
CA THR J 363 29.78 -5.15 52.34
C THR J 363 30.57 -3.91 52.77
N ALA J 364 30.30 -2.79 52.11
CA ALA J 364 30.95 -1.53 52.44
C ALA J 364 30.29 -0.88 53.65
N SER J 365 30.95 0.13 54.21
CA SER J 365 30.46 0.81 55.41
C SER J 365 29.16 1.56 55.17
N ASN J 366 28.83 1.81 53.91
CA ASN J 366 27.60 2.51 53.57
C ASN J 366 26.45 1.54 53.31
N GLY J 367 26.70 0.26 53.55
CA GLY J 367 25.66 -0.75 53.41
C GLY J 367 25.67 -1.43 52.06
N LYS J 368 26.33 -0.82 51.09
CA LYS J 368 26.36 -1.37 49.73
C LYS J 368 27.16 -2.66 49.67
N THR J 369 26.54 -3.70 49.14
CA THR J 369 27.20 -4.98 48.96
C THR J 369 27.89 -5.01 47.59
N ILE J 370 29.09 -5.60 47.54
CA ILE J 370 29.89 -5.59 46.32
C ILE J 370 30.34 -6.98 45.91
N GLU J 371 30.14 -7.32 44.64
CA GLU J 371 30.63 -8.59 44.11
C GLU J 371 32.01 -8.40 43.49
N VAL J 372 33.01 -9.03 44.08
CA VAL J 372 34.39 -8.95 43.60
C VAL J 372 34.59 -9.80 42.36
N GLY J 373 34.93 -9.17 41.24
CA GLY J 373 35.18 -9.87 40.00
C GLY J 373 36.67 -10.01 39.73
N ASN J 374 37.46 -9.19 40.42
CA ASN J 374 38.90 -9.18 40.23
C ASN J 374 39.61 -8.56 41.45
N THR J 375 40.37 -9.38 42.16
CA THR J 375 41.04 -8.93 43.37
C THR J 375 42.15 -7.93 43.08
N ASP J 376 42.50 -7.78 41.81
CA ASP J 376 43.56 -6.87 41.41
C ASP J 376 43.01 -5.45 41.27
N ALA J 377 41.70 -5.32 41.35
CA ALA J 377 41.05 -4.02 41.40
C ALA J 377 40.79 -3.62 42.85
N GLU J 378 41.82 -3.77 43.68
CA GLU J 378 41.67 -3.61 45.12
C GLU J 378 41.60 -2.14 45.54
N GLY J 379 42.15 -1.26 44.71
CA GLY J 379 42.21 0.15 45.02
C GLY J 379 40.84 0.77 45.29
N ARG J 380 39.90 0.52 44.37
CA ARG J 380 38.55 1.08 44.49
C ARG J 380 37.82 0.53 45.71
N LEU J 381 38.18 -0.68 46.13
CA LEU J 381 37.57 -1.28 47.31
C LEU J 381 38.00 -0.53 48.56
N THR J 382 39.28 -0.23 48.66
CA THR J 382 39.82 0.52 49.79
C THR J 382 39.32 1.96 49.77
N LEU J 383 39.28 2.56 48.58
CA LEU J 383 38.82 3.93 48.41
C LEU J 383 37.34 4.10 48.76
N ALA J 384 36.55 3.06 48.50
CA ALA J 384 35.12 3.11 48.76
C ALA J 384 34.82 3.39 50.24
N ASP J 385 35.46 2.63 51.12
CA ASP J 385 35.24 2.80 52.55
C ASP J 385 35.86 4.11 53.05
N ALA J 386 36.92 4.54 52.39
CA ALA J 386 37.58 5.78 52.74
C ALA J 386 36.73 6.99 52.36
N LEU J 387 36.05 6.89 51.22
CA LEU J 387 35.19 7.97 50.74
C LEU J 387 33.97 8.13 51.63
N VAL J 388 33.44 7.02 52.12
CA VAL J 388 32.33 7.04 53.06
C VAL J 388 32.74 7.70 54.37
N TYR J 389 33.94 7.35 54.84
CA TYR J 389 34.48 7.93 56.07
C TYR J 389 34.70 9.42 55.87
N ALA J 390 35.20 9.77 54.69
CA ALA J 390 35.48 11.17 54.36
C ALA J 390 34.20 12.00 54.38
N GLU J 391 33.17 11.51 53.71
CA GLU J 391 31.91 12.24 53.60
C GLU J 391 31.21 12.35 54.96
N LYS J 392 31.46 11.38 55.84
CA LYS J 392 30.88 11.41 57.18
C LYS J 392 31.51 12.48 58.04
N LEU J 393 32.66 12.99 57.59
CA LEU J 393 33.34 14.08 58.29
C LEU J 393 32.63 15.41 58.02
N GLY J 394 31.72 15.40 57.05
CA GLY J 394 30.98 16.58 56.68
C GLY J 394 31.86 17.65 56.09
N VAL J 395 32.51 17.32 54.98
CA VAL J 395 33.43 18.25 54.32
C VAL J 395 32.79 18.90 53.09
N ASP J 396 33.41 19.95 52.58
CA ASP J 396 32.91 20.64 51.39
C ASP J 396 33.47 20.02 50.11
N TYR J 397 34.73 19.61 50.15
CA TYR J 397 35.36 19.00 48.99
C TYR J 397 36.04 17.69 49.35
N ILE J 398 35.83 16.68 48.51
CA ILE J 398 36.57 15.42 48.63
C ILE J 398 37.39 15.17 47.37
N VAL J 399 38.69 15.08 47.52
CA VAL J 399 39.57 14.78 46.40
C VAL J 399 40.45 13.57 46.67
N ASP J 400 40.32 12.54 45.84
CA ASP J 400 41.14 11.35 45.98
C ASP J 400 42.17 11.25 44.87
N ILE J 401 43.32 10.65 45.20
CA ILE J 401 44.41 10.47 44.25
C ILE J 401 44.98 9.06 44.38
N ALA J 402 45.06 8.34 43.27
CA ALA J 402 45.43 6.93 43.33
C ALA J 402 45.99 6.39 42.01
N THR J 403 46.89 5.42 42.13
CA THR J 403 47.38 4.66 40.98
C THR J 403 46.37 3.56 40.70
N LEU J 404 45.26 3.94 40.10
CA LEU J 404 44.07 3.09 40.04
C LEU J 404 44.03 2.18 38.82
N THR J 405 44.27 2.73 37.64
CA THR J 405 44.10 1.97 36.41
C THR J 405 45.28 2.09 35.46
N GLY J 406 45.79 0.96 35.00
CA GLY J 406 46.88 0.93 34.04
C GLY J 406 46.46 1.48 32.69
N ALA J 407 45.15 1.54 32.46
CA ALA J 407 44.60 2.04 31.21
C ALA J 407 45.00 3.49 30.94
N MET J 408 45.37 4.21 31.99
CA MET J 408 45.82 5.59 31.86
C MET J 408 47.04 5.73 30.94
N LEU J 409 47.87 4.69 30.91
CA LEU J 409 49.05 4.68 30.06
C LEU J 409 48.69 4.67 28.57
N TYR J 410 47.49 4.21 28.25
CA TYR J 410 47.04 4.13 26.87
C TYR J 410 46.19 5.33 26.47
N SER J 411 45.73 6.08 27.46
CA SER J 411 44.87 7.23 27.22
C SER J 411 45.65 8.54 27.21
N LEU J 412 46.29 8.86 28.33
CA LEU J 412 46.98 10.14 28.49
C LEU J 412 48.50 9.97 28.52
N GLY J 413 48.96 8.76 28.82
CA GLY J 413 50.38 8.46 28.84
C GLY J 413 51.07 8.70 30.18
N THR J 414 52.32 9.15 30.11
CA THR J 414 53.17 9.25 31.30
C THR J 414 53.35 10.67 31.82
N SER J 415 52.81 11.65 31.10
CA SER J 415 52.99 13.05 31.48
C SER J 415 51.74 13.63 32.14
N TYR J 416 50.57 13.35 31.57
CA TYR J 416 49.33 13.91 32.07
C TYR J 416 48.52 12.91 32.90
N ALA J 417 48.11 13.33 34.08
CA ALA J 417 47.17 12.55 34.89
C ALA J 417 45.73 12.88 34.49
N GLY J 418 44.81 11.99 34.81
CA GLY J 418 43.41 12.20 34.51
C GLY J 418 42.62 12.57 35.75
N VAL J 419 41.70 13.52 35.62
CA VAL J 419 40.86 13.92 36.73
C VAL J 419 39.38 13.71 36.41
N PHE J 420 38.68 13.07 37.34
CA PHE J 420 37.24 12.83 37.23
C PHE J 420 36.53 13.44 38.42
N GLY J 421 35.21 13.63 38.32
CA GLY J 421 34.46 14.21 39.41
C GLY J 421 32.96 14.32 39.21
N ASN J 422 32.26 14.72 40.26
CA ASN J 422 30.82 14.92 40.20
C ASN J 422 30.43 16.39 40.31
N ASN J 423 31.44 17.26 40.29
CA ASN J 423 31.22 18.70 40.45
C ASN J 423 32.14 19.49 39.54
N GLU J 424 31.55 20.22 38.60
CA GLU J 424 32.31 20.96 37.59
C GLU J 424 33.23 22.01 38.22
N GLU J 425 32.73 22.69 39.25
CA GLU J 425 33.50 23.74 39.90
C GLU J 425 34.74 23.19 40.58
N LEU J 426 34.59 22.05 41.25
CA LEU J 426 35.70 21.40 41.92
C LEU J 426 36.75 20.94 40.92
N ILE J 427 36.29 20.39 39.79
CA ILE J 427 37.18 19.93 38.74
C ILE J 427 38.03 21.07 38.16
N ASN J 428 37.40 22.22 37.94
CA ASN J 428 38.11 23.38 37.42
C ASN J 428 39.15 23.90 38.41
N LYS J 429 38.84 23.79 39.69
CA LYS J 429 39.77 24.19 40.74
C LYS J 429 41.04 23.36 40.63
N ILE J 430 40.85 22.07 40.36
CA ILE J 430 41.98 21.16 40.17
C ILE J 430 42.78 21.54 38.93
N LEU J 431 42.08 21.89 37.87
CA LEU J 431 42.73 22.28 36.62
C LEU J 431 43.56 23.56 36.79
N GLN J 432 43.01 24.52 37.53
CA GLN J 432 43.74 25.75 37.84
C GLN J 432 44.96 25.40 38.70
N SER J 433 44.74 24.56 39.70
CA SER J 433 45.81 24.09 40.57
C SER J 433 46.87 23.32 39.78
N SER J 434 46.42 22.62 38.74
CA SER J 434 47.33 21.89 37.87
C SER J 434 48.27 22.83 37.14
N LYS J 435 47.73 23.96 36.68
CA LYS J 435 48.50 24.97 35.94
C LYS J 435 49.52 25.69 36.81
N THR J 436 49.11 26.07 38.01
CA THR J 436 49.97 26.86 38.89
C THR J 436 51.00 25.98 39.61
N SER J 437 50.68 24.70 39.75
CA SER J 437 51.60 23.76 40.38
C SER J 437 52.50 23.14 39.31
N ASN J 438 52.12 23.31 38.05
CA ASN J 438 52.85 22.75 36.92
C ASN J 438 52.89 21.23 36.97
N GLU J 439 51.89 20.64 37.59
CA GLU J 439 51.69 19.20 37.53
C GLU J 439 50.49 18.92 36.63
N PRO J 440 50.75 18.60 35.35
CA PRO J 440 49.74 18.50 34.29
C PRO J 440 48.64 17.49 34.58
N VAL J 441 47.40 17.91 34.37
CA VAL J 441 46.24 17.05 34.56
C VAL J 441 45.18 17.34 33.50
N TRP J 442 44.53 16.30 33.00
CA TRP J 442 43.50 16.46 31.99
C TRP J 442 42.16 15.92 32.47
N TRP J 443 41.09 16.65 32.15
CA TRP J 443 39.75 16.28 32.57
C TRP J 443 39.18 15.18 31.68
N LEU J 444 38.82 14.06 32.30
CA LEU J 444 38.20 12.96 31.57
C LEU J 444 36.78 12.75 32.07
N PRO J 445 35.88 12.31 31.18
CA PRO J 445 34.45 12.23 31.47
C PRO J 445 34.04 10.99 32.24
N ILE J 446 33.12 11.16 33.18
CA ILE J 446 32.46 10.02 33.81
C ILE J 446 31.16 9.74 33.06
N ILE J 447 31.23 8.82 32.11
CA ILE J 447 30.10 8.52 31.23
C ILE J 447 29.11 7.59 31.90
N ASN J 448 27.95 8.13 32.25
CA ASN J 448 26.95 7.38 33.00
C ASN J 448 26.37 6.22 32.19
N GLU J 449 26.50 6.29 30.87
CA GLU J 449 25.98 5.26 29.99
C GLU J 449 26.66 3.92 30.24
N TYR J 450 27.85 3.95 30.82
CA TYR J 450 28.60 2.73 31.13
C TYR J 450 28.21 2.15 32.48
N ARG J 451 27.43 2.92 33.25
CA ARG J 451 27.06 2.53 34.61
C ARG J 451 26.37 1.18 34.70
N ALA J 452 25.61 0.81 33.67
CA ALA J 452 24.84 -0.42 33.67
C ALA J 452 25.73 -1.66 33.73
N THR J 453 26.99 -1.51 33.31
CA THR J 453 27.93 -2.64 33.31
C THR J 453 28.33 -3.03 34.72
N LEU J 454 28.03 -2.17 35.70
CA LEU J 454 28.36 -2.44 37.09
C LEU J 454 27.19 -3.06 37.84
N ASN J 455 26.10 -3.29 37.13
CA ASN J 455 24.93 -3.93 37.73
C ASN J 455 25.16 -5.41 37.98
N SER J 456 25.30 -5.78 39.25
CA SER J 456 25.56 -7.16 39.62
C SER J 456 24.26 -7.96 39.68
N LYS J 457 24.36 -9.26 39.39
CA LYS J 457 23.21 -10.13 39.40
C LYS J 457 22.78 -10.42 40.84
N TYR J 458 23.74 -10.45 41.75
CA TYR J 458 23.48 -10.81 43.14
C TYR J 458 23.78 -9.69 44.12
N ALA J 459 24.87 -8.95 43.89
CA ALA J 459 25.25 -7.85 44.76
C ALA J 459 24.62 -6.52 44.31
N ASP J 460 24.73 -5.50 45.15
CA ASP J 460 24.22 -4.18 44.83
C ASP J 460 24.95 -3.60 43.62
N ILE J 461 26.24 -3.88 43.53
CA ILE J 461 27.07 -3.30 42.49
C ILE J 461 28.27 -4.19 42.19
N ASN J 462 28.71 -4.17 40.94
CA ASN J 462 29.91 -4.90 40.55
C ASN J 462 31.17 -4.06 40.78
N GLN J 463 32.24 -4.73 41.20
CA GLN J 463 33.53 -4.10 41.39
C GLN J 463 34.11 -3.65 40.04
N ILE J 464 34.00 -4.52 39.04
CA ILE J 464 34.56 -4.25 37.72
C ILE J 464 33.55 -4.55 36.62
N SER J 465 33.88 -4.12 35.40
CA SER J 465 33.07 -4.44 34.23
C SER J 465 33.62 -5.69 33.55
N SER J 466 32.72 -6.46 32.94
CA SER J 466 33.14 -7.66 32.21
C SER J 466 33.39 -7.31 30.75
N SER J 467 32.65 -6.32 30.25
CA SER J 467 32.70 -5.93 28.85
C SER J 467 33.53 -4.65 28.64
N VAL J 468 33.07 -3.56 29.24
CA VAL J 468 33.66 -2.24 29.01
C VAL J 468 35.17 -2.20 29.23
N LYS J 469 35.88 -1.71 28.22
CA LYS J 469 37.33 -1.67 28.26
C LYS J 469 37.84 -0.30 28.72
N ALA J 470 36.92 0.64 28.91
CA ALA J 470 37.25 1.95 29.45
C ALA J 470 37.43 1.86 30.96
N SER J 471 38.51 1.19 31.38
CA SER J 471 38.72 0.87 32.79
C SER J 471 38.76 2.09 33.67
N SER J 472 39.37 3.16 33.18
CA SER J 472 39.52 4.39 33.97
C SER J 472 38.17 5.04 34.27
N ILE J 473 37.27 4.99 33.28
CA ILE J 473 35.93 5.56 33.45
C ILE J 473 35.05 4.67 34.33
N VAL J 474 35.15 3.35 34.13
CA VAL J 474 34.38 2.40 34.90
C VAL J 474 34.71 2.49 36.38
N ALA J 475 36.00 2.63 36.69
CA ALA J 475 36.47 2.77 38.06
C ALA J 475 35.90 4.04 38.70
N SER J 476 35.86 5.12 37.93
CA SER J 476 35.29 6.38 38.42
C SER J 476 33.82 6.24 38.74
N LEU J 477 33.10 5.49 37.90
CA LEU J 477 31.70 5.21 38.14
C LEU J 477 31.48 4.46 39.45
N PHE J 478 32.37 3.51 39.74
CA PHE J 478 32.32 2.75 40.99
C PHE J 478 32.46 3.66 42.21
N LEU J 479 33.53 4.47 42.23
CA LEU J 479 33.81 5.33 43.37
C LEU J 479 32.65 6.29 43.63
N LYS J 480 32.05 6.79 42.56
CA LYS J 480 30.96 7.74 42.65
C LYS J 480 29.77 7.17 43.40
N GLU J 481 29.69 5.84 43.47
CA GLU J 481 28.61 5.17 44.17
C GLU J 481 28.78 5.23 45.70
N PHE J 482 29.88 5.82 46.14
CA PHE J 482 30.16 5.90 47.57
C PHE J 482 30.33 7.35 48.01
N VAL J 483 29.88 8.27 47.16
CA VAL J 483 29.78 9.68 47.51
C VAL J 483 28.37 10.18 47.20
N GLN J 484 27.56 10.32 48.25
CA GLN J 484 26.14 10.60 48.07
C GLN J 484 25.80 12.05 47.74
N ASN J 485 26.34 13.01 48.51
CA ASN J 485 25.94 14.39 48.34
C ASN J 485 27.06 15.40 48.65
N THR J 486 28.25 15.15 48.11
CA THR J 486 29.38 16.04 48.33
C THR J 486 30.20 16.24 47.06
N ALA J 487 30.73 17.44 46.88
CA ALA J 487 31.61 17.73 45.76
C ALA J 487 32.85 16.85 45.85
N TRP J 488 33.09 16.07 44.80
CA TRP J 488 34.15 15.07 44.81
C TRP J 488 34.92 14.99 43.50
N ALA J 489 36.23 14.88 43.60
CA ALA J 489 37.08 14.71 42.42
C ALA J 489 38.05 13.55 42.63
N HIS J 490 38.42 12.91 41.52
CA HIS J 490 39.27 11.73 41.58
C HIS J 490 40.42 11.84 40.59
N ILE J 491 41.65 11.80 41.09
CA ILE J 491 42.83 11.93 40.24
C ILE J 491 43.54 10.59 40.08
N ASP J 492 43.57 10.09 38.84
CA ASP J 492 44.23 8.82 38.55
C ASP J 492 45.66 9.07 38.10
N ILE J 493 46.61 8.72 38.96
CA ILE J 493 48.02 9.01 38.71
C ILE J 493 48.81 7.74 38.41
N ALA J 494 48.11 6.71 37.93
CA ALA J 494 48.74 5.44 37.63
C ALA J 494 49.84 5.57 36.60
N GLY J 495 49.61 6.41 35.58
CA GLY J 495 50.56 6.57 34.49
C GLY J 495 51.69 7.53 34.76
N VAL J 496 51.48 8.47 35.68
CA VAL J 496 52.44 9.55 35.90
C VAL J 496 53.25 9.41 37.19
N SER J 497 52.83 8.50 38.06
CA SER J 497 53.45 8.36 39.38
C SER J 497 54.93 7.99 39.30
N TRP J 498 55.26 7.00 38.49
CA TRP J 498 56.63 6.52 38.40
C TRP J 498 57.35 7.02 37.14
N ASN J 499 58.56 7.52 37.34
CA ASN J 499 59.40 7.95 36.23
C ASN J 499 60.20 6.76 35.71
N PHE J 500 59.69 6.12 34.66
CA PHE J 500 60.25 4.88 34.15
C PHE J 500 61.64 5.09 33.56
N LYS J 501 61.85 6.23 32.91
CA LYS J 501 63.14 6.54 32.31
C LYS J 501 64.22 6.73 33.38
N ALA J 502 63.84 7.39 34.47
CA ALA J 502 64.79 7.69 35.55
C ALA J 502 64.81 6.60 36.62
N ARG J 503 63.88 5.66 36.50
CA ARG J 503 63.76 4.55 37.45
C ARG J 503 63.49 5.04 38.88
N LYS J 504 62.59 6.00 39.01
CA LYS J 504 62.28 6.58 40.31
C LYS J 504 60.90 7.24 40.32
N PRO J 505 60.36 7.47 41.52
CA PRO J 505 59.06 8.13 41.66
C PRO J 505 59.14 9.60 41.29
N LYS J 506 58.00 10.21 40.99
CA LYS J 506 57.96 11.64 40.68
C LYS J 506 57.48 12.44 41.88
N GLY J 507 56.78 11.78 42.80
CA GLY J 507 56.11 12.47 43.88
C GLY J 507 55.00 13.34 43.32
N PHE J 508 54.36 12.84 42.26
CA PHE J 508 53.31 13.58 41.57
C PHE J 508 52.09 13.78 42.46
N GLY J 509 51.59 15.01 42.50
CA GLY J 509 50.37 15.31 43.22
C GLY J 509 50.58 16.17 44.46
N VAL J 510 51.80 16.17 44.98
CA VAL J 510 52.11 16.92 46.19
C VAL J 510 51.91 18.42 46.01
N ARG J 511 52.51 18.97 44.95
CA ARG J 511 52.39 20.39 44.66
C ARG J 511 50.99 20.73 44.16
N LEU J 512 50.41 19.79 43.42
CA LEU J 512 49.05 19.95 42.91
C LEU J 512 48.03 20.13 44.03
N LEU J 513 48.11 19.26 45.04
CA LEU J 513 47.15 19.29 46.15
C LEU J 513 47.37 20.50 47.06
N THR J 514 48.62 20.90 47.24
CA THR J 514 48.94 22.04 48.09
C THR J 514 48.44 23.35 47.48
N GLU J 515 48.67 23.52 46.18
CA GLU J 515 48.17 24.69 45.46
C GLU J 515 46.64 24.73 45.52
N PHE J 516 46.02 23.56 45.49
CA PHE J 516 44.57 23.46 45.60
C PHE J 516 44.07 23.99 46.94
N VAL J 517 44.76 23.61 48.01
CA VAL J 517 44.39 24.03 49.35
C VAL J 517 44.61 25.53 49.58
N LEU J 518 45.67 26.08 49.01
CA LEU J 518 46.02 27.48 49.24
C LEU J 518 45.14 28.40 48.41
N ASN J 519 44.90 28.03 47.16
CA ASN J 519 44.11 28.85 46.25
C ASN J 519 42.60 28.63 46.38
N ASP J 520 42.19 27.78 47.32
CA ASP J 520 40.79 27.50 47.54
C ASP J 520 40.27 28.13 48.83
N SER K 3 32.56 -27.45 63.04
CA SER K 3 31.22 -26.91 62.94
C SER K 3 31.23 -25.38 62.99
N GLU K 4 32.15 -24.83 63.77
CA GLU K 4 32.27 -23.39 63.88
C GLU K 4 33.10 -22.84 62.72
N VAL K 5 32.55 -21.87 62.01
CA VAL K 5 33.23 -21.28 60.86
C VAL K 5 34.31 -20.30 61.28
N PRO K 6 35.56 -20.58 60.86
CA PRO K 6 36.70 -19.71 61.17
C PRO K 6 36.59 -18.38 60.45
N GLN K 7 37.09 -17.31 61.08
CA GLN K 7 37.04 -15.98 60.47
C GLN K 7 38.42 -15.35 60.47
N VAL K 8 38.65 -14.45 59.52
CA VAL K 8 39.85 -13.64 59.51
C VAL K 8 39.53 -12.29 60.14
N VAL K 9 38.37 -11.75 59.79
CA VAL K 9 37.84 -10.56 60.44
C VAL K 9 36.42 -10.86 60.92
N SER K 10 35.92 -10.05 61.84
CA SER K 10 34.60 -10.28 62.42
C SER K 10 33.48 -10.09 61.40
N LEU K 11 33.79 -9.44 60.28
CA LEU K 11 32.79 -9.16 59.26
C LEU K 11 32.62 -10.34 58.29
N ASP K 12 33.48 -11.34 58.41
CA ASP K 12 33.38 -12.53 57.57
C ASP K 12 32.14 -13.36 57.92
N PRO K 13 31.38 -13.79 56.90
CA PRO K 13 30.15 -14.55 57.11
C PRO K 13 30.41 -15.90 57.77
N THR K 14 29.49 -16.36 58.60
CA THR K 14 29.65 -17.60 59.33
C THR K 14 28.57 -18.61 58.97
N SER K 15 27.79 -18.30 57.93
CA SER K 15 26.76 -19.21 57.47
C SER K 15 26.26 -18.83 56.08
N ILE K 16 25.78 -19.83 55.34
CA ILE K 16 25.18 -19.58 54.03
C ILE K 16 23.73 -19.18 54.17
N PRO K 17 23.37 -18.00 53.67
CA PRO K 17 21.97 -17.58 53.68
C PRO K 17 21.14 -18.47 52.75
N ILE K 18 20.12 -19.13 53.29
CA ILE K 18 19.30 -20.04 52.49
C ILE K 18 17.83 -19.67 52.57
N GLU K 19 17.20 -19.54 51.40
CA GLU K 19 15.76 -19.29 51.33
C GLU K 19 15.01 -20.60 51.09
N TYR K 20 14.23 -21.02 52.08
CA TYR K 20 13.46 -22.25 51.96
C TYR K 20 12.03 -21.97 51.47
N ASN K 21 11.32 -21.09 52.17
CA ASN K 21 9.97 -20.70 51.77
C ASN K 21 9.97 -19.59 50.74
N THR K 22 9.84 -19.96 49.47
CA THR K 22 9.85 -18.99 48.38
C THR K 22 8.45 -18.60 47.93
N PRO K 23 8.33 -17.43 47.28
CA PRO K 23 7.09 -16.90 46.71
C PRO K 23 6.41 -17.91 45.79
N ILE K 24 7.22 -18.74 45.14
CA ILE K 24 6.71 -19.79 44.26
C ILE K 24 5.78 -20.74 45.01
N HIS K 25 6.12 -21.03 46.27
CA HIS K 25 5.34 -21.94 47.09
C HIS K 25 3.95 -21.40 47.42
N ASP K 26 3.75 -20.11 47.20
CA ASP K 26 2.48 -19.48 47.50
C ASP K 26 1.57 -19.44 46.28
N ILE K 27 2.05 -19.99 45.16
CA ILE K 27 1.28 -20.00 43.93
C ILE K 27 0.30 -21.16 43.86
N LYS K 28 -0.99 -20.84 43.83
CA LYS K 28 -2.02 -21.86 43.64
C LYS K 28 -2.13 -22.20 42.17
N VAL K 29 -1.87 -23.45 41.82
CA VAL K 29 -1.89 -23.87 40.43
C VAL K 29 -3.12 -24.72 40.10
N GLN K 30 -3.83 -24.31 39.05
CA GLN K 30 -5.00 -25.04 38.59
C GLN K 30 -4.90 -25.42 37.12
N VAL K 31 -5.25 -26.67 36.82
CA VAL K 31 -5.21 -27.15 35.45
C VAL K 31 -6.61 -27.49 34.94
N TYR K 32 -7.01 -26.83 33.84
CA TYR K 32 -8.31 -27.08 33.24
C TYR K 32 -8.15 -27.68 31.85
N ASP K 33 -9.19 -28.38 31.40
CA ASP K 33 -9.21 -28.96 30.07
C ASP K 33 -9.68 -27.91 29.07
N ILE K 34 -9.01 -27.81 27.92
CA ILE K 34 -9.30 -26.76 26.95
C ILE K 34 -10.72 -26.90 26.42
N LYS K 35 -11.23 -28.13 26.45
CA LYS K 35 -12.61 -28.37 26.05
C LYS K 35 -13.54 -27.66 27.01
N GLY K 36 -14.59 -27.03 26.47
CA GLY K 36 -15.51 -26.27 27.29
C GLY K 36 -15.21 -24.79 27.23
N GLY K 37 -14.11 -24.43 26.58
CA GLY K 37 -13.74 -23.03 26.43
C GLY K 37 -12.82 -22.51 27.53
N CYS K 38 -12.15 -21.41 27.25
CA CYS K 38 -11.24 -20.78 28.19
C CYS K 38 -11.90 -19.54 28.77
N ASN K 39 -11.81 -19.36 30.08
CA ASN K 39 -12.32 -18.17 30.72
C ASN K 39 -11.25 -17.10 30.92
N VAL K 40 -11.63 -15.85 30.62
CA VAL K 40 -10.74 -14.72 30.79
C VAL K 40 -11.43 -13.72 31.71
N GLU K 41 -10.77 -13.39 32.82
CA GLU K 41 -11.38 -12.61 33.88
C GLU K 41 -10.33 -11.76 34.57
N GLU K 42 -9.39 -12.42 35.25
CA GLU K 42 -8.34 -11.74 35.99
C GLU K 42 -6.95 -11.96 35.37
N GLY K 43 -6.06 -10.98 35.55
CA GLY K 43 -4.66 -11.14 35.20
C GLY K 43 -4.31 -11.26 33.72
N LEU K 44 -3.23 -12.00 33.45
CA LEU K 44 -2.70 -12.17 32.11
C LEU K 44 -2.93 -13.58 31.58
N THR K 45 -3.46 -13.66 30.36
CA THR K 45 -3.67 -14.93 29.69
C THR K 45 -2.82 -15.03 28.43
N ILE K 46 -1.93 -16.03 28.39
CA ILE K 46 -1.03 -16.19 27.26
C ILE K 46 -1.28 -17.50 26.51
N PHE K 47 -1.41 -17.41 25.19
CA PHE K 47 -1.59 -18.60 24.37
C PHE K 47 -0.26 -19.05 23.77
N LEU K 48 0.06 -20.33 23.98
CA LEU K 48 1.25 -20.93 23.36
C LEU K 48 0.86 -21.53 22.01
N VAL K 49 1.30 -20.86 20.95
CA VAL K 49 0.86 -21.21 19.60
C VAL K 49 2.05 -21.45 18.66
N ASN K 50 1.86 -22.38 17.72
CA ASN K 50 2.85 -22.62 16.69
C ASN K 50 2.23 -22.56 15.30
N ASN K 51 3.05 -22.74 14.27
CA ASN K 51 2.53 -22.81 12.91
C ASN K 51 3.35 -23.77 12.05
N PRO K 52 2.96 -25.06 12.07
CA PRO K 52 3.64 -26.12 11.33
C PRO K 52 3.75 -25.82 9.84
N LYS K 54 3.93 -21.46 7.40
CA LYS K 54 4.75 -22.37 8.21
C LYS K 54 5.76 -21.59 9.05
N GLU K 55 7.02 -21.60 8.64
CA GLU K 55 8.05 -20.90 9.39
C GLU K 55 7.79 -19.40 9.36
N ASN K 56 8.35 -18.69 10.34
CA ASN K 56 7.79 -17.44 10.84
C ASN K 56 6.34 -17.21 10.43
N GLY K 57 5.48 -18.20 10.68
CA GLY K 57 4.09 -18.13 10.29
C GLY K 57 3.24 -17.22 11.15
N PRO K 58 2.02 -16.93 10.69
CA PRO K 58 1.08 -16.06 11.41
C PRO K 58 0.53 -16.72 12.66
N VAL K 59 0.12 -15.91 13.64
CA VAL K 59 -0.47 -16.42 14.87
C VAL K 59 -1.96 -16.74 14.69
N LYS K 60 -2.35 -17.94 15.09
CA LYS K 60 -3.76 -18.33 15.01
C LYS K 60 -4.22 -18.99 16.31
N ILE K 61 -5.21 -18.39 16.96
CA ILE K 61 -5.75 -18.92 18.21
C ILE K 61 -6.92 -19.86 17.92
N SER K 62 -6.80 -21.10 18.37
CA SER K 62 -7.80 -22.11 18.05
C SER K 62 -8.82 -22.29 19.18
N SER K 63 -8.38 -22.09 20.42
CA SER K 63 -9.25 -22.31 21.58
C SER K 63 -10.40 -21.31 21.62
N LYS K 64 -11.56 -21.78 22.06
CA LYS K 64 -12.72 -20.94 22.25
C LYS K 64 -12.60 -20.15 23.55
N VAL K 65 -12.84 -18.85 23.48
CA VAL K 65 -12.75 -17.99 24.66
C VAL K 65 -14.12 -17.52 25.10
N ASN K 66 -14.48 -17.82 26.35
CA ASN K 66 -15.79 -17.49 26.89
C ASN K 66 -15.92 -16.00 27.21
N ASP K 67 -15.47 -15.16 26.28
CA ASP K 67 -15.57 -13.72 26.44
C ASP K 67 -15.66 -13.05 25.06
N LYS K 68 -16.67 -12.20 24.91
CA LYS K 68 -16.94 -11.56 23.62
C LYS K 68 -15.86 -10.56 23.25
N GLN K 69 -15.46 -9.73 24.21
CA GLN K 69 -14.46 -8.70 23.97
C GLN K 69 -13.10 -9.31 23.57
N VAL K 70 -12.70 -10.33 24.31
CA VAL K 70 -11.42 -10.99 24.06
C VAL K 70 -11.47 -11.81 22.77
N SER K 71 -12.64 -12.39 22.49
CA SER K 71 -12.82 -13.19 21.28
C SER K 71 -12.60 -12.36 20.02
N GLU K 72 -13.04 -11.11 20.05
CA GLU K 72 -12.84 -10.22 18.91
C GLU K 72 -11.36 -9.94 18.74
N PHE K 73 -10.66 -9.79 19.86
CA PHE K 73 -9.21 -9.58 19.86
C PHE K 73 -8.49 -10.78 19.28
N LEU K 74 -8.94 -11.98 19.61
CA LEU K 74 -8.27 -13.21 19.19
C LEU K 74 -8.69 -13.65 17.80
N LYS K 75 -9.42 -12.80 17.09
CA LYS K 75 -9.85 -13.13 15.74
C LYS K 75 -8.63 -13.31 14.83
N ASP K 76 -8.77 -14.21 13.86
CA ASP K 76 -7.68 -14.56 12.96
C ASP K 76 -7.12 -13.32 12.25
N GLU K 77 -8.02 -12.41 11.88
CA GLU K 77 -7.66 -11.21 11.14
C GLU K 77 -6.71 -10.32 11.95
N ASN K 78 -6.95 -10.24 13.25
CA ASN K 78 -6.13 -9.43 14.15
C ASN K 78 -4.79 -10.08 14.48
N MET K 79 -4.81 -11.39 14.66
CA MET K 79 -3.64 -12.12 15.12
C MET K 79 -2.68 -12.37 13.96
N GLU K 80 -3.18 -12.19 12.74
CA GLU K 80 -2.40 -12.46 11.54
C GLU K 80 -1.26 -11.45 11.39
N LYS K 81 -1.32 -10.38 12.18
CA LYS K 81 -0.28 -9.36 12.16
C LYS K 81 0.92 -9.79 13.01
N PHE K 82 0.73 -10.87 13.75
CA PHE K 82 1.81 -11.43 14.57
C PHE K 82 2.28 -12.76 13.99
N ASN K 83 3.55 -13.09 14.22
CA ASN K 83 4.10 -14.35 13.73
C ASN K 83 4.59 -15.23 14.88
N VAL K 84 4.86 -16.50 14.58
CA VAL K 84 5.14 -17.48 15.62
C VAL K 84 6.62 -17.81 15.81
N LYS K 85 7.51 -16.91 15.37
CA LYS K 85 8.95 -17.12 15.57
C LYS K 85 9.25 -17.45 17.03
N LEU K 86 10.03 -18.51 17.23
CA LEU K 86 10.30 -19.03 18.56
C LEU K 86 10.81 -17.96 19.51
N GLY K 87 10.03 -17.71 20.56
CA GLY K 87 10.41 -16.74 21.58
C GLY K 87 9.67 -15.42 21.46
N THR K 88 9.16 -15.14 20.26
CA THR K 88 8.43 -13.90 20.02
C THR K 88 7.14 -13.86 20.83
N SER K 89 6.79 -12.68 21.31
CA SER K 89 5.58 -12.52 22.14
C SER K 89 4.98 -11.13 22.04
N LYS K 90 3.66 -11.05 22.22
CA LYS K 90 2.96 -9.78 22.28
C LYS K 90 1.86 -9.89 23.33
N HIS K 91 1.67 -8.87 24.15
CA HIS K 91 0.53 -8.86 25.07
C HIS K 91 -0.14 -7.48 25.12
N PHE K 92 -1.46 -7.50 25.15
CA PHE K 92 -2.27 -6.28 25.17
C PHE K 92 -3.20 -6.21 26.39
N TYR K 93 -3.47 -4.99 26.84
CA TYR K 93 -4.39 -4.77 27.95
C TYR K 93 -5.72 -4.26 27.40
N MET K 94 -6.81 -4.80 27.93
CA MET K 94 -8.14 -4.50 27.43
C MET K 94 -9.20 -4.83 28.47
N PHE K 95 -10.45 -4.45 28.19
CA PHE K 95 -11.56 -4.76 29.08
C PHE K 95 -12.35 -5.94 28.55
N ASN K 96 -12.70 -6.86 29.44
CA ASN K 96 -13.52 -8.01 29.08
C ASN K 96 -15.00 -7.67 29.16
N ASP K 97 -15.84 -8.69 29.12
CA ASP K 97 -17.29 -8.50 29.12
C ASP K 97 -17.76 -7.82 30.40
N ASN K 98 -16.96 -7.93 31.46
CA ASN K 98 -17.33 -7.35 32.75
C ASN K 98 -16.69 -5.99 33.00
N LYS K 99 -16.17 -5.37 31.94
CA LYS K 99 -15.49 -4.09 32.06
C LYS K 99 -14.32 -4.18 33.05
N ASN K 100 -13.73 -5.37 33.13
CA ASN K 100 -12.56 -5.58 33.97
C ASN K 100 -11.30 -5.60 33.14
N SER K 101 -10.21 -5.05 33.68
CA SER K 101 -8.95 -5.01 32.95
C SER K 101 -8.27 -6.37 32.90
N VAL K 102 -7.99 -6.83 31.68
CA VAL K 102 -7.31 -8.09 31.46
C VAL K 102 -6.19 -7.96 30.45
N ALA K 103 -5.15 -8.76 30.59
CA ALA K 103 -4.05 -8.78 29.64
C ALA K 103 -4.02 -10.09 28.87
N VAL K 104 -3.97 -10.01 27.55
CA VAL K 104 -3.96 -11.21 26.72
C VAL K 104 -2.81 -11.14 25.72
N GLY K 105 -2.26 -12.30 25.37
CA GLY K 105 -1.13 -12.35 24.47
C GLY K 105 -0.76 -13.76 24.05
N TYR K 106 0.38 -13.89 23.38
CA TYR K 106 0.84 -15.19 22.92
C TYR K 106 2.35 -15.28 23.02
N VAL K 107 2.87 -16.51 22.98
CA VAL K 107 4.29 -16.75 22.86
C VAL K 107 4.54 -17.74 21.73
N GLY K 108 5.37 -17.36 20.76
CA GLY K 108 5.65 -18.19 19.61
C GLY K 108 6.41 -19.46 19.97
N CYS K 109 5.94 -20.59 19.46
CA CYS K 109 6.58 -21.87 19.73
C CYS K 109 7.18 -22.48 18.45
N GLY K 110 7.36 -21.65 17.43
CA GLY K 110 8.04 -22.08 16.23
C GLY K 110 7.19 -22.82 15.22
N SER K 111 7.85 -23.57 14.35
CA SER K 111 7.17 -24.27 13.27
C SER K 111 7.24 -25.78 13.44
N VAL K 112 7.95 -26.22 14.49
CA VAL K 112 8.08 -27.64 14.78
C VAL K 112 6.99 -28.13 15.74
N ALA K 113 6.43 -29.29 15.44
CA ALA K 113 5.32 -29.84 16.22
C ALA K 113 5.81 -30.31 17.60
N ASP K 114 7.01 -30.87 17.63
CA ASP K 114 7.56 -31.40 18.88
C ASP K 114 8.68 -30.49 19.41
N LEU K 115 8.36 -29.71 20.44
CA LEU K 115 9.33 -28.81 21.05
C LEU K 115 10.38 -29.55 21.88
N SER K 116 11.63 -29.12 21.79
CA SER K 116 12.70 -29.68 22.60
C SER K 116 12.79 -28.94 23.94
N GLU K 117 13.60 -29.46 24.85
CA GLU K 117 13.82 -28.83 26.14
C GLU K 117 14.36 -27.41 25.96
N ALA K 118 15.26 -27.23 25.00
CA ALA K 118 15.84 -25.93 24.71
C ALA K 118 14.80 -25.00 24.12
N ASP K 119 13.98 -25.55 23.23
CA ASP K 119 12.89 -24.80 22.61
C ASP K 119 11.92 -24.34 23.69
N MET K 120 11.56 -25.27 24.57
CA MET K 120 10.65 -24.98 25.68
C MET K 120 11.25 -23.92 26.60
N LYS K 121 12.58 -23.94 26.73
CA LYS K 121 13.28 -22.96 27.56
C LYS K 121 13.11 -21.54 27.02
N ARG K 122 13.21 -21.40 25.69
CA ARG K 122 13.06 -20.10 25.05
C ARG K 122 11.64 -19.58 25.20
N VAL K 123 10.67 -20.49 25.20
CA VAL K 123 9.28 -20.14 25.41
C VAL K 123 9.05 -19.59 26.81
N VAL K 124 9.61 -20.27 27.80
CA VAL K 124 9.46 -19.87 29.20
C VAL K 124 10.10 -18.51 29.47
N LEU K 125 11.25 -18.25 28.84
CA LEU K 125 11.94 -16.98 29.02
C LEU K 125 11.08 -15.82 28.53
N SER K 126 10.40 -16.03 27.41
CA SER K 126 9.48 -15.02 26.88
C SER K 126 8.33 -14.82 27.86
N LEU K 127 7.88 -15.92 28.44
CA LEU K 127 6.79 -15.90 29.42
C LEU K 127 7.23 -15.18 30.69
N VAL K 128 8.40 -15.54 31.21
CA VAL K 128 8.92 -14.97 32.43
C VAL K 128 9.21 -13.47 32.30
N THR K 129 9.61 -13.06 31.09
CA THR K 129 9.86 -11.65 30.81
C THR K 129 8.62 -10.79 30.99
N MET K 130 7.47 -11.33 30.60
CA MET K 130 6.21 -10.61 30.74
C MET K 130 5.76 -10.57 32.21
N LEU K 131 6.13 -11.59 32.97
CA LEU K 131 5.77 -11.64 34.38
C LEU K 131 6.59 -10.65 35.20
N HIS K 132 7.84 -10.42 34.78
CA HIS K 132 8.74 -9.52 35.50
C HIS K 132 8.46 -8.06 35.22
N ASP K 133 7.73 -7.77 34.15
CA ASP K 133 7.43 -6.39 33.79
C ASP K 133 5.94 -6.06 33.96
N ASN K 134 5.21 -6.93 34.64
CA ASN K 134 3.79 -6.73 34.89
C ASN K 134 3.40 -7.12 36.31
N LYS K 135 2.70 -6.22 37.00
CA LYS K 135 2.30 -6.48 38.37
C LYS K 135 1.00 -7.27 38.39
N LEU K 136 1.10 -8.53 38.04
CA LEU K 136 -0.06 -9.40 37.90
C LEU K 136 -0.32 -10.24 39.15
N SER K 137 -1.59 -10.52 39.40
CA SER K 137 -1.99 -11.37 40.51
C SER K 137 -2.13 -12.82 40.06
N LYS K 138 -2.44 -12.99 38.78
CA LYS K 138 -2.72 -14.31 38.23
C LYS K 138 -2.20 -14.46 36.80
N LEU K 139 -1.60 -15.60 36.51
CA LEU K 139 -1.18 -15.92 35.15
C LEU K 139 -1.96 -17.13 34.63
N THR K 140 -2.45 -17.03 33.40
CA THR K 140 -3.15 -18.16 32.78
C THR K 140 -2.49 -18.50 31.45
N VAL K 141 -2.04 -19.75 31.33
CA VAL K 141 -1.37 -20.21 30.12
C VAL K 141 -2.23 -21.23 29.39
N VAL K 142 -2.50 -20.98 28.12
CA VAL K 142 -3.30 -21.90 27.31
C VAL K 142 -2.42 -22.65 26.32
N PHE K 143 -2.34 -23.97 26.48
CA PHE K 143 -1.51 -24.81 25.64
C PHE K 143 -2.17 -25.20 24.33
N GLU K 144 -1.81 -24.51 23.26
CA GLU K 144 -2.26 -24.87 21.92
C GLU K 144 -1.12 -25.57 21.18
N ILE K 145 -0.27 -26.25 21.95
CA ILE K 145 0.84 -27.03 21.40
C ILE K 145 0.89 -28.42 22.03
N ASN K 146 1.68 -29.31 21.44
CA ASN K 146 1.77 -30.69 21.91
C ASN K 146 2.92 -30.93 22.86
N VAL K 147 2.59 -31.37 24.08
CA VAL K 147 3.61 -31.69 25.07
C VAL K 147 3.24 -32.97 25.83
N ASP K 148 4.24 -33.78 26.16
CA ASP K 148 4.02 -34.97 26.96
C ASP K 148 4.03 -34.63 28.45
N LYS K 149 3.76 -35.63 29.28
CA LYS K 149 3.70 -35.45 30.73
C LYS K 149 5.01 -34.89 31.28
N ASN K 150 6.12 -35.44 30.79
CA ASN K 150 7.44 -35.01 31.20
C ASN K 150 7.78 -33.57 30.83
N LEU K 151 7.45 -33.18 29.60
CA LEU K 151 7.74 -31.83 29.13
C LEU K 151 6.87 -30.78 29.82
N PHE K 152 5.63 -31.14 30.14
CA PHE K 152 4.75 -30.24 30.86
C PHE K 152 5.30 -29.94 32.25
N ARG K 153 5.78 -30.98 32.93
CA ARG K 153 6.38 -30.79 34.25
C ARG K 153 7.63 -29.94 34.10
N PHE K 154 8.37 -30.18 33.03
CA PHE K 154 9.56 -29.40 32.72
C PHE K 154 9.18 -27.92 32.50
N PHE K 155 8.00 -27.71 31.93
CA PHE K 155 7.48 -26.36 31.73
C PHE K 155 7.38 -25.62 33.06
N LEU K 156 6.70 -26.25 34.02
CA LEU K 156 6.46 -25.66 35.33
C LEU K 156 7.76 -25.46 36.10
N GLU K 157 8.58 -26.49 36.15
CA GLU K 157 9.88 -26.42 36.82
C GLU K 157 10.69 -25.25 36.29
N THR K 158 10.81 -25.18 34.96
CA THR K 158 11.56 -24.12 34.31
C THR K 158 10.89 -22.78 34.57
N LEU K 159 9.56 -22.76 34.53
CA LEU K 159 8.80 -21.56 34.81
C LEU K 159 9.08 -21.05 36.23
N PHE K 160 8.97 -21.95 37.20
CA PHE K 160 9.22 -21.62 38.60
C PHE K 160 10.64 -21.11 38.81
N TYR K 161 11.61 -21.80 38.21
CA TYR K 161 13.02 -21.47 38.43
C TYR K 161 13.41 -20.10 37.88
N GLU K 162 13.01 -19.80 36.64
CA GLU K 162 13.36 -18.54 36.02
C GLU K 162 12.56 -17.39 36.61
N TYR K 163 11.33 -17.69 37.03
CA TYR K 163 10.47 -16.70 37.67
C TYR K 163 11.07 -16.22 38.98
N MET K 164 11.61 -17.17 39.75
CA MET K 164 12.18 -16.89 41.06
C MET K 164 13.43 -16.01 40.95
N THR K 165 13.55 -15.03 41.84
CA THR K 165 14.72 -14.16 41.87
C THR K 165 15.47 -14.26 43.19
N ASP K 166 16.78 -14.45 43.09
CA ASP K 166 17.63 -14.60 44.28
C ASP K 166 18.17 -13.25 44.73
N GLU K 167 17.74 -12.78 45.89
CA GLU K 167 18.14 -11.48 46.40
C GLU K 167 18.75 -11.55 47.81
N ARG K 168 19.25 -12.72 48.17
CA ARG K 168 19.83 -12.95 49.49
C ARG K 168 20.99 -12.00 49.80
N PHE K 169 21.66 -11.52 48.77
CA PHE K 169 22.85 -10.70 48.95
C PHE K 169 22.59 -9.26 48.57
N LYS K 170 21.31 -8.91 48.45
CA LYS K 170 20.90 -7.55 48.11
C LYS K 170 20.64 -6.78 49.41
N SER K 171 21.25 -5.59 49.53
CA SER K 171 21.03 -4.74 50.70
C SER K 171 19.55 -4.47 50.94
N GLU K 179 6.45 -8.75 44.25
CA GLU K 179 5.02 -8.91 43.96
C GLU K 179 4.76 -10.04 42.98
N TYR K 180 4.88 -11.27 43.47
CA TYR K 180 4.64 -12.45 42.64
C TYR K 180 3.15 -12.75 42.51
N ILE K 181 2.79 -13.41 41.41
CA ILE K 181 1.41 -13.89 41.22
C ILE K 181 1.05 -14.91 42.29
N LYS K 182 -0.23 -14.99 42.62
CA LYS K 182 -0.71 -15.93 43.62
C LYS K 182 -1.46 -17.10 42.98
N HIS K 183 -1.75 -16.97 41.69
CA HIS K 183 -2.48 -18.01 40.97
C HIS K 183 -1.89 -18.27 39.59
N LEU K 184 -1.82 -19.53 39.22
CA LEU K 184 -1.38 -19.93 37.89
C LEU K 184 -2.40 -20.88 37.26
N GLY K 185 -3.03 -20.44 36.18
CA GLY K 185 -4.00 -21.26 35.48
C GLY K 185 -3.44 -21.85 34.20
N VAL K 186 -3.74 -23.13 33.98
CA VAL K 186 -3.26 -23.83 32.79
C VAL K 186 -4.39 -24.52 32.05
N TYR K 187 -4.58 -24.13 30.79
CA TYR K 187 -5.54 -24.80 29.92
C TYR K 187 -4.81 -25.75 28.99
N ILE K 188 -5.17 -27.03 29.06
CA ILE K 188 -4.52 -28.04 28.25
C ILE K 188 -5.51 -29.16 27.93
N ASN K 189 -5.16 -30.01 26.96
CA ASN K 189 -6.03 -31.13 26.60
C ASN K 189 -5.68 -32.36 27.42
N ASN K 190 -6.70 -33.08 27.88
CA ASN K 190 -6.50 -34.21 28.78
C ASN K 190 -5.88 -33.74 30.09
N ALA K 191 -6.45 -32.67 30.65
CA ALA K 191 -5.90 -32.01 31.83
C ALA K 191 -5.73 -32.94 33.03
N ASP K 192 -6.63 -33.91 33.17
CA ASP K 192 -6.59 -34.82 34.30
C ASP K 192 -5.28 -35.59 34.40
N THR K 193 -4.68 -35.89 33.26
CA THR K 193 -3.43 -36.65 33.22
C THR K 193 -2.23 -35.79 33.63
N TYR K 194 -2.34 -34.48 33.45
CA TYR K 194 -1.22 -33.58 33.73
C TYR K 194 -1.21 -33.07 35.17
N LYS K 195 -2.33 -33.26 35.87
CA LYS K 195 -2.49 -32.71 37.22
C LYS K 195 -1.48 -33.25 38.23
N GLU K 196 -1.13 -34.52 38.11
CA GLU K 196 -0.22 -35.14 39.07
C GLU K 196 1.22 -34.63 38.95
N GLU K 197 1.53 -33.97 37.84
CA GLU K 197 2.87 -33.45 37.60
C GLU K 197 3.12 -32.13 38.33
N VAL K 198 2.04 -31.46 38.71
CA VAL K 198 2.14 -30.11 39.31
C VAL K 198 2.98 -30.07 40.57
N GLU K 199 2.62 -30.88 41.56
CA GLU K 199 3.33 -30.84 42.84
C GLU K 199 4.70 -31.51 42.73
N LYS K 200 4.87 -32.37 41.74
CA LYS K 200 6.17 -32.95 41.46
C LYS K 200 7.09 -31.89 40.87
N ALA K 201 6.51 -31.02 40.06
CA ALA K 201 7.24 -29.89 39.49
C ALA K 201 7.66 -28.92 40.59
N ARG K 202 6.77 -28.70 41.56
CA ARG K 202 7.04 -27.81 42.67
C ARG K 202 8.24 -28.31 43.47
N VAL K 203 8.29 -29.62 43.69
CA VAL K 203 9.38 -30.24 44.43
C VAL K 203 10.69 -30.22 43.66
N TYR K 204 10.64 -30.62 42.39
CA TYR K 204 11.81 -30.59 41.52
C TYR K 204 12.33 -29.18 41.37
N TYR K 205 11.42 -28.20 41.38
CA TYR K 205 11.80 -26.79 41.30
C TYR K 205 12.75 -26.38 42.42
N PHE K 206 12.38 -26.69 43.66
CA PHE K 206 13.16 -26.22 44.80
C PHE K 206 14.49 -26.93 44.93
N GLY K 207 14.52 -28.21 44.59
CA GLY K 207 15.77 -28.97 44.58
C GLY K 207 16.79 -28.31 43.68
N THR K 208 16.32 -27.88 42.50
CA THR K 208 17.17 -27.17 41.56
C THR K 208 17.54 -25.79 42.09
N TYR K 209 16.56 -25.09 42.64
CA TYR K 209 16.78 -23.75 43.17
C TYR K 209 17.63 -23.80 44.43
N TYR K 210 17.48 -24.86 45.20
CA TYR K 210 18.32 -25.07 46.39
C TYR K 210 19.79 -25.11 46.00
N ALA K 211 20.11 -25.96 45.03
CA ALA K 211 21.47 -26.09 44.52
C ALA K 211 21.95 -24.78 43.95
N SER K 212 21.07 -24.11 43.21
CA SER K 212 21.37 -22.80 42.65
C SER K 212 21.81 -21.82 43.72
N GLN K 213 21.16 -21.88 44.88
CA GLN K 213 21.49 -21.00 46.00
C GLN K 213 22.88 -21.29 46.54
N LEU K 214 23.25 -22.57 46.60
CA LEU K 214 24.55 -22.98 47.10
C LEU K 214 25.66 -22.57 46.14
N ILE K 215 25.41 -22.75 44.85
CA ILE K 215 26.39 -22.43 43.82
C ILE K 215 26.62 -20.93 43.68
N ALA K 216 25.53 -20.17 43.58
CA ALA K 216 25.62 -18.72 43.41
C ALA K 216 26.30 -18.06 44.62
N ALA K 217 26.13 -18.68 45.78
CA ALA K 217 26.77 -18.19 47.00
C ALA K 217 28.28 -18.15 46.86
N PRO K 218 28.89 -16.98 47.10
CA PRO K 218 30.33 -16.77 46.97
C PRO K 218 31.13 -17.63 47.95
N SER K 219 32.42 -17.79 47.68
CA SER K 219 33.27 -18.70 48.44
C SER K 219 33.52 -18.22 49.87
N ASN K 220 33.29 -16.93 50.11
CA ASN K 220 33.46 -16.39 51.46
C ASN K 220 32.26 -16.77 52.32
N TYR K 221 31.11 -16.96 51.70
CA TYR K 221 29.93 -17.47 52.38
C TYR K 221 29.92 -18.98 52.37
N CYS K 222 30.13 -19.56 51.19
CA CYS K 222 30.08 -21.01 51.02
C CYS K 222 31.47 -21.62 51.06
N ASN K 223 31.85 -22.15 52.22
CA ASN K 223 33.12 -22.82 52.40
C ASN K 223 32.89 -24.24 52.92
N PRO K 224 33.97 -25.04 53.02
CA PRO K 224 33.85 -26.44 53.48
C PRO K 224 33.12 -26.57 54.81
N VAL K 225 33.30 -25.63 55.70
CA VAL K 225 32.66 -25.67 57.01
C VAL K 225 31.20 -25.24 56.93
N SER K 226 30.96 -24.13 56.25
CA SER K 226 29.61 -23.58 56.14
C SER K 226 28.71 -24.41 55.21
N LEU K 227 29.32 -25.03 54.21
CA LEU K 227 28.58 -25.84 53.26
C LEU K 227 28.11 -27.15 53.91
N SER K 228 28.98 -27.76 54.71
CA SER K 228 28.64 -28.99 55.42
C SER K 228 27.57 -28.74 56.47
N ASN K 229 27.64 -27.58 57.12
CA ASN K 229 26.63 -27.19 58.11
C ASN K 229 25.26 -27.03 57.46
N ALA K 230 25.22 -26.43 56.28
CA ALA K 230 23.99 -26.26 55.53
C ALA K 230 23.38 -27.61 55.17
N ALA K 231 24.26 -28.58 54.89
CA ALA K 231 23.83 -29.93 54.55
C ALA K 231 23.22 -30.60 55.78
N VAL K 232 23.78 -30.31 56.95
CA VAL K 232 23.28 -30.85 58.20
C VAL K 232 21.89 -30.32 58.52
N GLU K 233 21.69 -29.01 58.33
CA GLU K 233 20.40 -28.39 58.58
C GLU K 233 19.34 -28.98 57.65
N LEU K 234 19.72 -29.18 56.39
CA LEU K 234 18.83 -29.77 55.40
C LEU K 234 18.45 -31.21 55.77
N ALA K 235 19.44 -31.94 56.29
CA ALA K 235 19.24 -33.33 56.69
C ALA K 235 18.29 -33.43 57.88
N GLN K 236 18.33 -32.44 58.76
CA GLN K 236 17.49 -32.42 59.95
C GLN K 236 16.03 -32.10 59.59
N LYS K 237 15.84 -31.25 58.59
CA LYS K 237 14.50 -30.86 58.15
C LYS K 237 13.82 -31.96 57.33
N LEU K 238 14.63 -32.85 56.76
CA LEU K 238 14.12 -33.93 55.93
C LEU K 238 14.04 -35.21 56.75
N ASN K 239 14.72 -35.20 57.89
CA ASN K 239 14.75 -36.35 58.79
C ASN K 239 15.63 -37.43 58.20
N LEU K 240 16.74 -37.01 57.61
CA LEU K 240 17.71 -37.92 57.01
C LEU K 240 18.88 -38.17 57.96
N GLU K 241 19.41 -39.38 57.91
CA GLU K 241 20.63 -39.69 58.64
C GLU K 241 21.79 -38.89 58.06
N TYR K 242 22.65 -38.37 58.92
CA TYR K 242 23.77 -37.55 58.45
C TYR K 242 25.04 -37.82 59.23
N LYS K 243 26.18 -37.57 58.57
CA LYS K 243 27.48 -37.73 59.22
C LYS K 243 28.50 -36.79 58.58
N ILE K 244 29.12 -35.96 59.41
CA ILE K 244 30.15 -35.04 58.91
C ILE K 244 31.52 -35.45 59.45
N LEU K 245 32.36 -35.95 58.57
CA LEU K 245 33.69 -36.41 58.96
C LEU K 245 34.69 -35.26 58.95
N GLY K 246 35.41 -35.10 60.06
CA GLY K 246 36.42 -34.06 60.16
C GLY K 246 37.78 -34.57 59.74
N VAL K 247 38.80 -33.72 59.91
CA VAL K 247 40.15 -34.05 59.48
C VAL K 247 40.70 -35.26 60.22
N LYS K 248 40.39 -35.36 61.51
CA LYS K 248 40.90 -36.46 62.33
C LYS K 248 40.35 -37.81 61.84
N GLU K 249 39.09 -37.82 61.44
CA GLU K 249 38.46 -39.02 60.93
C GLU K 249 38.98 -39.35 59.53
N LEU K 250 39.17 -38.31 58.73
CA LEU K 250 39.67 -38.46 57.37
C LEU K 250 41.11 -38.95 57.36
N GLU K 251 41.89 -38.54 58.36
CA GLU K 251 43.26 -39.00 58.51
C GLU K 251 43.29 -40.48 58.86
N GLU K 252 42.36 -40.89 59.71
CA GLU K 252 42.24 -42.30 60.10
C GLU K 252 41.89 -43.17 58.89
N LEU K 253 41.10 -42.62 57.98
CA LEU K 253 40.66 -43.35 56.79
C LEU K 253 41.70 -43.31 55.68
N LYS K 254 42.81 -42.62 55.93
CA LYS K 254 43.92 -42.56 55.00
C LYS K 254 43.53 -41.94 53.67
N MET K 255 42.72 -40.90 53.72
CA MET K 255 42.29 -40.20 52.51
C MET K 255 43.31 -39.11 52.15
N GLY K 256 44.47 -39.54 51.67
CA GLY K 256 45.58 -38.63 51.40
C GLY K 256 45.41 -37.76 50.18
N ALA K 257 44.68 -38.28 49.18
CA ALA K 257 44.42 -37.52 47.96
C ALA K 257 43.48 -36.35 48.25
N TYR K 258 42.41 -36.65 48.96
CA TYR K 258 41.41 -35.63 49.33
C TYR K 258 42.01 -34.60 50.28
N LEU K 259 42.78 -35.06 51.26
CA LEU K 259 43.36 -34.18 52.26
C LEU K 259 44.45 -33.27 51.68
N SER K 260 45.17 -33.77 50.68
CA SER K 260 46.27 -33.02 50.09
C SER K 260 45.80 -31.72 49.44
N VAL K 261 44.67 -31.79 48.73
CA VAL K 261 44.13 -30.62 48.04
C VAL K 261 43.75 -29.51 49.01
N GLY K 262 43.29 -29.89 50.20
CA GLY K 262 42.80 -28.93 51.17
C GLY K 262 43.82 -28.42 52.17
N LYS K 263 45.08 -28.84 52.02
CA LYS K 263 46.13 -28.44 52.95
C LYS K 263 46.31 -26.93 53.01
N GLY K 264 46.11 -26.26 51.89
CA GLY K 264 46.36 -24.83 51.79
C GLY K 264 45.18 -23.96 52.17
N SER K 265 44.12 -24.57 52.67
CA SER K 265 42.92 -23.83 53.02
C SER K 265 42.88 -23.47 54.50
N MET K 266 42.22 -22.35 54.81
CA MET K 266 41.99 -21.94 56.19
C MET K 266 40.81 -22.71 56.76
N TYR K 267 40.02 -23.31 55.87
CA TYR K 267 38.87 -24.09 56.26
C TYR K 267 39.21 -25.59 56.26
N PRO K 268 38.97 -26.26 57.39
CA PRO K 268 39.23 -27.70 57.51
C PRO K 268 38.35 -28.51 56.56
N ASN K 269 38.88 -29.63 56.08
CA ASN K 269 38.11 -30.50 55.20
C ASN K 269 36.88 -31.07 55.90
N LYS K 270 35.79 -31.20 55.16
CA LYS K 270 34.56 -31.77 55.68
C LYS K 270 33.95 -32.74 54.68
N PHE K 271 33.84 -34.00 55.06
CA PHE K 271 33.26 -35.00 54.18
C PHE K 271 31.80 -35.20 54.54
N ILE K 272 30.91 -34.87 53.60
CA ILE K 272 29.48 -34.96 53.84
C ILE K 272 28.93 -36.33 53.50
N HIS K 273 28.20 -36.91 54.44
CA HIS K 273 27.57 -38.22 54.22
C HIS K 273 26.12 -38.20 54.70
N LEU K 274 25.21 -38.00 53.76
CA LEU K 274 23.77 -38.10 54.04
C LEU K 274 23.24 -39.44 53.56
N THR K 275 22.23 -39.96 54.23
CA THR K 275 21.65 -41.25 53.86
C THR K 275 20.13 -41.23 53.91
N TYR K 276 19.51 -41.68 52.82
CA TYR K 276 18.07 -41.92 52.81
C TYR K 276 17.81 -43.42 52.74
N LYS K 277 17.08 -43.94 53.71
CA LYS K 277 16.72 -45.35 53.72
C LYS K 277 15.20 -45.51 53.68
N SER K 278 14.72 -46.35 52.77
CA SER K 278 13.29 -46.56 52.61
C SER K 278 12.75 -47.33 53.83
N LYS K 279 11.51 -47.04 54.20
CA LYS K 279 10.89 -47.69 55.36
C LYS K 279 10.45 -49.11 55.06
N GLY K 280 10.75 -49.59 53.86
CA GLY K 280 10.38 -50.92 53.45
C GLY K 280 11.60 -51.79 53.20
N ASP K 281 11.43 -52.83 52.39
CA ASP K 281 12.51 -53.74 52.07
C ASP K 281 13.56 -53.10 51.17
N VAL K 282 14.74 -52.83 51.71
CA VAL K 282 15.79 -52.22 50.90
C VAL K 282 16.13 -53.18 49.78
N LYS K 283 16.27 -52.65 48.57
CA LYS K 283 16.51 -53.49 47.40
C LYS K 283 17.72 -53.00 46.62
N LYS K 284 17.62 -51.84 46.01
CA LYS K 284 18.77 -51.25 45.34
C LYS K 284 19.42 -50.18 46.21
N LYS K 285 20.74 -50.29 46.38
CA LYS K 285 21.53 -49.33 47.14
C LYS K 285 22.37 -48.45 46.22
N ILE K 286 22.26 -47.13 46.38
CA ILE K 286 22.96 -46.20 45.49
C ILE K 286 23.76 -45.16 46.25
N ALA K 287 24.97 -44.90 45.76
CA ALA K 287 25.81 -43.84 46.31
C ALA K 287 25.99 -42.72 45.29
N LEU K 288 25.61 -41.50 45.70
CA LEU K 288 25.76 -40.32 44.83
C LEU K 288 26.90 -39.42 45.31
N VAL K 289 27.91 -39.26 44.46
CA VAL K 289 29.09 -38.49 44.81
C VAL K 289 29.16 -37.19 44.01
N GLY K 290 29.22 -36.07 44.71
CA GLY K 290 29.30 -34.78 44.04
C GLY K 290 30.59 -34.07 44.39
N LYS K 291 31.23 -33.47 43.38
CA LYS K 291 32.45 -32.70 43.60
C LYS K 291 32.15 -31.46 44.41
N GLY K 292 32.88 -31.26 45.50
CA GLY K 292 32.63 -30.16 46.40
C GLY K 292 33.82 -29.29 46.71
N ILE K 293 34.32 -28.59 45.69
CA ILE K 293 35.37 -27.60 45.88
C ILE K 293 34.74 -26.21 45.94
N THR K 294 34.71 -25.65 47.15
CA THR K 294 34.01 -24.38 47.39
C THR K 294 34.65 -23.22 46.62
N PHE K 295 35.95 -23.30 46.38
CA PHE K 295 36.61 -22.38 45.48
C PHE K 295 37.88 -22.99 44.90
N ASP K 296 38.02 -22.86 43.58
CA ASP K 296 39.19 -23.38 42.89
C ASP K 296 40.06 -22.26 42.34
N SER K 297 41.12 -21.93 43.07
CA SER K 297 42.08 -20.93 42.61
C SER K 297 43.04 -21.57 41.62
N GLY K 298 43.12 -22.90 41.66
CA GLY K 298 44.02 -23.64 40.80
C GLY K 298 45.26 -24.11 41.54
N GLY K 299 45.44 -23.62 42.76
CA GLY K 299 46.63 -23.91 43.54
C GLY K 299 47.85 -23.23 42.93
N TYR K 300 49.02 -23.82 43.13
CA TYR K 300 50.25 -23.27 42.56
C TYR K 300 50.21 -23.29 41.04
N ASN K 301 49.38 -24.18 40.49
CA ASN K 301 49.03 -24.09 39.07
C ASN K 301 47.89 -23.08 38.93
N LEU K 302 48.15 -21.86 39.36
CA LEU K 302 47.13 -20.82 39.49
C LEU K 302 46.39 -20.56 38.18
N LYS K 303 45.09 -20.35 38.27
CA LYS K 303 44.30 -19.98 37.11
C LYS K 303 44.59 -18.54 36.72
N ALA K 304 45.70 -18.35 36.01
CA ALA K 304 46.15 -17.02 35.62
C ALA K 304 46.11 -16.88 34.11
N ALA K 305 46.01 -18.01 33.42
CA ALA K 305 45.96 -18.02 31.96
C ALA K 305 44.65 -17.41 31.47
N PRO K 306 44.71 -16.71 30.33
CA PRO K 306 43.53 -16.09 29.72
C PRO K 306 42.45 -17.13 29.40
N GLY K 307 41.23 -16.87 29.87
CA GLY K 307 40.12 -17.77 29.62
C GLY K 307 39.92 -18.82 30.70
N SER K 308 40.69 -18.71 31.79
CA SER K 308 40.59 -19.68 32.87
C SER K 308 39.40 -19.38 33.79
N MET K 309 38.91 -18.15 33.71
CA MET K 309 37.70 -17.74 34.42
C MET K 309 37.72 -18.07 35.91
N ILE K 310 38.72 -17.55 36.62
CA ILE K 310 38.90 -17.86 38.04
C ILE K 310 37.78 -17.27 38.88
N ASP K 311 37.14 -16.21 38.37
CA ASP K 311 36.07 -15.54 39.10
C ASP K 311 34.79 -16.37 39.14
N LEU K 312 34.78 -17.47 38.38
CA LEU K 312 33.62 -18.35 38.32
C LEU K 312 33.77 -19.54 39.25
N MET K 313 34.98 -19.78 39.74
CA MET K 313 35.31 -21.03 40.41
C MET K 313 34.65 -21.23 41.78
N LYS K 314 33.67 -20.40 42.10
CA LYS K 314 32.83 -20.64 43.26
C LYS K 314 31.85 -21.76 42.94
N PHE K 315 31.70 -22.05 41.65
CA PHE K 315 30.73 -23.03 41.17
C PHE K 315 31.31 -24.44 41.15
N ASP K 316 32.53 -24.59 41.63
CA ASP K 316 33.23 -25.87 41.55
C ASP K 316 32.67 -26.87 42.57
N MET K 317 31.62 -26.46 43.26
CA MET K 317 30.90 -27.35 44.16
C MET K 317 29.50 -27.60 43.62
N SER K 318 29.34 -27.38 42.32
CA SER K 318 28.05 -27.55 41.65
C SER K 318 27.56 -28.99 41.77
N GLY K 319 28.50 -29.93 41.69
CA GLY K 319 28.17 -31.34 41.81
C GLY K 319 27.65 -31.67 43.18
N CYS K 320 28.34 -31.18 44.21
CA CYS K 320 27.91 -31.36 45.59
C CYS K 320 26.54 -30.74 45.82
N ALA K 321 26.32 -29.55 45.27
CA ALA K 321 25.05 -28.86 45.39
C ALA K 321 23.93 -29.66 44.73
N ALA K 322 24.25 -30.27 43.59
CA ALA K 322 23.30 -31.10 42.87
C ALA K 322 22.92 -32.32 43.68
N VAL K 323 23.91 -32.93 44.35
CA VAL K 323 23.68 -34.10 45.17
C VAL K 323 22.79 -33.76 46.35
N LEU K 324 23.05 -32.61 46.97
CA LEU K 324 22.25 -32.14 48.09
C LEU K 324 20.84 -31.77 47.63
N GLY K 325 20.76 -31.17 46.45
CA GLY K 325 19.48 -30.83 45.85
C GLY K 325 18.68 -32.08 45.56
N CYS K 326 19.36 -33.13 45.13
CA CYS K 326 18.73 -34.42 44.90
C CYS K 326 18.25 -35.00 46.22
N ALA K 327 19.02 -34.77 47.28
CA ALA K 327 18.68 -35.23 48.61
C ALA K 327 17.33 -34.68 49.06
N TYR K 328 17.07 -33.41 48.72
CA TYR K 328 15.80 -32.80 49.07
C TYR K 328 14.65 -33.50 48.35
N CYS K 329 14.80 -33.73 47.06
CA CYS K 329 13.75 -34.36 46.25
C CYS K 329 13.46 -35.78 46.73
N VAL K 330 14.51 -36.55 46.98
CA VAL K 330 14.35 -37.92 47.43
C VAL K 330 13.77 -37.95 48.84
N GLY K 331 14.27 -37.06 49.69
CA GLY K 331 13.81 -36.97 51.07
C GLY K 331 12.39 -36.47 51.16
N THR K 332 11.94 -35.76 50.13
CA THR K 332 10.59 -35.21 50.11
C THR K 332 9.58 -36.18 49.52
N LEU K 333 9.96 -36.82 48.41
CA LEU K 333 9.06 -37.72 47.71
C LEU K 333 9.05 -39.12 48.32
N LYS K 334 10.11 -39.47 49.04
CA LYS K 334 10.20 -40.75 49.75
C LYS K 334 9.98 -41.97 48.86
N PRO K 335 10.96 -42.28 48.01
CA PRO K 335 10.88 -43.49 47.17
C PRO K 335 11.00 -44.75 48.02
N GLU K 336 10.49 -45.87 47.52
CA GLU K 336 10.48 -47.12 48.28
C GLU K 336 11.57 -48.09 47.85
N ASN K 337 11.94 -48.99 48.75
CA ASN K 337 12.84 -50.09 48.40
C ASN K 337 14.23 -49.61 47.99
N VAL K 338 14.61 -48.43 48.43
CA VAL K 338 15.89 -47.86 48.03
C VAL K 338 16.66 -47.26 49.20
N GLU K 339 17.98 -47.38 49.15
CA GLU K 339 18.86 -46.73 50.10
C GLU K 339 19.87 -45.86 49.35
N ILE K 340 19.84 -44.56 49.63
CA ILE K 340 20.70 -43.63 48.90
C ILE K 340 21.66 -42.92 49.84
N HIS K 341 22.93 -42.91 49.45
CA HIS K 341 23.94 -42.18 50.21
C HIS K 341 24.41 -40.96 49.43
N PHE K 342 24.25 -39.79 50.05
CA PHE K 342 24.67 -38.54 49.42
C PHE K 342 26.03 -38.15 49.98
N LEU K 343 27.05 -38.22 49.14
CA LEU K 343 28.44 -38.04 49.58
C LEU K 343 29.11 -36.85 48.91
N SER K 344 29.97 -36.18 49.65
CA SER K 344 30.76 -35.09 49.09
C SER K 344 32.00 -34.79 49.93
N ALA K 345 33.18 -34.97 49.33
CA ALA K 345 34.42 -34.57 49.96
C ALA K 345 34.65 -33.08 49.71
N VAL K 346 34.25 -32.25 50.67
CA VAL K 346 34.28 -30.80 50.49
C VAL K 346 35.56 -30.16 51.00
N CYS K 347 36.13 -29.27 50.20
CA CYS K 347 37.32 -28.52 50.60
C CYS K 347 37.56 -27.34 49.67
N GLU K 348 38.67 -26.65 49.87
CA GLU K 348 39.01 -25.48 49.07
C GLU K 348 40.44 -25.55 48.57
N ASN K 349 40.64 -25.23 47.29
CA ASN K 349 41.96 -25.32 46.66
C ASN K 349 42.64 -23.96 46.57
N MET K 350 43.50 -23.66 47.54
CA MET K 350 44.10 -22.35 47.67
C MET K 350 45.62 -22.38 47.54
N VAL K 351 46.22 -21.20 47.44
CA VAL K 351 47.68 -21.08 47.39
C VAL K 351 48.19 -20.60 48.75
N SER K 352 49.10 -21.38 49.33
CA SER K 352 49.60 -21.09 50.67
C SER K 352 50.94 -21.77 50.91
N LYS K 353 51.56 -21.48 52.05
CA LYS K 353 52.77 -22.18 52.43
C LYS K 353 52.45 -23.64 52.75
N ASN K 354 51.17 -23.91 53.00
CA ASN K 354 50.71 -25.24 53.38
C ASN K 354 50.13 -26.02 52.20
N SER K 355 50.03 -25.38 51.05
CA SER K 355 49.47 -26.01 49.86
C SER K 355 50.34 -27.16 49.35
N TYR K 356 49.72 -28.10 48.64
CA TYR K 356 50.49 -29.18 48.02
C TYR K 356 51.09 -28.69 46.71
N ARG K 357 52.20 -29.30 46.30
CA ARG K 357 52.96 -28.82 45.16
C ARG K 357 52.82 -29.71 43.93
N PRO K 358 53.02 -29.12 42.74
CA PRO K 358 53.16 -29.90 41.50
C PRO K 358 54.36 -30.83 41.58
N GLY K 359 54.15 -32.11 41.32
CA GLY K 359 55.24 -33.08 41.42
C GLY K 359 55.11 -33.92 42.67
N ASP K 360 54.34 -33.41 43.64
CA ASP K 360 54.11 -34.11 44.89
C ASP K 360 53.50 -35.49 44.66
N ILE K 361 53.99 -36.48 45.39
CA ILE K 361 53.43 -37.82 45.33
C ILE K 361 52.62 -38.08 46.59
N ILE K 362 51.34 -38.39 46.42
CA ILE K 362 50.44 -38.57 47.54
C ILE K 362 49.76 -39.94 47.50
N THR K 363 49.26 -40.38 48.65
CA THR K 363 48.66 -41.70 48.76
C THR K 363 47.16 -41.66 49.02
N ALA K 364 46.39 -42.33 48.16
CA ALA K 364 44.95 -42.41 48.30
C ALA K 364 44.58 -43.47 49.35
N SER K 365 43.31 -43.47 49.75
CA SER K 365 42.84 -44.37 50.80
C SER K 365 42.89 -45.85 50.39
N ASN K 366 42.99 -46.11 49.09
CA ASN K 366 43.08 -47.48 48.60
C ASN K 366 44.51 -47.95 48.41
N GLY K 367 45.47 -47.14 48.84
CA GLY K 367 46.87 -47.50 48.81
C GLY K 367 47.63 -47.04 47.58
N LYS K 368 46.90 -46.67 46.53
CA LYS K 368 47.53 -46.21 45.30
C LYS K 368 48.20 -44.85 45.47
N THR K 369 49.48 -44.77 45.09
CA THR K 369 50.21 -43.51 45.15
C THR K 369 50.00 -42.72 43.86
N ILE K 370 49.89 -41.41 43.99
CA ILE K 370 49.57 -40.55 42.85
C ILE K 370 50.59 -39.44 42.72
N GLU K 371 51.10 -39.25 41.51
CA GLU K 371 52.01 -38.16 41.21
C GLU K 371 51.25 -36.94 40.69
N VAL K 372 51.28 -35.85 41.45
CA VAL K 372 50.59 -34.63 41.06
C VAL K 372 51.36 -33.88 39.98
N GLY K 373 50.73 -33.74 38.81
CA GLY K 373 51.34 -33.01 37.71
C GLY K 373 50.75 -31.63 37.55
N ASN K 374 49.60 -31.40 38.18
CA ASN K 374 48.90 -30.14 38.08
C ASN K 374 47.93 -29.95 39.24
N THR K 375 48.21 -28.97 40.09
CA THR K 375 47.39 -28.73 41.28
C THR K 375 45.98 -28.25 40.93
N ASP K 376 45.78 -27.88 39.68
CA ASP K 376 44.48 -27.39 39.24
C ASP K 376 43.56 -28.55 38.85
N ALA K 377 44.12 -29.75 38.81
CA ALA K 377 43.32 -30.96 38.61
C ALA K 377 42.95 -31.59 39.95
N GLU K 378 42.46 -30.77 40.86
CA GLU K 378 42.22 -31.20 42.24
C GLU K 378 40.94 -32.02 42.38
N GLY K 379 40.01 -31.83 41.44
CA GLY K 379 38.72 -32.50 41.50
C GLY K 379 38.80 -34.02 41.55
N ARG K 380 39.56 -34.60 40.62
CA ARG K 380 39.70 -36.05 40.54
C ARG K 380 40.38 -36.64 41.77
N LEU K 381 41.21 -35.83 42.43
CA LEU K 381 41.89 -36.27 43.64
C LEU K 381 40.91 -36.48 44.78
N THR K 382 40.00 -35.53 44.94
CA THR K 382 38.97 -35.63 45.97
C THR K 382 37.98 -36.74 45.66
N LEU K 383 37.63 -36.87 44.38
CA LEU K 383 36.70 -37.90 43.93
C LEU K 383 37.28 -39.31 44.12
N ALA K 384 38.60 -39.43 43.96
CA ALA K 384 39.26 -40.72 44.09
C ALA K 384 39.01 -41.33 45.47
N ASP K 385 39.25 -40.54 46.51
CA ASP K 385 39.04 -40.99 47.88
C ASP K 385 37.56 -41.14 48.20
N ALA K 386 36.72 -40.34 47.56
CA ALA K 386 35.28 -40.40 47.77
C ALA K 386 34.70 -41.68 47.17
N LEU K 387 35.21 -42.08 46.02
CA LEU K 387 34.76 -43.30 45.36
C LEU K 387 35.18 -44.53 46.14
N VAL K 388 36.38 -44.49 46.71
CA VAL K 388 36.87 -45.57 47.55
C VAL K 388 35.97 -45.68 48.77
N TYR K 389 35.62 -44.54 49.35
CA TYR K 389 34.72 -44.48 50.48
C TYR K 389 33.35 -45.00 50.07
N ALA K 390 32.92 -44.60 48.87
CA ALA K 390 31.63 -45.02 48.33
C ALA K 390 31.55 -46.54 48.13
N GLU K 391 32.56 -47.12 47.49
CA GLU K 391 32.56 -48.54 47.20
C GLU K 391 32.62 -49.40 48.46
N LYS K 392 33.20 -48.85 49.52
CA LYS K 392 33.30 -49.55 50.79
C LYS K 392 31.94 -49.66 51.46
N LEU K 393 30.98 -48.87 50.98
CA LEU K 393 29.62 -48.92 51.50
C LEU K 393 28.86 -50.12 50.96
N GLY K 394 29.43 -50.78 49.96
CA GLY K 394 28.81 -51.94 49.35
C GLY K 394 27.51 -51.58 48.66
N VAL K 395 27.61 -50.69 47.68
CA VAL K 395 26.42 -50.24 46.96
C VAL K 395 26.29 -50.93 45.61
N ASP K 396 25.13 -50.77 44.99
CA ASP K 396 24.88 -51.36 43.67
C ASP K 396 25.34 -50.42 42.57
N TYR K 397 25.14 -49.12 42.78
CA TYR K 397 25.52 -48.11 41.80
C TYR K 397 26.30 -46.97 42.42
N ILE K 398 27.38 -46.55 41.74
CA ILE K 398 28.08 -45.34 42.11
C ILE K 398 28.00 -44.33 40.96
N VAL K 399 27.39 -43.19 41.24
CA VAL K 399 27.29 -42.13 40.24
C VAL K 399 27.85 -40.83 40.78
N ASP K 400 28.87 -40.30 40.12
CA ASP K 400 29.46 -39.03 40.52
C ASP K 400 29.11 -37.92 39.53
N ILE K 401 28.99 -36.70 40.04
CA ILE K 401 28.68 -35.54 39.22
C ILE K 401 29.60 -34.39 39.63
N ALA K 402 30.29 -33.80 38.66
CA ALA K 402 31.33 -32.81 38.97
C ALA K 402 31.66 -31.87 37.81
N THR K 403 32.04 -30.65 38.16
CA THR K 403 32.58 -29.70 37.18
C THR K 403 34.06 -30.01 37.00
N LEU K 404 34.35 -31.09 36.27
CA LEU K 404 35.68 -31.68 36.28
C LEU K 404 36.64 -31.13 35.22
N THR K 405 36.19 -31.02 33.98
CA THR K 405 37.08 -30.64 32.89
C THR K 405 36.52 -29.54 32.00
N GLY K 406 37.33 -28.50 31.77
CA GLY K 406 36.97 -27.41 30.89
C GLY K 406 36.88 -27.84 29.45
N ALA K 407 37.49 -28.98 29.13
CA ALA K 407 37.48 -29.50 27.77
C ALA K 407 36.06 -29.79 27.30
N MET K 408 35.14 -29.96 28.25
CA MET K 408 33.73 -30.20 27.94
C MET K 408 33.15 -29.07 27.09
N LEU K 409 33.67 -27.85 27.30
CA LEU K 409 33.23 -26.70 26.54
C LEU K 409 33.58 -26.82 25.06
N TYR K 410 34.59 -27.64 24.76
CA TYR K 410 35.04 -27.81 23.39
C TYR K 410 34.45 -29.07 22.75
N SER K 411 33.90 -29.95 23.57
CA SER K 411 33.35 -31.21 23.09
C SER K 411 31.83 -31.13 22.92
N LEU K 412 31.12 -30.89 24.02
CA LEU K 412 29.66 -30.86 23.99
C LEU K 412 29.11 -29.45 24.19
N GLY K 413 29.93 -28.56 24.75
CA GLY K 413 29.53 -27.18 24.95
C GLY K 413 28.82 -26.91 26.26
N THR K 414 27.84 -26.01 26.22
CA THR K 414 27.18 -25.52 27.42
C THR K 414 25.79 -26.10 27.63
N SER K 415 25.33 -26.92 26.69
CA SER K 415 23.97 -27.47 26.77
C SER K 415 23.96 -28.92 27.24
N TYR K 416 24.86 -29.74 26.68
CA TYR K 416 24.90 -31.15 27.03
C TYR K 416 26.06 -31.49 27.97
N ALA K 417 25.74 -32.21 29.04
CA ALA K 417 26.76 -32.75 29.93
C ALA K 417 27.26 -34.06 29.37
N GLY K 418 28.45 -34.48 29.81
CA GLY K 418 29.03 -35.74 29.36
C GLY K 418 28.90 -36.81 30.41
N VAL K 419 28.56 -38.02 29.98
CA VAL K 419 28.46 -39.15 30.89
C VAL K 419 29.46 -40.24 30.51
N PHE K 420 30.22 -40.69 31.50
CA PHE K 420 31.17 -41.77 31.33
C PHE K 420 30.85 -42.87 32.32
N GLY K 421 31.38 -44.08 32.09
CA GLY K 421 31.12 -45.17 32.99
C GLY K 421 31.84 -46.47 32.63
N ASN K 422 31.74 -47.44 33.53
CA ASN K 422 32.33 -48.76 33.34
C ASN K 422 31.26 -49.83 33.14
N ASN K 423 30.02 -49.40 33.05
CA ASN K 423 28.89 -50.31 32.97
C ASN K 423 27.82 -49.84 31.99
N GLU K 424 27.59 -50.65 30.95
CA GLU K 424 26.69 -50.28 29.87
C GLU K 424 25.25 -50.06 30.36
N GLU K 425 24.80 -50.91 31.27
CA GLU K 425 23.43 -50.83 31.78
C GLU K 425 23.18 -49.58 32.61
N LEU K 426 24.13 -49.25 33.49
CA LEU K 426 24.01 -48.07 34.34
C LEU K 426 23.96 -46.77 33.55
N ILE K 427 24.80 -46.69 32.53
CA ILE K 427 24.86 -45.51 31.67
C ILE K 427 23.52 -45.28 30.98
N ASN K 428 22.90 -46.37 30.51
CA ASN K 428 21.61 -46.30 29.84
C ASN K 428 20.53 -45.78 30.78
N LYS K 429 20.64 -46.16 32.04
CA LYS K 429 19.70 -45.71 33.07
C LYS K 429 19.79 -44.19 33.25
N ILE K 430 21.02 -43.68 33.23
CA ILE K 430 21.25 -42.24 33.32
C ILE K 430 20.73 -41.52 32.08
N LEU K 431 20.95 -42.12 30.91
CA LEU K 431 20.47 -41.55 29.65
C LEU K 431 18.95 -41.46 29.64
N GLN K 432 18.30 -42.49 30.18
CA GLN K 432 16.85 -42.50 30.30
C GLN K 432 16.40 -41.38 31.23
N SER K 433 17.11 -41.23 32.34
CA SER K 433 16.83 -40.16 33.30
C SER K 433 16.99 -38.79 32.65
N SER K 434 17.95 -38.69 31.72
CA SER K 434 18.17 -37.46 30.97
C SER K 434 16.95 -37.10 30.14
N LYS K 435 16.34 -38.12 29.53
CA LYS K 435 15.17 -37.93 28.68
C LYS K 435 13.95 -37.49 29.47
N THR K 436 13.70 -38.14 30.60
CA THR K 436 12.51 -37.87 31.40
C THR K 436 12.65 -36.64 32.28
N SER K 437 13.89 -36.28 32.63
CA SER K 437 14.13 -35.10 33.44
C SER K 437 14.33 -33.87 32.56
N ASN K 438 14.56 -34.11 31.27
CA ASN K 438 14.83 -33.05 30.30
C ASN K 438 16.10 -32.27 30.63
N GLU K 439 17.04 -32.94 31.31
CA GLU K 439 18.38 -32.40 31.48
C GLU K 439 19.33 -33.21 30.60
N PRO K 440 19.67 -32.66 29.44
CA PRO K 440 20.39 -33.35 28.35
C PRO K 440 21.74 -33.94 28.76
N VAL K 441 21.97 -35.19 28.37
CA VAL K 441 23.22 -35.87 28.65
C VAL K 441 23.64 -36.72 27.45
N TRP K 442 24.92 -36.71 27.12
CA TRP K 442 25.43 -37.50 26.01
C TRP K 442 26.53 -38.47 26.46
N TRP K 443 26.48 -39.67 25.93
CA TRP K 443 27.43 -40.72 26.31
C TRP K 443 28.77 -40.53 25.62
N LEU K 444 29.83 -40.38 26.41
CA LEU K 444 31.17 -40.27 25.88
C LEU K 444 32.02 -41.47 26.29
N PRO K 445 32.96 -41.86 25.43
CA PRO K 445 33.74 -43.10 25.60
C PRO K 445 34.92 -42.94 26.54
N ILE K 446 35.16 -43.97 27.36
CA ILE K 446 36.39 -44.06 28.13
C ILE K 446 37.39 -44.88 27.33
N ILE K 447 38.26 -44.19 26.60
CA ILE K 447 39.17 -44.84 25.67
C ILE K 447 40.39 -45.43 26.36
N ASN K 448 40.43 -46.76 26.42
CA ASN K 448 41.48 -47.47 27.14
C ASN K 448 42.87 -47.27 26.53
N GLU K 449 42.91 -46.91 25.26
CA GLU K 449 44.17 -46.70 24.56
C GLU K 449 44.95 -45.53 25.16
N TYR K 450 44.23 -44.63 25.84
CA TYR K 450 44.85 -43.46 26.46
C TYR K 450 45.39 -43.76 27.85
N ARG K 451 45.04 -44.93 28.39
CA ARG K 451 45.42 -45.30 29.75
C ARG K 451 46.93 -45.25 29.97
N ALA K 452 47.70 -45.54 28.94
CA ALA K 452 49.15 -45.60 29.04
C ALA K 452 49.75 -44.24 29.37
N THR K 453 49.02 -43.17 29.07
CA THR K 453 49.50 -41.82 29.34
C THR K 453 49.49 -41.52 30.84
N LEU K 454 48.84 -42.40 31.60
CA LEU K 454 48.73 -42.23 33.05
C LEU K 454 49.80 -43.03 33.80
N ASN K 455 50.68 -43.69 33.06
CA ASN K 455 51.77 -44.44 33.67
C ASN K 455 52.85 -43.53 34.25
N SER K 456 52.90 -43.46 35.58
CA SER K 456 53.88 -42.62 36.24
C SER K 456 55.22 -43.34 36.35
N LYS K 457 56.30 -42.58 36.33
CA LYS K 457 57.65 -43.15 36.41
C LYS K 457 57.97 -43.63 37.82
N TYR K 458 57.46 -42.94 38.81
CA TYR K 458 57.79 -43.24 40.21
C TYR K 458 56.58 -43.64 41.03
N ALA K 459 55.44 -43.00 40.80
CA ALA K 459 54.22 -43.33 41.52
C ALA K 459 53.45 -44.43 40.81
N ASP K 460 52.43 -44.96 41.49
CA ASP K 460 51.59 -46.01 40.91
C ASP K 460 50.87 -45.50 39.66
N ILE K 461 50.47 -44.24 39.69
CA ILE K 461 49.68 -43.68 38.59
C ILE K 461 49.87 -42.16 38.50
N ASN K 462 49.74 -41.63 37.29
CA ASN K 462 49.79 -40.19 37.08
C ASN K 462 48.43 -39.54 37.30
N GLN K 463 48.44 -38.34 37.87
CA GLN K 463 47.23 -37.56 38.06
C GLN K 463 46.69 -37.09 36.71
N ILE K 464 47.59 -36.60 35.87
CA ILE K 464 47.20 -36.07 34.56
C ILE K 464 48.11 -36.60 33.47
N SER K 465 47.71 -36.36 32.22
CA SER K 465 48.54 -36.72 31.07
C SER K 465 49.38 -35.52 30.61
N SER K 466 50.56 -35.82 30.09
CA SER K 466 51.43 -34.78 29.56
C SER K 466 51.16 -34.54 28.09
N SER K 467 50.75 -35.59 27.38
CA SER K 467 50.52 -35.52 25.95
C SER K 467 49.06 -35.39 25.58
N VAL K 468 48.26 -36.41 25.89
CA VAL K 468 46.86 -36.47 25.50
C VAL K 468 46.07 -35.25 25.95
N LYS K 469 45.43 -34.56 25.00
CA LYS K 469 44.67 -33.36 25.29
C LYS K 469 43.17 -33.63 25.43
N ALA K 470 42.78 -34.88 25.24
CA ALA K 470 41.39 -35.26 25.48
C ALA K 470 41.19 -35.37 26.98
N SER K 471 41.21 -34.21 27.64
CA SER K 471 41.23 -34.10 29.09
C SER K 471 40.07 -34.80 29.78
N SER K 472 38.88 -34.71 29.18
CA SER K 472 37.68 -35.29 29.78
C SER K 472 37.78 -36.81 29.88
N ILE K 473 38.37 -37.43 28.86
CA ILE K 473 38.53 -38.88 28.85
C ILE K 473 39.65 -39.33 29.79
N VAL K 474 40.74 -38.57 29.80
CA VAL K 474 41.88 -38.89 30.68
C VAL K 474 41.46 -38.88 32.14
N ALA K 475 40.67 -37.87 32.52
CA ALA K 475 40.15 -37.77 33.87
C ALA K 475 39.26 -38.96 34.20
N SER K 476 38.45 -39.37 33.23
CA SER K 476 37.58 -40.54 33.40
C SER K 476 38.39 -41.81 33.59
N LEU K 477 39.49 -41.92 32.86
CA LEU K 477 40.40 -43.06 33.01
C LEU K 477 40.98 -43.10 34.41
N PHE K 478 41.30 -41.92 34.94
CA PHE K 478 41.82 -41.79 36.29
C PHE K 478 40.82 -42.30 37.33
N LEU K 479 39.61 -41.78 37.29
CA LEU K 479 38.58 -42.13 38.26
C LEU K 479 38.25 -43.62 38.26
N LYS K 480 38.25 -44.22 37.07
CA LYS K 480 37.92 -45.63 36.91
C LYS K 480 38.91 -46.52 37.68
N GLU K 481 40.09 -45.98 37.97
CA GLU K 481 41.12 -46.71 38.70
C GLU K 481 40.78 -46.84 40.19
N PHE K 482 39.67 -46.25 40.61
CA PHE K 482 39.29 -46.27 42.02
C PHE K 482 37.92 -46.91 42.25
N VAL K 483 37.43 -47.62 41.25
CA VAL K 483 36.22 -48.43 41.41
C VAL K 483 36.50 -49.86 40.93
N GLN K 484 36.68 -50.76 41.89
CA GLN K 484 37.17 -52.11 41.60
C GLN K 484 36.11 -53.05 41.03
N ASN K 485 34.95 -53.11 41.68
CA ASN K 485 33.94 -54.09 41.31
C ASN K 485 32.52 -53.57 41.54
N THR K 486 32.27 -52.33 41.11
CA THR K 486 30.95 -51.73 41.27
C THR K 486 30.56 -50.95 40.02
N ALA K 487 29.28 -50.98 39.67
CA ALA K 487 28.76 -50.20 38.55
C ALA K 487 28.96 -48.72 38.82
N TRP K 488 29.66 -48.03 37.92
CA TRP K 488 30.01 -46.64 38.16
C TRP K 488 29.88 -45.76 36.92
N ALA K 489 29.31 -44.58 37.11
CA ALA K 489 29.16 -43.61 36.04
C ALA K 489 29.66 -42.24 36.52
N HIS K 490 30.14 -41.43 35.58
CA HIS K 490 30.70 -40.13 35.92
C HIS K 490 30.13 -39.04 35.01
N ILE K 491 29.50 -38.04 35.61
CA ILE K 491 28.89 -36.95 34.86
C ILE K 491 29.70 -35.65 34.99
N ASP K 492 30.25 -35.19 33.88
CA ASP K 492 31.03 -33.96 33.86
C ASP K 492 30.15 -32.78 33.45
N ILE K 493 29.86 -31.89 34.40
CA ILE K 493 28.94 -30.79 34.16
C ILE K 493 29.65 -29.44 34.13
N ALA K 494 30.95 -29.47 33.80
CA ALA K 494 31.75 -28.26 33.77
C ALA K 494 31.19 -27.22 32.80
N GLY K 495 30.73 -27.69 31.64
CA GLY K 495 30.24 -26.81 30.60
C GLY K 495 28.80 -26.36 30.77
N VAL K 496 28.01 -27.14 31.49
CA VAL K 496 26.57 -26.89 31.59
C VAL K 496 26.12 -26.33 32.94
N SER K 497 27.00 -26.36 33.93
CA SER K 497 26.64 -25.94 35.29
C SER K 497 26.20 -24.47 35.35
N TRP K 498 27.00 -23.59 34.75
CA TRP K 498 26.74 -22.16 34.83
C TRP K 498 26.07 -21.61 33.57
N ASN K 499 25.00 -20.86 33.76
CA ASN K 499 24.34 -20.18 32.66
C ASN K 499 24.95 -18.81 32.43
N PHE K 500 25.87 -18.74 31.46
CA PHE K 500 26.64 -17.52 31.22
C PHE K 500 25.78 -16.37 30.70
N LYS K 501 24.79 -16.69 29.89
CA LYS K 501 23.90 -15.67 29.33
C LYS K 501 23.08 -15.03 30.44
N ALA K 502 22.63 -15.84 31.39
CA ALA K 502 21.77 -15.36 32.47
C ALA K 502 22.60 -14.93 33.68
N ARG K 503 23.90 -15.19 33.61
CA ARG K 503 24.83 -14.85 34.68
C ARG K 503 24.46 -15.54 35.98
N LYS K 504 24.05 -16.80 35.90
CA LYS K 504 23.66 -17.55 37.10
C LYS K 504 23.70 -19.05 36.85
N PRO K 505 23.69 -19.84 37.93
CA PRO K 505 23.73 -21.31 37.84
C PRO K 505 22.45 -21.91 37.28
N LYS K 506 22.52 -23.15 36.81
CA LYS K 506 21.37 -23.85 36.29
C LYS K 506 20.78 -24.82 37.33
N GLY K 507 21.60 -25.19 38.30
CA GLY K 507 21.23 -26.24 39.24
C GLY K 507 21.14 -27.57 38.51
N PHE K 508 22.01 -27.75 37.52
CA PHE K 508 22.00 -28.92 36.66
C PHE K 508 22.34 -30.20 37.43
N GLY K 509 21.54 -31.24 37.21
CA GLY K 509 21.82 -32.54 37.79
C GLY K 509 20.86 -33.00 38.87
N VAL K 510 20.15 -32.05 39.48
CA VAL K 510 19.23 -32.36 40.56
C VAL K 510 18.08 -33.24 40.08
N ARG K 511 17.44 -32.83 39.00
CA ARG K 511 16.32 -33.56 38.42
C ARG K 511 16.78 -34.86 37.75
N LEU K 512 17.95 -34.80 37.11
CA LEU K 512 18.52 -35.97 36.46
C LEU K 512 18.79 -37.09 37.47
N LEU K 513 19.43 -36.74 38.58
CA LEU K 513 19.78 -37.71 39.59
C LEU K 513 18.55 -38.22 40.34
N THR K 514 17.57 -37.33 40.53
CA THR K 514 16.34 -37.69 41.22
C THR K 514 15.52 -38.67 40.40
N GLU K 515 15.39 -38.40 39.11
CA GLU K 515 14.70 -39.30 38.19
C GLU K 515 15.38 -40.65 38.12
N PHE K 516 16.71 -40.64 38.23
CA PHE K 516 17.49 -41.89 38.24
C PHE K 516 17.12 -42.71 39.46
N VAL K 517 17.02 -42.06 40.61
CA VAL K 517 16.65 -42.74 41.85
C VAL K 517 15.19 -43.19 41.82
N LEU K 518 14.33 -42.37 41.23
CA LEU K 518 12.89 -42.67 41.21
C LEU K 518 12.54 -43.67 40.12
N ASN K 519 13.13 -43.50 38.94
CA ASN K 519 12.84 -44.36 37.80
C ASN K 519 13.67 -45.65 37.83
N SER L 3 66.39 -32.33 63.42
CA SER L 3 65.20 -31.49 63.41
C SER L 3 63.97 -32.24 62.90
N GLU L 4 62.83 -31.99 63.54
CA GLU L 4 61.58 -32.64 63.19
C GLU L 4 60.89 -31.94 62.02
N VAL L 5 60.51 -32.71 61.01
CA VAL L 5 59.85 -32.17 59.82
C VAL L 5 58.39 -31.87 60.13
N PRO L 6 57.99 -30.60 59.94
CA PRO L 6 56.62 -30.14 60.19
C PRO L 6 55.61 -30.71 59.22
N GLN L 7 54.38 -30.93 59.68
CA GLN L 7 53.32 -31.46 58.84
C GLN L 7 52.08 -30.58 58.88
N VAL L 8 51.29 -30.65 57.81
CA VAL L 8 49.98 -30.00 57.77
C VAL L 8 48.92 -31.02 58.14
N VAL L 9 49.08 -32.23 57.61
CA VAL L 9 48.23 -33.35 57.99
C VAL L 9 49.12 -34.51 58.45
N SER L 10 48.52 -35.46 59.15
CA SER L 10 49.27 -36.58 59.71
C SER L 10 49.82 -37.50 58.62
N LEU L 11 49.27 -37.37 57.42
CA LEU L 11 49.68 -38.23 56.30
C LEU L 11 50.90 -37.67 55.57
N ASP L 12 51.32 -36.46 55.92
CA ASP L 12 52.50 -35.85 55.31
C ASP L 12 53.79 -36.56 55.71
N PRO L 13 54.64 -36.87 54.72
CA PRO L 13 55.91 -37.57 54.93
C PRO L 13 56.89 -36.76 55.76
N THR L 14 57.70 -37.45 56.57
CA THR L 14 58.64 -36.79 57.47
C THR L 14 60.09 -37.15 57.18
N SER L 15 60.32 -37.81 56.05
CA SER L 15 61.69 -38.18 55.66
C SER L 15 61.80 -38.59 54.20
N ILE L 16 62.99 -38.42 53.64
CA ILE L 16 63.28 -38.86 52.27
C ILE L 16 63.67 -40.33 52.24
N PRO L 17 62.91 -41.14 51.48
CA PRO L 17 63.24 -42.56 51.29
C PRO L 17 64.54 -42.71 50.52
N ILE L 18 65.50 -43.42 51.12
CA ILE L 18 66.81 -43.59 50.51
C ILE L 18 67.21 -45.05 50.36
N GLU L 19 67.63 -45.40 49.15
CA GLU L 19 68.14 -46.74 48.88
C GLU L 19 69.65 -46.77 48.93
N TYR L 20 70.20 -47.44 49.95
CA TYR L 20 71.64 -47.54 50.06
C TYR L 20 72.15 -48.85 49.45
N ASN L 21 71.59 -49.96 49.90
CA ASN L 21 71.93 -51.28 49.37
C ASN L 21 71.16 -51.58 48.11
N THR L 22 71.77 -51.33 46.95
CA THR L 22 71.10 -51.56 45.69
C THR L 22 71.48 -52.91 45.10
N PRO L 23 70.61 -53.45 44.22
CA PRO L 23 70.85 -54.71 43.50
C PRO L 23 72.19 -54.71 42.76
N ILE L 24 72.60 -53.53 42.29
CA ILE L 24 73.86 -53.37 41.58
C ILE L 24 75.04 -53.79 42.45
N HIS L 25 74.95 -53.51 43.74
CA HIS L 25 76.02 -53.82 44.68
C HIS L 25 76.20 -55.32 44.87
N ASP L 26 75.22 -56.10 44.41
CA ASP L 26 75.27 -57.55 44.52
C ASP L 26 75.81 -58.21 43.26
N ILE L 27 76.19 -57.40 42.28
CA ILE L 27 76.70 -57.91 41.01
C ILE L 27 78.19 -58.24 41.08
N LYS L 28 78.52 -59.51 40.88
CA LYS L 28 79.91 -59.95 40.83
C LYS L 28 80.51 -59.63 39.47
N VAL L 29 81.54 -58.79 39.45
CA VAL L 29 82.16 -58.38 38.20
C VAL L 29 83.52 -59.03 37.98
N GLN L 30 83.67 -59.67 36.83
CA GLN L 30 84.93 -60.29 36.44
C GLN L 30 85.38 -59.76 35.08
N VAL L 31 86.65 -59.40 34.97
CA VAL L 31 87.18 -58.92 33.71
C VAL L 31 88.23 -59.88 33.18
N TYR L 32 87.99 -60.39 31.98
CA TYR L 32 88.92 -61.34 31.36
C TYR L 32 89.54 -60.74 30.11
N ASP L 33 90.71 -61.26 29.74
CA ASP L 33 91.38 -60.82 28.52
C ASP L 33 90.84 -61.61 27.33
N ILE L 34 90.51 -60.89 26.26
CA ILE L 34 89.88 -61.45 25.08
C ILE L 34 90.76 -62.45 24.33
N LYS L 35 92.07 -62.32 24.51
CA LYS L 35 93.02 -63.20 23.83
C LYS L 35 92.83 -64.67 24.22
N GLY L 36 92.50 -64.92 25.48
CA GLY L 36 92.34 -66.29 25.95
C GLY L 36 91.04 -66.91 25.46
N GLY L 37 90.21 -66.10 24.81
CA GLY L 37 88.94 -66.56 24.29
C GLY L 37 87.82 -66.39 25.29
N CYS L 38 86.58 -66.35 24.79
CA CYS L 38 85.43 -66.19 25.67
C CYS L 38 84.64 -67.49 25.79
N ASN L 39 84.26 -67.81 27.03
CA ASN L 39 83.40 -68.96 27.29
C ASN L 39 81.94 -68.57 27.42
N VAL L 40 81.05 -69.37 26.83
CA VAL L 40 79.62 -69.13 26.92
C VAL L 40 78.93 -70.35 27.50
N GLU L 41 78.20 -70.14 28.59
CA GLU L 41 77.64 -71.21 29.39
C GLU L 41 76.32 -70.77 30.01
N GLU L 42 76.39 -69.78 30.90
CA GLU L 42 75.21 -69.29 31.59
C GLU L 42 74.86 -67.88 31.13
N GLY L 43 73.57 -67.57 31.17
CA GLY L 43 73.08 -66.22 30.91
C GLY L 43 73.19 -65.69 29.50
N LEU L 44 73.32 -64.36 29.38
CA LEU L 44 73.37 -63.68 28.10
C LEU L 44 74.75 -63.10 27.80
N THR L 45 75.23 -63.35 26.59
CA THR L 45 76.52 -62.82 26.14
C THR L 45 76.34 -61.83 24.98
N ILE L 46 76.77 -60.60 25.18
CA ILE L 46 76.62 -59.56 24.17
C ILE L 46 77.95 -59.10 23.61
N PHE L 47 78.06 -59.07 22.29
CA PHE L 47 79.26 -58.57 21.63
C PHE L 47 79.04 -57.13 21.18
N LEU L 48 79.97 -56.26 21.56
CA LEU L 48 79.94 -54.87 21.11
C LEU L 48 80.76 -54.72 19.83
N VAL L 49 80.07 -54.54 18.70
CA VAL L 49 80.72 -54.55 17.41
C VAL L 49 80.44 -53.30 16.57
N ASN L 50 81.43 -52.87 15.81
CA ASN L 50 81.28 -51.76 14.87
C ASN L 50 81.78 -52.16 13.49
N ASN L 51 81.65 -51.26 12.53
CA ASN L 51 82.17 -51.50 11.19
C ASN L 51 82.69 -50.23 10.52
N PRO L 52 83.97 -49.93 10.72
CA PRO L 52 84.59 -48.72 10.16
C PRO L 52 84.43 -48.64 8.64
N GLY L 53 83.89 -47.53 8.16
CA GLY L 53 83.69 -47.33 6.73
C GLY L 53 82.29 -47.71 6.29
N ASN L 56 76.32 -48.14 8.19
CA ASN L 56 75.47 -49.26 8.58
C ASN L 56 75.96 -50.58 8.01
N GLY L 57 77.22 -50.89 8.27
CA GLY L 57 77.83 -52.10 7.76
C GLY L 57 77.36 -53.36 8.46
N PRO L 58 77.74 -54.53 7.91
CA PRO L 58 77.36 -55.84 8.43
C PRO L 58 78.07 -56.19 9.74
N VAL L 59 77.47 -57.07 10.53
CA VAL L 59 78.07 -57.50 11.78
C VAL L 59 79.11 -58.59 11.53
N LYS L 60 80.29 -58.41 12.08
CA LYS L 60 81.37 -59.39 11.97
C LYS L 60 82.03 -59.64 13.34
N ILE L 61 81.95 -60.89 13.79
CA ILE L 61 82.49 -61.31 15.09
C ILE L 61 83.92 -61.84 14.96
N SER L 62 84.85 -61.20 15.65
CA SER L 62 86.26 -61.54 15.52
C SER L 62 86.76 -62.45 16.65
N SER L 63 86.18 -62.28 17.84
CA SER L 63 86.62 -63.01 19.02
C SER L 63 86.37 -64.52 18.89
N LYS L 64 87.29 -65.31 19.41
CA LYS L 64 87.14 -66.77 19.44
C LYS L 64 86.21 -67.22 20.55
N VAL L 65 85.24 -68.07 20.22
CA VAL L 65 84.30 -68.59 21.20
C VAL L 65 84.53 -70.07 21.45
N ASN L 66 84.79 -70.42 22.71
CA ASN L 66 85.08 -71.80 23.10
C ASN L 66 83.84 -72.69 23.16
N ASP L 67 82.98 -72.60 22.15
CA ASP L 67 81.77 -73.42 22.11
C ASP L 67 81.33 -73.73 20.68
N LYS L 68 81.11 -75.01 20.41
CA LYS L 68 80.75 -75.47 19.06
C LYS L 68 79.34 -75.03 18.67
N VAL L 70 77.61 -72.23 19.70
CA VAL L 70 77.67 -70.78 19.67
C VAL L 70 78.57 -70.29 18.53
N SER L 71 79.63 -71.03 18.26
CA SER L 71 80.56 -70.70 17.18
C SER L 71 79.87 -70.75 15.82
N GLU L 72 78.99 -71.73 15.65
CA GLU L 72 78.25 -71.88 14.40
C GLU L 72 77.29 -70.69 14.23
N PHE L 73 76.72 -70.26 15.35
CA PHE L 73 75.83 -69.09 15.35
C PHE L 73 76.54 -67.81 14.96
N LEU L 74 77.77 -67.64 15.43
CA LEU L 74 78.50 -66.39 15.23
C LEU L 74 79.26 -66.34 13.90
N LYS L 75 79.00 -67.31 13.02
CA LYS L 75 79.68 -67.34 11.73
C LYS L 75 79.34 -66.13 10.87
N ASP L 76 80.30 -65.71 10.05
CA ASP L 76 80.16 -64.52 9.22
C ASP L 76 78.92 -64.59 8.33
N GLU L 77 78.67 -65.78 7.78
CA GLU L 77 77.52 -65.99 6.90
C GLU L 77 76.21 -65.73 7.61
N ASN L 78 76.15 -66.10 8.88
CA ASN L 78 74.95 -65.92 9.70
C ASN L 78 74.76 -64.47 10.14
N MET L 79 75.86 -63.81 10.47
CA MET L 79 75.82 -62.46 11.02
C MET L 79 75.63 -61.41 9.93
N GLU L 80 75.83 -61.80 8.67
CA GLU L 80 75.76 -60.86 7.57
C GLU L 80 74.35 -60.34 7.36
N LYS L 81 73.39 -60.98 8.02
CA LYS L 81 72.00 -60.53 7.95
C LYS L 81 71.73 -59.39 8.93
N PHE L 82 72.68 -59.14 9.83
CA PHE L 82 72.58 -58.04 10.77
C PHE L 82 73.60 -56.93 10.47
N ASN L 83 73.26 -55.69 10.82
CA ASN L 83 74.14 -54.56 10.60
C ASN L 83 74.54 -53.90 11.91
N VAL L 84 75.57 -53.04 11.85
CA VAL L 84 76.15 -52.46 13.07
C VAL L 84 75.69 -51.04 13.34
N LYS L 85 74.53 -50.66 12.78
CA LYS L 85 73.95 -49.34 13.02
C LYS L 85 73.88 -49.05 14.51
N LEU L 86 74.38 -47.89 14.91
CA LEU L 86 74.52 -47.54 16.32
C LEU L 86 73.22 -47.69 17.12
N GLY L 87 73.25 -48.60 18.09
CA GLY L 87 72.13 -48.83 18.97
C GLY L 87 71.33 -50.07 18.63
N THR L 88 71.42 -50.53 17.39
CA THR L 88 70.70 -51.73 16.98
C THR L 88 71.29 -52.95 17.68
N SER L 89 70.41 -53.88 18.07
CA SER L 89 70.85 -55.09 18.74
C SER L 89 69.88 -56.25 18.56
N LYS L 90 70.40 -57.47 18.56
CA LYS L 90 69.55 -58.65 18.52
C LYS L 90 70.15 -59.76 19.37
N HIS L 91 69.31 -60.51 20.06
CA HIS L 91 69.75 -61.67 20.83
C HIS L 91 68.87 -62.90 20.61
N PHE L 92 69.52 -64.06 20.51
CA PHE L 92 68.86 -65.33 20.27
C PHE L 92 69.12 -66.33 21.39
N TYR L 93 68.14 -67.20 21.63
CA TYR L 93 68.27 -68.27 22.62
C TYR L 93 68.55 -69.58 21.91
N MET L 94 69.50 -70.34 22.46
CA MET L 94 69.94 -71.58 21.86
C MET L 94 70.63 -72.45 22.89
N PHE L 95 70.89 -73.71 22.53
CA PHE L 95 71.61 -74.61 23.42
C PHE L 95 73.06 -74.76 22.96
N ASN L 96 73.99 -74.73 23.91
CA ASN L 96 75.40 -74.90 23.58
C ASN L 96 75.80 -76.36 23.52
N ASP L 97 77.09 -76.63 23.45
CA ASP L 97 77.59 -77.99 23.34
C ASP L 97 77.25 -78.79 24.60
N ASN L 98 77.00 -78.08 25.70
CA ASN L 98 76.68 -78.72 26.97
C ASN L 98 75.19 -78.80 27.24
N LYS L 99 74.39 -78.60 26.20
CA LYS L 99 72.93 -78.66 26.29
C LYS L 99 72.35 -77.69 27.33
N ASN L 100 73.04 -76.59 27.55
CA ASN L 100 72.54 -75.56 28.45
C ASN L 100 71.97 -74.39 27.65
N SER L 101 70.89 -73.79 28.16
CA SER L 101 70.27 -72.67 27.46
C SER L 101 71.13 -71.43 27.60
N VAL L 102 71.50 -70.83 26.48
CA VAL L 102 72.31 -69.62 26.47
C VAL L 102 71.74 -68.59 25.50
N ALA L 103 71.92 -67.32 25.82
CA ALA L 103 71.49 -66.24 24.95
C ALA L 103 72.68 -65.49 24.39
N VAL L 104 72.71 -65.31 23.08
CA VAL L 104 73.83 -64.62 22.45
C VAL L 104 73.31 -63.50 21.56
N GLY L 105 74.10 -62.44 21.44
CA GLY L 105 73.70 -61.29 20.65
C GLY L 105 74.80 -60.27 20.49
N TYR L 106 74.45 -59.12 19.91
CA TYR L 106 75.39 -58.04 19.68
C TYR L 106 74.71 -56.69 19.86
N VAL L 107 75.51 -55.64 20.00
CA VAL L 107 75.01 -54.28 19.97
C VAL L 107 75.85 -53.45 19.01
N GLY L 108 75.19 -52.81 18.04
CA GLY L 108 75.89 -52.03 17.04
C GLY L 108 76.55 -50.81 17.63
N CYS L 109 77.82 -50.60 17.28
CA CYS L 109 78.58 -49.47 17.81
C CYS L 109 78.97 -48.46 16.73
N GLY L 110 78.30 -48.55 15.58
CA GLY L 110 78.47 -47.57 14.52
C GLY L 110 79.66 -47.79 13.60
N SER L 111 80.04 -46.73 12.90
CA SER L 111 81.13 -46.79 11.92
C SER L 111 82.33 -45.97 12.35
N VAL L 112 82.20 -45.27 13.48
CA VAL L 112 83.31 -44.48 14.00
C VAL L 112 84.16 -45.33 14.95
N ALA L 113 85.48 -45.21 14.82
CA ALA L 113 86.38 -46.02 15.62
C ALA L 113 86.36 -45.58 17.08
N ASP L 114 86.27 -44.27 17.29
CA ASP L 114 86.26 -43.72 18.64
C ASP L 114 84.88 -43.20 19.01
N LEU L 115 84.16 -43.97 19.83
CA LEU L 115 82.83 -43.56 20.28
C LEU L 115 82.90 -42.43 21.29
N SER L 116 81.96 -41.49 21.19
CA SER L 116 81.87 -40.43 22.18
C SER L 116 81.02 -40.94 23.34
N GLU L 117 80.97 -40.17 24.42
CA GLU L 117 80.17 -40.52 25.59
C GLU L 117 78.70 -40.73 25.24
N ALA L 118 78.19 -39.89 24.34
CA ALA L 118 76.81 -39.99 23.91
C ALA L 118 76.57 -41.26 23.11
N ASP L 119 77.54 -41.60 22.26
CA ASP L 119 77.46 -42.83 21.47
C ASP L 119 77.41 -44.06 22.39
N MET L 120 78.29 -44.07 23.38
CA MET L 120 78.36 -45.17 24.33
C MET L 120 77.07 -45.33 25.14
N LYS L 121 76.41 -44.21 25.42
CA LYS L 121 75.14 -44.24 26.14
C LYS L 121 74.09 -45.00 25.34
N ARG L 122 74.09 -44.80 24.03
CA ARG L 122 73.15 -45.50 23.16
C ARG L 122 73.46 -47.00 23.16
N VAL L 123 74.74 -47.33 23.28
CA VAL L 123 75.16 -48.72 23.35
C VAL L 123 74.65 -49.38 24.62
N VAL L 124 74.85 -48.71 25.75
CA VAL L 124 74.42 -49.22 27.05
C VAL L 124 72.90 -49.32 27.16
N LEU L 125 72.21 -48.33 26.62
CA LEU L 125 70.74 -48.30 26.66
C LEU L 125 70.14 -49.48 25.89
N SER L 126 70.75 -49.82 24.76
CA SER L 126 70.33 -50.98 24.00
C SER L 126 70.56 -52.24 24.83
N LEU L 127 71.68 -52.26 25.55
CA LEU L 127 72.02 -53.37 26.41
C LEU L 127 71.05 -53.49 27.58
N VAL L 128 70.76 -52.38 28.23
CA VAL L 128 69.87 -52.36 29.37
C VAL L 128 68.46 -52.77 28.97
N THR L 129 68.09 -52.46 27.73
CA THR L 129 66.79 -52.84 27.21
C THR L 129 66.61 -54.35 27.20
N MET L 130 67.68 -55.07 26.89
CA MET L 130 67.66 -56.52 26.89
C MET L 130 67.67 -57.10 28.30
N LEU L 131 68.27 -56.38 29.23
CA LEU L 131 68.36 -56.84 30.62
C LEU L 131 67.02 -56.72 31.34
N HIS L 132 66.21 -55.75 30.94
CA HIS L 132 64.93 -55.51 31.59
C HIS L 132 63.87 -56.51 31.14
N ASP L 133 63.97 -56.93 29.88
CA ASP L 133 63.04 -57.92 29.34
C ASP L 133 63.64 -59.32 29.43
N ASN L 134 64.69 -59.48 30.24
CA ASN L 134 65.36 -60.78 30.37
C ASN L 134 65.68 -61.13 31.81
N LYS L 135 65.30 -62.34 32.19
CA LYS L 135 65.57 -62.86 33.51
C LYS L 135 66.94 -63.55 33.53
N LEU L 136 68.00 -62.77 33.48
CA LEU L 136 69.34 -63.34 33.44
C LEU L 136 70.01 -63.39 34.80
N SER L 137 70.85 -64.40 35.00
CA SER L 137 71.62 -64.51 36.23
C SER L 137 72.98 -63.83 36.02
N LYS L 138 73.44 -63.85 34.78
CA LYS L 138 74.74 -63.33 34.43
C LYS L 138 74.77 -62.67 33.05
N LEU L 139 75.44 -61.53 32.97
CA LEU L 139 75.69 -60.87 31.69
C LEU L 139 77.18 -60.89 31.38
N THR L 140 77.52 -61.25 30.14
CA THR L 140 78.92 -61.25 29.73
C THR L 140 79.09 -60.36 28.50
N VAL L 141 79.93 -59.34 28.63
CA VAL L 141 80.16 -58.40 27.54
C VAL L 141 81.56 -58.53 26.96
N VAL L 142 81.64 -58.74 25.66
CA VAL L 142 82.91 -58.84 24.96
C VAL L 142 83.14 -57.60 24.11
N PHE L 143 84.18 -56.84 24.46
CA PHE L 143 84.50 -55.60 23.77
C PHE L 143 85.31 -55.83 22.51
N GLU L 144 84.64 -55.78 21.35
CA GLU L 144 85.35 -55.86 20.08
C GLU L 144 85.50 -54.47 19.50
N ILE L 145 85.55 -53.49 20.39
CA ILE L 145 85.84 -52.11 20.03
C ILE L 145 86.89 -51.60 21.01
N ASN L 146 87.55 -50.49 20.67
CA ASN L 146 88.59 -49.95 21.53
C ASN L 146 88.11 -48.79 22.38
N VAL L 147 88.25 -48.93 23.70
CA VAL L 147 87.88 -47.88 24.64
C VAL L 147 88.95 -47.74 25.70
N ASP L 148 89.19 -46.52 26.15
CA ASP L 148 90.17 -46.28 27.19
C ASP L 148 89.56 -46.56 28.56
N LYS L 149 90.40 -46.49 29.59
CA LYS L 149 89.98 -46.79 30.96
C LYS L 149 88.83 -45.90 31.43
N ASN L 150 88.91 -44.62 31.14
CA ASN L 150 87.85 -43.69 31.50
C ASN L 150 86.54 -44.02 30.80
N LEU L 151 86.61 -44.32 29.51
CA LEU L 151 85.43 -44.66 28.73
C LEU L 151 84.88 -46.02 29.15
N PHE L 152 85.78 -46.93 29.51
CA PHE L 152 85.39 -48.25 30.00
C PHE L 152 84.61 -48.12 31.30
N ARG L 153 85.13 -47.31 32.21
CA ARG L 153 84.48 -47.05 33.49
C ARG L 153 83.12 -46.38 33.29
N PHE L 154 83.06 -45.47 32.32
CA PHE L 154 81.81 -44.79 31.98
C PHE L 154 80.78 -45.79 31.52
N PHE L 155 81.25 -46.84 30.84
CA PHE L 155 80.38 -47.93 30.40
C PHE L 155 79.64 -48.53 31.58
N LEU L 156 80.41 -48.92 32.59
CA LEU L 156 79.88 -49.55 33.80
C LEU L 156 78.96 -48.61 34.58
N GLU L 157 79.44 -47.38 34.79
CA GLU L 157 78.67 -46.38 35.51
C GLU L 157 77.29 -46.18 34.91
N THR L 158 77.26 -45.95 33.60
CA THR L 158 75.99 -45.75 32.90
C THR L 158 75.14 -47.02 32.95
N LEU L 159 75.80 -48.16 32.79
CA LEU L 159 75.12 -49.45 32.86
C LEU L 159 74.45 -49.66 34.21
N PHE L 160 75.21 -49.47 35.28
CA PHE L 160 74.69 -49.61 36.64
C PHE L 160 73.53 -48.65 36.85
N TYR L 161 73.72 -47.41 36.42
CA TYR L 161 72.74 -46.35 36.62
C TYR L 161 71.44 -46.61 35.86
N GLU L 162 71.56 -46.96 34.57
CA GLU L 162 70.37 -47.21 33.76
C GLU L 162 69.70 -48.53 34.09
N TYR L 163 70.50 -49.53 34.49
CA TYR L 163 69.95 -50.82 34.88
C TYR L 163 69.05 -50.68 36.10
N MET L 164 69.50 -49.89 37.06
CA MET L 164 68.78 -49.69 38.29
C MET L 164 67.45 -48.96 38.07
N THR L 165 66.39 -49.44 38.71
CA THR L 165 65.08 -48.81 38.62
C THR L 165 64.59 -48.37 40.00
N ASP L 166 64.13 -47.13 40.10
CA ASP L 166 63.68 -46.56 41.37
C ASP L 166 62.20 -46.82 41.64
N GLU L 167 61.91 -47.59 42.67
CA GLU L 167 60.55 -47.96 43.00
C GLU L 167 60.19 -47.58 44.44
N ARG L 168 60.92 -46.61 44.98
CA ARG L 168 60.70 -46.16 46.36
C ARG L 168 59.28 -45.66 46.58
N PHE L 169 58.66 -45.15 45.52
CA PHE L 169 57.34 -44.53 45.63
C PHE L 169 56.28 -45.36 44.93
N LYS L 170 56.61 -46.60 44.58
CA LYS L 170 55.65 -47.49 43.95
C LYS L 170 54.97 -48.34 45.01
N SER L 171 53.63 -48.29 45.07
CA SER L 171 52.89 -49.12 46.01
C SER L 171 52.32 -50.37 45.35
N THR L 172 51.53 -50.16 44.29
CA THR L 172 50.76 -51.23 43.68
C THR L 172 51.34 -51.66 42.34
N GLU L 179 65.47 -61.26 40.06
CA GLU L 179 65.19 -60.14 39.17
C GLU L 179 66.45 -59.65 38.48
N TYR L 180 67.35 -59.03 39.24
CA TYR L 180 68.61 -58.53 38.68
C TYR L 180 69.64 -59.64 38.54
N ILE L 181 70.55 -59.46 37.58
CA ILE L 181 71.66 -60.40 37.41
C ILE L 181 72.55 -60.39 38.66
N LYS L 182 73.21 -61.51 38.91
CA LYS L 182 74.08 -61.64 40.06
C LYS L 182 75.55 -61.65 39.63
N HIS L 183 75.76 -61.78 38.33
CA HIS L 183 77.12 -61.84 37.78
C HIS L 183 77.27 -61.01 36.52
N LEU L 184 78.39 -60.31 36.43
CA LEU L 184 78.74 -59.55 35.23
C LEU L 184 80.13 -59.93 34.75
N GLY L 185 80.19 -60.54 33.57
CA GLY L 185 81.46 -60.92 32.99
C GLY L 185 81.86 -59.97 31.89
N VAL L 186 83.12 -59.57 31.87
CA VAL L 186 83.60 -58.63 30.86
C VAL L 186 84.84 -59.15 30.16
N TYR L 187 84.72 -59.36 28.85
CA TYR L 187 85.86 -59.73 28.03
C TYR L 187 86.37 -58.52 27.25
N ILE L 188 87.63 -58.18 27.48
CA ILE L 188 88.26 -57.04 26.81
C ILE L 188 89.75 -57.34 26.63
N ASN L 189 90.42 -56.52 25.82
CA ASN L 189 91.84 -56.71 25.60
C ASN L 189 92.65 -55.91 26.60
N ASN L 190 93.71 -56.52 27.12
CA ASN L 190 94.50 -55.91 28.19
C ASN L 190 93.66 -55.74 29.44
N ALA L 191 92.95 -56.80 29.82
CA ALA L 191 92.00 -56.76 30.93
C ALA L 191 92.63 -56.25 32.22
N ASP L 192 93.91 -56.56 32.41
CA ASP L 192 94.62 -56.18 33.62
C ASP L 192 94.61 -54.66 33.84
N THR L 193 94.67 -53.89 32.76
CA THR L 193 94.70 -52.44 32.87
C THR L 193 93.32 -51.87 33.20
N TYR L 194 92.27 -52.59 32.82
CA TYR L 194 90.91 -52.14 33.02
C TYR L 194 90.32 -52.59 34.36
N LYS L 195 90.99 -53.53 35.01
CA LYS L 195 90.47 -54.14 36.23
C LYS L 195 90.25 -53.17 37.39
N GLU L 196 91.14 -52.19 37.52
CA GLU L 196 91.04 -51.23 38.62
C GLU L 196 89.88 -50.26 38.49
N GLU L 197 89.32 -50.18 37.27
CA GLU L 197 88.23 -49.25 37.00
C GLU L 197 86.87 -49.76 37.50
N VAL L 198 86.79 -51.07 37.74
CA VAL L 198 85.52 -51.69 38.10
C VAL L 198 84.89 -51.14 39.38
N GLU L 199 85.63 -51.17 40.47
CA GLU L 199 85.10 -50.74 41.76
C GLU L 199 84.95 -49.22 41.87
N LYS L 200 85.71 -48.50 41.06
CA LYS L 200 85.57 -47.05 41.00
C LYS L 200 84.26 -46.69 40.31
N ALA L 201 83.88 -47.48 39.30
CA ALA L 201 82.63 -47.29 38.59
C ALA L 201 81.43 -47.55 39.52
N ARG L 202 81.54 -48.60 40.33
CA ARG L 202 80.47 -48.94 41.27
C ARG L 202 80.24 -47.80 42.26
N VAL L 203 81.33 -47.18 42.71
CA VAL L 203 81.25 -46.07 43.63
C VAL L 203 80.62 -44.84 42.96
N TYR L 204 81.10 -44.53 41.76
CA TYR L 204 80.56 -43.43 40.98
C TYR L 204 79.08 -43.64 40.69
N TYR L 205 78.71 -44.89 40.48
CA TYR L 205 77.32 -45.25 40.22
C TYR L 205 76.38 -44.79 41.33
N PHE L 206 76.72 -45.13 42.58
CA PHE L 206 75.83 -44.83 43.69
C PHE L 206 75.82 -43.33 43.99
N GLY L 207 76.98 -42.69 43.83
CA GLY L 207 77.07 -41.26 44.00
C GLY L 207 76.11 -40.55 43.07
N THR L 208 76.07 -41.03 41.82
CA THR L 208 75.14 -40.51 40.82
C THR L 208 73.71 -40.93 41.14
N TYR L 209 73.54 -42.20 41.50
CA TYR L 209 72.21 -42.73 41.80
C TYR L 209 71.64 -42.18 43.09
N TYR L 210 72.52 -41.94 44.08
CA TYR L 210 72.10 -41.31 45.33
C TYR L 210 71.49 -39.94 45.07
N ALA L 211 72.19 -39.11 44.30
CA ALA L 211 71.71 -37.79 43.95
C ALA L 211 70.39 -37.90 43.19
N SER L 212 70.32 -38.86 42.28
CA SER L 212 69.12 -39.14 41.51
C SER L 212 67.92 -39.38 42.43
N GLN L 213 68.16 -40.10 43.53
CA GLN L 213 67.10 -40.39 44.50
C GLN L 213 66.60 -39.13 45.17
N LEU L 214 67.52 -38.22 45.49
CA LEU L 214 67.16 -36.97 46.15
C LEU L 214 66.39 -36.07 45.19
N ILE L 215 66.86 -36.01 43.95
CA ILE L 215 66.24 -35.18 42.93
C ILE L 215 64.88 -35.73 42.53
N ALA L 216 64.83 -37.03 42.26
CA ALA L 216 63.59 -37.69 41.88
C ALA L 216 62.56 -37.61 42.99
N ALA L 217 63.04 -37.58 44.23
CA ALA L 217 62.16 -37.46 45.39
C ALA L 217 61.36 -36.15 45.32
N PRO L 218 60.03 -36.27 45.35
CA PRO L 218 59.12 -35.11 45.25
C PRO L 218 59.31 -34.14 46.41
N SER L 219 58.82 -32.92 46.24
CA SER L 219 59.06 -31.84 47.19
C SER L 219 58.33 -32.05 48.52
N ASN L 220 57.31 -32.90 48.51
CA ASN L 220 56.58 -33.20 49.75
C ASN L 220 57.37 -34.16 50.63
N TYR L 221 58.19 -35.01 50.01
CA TYR L 221 59.13 -35.85 50.74
C TYR L 221 60.45 -35.14 51.00
N CYS L 222 60.98 -34.51 49.95
CA CYS L 222 62.28 -33.84 50.04
C CYS L 222 62.10 -32.35 50.29
N ASN L 223 62.24 -31.94 51.55
CA ASN L 223 62.14 -30.54 51.93
C ASN L 223 63.41 -30.10 52.67
N PRO L 224 63.52 -28.81 52.99
CA PRO L 224 64.71 -28.27 53.65
C PRO L 224 65.08 -29.03 54.93
N VAL L 225 64.07 -29.47 55.67
CA VAL L 225 64.31 -30.20 56.90
C VAL L 225 64.69 -31.66 56.63
N SER L 226 63.92 -32.32 55.77
CA SER L 226 64.15 -33.73 55.47
C SER L 226 65.41 -33.95 54.63
N LEU L 227 65.73 -32.99 53.78
CA LEU L 227 66.92 -33.10 52.93
C LEU L 227 68.17 -32.91 53.77
N SER L 228 68.12 -31.97 54.71
CA SER L 228 69.24 -31.71 55.61
C SER L 228 69.47 -32.90 56.52
N ASN L 229 68.37 -33.56 56.93
CA ASN L 229 68.45 -34.78 57.72
C ASN L 229 69.18 -35.88 56.97
N ALA L 230 68.91 -35.99 55.68
CA ALA L 230 69.57 -36.97 54.82
C ALA L 230 71.06 -36.70 54.74
N ALA L 231 71.44 -35.43 54.76
CA ALA L 231 72.84 -35.04 54.70
C ALA L 231 73.55 -35.44 55.98
N VAL L 232 72.86 -35.32 57.10
CA VAL L 232 73.41 -35.71 58.40
C VAL L 232 73.63 -37.22 58.44
N GLU L 233 72.64 -37.96 57.95
CA GLU L 233 72.72 -39.42 57.88
C GLU L 233 73.86 -39.85 56.97
N LEU L 234 74.00 -39.17 55.84
CA LEU L 234 75.07 -39.45 54.89
C LEU L 234 76.45 -39.15 55.50
N ALA L 235 76.52 -38.06 56.25
CA ALA L 235 77.77 -37.66 56.88
C ALA L 235 78.20 -38.64 57.97
N GLN L 236 77.22 -39.21 58.66
CA GLN L 236 77.49 -40.14 59.75
C GLN L 236 77.97 -41.51 59.25
N LYS L 237 77.42 -41.96 58.12
CA LYS L 237 77.81 -43.25 57.55
C LYS L 237 79.17 -43.18 56.83
N LEU L 238 79.56 -41.99 56.43
CA LEU L 238 80.83 -41.79 55.73
C LEU L 238 81.89 -41.33 56.70
N ASN L 239 81.43 -40.90 57.88
CA ASN L 239 82.31 -40.43 58.95
C ASN L 239 82.87 -39.06 58.59
N LEU L 240 82.01 -38.22 58.02
CA LEU L 240 82.38 -36.86 57.66
C LEU L 240 81.89 -35.90 58.74
N GLU L 241 82.67 -34.85 58.99
CA GLU L 241 82.22 -33.79 59.89
C GLU L 241 81.02 -33.10 59.28
N TYR L 242 80.03 -32.76 60.09
CA TYR L 242 78.81 -32.15 59.58
C TYR L 242 78.30 -31.07 60.51
N LYS L 243 77.62 -30.09 59.95
CA LYS L 243 77.01 -29.02 60.73
C LYS L 243 75.81 -28.45 59.99
N ILE L 244 74.66 -28.42 60.66
CA ILE L 244 73.46 -27.87 60.05
C ILE L 244 73.08 -26.56 60.73
N LEU L 245 73.21 -25.46 60.00
CA LEU L 245 72.89 -24.15 60.54
C LEU L 245 71.40 -23.88 60.38
N GLY L 246 70.75 -23.53 61.49
CA GLY L 246 69.33 -23.23 61.47
C GLY L 246 69.06 -21.76 61.28
N VAL L 247 67.78 -21.38 61.35
CA VAL L 247 67.36 -20.01 61.13
C VAL L 247 67.98 -19.07 62.16
N LYS L 248 68.07 -19.54 63.40
CA LYS L 248 68.63 -18.73 64.48
C LYS L 248 70.10 -18.40 64.23
N GLU L 249 70.84 -19.37 63.73
CA GLU L 249 72.25 -19.18 63.40
C GLU L 249 72.43 -18.33 62.15
N LEU L 250 71.55 -18.55 61.16
CA LEU L 250 71.62 -17.83 59.90
C LEU L 250 71.36 -16.34 60.08
N GLU L 251 70.49 -16.01 61.04
CA GLU L 251 70.20 -14.61 61.35
C GLU L 251 71.42 -13.92 61.95
N GLU L 252 72.13 -14.63 62.82
CA GLU L 252 73.33 -14.11 63.45
C GLU L 252 74.42 -13.82 62.43
N LEU L 253 74.52 -14.66 61.40
CA LEU L 253 75.53 -14.51 60.36
C LEU L 253 75.06 -13.52 59.30
N LYS L 254 73.85 -12.99 59.48
CA LYS L 254 73.31 -11.95 58.60
C LYS L 254 73.16 -12.41 57.15
N MET L 255 72.70 -13.64 56.95
CA MET L 255 72.49 -14.16 55.60
C MET L 255 71.09 -13.76 55.14
N GLY L 256 70.93 -12.47 54.83
CA GLY L 256 69.63 -11.91 54.50
C GLY L 256 69.09 -12.27 53.13
N ALA L 257 69.98 -12.50 52.17
CA ALA L 257 69.56 -12.88 50.82
C ALA L 257 68.96 -14.29 50.85
N TYR L 258 69.69 -15.20 51.50
CA TYR L 258 69.27 -16.59 51.62
C TYR L 258 68.00 -16.72 52.46
N LEU L 259 67.93 -15.98 53.56
CA LEU L 259 66.77 -16.06 54.46
C LEU L 259 65.50 -15.49 53.85
N SER L 260 65.63 -14.48 53.00
CA SER L 260 64.47 -13.86 52.37
C SER L 260 63.73 -14.84 51.46
N VAL L 261 64.50 -15.62 50.71
CA VAL L 261 63.94 -16.59 49.76
C VAL L 261 63.07 -17.64 50.45
N GLY L 262 63.45 -18.04 51.66
CA GLY L 262 62.74 -19.10 52.36
C GLY L 262 61.66 -18.61 53.30
N LYS L 263 61.44 -17.30 53.33
CA LYS L 263 60.47 -16.68 54.23
C LYS L 263 59.04 -17.22 54.07
N GLY L 264 58.67 -17.55 52.83
CA GLY L 264 57.31 -17.96 52.54
C GLY L 264 57.05 -19.45 52.71
N SER L 265 58.03 -20.17 53.21
CA SER L 265 57.91 -21.62 53.35
C SER L 265 57.46 -22.03 54.75
N MET L 266 56.78 -23.17 54.82
CA MET L 266 56.39 -23.76 56.10
C MET L 266 57.57 -24.51 56.71
N TYR L 267 58.56 -24.77 55.87
CA TYR L 267 59.78 -25.45 56.30
C TYR L 267 60.89 -24.43 56.57
N PRO L 268 61.48 -24.50 57.77
CA PRO L 268 62.59 -23.61 58.13
C PRO L 268 63.82 -23.83 57.26
N ASN L 269 64.57 -22.76 57.00
CA ASN L 269 65.80 -22.86 56.22
C ASN L 269 66.84 -23.74 56.93
N LYS L 270 67.60 -24.48 56.14
CA LYS L 270 68.65 -25.34 56.70
C LYS L 270 69.93 -25.23 55.87
N PHE L 271 71.00 -24.78 56.51
CA PHE L 271 72.29 -24.63 55.82
C PHE L 271 73.16 -25.86 56.08
N ILE L 272 73.46 -26.60 55.02
CA ILE L 272 74.25 -27.82 55.12
C ILE L 272 75.74 -27.56 54.98
N HIS L 273 76.53 -28.06 55.93
CA HIS L 273 77.97 -27.95 55.88
C HIS L 273 78.66 -29.26 56.23
N LEU L 274 79.06 -30.01 55.22
CA LEU L 274 79.85 -31.21 55.41
C LEU L 274 81.30 -30.93 55.07
N THR L 275 82.21 -31.63 55.74
CA THR L 275 83.63 -31.42 55.48
C THR L 275 84.35 -32.76 55.39
N TYR L 276 85.10 -32.94 54.29
CA TYR L 276 85.99 -34.09 54.13
C TYR L 276 87.42 -33.59 54.28
N LYS L 277 88.16 -34.18 55.23
CA LYS L 277 89.55 -33.82 55.43
C LYS L 277 90.50 -34.99 55.22
N SER L 278 91.51 -34.77 54.37
CA SER L 278 92.47 -35.80 53.99
C SER L 278 93.41 -36.22 55.11
N LYS L 279 93.72 -37.52 55.12
CA LYS L 279 94.64 -38.12 56.08
C LYS L 279 96.09 -37.93 55.66
N GLY L 280 96.97 -37.83 56.64
CA GLY L 280 98.39 -37.72 56.37
C GLY L 280 99.02 -36.35 56.09
N ASP L 281 99.46 -36.16 54.85
CA ASP L 281 100.18 -34.95 54.44
C ASP L 281 99.38 -33.65 54.32
N VAL L 282 100.01 -32.68 53.66
CA VAL L 282 99.52 -31.31 53.48
C VAL L 282 98.18 -31.23 52.73
N LYS L 283 97.65 -30.01 52.58
CA LYS L 283 96.30 -29.83 52.05
C LYS L 283 96.12 -28.91 50.83
N LYS L 284 95.20 -29.31 49.95
CA LYS L 284 94.62 -28.42 48.95
C LYS L 284 93.21 -28.16 49.48
N LYS L 285 92.78 -26.91 49.57
CA LYS L 285 91.44 -26.65 50.10
C LYS L 285 90.41 -26.23 49.04
N ILE L 286 89.30 -26.97 49.01
CA ILE L 286 88.25 -26.77 48.02
C ILE L 286 86.87 -26.68 48.65
N ALA L 287 86.06 -25.73 48.18
CA ALA L 287 84.67 -25.61 48.61
C ALA L 287 83.70 -25.89 47.47
N LEU L 288 82.82 -26.87 47.64
CA LEU L 288 81.81 -27.18 46.65
C LEU L 288 80.43 -26.70 47.10
N VAL L 289 79.87 -25.75 46.34
CA VAL L 289 78.61 -25.13 46.70
C VAL L 289 77.49 -25.52 45.74
N GLY L 290 76.42 -26.09 46.29
CA GLY L 290 75.29 -26.51 45.48
C GLY L 290 74.01 -25.76 45.80
N LYS L 291 73.28 -25.37 44.75
CA LYS L 291 71.99 -24.73 44.92
C LYS L 291 70.99 -25.73 45.51
N GLY L 292 70.33 -25.33 46.59
CA GLY L 292 69.43 -26.24 47.28
C GLY L 292 68.04 -25.68 47.49
N ILE L 293 67.31 -25.48 46.39
CA ILE L 293 65.92 -25.08 46.48
C ILE L 293 65.05 -26.32 46.30
N THR L 294 64.47 -26.79 47.40
CA THR L 294 63.72 -28.04 47.40
C THR L 294 62.48 -27.96 46.52
N PHE L 295 61.94 -26.75 46.39
CA PHE L 295 60.88 -26.49 45.42
C PHE L 295 60.88 -25.04 44.98
N ASP L 296 60.80 -24.81 43.69
CA ASP L 296 60.80 -23.48 43.13
C ASP L 296 59.45 -23.12 42.50
N SER L 297 58.62 -22.42 43.26
CA SER L 297 57.34 -21.95 42.74
C SER L 297 57.51 -20.66 41.94
N GLY L 298 58.63 -19.98 42.18
CA GLY L 298 58.89 -18.71 41.52
C GLY L 298 58.60 -17.54 42.42
N GLY L 299 57.98 -17.83 43.56
CA GLY L 299 57.52 -16.80 44.48
C GLY L 299 56.34 -16.06 43.88
N TYR L 300 56.16 -14.80 44.26
CA TYR L 300 55.08 -13.99 43.72
C TYR L 300 55.25 -13.80 42.22
N ASN L 301 56.47 -13.95 41.74
CA ASN L 301 56.72 -14.08 40.31
C ASN L 301 56.47 -15.52 39.90
N LEU L 302 55.23 -15.97 40.13
CA LEU L 302 54.86 -17.37 39.98
C LEU L 302 55.14 -17.91 38.58
N LYS L 303 55.62 -19.15 38.53
CA LYS L 303 55.83 -19.84 37.26
C LYS L 303 54.48 -20.23 36.65
N ALA L 304 53.83 -19.28 35.99
CA ALA L 304 52.53 -19.51 35.41
C ALA L 304 52.60 -19.41 33.90
N ALA L 305 53.69 -18.85 33.40
CA ALA L 305 53.90 -18.71 31.97
C ALA L 305 54.12 -20.07 31.32
N PRO L 306 53.65 -20.22 30.08
CA PRO L 306 53.83 -21.46 29.31
C PRO L 306 55.30 -21.81 29.12
N GLY L 307 55.68 -23.02 29.47
CA GLY L 307 57.06 -23.46 29.34
C GLY L 307 57.87 -23.22 30.60
N SER L 308 57.20 -22.78 31.66
CA SER L 308 57.87 -22.51 32.92
C SER L 308 58.13 -23.81 33.68
N MET L 309 57.43 -24.86 33.28
CA MET L 309 57.67 -26.22 33.80
C MET L 309 57.65 -26.28 35.33
N ILE L 310 56.54 -25.85 35.93
CA ILE L 310 56.45 -25.80 37.38
C ILE L 310 56.41 -27.19 38.02
N ASP L 311 55.96 -28.18 37.26
CA ASP L 311 55.86 -29.54 37.78
C ASP L 311 57.23 -30.21 37.89
N LEU L 312 58.24 -29.56 37.33
CA LEU L 312 59.60 -30.09 37.35
C LEU L 312 60.43 -29.51 38.51
N MET L 313 59.94 -28.43 39.11
CA MET L 313 60.77 -27.63 40.02
C MET L 313 61.12 -28.32 41.33
N LYS L 314 60.86 -29.62 41.43
CA LYS L 314 61.37 -30.39 42.54
C LYS L 314 62.85 -30.67 42.32
N PHE L 315 63.30 -30.48 41.08
CA PHE L 315 64.66 -30.78 40.68
C PHE L 315 65.59 -29.58 40.94
N ASP L 316 65.02 -28.54 41.53
CA ASP L 316 65.76 -27.30 41.74
C ASP L 316 66.78 -27.42 42.86
N MET L 317 66.93 -28.62 43.41
CA MET L 317 67.96 -28.90 44.39
C MET L 317 68.98 -29.86 43.82
N SER L 318 69.04 -29.92 42.49
CA SER L 318 69.98 -30.78 41.79
C SER L 318 71.42 -30.42 42.10
N GLY L 319 71.69 -29.13 42.27
CA GLY L 319 73.03 -28.66 42.59
C GLY L 319 73.45 -29.20 43.94
N CYS L 320 72.56 -29.10 44.92
CA CYS L 320 72.78 -29.67 46.23
C CYS L 320 72.98 -31.18 46.14
N ALA L 321 72.16 -31.82 45.29
CA ALA L 321 72.22 -33.26 45.10
C ALA L 321 73.56 -33.70 44.52
N ALA L 322 74.11 -32.91 43.60
CA ALA L 322 75.40 -33.22 43.00
C ALA L 322 76.51 -33.18 44.05
N VAL L 323 76.43 -32.21 44.94
CA VAL L 323 77.42 -32.04 45.99
C VAL L 323 77.43 -33.20 46.98
N LEU L 324 76.25 -33.66 47.38
CA LEU L 324 76.15 -34.78 48.31
C LEU L 324 76.66 -36.08 47.70
N GLY L 325 76.37 -36.27 46.41
CA GLY L 325 76.85 -37.44 45.70
C GLY L 325 78.36 -37.47 45.64
N CYS L 326 78.96 -36.29 45.43
CA CYS L 326 80.41 -36.17 45.43
C CYS L 326 80.95 -36.47 46.83
N ALA L 327 80.20 -36.04 47.84
CA ALA L 327 80.58 -36.30 49.23
C ALA L 327 80.68 -37.80 49.49
N TYR L 328 79.75 -38.56 48.93
CA TYR L 328 79.77 -40.00 49.07
C TYR L 328 81.00 -40.60 48.39
N CYS L 329 81.25 -40.18 47.16
CA CYS L 329 82.37 -40.69 46.38
C CYS L 329 83.70 -40.33 47.03
N VAL L 330 83.82 -39.08 47.46
CA VAL L 330 85.05 -38.61 48.11
C VAL L 330 85.22 -39.28 49.47
N GLY L 331 84.11 -39.39 50.21
CA GLY L 331 84.14 -40.02 51.52
C GLY L 331 84.41 -41.51 51.43
N THR L 332 84.10 -42.09 50.28
CA THR L 332 84.28 -43.53 50.08
C THR L 332 85.67 -43.85 49.53
N LEU L 333 86.10 -43.08 48.54
CA LEU L 333 87.39 -43.33 47.89
C LEU L 333 88.55 -42.73 48.69
N LYS L 334 88.25 -41.75 49.53
CA LYS L 334 89.23 -41.15 50.43
C LYS L 334 90.47 -40.64 49.71
N PRO L 335 90.32 -39.52 48.96
CA PRO L 335 91.45 -38.88 48.28
C PRO L 335 92.42 -38.24 49.27
N GLU L 336 93.67 -38.07 48.86
CA GLU L 336 94.70 -37.52 49.76
C GLU L 336 95.03 -36.05 49.47
N ASN L 337 95.58 -35.39 50.48
CA ASN L 337 96.11 -34.03 50.33
C ASN L 337 95.07 -32.97 50.00
N VAL L 338 93.82 -33.22 50.37
CA VAL L 338 92.74 -32.28 50.07
C VAL L 338 91.79 -32.06 51.25
N GLU L 339 91.27 -30.85 51.36
CA GLU L 339 90.23 -30.53 52.33
C GLU L 339 89.00 -30.03 51.59
N ILE L 340 87.89 -30.74 51.73
CA ILE L 340 86.69 -30.43 50.97
C ILE L 340 85.51 -30.06 51.86
N HIS L 341 84.87 -28.93 51.55
CA HIS L 341 83.67 -28.51 52.24
C HIS L 341 82.47 -28.63 51.32
N PHE L 342 81.49 -29.43 51.72
CA PHE L 342 80.27 -29.60 50.92
C PHE L 342 79.16 -28.71 51.45
N LEU L 343 78.82 -27.68 50.68
CA LEU L 343 77.89 -26.66 51.14
C LEU L 343 76.63 -26.57 50.29
N SER L 344 75.51 -26.28 50.94
CA SER L 344 74.26 -26.03 50.23
C SER L 344 73.28 -25.27 51.12
N ALA L 345 72.90 -24.08 50.69
CA ALA L 345 71.87 -23.30 51.39
C ALA L 345 70.50 -23.78 50.95
N VAL L 346 69.90 -24.66 51.74
CA VAL L 346 68.65 -25.30 51.36
C VAL L 346 67.43 -24.54 51.89
N CYS L 347 66.44 -24.35 51.02
CA CYS L 347 65.19 -23.71 51.41
C CYS L 347 64.12 -23.94 50.36
N GLU L 348 62.96 -23.32 50.55
CA GLU L 348 61.84 -23.50 49.63
C GLU L 348 61.24 -22.15 49.24
N ASN L 349 61.00 -21.97 47.95
CA ASN L 349 60.48 -20.70 47.42
C ASN L 349 58.98 -20.78 47.16
N MET L 350 58.19 -20.33 48.12
CA MET L 350 56.74 -20.51 48.05
C MET L 350 55.98 -19.19 48.04
N VAL L 351 54.68 -19.26 47.80
CA VAL L 351 53.82 -18.07 47.82
C VAL L 351 53.01 -18.02 49.11
N SER L 352 53.16 -16.93 49.86
CA SER L 352 52.52 -16.78 51.16
C SER L 352 52.45 -15.32 51.57
N LYS L 353 51.75 -15.04 52.67
CA LYS L 353 51.71 -13.70 53.23
C LYS L 353 53.08 -13.32 53.80
N ASN L 354 53.91 -14.33 54.05
CA ASN L 354 55.22 -14.12 54.65
C ASN L 354 56.33 -14.10 53.60
N SER L 355 55.95 -14.33 52.35
CA SER L 355 56.91 -14.36 51.25
C SER L 355 57.50 -12.97 51.00
N TYR L 356 58.70 -12.94 50.42
CA TYR L 356 59.31 -11.68 50.03
C TYR L 356 58.75 -11.25 48.68
N ARG L 357 58.75 -9.94 48.43
CA ARG L 357 58.08 -9.39 47.26
C ARG L 357 59.06 -8.90 46.19
N PRO L 358 58.61 -8.86 44.93
CA PRO L 358 59.34 -8.20 43.86
C PRO L 358 59.57 -6.73 44.20
N GLY L 359 60.81 -6.27 44.17
CA GLY L 359 61.11 -4.90 44.52
C GLY L 359 61.74 -4.78 45.89
N ASP L 360 61.56 -5.81 46.71
CA ASP L 360 62.13 -5.85 48.06
C ASP L 360 63.64 -5.69 48.03
N ILE L 361 64.16 -4.88 48.97
CA ILE L 361 65.59 -4.72 49.11
C ILE L 361 66.11 -5.48 50.32
N ILE L 362 67.07 -6.36 50.08
CA ILE L 362 67.59 -7.24 51.12
C ILE L 362 69.10 -7.07 51.27
N THR L 363 69.62 -7.47 52.42
CA THR L 363 71.03 -7.30 52.70
C THR L 363 71.73 -8.65 52.79
N ALA L 364 72.79 -8.81 52.00
CA ALA L 364 73.57 -10.05 52.01
C ALA L 364 74.51 -10.06 53.20
N SER L 365 75.10 -11.22 53.48
CA SER L 365 75.98 -11.39 54.63
C SER L 365 77.26 -10.56 54.50
N ASN L 366 77.56 -10.13 53.28
CA ASN L 366 78.75 -9.31 53.05
C ASN L 366 78.43 -7.82 53.08
N GLY L 367 77.20 -7.48 53.44
CA GLY L 367 76.81 -6.09 53.58
C GLY L 367 76.18 -5.48 52.34
N LYS L 368 76.35 -6.14 51.20
CA LYS L 368 75.83 -5.63 49.94
C LYS L 368 74.30 -5.67 49.92
N THR L 369 73.69 -4.54 49.59
CA THR L 369 72.23 -4.47 49.50
C THR L 369 71.77 -4.88 48.11
N ILE L 370 70.68 -5.63 48.04
CA ILE L 370 70.21 -6.17 46.77
C ILE L 370 68.74 -5.82 46.52
N GLU L 371 68.45 -5.32 45.33
CA GLU L 371 67.08 -5.04 44.93
C GLU L 371 66.49 -6.21 44.16
N VAL L 372 65.45 -6.82 44.74
CA VAL L 372 64.79 -7.95 44.10
C VAL L 372 63.92 -7.50 42.93
N GLY L 373 64.25 -7.96 41.73
CA GLY L 373 63.48 -7.62 40.55
C GLY L 373 62.58 -8.78 40.14
N ASN L 374 62.88 -9.97 40.66
CA ASN L 374 62.12 -11.17 40.31
C ASN L 374 62.31 -12.25 41.36
N THR L 375 61.24 -12.60 42.05
CA THR L 375 61.31 -13.59 43.13
C THR L 375 61.63 -14.99 42.60
N ASP L 376 61.56 -15.15 41.29
CA ASP L 376 61.83 -16.45 40.66
C ASP L 376 63.32 -16.63 40.41
N ALA L 377 64.10 -15.56 40.62
CA ALA L 377 65.55 -15.65 40.56
C ALA L 377 66.12 -15.86 41.94
N GLU L 378 65.55 -16.81 42.68
CA GLU L 378 65.90 -17.01 44.08
C GLU L 378 67.22 -17.75 44.25
N GLY L 379 67.60 -18.51 43.22
CA GLY L 379 68.81 -19.32 43.29
C GLY L 379 70.07 -18.52 43.53
N ARG L 380 70.27 -17.47 42.75
CA ARG L 380 71.47 -16.64 42.86
C ARG L 380 71.53 -15.92 44.20
N LEU L 381 70.37 -15.68 44.79
CA LEU L 381 70.29 -15.03 46.09
C LEU L 381 70.83 -15.94 47.19
N THR L 382 70.44 -17.21 47.14
CA THR L 382 70.92 -18.19 48.10
C THR L 382 72.40 -18.47 47.89
N LEU L 383 72.82 -18.52 46.63
CA LEU L 383 74.22 -18.75 46.30
C LEU L 383 75.12 -17.62 46.80
N ALA L 384 74.58 -16.41 46.80
CA ALA L 384 75.33 -15.22 47.21
C ALA L 384 75.84 -15.36 48.65
N ASP L 385 74.95 -15.71 49.57
CA ASP L 385 75.31 -15.88 50.97
C ASP L 385 76.19 -17.10 51.19
N ALA L 386 76.01 -18.12 50.36
CA ALA L 386 76.81 -19.34 50.47
C ALA L 386 78.24 -19.07 50.02
N LEU L 387 78.40 -18.25 48.99
CA LEU L 387 79.71 -17.90 48.47
C LEU L 387 80.49 -17.05 49.47
N VAL L 388 79.79 -16.13 50.14
CA VAL L 388 80.41 -15.32 51.18
C VAL L 388 80.85 -16.23 52.33
N TYR L 389 79.97 -17.16 52.69
CA TYR L 389 80.26 -18.14 53.72
C TYR L 389 81.42 -19.03 53.29
N ALA L 390 81.41 -19.43 52.02
CA ALA L 390 82.44 -20.30 51.46
C ALA L 390 83.83 -19.67 51.53
N GLU L 391 83.93 -18.42 51.09
CA GLU L 391 85.22 -17.74 51.03
C GLU L 391 85.82 -17.51 52.42
N LYS L 392 84.96 -17.42 53.43
CA LYS L 392 85.42 -17.20 54.80
C LYS L 392 86.05 -18.45 55.42
N LEU L 393 85.84 -19.62 54.81
CA LEU L 393 86.50 -20.84 55.27
C LEU L 393 87.95 -20.85 54.82
N GLY L 394 88.30 -19.90 53.96
CA GLY L 394 89.65 -19.77 53.46
C GLY L 394 90.09 -20.93 52.59
N VAL L 395 89.38 -21.14 51.49
CA VAL L 395 89.69 -22.24 50.58
C VAL L 395 90.46 -21.71 49.37
N ASP L 396 91.04 -22.63 48.61
CA ASP L 396 91.78 -22.26 47.41
C ASP L 396 90.84 -22.15 46.21
N TYR L 397 89.86 -23.04 46.18
CA TYR L 397 88.90 -23.07 45.08
C TYR L 397 87.46 -23.11 45.57
N ILE L 398 86.62 -22.30 44.95
CA ILE L 398 85.18 -22.37 45.17
C ILE L 398 84.48 -22.76 43.87
N VAL L 399 83.79 -23.89 43.88
CA VAL L 399 83.06 -24.34 42.71
C VAL L 399 81.60 -24.57 43.06
N ASP L 400 80.71 -23.84 42.39
CA ASP L 400 79.29 -24.00 42.61
C ASP L 400 78.62 -24.71 41.43
N ILE L 401 77.57 -25.45 41.72
CA ILE L 401 76.81 -26.16 40.69
C ILE L 401 75.32 -25.97 40.97
N ALA L 402 74.59 -25.50 39.97
CA ALA L 402 73.20 -25.13 40.20
C ALA L 402 72.37 -25.10 38.93
N THR L 403 71.09 -25.43 39.08
CA THR L 403 70.12 -25.24 38.00
C THR L 403 69.67 -23.79 38.02
N LEU L 404 70.52 -22.90 37.53
CA LEU L 404 70.36 -21.47 37.77
C LEU L 404 69.51 -20.78 36.70
N THR L 405 69.79 -21.05 35.43
CA THR L 405 69.11 -20.33 34.36
C THR L 405 68.56 -21.27 33.28
N GLY L 406 67.28 -21.09 32.96
CA GLY L 406 66.63 -21.86 31.92
C GLY L 406 67.18 -21.53 30.56
N ALA L 407 67.85 -20.37 30.46
CA ALA L 407 68.43 -19.92 29.21
C ALA L 407 69.49 -20.90 28.70
N MET L 408 70.02 -21.73 29.61
CA MET L 408 71.01 -22.74 29.26
C MET L 408 70.48 -23.69 28.19
N LEU L 409 69.17 -23.90 28.19
CA LEU L 409 68.52 -24.74 27.20
C LEU L 409 68.64 -24.15 25.80
N TYR L 410 68.87 -22.83 25.75
CA TYR L 410 68.98 -22.14 24.47
C TYR L 410 70.43 -21.94 24.05
N SER L 411 71.36 -22.15 24.99
CA SER L 411 72.78 -21.95 24.70
C SER L 411 73.48 -23.26 24.38
N LEU L 412 73.50 -24.18 25.34
CA LEU L 412 74.20 -25.45 25.17
C LEU L 412 73.22 -26.62 25.07
N GLY L 413 72.00 -26.40 25.53
CA GLY L 413 70.97 -27.42 25.44
C GLY L 413 70.92 -28.37 26.63
N THR L 414 70.64 -29.63 26.35
CA THR L 414 70.39 -30.61 27.41
C THR L 414 71.56 -31.56 27.62
N SER L 415 72.61 -31.43 26.80
CA SER L 415 73.75 -32.34 26.88
C SER L 415 74.92 -31.68 27.61
N TYR L 416 75.21 -30.43 27.27
CA TYR L 416 76.33 -29.73 27.86
C TYR L 416 75.90 -28.72 28.90
N ALA L 417 76.53 -28.78 30.07
CA ALA L 417 76.35 -27.76 31.10
C ALA L 417 77.29 -26.60 30.80
N GLY L 418 76.98 -25.44 31.36
CA GLY L 418 77.83 -24.28 31.17
C GLY L 418 78.67 -23.99 32.40
N VAL L 419 79.94 -23.66 32.18
CA VAL L 419 80.82 -23.32 33.29
C VAL L 419 81.33 -21.89 33.14
N PHE L 420 81.21 -21.12 34.22
CA PHE L 420 81.70 -19.76 34.25
C PHE L 420 82.70 -19.63 35.39
N GLY L 421 83.53 -18.60 35.35
CA GLY L 421 84.51 -18.41 36.40
C GLY L 421 85.35 -17.16 36.25
N ASN L 422 86.16 -16.88 37.27
CA ASN L 422 87.07 -15.75 37.27
C ASN L 422 88.53 -16.16 37.16
N ASN L 423 88.75 -17.46 36.95
CA ASN L 423 90.09 -18.00 36.93
C ASN L 423 90.30 -19.07 35.86
N GLU L 424 91.19 -18.78 34.91
CA GLU L 424 91.45 -19.68 33.78
C GLU L 424 92.00 -21.01 34.28
N GLU L 425 92.82 -20.94 35.32
CA GLU L 425 93.46 -22.11 35.88
C GLU L 425 92.41 -23.07 36.44
N LEU L 426 91.45 -22.52 37.17
CA LEU L 426 90.35 -23.30 37.72
C LEU L 426 89.43 -23.87 36.64
N ILE L 427 89.15 -23.06 35.62
CA ILE L 427 88.28 -23.46 34.51
C ILE L 427 88.81 -24.65 33.73
N ASN L 428 90.12 -24.64 33.45
CA ASN L 428 90.73 -25.73 32.69
C ASN L 428 90.67 -27.06 33.44
N LYS L 429 90.79 -26.99 34.76
CA LYS L 429 90.67 -28.18 35.60
C LYS L 429 89.27 -28.77 35.48
N ILE L 430 88.26 -27.90 35.45
CA ILE L 430 86.88 -28.32 35.29
C ILE L 430 86.67 -28.98 33.93
N LEU L 431 87.24 -28.38 32.89
CA LEU L 431 87.16 -28.91 31.54
C LEU L 431 87.86 -30.27 31.46
N GLN L 432 89.01 -30.37 32.13
CA GLN L 432 89.74 -31.62 32.20
C GLN L 432 88.94 -32.69 32.92
N SER L 433 88.32 -32.32 34.03
CA SER L 433 87.47 -33.23 34.78
C SER L 433 86.30 -33.71 33.94
N SER L 434 85.82 -32.85 33.06
CA SER L 434 84.73 -33.20 32.15
C SER L 434 85.14 -34.31 31.19
N LYS L 435 86.38 -34.25 30.71
CA LYS L 435 86.87 -35.24 29.76
C LYS L 435 87.03 -36.63 30.37
N THR L 436 87.60 -36.70 31.57
CA THR L 436 87.86 -37.99 32.20
C THR L 436 86.61 -38.56 32.87
N SER L 437 85.69 -37.68 33.26
CA SER L 437 84.45 -38.11 33.88
C SER L 437 83.36 -38.35 32.84
N ASN L 438 83.59 -37.83 31.64
CA ASN L 438 82.64 -37.93 30.54
C ASN L 438 81.29 -37.26 30.82
N GLU L 439 81.30 -36.24 31.66
CA GLU L 439 80.14 -35.37 31.81
C GLU L 439 80.43 -34.05 31.12
N PRO L 440 79.91 -33.88 29.90
CA PRO L 440 80.25 -32.77 29.00
C PRO L 440 80.01 -31.40 29.63
N VAL L 441 81.00 -30.53 29.51
CA VAL L 441 80.89 -29.17 30.01
C VAL L 441 81.59 -28.23 29.05
N TRP L 442 80.99 -27.07 28.79
CA TRP L 442 81.58 -26.11 27.89
C TRP L 442 81.80 -24.76 28.58
N TRP L 443 82.94 -24.14 28.28
CA TRP L 443 83.32 -22.88 28.91
C TRP L 443 82.58 -21.70 28.27
N LEU L 444 81.86 -20.95 29.09
CA LEU L 444 81.17 -19.76 28.63
C LEU L 444 81.77 -18.52 29.29
N PRO L 445 81.79 -17.39 28.56
CA PRO L 445 82.46 -16.16 28.97
C PRO L 445 81.65 -15.28 29.92
N ILE L 446 82.33 -14.68 30.89
CA ILE L 446 81.73 -13.64 31.72
C ILE L 446 82.04 -12.27 31.12
N ILE L 447 81.08 -11.74 30.36
CA ILE L 447 81.29 -10.48 29.65
C ILE L 447 81.08 -9.30 30.58
N ASN L 448 82.19 -8.62 30.91
CA ASN L 448 82.16 -7.54 31.89
C ASN L 448 81.34 -6.34 31.43
N GLU L 449 81.16 -6.22 30.12
CA GLU L 449 80.42 -5.11 29.54
C GLU L 449 78.95 -5.11 29.97
N TYR L 450 78.45 -6.26 30.39
CA TYR L 450 77.06 -6.38 30.80
C TYR L 450 76.85 -5.98 32.27
N ARG L 451 77.96 -5.80 32.98
CA ARG L 451 77.91 -5.53 34.43
C ARG L 451 77.09 -4.31 34.80
N ALA L 452 77.06 -3.31 33.92
CA ALA L 452 76.36 -2.06 34.21
C ALA L 452 74.86 -2.25 34.37
N THR L 453 74.33 -3.34 33.81
CA THR L 453 72.90 -3.60 33.88
C THR L 453 72.45 -3.98 35.29
N LEU L 454 73.41 -4.28 36.16
CA LEU L 454 73.12 -4.67 37.52
C LEU L 454 73.19 -3.49 38.49
N ASN L 455 73.45 -2.30 37.95
CA ASN L 455 73.50 -1.10 38.77
C ASN L 455 72.11 -0.67 39.22
N SER L 456 71.82 -0.86 40.51
CA SER L 456 70.52 -0.51 41.06
C SER L 456 70.47 0.98 41.39
N LYS L 457 69.27 1.55 41.29
CA LYS L 457 69.07 2.97 41.57
C LYS L 457 69.12 3.26 43.06
N TYR L 458 68.68 2.30 43.87
CA TYR L 458 68.56 2.51 45.31
C TYR L 458 69.45 1.56 46.11
N ALA L 459 69.53 0.30 45.67
CA ALA L 459 70.36 -0.68 46.34
C ALA L 459 71.77 -0.69 45.75
N ASP L 460 72.68 -1.40 46.40
CA ASP L 460 74.06 -1.51 45.92
C ASP L 460 74.12 -2.19 44.55
N ILE L 461 73.27 -3.17 44.34
CA ILE L 461 73.30 -3.95 43.11
C ILE L 461 71.94 -4.55 42.79
N ASN L 462 71.67 -4.74 41.51
CA ASN L 462 70.44 -5.38 41.07
C ASN L 462 70.54 -6.90 41.05
N GLN L 463 69.45 -7.57 41.42
CA GLN L 463 69.36 -9.02 41.36
C GLN L 463 69.39 -9.52 39.92
N ILE L 464 68.63 -8.84 39.07
CA ILE L 464 68.51 -9.22 37.67
C ILE L 464 68.66 -8.03 36.75
N SER L 465 68.82 -8.30 35.46
CA SER L 465 68.83 -7.23 34.46
C SER L 465 67.43 -7.08 33.87
N SER L 466 67.06 -5.86 33.52
CA SER L 466 65.77 -5.60 32.91
C SER L 466 65.87 -5.69 31.38
N SER L 467 67.04 -5.34 30.86
CA SER L 467 67.25 -5.28 29.41
C SER L 467 68.00 -6.50 28.89
N VAL L 468 69.24 -6.68 29.34
CA VAL L 468 70.12 -7.74 28.84
C VAL L 468 69.46 -9.12 28.94
N LYS L 469 69.42 -9.81 27.80
CA LYS L 469 68.74 -11.11 27.70
C LYS L 469 69.70 -12.28 27.87
N ALA L 470 70.99 -11.98 28.00
CA ALA L 470 72.00 -13.01 28.26
C ALA L 470 71.95 -13.43 29.72
N SER L 471 70.88 -14.12 30.08
CA SER L 471 70.57 -14.45 31.47
C SER L 471 71.66 -15.26 32.17
N SER L 472 72.27 -16.20 31.45
CA SER L 472 73.29 -17.06 32.02
C SER L 472 74.53 -16.27 32.41
N ILE L 473 74.89 -15.29 31.58
CA ILE L 473 76.05 -14.45 31.85
C ILE L 473 75.76 -13.43 32.95
N VAL L 474 74.57 -12.85 32.92
CA VAL L 474 74.18 -11.86 33.94
C VAL L 474 74.16 -12.48 35.33
N ALA L 475 73.64 -13.68 35.44
CA ALA L 475 73.60 -14.38 36.72
C ALA L 475 75.00 -14.64 37.24
N SER L 476 75.90 -15.01 36.33
CA SER L 476 77.30 -15.23 36.67
C SER L 476 77.93 -13.93 37.15
N LEU L 477 77.57 -12.84 36.51
CA LEU L 477 78.03 -11.51 36.90
C LEU L 477 77.57 -11.16 38.31
N PHE L 478 76.34 -11.54 38.64
CA PHE L 478 75.80 -11.35 39.98
C PHE L 478 76.61 -12.09 41.04
N LEU L 479 76.78 -13.39 40.84
CA LEU L 479 77.49 -14.24 41.80
C LEU L 479 78.92 -13.77 42.01
N LYS L 480 79.54 -13.30 40.93
CA LYS L 480 80.91 -12.82 40.97
C LYS L 480 81.13 -11.67 41.94
N GLU L 481 80.06 -10.94 42.22
CA GLU L 481 80.13 -9.80 43.12
C GLU L 481 80.23 -10.23 44.57
N PHE L 482 80.19 -11.54 44.80
CA PHE L 482 80.21 -12.06 46.16
C PHE L 482 81.40 -12.99 46.39
N VAL L 483 82.37 -12.92 45.48
CA VAL L 483 83.64 -13.60 45.64
C VAL L 483 84.76 -12.58 45.41
N GLN L 484 85.39 -12.13 46.50
CA GLN L 484 86.31 -11.00 46.44
C GLN L 484 87.68 -11.33 45.87
N ASN L 485 88.32 -12.38 46.40
CA ASN L 485 89.70 -12.67 46.04
C ASN L 485 90.02 -14.17 46.07
N THR L 486 89.16 -14.97 45.45
CA THR L 486 89.38 -16.42 45.43
C THR L 486 89.07 -17.00 44.05
N ALA L 487 89.83 -18.02 43.66
CA ALA L 487 89.57 -18.72 42.41
C ALA L 487 88.18 -19.35 42.48
N TRP L 488 87.32 -18.98 41.54
CA TRP L 488 85.92 -19.39 41.59
C TRP L 488 85.36 -19.75 40.22
N ALA L 489 84.60 -20.84 40.18
CA ALA L 489 83.94 -21.29 38.96
C ALA L 489 82.47 -21.57 39.22
N HIS L 490 81.64 -21.41 38.20
CA HIS L 490 80.20 -21.60 38.35
C HIS L 490 79.66 -22.48 37.23
N ILE L 491 79.05 -23.60 37.61
CA ILE L 491 78.50 -24.54 36.65
C ILE L 491 76.98 -24.46 36.63
N ASP L 492 76.43 -24.04 35.50
CA ASP L 492 74.98 -23.94 35.34
C ASP L 492 74.46 -25.22 34.69
N ILE L 493 73.78 -26.05 35.48
CA ILE L 493 73.32 -27.35 35.02
C ILE L 493 71.81 -27.40 34.88
N ALA L 494 71.19 -26.24 34.68
CA ALA L 494 69.74 -26.15 34.55
C ALA L 494 69.22 -26.98 33.39
N GLY L 495 69.93 -26.95 32.28
CA GLY L 495 69.49 -27.62 31.07
C GLY L 495 69.80 -29.10 31.00
N VAL L 496 70.79 -29.55 31.75
CA VAL L 496 71.28 -30.93 31.65
C VAL L 496 70.87 -31.82 32.82
N SER L 497 70.36 -31.23 33.89
CA SER L 497 70.03 -31.97 35.11
C SER L 497 68.97 -33.05 34.91
N TRP L 498 67.89 -32.70 34.24
CA TRP L 498 66.76 -33.61 34.07
C TRP L 498 66.72 -34.26 32.69
N ASN L 499 66.55 -35.58 32.67
CA ASN L 499 66.38 -36.33 31.43
C ASN L 499 64.91 -36.38 31.04
N PHE L 500 64.51 -35.48 30.15
CA PHE L 500 63.11 -35.33 29.78
C PHE L 500 62.58 -36.54 29.02
N LYS L 501 63.42 -37.12 28.17
CA LYS L 501 63.05 -38.29 27.39
C LYS L 501 62.83 -39.50 28.30
N ALA L 502 63.68 -39.65 29.30
CA ALA L 502 63.62 -40.81 30.19
C ALA L 502 62.75 -40.54 31.41
N ARG L 503 62.28 -39.30 31.57
CA ARG L 503 61.43 -38.99 32.71
C ARG L 503 62.12 -39.25 34.04
N LYS L 504 63.39 -38.91 34.11
CA LYS L 504 64.17 -39.13 35.33
C LYS L 504 65.40 -38.24 35.38
N PRO L 505 65.99 -38.08 36.58
CA PRO L 505 67.20 -37.27 36.75
C PRO L 505 68.44 -37.97 36.17
N LYS L 506 69.49 -37.21 35.92
CA LYS L 506 70.74 -37.77 35.42
C LYS L 506 71.75 -37.95 36.55
N GLY L 507 71.55 -37.21 37.63
CA GLY L 507 72.53 -37.15 38.70
C GLY L 507 73.79 -36.48 38.18
N PHE L 508 73.60 -35.52 37.28
CA PHE L 508 74.70 -34.83 36.63
C PHE L 508 75.54 -34.01 37.59
N GLY L 509 76.86 -34.14 37.49
CA GLY L 509 77.78 -33.33 38.26
C GLY L 509 78.55 -34.10 39.32
N VAL L 510 78.02 -35.24 39.73
CA VAL L 510 78.66 -36.05 40.77
C VAL L 510 80.03 -36.53 40.31
N ARG L 511 80.09 -37.13 39.13
CA ARG L 511 81.34 -37.66 38.59
C ARG L 511 82.28 -36.53 38.17
N LEU L 512 81.71 -35.45 37.65
CA LEU L 512 82.50 -34.29 37.25
C LEU L 512 83.25 -33.68 38.43
N LEU L 513 82.52 -33.48 39.54
CA LEU L 513 83.12 -32.88 40.73
C LEU L 513 84.09 -33.83 41.42
N THR L 514 83.79 -35.13 41.37
CA THR L 514 84.62 -36.15 41.99
C THR L 514 85.97 -36.24 41.27
N GLU L 515 85.93 -36.23 39.94
CA GLU L 515 87.14 -36.24 39.14
C GLU L 515 87.97 -34.98 39.40
N PHE L 516 87.27 -33.88 39.65
CA PHE L 516 87.92 -32.60 39.97
C PHE L 516 88.71 -32.66 41.27
N VAL L 517 88.10 -33.25 42.30
CA VAL L 517 88.77 -33.38 43.59
C VAL L 517 89.93 -34.35 43.53
N LEU L 518 89.75 -35.41 42.75
CA LEU L 518 90.74 -36.48 42.65
C LEU L 518 91.91 -36.10 41.75
N ASN L 519 91.60 -35.42 40.64
CA ASN L 519 92.60 -35.04 39.65
C ASN L 519 93.37 -33.78 40.01
N ASP L 520 93.13 -33.25 41.21
CA ASP L 520 93.82 -32.05 41.67
C ASP L 520 94.87 -32.41 42.72
ZN ZN M . -33.72 15.59 -40.64
C CO3 N . -32.17 10.50 -39.50
O1 CO3 N . -32.30 11.71 -39.94
O2 CO3 N . -32.65 9.49 -40.18
O3 CO3 N . -31.56 10.27 -38.36
ZN ZN O . -36.47 14.13 -39.94
S SO4 P . -11.74 56.21 -33.74
O1 SO4 P . -13.03 56.56 -33.15
O2 SO4 P . -11.54 56.97 -34.96
O3 SO4 P . -11.73 54.78 -34.04
O4 SO4 P . -10.67 56.51 -32.79
S SO4 Q . -20.26 40.32 -52.35
O1 SO4 Q . -20.26 40.62 -53.78
O2 SO4 Q . -21.27 39.31 -52.07
O3 SO4 Q . -20.56 41.53 -51.59
O4 SO4 Q . -18.94 39.82 -51.97
S SO4 R . -42.10 23.44 -30.43
O1 SO4 R . -43.03 22.96 -29.41
O2 SO4 R . -42.84 24.17 -31.45
O3 SO4 R . -41.12 24.33 -29.81
O4 SO4 R . -41.41 22.31 -31.04
CAA R5T S . -36.58 8.77 -35.75
CAX R5T S . -36.20 9.27 -34.36
CAB R5T S . -35.43 8.16 -33.64
CAC R5T S . -37.45 9.56 -33.52
OAQ R5T S . -35.31 10.42 -34.45
CAR R5T S . -35.75 11.57 -35.02
OAD R5T S . -36.92 11.70 -35.41
N R5T S . -34.90 12.62 -35.19
CA R5T S . -35.38 13.88 -35.80
C R5T S . -35.15 13.94 -37.32
O R5T S . -35.98 14.47 -38.05
NAO R5T S . -34.02 13.38 -37.78
OAF R5T S . -33.82 13.45 -39.23
CAT R5T S . -34.79 14.99 -35.21
CAJ R5T S . -35.53 15.71 -34.28
CAL R5T S . -35.01 16.84 -33.67
CAI R5T S . -33.51 15.42 -35.55
CAK R5T S . -32.97 16.56 -34.94
CAU R5T S . -33.72 17.26 -34.00
NAW R5T S . -33.21 18.35 -33.43
NAN R5T S . -32.05 18.66 -33.39
CAH R5T S . -31.91 19.81 -32.74
CAG R5T S . -33.12 20.20 -32.37
CAM R5T S . -33.95 19.27 -32.81
C13 1PE T . -12.33 37.99 -50.02
C23 1PE T . -11.72 38.78 -51.18
OH4 1PE T . -13.24 37.01 -50.54
C14 1PE T . -14.60 35.08 -50.12
C24 1PE T . -13.61 36.08 -49.53
OH5 1PE T . -14.11 34.57 -51.36
C15 1PE T . -14.58 33.18 -53.28
C25 1PE T . -14.82 33.42 -51.79
OH6 1PE T . -13.18 33.17 -53.54
S SO4 U . -24.91 34.85 -38.95
O1 SO4 U . -26.24 34.61 -38.42
O2 SO4 U . -24.84 34.40 -40.34
O3 SO4 U . -23.94 34.09 -38.16
O4 SO4 U . -24.59 36.26 -38.87
ZN ZN V . -59.10 3.51 -42.46
C CO3 W . -63.96 4.52 -40.67
O1 CO3 W . -64.95 4.96 -41.37
O2 CO3 W . -62.91 4.04 -41.24
O3 CO3 W . -64.03 4.56 -39.36
ZN ZN X . -58.69 6.38 -41.32
S SO4 Y . -49.58 18.22 -53.72
O1 SO4 Y . -49.51 18.26 -55.18
O2 SO4 Y . -50.40 19.34 -53.25
O3 SO4 Y . -48.23 18.34 -53.17
O4 SO4 Y . -50.17 16.96 -53.29
S SO4 Z . -47.32 5.31 -32.69
O1 SO4 Z . -48.11 4.51 -31.78
O2 SO4 Z . -48.20 6.01 -33.63
O3 SO4 Z . -46.40 4.44 -33.44
O4 SO4 Z . -46.54 6.30 -31.93
CAA R5T AA . -62.78 8.46 -36.24
CAX R5T AA . -62.73 7.45 -35.09
CAB R5T AA . -64.16 7.24 -34.60
CAC R5T AA . -61.93 8.01 -33.90
OAQ R5T AA . -62.22 6.16 -35.53
CAR R5T AA . -60.98 6.10 -36.11
OAD R5T AA . -60.18 7.02 -35.96
N R5T AA . -60.62 5.02 -36.82
CA R5T AA . -59.27 4.94 -37.42
C R5T AA . -59.32 5.02 -38.96
O R5T AA . -58.38 5.53 -39.57
NAO R5T AA . -60.41 4.53 -39.56
OAF R5T AA . -60.43 4.64 -41.02
CAT R5T AA . -58.60 3.79 -37.02
CAJ R5T AA . -57.82 3.88 -35.87
CAL R5T AA . -57.11 2.78 -35.42
CAI R5T AA . -58.63 2.60 -37.74
CAK R5T AA . -57.91 1.49 -37.29
CAU R5T AA . -57.16 1.59 -36.12
NAW R5T AA . -56.45 0.54 -35.70
NAN R5T AA . -56.53 -0.60 -36.11
CAH R5T AA . -55.67 -1.38 -35.46
CAG R5T AA . -55.03 -0.61 -34.58
CAM R5T AA . -55.52 0.61 -34.73
C22 1PE BA . -50.45 -13.80 -64.62
OH3 1PE BA . -49.46 -14.44 -63.81
C13 1PE BA . -47.14 -14.93 -63.42
C23 1PE BA . -48.14 -14.17 -64.29
OH4 1PE BA . -47.61 -16.27 -63.26
C14 1PE BA . -47.78 -17.94 -61.59
C24 1PE BA . -46.82 -17.02 -62.33
OH5 1PE BA . -48.97 -18.05 -62.37
C15 1PE BA . -51.33 -18.47 -62.51
C25 1PE BA . -50.07 -18.59 -61.65
OH6 1PE BA . -51.41 -19.60 -63.37
C16 1PE BA . -53.11 -20.81 -64.57
C26 1PE BA . -52.45 -19.45 -64.33
OH7 1PE BA . -53.73 -21.24 -63.35
OH5 1PE CA . -54.91 -20.56 -60.01
C15 1PE CA . -53.58 -19.56 -58.26
C25 1PE CA . -54.06 -19.45 -59.70
OH6 1PE CA . -52.77 -20.72 -58.09
C16 1PE CA . -51.60 -22.18 -56.56
C26 1PE CA . -52.30 -20.84 -56.75
OH7 1PE CA . -50.37 -22.21 -57.28
ZN ZN DA . -56.78 31.41 -39.61
C CO3 EA . -53.33 35.13 -36.81
O1 CO3 EA . -54.41 34.66 -37.36
O2 CO3 EA . -52.30 35.44 -37.56
O3 CO3 EA . -53.25 35.28 -35.52
ZN ZN FA . -54.34 29.61 -38.80
S SO4 GA . -83.34 32.43 -54.63
O1 SO4 GA . -84.75 32.79 -54.74
O2 SO4 GA . -82.76 32.33 -55.97
O3 SO4 GA . -83.22 31.13 -53.95
O4 SO4 GA . -82.64 33.45 -53.87
S SO4 HA . -107.13 28.90 -18.69
O1 SO4 HA . -107.31 27.77 -19.59
O2 SO4 HA . -108.09 29.94 -19.01
O3 SO4 HA . -107.32 28.47 -17.31
O4 SO4 HA . -105.77 29.43 -18.83
S SO4 IA . -104.04 29.35 -38.48
O1 SO4 IA . -104.34 28.36 -39.51
O2 SO4 IA . -105.16 29.44 -37.55
O3 SO4 IA . -103.83 30.65 -39.10
O4 SO4 IA . -102.84 28.96 -37.76
CAA R5T JA . -50.32 32.20 -33.54
CAX R5T JA . -50.87 31.17 -32.57
CAB R5T JA . -50.50 31.59 -31.14
CAC R5T JA . -50.20 29.80 -32.81
OAQ R5T JA . -52.32 31.16 -32.63
CAR R5T JA . -53.04 30.51 -33.59
OAD R5T JA . -52.50 29.82 -34.46
N R5T JA . -54.39 30.61 -33.60
CA R5T JA . -55.20 29.87 -34.59
C R5T JA . -55.12 30.42 -36.02
O R5T JA . -55.09 29.64 -36.97
NAO R5T JA . -55.11 31.75 -36.18
OAF R5T JA . -55.05 32.22 -37.59
CAT R5T JA . -56.52 29.80 -34.16
CAJ R5T JA . -56.93 28.67 -33.48
CAL R5T JA . -58.24 28.55 -33.05
CAI R5T JA . -57.43 30.84 -34.42
CAK R5T JA . -58.75 30.71 -33.98
CAU R5T JA . -59.16 29.57 -33.30
NAW R5T JA . -60.41 29.45 -32.88
NAN R5T JA . -61.25 30.32 -32.88
CAH R5T JA . -62.40 29.85 -32.39
CAG R5T JA . -62.20 28.57 -32.10
CAM R5T JA . -60.94 28.32 -32.41
C12 1PE KA . -77.29 36.20 -60.03
C22 1PE KA . -78.23 35.03 -59.80
OH3 1PE KA . -79.08 35.31 -58.71
C13 1PE KA . -81.16 34.87 -57.55
C23 1PE KA . -80.27 34.52 -58.73
OH4 1PE KA . -81.21 36.29 -57.39
C14 1PE KA . -82.14 38.07 -56.03
C24 1PE KA . -82.35 36.69 -56.62
OH5 1PE KA . -81.76 39.00 -57.05
C15 1PE KA . -81.10 41.28 -57.51
C25 1PE KA . -81.86 40.34 -56.58
OH6 1PE KA . -81.56 41.11 -58.86
OH3 1PE LA . -81.87 43.45 -54.82
C13 1PE LA . -79.99 42.18 -53.98
C23 1PE LA . -80.52 43.55 -54.36
OH4 1PE LA . -80.79 41.63 -52.93
C14 1PE LA . -81.50 39.70 -51.69
C24 1PE LA . -80.48 40.27 -52.66
OH5 1PE LA . -82.81 40.00 -52.15
C15 1PE LA . -85.18 39.76 -51.90
C25 1PE LA . -83.82 39.26 -51.48
C22 1PE MA . -50.83 51.41 -24.36
OH3 1PE MA . -49.44 51.29 -24.02
C13 1PE MA . -47.59 49.84 -23.50
C23 1PE MA . -49.08 49.92 -23.79
OH4 1PE MA . -47.41 49.13 -22.26
C14 1PE MA . -45.83 48.30 -20.65
C24 1PE MA . -46.08 48.66 -22.11
OH5 1PE MA . -46.76 47.30 -20.23
ZN ZN NA . -53.99 29.12 -6.47
C CO3 OA . -58.93 29.88 -7.91
O1 CO3 OA . -59.06 29.77 -9.20
O2 CO3 OA . -57.75 29.98 -7.38
O3 CO3 OA . -59.98 29.92 -7.15
ZN ZN PA . -54.81 26.16 -7.73
CAA R5T QA . -58.55 24.79 -13.73
CAX R5T QA . -58.68 26.32 -13.80
CAB R5T QA . -59.73 26.75 -12.76
CAC R5T QA . -59.17 26.66 -15.22
OAQ R5T QA . -57.38 26.89 -13.53
CAR R5T QA . -57.32 28.24 -13.31
OAD R5T QA . -58.10 29.02 -13.85
N R5T QA . -56.37 28.78 -12.51
CA R5T QA . -55.34 28.01 -11.80
C R5T QA . -55.68 28.05 -10.30
O R5T QA . -56.85 28.14 -9.95
NAO R5T QA . -54.66 27.99 -9.44
OAF R5T QA . -55.02 28.04 -8.04
CAT R5T QA . -54.13 28.62 -12.11
CAJ R5T QA . -53.86 29.90 -11.63
CAL R5T QA . -52.67 30.54 -11.95
CAI R5T QA . -53.20 28.00 -12.92
CAK R5T QA . -52.01 28.62 -13.24
CAU R5T QA . -51.74 29.90 -12.75
NAW R5T QA . -50.59 30.53 -13.06
NAN R5T QA . -50.37 31.70 -12.84
CAH R5T QA . -49.15 32.02 -13.28
CAG R5T QA . -48.62 30.93 -13.80
CAM R5T QA . -49.55 29.98 -13.67
OH3 1PE RA . -42.21 50.61 11.02
C13 1PE RA . -40.88 48.78 10.18
C23 1PE RA . -41.38 49.53 11.42
OH4 1PE RA . -40.10 49.66 9.38
C14 1PE RA . -38.62 49.92 7.48
C24 1PE RA . -39.53 48.97 8.26
OH5 1PE RA . -37.55 50.34 8.31
C15 1PE RA . -35.59 51.72 8.59
C25 1PE RA . -36.61 51.15 7.61
ZN ZN SA . -62.38 2.40 -9.52
C CO3 TA . -60.37 -2.04 -11.51
O1 CO3 TA . -60.48 -1.97 -12.80
O2 CO3 TA . -59.59 -2.94 -10.98
O3 CO3 TA . -61.04 -1.23 -10.75
ZN ZN UA . -59.44 3.17 -9.99
CAA R5T VA . -55.92 1.43 -15.94
CAX R5T VA . -57.16 0.57 -16.12
CAB R5T VA . -57.20 -0.44 -14.95
CAC R5T VA . -57.04 -0.17 -17.46
OAQ R5T VA . -58.33 1.44 -16.10
CAR R5T VA . -59.53 0.84 -15.88
OAD R5T VA . -59.81 -0.24 -16.39
N R5T VA . -60.47 1.42 -15.11
CA R5T VA . -60.31 2.75 -14.47
C R5T VA . -60.32 2.63 -12.94
O R5T VA . -59.81 3.49 -12.25
NAO R5T VA . -60.94 1.54 -12.45
OAF R5T VA . -60.97 1.41 -11.00
CAT R5T VA . -61.39 3.52 -14.86
CAJ R5T VA . -62.67 3.08 -14.58
CAL R5T VA . -63.77 3.82 -14.96
CAI R5T VA . -61.20 4.72 -15.54
CAK R5T VA . -62.30 5.47 -15.93
CAU R5T VA . -63.58 5.03 -15.64
NAW R5T VA . -64.65 5.73 -16.01
NAN R5T VA . -65.80 5.38 -15.85
CAH R5T VA . -66.64 6.29 -16.33
CAG R5T VA . -65.90 7.27 -16.83
CAM R5T VA . -64.64 6.92 -16.63
C12 1PE WA . -94.14 4.93 3.61
C22 1PE WA . -93.04 5.79 3.02
OH3 1PE WA . -91.97 4.93 2.60
C13 1PE WA . -89.82 4.71 1.56
C23 1PE WA . -90.96 5.65 1.89
OH4 1PE WA . -89.36 4.09 2.76
C14 1PE WA . -87.85 2.57 3.85
C24 1PE WA . -88.24 3.24 2.54
OH5 1PE WA . -88.92 1.71 4.28
C15 1PE WA . -89.82 0.25 5.96
C25 1PE WA . -88.70 1.21 5.59
OH6 1PE WA . -91.08 0.93 5.87
C12 1PE XA . -89.37 3.05 9.48
C22 1PE XA . -89.47 3.78 8.16
OH3 1PE XA . -89.02 5.12 8.34
C13 1PE XA . -88.10 7.12 7.40
C23 1PE XA . -88.79 5.80 7.10
OH4 1PE XA . -87.65 7.06 8.76
C14 1PE XA . -85.81 7.27 10.26
C24 1PE XA . -86.45 7.79 8.98
OH5 1PE XA . -84.42 7.57 10.27
C15 1PE XA . -84.53 5.47 11.48
C25 1PE XA . -83.64 6.57 10.92
OH6 1PE XA . -83.76 4.29 11.70
C26 1PE XA . -84.56 3.23 12.23
C12 1PE YA . -82.69 -4.87 -24.63
C22 1PE YA . -81.39 -5.40 -24.09
OH3 1PE YA . -81.66 -6.59 -23.35
C13 1PE YA . -80.79 -8.68 -24.08
C23 1PE YA . -80.51 -7.42 -23.26
OH4 1PE YA . -80.09 -8.56 -25.31
C14 1PE YA . -78.49 -10.34 -25.48
C24 1PE YA . -79.88 -9.85 -25.89
S SO4 ZA . -87.68 11.34 5.70
O1 SO4 ZA . -88.71 10.57 6.41
O2 SO4 ZA . -88.11 11.54 4.32
O3 SO4 ZA . -87.51 12.64 6.35
O4 SO4 ZA . -86.42 10.61 5.72
ZN ZN AB . -34.89 8.51 -8.39
C CO3 BB . -32.00 12.85 -9.74
O1 CO3 BB . -32.14 12.85 -11.04
O2 CO3 BB . -32.55 11.91 -9.02
O3 CO3 BB . -31.33 13.80 -9.16
ZN ZN CB . -37.09 10.76 -8.96
S SO4 DB . -50.60 11.82 4.81
O1 SO4 DB . -51.85 11.29 4.26
O2 SO4 DB . -50.54 13.26 4.60
O3 SO4 DB . -50.55 11.53 6.25
O4 SO4 DB . -49.46 11.17 4.15
CAA R5T EB . -35.52 15.39 -13.03
CAX R5T EB . -34.83 14.99 -14.34
CAB R5T EB . -33.50 15.76 -14.43
CAC R5T EB . -35.68 15.41 -15.55
OAQ R5T EB . -34.52 13.59 -14.36
CAR R5T EB . -35.53 12.71 -14.04
OAD R5T EB . -36.69 12.94 -14.38
N R5T EB . -35.25 11.59 -13.37
CA R5T EB . -36.29 10.62 -13.00
C R5T EB . -36.30 10.34 -11.50
O R5T EB . -37.34 10.00 -10.93
NAO R5T EB . -35.13 10.49 -10.87
OAF R5T EB . -35.13 10.22 -9.44
CAT R5T EB . -36.09 9.42 -13.68
CAJ R5T EB . -34.98 8.62 -13.40
CAL R5T EB . -34.80 7.43 -14.08
CAI R5T EB . -37.01 9.03 -14.64
CAK R5T EB . -36.83 7.84 -15.32
CAU R5T EB . -35.72 7.03 -15.05
NAW R5T EB . -35.56 5.90 -15.70
NAN R5T EB . -34.52 5.29 -15.81
CAH R5T EB . -34.71 4.19 -16.53
CAG R5T EB . -35.98 4.15 -16.88
CAM R5T EB . -36.53 5.25 -16.35
C12 1PE FB . -23.51 -20.76 1.92
C22 1PE FB . -24.35 -19.85 1.05
OH3 1PE FB . -23.71 -18.58 0.96
C13 1PE FB . -24.02 -16.22 0.83
C23 1PE FB . -24.57 -17.58 0.43
OH4 1PE FB . -23.81 -16.21 2.24
C14 1PE FB . -22.74 -15.24 4.18
C24 1PE FB . -22.93 -15.16 2.66
C12 1PE GB . -44.38 -12.77 4.47
C22 1PE GB . -45.41 -11.68 4.41
OH3 1PE GB . -45.92 -11.42 5.73
C13 1PE GB . -47.20 -10.03 7.21
C23 1PE GB . -46.73 -10.26 5.78
OH4 1PE GB . -46.06 -10.05 8.08
C14 1PE GB . -45.19 -10.15 10.32
C24 1PE GB . -46.44 -9.99 9.45
S SO4 HB . -31.85 -19.82 3.06
O1 SO4 HB . -32.65 -19.90 1.85
O2 SO4 HB . -32.50 -18.90 4.00
O3 SO4 HB . -31.75 -21.14 3.67
O4 SO4 HB . -30.52 -19.32 2.73
ZN ZN IB . 66.72 -14.95 8.59
C CO3 JB . 68.01 -20.14 10.04
O1 CO3 JB . 67.93 -18.87 9.77
O2 CO3 JB . 67.99 -21.03 9.08
O3 CO3 JB . 68.12 -20.55 11.28
ZN ZN KB . 64.05 -16.19 9.39
S SO4 LB . 58.46 -6.67 18.89
O1 SO4 LB . 57.58 -7.46 18.02
O2 SO4 LB . 58.85 -5.45 18.21
O3 SO4 LB . 57.75 -6.34 20.12
O4 SO4 LB . 59.64 -7.45 19.21
S SO4 MB . 91.19 25.07 36.40
O1 SO4 MB . 90.92 24.16 35.30
O2 SO4 MB . 90.12 24.98 37.38
O3 SO4 MB . 91.27 26.44 35.89
O4 SO4 MB . 92.46 24.71 37.04
CAA R5T NB . 63.60 -20.87 13.78
CAX R5T NB . 64.46 -20.68 15.05
CAB R5T NB . 65.32 -21.93 15.21
CAC R5T NB . 63.55 -20.59 16.29
OAQ R5T NB . 65.33 -19.54 14.95
CAR R5T NB . 64.80 -18.35 14.53
OAD R5T NB . 63.64 -18.05 14.81
N R5T NB . 65.56 -17.49 13.83
CA R5T NB . 65.02 -16.20 13.36
C R5T NB . 65.16 -16.06 11.84
O R5T NB . 64.34 -15.42 11.20
NAO R5T NB . 66.21 -16.69 11.29
OAF R5T NB . 66.35 -16.58 9.83
CAT R5T NB . 65.64 -15.12 13.99
CAJ R5T NB . 64.88 -14.38 14.89
CAL R5T NB . 65.44 -13.29 15.55
CAI R5T NB . 66.95 -14.77 13.74
CAK R5T NB . 67.51 -13.67 14.39
CAU R5T NB . 66.76 -12.94 15.30
NAW R5T NB . 67.28 -11.88 15.92
NAN R5T NB . 68.46 -11.66 16.09
CAH R5T NB . 68.59 -10.51 16.76
CAG R5T NB . 67.39 -10.03 17.00
CAM R5T NB . 66.55 -10.91 16.46
C14 1PE OB . 106.09 19.36 18.18
C24 1PE OB . 105.00 18.49 17.58
OH5 1PE OB . 106.80 20.01 17.13
C15 1PE OB . 107.80 22.05 16.39
C25 1PE OB . 107.52 21.15 17.58
OH6 1PE OB . 107.36 23.38 16.68
C26 1PE OB . 107.27 24.18 15.52
C12 1PE PB . 88.06 1.61 -3.70
C22 1PE PB . 87.08 2.64 -4.22
OH3 1PE PB . 86.08 2.89 -3.24
C13 1PE PB . 85.79 4.70 -1.65
C23 1PE PB . 86.67 3.56 -2.12
OH4 1PE PB . 86.53 5.42 -0.66
C14 1PE PB . 88.09 7.23 -0.67
C24 1PE PB . 86.68 6.79 -1.00
OH5 1PE PB . 88.71 7.75 -1.85
C25 1PE PB . 90.12 7.90 -1.70
S DMS QB . 89.03 26.36 15.42
O DMS QB . 87.61 26.66 15.82
C1 DMS QB . 89.46 27.34 13.95
C2 DMS QB . 90.15 27.12 16.63
H11 DMS QB . 88.87 27.03 13.13
H12 DMS QB . 90.49 27.19 13.72
H13 DMS QB . 89.28 28.36 14.14
H21 DMS QB . 89.93 28.15 16.71
H22 DMS QB . 91.15 27.00 16.30
H23 DMS QB . 90.02 26.65 17.56
ZN ZN RB . 41.40 -26.76 7.10
C CO3 SB . 36.35 -25.76 8.82
O1 CO3 SB . 35.23 -25.31 8.32
O2 CO3 SB . 37.33 -26.08 8.03
O3 CO3 SB . 36.49 -25.88 10.10
ZN ZN TB . 41.58 -23.88 8.23
S SO4 UB . 50.79 -12.07 -4.20
O1 SO4 UB . 50.69 -11.96 -5.66
O2 SO4 UB . 50.05 -10.98 -3.57
O3 SO4 UB . 52.20 -12.02 -3.80
O4 SO4 UB . 50.22 -13.35 -3.78
CAA R5T VB . 38.39 -22.05 12.89
CAX R5T VB . 37.89 -22.81 14.13
CAB R5T VB . 36.36 -22.74 14.11
CAC R5T VB . 38.39 -22.12 15.39
OAQ R5T VB . 38.29 -24.21 14.11
CAR R5T VB . 39.55 -24.42 13.63
OAD R5T VB . 40.51 -23.82 14.12
N R5T VB . 39.74 -25.28 12.61
CA R5T VB . 41.09 -25.47 12.03
C R5T VB . 41.00 -25.48 10.50
O R5T VB . 41.91 -24.99 9.84
NAO R5T VB . 39.91 -26.04 9.97
OAF R5T VB . 39.83 -26.05 8.51
CAT R5T VB . 41.77 -26.63 12.44
CAJ R5T VB . 41.43 -27.90 11.99
CAL R5T VB . 42.16 -29.01 12.43
CAI R5T VB . 42.84 -26.47 13.31
CAK R5T VB . 43.57 -27.56 13.74
CAU R5T VB . 43.23 -28.84 13.30
NAW R5T VB . 43.96 -29.86 13.73
NAN R5T VB . 45.11 -29.75 14.08
CAH R5T VB . 45.60 -30.93 14.46
CAG R5T VB . 44.63 -31.81 14.31
CAM R5T VB . 43.58 -31.14 13.84
ZN ZN WB . 43.51 1.07 10.04
C CO3 XB . 46.93 4.53 12.29
O1 CO3 XB . 45.72 4.28 11.89
O2 CO3 XB . 47.87 4.76 11.41
O3 CO3 XB . 47.20 4.55 13.56
ZN ZN YB . 46.01 -0.81 10.92
CAA R5T ZB . 49.56 1.90 15.98
CAX R5T ZB . 48.90 1.05 17.05
CAB R5T ZB . 49.42 1.46 18.42
CAC R5T ZB . 49.28 -0.42 16.81
OAQ R5T ZB . 47.46 1.27 17.04
CAR R5T ZB . 46.68 0.44 16.29
OAD R5T ZB . 46.48 -0.73 16.64
N R5T ZB . 46.08 0.89 15.17
CA R5T ZB . 45.22 0.00 14.36
C R5T ZB . 44.99 0.54 12.93
O R5T ZB . 44.08 0.10 12.23
NAO R5T ZB . 45.84 1.49 12.50
OAF R5T ZB . 45.61 1.99 11.13
CAT R5T ZB . 43.98 -0.22 14.96
CAJ R5T ZB . 43.75 -1.39 15.66
CAL R5T ZB . 42.51 -1.63 16.25
CAI R5T ZB . 42.96 0.72 14.83
CAK R5T ZB . 41.71 0.49 15.42
CAU R5T ZB . 41.49 -0.68 16.13
NAW R5T ZB . 40.30 -0.91 16.68
NAN R5T ZB . 39.39 -0.11 16.71
CAH R5T ZB . 38.33 -0.65 17.32
CAG R5T ZB . 38.67 -1.88 17.68
CAM R5T ZB . 39.91 -2.04 17.27
C12 1PE AC . 24.15 7.05 -11.42
C22 1PE AC . 23.00 6.10 -11.67
OH3 1PE AC . 22.32 5.84 -10.45
C13 1PE AC . 21.06 4.23 -9.14
C23 1PE AC . 21.61 4.59 -10.51
OH4 1PE AC . 19.90 5.02 -8.87
C14 1PE AC . 18.08 5.54 -7.38
C24 1PE AC . 19.19 4.56 -7.72
OH5 1PE AC . 18.63 6.84 -7.22
C15 1PE AC . 18.28 9.20 -6.85
C25 1PE AC . 17.63 7.82 -6.96
OH6 1PE AC . 18.98 9.48 -8.06
C26 1PE AC . 19.56 10.78 -8.05
OH4 1PE BC . 19.35 12.16 -5.08
C14 1PE BC . 20.31 10.58 -3.53
C24 1PE BC . 20.50 11.89 -4.29
OH5 1PE BC . 19.11 10.66 -2.76
C15 1PE BC . 17.47 9.54 -1.40
C25 1PE BC . 18.87 9.48 -2.01
OH6 1PE BC . 16.51 9.68 -2.45
C26 1PE BC . 15.18 9.67 -1.96
ZN ZN CC . 46.43 -1.38 42.91
C CO3 DC . 41.47 -0.35 41.32
O1 CO3 DC . 41.41 -0.08 40.06
O2 CO3 DC . 42.62 -0.36 41.93
O3 CO3 DC . 40.39 -0.60 41.99
ZN ZN EC . 45.60 -4.14 41.96
CAA R5T FC . 41.69 -4.19 37.40
CAX R5T FC . 41.48 -3.30 36.17
CAB R5T FC . 40.16 -2.58 36.34
CAC R5T FC . 41.41 -4.17 34.91
OAQ R5T FC . 42.52 -2.31 36.03
CAR R5T FC . 43.74 -2.72 36.46
OAD R5T FC . 44.29 -3.67 35.89
N R5T FC . 44.34 -2.11 37.50
CA R5T FC . 45.64 -2.55 38.01
C R5T FC . 45.63 -2.57 39.55
O R5T FC . 46.29 -3.40 40.16
NAO R5T FC . 44.90 -1.62 40.15
OAF R5T FC . 44.89 -1.63 41.60
CAT R5T FC . 46.71 -1.76 37.59
CAJ R5T FC . 46.86 -0.46 38.03
CAL R5T FC . 47.95 0.29 37.60
CAI R5T FC . 47.65 -2.34 36.75
CAK R5T FC . 48.74 -1.59 36.31
CAU R5T FC . 48.89 -0.27 36.73
NAW R5T FC . 49.94 0.43 36.32
NAN R5T FC . 50.06 1.63 36.36
CAH R5T FC . 51.24 1.99 35.86
CAG R5T FC . 51.87 0.88 35.51
CAM R5T FC . 51.04 -0.11 35.80
C13 1PE GC . 58.89 20.62 61.23
C23 1PE GC . 59.74 21.51 62.13
OH4 1PE GC . 59.76 19.79 60.45
C14 1PE GC . 60.05 17.96 58.94
C24 1PE GC . 59.05 18.81 59.71
OH5 1PE GC . 60.69 18.76 57.95
C15 1PE GC . 62.69 19.36 56.75
C25 1PE GC . 62.06 18.43 57.79
OH6 1PE GC . 64.09 19.48 56.99
C22 1PE HC . 63.56 17.27 62.10
OH3 1PE HC . 63.72 15.86 62.00
C13 1PE HC . 64.99 13.91 62.67
C23 1PE HC . 64.95 15.44 62.59
OH4 1PE HC . 63.85 13.42 63.38
C14 1PE HC . 62.83 11.44 64.33
C24 1PE HC . 64.12 12.17 63.99
OH5 1PE HC . 61.91 12.31 65.00
C15 1PE HC . 59.61 12.62 65.65
C25 1PE HC . 60.71 11.62 65.36
OH6 1PE HC . 60.01 13.48 66.72
C26 1PE HC . 59.16 14.63 66.81
S SO4 IC . 29.03 -9.81 35.35
O1 SO4 IC . 29.28 -9.62 33.92
O2 SO4 IC . 27.79 -9.14 35.72
O3 SO4 IC . 30.14 -9.23 36.11
O4 SO4 IC . 28.92 -11.24 35.63
S SO4 JC . 55.44 2.21 30.22
O1 SO4 JC . 55.28 2.14 28.77
O2 SO4 JC . 54.29 1.59 30.87
O3 SO4 JC . 55.53 3.61 30.64
O4 SO4 JC . 56.65 1.51 30.60
ZN ZN KC . 37.98 -27.85 40.12
C CO3 LC . 40.04 -32.12 37.79
O1 CO3 LC . 39.13 -31.41 38.38
O2 CO3 LC . 40.54 -31.71 36.66
O3 CO3 LC . 40.44 -33.24 38.31
ZN ZN MC . 41.06 -27.08 39.48
S SO4 NC . 49.86 -18.42 54.29
O1 SO4 NC . 48.85 -19.10 53.46
O2 SO4 NC . 49.80 -16.98 54.04
O3 SO4 NC . 49.59 -18.69 55.69
O4 SO4 NC . 51.18 -18.93 53.95
S SO4 OC . 39.25 -14.90 31.97
O1 SO4 OC . 37.88 -14.44 31.73
O2 SO4 OC . 40.08 -14.63 30.80
O3 SO4 OC . 39.24 -16.33 32.24
O4 SO4 OC . 39.80 -14.20 33.14
S SO4 PC . 12.85 -19.00 55.05
O1 SO4 PC . 11.44 -19.17 54.73
O2 SO4 PC . 13.33 -17.75 54.47
O3 SO4 PC . 13.02 -18.98 56.50
O4 SO4 PC . 13.61 -20.11 54.49
CAA R5T QC . 43.46 -29.50 34.11
CAX R5T QC . 42.69 -30.34 33.07
CAB R5T QC . 43.13 -31.79 33.24
CAC R5T QC . 43.06 -29.87 31.66
OAQ R5T QC . 41.26 -30.26 33.24
CAR R5T QC . 40.90 -29.03 33.70
OAD R5T QC . 40.88 -28.07 32.93
N R5T QC . 40.59 -28.88 34.99
CA R5T QC . 40.26 -27.56 35.56
C R5T QC . 40.01 -27.66 37.06
O R5T QC . 40.23 -26.70 37.79
NAO R5T QC . 39.53 -28.83 37.51
OAF R5T QC . 39.28 -28.93 38.95
CAT R5T QC . 39.15 -26.93 35.02
CAJ R5T QC . 39.34 -25.72 34.37
CAL R5T QC . 38.25 -25.03 33.84
CAI R5T QC . 37.88 -27.45 35.16
CAK R5T QC . 36.78 -26.78 34.63
CAU R5T QC . 36.97 -25.56 33.96
NAW R5T QC . 35.94 -24.90 33.44
NAN R5T QC . 34.82 -25.34 33.32
CAH R5T QC . 34.03 -24.41 32.78
CAG R5T QC . 34.77 -23.33 32.58
CAM R5T QC . 35.99 -23.64 33.01
C12 1PE RC . 7.40 -24.97 52.11
C22 1PE RC . 8.43 -25.18 51.03
OH3 1PE RC . 9.68 -25.55 51.63
C13 1PE RC . 11.93 -26.30 51.39
C23 1PE RC . 10.66 -25.89 50.65
OH4 1PE RC . 11.64 -27.38 52.26
C14 1PE RC . 12.41 -28.94 53.93
C24 1PE RC . 12.76 -27.71 53.09
OH5 1PE RC . 11.16 -28.76 54.57
C15 1PE RC . 9.51 -29.61 56.12
C25 1PE RC . 10.85 -29.85 55.45
OH6 1PE RC . 8.47 -29.60 55.14
C26 1PE RC . 7.18 -29.54 55.74
ZN ZN SC . 65.49 -21.89 41.08
C CO3 TC . 68.51 -17.86 39.81
O1 CO3 TC . 68.36 -17.61 38.53
O2 CO3 TC . 68.22 -19.03 40.28
O3 CO3 TC . 68.93 -16.93 40.60
ZN ZN UC . 63.32 -19.64 40.58
S SO4 VC . 68.63 -50.20 52.56
O1 SO4 VC . 67.52 -51.09 52.86
O2 SO4 VC . 68.74 -50.04 51.11
O3 SO4 VC . 69.87 -50.77 53.08
O4 SO4 VC . 68.39 -48.90 53.18
S SO4 WC . 54.71 -26.26 31.18
O1 SO4 WC . 53.85 -27.36 31.61
O2 SO4 WC . 53.98 -25.42 30.21
O3 SO4 WC . 55.08 -25.45 32.33
O4 SO4 WC . 55.91 -26.80 30.55
CAX R5T XC . 65.33 -15.30 34.99
OAQ R5T XC . 65.97 -16.56 35.19
CAR R5T XC . 65.06 -17.46 35.63
OAD R5T XC . 63.87 -17.14 35.70
N R5T XC . 65.43 -18.69 36.00
CA R5T XC . 64.43 -19.67 36.48
C R5T XC . 64.57 -19.89 37.99
O R5T XC . 63.58 -20.17 38.66
NAO R5T XC . 65.80 -19.73 38.49
OAF R5T XC . 65.95 -19.93 39.94
CAT R5T XC . 64.55 -20.89 35.82
CAJ R5T XC . 63.55 -21.27 34.94
CAL R5T XC . 63.64 -22.49 34.28
CAI R5T XC . 65.64 -21.73 36.05
CAK R5T XC . 65.73 -22.95 35.39
CAU R5T XC . 64.73 -23.33 34.50
NAW R5T XC . 64.78 -24.49 33.86
NAN R5T XC . 63.88 -24.96 33.21
CAH R5T XC . 64.25 -26.14 32.71
CAG R5T XC . 65.50 -26.37 33.11
CAM R5T XC . 65.83 -25.32 33.85
C13 1PE YC . 77.41 -45.32 52.95
C23 1PE YC . 78.84 -45.18 53.48
OH4 1PE YC . 77.44 -46.12 51.77
C14 1PE YC . 76.19 -47.36 50.11
C24 1PE YC . 76.12 -46.43 51.33
OH5 1PE YC . 76.13 -48.72 50.54
C15 1PE YC . 76.28 -51.06 49.96
C25 1PE YC . 76.20 -49.63 49.44
S SO4 ZC . 86.35 -22.50 24.94
O1 SO4 ZC . 85.33 -22.18 25.93
O2 SO4 ZC . 86.37 -21.46 23.92
O3 SO4 ZC . 86.05 -23.80 24.33
O4 SO4 ZC . 87.66 -22.57 25.59
#